data_8AJ8
#
_entry.id   8AJ8
#
_cell.length_a   322.347
_cell.length_b   166.598
_cell.length_c   255.794
_cell.angle_alpha   90.000
_cell.angle_beta   114.024
_cell.angle_gamma   90.000
#
_symmetry.space_group_name_H-M   'C 1 2 1'
#
loop_
_entity.id
_entity.type
_entity.pdbx_description
1 polymer 'Phosphatidylinositol 4,5-bisphosphate 3-kinase catalytic subunit gamma isoform'
2 polymer 'Phosphoinositide 3-kinase regulatory subunit 6'
#
loop_
_entity_poly.entity_id
_entity_poly.type
_entity_poly.pdbx_seq_one_letter_code
_entity_poly.pdbx_strand_id
1 'polypeptide(L)'
;MELENYEQPVVLREDNRRRRRRMKPRSTAASLSSMELIPIEFVLPTSQRNTKTPETALLHVAGHGNVEQMKAQVWLRALE
TSVSADFYHRLGPDHFLLLYQKKGQWYEIYDKYQVVQTLDCLRYWKVLHRSPGQIHVVQRHAPSEETLAFQRQLNALIGY
DVTDVSNVHDDELEFTRRRLVTPRMAEVAGRDPKLYAMHPWVTSKPLPEYLLKKITNNCVFIVIHRSTTSQTIKVSADDT
PGTILQSFFTKMAKKKSLMDIPESQNERDFVLRVCGRDEYLVGETPIKNFQWVRQCLKNGEEIHLVLDTPPDPALDEVRK
EEWPLVDDCTGVTGYHEQLTIHGKDHESVFTVSLWDCDRKFRVKIRGIDIPVLPRTADLTVFVEANIQYGQQVLCQRRTS
PKPFTEEVLWNVWLEFSIKIKDLPKGALLNLQIYCGKAPALSGKTSAEMPSPESKGKAQLLYYVNLLLIDHRFLLRHGEY
VLHMWQLSGKGEDQGSFNADKLTSRTNPDKENSMSISILLDNYCHPIALPKHRPTPDPEGDRVRAEMPNQLRKQLEAIIA
TDPLNPLTAEDKELLWHFRYESLKDPKAYPKLFSSVKWGQQEIVAKTYQLLAKREVWDQSALDVGLTMQLLDCNFSDENV
RAIAVQKLESLEDDDVLHYLLQLVQAVKFEPYHDSALARFLLKRGLRNKRIGHFLFWFLRSEIAQSRHYQQRFAVILEAY
LRGCGTAMLHDFTQQVQVIDMLQKVTIDIKSLSAEKYDVSSQVISQLKQKLENLQNLNLPQSFRVPYDPGLKAGALVIEK
CKVMASKKKPLWLEFKCADPTALSNETIGIIFKHGDDLRQDMLILQILRIMESIWETESLDLCLLPYGCISTGDKIGMIE
IVKDATTIAKIQQSTVGNTGAFKDEVLSHWLKEKCPIEEKFQAAVERFVYSCAGYCVATFVLGIGDRHNDNIMISETGNL
FHIDFGHILGNYKSFLGINKERVPFVLTPDFLFVMGTSGKKTSLHFQKFQDVCVKAYLALRHHTNLLIILFSMMLMTGMP
QLTSKEDIEYIRDALTVGKSEEDAKKYFLDQIEVCRDKGWTVQFNWFLHLVLGIKQGEKHSA
;
A,C,E,G
2 'polypeptide(L)'
;MESSDVELDFQRSVQAVLRELNTPNPALQSNQGMWRWSLHKKVERNPGKSSILVRILLRELEKAESEDGRRVIIPLLLTL
MSVLTKATGIPEDLYHRAYTFCTRLLTLPAPYSTVALDCAIRLKTETAVPGTLYQRTVIAEQNLISELYPYQERVFLFVD
PELVSASVCSALLLEIQAAQEQQTPEACMRHVVSHALQAALGEACHTGALNRKLQASSRRVLEYYFHAVVAAIEQVASED
SPSRLGHLEKMEEIYCSLLGPATTRRHCVGDLLQDRLPSIPLPSPYITFHLWTDQEQLWKELVLFLRPRSQLRLSADLDA
LDLQGFRLDRDLARVSTDSGIERDLPLGSDELPDPSSSEMERAALQRKGGIKKRVWPPDFFMPGSWDGPPGLHRRTGRPS
GDGELLPGVSRVHTARVLVLGDDRMLGRLAQAYYRLRKRETKKFCLTPRLSLQLYYIPVLAPQVTGQDPEASRKPELGEL
ASFLGRVDPWYESTVNTLCPAILKLAEMPPYLDTSRTVDPFILDVITYYVRMGTQPIYFQLYKVKIFTSLSHDPTEDIFL
TELKVKIQDSKSPKEGSSPRRRGAAEGTGAELSMCYQKALLSHRPREVTVSLRATGLVLKAIPAGDTEVSGFFHCTSPNA
ASATDCSCLHVSVTEVVKSSNLAGRSFTTSTNTFRTSSIQVQSQDQRLLTLWLDKDGRRTFRDVVRFEVSPCPEPCSRTQ
KSKTSALNSHGQETEKNMAKPNSLLMPINTFSGIIQ
;
B,D,F,H
#
# COMPACT_ATOMS: atom_id res chain seq x y z
N GLU A 36 77.26 -20.17 4.95
CA GLU A 36 77.57 -20.15 6.38
C GLU A 36 76.96 -21.36 7.08
N LEU A 37 77.78 -22.40 7.27
CA LEU A 37 77.35 -23.56 8.04
C LEU A 37 77.44 -23.24 9.54
N ILE A 38 76.30 -23.35 10.23
CA ILE A 38 76.18 -23.00 11.63
C ILE A 38 76.28 -24.28 12.45
N PRO A 39 77.26 -24.41 13.36
CA PRO A 39 77.36 -25.59 14.22
C PRO A 39 76.33 -25.55 15.35
N ILE A 40 75.49 -26.58 15.40
CA ILE A 40 74.45 -26.70 16.42
C ILE A 40 74.51 -28.09 17.04
N GLU A 41 74.51 -28.15 18.37
CA GLU A 41 74.42 -29.41 19.10
C GLU A 41 72.95 -29.71 19.42
N PHE A 42 72.48 -30.88 19.02
CA PHE A 42 71.11 -31.31 19.29
C PHE A 42 71.10 -32.33 20.40
N VAL A 43 70.34 -32.04 21.46
CA VAL A 43 70.10 -32.99 22.54
C VAL A 43 68.91 -33.86 22.17
N LEU A 44 69.16 -35.17 22.02
CA LEU A 44 68.22 -36.14 21.52
C LEU A 44 67.33 -36.67 22.63
N PRO A 45 66.13 -37.17 22.29
CA PRO A 45 65.23 -37.68 23.35
C PRO A 45 65.66 -39.01 23.95
N THR A 46 66.57 -39.74 23.32
CA THR A 46 67.04 -41.01 23.86
C THR A 46 68.26 -40.78 24.75
N SER A 47 68.53 -41.76 25.61
CA SER A 47 69.63 -41.70 26.55
C SER A 47 70.61 -42.82 26.29
N GLN A 48 71.89 -42.55 26.58
CA GLN A 48 72.92 -43.58 26.46
C GLN A 48 72.64 -44.73 27.42
N ARG A 49 72.90 -45.95 26.94
CA ARG A 49 72.52 -47.16 27.66
C ARG A 49 73.06 -47.20 29.08
N ASN A 50 74.23 -46.60 29.33
CA ASN A 50 74.93 -46.83 30.58
C ASN A 50 74.85 -45.67 31.58
N THR A 51 74.53 -44.46 31.12
CA THR A 51 74.68 -43.28 31.98
C THR A 51 73.40 -42.48 32.19
N LYS A 52 72.28 -42.88 31.57
CA LYS A 52 71.05 -42.08 31.57
C LYS A 52 71.27 -40.65 31.10
N THR A 53 72.42 -40.37 30.49
CA THR A 53 72.65 -39.06 29.92
C THR A 53 72.03 -38.99 28.53
N PRO A 54 71.39 -37.88 28.17
CA PRO A 54 70.82 -37.75 26.82
C PRO A 54 71.90 -37.78 25.75
N GLU A 55 71.59 -38.45 24.65
CA GLU A 55 72.47 -38.46 23.49
C GLU A 55 72.49 -37.08 22.83
N THR A 56 73.64 -36.72 22.25
CA THR A 56 73.80 -35.47 21.53
C THR A 56 74.40 -35.72 20.15
N ALA A 57 74.02 -34.86 19.19
CA ALA A 57 74.51 -34.92 17.82
C ALA A 57 74.90 -33.52 17.37
N LEU A 58 76.17 -33.34 17.01
CA LEU A 58 76.66 -32.08 16.44
C LEU A 58 76.43 -32.06 14.94
N LEU A 59 75.74 -31.03 14.45
CA LEU A 59 75.49 -30.89 13.02
C LEU A 59 75.91 -29.50 12.54
N HIS A 60 76.33 -29.43 11.28
CA HIS A 60 76.62 -28.15 10.63
C HIS A 60 75.48 -27.83 9.67
N VAL A 61 74.52 -27.04 10.14
CA VAL A 61 73.28 -26.76 9.42
C VAL A 61 73.46 -25.55 8.52
N ALA A 62 72.94 -25.63 7.30
CA ALA A 62 72.92 -24.48 6.41
C ALA A 62 72.01 -23.40 6.99
N GLY A 63 72.56 -22.22 7.29
CA GLY A 63 71.79 -21.15 7.87
C GLY A 63 70.64 -20.67 7.00
N HIS A 64 70.71 -20.93 5.70
CA HIS A 64 69.68 -20.53 4.75
C HIS A 64 68.62 -21.60 4.56
N GLY A 65 68.76 -22.76 5.20
CA GLY A 65 67.71 -23.76 5.21
C GLY A 65 66.57 -23.39 6.13
N ASN A 66 65.49 -24.16 6.02
CA ASN A 66 64.33 -23.99 6.89
C ASN A 66 64.35 -25.03 8.01
N VAL A 67 63.47 -24.80 8.99
CA VAL A 67 63.43 -25.64 10.19
C VAL A 67 63.08 -27.08 9.84
N GLU A 68 62.20 -27.28 8.85
CA GLU A 68 61.79 -28.64 8.47
C GLU A 68 62.98 -29.47 7.99
N GLN A 69 63.83 -28.89 7.15
CA GLN A 69 65.01 -29.58 6.65
C GLN A 69 66.02 -29.85 7.77
N MET A 70 66.21 -28.86 8.65
CA MET A 70 67.06 -29.07 9.82
C MET A 70 66.59 -30.25 10.65
N LYS A 71 65.28 -30.35 10.86
CA LYS A 71 64.71 -31.44 11.62
C LYS A 71 64.94 -32.78 10.91
N ALA A 72 64.80 -32.79 9.59
CA ALA A 72 65.05 -34.02 8.84
C ALA A 72 66.52 -34.45 8.94
N GLN A 73 67.44 -33.47 8.86
CA GLN A 73 68.85 -33.80 9.01
C GLN A 73 69.15 -34.37 10.40
N VAL A 74 68.56 -33.76 11.43
CA VAL A 74 68.72 -34.30 12.78
C VAL A 74 68.20 -35.72 12.85
N TRP A 75 67.05 -35.98 12.23
CA TRP A 75 66.48 -37.32 12.30
C TRP A 75 67.37 -38.35 11.60
N LEU A 76 67.89 -38.00 10.42
CA LEU A 76 68.79 -38.91 9.72
C LEU A 76 70.05 -39.17 10.54
N ARG A 77 70.63 -38.11 11.12
CA ARG A 77 71.83 -38.28 11.93
C ARG A 77 71.56 -39.16 13.15
N ALA A 78 70.39 -39.00 13.77
CA ALA A 78 70.03 -39.84 14.91
C ALA A 78 69.86 -41.29 14.50
N LEU A 79 69.23 -41.52 13.33
CA LEU A 79 69.14 -42.89 12.81
C LEU A 79 70.53 -43.48 12.59
N GLU A 80 71.49 -42.65 12.17
CA GLU A 80 72.83 -43.15 11.92
C GLU A 80 73.63 -43.42 13.19
N THR A 81 73.45 -42.62 14.25
CA THR A 81 74.38 -42.65 15.38
C THR A 81 73.79 -43.14 16.69
N SER A 82 72.48 -43.09 16.87
CA SER A 82 71.89 -43.46 18.16
C SER A 82 72.01 -44.96 18.40
N VAL A 83 72.31 -45.32 19.65
CA VAL A 83 72.28 -46.72 20.08
C VAL A 83 70.84 -47.21 20.22
N SER A 84 69.87 -46.32 20.00
CA SER A 84 68.45 -46.64 20.10
C SER A 84 67.72 -46.38 18.78
N ALA A 85 68.32 -46.83 17.66
CA ALA A 85 67.78 -46.57 16.33
C ALA A 85 66.32 -46.98 16.18
N ASP A 86 65.90 -48.07 16.84
CA ASP A 86 64.52 -48.52 16.74
C ASP A 86 63.54 -47.45 17.17
N PHE A 87 63.93 -46.64 18.16
CA PHE A 87 63.09 -45.52 18.60
C PHE A 87 62.82 -44.56 17.46
N TYR A 88 63.84 -44.23 16.68
CA TYR A 88 63.67 -43.30 15.57
C TYR A 88 63.05 -43.95 14.35
N HIS A 89 63.12 -45.27 14.23
CA HIS A 89 62.37 -45.95 13.17
C HIS A 89 60.88 -46.00 13.50
N ARG A 90 60.51 -46.07 14.78
CA ARG A 90 59.10 -46.21 15.11
C ARG A 90 58.35 -44.88 15.09
N LEU A 91 59.00 -43.78 15.43
CA LEU A 91 58.35 -42.48 15.47
C LEU A 91 58.94 -41.56 14.41
N GLY A 92 58.07 -40.79 13.77
CA GLY A 92 58.47 -39.78 12.81
C GLY A 92 58.88 -38.48 13.47
N PRO A 93 59.62 -37.65 12.74
CA PRO A 93 60.07 -36.37 13.34
C PRO A 93 58.93 -35.48 13.81
N ASP A 94 57.76 -35.53 13.17
CA ASP A 94 56.65 -34.66 13.53
C ASP A 94 56.11 -34.92 14.93
N HIS A 95 56.45 -36.04 15.56
CA HIS A 95 56.07 -36.30 16.94
C HIS A 95 56.92 -35.56 17.96
N PHE A 96 57.84 -34.69 17.52
CA PHE A 96 58.79 -34.05 18.41
C PHE A 96 58.84 -32.55 18.18
N LEU A 97 59.11 -31.84 19.27
CA LEU A 97 59.30 -30.40 19.30
C LEU A 97 60.79 -30.06 19.38
N LEU A 98 61.13 -28.89 18.85
CA LEU A 98 62.47 -28.32 18.94
C LEU A 98 62.44 -27.17 19.94
N LEU A 99 63.14 -27.32 21.06
CA LEU A 99 63.13 -26.36 22.14
C LEU A 99 64.52 -25.79 22.39
N TYR A 100 64.58 -24.54 22.84
CA TYR A 100 65.82 -23.93 23.30
C TYR A 100 65.55 -23.13 24.57
N GLN A 101 66.61 -22.90 25.34
CA GLN A 101 66.49 -22.14 26.59
C GLN A 101 67.01 -20.72 26.39
N LYS A 102 66.23 -19.75 26.85
CA LYS A 102 66.61 -18.34 26.80
C LYS A 102 66.20 -17.70 28.12
N LYS A 103 67.17 -17.11 28.82
CA LYS A 103 66.95 -16.48 30.13
C LYS A 103 66.19 -17.40 31.08
N GLY A 104 66.51 -18.69 31.02
CA GLY A 104 65.89 -19.68 31.89
C GLY A 104 64.56 -20.23 31.43
N GLN A 105 63.94 -19.66 30.41
CA GLN A 105 62.65 -20.13 29.91
C GLN A 105 62.83 -20.98 28.66
N TRP A 106 61.86 -21.87 28.42
CA TRP A 106 61.86 -22.76 27.26
C TRP A 106 61.04 -22.16 26.12
N TYR A 107 61.65 -22.07 24.94
CA TYR A 107 61.01 -21.57 23.74
C TYR A 107 60.96 -22.66 22.68
N GLU A 108 59.83 -22.78 22.00
CA GLU A 108 59.69 -23.72 20.90
C GLU A 108 60.04 -23.07 19.57
N ILE A 109 60.87 -23.74 18.79
CA ILE A 109 61.06 -23.38 17.37
C ILE A 109 59.84 -23.92 16.63
N TYR A 110 58.80 -23.11 16.53
CA TYR A 110 57.49 -23.62 16.13
C TYR A 110 57.28 -23.69 14.63
N ASP A 111 57.68 -22.67 13.89
CA ASP A 111 57.37 -22.57 12.46
C ASP A 111 58.34 -23.45 11.68
N LYS A 112 57.81 -24.51 11.06
CA LYS A 112 58.64 -25.42 10.29
C LYS A 112 59.26 -24.78 9.05
N TYR A 113 58.66 -23.71 8.53
CA TYR A 113 59.20 -23.04 7.34
C TYR A 113 60.12 -21.86 7.67
N GLN A 114 60.34 -21.57 8.94
CA GLN A 114 61.23 -20.48 9.32
C GLN A 114 62.66 -20.76 8.87
N VAL A 115 63.30 -19.73 8.33
CA VAL A 115 64.69 -19.87 7.89
C VAL A 115 65.59 -19.93 9.11
N VAL A 116 66.51 -20.90 9.10
CA VAL A 116 67.28 -21.21 10.30
C VAL A 116 68.01 -19.99 10.83
N GLN A 117 68.64 -19.22 9.95
CA GLN A 117 69.42 -18.07 10.39
C GLN A 117 68.59 -16.97 11.04
N THR A 118 67.27 -16.99 10.89
CA THR A 118 66.42 -16.00 11.53
C THR A 118 65.93 -16.43 12.91
N LEU A 119 66.29 -17.64 13.34
CA LEU A 119 65.91 -18.11 14.66
C LEU A 119 66.48 -17.19 15.75
N ASP A 120 65.61 -16.79 16.68
CA ASP A 120 66.04 -15.91 17.77
C ASP A 120 67.13 -16.55 18.62
N CYS A 121 67.12 -17.88 18.73
CA CYS A 121 68.13 -18.58 19.50
C CYS A 121 69.54 -18.32 18.97
N LEU A 122 69.70 -18.28 17.64
CA LEU A 122 71.03 -18.06 17.07
C LEU A 122 71.55 -16.67 17.39
N ARG A 123 70.69 -15.65 17.28
CA ARG A 123 71.08 -14.30 17.66
C ARG A 123 71.47 -14.24 19.14
N TYR A 124 70.65 -14.87 19.99
CA TYR A 124 70.92 -14.90 21.42
C TYR A 124 72.26 -15.55 21.73
N TRP A 125 72.56 -16.68 21.07
CA TRP A 125 73.83 -17.37 21.30
C TRP A 125 75.01 -16.57 20.75
N LYS A 126 74.83 -15.90 19.61
CA LYS A 126 75.90 -15.06 19.08
C LYS A 126 76.23 -13.93 20.04
N VAL A 127 75.21 -13.36 20.70
CA VAL A 127 75.48 -12.33 21.70
C VAL A 127 76.24 -12.91 22.90
N LEU A 128 75.97 -14.17 23.25
CA LEU A 128 76.64 -14.81 24.38
C LEU A 128 77.97 -15.45 24.00
N HIS A 129 78.41 -15.31 22.75
CA HIS A 129 79.63 -15.95 22.25
C HIS A 129 79.59 -17.46 22.48
N ARG A 130 78.41 -18.06 22.42
CA ARG A 130 78.23 -19.49 22.63
C ARG A 130 78.16 -20.19 21.28
N SER A 131 79.14 -21.04 21.00
CA SER A 131 79.14 -21.86 19.79
C SER A 131 79.82 -23.19 20.07
N PRO A 132 79.15 -24.32 19.81
CA PRO A 132 77.78 -24.46 19.29
C PRO A 132 76.67 -24.17 20.31
N GLY A 133 75.50 -23.74 19.80
CA GLY A 133 74.30 -23.71 20.61
C GLY A 133 73.64 -25.08 20.70
N GLN A 134 72.70 -25.19 21.64
CA GLN A 134 72.03 -26.45 21.92
C GLN A 134 70.53 -26.35 21.66
N ILE A 135 70.01 -27.31 20.89
CA ILE A 135 68.58 -27.48 20.66
C ILE A 135 68.17 -28.84 21.19
N HIS A 136 67.09 -28.89 21.97
CA HIS A 136 66.57 -30.11 22.55
C HIS A 136 65.42 -30.65 21.71
N VAL A 137 65.50 -31.92 21.35
CA VAL A 137 64.43 -32.62 20.64
C VAL A 137 63.58 -33.35 21.68
N VAL A 138 62.37 -32.86 21.92
CA VAL A 138 61.53 -33.36 23.00
C VAL A 138 60.26 -33.96 22.41
N GLN A 139 59.87 -35.13 22.90
CA GLN A 139 58.68 -35.80 22.38
C GLN A 139 57.41 -34.98 22.66
N ARG A 140 56.57 -34.82 21.63
CA ARG A 140 55.26 -34.20 21.80
C ARG A 140 54.33 -35.16 22.53
N HIS A 141 53.73 -34.67 23.61
CA HIS A 141 52.75 -35.43 24.37
C HIS A 141 51.32 -35.01 24.02
N ALA A 142 50.41 -35.97 24.15
CA ALA A 142 48.99 -35.67 23.99
C ALA A 142 48.50 -34.78 25.13
N PRO A 143 47.50 -33.93 24.86
CA PRO A 143 46.95 -33.08 25.93
C PRO A 143 46.29 -33.90 27.03
N SER A 144 46.45 -33.44 28.26
CA SER A 144 45.83 -34.07 29.41
C SER A 144 44.31 -33.88 29.38
N GLU A 145 43.61 -34.75 30.11
CA GLU A 145 42.16 -34.61 30.23
C GLU A 145 41.77 -33.29 30.89
N GLU A 146 42.57 -32.81 31.84
CA GLU A 146 42.30 -31.53 32.46
C GLU A 146 42.40 -30.40 31.44
N THR A 147 43.39 -30.46 30.55
CA THR A 147 43.53 -29.45 29.51
C THR A 147 42.34 -29.48 28.55
N LEU A 148 41.86 -30.69 28.22
CA LEU A 148 40.70 -30.79 27.34
C LEU A 148 39.43 -30.25 28.00
N ALA A 149 39.26 -30.51 29.30
CA ALA A 149 38.11 -29.96 30.01
C ALA A 149 38.18 -28.43 30.08
N PHE A 150 39.38 -27.90 30.34
CA PHE A 150 39.55 -26.45 30.36
C PHE A 150 39.27 -25.85 28.99
N GLN A 151 39.72 -26.53 27.93
CA GLN A 151 39.41 -26.08 26.57
C GLN A 151 37.91 -26.07 26.31
N ARG A 152 37.20 -27.09 26.78
CA ARG A 152 35.74 -27.12 26.63
C ARG A 152 35.10 -25.94 27.37
N GLN A 153 35.58 -25.65 28.58
CA GLN A 153 35.09 -24.48 29.31
C GLN A 153 35.33 -23.19 28.53
N LEU A 154 36.54 -23.06 27.99
CA LEU A 154 36.86 -21.87 27.19
C LEU A 154 35.96 -21.77 25.97
N ASN A 155 35.75 -22.89 25.26
CA ASN A 155 34.89 -22.88 24.10
C ASN A 155 33.47 -22.47 24.46
N ALA A 156 32.97 -22.94 25.61
CA ALA A 156 31.64 -22.52 26.04
C ALA A 156 31.59 -21.03 26.33
N LEU A 157 32.64 -20.50 26.97
CA LEU A 157 32.69 -19.07 27.25
C LEU A 157 32.78 -18.26 25.97
N ILE A 158 33.57 -18.73 25.00
CA ILE A 158 33.75 -18.02 23.75
C ILE A 158 32.51 -18.12 22.87
N GLY A 159 31.78 -19.23 22.96
CA GLY A 159 30.74 -19.51 22.00
C GLY A 159 31.28 -19.93 20.65
N TYR A 160 32.54 -20.35 20.59
CA TYR A 160 33.14 -20.82 19.36
C TYR A 160 34.27 -21.79 19.72
N ASP A 161 34.40 -22.85 18.93
CA ASP A 161 35.47 -23.83 19.12
C ASP A 161 36.66 -23.43 18.26
N VAL A 162 37.67 -22.85 18.90
CA VAL A 162 38.88 -22.45 18.20
C VAL A 162 39.76 -23.61 17.78
N THR A 163 39.48 -24.83 18.25
CA THR A 163 40.26 -26.00 17.85
C THR A 163 39.67 -26.70 16.63
N ASP A 164 38.53 -26.24 16.13
CA ASP A 164 37.89 -26.80 14.95
C ASP A 164 38.70 -26.41 13.71
N VAL A 165 39.44 -27.37 13.15
CA VAL A 165 40.24 -27.14 11.95
C VAL A 165 39.47 -27.48 10.68
N SER A 166 38.18 -27.81 10.81
CA SER A 166 37.41 -28.26 9.66
C SER A 166 37.26 -27.18 8.60
N ASN A 167 37.35 -25.91 8.96
CA ASN A 167 36.98 -24.81 8.06
C ASN A 167 38.15 -23.87 7.79
N VAL A 168 39.37 -24.38 7.79
CA VAL A 168 40.55 -23.56 7.51
C VAL A 168 41.31 -24.17 6.33
N HIS A 169 41.86 -23.30 5.49
CA HIS A 169 42.72 -23.72 4.39
C HIS A 169 44.19 -23.75 4.79
N ASP A 170 44.52 -23.26 5.97
CA ASP A 170 45.88 -23.20 6.48
C ASP A 170 45.83 -23.34 8.00
N ASP A 171 46.96 -23.11 8.66
CA ASP A 171 47.06 -23.21 10.11
C ASP A 171 47.25 -21.85 10.77
N GLU A 172 46.77 -20.78 10.12
CA GLU A 172 46.91 -19.44 10.70
C GLU A 172 46.30 -19.36 12.10
N LEU A 173 45.15 -20.03 12.31
CA LEU A 173 44.48 -19.98 13.60
C LEU A 173 45.35 -20.58 14.71
N GLU A 174 45.82 -21.81 14.50
CA GLU A 174 46.69 -22.46 15.48
C GLU A 174 47.99 -21.69 15.65
N PHE A 175 48.55 -21.20 14.54
CA PHE A 175 49.76 -20.41 14.57
C PHE A 175 49.60 -19.18 15.46
N THR A 176 48.46 -18.51 15.35
CA THR A 176 48.19 -17.35 16.20
C THR A 176 48.00 -17.76 17.65
N ARG A 177 47.30 -18.87 17.89
CA ARG A 177 47.17 -19.38 19.25
C ARG A 177 48.53 -19.56 19.90
N ARG A 178 49.48 -20.13 19.16
CA ARG A 178 50.81 -20.35 19.72
C ARG A 178 51.58 -19.05 19.88
N ARG A 179 51.46 -18.14 18.92
CA ARG A 179 52.20 -16.88 19.01
C ARG A 179 51.71 -16.01 20.15
N LEU A 180 50.43 -16.09 20.48
CA LEU A 180 49.90 -15.26 21.56
C LEU A 180 50.27 -15.77 22.95
N VAL A 181 50.92 -16.93 23.04
CA VAL A 181 51.35 -17.44 24.34
C VAL A 181 52.35 -16.49 24.99
N THR A 182 53.37 -16.10 24.23
CA THR A 182 54.46 -15.32 24.82
C THR A 182 54.05 -13.95 25.32
N PRO A 183 53.35 -13.10 24.55
CA PRO A 183 52.92 -11.81 25.13
C PRO A 183 51.97 -11.96 26.30
N ARG A 184 51.04 -12.92 26.21
CA ARG A 184 50.14 -13.21 27.33
C ARG A 184 50.92 -13.57 28.59
N MET A 185 51.87 -14.49 28.47
CA MET A 185 52.65 -14.91 29.63
C MET A 185 53.56 -13.80 30.13
N ALA A 186 54.06 -12.95 29.23
CA ALA A 186 54.85 -11.79 29.66
C ALA A 186 53.99 -10.83 30.49
N GLU A 187 52.75 -10.60 30.07
CA GLU A 187 51.86 -9.72 30.82
C GLU A 187 51.46 -10.35 32.15
N VAL A 188 51.14 -11.64 32.14
CA VAL A 188 50.77 -12.32 33.38
C VAL A 188 51.94 -12.33 34.36
N ALA A 189 53.16 -12.53 33.84
CA ALA A 189 54.33 -12.59 34.71
C ALA A 189 54.67 -11.23 35.30
N GLY A 190 54.38 -10.14 34.58
CA GLY A 190 54.59 -8.81 35.11
C GLY A 190 53.45 -8.29 35.96
N ARG A 191 52.38 -9.06 36.10
CA ARG A 191 51.18 -8.62 36.80
C ARG A 191 51.30 -8.89 38.29
N ASP A 192 51.04 -7.85 39.10
CA ASP A 192 50.83 -7.99 40.54
C ASP A 192 49.40 -8.48 40.77
N PRO A 193 49.21 -9.69 41.28
CA PRO A 193 47.84 -10.20 41.49
C PRO A 193 47.04 -9.39 42.49
N LYS A 194 47.68 -8.84 43.52
CA LYS A 194 46.95 -8.06 44.52
C LYS A 194 46.43 -6.75 43.92
N LEU A 195 47.27 -6.07 43.13
CA LEU A 195 46.84 -4.85 42.47
C LEU A 195 45.82 -5.13 41.37
N TYR A 196 45.99 -6.25 40.64
CA TYR A 196 45.04 -6.63 39.62
C TYR A 196 43.67 -6.94 40.22
N ALA A 197 43.66 -7.59 41.39
CA ALA A 197 42.40 -7.87 42.08
C ALA A 197 41.66 -6.59 42.46
N MET A 198 42.39 -5.50 42.71
CA MET A 198 41.82 -4.29 43.27
C MET A 198 42.06 -3.07 42.37
N HIS A 199 42.15 -3.28 41.06
CA HIS A 199 42.53 -2.21 40.15
C HIS A 199 41.56 -1.04 40.24
N PRO A 200 42.03 0.16 40.57
CA PRO A 200 41.12 1.29 40.77
C PRO A 200 40.62 1.88 39.46
N TRP A 201 39.47 2.54 39.56
CA TRP A 201 38.90 3.30 38.44
C TRP A 201 39.20 4.77 38.68
N VAL A 202 40.20 5.30 37.97
CA VAL A 202 40.72 6.64 38.20
C VAL A 202 40.92 7.36 36.88
N THR A 203 41.08 8.68 36.97
CA THR A 203 41.45 9.51 35.83
C THR A 203 42.46 10.55 36.29
N SER A 204 43.41 10.87 35.40
CA SER A 204 44.40 11.90 35.67
C SER A 204 43.93 13.29 35.31
N LYS A 205 42.83 13.41 34.57
CA LYS A 205 42.32 14.70 34.14
C LYS A 205 42.07 15.60 35.34
N PRO A 206 42.42 16.89 35.27
CA PRO A 206 42.17 17.79 36.39
C PRO A 206 40.69 17.93 36.69
N LEU A 207 40.39 18.24 37.95
CA LEU A 207 39.02 18.50 38.34
C LEU A 207 38.53 19.79 37.67
N PRO A 208 37.38 19.76 37.00
CA PRO A 208 36.82 20.99 36.45
C PRO A 208 36.49 21.99 37.54
N GLU A 209 36.47 23.27 37.15
CA GLU A 209 36.29 24.35 38.11
C GLU A 209 35.01 24.20 38.92
N TYR A 210 33.94 23.73 38.28
CA TYR A 210 32.65 23.63 38.97
C TYR A 210 32.68 22.58 40.08
N LEU A 211 33.48 21.53 39.91
CA LEU A 211 33.64 20.58 41.00
C LEU A 211 34.56 21.12 42.10
N LEU A 212 35.60 21.85 41.70
CA LEU A 212 36.50 22.48 42.67
C LEU A 212 35.74 23.42 43.58
N LYS A 213 34.76 24.14 43.03
CA LYS A 213 33.95 25.02 43.88
C LYS A 213 33.15 24.27 44.93
N LYS A 214 32.91 22.97 44.74
CA LYS A 214 32.19 22.17 45.73
C LYS A 214 33.08 21.68 46.86
N ILE A 215 34.40 21.76 46.70
CA ILE A 215 35.35 21.32 47.71
C ILE A 215 35.75 22.53 48.53
N THR A 216 35.45 22.49 49.83
CA THR A 216 35.77 23.58 50.74
C THR A 216 37.13 23.35 51.38
N ASN A 217 38.01 24.36 51.25
CA ASN A 217 39.36 24.32 51.83
C ASN A 217 40.12 23.06 51.42
N ASN A 218 39.90 22.61 50.19
CA ASN A 218 40.56 21.43 49.63
C ASN A 218 40.30 20.19 50.48
N CYS A 219 39.18 20.15 51.20
CA CYS A 219 38.86 19.04 52.09
C CYS A 219 37.52 18.42 51.72
N VAL A 220 37.45 17.10 51.85
CA VAL A 220 36.22 16.34 51.67
C VAL A 220 35.96 15.47 52.90
N PHE A 221 34.68 15.15 53.11
CA PHE A 221 34.25 14.25 54.16
C PHE A 221 33.99 12.85 53.59
N ILE A 222 34.53 11.83 54.27
CA ILE A 222 34.36 10.44 53.88
C ILE A 222 33.77 9.67 55.05
N VAL A 223 32.72 8.89 54.79
CA VAL A 223 32.12 8.02 55.78
C VAL A 223 32.67 6.62 55.55
N ILE A 224 33.47 6.12 56.48
CA ILE A 224 34.04 4.78 56.40
C ILE A 224 33.19 3.85 57.24
N HIS A 225 32.70 2.79 56.61
CA HIS A 225 31.84 1.80 57.25
C HIS A 225 32.60 0.51 57.49
N ARG A 226 32.25 -0.16 58.59
CA ARG A 226 32.73 -1.51 58.87
C ARG A 226 31.70 -2.19 59.75
N SER A 227 31.27 -3.38 59.33
CA SER A 227 30.16 -4.10 59.97
C SER A 227 28.94 -3.19 60.09
N THR A 228 28.51 -2.92 61.32
CA THR A 228 27.37 -2.06 61.56
C THR A 228 27.75 -0.66 61.98
N THR A 229 29.03 -0.34 62.07
CA THR A 229 29.50 0.94 62.56
C THR A 229 30.07 1.77 61.41
N SER A 230 30.03 3.09 61.57
CA SER A 230 30.61 3.99 60.59
C SER A 230 31.21 5.19 61.31
N GLN A 231 32.17 5.82 60.64
CA GLN A 231 32.84 7.00 61.18
C GLN A 231 33.12 7.96 60.04
N THR A 232 32.69 9.21 60.21
CA THR A 232 33.02 10.27 59.27
C THR A 232 34.36 10.90 59.61
N ILE A 233 35.21 11.07 58.60
CA ILE A 233 36.49 11.75 58.74
C ILE A 233 36.61 12.85 57.68
N LYS A 234 37.38 13.88 58.02
CA LYS A 234 37.71 14.97 57.10
C LYS A 234 39.12 14.77 56.58
N VAL A 235 39.28 14.74 55.25
CA VAL A 235 40.57 14.50 54.62
C VAL A 235 40.83 15.55 53.56
N SER A 236 42.11 15.70 53.21
CA SER A 236 42.49 16.50 52.06
C SER A 236 42.08 15.80 50.76
N ALA A 237 41.63 16.58 49.79
CA ALA A 237 41.33 16.02 48.47
C ALA A 237 42.57 15.46 47.79
N ASP A 238 43.76 15.80 48.27
CA ASP A 238 45.01 15.28 47.73
C ASP A 238 45.53 14.06 48.50
N ASP A 239 44.86 13.65 49.57
CA ASP A 239 45.29 12.47 50.31
C ASP A 239 45.13 11.22 49.47
N THR A 240 46.10 10.31 49.59
CA THR A 240 46.02 9.00 48.99
C THR A 240 45.27 8.04 49.92
N PRO A 241 44.71 6.95 49.38
CA PRO A 241 44.06 5.96 50.25
C PRO A 241 44.93 5.50 51.40
N GLY A 242 46.24 5.36 51.20
CA GLY A 242 47.12 4.98 52.30
C GLY A 242 47.17 6.02 53.40
N THR A 243 47.32 7.28 53.03
CA THR A 243 47.32 8.36 54.02
C THR A 243 45.99 8.42 54.75
N ILE A 244 44.89 8.22 54.00
CA ILE A 244 43.57 8.21 54.60
C ILE A 244 43.46 7.09 55.63
N LEU A 245 43.92 5.89 55.27
CA LEU A 245 43.88 4.76 56.20
C LEU A 245 44.73 5.03 57.43
N GLN A 246 45.91 5.60 57.25
CA GLN A 246 46.78 5.90 58.39
C GLN A 246 46.12 6.89 59.33
N SER A 247 45.58 7.98 58.79
CA SER A 247 44.89 8.96 59.61
C SER A 247 43.69 8.35 60.33
N PHE A 248 42.93 7.51 59.61
CA PHE A 248 41.78 6.84 60.20
C PHE A 248 42.19 5.97 61.38
N PHE A 249 43.19 5.11 61.20
CA PHE A 249 43.64 4.24 62.28
C PHE A 249 44.25 5.03 63.43
N THR A 250 44.92 6.15 63.14
CA THR A 250 45.39 7.02 64.21
C THR A 250 44.23 7.58 65.01
N LYS A 251 43.18 8.03 64.33
CA LYS A 251 42.04 8.60 65.01
C LYS A 251 41.24 7.54 65.79
N MET A 252 41.21 6.31 65.27
CA MET A 252 40.42 5.24 65.87
C MET A 252 41.24 4.33 66.77
N ALA A 253 42.47 4.71 67.11
CA ALA A 253 43.35 3.84 67.88
C ALA A 253 42.70 3.36 69.17
N LYS A 254 41.95 4.24 69.84
CA LYS A 254 41.26 3.90 71.07
C LYS A 254 39.87 3.35 70.82
N LYS A 255 39.44 3.18 69.56
CA LYS A 255 38.09 2.70 69.28
C LYS A 255 38.10 1.50 68.33
N LYS A 256 39.23 0.79 68.20
CA LYS A 256 39.30 -0.39 67.33
C LYS A 256 38.21 -1.40 67.66
N SER A 257 38.08 -1.76 68.94
CA SER A 257 37.12 -2.78 69.35
C SER A 257 35.69 -2.40 68.95
N LEU A 258 35.42 -1.12 68.84
CA LEU A 258 34.10 -0.67 68.45
C LEU A 258 33.76 -1.00 67.00
N MET A 259 34.76 -1.02 66.12
CA MET A 259 34.52 -1.32 64.72
C MET A 259 34.94 -2.73 64.35
N ASP A 260 35.03 -3.62 65.35
CA ASP A 260 35.39 -5.02 65.14
C ASP A 260 36.73 -5.15 64.41
N ILE A 261 37.69 -4.32 64.79
CA ILE A 261 39.06 -4.39 64.27
C ILE A 261 39.92 -5.08 65.33
N PRO A 262 40.44 -6.28 65.06
CA PRO A 262 41.34 -6.92 66.02
C PRO A 262 42.54 -6.04 66.33
N GLU A 263 42.95 -6.07 67.59
CA GLU A 263 44.13 -5.31 67.99
C GLU A 263 45.36 -5.75 67.23
N SER A 264 45.40 -7.02 66.81
CA SER A 264 46.54 -7.52 66.05
C SER A 264 46.62 -6.93 64.65
N GLN A 265 45.54 -6.36 64.15
CA GLN A 265 45.50 -5.84 62.78
C GLN A 265 45.72 -4.32 62.77
N ASN A 266 46.32 -3.85 61.68
CA ASN A 266 46.67 -2.44 61.49
C ASN A 266 46.15 -1.98 60.14
N GLU A 267 46.47 -0.73 59.79
CA GLU A 267 45.99 -0.12 58.56
C GLU A 267 46.43 -0.89 57.32
N ASP A 269 46.36 -4.15 56.65
CA ASP A 269 45.56 -5.36 56.54
C ASP A 269 44.21 -5.06 55.87
N PHE A 270 43.95 -3.79 55.61
CA PHE A 270 42.65 -3.37 55.09
C PHE A 270 42.82 -2.52 53.84
N VAL A 271 41.73 -2.43 53.08
CA VAL A 271 41.62 -1.58 51.90
C VAL A 271 40.30 -0.83 51.97
N LEU A 272 40.23 0.25 51.21
CA LEU A 272 39.00 1.00 51.05
C LEU A 272 38.26 0.54 49.79
N ARG A 273 36.99 0.20 49.94
CA ARG A 273 36.15 -0.20 48.82
C ARG A 273 34.88 0.63 48.81
N VAL A 274 34.32 0.84 47.62
CA VAL A 274 33.06 1.58 47.54
C VAL A 274 31.91 0.75 48.10
N CYS A 275 31.08 1.39 48.91
CA CYS A 275 29.91 0.71 49.47
C CYS A 275 28.97 0.24 48.36
N GLY A 276 28.62 -1.05 48.40
CA GLY A 276 27.70 -1.63 47.44
C GLY A 276 28.27 -1.87 46.06
N ARG A 277 29.55 -1.59 45.83
CA ARG A 277 30.17 -1.79 44.53
C ARG A 277 31.53 -2.44 44.71
N ASP A 278 31.92 -3.26 43.72
CA ASP A 278 33.24 -3.86 43.69
C ASP A 278 34.24 -2.92 43.02
N GLU A 279 34.52 -1.81 43.71
CA GLU A 279 35.45 -0.80 43.22
C GLU A 279 36.34 -0.37 44.36
N TYR A 280 37.65 -0.47 44.16
CA TYR A 280 38.61 -0.28 45.23
C TYR A 280 39.35 1.04 45.09
N LEU A 281 39.68 1.62 46.24
CA LEU A 281 40.45 2.85 46.32
C LEU A 281 41.83 2.48 46.89
N VAL A 282 42.79 2.29 45.99
CA VAL A 282 44.13 1.83 46.36
C VAL A 282 45.17 2.61 45.55
N GLY A 283 46.41 2.53 45.99
CA GLY A 283 47.51 3.16 45.29
C GLY A 283 47.80 4.56 45.79
N GLU A 284 48.69 5.22 45.03
CA GLU A 284 49.17 6.56 45.37
C GLU A 284 48.40 7.65 44.64
N THR A 285 47.25 7.33 44.09
CA THR A 285 46.45 8.32 43.37
C THR A 285 45.66 9.17 44.37
N PRO A 286 45.65 10.49 44.21
CA PRO A 286 44.83 11.33 45.08
C PRO A 286 43.36 10.93 45.02
N ILE A 287 42.69 11.03 46.18
CA ILE A 287 41.30 10.61 46.29
C ILE A 287 40.41 11.33 45.30
N LYS A 288 40.75 12.58 44.96
CA LYS A 288 39.94 13.36 44.03
C LYS A 288 39.95 12.79 42.61
N ASN A 289 40.90 11.93 42.28
CA ASN A 289 41.02 11.40 40.93
C ASN A 289 40.28 10.07 40.74
N PHE A 290 39.66 9.53 41.79
CA PHE A 290 38.84 8.33 41.64
C PHE A 290 37.48 8.73 41.05
N GLN A 291 37.02 7.96 40.07
CA GLN A 291 35.80 8.31 39.35
C GLN A 291 34.59 8.33 40.28
N TRP A 292 34.52 7.39 41.23
CA TRP A 292 33.41 7.40 42.19
C TRP A 292 33.38 8.68 43.00
N VAL A 293 34.54 9.14 43.44
CA VAL A 293 34.60 10.39 44.21
C VAL A 293 34.12 11.56 43.38
N ARG A 294 34.53 11.60 42.10
CA ARG A 294 34.06 12.65 41.20
C ARG A 294 32.55 12.58 41.01
N GLN A 295 32.00 11.36 40.92
CA GLN A 295 30.56 11.22 40.79
C GLN A 295 29.83 11.74 42.02
N CYS A 296 30.31 11.36 43.21
CA CYS A 296 29.72 11.88 44.44
C CYS A 296 29.77 13.40 44.50
N LEU A 297 30.92 13.99 44.15
CA LEU A 297 31.02 15.45 44.14
C LEU A 297 30.08 16.06 43.12
N LYS A 298 29.98 15.45 41.94
CA LYS A 298 29.09 15.94 40.89
C LYS A 298 27.63 15.93 41.35
N ASN A 299 27.22 14.86 42.02
CA ASN A 299 25.84 14.73 42.49
C ASN A 299 25.59 15.42 43.81
N GLY A 300 26.64 15.78 44.56
CA GLY A 300 26.46 16.28 45.90
C GLY A 300 26.16 15.21 46.93
N GLU A 301 26.62 13.99 46.70
CA GLU A 301 26.40 12.89 47.61
C GLU A 301 27.58 12.72 48.57
N GLU A 302 27.30 12.13 49.72
CA GLU A 302 28.35 11.75 50.65
C GLU A 302 29.17 10.59 50.09
N ILE A 303 30.46 10.61 50.39
CA ILE A 303 31.38 9.57 49.95
C ILE A 303 31.39 8.48 51.01
N HIS A 304 30.73 7.37 50.70
CA HIS A 304 30.65 6.23 51.61
C HIS A 304 31.60 5.14 51.16
N LEU A 305 32.48 4.71 52.06
CA LEU A 305 33.42 3.63 51.81
C LEU A 305 33.33 2.58 52.90
N VAL A 306 33.70 1.35 52.55
CA VAL A 306 33.81 0.24 53.48
C VAL A 306 35.28 -0.10 53.68
N LEU A 307 35.64 -0.39 54.94
CA LEU A 307 36.97 -0.89 55.31
C LEU A 307 36.95 -2.40 55.19
N ASP A 308 37.44 -2.91 54.06
CA ASP A 308 37.36 -4.33 53.74
C ASP A 308 38.74 -4.97 53.84
N THR A 309 38.74 -6.30 53.86
CA THR A 309 39.98 -7.05 53.64
C THR A 309 40.26 -7.18 52.15
N PRO A 310 41.53 -7.14 51.74
CA PRO A 310 41.84 -7.27 50.32
C PRO A 310 41.43 -8.66 49.80
N PRO A 311 41.01 -8.74 48.55
CA PRO A 311 40.68 -10.04 47.97
C PRO A 311 41.89 -10.97 47.95
N ASP A 312 41.58 -12.27 47.95
CA ASP A 312 42.57 -13.34 47.86
C ASP A 312 43.25 -13.25 46.50
N PRO A 313 44.54 -12.92 46.48
CA PRO A 313 45.26 -12.88 45.20
C PRO A 313 45.35 -14.22 44.52
N ALA A 314 45.23 -15.33 45.26
CA ALA A 314 45.34 -16.65 44.65
C ALA A 314 44.25 -16.90 43.61
N LEU A 315 43.11 -16.23 43.74
CA LEU A 315 42.05 -16.38 42.76
C LEU A 315 42.44 -15.77 41.41
N ASP A 316 43.39 -14.85 41.37
CA ASP A 316 43.84 -14.27 40.12
C ASP A 316 45.12 -14.90 39.60
N GLU A 317 45.65 -15.91 40.28
CA GLU A 317 46.76 -16.68 39.75
C GLU A 317 46.32 -17.47 38.52
N VAL A 318 47.17 -17.50 37.50
CA VAL A 318 46.87 -18.16 36.23
C VAL A 318 47.45 -19.57 36.25
N ARG A 319 46.69 -20.51 35.70
CA ARG A 319 47.15 -21.89 35.56
C ARG A 319 48.47 -21.95 34.79
N LYS A 320 49.31 -22.92 35.16
CA LYS A 320 50.59 -23.12 34.48
C LYS A 320 50.38 -23.39 32.99
N GLU A 321 51.11 -22.65 32.16
CA GLU A 321 51.06 -22.87 30.71
C GLU A 321 51.74 -24.18 30.35
N GLU A 322 51.00 -25.06 29.66
CA GLU A 322 51.59 -26.30 29.19
C GLU A 322 52.38 -26.09 27.90
N TRP A 323 52.01 -25.08 27.13
CA TRP A 323 52.66 -24.81 25.85
C TRP A 323 54.01 -24.13 26.07
N PRO A 324 55.06 -24.57 25.37
CA PRO A 324 56.30 -23.79 25.35
C PRO A 324 56.07 -22.40 24.76
N LEU A 325 56.91 -21.47 25.17
CA LEU A 325 56.85 -20.12 24.62
C LEU A 325 57.31 -20.11 23.17
N VAL A 326 56.82 -19.11 22.43
CA VAL A 326 57.16 -18.91 21.03
C VAL A 326 57.71 -17.50 20.87
N ASP A 327 58.91 -17.39 20.28
CA ASP A 327 59.58 -16.10 20.19
C ASP A 327 58.97 -15.25 19.09
N ASP A 328 59.20 -13.93 19.20
CA ASP A 328 58.65 -12.96 18.27
C ASP A 328 59.25 -13.07 16.87
N CYS A 329 60.36 -13.78 16.70
CA CYS A 329 60.95 -13.99 15.38
C CYS A 329 60.34 -15.16 14.65
N THR A 330 59.40 -15.87 15.27
CA THR A 330 58.73 -16.98 14.62
C THR A 330 57.95 -16.48 13.40
N GLY A 331 58.13 -17.16 12.26
CA GLY A 331 57.52 -16.76 11.01
C GLY A 331 58.31 -15.74 10.22
N VAL A 332 59.46 -15.32 10.71
CA VAL A 332 60.28 -14.33 10.02
C VAL A 332 61.05 -15.01 8.90
N THR A 333 60.90 -14.50 7.68
CA THR A 333 61.60 -15.08 6.54
C THR A 333 63.03 -14.58 6.43
N GLY A 334 63.33 -13.42 6.98
CA GLY A 334 64.67 -12.87 6.97
C GLY A 334 64.78 -11.73 5.98
N TYR A 335 66.02 -11.30 5.79
CA TYR A 335 66.28 -10.21 4.87
C TYR A 335 66.46 -10.73 3.44
N HIS A 336 66.42 -9.78 2.50
CA HIS A 336 66.62 -10.09 1.09
C HIS A 336 67.97 -10.76 0.85
N GLU A 337 69.03 -10.27 1.51
CA GLU A 337 70.37 -10.80 1.29
C GLU A 337 70.46 -12.29 1.61
N GLN A 338 69.64 -12.76 2.54
CA GLN A 338 69.66 -14.16 2.94
C GLN A 338 68.77 -15.03 2.06
N LEU A 339 67.79 -14.42 1.40
CA LEU A 339 66.82 -15.15 0.57
C LEU A 339 67.11 -15.02 -0.92
N THR A 340 67.93 -14.04 -1.32
CA THR A 340 68.17 -13.79 -2.73
C THR A 340 68.91 -14.97 -3.37
N ILE A 341 68.56 -15.28 -4.61
CA ILE A 341 69.24 -16.33 -5.35
C ILE A 341 70.49 -15.79 -6.05
N HIS A 342 70.61 -14.48 -6.21
CA HIS A 342 71.72 -13.88 -6.92
C HIS A 342 73.03 -14.12 -6.18
N GLY A 343 74.00 -14.71 -6.86
CA GLY A 343 75.30 -14.97 -6.30
C GLY A 343 75.40 -16.22 -5.45
N LYS A 344 74.31 -16.98 -5.32
CA LYS A 344 74.29 -18.17 -4.48
C LYS A 344 74.32 -19.45 -5.32
N ASP A 345 74.87 -20.49 -4.72
CA ASP A 345 74.86 -21.82 -5.30
C ASP A 345 73.48 -22.45 -5.13
N HIS A 346 73.03 -23.18 -6.16
CA HIS A 346 71.74 -23.85 -6.09
C HIS A 346 71.64 -24.74 -4.86
N GLU A 347 72.77 -25.31 -4.42
CA GLU A 347 72.77 -26.13 -3.21
C GLU A 347 72.45 -25.32 -1.97
N SER A 348 72.62 -24.01 -2.02
CA SER A 348 72.35 -23.11 -0.90
C SER A 348 71.02 -22.38 -1.05
N VAL A 349 70.20 -22.77 -2.01
CA VAL A 349 68.88 -22.17 -2.19
C VAL A 349 67.83 -23.10 -1.61
N PHE A 350 67.16 -22.64 -0.55
CA PHE A 350 66.03 -23.36 0.03
C PHE A 350 64.76 -22.53 0.02
N THR A 351 64.88 -21.21 -0.01
CA THR A 351 63.76 -20.30 -0.16
C THR A 351 64.20 -19.18 -1.09
N VAL A 352 63.27 -18.70 -1.91
CA VAL A 352 63.55 -17.65 -2.89
C VAL A 352 62.86 -16.37 -2.46
N SER A 353 63.58 -15.25 -2.57
CA SER A 353 63.05 -13.94 -2.21
C SER A 353 61.95 -13.51 -3.17
N LEU A 354 60.85 -13.00 -2.62
CA LEU A 354 59.77 -12.46 -3.46
C LEU A 354 60.26 -11.32 -4.34
N TRP A 355 61.26 -10.57 -3.87
CA TRP A 355 61.75 -9.43 -4.63
C TRP A 355 62.59 -9.84 -5.84
N ASP A 356 62.92 -11.12 -5.96
CA ASP A 356 63.64 -11.64 -7.11
C ASP A 356 62.70 -12.14 -8.20
N CYS A 357 61.40 -12.16 -7.95
CA CYS A 357 60.41 -12.70 -8.89
C CYS A 357 59.91 -11.54 -9.75
N ASP A 358 60.48 -11.39 -10.94
CA ASP A 358 60.19 -10.27 -11.83
C ASP A 358 59.08 -10.58 -12.80
N ARG A 359 57.96 -11.11 -12.32
CA ARG A 359 56.94 -11.53 -13.27
C ARG A 359 55.54 -11.12 -12.85
N LYS A 360 54.66 -11.10 -13.85
CA LYS A 360 53.26 -10.79 -13.61
C LYS A 360 52.58 -11.94 -12.87
N PHE A 361 51.78 -11.59 -11.87
CA PHE A 361 51.02 -12.57 -11.12
C PHE A 361 49.86 -13.09 -11.98
N ARG A 362 49.53 -14.37 -11.81
CA ARG A 362 48.46 -14.96 -12.57
C ARG A 362 47.74 -16.00 -11.72
N VAL A 363 46.49 -16.25 -12.05
CA VAL A 363 45.68 -17.26 -11.37
C VAL A 363 44.84 -17.97 -12.42
N LYS A 364 44.76 -19.30 -12.31
CA LYS A 364 43.92 -20.07 -13.20
C LYS A 364 42.56 -20.24 -12.57
N ILE A 365 41.53 -19.82 -13.29
CA ILE A 365 40.16 -20.07 -12.90
C ILE A 365 39.77 -21.38 -13.55
N ARG A 366 39.64 -22.43 -12.73
CA ARG A 366 39.19 -23.70 -13.25
C ARG A 366 37.69 -23.66 -13.50
N GLY A 367 36.94 -23.21 -12.50
CA GLY A 367 35.52 -23.02 -12.68
C GLY A 367 34.81 -22.90 -11.34
N ILE A 368 33.48 -22.89 -11.44
CA ILE A 368 32.59 -22.79 -10.29
C ILE A 368 31.54 -23.90 -10.37
N ASP A 369 30.92 -24.18 -9.22
CA ASP A 369 29.67 -24.93 -9.21
C ASP A 369 28.84 -24.56 -7.99
N ILE A 370 27.54 -24.84 -8.09
CA ILE A 370 26.58 -24.48 -7.06
C ILE A 370 25.54 -25.60 -6.93
N PRO A 371 25.17 -26.03 -5.71
CA PRO A 371 24.22 -27.16 -5.63
C PRO A 371 22.83 -26.77 -6.07
N VAL A 372 22.43 -25.53 -5.82
CA VAL A 372 21.11 -25.04 -6.16
C VAL A 372 21.29 -23.84 -7.07
N LEU A 373 20.81 -23.95 -8.30
CA LEU A 373 20.92 -22.86 -9.25
C LEU A 373 19.92 -21.75 -8.94
N PRO A 374 20.21 -20.51 -9.32
CA PRO A 374 19.21 -19.45 -9.22
C PRO A 374 18.07 -19.70 -10.19
N ARG A 375 16.84 -19.48 -9.72
CA ARG A 375 15.61 -19.84 -10.44
C ARG A 375 15.53 -19.29 -11.87
N THR A 376 16.42 -18.39 -12.24
CA THR A 376 16.35 -17.71 -13.54
C THR A 376 17.15 -18.52 -14.56
N ALA A 377 16.44 -19.03 -15.56
CA ALA A 377 16.94 -20.11 -16.40
C ALA A 377 17.85 -19.65 -17.54
N ASP A 378 18.03 -18.35 -17.75
CA ASP A 378 18.74 -17.84 -18.93
C ASP A 378 19.75 -16.77 -18.50
N LEU A 379 20.69 -17.19 -17.66
CA LEU A 379 21.71 -16.31 -17.11
C LEU A 379 23.10 -16.75 -17.55
N THR A 380 23.94 -15.77 -17.86
CA THR A 380 25.36 -15.98 -18.09
C THR A 380 26.12 -15.57 -16.84
N VAL A 381 27.24 -16.23 -16.60
CA VAL A 381 28.04 -15.99 -15.41
C VAL A 381 29.48 -15.78 -15.82
N PHE A 382 30.17 -14.86 -15.13
CA PHE A 382 31.59 -14.70 -15.33
C PHE A 382 32.27 -14.36 -14.00
N VAL A 383 33.57 -14.58 -13.98
CA VAL A 383 34.41 -14.38 -12.80
C VAL A 383 35.26 -13.13 -13.02
N GLU A 384 35.24 -12.23 -12.04
CA GLU A 384 36.10 -11.06 -11.99
C GLU A 384 37.11 -11.25 -10.88
N ALA A 385 38.39 -11.22 -11.23
CA ALA A 385 39.48 -11.35 -10.26
C ALA A 385 40.17 -10.02 -10.08
N ASN A 386 40.27 -9.57 -8.83
CA ASN A 386 40.91 -8.32 -8.47
C ASN A 386 42.02 -8.58 -7.49
N ILE A 387 43.16 -7.93 -7.69
CA ILE A 387 44.17 -7.84 -6.63
C ILE A 387 43.85 -6.57 -5.85
N GLN A 388 43.60 -6.70 -4.56
CA GLN A 388 43.21 -5.59 -3.72
C GLN A 388 44.19 -5.41 -2.57
N TYR A 389 44.51 -4.16 -2.26
CA TYR A 389 45.28 -3.82 -1.07
C TYR A 389 44.47 -2.79 -0.28
N GLY A 390 44.07 -3.18 0.91
CA GLY A 390 43.15 -2.35 1.66
C GLY A 390 41.89 -2.18 0.84
N GLN A 391 41.57 -0.94 0.51
CA GLN A 391 40.39 -0.63 -0.28
C GLN A 391 40.72 -0.32 -1.74
N GLN A 392 41.98 -0.41 -2.14
CA GLN A 392 42.40 -0.04 -3.48
C GLN A 392 42.52 -1.28 -4.35
N VAL A 393 41.96 -1.21 -5.56
CA VAL A 393 42.08 -2.27 -6.54
C VAL A 393 43.29 -1.98 -7.41
N LEU A 394 44.32 -2.83 -7.32
CA LEU A 394 45.56 -2.63 -8.07
C LEU A 394 45.42 -3.07 -9.51
N CYS A 395 44.80 -4.22 -9.76
CA CYS A 395 44.63 -4.71 -11.12
C CYS A 395 43.40 -5.61 -11.16
N GLN A 396 42.93 -5.87 -12.39
CA GLN A 396 41.68 -6.58 -12.58
C GLN A 396 41.73 -7.39 -13.88
N ARG A 397 41.17 -8.59 -13.83
CA ARG A 397 41.01 -9.45 -15.00
C ARG A 397 39.67 -10.18 -14.89
N ARG A 398 39.14 -10.60 -16.05
CA ARG A 398 37.86 -11.28 -16.10
C ARG A 398 37.91 -12.45 -17.07
N THR A 399 37.08 -13.45 -16.80
CA THR A 399 36.85 -14.56 -17.71
C THR A 399 35.74 -14.23 -18.70
N SER A 400 35.69 -14.99 -19.78
CA SER A 400 34.61 -14.84 -20.74
C SER A 400 33.29 -15.37 -20.15
N PRO A 401 32.16 -14.76 -20.50
CA PRO A 401 30.88 -15.22 -19.95
C PRO A 401 30.50 -16.59 -20.50
N LYS A 402 29.90 -17.41 -19.63
CA LYS A 402 29.43 -18.74 -19.98
C LYS A 402 28.05 -18.95 -19.36
N PRO A 403 27.23 -19.83 -19.96
CA PRO A 403 25.91 -20.12 -19.37
C PRO A 403 26.02 -20.56 -17.91
N PHE A 404 25.12 -20.01 -17.09
CA PHE A 404 25.13 -20.29 -15.65
C PHE A 404 24.44 -21.63 -15.43
N THR A 405 25.23 -22.68 -15.28
CA THR A 405 24.73 -24.01 -14.99
C THR A 405 25.19 -24.40 -13.60
N GLU A 406 24.79 -25.60 -13.18
CA GLU A 406 25.22 -26.09 -11.87
C GLU A 406 26.74 -26.10 -11.77
N GLU A 407 27.43 -26.26 -12.89
CA GLU A 407 28.87 -26.20 -12.91
C GLU A 407 29.33 -25.52 -14.20
N VAL A 408 30.23 -24.54 -14.07
CA VAL A 408 30.77 -23.79 -15.20
C VAL A 408 32.28 -23.95 -15.21
N LEU A 409 32.82 -24.40 -16.34
CA LEU A 409 34.24 -24.69 -16.52
C LEU A 409 34.86 -23.67 -17.45
N TRP A 410 35.84 -22.92 -16.95
CA TRP A 410 36.65 -22.05 -17.79
C TRP A 410 38.04 -22.62 -18.05
N ASN A 411 38.74 -23.03 -17.00
CA ASN A 411 40.09 -23.58 -17.10
C ASN A 411 41.00 -22.63 -17.88
N VAL A 412 41.07 -21.38 -17.41
CA VAL A 412 41.80 -20.34 -18.13
C VAL A 412 42.67 -19.55 -17.16
N TRP A 413 43.83 -19.13 -17.65
CA TRP A 413 44.75 -18.30 -16.88
C TRP A 413 44.42 -16.82 -17.06
N LEU A 414 44.30 -16.12 -15.93
CA LEU A 414 44.18 -14.67 -15.90
C LEU A 414 45.49 -14.12 -15.39
N GLU A 415 46.19 -13.37 -16.24
CA GLU A 415 47.46 -12.74 -15.90
C GLU A 415 47.24 -11.27 -15.59
N PHE A 416 47.73 -10.83 -14.44
CA PHE A 416 47.53 -9.47 -13.97
C PHE A 416 48.70 -8.57 -14.36
N SER A 417 48.42 -7.28 -14.48
CA SER A 417 49.45 -6.29 -14.80
C SER A 417 50.25 -5.86 -13.57
N ILE A 418 50.52 -6.79 -12.65
CA ILE A 418 51.35 -6.52 -11.48
C ILE A 418 52.38 -7.62 -11.36
N LYS A 419 53.62 -7.24 -11.09
CA LYS A 419 54.67 -8.23 -10.89
C LYS A 419 54.62 -8.80 -9.48
N ILE A 420 55.12 -10.03 -9.34
CA ILE A 420 55.13 -10.69 -8.03
C ILE A 420 55.98 -9.90 -7.04
N LYS A 421 57.13 -9.40 -7.49
CA LYS A 421 58.03 -8.64 -6.61
C LYS A 421 57.37 -7.37 -6.08
N ASP A 422 56.29 -6.91 -6.72
CA ASP A 422 55.61 -5.68 -6.32
C ASP A 422 54.35 -5.95 -5.52
N LEU A 423 54.08 -7.22 -5.20
CA LEU A 423 52.90 -7.54 -4.40
C LEU A 423 53.12 -7.08 -2.96
N PRO A 424 52.25 -6.24 -2.42
CA PRO A 424 52.40 -5.80 -1.03
C PRO A 424 51.97 -6.88 -0.04
N LYS A 425 52.49 -6.76 1.17
CA LYS A 425 52.04 -7.61 2.27
C LYS A 425 50.58 -7.30 2.61
N GLY A 426 49.73 -8.32 2.53
CA GLY A 426 48.32 -8.15 2.78
C GLY A 426 47.47 -8.13 1.53
N ALA A 427 48.09 -8.26 0.35
CA ALA A 427 47.34 -8.29 -0.89
C ALA A 427 46.35 -9.44 -0.90
N LEU A 428 45.13 -9.16 -1.36
CA LEU A 428 44.04 -10.12 -1.41
C LEU A 428 43.63 -10.35 -2.85
N LEU A 429 43.51 -11.61 -3.23
CA LEU A 429 42.83 -11.99 -4.46
C LEU A 429 41.34 -12.03 -4.16
N ASN A 430 40.63 -11.04 -4.66
CA ASN A 430 39.19 -10.91 -4.48
C ASN A 430 38.52 -11.47 -5.73
N LEU A 431 37.83 -12.59 -5.58
CA LEU A 431 37.12 -13.23 -6.68
C LEU A 431 35.64 -12.93 -6.54
N GLN A 432 35.03 -12.46 -7.61
CA GLN A 432 33.63 -12.10 -7.63
C GLN A 432 32.95 -12.83 -8.78
N ILE A 433 31.75 -13.33 -8.53
CA ILE A 433 30.93 -13.98 -9.52
C ILE A 433 29.78 -13.04 -9.87
N TYR A 434 29.72 -12.66 -11.15
CA TYR A 434 28.71 -11.78 -11.73
C TYR A 434 27.81 -12.57 -12.67
N CYS A 435 26.54 -12.14 -12.70
CA CYS A 435 25.51 -12.75 -13.54
C CYS A 435 24.85 -11.68 -14.40
N GLY A 436 24.57 -12.03 -15.67
CA GLY A 436 23.89 -11.14 -16.58
C GLY A 436 22.91 -11.90 -17.44
N LYS A 437 22.06 -11.14 -18.13
CA LYS A 437 21.13 -11.75 -19.07
C LYS A 437 21.87 -12.23 -20.31
N ALA A 438 21.50 -13.43 -20.76
CA ALA A 438 22.08 -13.98 -21.98
C ALA A 438 21.73 -13.10 -23.17
N PRO A 439 22.70 -12.75 -24.04
CA PRO A 439 22.44 -11.94 -25.24
C PRO A 439 21.39 -12.58 -26.16
N LYS A 457 23.20 -4.32 -16.84
CA LYS A 457 24.16 -4.25 -15.74
C LYS A 457 24.32 -5.60 -15.06
N ALA A 458 25.44 -6.26 -15.32
CA ALA A 458 25.81 -7.47 -14.60
C ALA A 458 25.64 -7.28 -13.09
N GLN A 459 24.92 -8.20 -12.47
CA GLN A 459 24.68 -8.15 -11.03
C GLN A 459 25.72 -9.01 -10.31
N LEU A 460 26.37 -8.43 -9.31
CA LEU A 460 27.31 -9.18 -8.51
C LEU A 460 26.58 -10.13 -7.58
N LEU A 461 26.93 -11.41 -7.66
CA LEU A 461 26.26 -12.44 -6.88
C LEU A 461 27.12 -13.02 -5.78
N TYR A 462 28.38 -13.36 -6.06
CA TYR A 462 29.18 -14.02 -5.04
C TYR A 462 30.56 -13.40 -4.95
N TYR A 463 31.23 -13.59 -3.82
CA TYR A 463 32.58 -13.10 -3.65
C TYR A 463 33.32 -13.93 -2.60
N VAL A 464 34.65 -13.94 -2.72
CA VAL A 464 35.52 -14.57 -1.73
C VAL A 464 36.90 -13.94 -1.85
N ASN A 465 37.61 -13.87 -0.73
CA ASN A 465 38.96 -13.31 -0.71
C ASN A 465 39.98 -14.36 -0.31
N LEU A 466 41.17 -14.23 -0.90
CA LEU A 466 42.29 -15.12 -0.63
C LEU A 466 43.52 -14.27 -0.36
N LEU A 467 44.08 -14.38 0.83
CA LEU A 467 45.35 -13.71 1.09
C LEU A 467 46.47 -14.35 0.27
N LEU A 468 47.22 -13.52 -0.46
CA LEU A 468 48.22 -14.06 -1.38
C LEU A 468 49.51 -14.41 -0.65
N ILE A 469 49.93 -13.59 0.31
CA ILE A 469 51.07 -13.86 1.16
C ILE A 469 50.55 -14.26 2.53
N ASP A 470 50.80 -15.51 2.93
CA ASP A 470 50.20 -16.01 4.15
C ASP A 470 50.89 -15.43 5.38
N HIS A 471 50.47 -15.90 6.55
CA HIS A 471 50.97 -15.38 7.82
C HIS A 471 52.46 -15.67 8.03
N ARG A 472 53.04 -16.59 7.26
CA ARG A 472 54.45 -16.92 7.36
C ARG A 472 55.28 -16.15 6.35
N PHE A 473 54.68 -15.17 5.67
CA PHE A 473 55.33 -14.35 4.66
C PHE A 473 55.65 -15.14 3.40
N LEU A 474 54.96 -16.26 3.20
CA LEU A 474 55.15 -17.12 2.04
C LEU A 474 54.05 -16.86 1.02
N LEU A 475 54.44 -16.75 -0.25
CA LEU A 475 53.46 -16.65 -1.34
C LEU A 475 52.68 -17.95 -1.46
N ARG A 476 51.35 -17.82 -1.51
CA ARG A 476 50.52 -19.01 -1.64
C ARG A 476 50.66 -19.61 -3.04
N HIS A 477 50.55 -20.94 -3.10
CA HIS A 477 50.70 -21.66 -4.34
C HIS A 477 49.81 -22.90 -4.32
N GLY A 478 49.50 -23.42 -5.51
CA GLY A 478 48.76 -24.67 -5.61
C GLY A 478 47.28 -24.45 -5.80
N GLU A 479 46.52 -25.50 -5.48
CA GLU A 479 45.10 -25.53 -5.78
C GLU A 479 44.29 -25.04 -4.59
N TYR A 480 43.22 -24.30 -4.87
CA TYR A 480 42.34 -23.79 -3.83
C TYR A 480 40.89 -23.96 -4.24
N VAL A 481 40.09 -24.48 -3.31
CA VAL A 481 38.63 -24.50 -3.44
C VAL A 481 38.09 -23.56 -2.38
N LEU A 482 37.54 -22.43 -2.82
CA LEU A 482 37.08 -21.38 -1.92
C LEU A 482 35.56 -21.34 -1.93
N HIS A 483 34.96 -21.46 -0.76
CA HIS A 483 33.52 -21.34 -0.63
C HIS A 483 33.13 -19.88 -0.45
N MET A 484 32.26 -19.40 -1.32
CA MET A 484 32.05 -17.97 -1.52
C MET A 484 30.86 -17.46 -0.71
N TRP A 485 30.93 -16.18 -0.35
CA TRP A 485 29.84 -15.50 0.33
C TRP A 485 28.83 -14.97 -0.69
N GLN A 486 27.55 -15.11 -0.36
CA GLN A 486 26.48 -14.59 -1.18
C GLN A 486 26.16 -13.16 -0.80
N LEU A 487 25.93 -12.32 -1.81
CA LEU A 487 25.51 -10.93 -1.60
C LEU A 487 23.99 -10.88 -1.65
N SER A 488 23.37 -10.78 -0.48
CA SER A 488 21.93 -10.64 -0.36
C SER A 488 21.48 -9.31 -0.97
N LEU A 502 36.83 -7.43 3.61
CA LEU A 502 38.28 -7.48 3.70
C LEU A 502 38.77 -8.75 4.39
N THR A 503 37.84 -9.62 4.75
CA THR A 503 38.20 -10.86 5.42
C THR A 503 38.65 -11.91 4.42
N SER A 504 39.69 -12.67 4.80
CA SER A 504 40.21 -13.75 3.98
C SER A 504 39.55 -15.08 4.33
N ARG A 505 38.55 -15.06 5.20
CA ARG A 505 37.82 -16.25 5.57
C ARG A 505 36.79 -16.64 4.52
N THR A 506 36.56 -17.94 4.39
CA THR A 506 35.63 -18.48 3.42
C THR A 506 34.33 -18.89 4.10
N ASN A 507 33.29 -19.04 3.29
CA ASN A 507 31.98 -19.42 3.79
C ASN A 507 32.07 -20.76 4.49
N PRO A 508 31.67 -20.87 5.76
CA PRO A 508 31.77 -22.16 6.46
C PRO A 508 30.79 -23.19 5.95
N ASP A 509 29.70 -22.77 5.30
CA ASP A 509 28.70 -23.70 4.76
C ASP A 509 29.24 -24.31 3.47
N LYS A 510 30.07 -25.34 3.63
CA LYS A 510 30.71 -25.96 2.48
C LYS A 510 29.75 -26.84 1.68
N GLU A 511 28.59 -27.17 2.23
CA GLU A 511 27.64 -28.05 1.56
C GLU A 511 26.72 -27.31 0.58
N ASN A 512 26.45 -26.02 0.84
CA ASN A 512 25.44 -25.28 0.07
C ASN A 512 25.89 -23.94 -0.50
N SER A 513 27.03 -23.39 -0.07
CA SER A 513 27.50 -22.09 -0.54
C SER A 513 28.26 -22.24 -1.86
N MET A 514 28.17 -21.22 -2.71
CA MET A 514 28.90 -21.21 -3.97
C MET A 514 30.41 -21.24 -3.73
N SER A 515 31.12 -21.96 -4.60
CA SER A 515 32.56 -22.12 -4.49
C SER A 515 33.21 -21.92 -5.84
N ILE A 516 34.49 -21.56 -5.80
CA ILE A 516 35.31 -21.39 -6.98
C ILE A 516 36.60 -22.19 -6.81
N SER A 517 37.01 -22.87 -7.86
CA SER A 517 38.27 -23.62 -7.86
C SER A 517 39.30 -22.84 -8.68
N ILE A 518 40.46 -22.59 -8.06
CA ILE A 518 41.51 -21.82 -8.69
C ILE A 518 42.83 -22.55 -8.50
N LEU A 519 43.80 -22.19 -9.33
CA LEU A 519 45.15 -22.74 -9.26
C LEU A 519 46.16 -21.60 -9.30
N LEU A 520 47.07 -21.59 -8.34
CA LEU A 520 48.22 -20.71 -8.30
C LEU A 520 49.48 -21.48 -8.65
N ASP A 521 50.44 -20.78 -9.24
CA ASP A 521 51.65 -21.42 -9.76
C ASP A 521 52.40 -22.15 -8.66
N ASN A 522 52.98 -23.29 -9.02
CA ASN A 522 53.82 -24.07 -8.13
C ASN A 522 55.29 -23.78 -8.43
N TYR A 523 56.09 -23.70 -7.37
CA TYR A 523 57.51 -23.42 -7.50
C TYR A 523 58.31 -24.57 -6.89
N CYS A 524 59.58 -24.67 -7.30
CA CYS A 524 60.44 -25.70 -6.74
C CYS A 524 60.83 -25.38 -5.30
N HIS A 525 60.99 -24.09 -4.99
CA HIS A 525 61.26 -23.61 -3.64
C HIS A 525 60.20 -22.61 -3.21
N PRO A 526 59.85 -22.58 -1.93
CA PRO A 526 58.89 -21.57 -1.45
C PRO A 526 59.39 -20.16 -1.74
N ILE A 527 58.43 -19.25 -1.95
CA ILE A 527 58.70 -17.85 -2.23
C ILE A 527 58.31 -17.03 -1.01
N ALA A 528 59.24 -16.24 -0.49
CA ALA A 528 59.06 -15.53 0.77
C ALA A 528 59.20 -14.03 0.58
N LEU A 529 58.35 -13.27 1.27
CA LEU A 529 58.47 -11.82 1.31
C LEU A 529 59.58 -11.42 2.28
N PRO A 530 60.64 -10.76 1.81
CA PRO A 530 61.74 -10.40 2.71
C PRO A 530 61.35 -9.25 3.62
N LYS A 531 61.99 -9.22 4.79
CA LYS A 531 61.93 -8.04 5.65
C LYS A 531 62.73 -6.90 5.04
N HIS A 532 62.17 -5.69 5.13
CA HIS A 532 62.90 -4.50 4.72
C HIS A 532 63.98 -4.16 5.73
N ARG A 533 65.16 -3.83 5.23
CA ARG A 533 66.25 -3.31 6.05
C ARG A 533 66.22 -1.79 6.06
N PRO A 534 66.31 -1.15 7.22
CA PRO A 534 66.44 0.32 7.23
C PRO A 534 67.78 0.79 6.67
N THR A 535 67.84 0.98 5.36
CA THR A 535 69.01 1.59 4.74
C THR A 535 68.92 3.12 4.78
N PRO A 536 70.01 3.80 5.11
CA PRO A 536 70.01 5.26 5.03
C PRO A 536 69.76 5.74 3.60
N ASP A 537 68.82 6.67 3.48
CA ASP A 537 68.49 7.27 2.19
C ASP A 537 69.53 8.31 1.80
N PRO A 538 70.33 8.08 0.74
CA PRO A 538 71.29 9.10 0.32
C PRO A 538 70.64 10.34 -0.27
N GLU A 539 69.41 10.25 -0.75
CA GLU A 539 68.73 11.42 -1.31
C GLU A 539 68.23 12.37 -0.23
N GLY A 540 67.85 11.83 0.93
CA GLY A 540 67.33 12.64 2.01
C GLY A 540 68.31 13.67 2.55
N ARG A 544 67.73 19.64 -0.19
CA ARG A 544 66.29 19.79 -0.25
C ARG A 544 65.87 20.97 -1.12
N ALA A 545 65.10 20.70 -2.15
CA ALA A 545 64.43 21.76 -2.89
C ALA A 545 63.46 22.49 -1.97
N GLU A 546 63.70 23.79 -1.77
CA GLU A 546 62.79 24.60 -0.98
C GLU A 546 61.39 24.57 -1.58
N MET A 547 60.42 24.18 -0.76
CA MET A 547 59.03 24.13 -1.21
C MET A 547 58.51 25.55 -1.46
N PRO A 548 58.09 25.88 -2.67
CA PRO A 548 57.53 27.22 -2.93
C PRO A 548 56.36 27.52 -2.01
N ASN A 549 56.26 28.78 -1.60
CA ASN A 549 55.24 29.19 -0.63
C ASN A 549 53.83 28.85 -1.11
N GLN A 550 53.58 28.93 -2.42
CA GLN A 550 52.27 28.57 -2.94
C GLN A 550 51.98 27.09 -2.73
N LEU A 551 52.95 26.23 -3.04
CA LEU A 551 52.77 24.80 -2.79
C LEU A 551 52.73 24.51 -1.30
N ARG A 552 53.46 25.28 -0.49
CA ARG A 552 53.35 25.13 0.96
C ARG A 552 51.92 25.40 1.43
N LYS A 553 51.32 26.49 0.94
CA LYS A 553 49.94 26.80 1.32
C LYS A 553 48.98 25.73 0.83
N GLN A 554 49.21 25.20 -0.38
CA GLN A 554 48.35 24.14 -0.88
C GLN A 554 48.47 22.88 -0.03
N LEU A 555 49.70 22.51 0.36
CA LEU A 555 49.90 21.36 1.23
C LEU A 555 49.23 21.57 2.58
N GLU A 556 49.37 22.75 3.17
CA GLU A 556 48.73 23.04 4.44
C GLU A 556 47.20 22.96 4.32
N ALA A 557 46.64 23.47 3.22
CA ALA A 557 45.20 23.37 3.02
C ALA A 557 44.76 21.92 2.89
N ILE A 558 45.54 21.11 2.17
CA ILE A 558 45.23 19.68 2.06
C ILE A 558 45.27 19.02 3.43
N ILE A 559 46.28 19.35 4.23
CA ILE A 559 46.40 18.77 5.56
C ILE A 559 45.25 19.19 6.45
N ALA A 560 44.72 20.40 6.24
CA ALA A 560 43.67 20.92 7.09
C ALA A 560 42.30 20.31 6.82
N THR A 561 42.09 19.63 5.69
CA THR A 561 40.80 19.06 5.40
C THR A 561 40.44 17.93 6.36
N ASP A 562 39.13 17.69 6.49
CA ASP A 562 38.61 16.66 7.38
C ASP A 562 38.83 15.27 6.79
N PRO A 563 38.71 14.21 7.60
CA PRO A 563 38.99 12.86 7.11
C PRO A 563 38.07 12.38 5.99
N LEU A 564 36.88 12.96 5.83
CA LEU A 564 36.00 12.51 4.75
C LEU A 564 36.37 13.10 3.39
N ASN A 565 37.18 14.16 3.38
CA ASN A 565 37.55 14.83 2.15
C ASN A 565 38.46 13.95 1.30
N PRO A 566 38.04 13.54 0.11
CA PRO A 566 38.90 12.70 -0.74
C PRO A 566 40.09 13.46 -1.30
N LEU A 567 41.23 12.76 -1.39
CA LEU A 567 42.43 13.32 -2.01
C LEU A 567 42.39 13.11 -3.53
N THR A 568 42.61 14.20 -4.27
CA THR A 568 42.77 14.08 -5.70
C THR A 568 44.11 13.42 -6.04
N ALA A 569 44.28 13.07 -7.31
CA ALA A 569 45.58 12.56 -7.75
C ALA A 569 46.66 13.61 -7.59
N GLU A 570 46.34 14.88 -7.87
CA GLU A 570 47.30 15.96 -7.70
C GLU A 570 47.68 16.13 -6.23
N ASP A 571 46.70 16.04 -5.34
CA ASP A 571 46.99 16.08 -3.90
C ASP A 571 47.94 14.97 -3.51
N LYS A 572 47.70 13.75 -4.00
CA LYS A 572 48.55 12.62 -3.64
C LYS A 572 49.97 12.80 -4.17
N GLU A 573 50.10 13.25 -5.43
CA GLU A 573 51.42 13.49 -5.99
C GLU A 573 52.16 14.58 -5.23
N LEU A 574 51.45 15.64 -4.82
CA LEU A 574 52.07 16.70 -4.03
C LEU A 574 52.53 16.17 -2.68
N LEU A 575 51.64 15.45 -1.98
CA LEU A 575 51.98 14.89 -0.68
C LEU A 575 53.20 13.98 -0.76
N TRP A 576 53.28 13.15 -1.80
CA TRP A 576 54.41 12.23 -1.91
C TRP A 576 55.68 12.95 -2.33
N HIS A 577 55.56 13.94 -3.22
CA HIS A 577 56.72 14.70 -3.65
C HIS A 577 57.40 15.39 -2.47
N PHE A 578 56.60 16.01 -1.60
CA PHE A 578 57.10 16.72 -0.43
C PHE A 578 56.94 15.90 0.85
N ARG A 579 57.05 14.57 0.74
CA ARG A 579 56.87 13.67 1.87
C ARG A 579 57.73 14.08 3.07
N TYR A 580 58.93 14.59 2.82
CA TYR A 580 59.79 14.98 3.93
C TYR A 580 59.26 16.20 4.66
N GLU A 581 58.58 17.10 3.96
CA GLU A 581 57.90 18.20 4.63
C GLU A 581 56.64 17.72 5.36
N SER A 582 55.90 16.79 4.72
CA SER A 582 54.71 16.23 5.36
C SER A 582 55.05 15.54 6.68
N LEU A 583 56.21 14.87 6.74
CA LEU A 583 56.61 14.16 7.95
C LEU A 583 56.80 15.10 9.14
N LYS A 584 56.94 16.40 8.90
CA LYS A 584 57.13 17.34 10.00
C LYS A 584 55.84 17.63 10.75
N ASP A 585 54.70 17.27 10.19
CA ASP A 585 53.40 17.48 10.85
C ASP A 585 52.70 16.15 11.00
N PRO A 586 52.52 15.64 12.22
CA PRO A 586 51.76 14.39 12.40
C PRO A 586 50.40 14.39 11.73
N LYS A 587 49.73 15.54 11.67
CA LYS A 587 48.40 15.62 11.05
C LYS A 587 48.44 15.27 9.57
N ALA A 588 49.61 15.36 8.93
CA ALA A 588 49.75 14.98 7.52
C ALA A 588 49.87 13.48 7.32
N TYR A 589 50.13 12.72 8.39
CA TYR A 589 50.47 11.31 8.22
C TYR A 589 49.38 10.49 7.54
N PRO A 590 48.10 10.55 7.95
CA PRO A 590 47.09 9.74 7.23
C PRO A 590 46.98 10.08 5.77
N LYS A 591 47.08 11.36 5.41
CA LYS A 591 46.98 11.74 4.01
C LYS A 591 48.22 11.31 3.24
N LEU A 592 49.40 11.54 3.80
CA LEU A 592 50.63 11.09 3.17
C LEU A 592 50.58 9.59 2.87
N PHE A 593 50.23 8.79 3.88
CA PHE A 593 50.13 7.35 3.68
C PHE A 593 49.00 6.99 2.74
N SER A 594 47.99 7.84 2.60
CA SER A 594 46.94 7.57 1.61
C SER A 594 47.42 7.79 0.19
N SER A 595 48.55 8.46 0.00
CA SER A 595 49.11 8.69 -1.33
C SER A 595 50.11 7.63 -1.75
N VAL A 596 50.49 6.73 -0.85
CA VAL A 596 51.49 5.71 -1.15
C VAL A 596 50.94 4.73 -2.18
N LYS A 597 51.72 4.49 -3.24
CA LYS A 597 51.39 3.49 -4.25
C LYS A 597 51.96 2.15 -3.78
N TRP A 598 51.18 1.45 -2.96
CA TRP A 598 51.65 0.23 -2.31
C TRP A 598 51.93 -0.91 -3.29
N GLY A 599 51.43 -0.82 -4.52
CA GLY A 599 51.70 -1.87 -5.50
C GLY A 599 53.01 -1.69 -6.22
N GLN A 600 53.92 -0.94 -5.61
CA GLN A 600 55.24 -0.68 -6.17
C GLN A 600 56.26 -0.86 -5.05
N GLN A 601 57.07 -1.90 -5.16
CA GLN A 601 57.96 -2.29 -4.07
C GLN A 601 58.94 -1.17 -3.69
N GLU A 602 59.41 -0.43 -4.69
CA GLU A 602 60.37 0.64 -4.42
C GLU A 602 59.74 1.76 -3.59
N ILE A 603 58.51 2.13 -3.91
CA ILE A 603 57.83 3.17 -3.15
C ILE A 603 57.55 2.69 -1.72
N VAL A 604 57.22 1.41 -1.57
CA VAL A 604 57.02 0.85 -0.24
C VAL A 604 58.30 0.90 0.58
N ALA A 605 59.43 0.56 -0.04
CA ALA A 605 60.72 0.64 0.65
C ALA A 605 61.02 2.07 1.08
N LYS A 606 60.79 3.03 0.18
CA LYS A 606 60.98 4.44 0.55
C LYS A 606 60.07 4.83 1.72
N THR A 607 58.83 4.36 1.70
CA THR A 607 57.90 4.65 2.78
C THR A 607 58.40 4.11 4.11
N TYR A 608 58.95 2.89 4.12
CA TYR A 608 59.48 2.35 5.37
C TYR A 608 60.72 3.10 5.83
N GLN A 609 61.55 3.56 4.88
CA GLN A 609 62.66 4.44 5.25
C GLN A 609 62.16 5.71 5.90
N LEU A 610 61.05 6.25 5.41
CA LEU A 610 60.44 7.41 6.03
C LEU A 610 59.94 7.09 7.44
N LEU A 611 59.26 5.96 7.59
CA LEU A 611 58.75 5.54 8.89
C LEU A 611 59.88 5.36 9.90
N ALA A 612 61.07 4.99 9.43
CA ALA A 612 62.21 4.90 10.33
C ALA A 612 62.65 6.26 10.85
N LYS A 613 62.25 7.34 10.20
CA LYS A 613 62.63 8.69 10.60
C LYS A 613 61.44 9.47 11.17
N ARG A 614 60.56 8.80 11.92
CA ARG A 614 59.32 9.37 12.42
C ARG A 614 59.47 10.07 13.77
N GLU A 615 60.63 10.67 14.04
CA GLU A 615 60.90 11.25 15.36
C GLU A 615 59.82 12.23 15.80
N VAL A 616 59.29 13.03 14.87
CA VAL A 616 58.25 13.99 15.20
C VAL A 616 57.00 13.27 15.69
N TRP A 617 56.63 12.18 15.04
CA TRP A 617 55.47 11.41 15.49
C TRP A 617 55.68 10.88 16.90
N ASP A 618 56.82 10.25 17.16
CA ASP A 618 57.08 9.67 18.47
C ASP A 618 57.09 10.73 19.56
N GLN A 619 57.63 11.90 19.28
CA GLN A 619 57.73 12.93 20.30
C GLN A 619 56.46 13.76 20.49
N SER A 620 55.55 13.74 19.52
CA SER A 620 54.34 14.55 19.59
C SER A 620 53.42 14.08 20.72
N ALA A 621 52.51 14.97 21.11
CA ALA A 621 51.43 14.60 22.03
C ALA A 621 50.47 13.62 21.36
N LEU A 622 49.86 12.77 22.18
CA LEU A 622 48.91 11.77 21.69
C LEU A 622 47.62 12.46 21.23
N ASP A 623 47.41 12.51 19.91
CA ASP A 623 46.11 12.82 19.34
C ASP A 623 45.40 11.49 19.07
N VAL A 624 44.38 11.19 19.90
CA VAL A 624 43.74 9.88 19.80
C VAL A 624 42.98 9.74 18.49
N GLY A 625 42.39 10.84 17.99
CA GLY A 625 41.67 10.76 16.72
C GLY A 625 42.58 10.39 15.56
N LEU A 626 43.71 11.10 15.45
CA LEU A 626 44.69 10.82 14.40
C LEU A 626 45.20 9.39 14.49
N THR A 627 45.58 8.97 15.70
CA THR A 627 46.14 7.63 15.90
C THR A 627 45.13 6.56 15.52
N MET A 628 43.87 6.76 15.90
CA MET A 628 42.83 5.81 15.52
C MET A 628 42.54 5.83 14.03
N GLN A 629 42.64 7.01 13.39
CA GLN A 629 42.50 7.08 11.94
C GLN A 629 43.54 6.21 11.25
N LEU A 630 44.75 6.16 11.80
CA LEU A 630 45.74 5.27 11.19
C LEU A 630 45.40 3.80 11.34
N LEU A 631 44.37 3.44 12.11
CA LEU A 631 43.91 2.06 12.22
C LEU A 631 42.68 1.78 11.37
N ASP A 632 42.21 2.76 10.61
CA ASP A 632 41.03 2.61 9.77
C ASP A 632 41.31 1.62 8.62
N CYS A 633 40.22 1.15 8.02
CA CYS A 633 40.28 0.22 6.89
C CYS A 633 41.06 0.75 5.70
N ASN A 634 41.29 2.07 5.63
CA ASN A 634 42.09 2.63 4.55
C ASN A 634 43.58 2.35 4.70
N PHE A 635 44.03 1.86 5.85
CA PHE A 635 45.45 1.66 6.16
C PHE A 635 45.66 0.20 6.55
N SER A 636 46.05 -0.63 5.59
CA SER A 636 46.30 -2.04 5.82
C SER A 636 47.76 -2.38 6.08
N ASP A 637 48.68 -1.40 6.02
CA ASP A 637 50.09 -1.69 6.20
C ASP A 637 50.41 -1.99 7.66
N GLU A 638 51.16 -3.08 7.88
CA GLU A 638 51.47 -3.52 9.23
C GLU A 638 52.29 -2.48 9.99
N ASN A 639 53.23 -1.81 9.32
CA ASN A 639 54.14 -0.90 10.05
C ASN A 639 53.43 0.39 10.45
N VAL A 640 52.59 0.93 9.57
CA VAL A 640 51.79 2.11 9.90
C VAL A 640 50.90 1.82 11.10
N ARG A 641 50.18 0.70 11.04
CA ARG A 641 49.32 0.32 12.15
C ARG A 641 50.14 0.09 13.42
N ALA A 642 51.35 -0.44 13.26
CA ALA A 642 52.20 -0.69 14.42
C ALA A 642 52.63 0.60 15.09
N ILE A 643 52.99 1.63 14.31
CA ILE A 643 53.36 2.89 14.96
C ILE A 643 52.14 3.53 15.62
N ALA A 644 50.95 3.34 15.04
CA ALA A 644 49.74 3.86 15.69
C ALA A 644 49.50 3.17 17.04
N VAL A 645 49.60 1.84 17.08
CA VAL A 645 49.42 1.11 18.33
C VAL A 645 50.50 1.50 19.35
N GLN A 646 51.74 1.69 18.88
CA GLN A 646 52.81 2.14 19.77
C GLN A 646 52.46 3.48 20.40
N LYS A 647 51.85 4.37 19.62
CA LYS A 647 51.39 5.63 20.21
C LYS A 647 50.27 5.39 21.21
N LEU A 648 49.37 4.46 20.91
CA LEU A 648 48.26 4.17 21.82
C LEU A 648 48.70 3.55 23.14
N GLU A 649 49.88 2.92 23.18
CA GLU A 649 50.35 2.34 24.43
C GLU A 649 50.49 3.37 25.55
N SER A 650 50.48 4.66 25.24
CA SER A 650 50.52 5.71 26.24
C SER A 650 49.13 6.16 26.70
N LEU A 651 48.06 5.59 26.14
CA LEU A 651 46.71 6.01 26.46
C LEU A 651 46.28 5.48 27.82
N GLU A 652 45.64 6.33 28.61
CA GLU A 652 45.18 5.96 29.94
C GLU A 652 44.03 4.97 29.88
N ASP A 653 43.86 4.23 30.98
CA ASP A 653 42.86 3.17 31.03
C ASP A 653 41.45 3.71 30.86
N ASP A 654 41.14 4.87 31.47
CA ASP A 654 39.82 5.45 31.33
C ASP A 654 39.51 5.79 29.87
N ASP A 655 40.47 6.40 29.19
CA ASP A 655 40.28 6.71 27.77
C ASP A 655 40.23 5.45 26.93
N VAL A 656 41.01 4.43 27.29
CA VAL A 656 40.92 3.16 26.60
C VAL A 656 39.52 2.57 26.72
N LEU A 657 38.92 2.67 27.89
CA LEU A 657 37.52 2.27 28.03
C LEU A 657 36.63 3.10 27.12
N HIS A 658 36.92 4.40 27.00
CA HIS A 658 36.12 5.25 26.12
C HIS A 658 36.19 4.79 24.66
N TYR A 659 37.34 4.30 24.21
CA TYR A 659 37.54 3.97 22.79
C TYR A 659 37.57 2.46 22.50
N LEU A 660 37.28 1.62 23.49
CA LEU A 660 37.43 0.18 23.35
C LEU A 660 36.59 -0.41 22.22
N LEU A 661 35.38 0.11 22.01
CA LEU A 661 34.51 -0.43 20.98
C LEU A 661 35.14 -0.32 19.60
N GLN A 662 35.56 0.90 19.23
CA GLN A 662 36.21 1.09 17.94
C GLN A 662 37.54 0.33 17.87
N LEU A 663 38.25 0.22 18.99
CA LEU A 663 39.48 -0.57 18.97
C LEU A 663 39.19 -2.03 18.66
N VAL A 664 38.10 -2.57 19.22
CA VAL A 664 37.70 -3.94 18.91
C VAL A 664 37.32 -4.07 17.44
N GLN A 665 36.57 -3.09 16.93
CA GLN A 665 36.15 -3.16 15.53
C GLN A 665 37.33 -3.06 14.57
N ALA A 666 38.35 -2.28 14.91
CA ALA A 666 39.48 -2.10 14.01
C ALA A 666 40.26 -3.39 13.78
N VAL A 667 40.08 -4.40 14.63
CA VAL A 667 40.73 -5.68 14.42
C VAL A 667 40.27 -6.34 13.12
N LYS A 668 39.06 -6.02 12.66
CA LYS A 668 38.57 -6.57 11.40
C LYS A 668 39.43 -6.16 10.21
N PHE A 669 40.18 -5.07 10.34
CA PHE A 669 41.00 -4.55 9.25
C PHE A 669 42.42 -5.10 9.27
N GLU A 670 42.78 -5.89 10.28
CA GLU A 670 44.08 -6.54 10.28
C GLU A 670 44.11 -7.63 9.21
N PRO A 671 45.21 -7.74 8.45
CA PRO A 671 45.31 -8.85 7.50
C PRO A 671 45.36 -10.21 8.17
N TYR A 672 45.93 -10.29 9.35
CA TYR A 672 46.16 -11.56 10.04
C TYR A 672 45.51 -11.54 11.41
N HIS A 673 45.38 -12.73 11.99
CA HIS A 673 44.84 -12.83 13.35
C HIS A 673 45.78 -12.20 14.37
N ASP A 674 47.08 -12.45 14.26
CA ASP A 674 48.07 -11.86 15.15
C ASP A 674 48.50 -10.51 14.60
N SER A 675 48.36 -9.46 15.42
CA SER A 675 48.71 -8.11 15.01
C SER A 675 49.08 -7.29 16.24
N ALA A 676 49.68 -6.12 15.99
CA ALA A 676 50.00 -5.20 17.08
C ALA A 676 48.76 -4.79 17.86
N LEU A 677 47.65 -4.53 17.16
CA LEU A 677 46.43 -4.11 17.82
C LEU A 677 45.84 -5.21 18.69
N ALA A 678 45.85 -6.45 18.18
CA ALA A 678 45.36 -7.57 18.98
C ALA A 678 46.19 -7.75 20.24
N ARG A 679 47.52 -7.67 20.11
CA ARG A 679 48.39 -7.78 21.27
C ARG A 679 48.15 -6.64 22.25
N PHE A 680 47.93 -5.44 21.72
CA PHE A 680 47.62 -4.30 22.56
C PHE A 680 46.35 -4.56 23.38
N LEU A 681 45.29 -4.99 22.70
CA LEU A 681 44.03 -5.30 23.39
C LEU A 681 44.24 -6.37 24.45
N LEU A 682 44.98 -7.44 24.10
CA LEU A 682 45.25 -8.51 25.05
C LEU A 682 45.98 -7.97 26.29
N LYS A 683 47.02 -7.16 26.08
CA LYS A 683 47.77 -6.60 27.19
C LYS A 683 46.88 -5.77 28.10
N ARG A 684 46.13 -4.83 27.51
CA ARG A 684 45.32 -3.92 28.31
C ARG A 684 44.24 -4.67 29.08
N GLY A 685 43.64 -5.69 28.47
CA GLY A 685 42.68 -6.50 29.19
C GLY A 685 43.30 -7.28 30.33
N LEU A 686 44.51 -7.81 30.12
CA LEU A 686 45.17 -8.58 31.17
C LEU A 686 45.70 -7.70 32.29
N ARG A 687 45.87 -6.40 32.04
CA ARG A 687 46.33 -5.49 33.08
C ARG A 687 45.18 -4.90 33.90
N ASN A 688 44.00 -4.75 33.29
CA ASN A 688 42.88 -4.05 33.92
C ASN A 688 41.63 -4.92 33.81
N LYS A 689 41.09 -5.34 34.96
CA LYS A 689 39.92 -6.21 34.96
C LYS A 689 38.70 -5.57 34.31
N ARG A 690 38.53 -4.26 34.46
CA ARG A 690 37.39 -3.57 33.85
C ARG A 690 37.49 -3.60 32.34
N ILE A 691 38.66 -3.21 31.82
CA ILE A 691 38.91 -3.28 30.39
C ILE A 691 38.72 -4.71 29.90
N GLY A 692 39.22 -5.69 30.66
CA GLY A 692 39.08 -7.07 30.24
C GLY A 692 37.64 -7.54 30.20
N HIS A 693 36.84 -7.12 31.17
CA HIS A 693 35.43 -7.45 31.20
C HIS A 693 34.72 -6.94 29.95
N PHE A 694 34.90 -5.64 29.66
CA PHE A 694 34.24 -5.08 28.49
C PHE A 694 34.79 -5.68 27.20
N LEU A 695 36.09 -5.98 27.16
CA LEU A 695 36.69 -6.65 26.02
C LEU A 695 36.05 -8.01 25.79
N PHE A 696 35.89 -8.79 26.86
CA PHE A 696 35.21 -10.07 26.77
C PHE A 696 33.88 -9.92 26.08
N TRP A 697 33.06 -8.99 26.57
CA TRP A 697 31.72 -8.91 26.01
C TRP A 697 31.73 -8.43 24.56
N PHE A 698 32.59 -7.46 24.24
CA PHE A 698 32.63 -6.95 22.86
C PHE A 698 33.05 -8.05 21.89
N LEU A 699 34.12 -8.75 22.23
CA LEU A 699 34.60 -9.84 21.38
C LEU A 699 33.55 -10.94 21.23
N ARG A 700 32.89 -11.32 22.33
CA ARG A 700 31.92 -12.40 22.26
C ARG A 700 30.72 -12.02 21.38
N SER A 701 30.23 -10.79 21.51
CA SER A 701 29.14 -10.36 20.64
C SER A 701 29.55 -10.41 19.18
N GLU A 702 30.75 -9.91 18.87
CA GLU A 702 31.19 -9.95 17.48
C GLU A 702 31.35 -11.39 16.99
N ILE A 703 31.77 -12.30 17.86
CA ILE A 703 31.85 -13.71 17.49
C ILE A 703 30.48 -14.24 17.14
N ALA A 704 29.49 -13.93 17.98
CA ALA A 704 28.15 -14.45 17.73
C ALA A 704 27.54 -13.87 16.46
N GLN A 705 27.94 -12.67 16.06
CA GLN A 705 27.24 -11.99 14.97
C GLN A 705 27.94 -12.09 13.61
N SER A 706 29.26 -12.03 13.56
CA SER A 706 30.00 -11.92 12.30
C SER A 706 30.67 -13.24 11.95
N ARG A 707 30.05 -14.01 11.05
CA ARG A 707 30.69 -15.20 10.51
C ARG A 707 31.99 -14.85 9.78
N HIS A 708 32.10 -13.63 9.26
CA HIS A 708 33.29 -13.23 8.52
C HIS A 708 34.51 -13.10 9.43
N TYR A 709 34.31 -12.85 10.72
CA TYR A 709 35.42 -12.53 11.61
C TYR A 709 35.42 -13.30 12.94
N GLN A 710 34.47 -14.22 13.15
CA GLN A 710 34.36 -14.95 14.42
C GLN A 710 35.67 -15.62 14.84
N GLN A 711 36.44 -16.14 13.87
CA GLN A 711 37.68 -16.84 14.22
C GLN A 711 38.72 -15.92 14.85
N ARG A 712 38.92 -14.75 14.25
CA ARG A 712 39.91 -13.79 14.77
C ARG A 712 39.55 -13.36 16.19
N PHE A 713 38.30 -12.92 16.38
CA PHE A 713 37.85 -12.52 17.70
C PHE A 713 37.93 -13.68 18.68
N ALA A 714 37.65 -14.89 18.21
CA ALA A 714 37.65 -16.06 19.09
C ALA A 714 39.05 -16.40 19.58
N VAL A 715 40.05 -16.31 18.70
CA VAL A 715 41.41 -16.62 19.16
C VAL A 715 41.91 -15.54 20.11
N ILE A 716 41.57 -14.27 19.84
CA ILE A 716 41.97 -13.22 20.76
C ILE A 716 41.31 -13.43 22.13
N LEU A 717 40.03 -13.80 22.12
CA LEU A 717 39.30 -14.02 23.35
C LEU A 717 39.84 -15.23 24.10
N GLU A 718 40.26 -16.28 23.39
CA GLU A 718 40.86 -17.43 24.05
C GLU A 718 42.13 -17.01 24.80
N ALA A 719 43.00 -16.24 24.14
CA ALA A 719 44.20 -15.76 24.83
C ALA A 719 43.84 -14.99 26.09
N TYR A 720 42.95 -14.01 25.96
CA TYR A 720 42.56 -13.22 27.13
C TYR A 720 42.06 -14.12 28.26
N LEU A 721 41.11 -15.00 27.95
CA LEU A 721 40.53 -15.87 28.97
C LEU A 721 41.59 -16.74 29.62
N ARG A 722 42.57 -17.21 28.83
CA ARG A 722 43.66 -17.98 29.41
C ARG A 722 44.53 -17.14 30.32
N GLY A 723 44.43 -15.82 30.25
CA GLY A 723 45.15 -15.00 31.19
C GLY A 723 44.37 -14.44 32.36
N CYS A 724 43.11 -14.83 32.55
CA CYS A 724 42.23 -14.12 33.48
C CYS A 724 42.40 -14.52 34.94
N GLY A 725 42.71 -15.78 35.24
CA GLY A 725 42.58 -16.30 36.58
C GLY A 725 41.19 -16.83 36.88
N THR A 726 41.07 -17.50 38.03
CA THR A 726 39.86 -18.25 38.33
C THR A 726 38.68 -17.35 38.63
N ALA A 727 38.93 -16.22 39.30
CA ALA A 727 37.85 -15.31 39.67
C ALA A 727 37.11 -14.79 38.43
N MET A 728 37.86 -14.23 37.47
CA MET A 728 37.25 -13.68 36.27
C MET A 728 36.56 -14.74 35.46
N LEU A 729 37.17 -15.93 35.35
CA LEU A 729 36.54 -17.02 34.61
C LEU A 729 35.22 -17.42 35.24
N HIS A 730 35.19 -17.48 36.57
CA HIS A 730 33.96 -17.83 37.27
C HIS A 730 32.88 -16.77 37.04
N ASP A 731 33.26 -15.50 37.13
CA ASP A 731 32.30 -14.42 36.88
C ASP A 731 31.71 -14.53 35.47
N PHE A 732 32.58 -14.72 34.46
CA PHE A 732 32.09 -14.84 33.09
C PHE A 732 31.18 -16.05 32.93
N THR A 733 31.52 -17.17 33.58
CA THR A 733 30.69 -18.36 33.49
C THR A 733 29.29 -18.09 34.02
N GLN A 734 29.21 -17.49 35.21
CA GLN A 734 27.91 -17.18 35.78
C GLN A 734 27.12 -16.25 34.87
N GLN A 735 27.78 -15.23 34.32
CA GLN A 735 27.09 -14.29 33.45
C GLN A 735 26.50 -14.98 32.22
N VAL A 736 27.31 -15.81 31.55
CA VAL A 736 26.82 -16.51 30.36
C VAL A 736 25.67 -17.43 30.72
N GLN A 737 25.77 -18.13 31.86
CA GLN A 737 24.68 -18.99 32.29
C GLN A 737 23.40 -18.21 32.49
N VAL A 738 23.49 -17.06 33.16
CA VAL A 738 22.31 -16.24 33.40
C VAL A 738 21.71 -15.79 32.06
N ILE A 739 22.55 -15.38 31.12
CA ILE A 739 22.05 -14.93 29.83
C ILE A 739 21.32 -16.04 29.10
N ASP A 740 21.90 -17.24 29.09
CA ASP A 740 21.25 -18.37 28.42
C ASP A 740 19.91 -18.68 29.05
N MET A 741 19.84 -18.66 30.39
CA MET A 741 18.58 -18.96 31.08
C MET A 741 17.52 -17.92 30.77
N LEU A 742 17.90 -16.63 30.84
CA LEU A 742 16.95 -15.56 30.54
C LEU A 742 16.52 -15.60 29.08
N GLN A 743 17.41 -16.01 28.17
CA GLN A 743 17.02 -16.18 26.77
C GLN A 743 15.96 -17.27 26.62
N LYS A 744 16.16 -18.40 27.28
CA LYS A 744 15.16 -19.47 27.24
C LYS A 744 13.82 -18.96 27.76
N VAL A 745 13.84 -18.24 28.89
CA VAL A 745 12.60 -17.70 29.44
C VAL A 745 11.95 -16.73 28.46
N THR A 746 12.73 -15.87 27.82
CA THR A 746 12.18 -14.89 26.89
C THR A 746 11.56 -15.58 25.68
N ILE A 747 12.19 -16.65 25.19
CA ILE A 747 11.63 -17.40 24.08
C ILE A 747 10.30 -18.02 24.47
N ASP A 748 10.24 -18.62 25.67
CA ASP A 748 8.99 -19.20 26.14
C ASP A 748 7.89 -18.14 26.24
N ILE A 749 8.23 -17.00 26.84
CA ILE A 749 7.25 -15.93 27.03
C ILE A 749 6.76 -15.40 25.70
N LYS A 750 7.65 -15.32 24.70
CA LYS A 750 7.23 -14.89 23.37
C LYS A 750 6.31 -15.91 22.72
N SER A 751 6.58 -17.20 22.94
CA SER A 751 5.71 -18.21 22.36
C SER A 751 4.34 -18.26 23.04
N LEU A 752 4.23 -17.77 24.27
CA LEU A 752 2.94 -17.76 24.94
C LEU A 752 2.04 -16.61 24.49
N SER A 753 2.60 -15.57 23.89
CA SER A 753 1.86 -14.36 23.52
C SER A 753 1.69 -14.31 22.00
N ALA A 754 0.46 -14.54 21.54
CA ALA A 754 0.22 -14.63 20.10
C ALA A 754 0.38 -13.29 19.40
N GLU A 755 -0.07 -12.21 20.02
CA GLU A 755 -0.06 -10.89 19.39
C GLU A 755 1.17 -10.10 19.81
N LYS A 756 1.50 -9.08 19.00
CA LYS A 756 2.77 -8.38 19.15
C LYS A 756 2.84 -7.54 20.43
N TYR A 757 1.69 -7.09 20.95
CA TYR A 757 1.69 -6.18 22.10
C TYR A 757 0.91 -6.70 23.31
N ASP A 758 0.20 -7.81 23.20
CA ASP A 758 -0.66 -8.27 24.29
C ASP A 758 0.19 -8.91 25.38
N VAL A 759 0.25 -8.26 26.55
CA VAL A 759 0.84 -8.86 27.73
C VAL A 759 -0.29 -9.20 28.69
N SER A 760 -0.92 -10.36 28.48
CA SER A 760 -2.03 -10.77 29.30
C SER A 760 -1.57 -11.14 30.70
N SER A 761 -2.53 -11.18 31.64
CA SER A 761 -2.22 -11.61 33.00
C SER A 761 -1.62 -13.00 33.04
N GLN A 762 -2.02 -13.87 32.10
CA GLN A 762 -1.45 -15.20 32.03
C GLN A 762 0.04 -15.13 31.69
N VAL A 763 0.43 -14.23 30.79
CA VAL A 763 1.85 -14.09 30.44
C VAL A 763 2.66 -13.61 31.63
N ILE A 764 2.13 -12.64 32.39
CA ILE A 764 2.84 -12.15 33.56
C ILE A 764 2.98 -13.25 34.60
N SER A 765 1.91 -14.01 34.85
CA SER A 765 1.97 -15.10 35.80
C SER A 765 2.98 -16.16 35.38
N GLN A 766 3.01 -16.51 34.09
CA GLN A 766 3.96 -17.48 33.60
C GLN A 766 5.39 -16.99 33.73
N LEU A 767 5.62 -15.70 33.44
CA LEU A 767 6.94 -15.11 33.65
C LEU A 767 7.37 -15.24 35.09
N LYS A 768 6.50 -14.86 36.03
CA LYS A 768 6.85 -14.94 37.44
C LYS A 768 7.12 -16.38 37.87
N GLN A 769 6.29 -17.32 37.41
CA GLN A 769 6.51 -18.74 37.75
C GLN A 769 7.85 -19.23 37.23
N LYS A 770 8.16 -18.92 35.97
CA LYS A 770 9.41 -19.36 35.37
C LYS A 770 10.60 -18.75 36.09
N LEU A 771 10.51 -17.46 36.44
CA LEU A 771 11.59 -16.82 37.16
C LEU A 771 11.76 -17.41 38.55
N GLU A 772 10.66 -17.76 39.22
CA GLU A 772 10.75 -18.41 40.53
C GLU A 772 11.44 -19.77 40.41
N ASN A 773 11.05 -20.56 39.42
CA ASN A 773 11.69 -21.86 39.22
C ASN A 773 13.18 -21.70 38.94
N LEU A 774 13.53 -20.75 38.07
CA LEU A 774 14.93 -20.50 37.77
C LEU A 774 15.71 -20.09 39.01
N GLN A 775 15.14 -19.19 39.81
CA GLN A 775 15.81 -18.73 41.02
C GLN A 775 16.02 -19.88 41.99
N ASN A 776 15.04 -20.77 42.10
CA ASN A 776 15.14 -21.86 43.05
C ASN A 776 16.04 -23.00 42.57
N LEU A 777 16.29 -23.12 41.28
CA LEU A 777 17.02 -24.29 40.82
C LEU A 777 18.34 -23.99 40.14
N ASN A 778 18.41 -22.97 39.28
CA ASN A 778 19.48 -22.89 38.29
C ASN A 778 20.28 -21.59 38.33
N LEU A 779 19.68 -20.48 38.71
CA LEU A 779 20.41 -19.22 38.70
C LEU A 779 21.52 -19.22 39.75
N PRO A 780 22.69 -18.67 39.44
CA PRO A 780 23.71 -18.49 40.48
C PRO A 780 23.22 -17.55 41.56
N GLN A 781 23.70 -17.78 42.78
CA GLN A 781 23.30 -16.93 43.91
C GLN A 781 23.59 -15.45 43.66
N SER A 782 24.63 -15.15 42.90
CA SER A 782 24.95 -13.77 42.53
C SER A 782 25.81 -13.80 41.27
N PHE A 783 25.81 -12.68 40.55
CA PHE A 783 26.68 -12.54 39.39
C PHE A 783 26.98 -11.08 39.13
N ARG A 784 28.16 -10.82 38.55
CA ARG A 784 28.49 -9.46 38.13
C ARG A 784 27.64 -9.06 36.94
N VAL A 785 27.22 -7.80 36.92
CA VAL A 785 26.36 -7.30 35.85
C VAL A 785 27.20 -7.06 34.60
N PRO A 786 26.80 -7.56 33.43
CA PRO A 786 27.61 -7.35 32.22
C PRO A 786 27.85 -5.89 31.87
N TYR A 787 26.85 -5.01 32.02
CA TYR A 787 27.05 -3.62 31.62
C TYR A 787 27.79 -2.81 32.68
N ASP A 788 27.97 -3.34 33.89
CA ASP A 788 28.70 -2.64 34.95
C ASP A 788 29.31 -3.71 35.85
N PRO A 789 30.61 -3.99 35.70
CA PRO A 789 31.25 -5.02 36.55
C PRO A 789 31.35 -4.62 38.02
N GLY A 790 31.11 -3.36 38.35
CA GLY A 790 31.07 -2.96 39.75
C GLY A 790 29.82 -3.40 40.46
N LEU A 791 28.76 -3.73 39.72
CA LEU A 791 27.49 -4.14 40.29
C LEU A 791 27.40 -5.66 40.36
N LYS A 792 26.90 -6.17 41.48
CA LYS A 792 26.72 -7.60 41.70
C LYS A 792 25.25 -7.87 42.01
N ALA A 793 24.55 -8.51 41.09
CA ALA A 793 23.14 -8.85 41.26
C ALA A 793 22.98 -10.12 42.07
N GLY A 794 21.98 -10.11 42.96
CA GLY A 794 21.60 -11.25 43.76
C GLY A 794 20.28 -11.89 43.36
N ALA A 795 19.41 -12.09 44.35
CA ALA A 795 18.14 -12.75 44.11
C ALA A 795 17.18 -11.84 43.34
N LEU A 796 16.39 -12.45 42.45
CA LEU A 796 15.34 -11.72 41.74
C LEU A 796 14.26 -11.20 42.68
N VAL A 797 13.84 -9.97 42.43
CA VAL A 797 12.65 -9.41 43.09
C VAL A 797 11.49 -9.71 42.14
N ILE A 798 10.99 -10.95 42.25
CA ILE A 798 10.08 -11.49 41.24
C ILE A 798 8.83 -10.63 41.10
N GLU A 799 8.31 -10.12 42.22
CA GLU A 799 7.08 -9.34 42.16
C GLU A 799 7.22 -8.08 41.31
N LYS A 800 8.43 -7.55 41.18
CA LYS A 800 8.67 -6.38 40.37
C LYS A 800 8.99 -6.70 38.90
N CYS A 801 9.18 -7.97 38.56
CA CYS A 801 9.51 -8.35 37.20
C CYS A 801 8.27 -8.36 36.32
N LYS A 802 8.44 -7.92 35.06
CA LYS A 802 7.31 -7.82 34.13
C LYS A 802 7.81 -7.94 32.70
N VAL A 803 6.88 -8.25 31.80
CA VAL A 803 7.11 -8.15 30.36
C VAL A 803 6.68 -6.76 29.90
N MET A 804 7.55 -6.09 29.15
CA MET A 804 7.22 -4.78 28.60
C MET A 804 6.41 -4.92 27.31
N ALA A 805 5.41 -4.05 27.16
CA ALA A 805 4.52 -4.06 26.00
C ALA A 805 5.24 -3.47 24.79
N SER A 806 6.02 -4.31 24.11
CA SER A 806 6.72 -3.93 22.90
C SER A 806 6.77 -5.11 21.95
N LYS A 807 7.00 -4.81 20.67
CA LYS A 807 7.08 -5.84 19.64
C LYS A 807 8.06 -6.94 20.01
N LYS A 808 9.16 -6.58 20.67
CA LYS A 808 10.19 -7.53 21.04
C LYS A 808 9.99 -8.12 22.43
N LYS A 809 8.97 -7.66 23.16
CA LYS A 809 8.61 -8.19 24.47
C LYS A 809 9.82 -8.36 25.40
N PRO A 810 10.56 -7.29 25.69
CA PRO A 810 11.70 -7.41 26.61
C PRO A 810 11.24 -7.64 28.04
N LEU A 811 12.13 -8.25 28.83
CA LEU A 811 11.84 -8.54 30.23
C LEU A 811 12.37 -7.43 31.13
N TRP A 812 11.49 -6.86 31.96
CA TRP A 812 11.90 -5.97 33.03
C TRP A 812 12.19 -6.82 34.28
N LEU A 813 13.44 -6.81 34.73
CA LEU A 813 13.89 -7.64 35.83
C LEU A 813 14.50 -6.75 36.91
N GLU A 814 14.22 -7.08 38.16
CA GLU A 814 14.85 -6.37 39.28
C GLU A 814 15.49 -7.39 40.22
N PHE A 815 16.78 -7.20 40.49
CA PHE A 815 17.55 -8.06 41.38
C PHE A 815 17.88 -7.30 42.66
N LYS A 816 18.00 -8.04 43.76
CA LYS A 816 18.60 -7.45 44.95
C LYS A 816 20.10 -7.26 44.76
N CYS A 817 20.64 -6.19 45.33
CA CYS A 817 22.08 -6.03 45.41
C CYS A 817 22.68 -7.14 46.27
N ALA A 818 23.62 -7.88 45.69
CA ALA A 818 24.28 -8.96 46.42
C ALA A 818 25.34 -8.46 47.39
N ASP A 819 25.79 -7.22 47.25
CA ASP A 819 26.79 -6.66 48.15
C ASP A 819 26.14 -6.27 49.47
N PRO A 820 26.50 -6.90 50.59
CA PRO A 820 25.87 -6.54 51.87
C PRO A 820 26.23 -5.16 52.37
N THR A 821 27.21 -4.49 51.76
CA THR A 821 27.59 -3.14 52.15
C THR A 821 26.78 -2.07 51.44
N ALA A 822 25.82 -2.47 50.60
CA ALA A 822 24.92 -1.51 49.96
C ALA A 822 24.13 -0.75 51.01
N LEU A 823 24.14 0.57 50.88
CA LEU A 823 23.48 1.43 51.87
C LEU A 823 21.98 1.52 51.66
N SER A 824 21.49 1.30 50.44
CA SER A 824 20.06 1.34 50.16
C SER A 824 19.56 -0.05 49.77
N ASN A 825 18.30 -0.31 50.11
CA ASN A 825 17.61 -1.52 49.66
C ASN A 825 17.14 -1.44 48.21
N GLU A 826 17.74 -0.56 47.42
CA GLU A 826 17.37 -0.40 46.02
C GLU A 826 17.79 -1.61 45.21
N THR A 827 16.99 -1.93 44.19
CA THR A 827 17.25 -3.03 43.29
C THR A 827 18.14 -2.61 42.13
N ILE A 828 18.82 -3.59 41.55
CA ILE A 828 19.50 -3.43 40.27
C ILE A 828 18.50 -3.80 39.18
N GLY A 829 18.12 -2.82 38.37
CA GLY A 829 17.13 -3.00 37.32
C GLY A 829 17.78 -3.28 35.97
N ILE A 830 17.30 -4.31 35.30
CA ILE A 830 17.81 -4.75 34.01
C ILE A 830 16.64 -4.95 33.05
N ILE A 831 16.73 -4.33 31.88
CA ILE A 831 15.87 -4.67 30.75
C ILE A 831 16.62 -5.68 29.89
N PHE A 832 16.16 -6.93 29.90
CA PHE A 832 16.73 -7.99 29.08
C PHE A 832 16.03 -8.00 27.72
N LYS A 833 16.79 -7.76 26.66
CA LYS A 833 16.24 -7.70 25.30
C LYS A 833 16.74 -8.90 24.50
N HIS A 834 15.79 -9.56 23.82
CA HIS A 834 16.08 -10.64 22.90
C HIS A 834 15.43 -10.33 21.57
N GLY A 835 16.16 -10.59 20.49
CA GLY A 835 15.69 -10.23 19.15
C GLY A 835 15.91 -8.78 18.78
N ASP A 836 16.78 -8.07 19.50
CA ASP A 836 17.07 -6.67 19.24
C ASP A 836 18.58 -6.47 19.26
N ASP A 837 19.11 -5.75 18.28
CA ASP A 837 20.54 -5.52 18.16
C ASP A 837 20.90 -4.23 18.89
N LEU A 838 21.61 -4.36 20.01
CA LEU A 838 21.92 -3.23 20.88
C LEU A 838 23.25 -2.56 20.57
N ARG A 839 23.97 -2.99 19.52
CA ARG A 839 25.26 -2.38 19.22
C ARG A 839 25.12 -0.90 18.85
N GLN A 840 24.03 -0.54 18.19
CA GLN A 840 23.81 0.85 17.82
C GLN A 840 23.64 1.73 19.06
N ASP A 841 22.83 1.26 20.01
CA ASP A 841 22.66 1.96 21.28
C ASP A 841 23.99 2.04 22.04
N MET A 842 24.77 0.96 22.02
CA MET A 842 26.09 0.98 22.67
C MET A 842 26.98 2.06 22.07
N LEU A 843 27.05 2.13 20.74
CA LEU A 843 27.87 3.15 20.09
C LEU A 843 27.42 4.54 20.49
N ILE A 844 26.11 4.79 20.48
CA ILE A 844 25.64 6.13 20.79
C ILE A 844 25.95 6.49 22.24
N LEU A 845 25.76 5.56 23.17
CA LEU A 845 26.05 5.86 24.58
C LEU A 845 27.54 6.09 24.79
N GLN A 846 28.39 5.32 24.11
CA GLN A 846 29.81 5.55 24.16
C GLN A 846 30.16 6.95 23.64
N ILE A 847 29.57 7.32 22.50
CA ILE A 847 29.83 8.65 21.94
C ILE A 847 29.36 9.74 22.90
N LEU A 848 28.25 9.50 23.62
CA LEU A 848 27.78 10.46 24.61
C LEU A 848 28.77 10.62 25.75
N ARG A 849 29.37 9.51 26.20
CA ARG A 849 30.41 9.62 27.23
C ARG A 849 31.60 10.41 26.71
N ILE A 850 31.96 10.21 25.45
CA ILE A 850 33.07 10.94 24.85
C ILE A 850 32.76 12.44 24.77
N MET A 851 31.54 12.78 24.34
CA MET A 851 31.11 14.17 24.33
C MET A 851 31.13 14.78 25.72
N GLU A 852 30.71 14.01 26.73
CA GLU A 852 30.78 14.49 28.10
C GLU A 852 32.21 14.80 28.51
N SER A 853 33.16 13.94 28.12
CA SER A 853 34.55 14.23 28.43
C SER A 853 35.02 15.50 27.73
N ILE A 854 34.62 15.66 26.46
CA ILE A 854 34.99 16.86 25.72
C ILE A 854 34.44 18.11 26.42
N TRP A 855 33.17 18.07 26.81
CA TRP A 855 32.55 19.21 27.49
C TRP A 855 33.18 19.44 28.86
N GLU A 856 33.55 18.38 29.56
CA GLU A 856 34.23 18.51 30.84
C GLU A 856 35.58 19.20 30.68
N THR A 857 36.24 19.00 29.54
CA THR A 857 37.45 19.76 29.29
C THR A 857 37.18 21.26 29.24
N GLU A 858 35.98 21.65 28.80
CA GLU A 858 35.56 23.04 28.79
C GLU A 858 34.87 23.44 30.09
N SER A 859 34.98 22.63 31.15
CA SER A 859 34.30 22.87 32.42
C SER A 859 32.79 22.99 32.27
N LEU A 860 32.23 22.24 31.33
CA LEU A 860 30.78 22.21 31.12
C LEU A 860 30.25 20.86 31.60
N ASP A 861 29.55 20.87 32.73
CA ASP A 861 28.76 19.72 33.17
C ASP A 861 27.37 19.84 32.55
N LEU A 862 27.11 19.06 31.51
CA LEU A 862 25.79 19.04 30.89
C LEU A 862 24.88 17.97 31.47
N CYS A 863 25.30 17.33 32.56
CA CYS A 863 24.43 16.46 33.36
C CYS A 863 23.77 15.36 32.54
N LEU A 864 24.52 14.82 31.59
CA LEU A 864 24.00 13.68 30.82
C LEU A 864 23.93 12.44 31.71
N LEU A 865 23.06 11.51 31.32
CA LEU A 865 22.93 10.21 31.98
C LEU A 865 23.11 9.10 30.95
N PRO A 866 24.35 8.83 30.54
CA PRO A 866 24.59 7.66 29.68
C PRO A 866 24.48 6.35 30.44
N TYR A 867 23.30 5.73 30.37
CA TYR A 867 23.05 4.49 31.09
C TYR A 867 23.84 3.32 30.51
N GLY A 868 23.95 2.26 31.32
CA GLY A 868 24.61 1.04 30.88
C GLY A 868 23.81 0.30 29.82
N CYS A 869 24.49 -0.10 28.75
CA CYS A 869 23.90 -0.92 27.69
C CYS A 869 24.99 -1.81 27.10
N ILE A 870 24.66 -3.09 26.91
CA ILE A 870 25.65 -4.04 26.42
C ILE A 870 24.95 -5.11 25.59
N SER A 871 25.52 -5.41 24.42
CA SER A 871 25.11 -6.56 23.64
C SER A 871 25.80 -7.82 24.17
N THR A 872 25.03 -8.87 24.40
CA THR A 872 25.58 -10.12 24.91
C THR A 872 25.59 -11.23 23.86
N GLY A 873 25.11 -10.95 22.66
CA GLY A 873 25.16 -11.94 21.61
C GLY A 873 24.47 -11.43 20.36
N ASP A 874 24.09 -12.35 19.49
CA ASP A 874 23.35 -11.97 18.30
C ASP A 874 21.96 -11.51 18.74
N LYS A 875 21.71 -10.21 18.61
CA LYS A 875 20.40 -9.62 18.90
C LYS A 875 19.91 -9.97 20.29
N ILE A 876 20.83 -9.97 21.26
CA ILE A 876 20.49 -10.24 22.65
C ILE A 876 21.42 -9.44 23.54
N GLY A 877 20.85 -8.78 24.54
CA GLY A 877 21.64 -7.94 25.42
C GLY A 877 20.83 -7.40 26.59
N MET A 878 21.45 -6.48 27.33
CA MET A 878 20.90 -5.94 28.57
C MET A 878 21.03 -4.42 28.61
N ILE A 879 20.04 -3.75 29.21
CA ILE A 879 20.04 -2.30 29.41
C ILE A 879 19.81 -1.98 30.88
N GLU A 880 20.54 -0.98 31.39
CA GLU A 880 20.31 -0.51 32.75
C GLU A 880 18.99 0.25 32.86
N ILE A 881 18.25 -0.02 33.94
CA ILE A 881 17.05 0.75 34.28
C ILE A 881 17.46 1.97 35.09
N VAL A 882 17.30 3.16 34.49
CA VAL A 882 17.51 4.40 35.23
C VAL A 882 16.38 4.57 36.24
N LYS A 883 16.72 4.56 37.52
CA LYS A 883 15.73 4.67 38.57
C LYS A 883 15.15 6.08 38.64
N ASP A 884 13.98 6.18 39.29
CA ASP A 884 13.33 7.46 39.58
C ASP A 884 13.22 8.34 38.33
N ALA A 885 13.03 7.69 37.18
CA ALA A 885 12.91 8.36 35.91
C ALA A 885 11.64 7.91 35.24
N THR A 886 10.95 8.84 34.60
CA THR A 886 9.66 8.58 33.98
C THR A 886 9.66 9.15 32.57
N THR A 887 9.03 8.43 31.65
CA THR A 887 8.87 8.93 30.29
C THR A 887 7.93 10.13 30.29
N ILE A 888 8.23 11.09 29.40
CA ILE A 888 7.39 12.28 29.26
C ILE A 888 5.96 11.90 28.91
N ALA A 889 5.80 10.88 28.06
CA ALA A 889 4.46 10.42 27.69
C ALA A 889 3.67 9.99 28.91
N LYS A 890 4.30 9.28 29.84
CA LYS A 890 3.58 8.79 31.01
C LYS A 890 3.16 9.94 31.93
N ILE A 891 4.02 10.95 32.08
CA ILE A 891 3.67 12.13 32.89
C ILE A 891 2.48 12.85 32.27
N GLN A 892 2.58 13.13 30.96
CA GLN A 892 1.50 13.82 30.26
C GLN A 892 0.20 13.04 30.36
N GLN A 893 0.25 11.71 30.21
CA GLN A 893 -0.95 10.91 30.34
C GLN A 893 -1.50 10.97 31.77
N SER A 894 -0.63 10.79 32.76
CA SER A 894 -1.08 10.70 34.14
C SER A 894 -1.71 12.01 34.61
N THR A 895 -1.34 13.13 34.01
CA THR A 895 -1.92 14.36 34.55
C THR A 895 -3.30 14.69 33.96
N VAL A 896 -3.52 14.55 32.64
CA VAL A 896 -4.79 14.95 32.05
C VAL A 896 -5.23 14.10 30.85
N GLY A 897 -4.69 12.89 30.69
CA GLY A 897 -5.00 12.11 29.51
C GLY A 897 -4.17 12.50 28.30
N ASN A 898 -4.68 12.10 27.13
CA ASN A 898 -3.93 12.26 25.89
C ASN A 898 -3.69 13.72 25.54
N THR A 899 -4.57 14.62 26.00
CA THR A 899 -4.41 16.04 25.71
C THR A 899 -3.24 16.67 26.45
N GLY A 900 -2.59 15.93 27.36
CA GLY A 900 -1.45 16.48 28.10
C GLY A 900 -0.28 16.90 27.24
N ALA A 901 -0.18 16.38 26.02
CA ALA A 901 0.87 16.81 25.10
C ALA A 901 0.79 18.30 24.77
N PHE A 902 -0.39 18.91 24.95
CA PHE A 902 -0.57 20.32 24.69
C PHE A 902 -0.59 21.17 25.96
N LYS A 903 -0.27 20.57 27.10
CA LYS A 903 -0.30 21.28 28.38
C LYS A 903 1.14 21.61 28.78
N ASP A 904 1.55 22.85 28.53
CA ASP A 904 2.92 23.26 28.78
C ASP A 904 3.31 23.14 30.25
N GLU A 905 2.33 23.24 31.15
CA GLU A 905 2.62 23.28 32.58
C GLU A 905 2.86 21.91 33.20
N VAL A 906 2.47 20.83 32.51
CA VAL A 906 2.41 19.52 33.16
C VAL A 906 3.78 19.07 33.65
N LEU A 907 4.81 19.23 32.80
CA LEU A 907 6.14 18.75 33.18
C LEU A 907 6.68 19.53 34.38
N SER A 908 6.50 20.84 34.40
CA SER A 908 6.96 21.64 35.53
C SER A 908 6.20 21.28 36.80
N HIS A 909 4.88 21.03 36.69
CA HIS A 909 4.11 20.60 37.84
C HIS A 909 4.60 19.27 38.39
N TRP A 910 4.89 18.32 37.49
CA TRP A 910 5.43 17.03 37.92
C TRP A 910 6.77 17.21 38.64
N LEU A 911 7.65 18.04 38.08
CA LEU A 911 8.95 18.26 38.71
C LEU A 911 8.82 18.93 40.07
N LYS A 912 7.88 19.88 40.21
CA LYS A 912 7.66 20.52 41.51
C LYS A 912 7.03 19.56 42.50
N GLU A 913 6.18 18.65 42.04
CA GLU A 913 5.65 17.61 42.91
C GLU A 913 6.76 16.71 43.42
N LYS A 914 7.71 16.35 42.54
CA LYS A 914 8.81 15.50 42.96
C LYS A 914 9.82 16.27 43.83
N CYS A 915 9.94 17.58 43.62
CA CYS A 915 10.85 18.43 44.39
C CYS A 915 10.03 19.49 45.13
N PRO A 916 9.38 19.12 46.24
CA PRO A 916 8.54 20.08 46.94
C PRO A 916 9.32 21.18 47.63
N ILE A 917 10.60 20.97 47.90
CA ILE A 917 11.45 22.00 48.49
C ILE A 917 11.89 22.95 47.39
N GLU A 918 11.62 24.25 47.58
CA GLU A 918 11.86 25.22 46.51
C GLU A 918 13.31 25.22 46.06
N GLU A 919 14.26 25.08 47.01
CA GLU A 919 15.66 25.00 46.62
C GLU A 919 15.92 23.77 45.76
N LYS A 920 15.34 22.63 46.14
CA LYS A 920 15.49 21.43 45.33
C LYS A 920 14.78 21.57 43.99
N PHE A 921 13.63 22.24 43.96
CA PHE A 921 12.93 22.47 42.70
C PHE A 921 13.76 23.32 41.75
N GLN A 922 14.36 24.40 42.26
CA GLN A 922 15.21 25.24 41.41
C GLN A 922 16.44 24.48 40.94
N ALA A 923 17.03 23.66 41.82
CA ALA A 923 18.16 22.84 41.38
C ALA A 923 17.75 21.85 40.29
N ALA A 924 16.53 21.31 40.39
CA ALA A 924 16.05 20.39 39.36
C ALA A 924 15.79 21.11 38.05
N VAL A 925 15.28 22.35 38.13
CA VAL A 925 15.08 23.15 36.93
C VAL A 925 16.41 23.46 36.26
N GLU A 926 17.43 23.79 37.06
CA GLU A 926 18.76 24.06 36.49
C GLU A 926 19.35 22.81 35.84
N ARG A 927 19.27 21.68 36.53
CA ARG A 927 19.75 20.43 35.94
C ARG A 927 18.97 20.10 34.67
N PHE A 928 17.67 20.42 34.64
CA PHE A 928 16.88 20.24 33.43
C PHE A 928 17.43 21.11 32.30
N VAL A 929 17.74 22.37 32.59
CA VAL A 929 18.29 23.26 31.57
C VAL A 929 19.58 22.68 31.00
N TYR A 930 20.49 22.25 31.88
CA TYR A 930 21.79 21.76 31.41
C TYR A 930 21.63 20.46 30.62
N SER A 931 20.84 19.51 31.13
CA SER A 931 20.69 18.24 30.43
C SER A 931 19.93 18.42 29.12
N CYS A 932 18.94 19.30 29.10
CA CYS A 932 18.24 19.64 27.86
C CYS A 932 19.21 20.21 26.83
N ALA A 933 20.06 21.14 27.25
CA ALA A 933 21.05 21.70 26.32
C ALA A 933 21.96 20.61 25.79
N GLY A 934 22.47 19.76 26.68
CA GLY A 934 23.36 18.69 26.26
C GLY A 934 22.72 17.75 25.26
N TYR A 935 21.51 17.29 25.57
CA TYR A 935 20.85 16.35 24.66
C TYR A 935 20.37 17.03 23.39
N CYS A 936 20.02 18.31 23.44
CA CYS A 936 19.69 19.04 22.22
C CYS A 936 20.89 19.06 21.28
N VAL A 937 22.05 19.47 21.80
CA VAL A 937 23.25 19.50 20.98
C VAL A 937 23.61 18.09 20.48
N ALA A 938 23.51 17.09 21.36
CA ALA A 938 23.89 15.73 20.99
C ALA A 938 22.97 15.17 19.92
N THR A 939 21.66 15.28 20.10
CA THR A 939 20.72 14.76 19.13
C THR A 939 20.77 15.54 17.82
N PHE A 940 21.13 16.82 17.88
CA PHE A 940 21.35 17.57 16.64
C PHE A 940 22.56 17.05 15.89
N VAL A 941 23.71 16.94 16.58
CA VAL A 941 24.95 16.55 15.91
C VAL A 941 24.87 15.11 15.42
N LEU A 942 24.20 14.24 16.17
CA LEU A 942 24.11 12.84 15.82
C LEU A 942 22.87 12.47 15.02
N GLY A 943 21.99 13.43 14.74
CA GLY A 943 20.80 13.18 13.92
C GLY A 943 19.88 12.10 14.45
N ILE A 944 19.60 12.12 15.75
CA ILE A 944 18.82 11.09 16.39
C ILE A 944 17.33 11.31 16.12
N GLY A 945 16.70 10.34 15.45
CA GLY A 945 15.31 10.43 15.09
C GLY A 945 14.38 9.63 15.99
N ASP A 946 13.10 9.59 15.59
CA ASP A 946 12.04 8.88 16.30
C ASP A 946 11.89 9.39 17.73
N ARG A 947 11.99 10.71 17.90
CA ARG A 947 11.94 11.34 19.21
C ARG A 947 10.50 11.61 19.66
N HIS A 948 9.72 10.54 19.81
CA HIS A 948 8.43 10.67 20.47
C HIS A 948 8.60 10.67 22.00
N ASN A 949 7.54 11.12 22.68
CA ASN A 949 7.62 11.38 24.12
C ASN A 949 7.80 10.13 24.97
N ASP A 950 7.69 8.93 24.40
CA ASP A 950 8.06 7.73 25.13
C ASP A 950 9.56 7.45 25.10
N ASN A 951 10.27 7.99 24.12
CA ASN A 951 11.72 7.81 24.01
C ASN A 951 12.50 8.92 24.70
N ILE A 952 11.83 9.74 25.52
CA ILE A 952 12.48 10.78 26.30
C ILE A 952 12.01 10.64 27.75
N MET A 953 12.96 10.62 28.68
CA MET A 953 12.64 10.46 30.09
C MET A 953 13.21 11.63 30.88
N ILE A 954 12.60 11.87 32.04
CA ILE A 954 13.11 12.84 33.01
C ILE A 954 13.20 12.16 34.37
N SER A 955 14.31 12.42 35.07
CA SER A 955 14.46 11.93 36.43
C SER A 955 13.75 12.86 37.41
N GLU A 956 13.45 12.33 38.59
CA GLU A 956 12.86 13.14 39.64
C GLU A 956 13.79 14.27 40.08
N THR A 957 15.08 14.18 39.78
CA THR A 957 16.03 15.24 40.05
C THR A 957 16.22 16.20 38.87
N GLY A 958 15.50 15.98 37.77
CA GLY A 958 15.45 16.92 36.67
C GLY A 958 16.32 16.62 35.47
N ASN A 959 17.06 15.51 35.46
CA ASN A 959 17.84 15.14 34.26
C ASN A 959 16.90 14.76 33.12
N LEU A 960 16.99 15.48 32.02
CA LEU A 960 16.38 15.06 30.76
C LEU A 960 17.34 14.15 30.01
N PHE A 961 16.85 13.02 29.52
CA PHE A 961 17.70 12.13 28.74
C PHE A 961 16.88 11.35 27.71
N HIS A 962 17.56 10.90 26.68
CA HIS A 962 16.96 10.17 25.56
C HIS A 962 17.27 8.68 25.63
N ILE A 963 16.32 7.86 25.18
CA ILE A 963 16.50 6.41 25.11
C ILE A 963 16.10 5.91 23.72
N ASP A 964 16.40 4.63 23.46
CA ASP A 964 16.13 3.94 22.20
C ASP A 964 16.71 4.71 21.01
N PHE A 965 17.88 4.29 20.54
CA PHE A 965 18.61 4.98 19.48
C PHE A 965 18.50 4.27 18.14
N GLY A 966 17.33 3.70 17.83
CA GLY A 966 17.15 2.95 16.60
C GLY A 966 17.31 3.76 15.33
N HIS A 967 17.37 5.07 15.42
CA HIS A 967 17.51 5.90 14.23
C HIS A 967 18.46 7.07 14.43
N ARG A 982 10.36 17.51 11.97
CA ARG A 982 10.07 18.82 11.41
C ARG A 982 10.94 19.90 12.06
N VAL A 983 11.68 19.51 13.09
CA VAL A 983 12.56 20.42 13.82
C VAL A 983 13.93 19.79 13.97
N PRO A 984 15.01 20.56 14.03
CA PRO A 984 16.35 19.97 14.22
C PRO A 984 16.46 19.11 15.47
N PHE A 985 15.83 19.53 16.57
CA PHE A 985 15.83 18.76 17.79
C PHE A 985 14.60 19.12 18.60
N VAL A 986 14.37 18.35 19.67
CA VAL A 986 13.16 18.50 20.47
C VAL A 986 13.33 19.67 21.43
N LEU A 987 12.54 20.72 21.23
CA LEU A 987 12.41 21.84 22.18
C LEU A 987 10.95 22.28 22.12
N THR A 988 10.13 21.70 22.98
CA THR A 988 8.68 21.87 22.96
C THR A 988 8.25 22.95 23.94
N PRO A 989 7.03 23.49 23.76
CA PRO A 989 6.55 24.52 24.70
C PRO A 989 6.53 24.11 26.16
N ASP A 990 6.32 22.83 26.49
CA ASP A 990 6.38 22.45 27.90
C ASP A 990 7.82 22.51 28.42
N PHE A 991 8.79 22.14 27.58
CA PHE A 991 10.19 22.33 27.96
C PHE A 991 10.49 23.81 28.17
N LEU A 992 10.01 24.66 27.26
CA LEU A 992 10.18 26.10 27.42
C LEU A 992 9.51 26.61 28.68
N PHE A 993 8.41 25.97 29.09
CA PHE A 993 7.71 26.37 30.31
C PHE A 993 8.52 26.01 31.55
N VAL A 994 9.17 24.84 31.54
CA VAL A 994 10.06 24.51 32.66
C VAL A 994 11.17 25.55 32.80
N MET A 995 11.67 26.05 31.67
CA MET A 995 12.67 27.13 31.66
C MET A 995 12.08 28.48 32.00
N GLY A 996 10.82 28.55 32.39
CA GLY A 996 10.20 29.80 32.78
C GLY A 996 9.92 30.77 31.66
N THR A 997 9.89 30.32 30.40
CA THR A 997 9.45 31.16 29.29
C THR A 997 7.94 31.09 29.14
N SER A 998 7.34 32.22 28.79
CA SER A 998 5.90 32.32 28.53
C SER A 998 5.71 32.94 27.15
N GLY A 999 5.34 32.12 26.18
CA GLY A 999 5.31 32.58 24.80
C GLY A 999 6.71 32.87 24.28
N LYS A 1000 6.84 33.97 23.55
CA LYS A 1000 8.12 34.37 22.97
C LYS A 1000 8.99 35.18 23.93
N LYS A 1001 8.55 35.39 25.17
CA LYS A 1001 9.37 36.10 26.14
C LYS A 1001 10.54 35.23 26.58
N THR A 1002 11.75 35.78 26.50
CA THR A 1002 12.95 35.06 26.90
C THR A 1002 13.14 35.11 28.40
N SER A 1003 13.45 33.97 29.00
CA SER A 1003 13.76 33.90 30.42
C SER A 1003 15.28 33.82 30.64
N LEU A 1004 15.68 34.04 31.89
CA LEU A 1004 17.08 33.88 32.26
C LEU A 1004 17.53 32.44 32.05
N HIS A 1005 16.68 31.48 32.42
CA HIS A 1005 17.01 30.08 32.18
C HIS A 1005 17.10 29.78 30.69
N PHE A 1006 16.29 30.44 29.86
CA PHE A 1006 16.36 30.20 28.42
C PHE A 1006 17.61 30.81 27.81
N GLN A 1007 18.00 32.01 28.27
CA GLN A 1007 19.27 32.59 27.85
C GLN A 1007 20.43 31.68 28.23
N LYS A 1008 20.42 31.16 29.47
CA LYS A 1008 21.44 30.22 29.89
C LYS A 1008 21.44 28.97 29.01
N PHE A 1009 20.25 28.46 28.69
CA PHE A 1009 20.13 27.33 27.77
C PHE A 1009 20.82 27.62 26.45
N GLN A 1010 20.54 28.80 25.87
CA GLN A 1010 21.14 29.16 24.59
C GLN A 1010 22.65 29.24 24.68
N ASP A 1011 23.16 29.90 25.73
CA ASP A 1011 24.61 30.04 25.87
C ASP A 1011 25.27 28.68 26.04
N VAL A 1012 24.70 27.82 26.89
CA VAL A 1012 25.26 26.49 27.11
C VAL A 1012 25.22 25.67 25.84
N CYS A 1013 24.11 25.74 25.09
CA CYS A 1013 24.01 25.06 23.81
C CYS A 1013 25.11 25.50 22.87
N VAL A 1014 25.33 26.81 22.78
CA VAL A 1014 26.36 27.33 21.88
C VAL A 1014 27.74 26.83 22.28
N LYS A 1015 28.04 26.89 23.59
CA LYS A 1015 29.36 26.46 24.06
C LYS A 1015 29.59 24.98 23.78
N ALA A 1016 28.61 24.13 24.10
CA ALA A 1016 28.76 22.70 23.85
C ALA A 1016 28.91 22.40 22.37
N TYR A 1017 28.10 23.07 21.55
CA TYR A 1017 28.17 22.89 20.11
C TYR A 1017 29.55 23.23 19.57
N LEU A 1018 30.10 24.37 19.99
CA LEU A 1018 31.43 24.75 19.52
C LEU A 1018 32.49 23.80 20.05
N ALA A 1019 32.35 23.32 21.28
CA ALA A 1019 33.29 22.36 21.82
C ALA A 1019 33.33 21.09 20.97
N LEU A 1020 32.16 20.60 20.56
CA LEU A 1020 32.11 19.44 19.66
C LEU A 1020 32.66 19.79 18.27
N ARG A 1021 32.37 21.01 17.80
CA ARG A 1021 32.86 21.43 16.49
C ARG A 1021 34.38 21.37 16.44
N HIS A 1022 35.02 21.72 17.56
CA HIS A 1022 36.46 21.61 17.63
C HIS A 1022 36.97 20.16 17.59
N HIS A 1023 36.11 19.16 17.83
CA HIS A 1023 36.49 17.74 17.80
C HIS A 1023 35.81 16.96 16.67
N THR A 1024 35.29 17.69 15.68
CA THR A 1024 34.69 17.08 14.49
C THR A 1024 35.50 15.92 13.93
N ASN A 1025 36.83 16.08 13.82
CA ASN A 1025 37.64 15.02 13.22
C ASN A 1025 37.54 13.73 14.02
N LEU A 1026 37.66 13.84 15.34
CA LEU A 1026 37.52 12.67 16.21
C LEU A 1026 36.18 11.99 16.00
N LEU A 1027 35.11 12.78 15.96
CA LEU A 1027 33.77 12.19 15.77
C LEU A 1027 33.67 11.45 14.44
N ILE A 1028 34.11 12.10 13.36
CA ILE A 1028 34.05 11.49 12.03
C ILE A 1028 34.81 10.18 12.03
N ILE A 1029 36.00 10.16 12.64
CA ILE A 1029 36.81 8.95 12.66
C ILE A 1029 36.11 7.83 13.42
N LEU A 1030 35.50 8.19 14.56
CA LEU A 1030 34.84 7.18 15.38
C LEU A 1030 33.70 6.51 14.63
N PHE A 1031 32.94 7.28 13.83
CA PHE A 1031 31.85 6.64 13.08
C PHE A 1031 32.36 5.87 11.85
N SER A 1032 33.40 6.41 11.20
CA SER A 1032 33.99 5.70 10.06
C SER A 1032 34.47 4.33 10.47
N MET A 1033 35.08 4.21 11.65
CA MET A 1033 35.55 2.90 12.10
C MET A 1033 34.40 1.95 12.40
N MET A 1034 33.17 2.46 12.54
CA MET A 1034 32.02 1.60 12.83
C MET A 1034 31.19 1.28 11.60
N LEU A 1035 31.50 1.93 10.47
CA LEU A 1035 30.82 1.58 9.22
C LEU A 1035 30.77 0.08 8.94
N MET A 1036 31.74 -0.70 9.41
CA MET A 1036 31.89 -2.10 9.00
C MET A 1036 31.25 -3.09 9.96
N THR A 1037 30.40 -2.61 10.86
CA THR A 1037 29.69 -3.48 11.81
C THR A 1037 28.42 -4.07 11.22
N GLY A 1038 27.96 -3.55 10.08
CA GLY A 1038 26.68 -3.95 9.54
C GLY A 1038 25.49 -3.34 10.24
N MET A 1039 25.68 -2.21 10.92
CA MET A 1039 24.55 -1.54 11.57
C MET A 1039 23.65 -0.91 10.51
N PRO A 1040 22.32 -1.06 10.64
CA PRO A 1040 21.43 -0.59 9.56
C PRO A 1040 21.46 0.92 9.32
N GLN A 1041 21.78 1.72 10.33
CA GLN A 1041 21.77 3.17 10.19
C GLN A 1041 23.15 3.76 9.98
N LEU A 1042 24.20 2.90 9.86
CA LEU A 1042 25.58 3.34 9.58
C LEU A 1042 26.17 2.37 8.56
N THR A 1043 25.92 2.64 7.29
CA THR A 1043 26.28 1.74 6.21
C THR A 1043 27.29 2.31 5.23
N SER A 1044 27.34 3.64 5.07
CA SER A 1044 28.21 4.27 4.09
C SER A 1044 28.71 5.60 4.63
N LYS A 1045 29.70 6.17 3.92
CA LYS A 1045 30.28 7.44 4.34
C LYS A 1045 29.28 8.58 4.22
N GLU A 1046 28.31 8.47 3.32
CA GLU A 1046 27.26 9.49 3.21
C GLU A 1046 26.50 9.65 4.52
N ASP A 1047 26.33 8.57 5.27
CA ASP A 1047 25.74 8.69 6.61
C ASP A 1047 26.59 9.57 7.51
N ILE A 1048 27.91 9.48 7.38
CA ILE A 1048 28.80 10.23 8.25
C ILE A 1048 28.90 11.69 7.81
N GLU A 1049 28.66 11.97 6.53
CA GLU A 1049 28.62 13.36 6.07
C GLU A 1049 27.60 14.20 6.83
N TYR A 1050 26.59 13.55 7.44
CA TYR A 1050 25.66 14.27 8.30
C TYR A 1050 26.38 15.03 9.40
N ILE A 1051 27.36 14.40 10.04
CA ILE A 1051 28.09 15.07 11.12
C ILE A 1051 28.85 16.27 10.59
N ARG A 1052 29.49 16.11 9.43
CA ARG A 1052 30.20 17.22 8.81
C ARG A 1052 29.27 18.39 8.53
N ASP A 1053 28.07 18.11 8.03
CA ASP A 1053 27.13 19.18 7.71
C ASP A 1053 26.55 19.82 8.95
N ALA A 1054 26.20 19.00 9.95
CA ALA A 1054 25.60 19.52 11.18
C ALA A 1054 26.55 20.45 11.91
N LEU A 1055 27.84 20.10 11.93
CA LEU A 1055 28.84 20.92 12.61
C LEU A 1055 29.33 22.09 11.77
N THR A 1056 28.78 22.27 10.57
CA THR A 1056 29.14 23.38 9.67
C THR A 1056 30.65 23.49 9.49
N VAL A 1057 31.26 22.37 9.11
CA VAL A 1057 32.68 22.36 8.83
C VAL A 1057 33.00 23.35 7.71
N GLY A 1058 34.09 24.11 7.91
CA GLY A 1058 34.55 25.09 6.95
C GLY A 1058 33.99 26.48 7.11
N LYS A 1059 32.98 26.67 7.95
CA LYS A 1059 32.48 28.01 8.25
C LYS A 1059 33.27 28.63 9.41
N SER A 1060 33.10 29.93 9.57
CA SER A 1060 33.66 30.62 10.72
C SER A 1060 32.94 30.20 12.00
N GLU A 1061 33.59 30.45 13.14
CA GLU A 1061 32.96 30.15 14.42
C GLU A 1061 31.76 31.04 14.67
N GLU A 1062 31.82 32.30 14.22
CA GLU A 1062 30.66 33.18 14.35
C GLU A 1062 29.48 32.68 13.52
N ASP A 1063 29.75 32.25 12.29
CA ASP A 1063 28.69 31.71 11.45
C ASP A 1063 28.10 30.44 12.06
N ALA A 1064 28.94 29.59 12.65
CA ALA A 1064 28.45 28.36 13.27
C ALA A 1064 27.56 28.67 14.47
N LYS A 1065 28.01 29.60 15.33
CA LYS A 1065 27.19 30.03 16.47
C LYS A 1065 25.84 30.56 16.01
N LYS A 1066 25.86 31.45 15.01
CA LYS A 1066 24.60 31.99 14.50
C LYS A 1066 23.71 30.90 13.93
N TYR A 1067 24.29 29.97 13.17
CA TYR A 1067 23.50 28.88 12.60
C TYR A 1067 22.83 28.03 13.68
N PHE A 1068 23.55 27.71 14.75
CA PHE A 1068 22.93 26.89 15.79
C PHE A 1068 21.86 27.67 16.54
N LEU A 1069 22.10 28.96 16.79
CA LEU A 1069 21.04 29.77 17.40
C LEU A 1069 19.80 29.82 16.50
N ASP A 1070 20.00 29.89 15.19
CA ASP A 1070 18.88 29.83 14.26
C ASP A 1070 18.14 28.50 14.35
N GLN A 1071 18.88 27.41 14.54
CA GLN A 1071 18.23 26.12 14.74
C GLN A 1071 17.38 26.13 16.01
N ILE A 1072 17.91 26.72 17.09
CA ILE A 1072 17.16 26.84 18.33
C ILE A 1072 15.86 27.59 18.09
N GLU A 1073 15.92 28.71 17.37
CA GLU A 1073 14.70 29.49 17.12
C GLU A 1073 13.73 28.76 16.19
N VAL A 1074 14.24 27.99 15.23
CA VAL A 1074 13.37 27.18 14.39
C VAL A 1074 12.61 26.17 15.24
N CYS A 1075 13.31 25.53 16.19
CA CYS A 1075 12.63 24.58 17.08
C CYS A 1075 11.61 25.28 17.97
N ARG A 1076 11.95 26.47 18.46
CA ARG A 1076 11.04 27.22 19.31
C ARG A 1076 9.76 27.59 18.57
N ASP A 1077 9.91 28.06 17.33
CA ASP A 1077 8.74 28.46 16.55
C ASP A 1077 7.89 27.26 16.14
N LYS A 1078 8.53 26.12 15.85
CA LYS A 1078 7.81 24.96 15.39
C LYS A 1078 7.63 23.93 16.50
N SER B 3 82.93 -17.29 -42.60
CA SER B 3 82.31 -17.49 -41.31
C SER B 3 80.90 -16.89 -41.29
N SER B 4 80.69 -15.85 -42.11
CA SER B 4 79.38 -15.20 -42.15
C SER B 4 78.34 -16.03 -42.89
N ASP B 5 78.76 -16.77 -43.91
CA ASP B 5 77.79 -17.58 -44.67
C ASP B 5 77.31 -18.76 -43.85
N VAL B 6 78.21 -19.38 -43.09
CA VAL B 6 77.82 -20.49 -42.22
C VAL B 6 76.90 -20.00 -41.12
N GLU B 7 77.19 -18.83 -40.57
CA GLU B 7 76.32 -18.21 -39.58
C GLU B 7 74.93 -17.97 -40.14
N LEU B 8 74.84 -17.40 -41.34
CA LEU B 8 73.53 -17.14 -41.94
C LEU B 8 72.78 -18.45 -42.22
N ASP B 9 73.51 -19.48 -42.63
CA ASP B 9 72.89 -20.76 -42.93
C ASP B 9 72.28 -21.37 -41.67
N PHE B 10 73.04 -21.37 -40.56
CA PHE B 10 72.51 -21.86 -39.29
C PHE B 10 71.34 -21.02 -38.80
N GLN B 11 71.43 -19.69 -38.98
CA GLN B 11 70.32 -18.82 -38.58
C GLN B 11 69.05 -19.16 -39.33
N ARG B 12 69.17 -19.43 -40.63
CA ARG B 12 68.00 -19.81 -41.43
C ARG B 12 67.41 -21.12 -40.92
N SER B 13 68.26 -22.08 -40.55
CA SER B 13 67.72 -23.34 -40.02
C SER B 13 66.96 -23.12 -38.71
N VAL B 14 67.55 -22.32 -37.81
CA VAL B 14 66.89 -22.05 -36.53
C VAL B 14 65.56 -21.33 -36.75
N GLN B 15 65.53 -20.39 -37.71
CA GLN B 15 64.29 -19.69 -38.01
C GLN B 15 63.25 -20.64 -38.58
N ALA B 16 63.67 -21.65 -39.35
CA ALA B 16 62.72 -22.64 -39.84
C ALA B 16 62.07 -23.40 -38.70
N VAL B 17 62.88 -23.78 -37.70
CA VAL B 17 62.31 -24.47 -36.54
C VAL B 17 61.32 -23.55 -35.82
N LEU B 18 61.70 -22.28 -35.67
CA LEU B 18 60.82 -21.33 -34.97
C LEU B 18 59.50 -21.15 -35.72
N ARG B 19 59.56 -21.07 -37.05
CA ARG B 19 58.33 -20.94 -37.84
C ARG B 19 57.46 -22.17 -37.68
N GLU B 20 58.07 -23.36 -37.65
CA GLU B 20 57.28 -24.56 -37.39
C GLU B 20 56.60 -24.50 -36.04
N LEU B 21 57.24 -23.87 -35.05
CA LEU B 21 56.64 -23.81 -33.73
C LEU B 21 55.54 -22.75 -33.61
N ASN B 22 55.66 -21.63 -34.32
CA ASN B 22 54.71 -20.54 -34.14
C ASN B 22 53.45 -20.69 -34.97
N THR B 23 53.50 -21.42 -36.09
CA THR B 23 52.37 -21.60 -36.99
C THR B 23 51.99 -23.07 -37.04
N PRO B 24 51.27 -23.59 -36.02
CA PRO B 24 50.81 -24.99 -36.07
C PRO B 24 49.82 -25.21 -37.19
N ASN B 25 50.25 -25.03 -38.44
CA ASN B 25 49.41 -25.29 -39.60
C ASN B 25 49.43 -26.77 -39.98
N GLN B 29 51.99 -30.64 -42.58
CA GLN B 29 52.04 -31.82 -41.72
C GLN B 29 53.12 -32.80 -42.15
N SER B 30 53.47 -32.80 -43.43
CA SER B 30 54.35 -33.84 -43.96
C SER B 30 55.82 -33.59 -43.63
N ASN B 31 56.19 -32.36 -43.27
CA ASN B 31 57.57 -32.03 -42.95
C ASN B 31 57.75 -31.63 -41.50
N GLN B 32 56.73 -31.83 -40.67
CA GLN B 32 56.82 -31.44 -39.27
C GLN B 32 57.82 -32.33 -38.54
N GLY B 33 58.76 -31.71 -37.83
CA GLY B 33 59.80 -32.43 -37.15
C GLY B 33 61.07 -32.63 -37.94
N MET B 34 61.02 -32.43 -39.26
CA MET B 34 62.21 -32.62 -40.09
C MET B 34 63.20 -31.47 -39.94
N TRP B 35 62.73 -30.28 -39.58
CA TRP B 35 63.61 -29.13 -39.47
C TRP B 35 64.59 -29.26 -38.30
N ARG B 36 64.08 -29.65 -37.13
CA ARG B 36 64.95 -29.90 -35.98
C ARG B 36 66.00 -30.96 -36.31
N TRP B 37 65.55 -32.07 -36.90
CA TRP B 37 66.46 -33.16 -37.25
C TRP B 37 67.54 -32.69 -38.23
N SER B 38 67.15 -31.90 -39.25
CA SER B 38 68.12 -31.38 -40.19
C SER B 38 69.14 -30.47 -39.52
N LEU B 39 68.69 -29.65 -38.57
CA LEU B 39 69.61 -28.79 -37.82
C LEU B 39 70.63 -29.63 -37.05
N HIS B 40 70.15 -30.67 -36.36
CA HIS B 40 71.05 -31.53 -35.60
C HIS B 40 72.04 -32.24 -36.53
N LYS B 41 71.58 -32.68 -37.69
CA LYS B 41 72.48 -33.31 -38.64
C LYS B 41 73.53 -32.33 -39.14
N LYS B 42 73.11 -31.10 -39.40
CA LYS B 42 74.03 -30.07 -39.86
C LYS B 42 75.13 -29.81 -38.84
N VAL B 43 74.77 -29.75 -37.55
CA VAL B 43 75.82 -29.52 -36.57
C VAL B 43 76.70 -30.76 -36.43
N GLU B 44 76.12 -31.95 -36.56
CA GLU B 44 76.92 -33.18 -36.53
C GLU B 44 77.94 -33.22 -37.67
N ARG B 45 77.59 -32.66 -38.83
CA ARG B 45 78.52 -32.69 -39.96
C ARG B 45 79.63 -31.65 -39.84
N ASN B 46 79.38 -30.58 -39.10
CA ASN B 46 80.36 -29.51 -38.89
C ASN B 46 80.46 -29.22 -37.39
N PRO B 47 81.10 -30.10 -36.64
CA PRO B 47 81.15 -29.90 -35.18
C PRO B 47 81.94 -28.68 -34.76
N GLY B 48 82.96 -28.30 -35.52
CA GLY B 48 83.75 -27.12 -35.20
C GLY B 48 82.98 -25.82 -35.24
N LYS B 49 81.75 -25.85 -35.77
CA LYS B 49 80.89 -24.67 -35.83
C LYS B 49 79.83 -24.70 -34.73
N SER B 50 79.93 -25.64 -33.78
CA SER B 50 78.92 -25.76 -32.75
C SER B 50 78.76 -24.47 -31.97
N SER B 51 79.89 -23.82 -31.65
CA SER B 51 79.82 -22.57 -30.90
C SER B 51 78.94 -21.57 -31.62
N ILE B 52 79.06 -21.52 -32.95
CA ILE B 52 78.22 -20.62 -33.74
C ILE B 52 76.76 -20.87 -33.41
N LEU B 53 76.32 -22.12 -33.54
CA LEU B 53 74.92 -22.43 -33.26
C LEU B 53 74.55 -22.01 -31.85
N VAL B 54 75.44 -22.29 -30.89
CA VAL B 54 75.13 -21.95 -29.51
C VAL B 54 74.78 -20.48 -29.40
N ARG B 55 75.63 -19.61 -29.97
CA ARG B 55 75.37 -18.19 -29.87
C ARG B 55 73.99 -17.87 -30.43
N ILE B 56 73.69 -18.40 -31.62
CA ILE B 56 72.40 -18.12 -32.24
C ILE B 56 71.29 -18.53 -31.28
N LEU B 57 71.38 -19.76 -30.77
CA LEU B 57 70.32 -20.25 -29.90
C LEU B 57 70.17 -19.31 -28.71
N LEU B 58 71.30 -18.95 -28.08
CA LEU B 58 71.22 -18.08 -26.91
C LEU B 58 70.51 -16.79 -27.28
N ARG B 59 70.90 -16.18 -28.40
CA ARG B 59 70.26 -14.93 -28.81
C ARG B 59 68.76 -15.15 -28.95
N GLU B 60 68.37 -16.18 -29.70
CA GLU B 60 66.95 -16.42 -29.89
C GLU B 60 66.27 -16.64 -28.54
N LEU B 61 66.92 -17.42 -27.67
CA LEU B 61 66.34 -17.66 -26.35
C LEU B 61 66.13 -16.34 -25.62
N GLU B 62 67.17 -15.50 -25.59
CA GLU B 62 67.02 -14.21 -24.94
C GLU B 62 65.89 -13.42 -25.57
N LYS B 63 65.83 -13.42 -26.90
CA LYS B 63 64.74 -12.72 -27.59
C LYS B 63 63.40 -13.25 -27.12
N ALA B 64 63.26 -14.58 -27.08
CA ALA B 64 61.99 -15.18 -26.65
C ALA B 64 61.62 -14.73 -25.24
N GLU B 65 62.61 -14.59 -24.36
CA GLU B 65 62.31 -14.17 -23.00
C GLU B 65 61.77 -12.73 -22.97
N SER B 66 62.32 -11.85 -23.82
CA SER B 66 61.91 -10.45 -23.78
C SER B 66 60.52 -10.24 -24.37
N GLU B 67 60.15 -11.03 -25.38
CA GLU B 67 58.88 -10.88 -26.07
C GLU B 67 57.79 -11.79 -25.52
N ASP B 68 58.05 -12.48 -24.41
CA ASP B 68 57.10 -13.41 -23.80
C ASP B 68 56.67 -14.49 -24.78
N GLY B 69 57.62 -14.95 -25.60
CA GLY B 69 57.37 -16.05 -26.52
C GLY B 69 57.56 -17.39 -25.83
N ARG B 70 56.62 -17.75 -24.96
CA ARG B 70 56.80 -18.93 -24.10
C ARG B 70 56.77 -20.24 -24.89
N ARG B 71 56.15 -20.26 -26.06
CA ARG B 71 55.99 -21.51 -26.80
C ARG B 71 57.31 -22.03 -27.37
N VAL B 72 58.31 -21.15 -27.51
CA VAL B 72 59.56 -21.52 -28.15
C VAL B 72 60.70 -21.69 -27.15
N ILE B 73 60.49 -21.34 -25.88
CA ILE B 73 61.59 -21.33 -24.91
C ILE B 73 62.11 -22.75 -24.69
N ILE B 74 61.23 -23.68 -24.36
CA ILE B 74 61.63 -25.03 -24.00
C ILE B 74 62.22 -25.77 -25.19
N PRO B 75 61.64 -25.68 -26.39
CA PRO B 75 62.30 -26.34 -27.54
C PRO B 75 63.71 -25.82 -27.80
N LEU B 76 63.89 -24.49 -27.78
CA LEU B 76 65.21 -23.93 -28.02
C LEU B 76 66.19 -24.31 -26.91
N LEU B 77 65.72 -24.31 -25.66
CA LEU B 77 66.56 -24.70 -24.55
C LEU B 77 67.02 -26.15 -24.68
N LEU B 78 66.10 -27.04 -25.04
CA LEU B 78 66.47 -28.45 -25.18
C LEU B 78 67.40 -28.66 -26.37
N THR B 79 67.22 -27.91 -27.45
CA THR B 79 68.15 -27.98 -28.57
C THR B 79 69.54 -27.53 -28.15
N LEU B 80 69.62 -26.42 -27.39
CA LEU B 80 70.90 -25.94 -26.89
C LEU B 80 71.58 -27.01 -26.05
N MET B 81 70.82 -27.66 -25.16
CA MET B 81 71.41 -28.69 -24.30
C MET B 81 71.89 -29.89 -25.13
N SER B 82 71.10 -30.30 -26.11
CA SER B 82 71.52 -31.40 -26.99
C SER B 82 72.82 -31.07 -27.69
N VAL B 83 72.97 -29.83 -28.15
CA VAL B 83 74.21 -29.44 -28.82
C VAL B 83 75.36 -29.42 -27.82
N LEU B 84 75.14 -28.88 -26.63
CA LEU B 84 76.21 -28.75 -25.65
C LEU B 84 76.68 -30.11 -25.14
N THR B 85 75.79 -31.12 -25.17
CA THR B 85 76.20 -32.44 -24.71
C THR B 85 77.28 -33.04 -25.60
N LYS B 86 77.26 -32.72 -26.89
CA LYS B 86 78.20 -33.30 -27.84
C LYS B 86 79.31 -32.34 -28.24
N ALA B 87 79.14 -31.05 -28.00
CA ALA B 87 80.06 -30.05 -28.52
C ALA B 87 81.35 -30.02 -27.73
N THR B 88 82.45 -29.76 -28.43
CA THR B 88 83.75 -29.51 -27.84
C THR B 88 84.22 -28.14 -28.27
N GLY B 89 85.06 -27.51 -27.44
CA GLY B 89 85.59 -26.22 -27.80
C GLY B 89 84.63 -25.09 -27.59
N ILE B 90 83.60 -25.29 -26.78
CA ILE B 90 82.66 -24.22 -26.48
C ILE B 90 83.33 -23.29 -25.47
N PRO B 91 83.45 -22.01 -25.77
CA PRO B 91 84.13 -21.10 -24.83
C PRO B 91 83.34 -20.97 -23.53
N GLU B 92 84.07 -20.68 -22.45
CA GLU B 92 83.47 -20.63 -21.12
C GLU B 92 82.39 -19.55 -21.01
N ASP B 93 82.57 -18.42 -21.71
CA ASP B 93 81.59 -17.33 -21.63
C ASP B 93 80.22 -17.78 -22.13
N LEU B 94 80.19 -18.64 -23.15
CA LEU B 94 78.91 -19.13 -23.64
C LEU B 94 78.24 -20.03 -22.59
N TYR B 95 79.03 -20.83 -21.88
CA TYR B 95 78.48 -21.63 -20.80
C TYR B 95 77.92 -20.75 -19.70
N HIS B 96 78.64 -19.68 -19.33
CA HIS B 96 78.14 -18.77 -18.31
C HIS B 96 76.88 -18.07 -18.77
N ARG B 97 76.82 -17.68 -20.04
CA ARG B 97 75.62 -17.04 -20.59
C ARG B 97 74.42 -17.98 -20.53
N ALA B 98 74.62 -19.23 -20.94
CA ALA B 98 73.54 -20.21 -20.87
C ALA B 98 73.10 -20.45 -19.42
N TYR B 99 74.05 -20.58 -18.50
CA TYR B 99 73.70 -20.79 -17.11
C TYR B 99 72.92 -19.61 -16.53
N THR B 100 73.36 -18.38 -16.86
CA THR B 100 72.65 -17.19 -16.41
C THR B 100 71.22 -17.15 -16.96
N PHE B 101 71.06 -17.51 -18.23
CA PHE B 101 69.72 -17.58 -18.82
C PHE B 101 68.85 -18.60 -18.08
N CYS B 102 69.40 -19.79 -17.80
CA CYS B 102 68.67 -20.80 -17.06
C CYS B 102 68.26 -20.30 -15.69
N THR B 103 69.16 -19.60 -14.99
CA THR B 103 68.83 -19.07 -13.67
C THR B 103 67.73 -18.01 -13.75
N ARG B 104 67.77 -17.17 -14.80
CA ARG B 104 66.70 -16.20 -14.98
C ARG B 104 65.37 -16.88 -15.24
N LEU B 105 65.39 -18.02 -15.94
CA LEU B 105 64.13 -18.71 -16.21
C LEU B 105 63.49 -19.32 -14.96
N LEU B 106 64.22 -19.37 -13.84
CA LEU B 106 63.63 -19.89 -12.61
C LEU B 106 62.49 -19.04 -12.11
N THR B 107 62.37 -17.82 -12.60
CA THR B 107 61.20 -17.01 -12.32
C THR B 107 59.97 -17.44 -13.12
N LEU B 108 60.11 -18.27 -14.20
CA LEU B 108 58.94 -18.69 -14.98
C LEU B 108 58.19 -19.80 -14.23
N PRO B 109 56.87 -19.88 -14.42
CA PRO B 109 56.10 -20.95 -13.79
C PRO B 109 56.47 -22.28 -14.40
N ALA B 110 56.10 -23.33 -13.69
CA ALA B 110 56.21 -24.66 -14.24
C ALA B 110 55.44 -24.74 -15.56
N PRO B 111 56.00 -25.40 -16.58
CA PRO B 111 57.16 -26.27 -16.51
C PRO B 111 58.49 -25.60 -16.81
N TYR B 112 58.48 -24.30 -17.12
CA TYR B 112 59.71 -23.63 -17.55
C TYR B 112 60.77 -23.63 -16.45
N SER B 113 60.36 -23.36 -15.20
CA SER B 113 61.33 -23.31 -14.11
C SER B 113 61.94 -24.67 -13.83
N THR B 114 61.15 -25.74 -13.96
CA THR B 114 61.65 -27.07 -13.67
C THR B 114 62.69 -27.50 -14.70
N VAL B 115 62.37 -27.31 -15.98
CA VAL B 115 63.30 -27.64 -17.06
C VAL B 115 64.56 -26.79 -16.95
N ALA B 116 64.38 -25.50 -16.64
CA ALA B 116 65.51 -24.60 -16.49
C ALA B 116 66.40 -25.02 -15.32
N LEU B 117 65.80 -25.51 -14.24
CA LEU B 117 66.58 -25.98 -13.10
C LEU B 117 67.44 -27.19 -13.47
N ASP B 118 66.82 -28.17 -14.15
CA ASP B 118 67.58 -29.33 -14.61
C ASP B 118 68.76 -28.89 -15.49
N CYS B 119 68.48 -28.00 -16.44
CA CYS B 119 69.51 -27.53 -17.35
C CYS B 119 70.60 -26.76 -16.60
N ALA B 120 70.23 -25.95 -15.61
CA ALA B 120 71.20 -25.18 -14.86
C ALA B 120 72.14 -26.10 -14.08
N ILE B 121 71.60 -27.17 -13.50
CA ILE B 121 72.45 -28.13 -12.79
C ILE B 121 73.48 -28.71 -13.75
N ARG B 122 73.00 -29.22 -14.90
CA ARG B 122 73.91 -29.83 -15.85
C ARG B 122 74.91 -28.83 -16.38
N LEU B 123 74.47 -27.59 -16.63
CA LEU B 123 75.33 -26.58 -17.21
C LEU B 123 76.41 -26.14 -16.22
N LYS B 124 76.07 -26.04 -14.94
CA LYS B 124 77.08 -25.70 -13.95
C LYS B 124 78.17 -26.77 -13.91
N THR B 125 77.76 -28.04 -13.84
CA THR B 125 78.78 -29.09 -13.81
C THR B 125 79.62 -29.08 -15.08
N GLU B 126 78.99 -28.86 -16.23
CA GLU B 126 79.73 -28.86 -17.49
C GLU B 126 80.66 -27.65 -17.62
N THR B 127 80.23 -26.49 -17.11
CA THR B 127 81.09 -25.30 -17.14
C THR B 127 82.34 -25.51 -16.30
N ALA B 128 82.18 -26.15 -15.13
CA ALA B 128 83.37 -26.35 -14.31
C ALA B 128 84.22 -27.50 -14.83
N VAL B 129 83.59 -28.55 -15.33
CA VAL B 129 84.30 -29.75 -15.79
C VAL B 129 83.81 -30.10 -17.19
N PRO B 130 84.31 -29.43 -18.23
CA PRO B 130 83.82 -29.69 -19.59
C PRO B 130 84.02 -31.14 -19.99
N GLY B 131 83.01 -31.69 -20.66
CA GLY B 131 83.03 -33.08 -21.06
C GLY B 131 82.25 -33.99 -20.15
N THR B 132 81.78 -33.47 -19.01
CA THR B 132 81.07 -34.29 -18.04
C THR B 132 79.78 -34.85 -18.64
N LEU B 133 79.03 -34.01 -19.35
CA LEU B 133 77.76 -34.45 -19.92
C LEU B 133 77.96 -35.60 -20.90
N TYR B 134 78.90 -35.43 -21.84
CA TYR B 134 79.15 -36.47 -22.84
C TYR B 134 79.60 -37.78 -22.17
N GLN B 135 80.60 -37.68 -21.29
CA GLN B 135 81.12 -38.88 -20.63
C GLN B 135 80.01 -39.61 -19.86
N ARG B 136 79.24 -38.88 -19.06
CA ARG B 136 78.22 -39.51 -18.26
C ARG B 136 77.14 -40.14 -19.15
N THR B 137 76.76 -39.45 -20.22
CA THR B 137 75.76 -39.99 -21.13
C THR B 137 76.24 -41.29 -21.75
N VAL B 138 77.48 -41.30 -22.24
CA VAL B 138 77.98 -42.50 -22.92
C VAL B 138 78.12 -43.64 -21.93
N ILE B 139 78.68 -43.37 -20.75
CA ILE B 139 78.89 -44.43 -19.77
C ILE B 139 77.55 -45.03 -19.35
N ALA B 140 76.56 -44.18 -19.07
CA ALA B 140 75.29 -44.70 -18.61
C ALA B 140 74.54 -45.45 -19.71
N GLU B 141 74.55 -44.91 -20.93
CA GLU B 141 73.72 -45.50 -21.98
C GLU B 141 74.36 -46.72 -22.61
N GLN B 142 75.68 -46.82 -22.56
CA GLN B 142 76.37 -47.96 -23.16
C GLN B 142 76.82 -48.97 -22.11
N ASN B 143 76.42 -48.78 -20.85
CA ASN B 143 76.71 -49.72 -19.77
C ASN B 143 78.21 -50.01 -19.65
N LEU B 144 79.02 -48.96 -19.80
CA LEU B 144 80.45 -49.10 -19.58
C LEU B 144 80.74 -49.23 -18.08
N ILE B 145 81.65 -50.14 -17.74
CA ILE B 145 81.96 -50.42 -16.35
C ILE B 145 82.80 -49.28 -15.79
N SER B 146 82.30 -48.65 -14.73
CA SER B 146 83.04 -47.58 -14.06
C SER B 146 82.65 -47.57 -12.59
N GLU B 147 83.64 -47.68 -11.70
CA GLU B 147 83.34 -47.64 -10.28
C GLU B 147 82.94 -46.24 -9.82
N LEU B 148 83.53 -45.21 -10.44
CA LEU B 148 83.28 -43.84 -10.00
C LEU B 148 81.99 -43.29 -10.56
N TYR B 149 81.45 -43.91 -11.61
CA TYR B 149 80.16 -43.54 -12.19
C TYR B 149 79.40 -44.82 -12.52
N PRO B 150 78.75 -45.44 -11.53
CA PRO B 150 78.14 -46.75 -11.73
C PRO B 150 76.76 -46.73 -12.39
N TYR B 151 76.25 -45.56 -12.78
CA TYR B 151 74.90 -45.47 -13.28
C TYR B 151 74.78 -46.13 -14.65
N GLN B 152 73.66 -46.84 -14.85
CA GLN B 152 73.39 -47.53 -16.09
C GLN B 152 71.99 -47.18 -16.55
N GLU B 153 71.82 -47.01 -17.87
CA GLU B 153 70.52 -46.70 -18.46
C GLU B 153 70.27 -47.64 -19.64
N ARG B 154 69.00 -48.00 -19.83
CA ARG B 154 68.63 -48.82 -20.98
C ARG B 154 67.25 -48.44 -21.49
N VAL B 155 67.10 -48.43 -22.82
CA VAL B 155 65.83 -48.18 -23.48
C VAL B 155 65.23 -49.53 -23.88
N PHE B 156 64.01 -49.78 -23.42
CA PHE B 156 63.25 -50.99 -23.77
C PHE B 156 62.14 -50.61 -24.74
N LEU B 157 62.26 -51.04 -25.98
CA LEU B 157 61.30 -50.73 -27.04
C LEU B 157 60.28 -51.86 -27.13
N PHE B 158 59.03 -51.54 -26.80
CA PHE B 158 57.94 -52.51 -26.85
C PHE B 158 56.97 -52.16 -27.96
N VAL B 159 56.60 -53.19 -28.72
CA VAL B 159 55.71 -53.09 -29.86
C VAL B 159 54.73 -54.24 -29.80
N ASP B 160 53.45 -53.96 -29.99
CA ASP B 160 52.44 -55.01 -30.10
C ASP B 160 52.41 -55.52 -31.54
N PRO B 161 52.74 -56.79 -31.79
CA PRO B 161 52.77 -57.28 -33.18
C PRO B 161 51.42 -57.26 -33.87
N GLU B 162 50.32 -57.29 -33.12
CA GLU B 162 49.00 -57.22 -33.71
C GLU B 162 48.60 -55.80 -34.07
N LEU B 163 49.28 -54.81 -33.50
CA LEU B 163 48.98 -53.41 -33.75
C LEU B 163 49.90 -52.78 -34.78
N VAL B 164 51.16 -53.21 -34.82
CA VAL B 164 52.16 -52.66 -35.73
C VAL B 164 52.61 -53.76 -36.69
N SER B 165 52.71 -53.41 -37.98
CA SER B 165 53.03 -54.40 -39.01
C SER B 165 54.45 -54.96 -38.84
N ALA B 166 54.64 -56.17 -39.36
CA ALA B 166 55.96 -56.80 -39.29
C ALA B 166 57.01 -56.02 -40.05
N SER B 167 56.61 -55.32 -41.13
CA SER B 167 57.58 -54.53 -41.89
C SER B 167 58.14 -53.39 -41.06
N VAL B 168 57.29 -52.72 -40.28
CA VAL B 168 57.77 -51.65 -39.40
C VAL B 168 58.77 -52.23 -38.40
N CYS B 169 58.43 -53.38 -37.80
CA CYS B 169 59.29 -53.99 -36.80
C CYS B 169 60.65 -54.36 -37.40
N SER B 170 60.64 -54.95 -38.60
CA SER B 170 61.89 -55.34 -39.22
C SER B 170 62.74 -54.14 -39.58
N ALA B 171 62.13 -53.07 -40.13
CA ALA B 171 62.90 -51.88 -40.47
C ALA B 171 63.51 -51.24 -39.23
N LEU B 172 62.73 -51.14 -38.14
CA LEU B 172 63.24 -50.56 -36.91
C LEU B 172 64.36 -51.42 -36.32
N LEU B 173 64.17 -52.74 -36.34
CA LEU B 173 65.21 -53.65 -35.87
C LEU B 173 66.48 -53.49 -36.65
N LEU B 174 66.36 -53.31 -37.97
CA LEU B 174 67.55 -53.15 -38.81
C LEU B 174 68.27 -51.85 -38.49
N GLU B 175 67.52 -50.76 -38.30
CA GLU B 175 68.18 -49.51 -37.97
C GLU B 175 68.88 -49.61 -36.61
N ILE B 176 68.22 -50.22 -35.63
CA ILE B 176 68.80 -50.32 -34.29
C ILE B 176 70.04 -51.20 -34.31
N GLN B 177 69.97 -52.34 -34.99
CA GLN B 177 71.11 -53.24 -35.07
C GLN B 177 72.27 -52.61 -35.83
N ALA B 178 71.98 -51.91 -36.93
CA ALA B 178 73.04 -51.22 -37.67
C ALA B 178 73.73 -50.20 -36.79
N ALA B 179 72.97 -49.48 -35.96
CA ALA B 179 73.61 -48.52 -35.07
C ALA B 179 74.42 -49.22 -33.99
N GLN B 180 73.92 -50.33 -33.44
CA GLN B 180 74.58 -50.96 -32.31
C GLN B 180 75.82 -51.74 -32.72
N GLU B 181 75.88 -52.23 -33.97
CA GLU B 181 77.07 -52.94 -34.43
C GLU B 181 78.29 -52.02 -34.49
N GLN B 182 78.08 -50.74 -34.73
CA GLN B 182 79.18 -49.77 -34.78
C GLN B 182 79.57 -49.25 -33.41
N GLN B 183 78.77 -49.53 -32.39
CA GLN B 183 79.00 -48.98 -31.05
C GLN B 183 79.58 -50.06 -30.14
N THR B 184 80.77 -50.52 -30.47
CA THR B 184 81.46 -51.47 -29.61
C THR B 184 82.01 -50.77 -28.38
N PRO B 185 82.13 -51.49 -27.25
CA PRO B 185 82.70 -50.87 -26.04
C PRO B 185 84.03 -50.17 -26.26
N GLU B 186 84.92 -50.74 -27.08
CA GLU B 186 86.21 -50.10 -27.35
C GLU B 186 86.02 -48.78 -28.09
N ALA B 187 85.13 -48.75 -29.08
CA ALA B 187 84.88 -47.51 -29.81
C ALA B 187 84.32 -46.45 -28.89
N CYS B 188 83.42 -46.82 -27.98
CA CYS B 188 82.85 -45.86 -27.05
C CYS B 188 83.89 -45.35 -26.06
N MET B 189 84.78 -46.22 -25.57
CA MET B 189 85.85 -45.77 -24.70
C MET B 189 86.75 -44.79 -25.45
N ARG B 190 87.09 -45.10 -26.70
CA ARG B 190 87.87 -44.18 -27.52
C ARG B 190 87.16 -42.84 -27.65
N HIS B 191 85.84 -42.87 -27.86
CA HIS B 191 85.09 -41.62 -28.00
C HIS B 191 85.10 -40.83 -26.71
N VAL B 192 84.95 -41.50 -25.56
CA VAL B 192 84.94 -40.79 -24.28
C VAL B 192 86.29 -40.12 -24.04
N VAL B 193 87.37 -40.87 -24.27
CA VAL B 193 88.70 -40.30 -24.05
C VAL B 193 88.95 -39.12 -24.98
N SER B 194 88.66 -39.31 -26.27
CA SER B 194 88.87 -38.25 -27.24
C SER B 194 88.04 -37.02 -26.89
N HIS B 195 86.75 -37.22 -26.58
CA HIS B 195 85.87 -36.10 -26.30
C HIS B 195 86.30 -35.37 -25.04
N ALA B 196 86.65 -36.10 -23.98
CA ALA B 196 87.07 -35.44 -22.75
C ALA B 196 88.34 -34.63 -22.98
N LEU B 197 89.36 -35.25 -23.60
CA LEU B 197 90.62 -34.54 -23.81
C LEU B 197 90.41 -33.33 -24.70
N GLN B 198 89.57 -33.46 -25.72
CA GLN B 198 89.30 -32.35 -26.61
C GLN B 198 88.50 -31.24 -25.92
N ALA B 199 87.44 -31.61 -25.20
CA ALA B 199 86.63 -30.61 -24.51
C ALA B 199 87.44 -29.83 -23.49
N ALA B 200 88.43 -30.47 -22.86
CA ALA B 200 89.24 -29.77 -21.87
C ALA B 200 90.35 -28.95 -22.51
N LEU B 201 91.04 -29.50 -23.52
CA LEU B 201 92.24 -28.87 -24.06
C LEU B 201 91.96 -27.92 -25.22
N GLY B 202 90.77 -27.98 -25.82
CA GLY B 202 90.44 -27.09 -26.93
C GLY B 202 91.40 -27.25 -28.09
N GLU B 203 91.98 -26.12 -28.48
CA GLU B 203 92.88 -26.09 -29.64
C GLU B 203 94.23 -26.71 -29.34
N ALA B 204 94.57 -26.87 -28.05
CA ALA B 204 95.82 -27.51 -27.68
C ALA B 204 95.80 -29.01 -27.90
N CYS B 205 94.64 -29.59 -28.20
CA CYS B 205 94.52 -31.03 -28.42
C CYS B 205 94.73 -31.33 -29.90
N HIS B 206 95.81 -32.04 -30.22
CA HIS B 206 96.08 -32.48 -31.58
C HIS B 206 95.19 -33.69 -31.86
N THR B 207 94.03 -33.44 -32.45
CA THR B 207 93.01 -34.47 -32.57
C THR B 207 93.47 -35.63 -33.46
N GLY B 208 94.19 -35.33 -34.54
CA GLY B 208 94.63 -36.40 -35.43
C GLY B 208 95.59 -37.37 -34.76
N ALA B 209 96.64 -36.84 -34.12
CA ALA B 209 97.58 -37.69 -33.41
C ALA B 209 96.89 -38.46 -32.30
N LEU B 210 95.96 -37.81 -31.61
CA LEU B 210 95.21 -38.48 -30.55
C LEU B 210 94.42 -39.67 -31.10
N ASN B 211 93.69 -39.45 -32.20
CA ASN B 211 92.90 -40.53 -32.78
C ASN B 211 93.79 -41.67 -33.27
N ARG B 212 94.92 -41.35 -33.89
CA ARG B 212 95.82 -42.41 -34.35
C ARG B 212 96.37 -43.21 -33.19
N LYS B 213 96.81 -42.52 -32.13
CA LYS B 213 97.36 -43.22 -30.97
C LYS B 213 96.30 -44.11 -30.32
N LEU B 214 95.07 -43.61 -30.18
CA LEU B 214 94.02 -44.42 -29.54
C LEU B 214 93.63 -45.61 -30.41
N GLN B 215 93.55 -45.40 -31.73
CA GLN B 215 93.23 -46.52 -32.61
C GLN B 215 94.33 -47.57 -32.60
N ALA B 216 95.58 -47.15 -32.41
CA ALA B 216 96.69 -48.09 -32.40
C ALA B 216 96.90 -48.76 -31.04
N SER B 217 96.24 -48.28 -30.00
CA SER B 217 96.45 -48.81 -28.66
C SER B 217 95.69 -50.13 -28.48
N SER B 218 96.28 -51.01 -27.67
CA SER B 218 95.59 -52.25 -27.30
C SER B 218 94.41 -51.94 -26.40
N ARG B 219 93.55 -52.95 -26.21
CA ARG B 219 92.36 -52.79 -25.37
C ARG B 219 92.74 -52.43 -23.95
N ARG B 220 93.79 -53.05 -23.40
CA ARG B 220 94.19 -52.77 -22.02
C ARG B 220 94.60 -51.31 -21.86
N VAL B 221 95.39 -50.80 -22.81
CA VAL B 221 95.85 -49.41 -22.75
C VAL B 221 94.66 -48.46 -22.84
N LEU B 222 93.74 -48.76 -23.76
CA LEU B 222 92.55 -47.95 -23.93
C LEU B 222 91.71 -47.93 -22.66
N GLU B 223 91.52 -49.09 -22.04
CA GLU B 223 90.77 -49.15 -20.78
C GLU B 223 91.46 -48.35 -19.68
N TYR B 224 92.79 -48.44 -19.61
CA TYR B 224 93.53 -47.65 -18.63
C TYR B 224 93.26 -46.17 -18.80
N TYR B 225 93.38 -45.66 -20.02
CA TYR B 225 93.19 -44.23 -20.22
C TYR B 225 91.74 -43.83 -20.03
N PHE B 226 90.80 -44.68 -20.44
CA PHE B 226 89.39 -44.45 -20.17
C PHE B 226 89.14 -44.27 -18.69
N HIS B 227 89.67 -45.18 -17.87
CA HIS B 227 89.47 -45.09 -16.43
C HIS B 227 90.16 -43.86 -15.84
N ALA B 228 91.34 -43.50 -16.37
CA ALA B 228 92.02 -42.31 -15.86
C ALA B 228 91.20 -41.05 -16.14
N VAL B 229 90.64 -40.95 -17.34
CA VAL B 229 89.84 -39.78 -17.70
C VAL B 229 88.58 -39.71 -16.86
N VAL B 230 87.88 -40.85 -16.71
CA VAL B 230 86.68 -40.89 -15.88
C VAL B 230 87.02 -40.49 -14.46
N ALA B 231 88.14 -40.98 -13.93
CA ALA B 231 88.55 -40.65 -12.58
C ALA B 231 88.75 -39.16 -12.41
N ALA B 232 89.51 -38.54 -13.32
CA ALA B 232 89.77 -37.11 -13.21
C ALA B 232 88.47 -36.31 -13.25
N ILE B 233 87.61 -36.62 -14.23
CA ILE B 233 86.37 -35.86 -14.38
C ILE B 233 85.48 -36.01 -13.15
N GLU B 234 85.31 -37.25 -12.67
CA GLU B 234 84.40 -37.48 -11.57
C GLU B 234 84.96 -36.95 -10.26
N GLN B 235 86.27 -36.97 -10.08
CA GLN B 235 86.87 -36.41 -8.87
C GLN B 235 86.71 -34.90 -8.84
N VAL B 236 86.94 -34.22 -9.96
CA VAL B 236 86.79 -32.77 -9.96
C VAL B 236 85.31 -32.39 -9.83
N ALA B 237 84.43 -33.15 -10.50
CA ALA B 237 83.00 -32.81 -10.48
C ALA B 237 82.37 -32.99 -9.10
N SER B 238 82.93 -33.87 -8.27
CA SER B 238 82.37 -34.15 -6.95
C SER B 238 82.90 -33.21 -5.88
N GLU B 239 83.82 -32.32 -6.22
CA GLU B 239 84.35 -31.38 -5.25
C GLU B 239 83.32 -30.30 -4.91
N ASP B 240 83.48 -29.71 -3.72
CA ASP B 240 82.55 -28.67 -3.29
C ASP B 240 82.63 -27.44 -4.19
N SER B 241 83.83 -27.11 -4.66
CA SER B 241 84.06 -25.96 -5.53
C SER B 241 84.92 -26.41 -6.70
N PRO B 242 84.30 -26.97 -7.73
CA PRO B 242 85.08 -27.43 -8.89
C PRO B 242 85.70 -26.26 -9.63
N SER B 243 86.94 -26.44 -10.07
CA SER B 243 87.69 -25.41 -10.77
C SER B 243 88.04 -25.90 -12.18
N ARG B 244 87.74 -25.06 -13.18
CA ARG B 244 88.09 -25.41 -14.55
C ARG B 244 89.60 -25.52 -14.73
N LEU B 245 90.37 -24.73 -13.97
CA LEU B 245 91.83 -24.76 -14.08
C LEU B 245 92.41 -26.09 -13.59
N GLY B 246 91.96 -26.56 -12.42
CA GLY B 246 92.42 -27.87 -11.94
C GLY B 246 92.06 -28.99 -12.89
N HIS B 247 90.87 -28.91 -13.49
CA HIS B 247 90.45 -29.91 -14.47
C HIS B 247 91.36 -29.87 -15.69
N LEU B 248 91.71 -28.66 -16.15
CA LEU B 248 92.63 -28.53 -17.27
C LEU B 248 94.00 -29.11 -16.93
N GLU B 249 94.47 -28.92 -15.69
CA GLU B 249 95.76 -29.46 -15.30
C GLU B 249 95.75 -30.99 -15.31
N LYS B 250 94.69 -31.59 -14.76
CA LYS B 250 94.59 -33.05 -14.75
C LYS B 250 94.53 -33.60 -16.18
N MET B 251 93.75 -32.94 -17.04
CA MET B 251 93.63 -33.41 -18.41
C MET B 251 94.94 -33.25 -19.18
N GLU B 252 95.71 -32.19 -18.91
CA GLU B 252 97.02 -32.05 -19.53
C GLU B 252 97.95 -33.16 -19.11
N GLU B 253 97.90 -33.54 -17.83
CA GLU B 253 98.74 -34.64 -17.37
C GLU B 253 98.39 -35.93 -18.11
N ILE B 254 97.10 -36.22 -18.25
CA ILE B 254 96.70 -37.45 -18.95
C ILE B 254 97.11 -37.39 -20.43
N TYR B 255 96.89 -36.24 -21.07
CA TYR B 255 97.23 -36.11 -22.49
C TYR B 255 98.72 -36.30 -22.72
N CYS B 256 99.56 -35.70 -21.87
CA CYS B 256 101.00 -35.84 -22.02
C CYS B 256 101.42 -37.29 -21.78
N SER B 257 100.79 -37.96 -20.82
CA SER B 257 101.11 -39.37 -20.62
C SER B 257 100.73 -40.20 -21.84
N LEU B 258 99.67 -39.80 -22.53
CA LEU B 258 99.20 -40.58 -23.67
C LEU B 258 100.08 -40.37 -24.90
N LEU B 259 100.49 -39.14 -25.18
CA LEU B 259 101.19 -38.85 -26.41
C LEU B 259 102.68 -38.58 -26.23
N GLY B 260 103.17 -38.52 -25.00
CA GLY B 260 104.54 -38.14 -24.76
C GLY B 260 104.67 -36.63 -24.60
N PRO B 261 105.64 -36.19 -23.78
CA PRO B 261 105.82 -34.77 -23.44
C PRO B 261 106.12 -33.89 -24.65
N LEU B 277 88.96 -31.55 -37.75
CA LEU B 277 88.38 -32.03 -36.50
C LEU B 277 87.44 -33.21 -36.76
N PRO B 278 87.95 -34.43 -36.52
CA PRO B 278 87.10 -35.62 -36.65
C PRO B 278 85.92 -35.54 -35.70
N SER B 279 84.72 -35.64 -36.27
CA SER B 279 83.51 -35.62 -35.46
C SER B 279 83.47 -36.83 -34.52
N ILE B 280 83.40 -36.57 -33.23
CA ILE B 280 83.20 -37.60 -32.22
C ILE B 280 81.70 -37.84 -32.08
N PRO B 281 81.17 -38.94 -32.61
CA PRO B 281 79.72 -39.17 -32.52
C PRO B 281 79.27 -39.44 -31.09
N LEU B 282 78.06 -38.96 -30.78
CA LEU B 282 77.39 -39.36 -29.56
C LEU B 282 76.55 -40.60 -29.87
N PRO B 283 76.91 -41.77 -29.36
CA PRO B 283 76.19 -42.99 -29.75
C PRO B 283 74.73 -42.95 -29.32
N SER B 284 73.90 -43.62 -30.11
CA SER B 284 72.52 -43.80 -29.71
C SER B 284 72.45 -44.65 -28.44
N PRO B 285 71.45 -44.44 -27.59
CA PRO B 285 71.33 -45.26 -26.38
C PRO B 285 71.18 -46.72 -26.73
N TYR B 286 71.57 -47.58 -25.79
CA TYR B 286 71.39 -49.02 -25.95
C TYR B 286 69.90 -49.35 -25.91
N ILE B 287 69.38 -49.86 -27.02
CA ILE B 287 67.96 -50.12 -27.17
C ILE B 287 67.75 -51.61 -27.37
N THR B 288 66.91 -52.20 -26.53
CA THR B 288 66.46 -53.58 -26.68
C THR B 288 65.03 -53.60 -27.23
N PHE B 289 64.83 -54.30 -28.35
CA PHE B 289 63.55 -54.37 -29.03
C PHE B 289 62.79 -55.60 -28.57
N HIS B 290 61.51 -55.41 -28.24
CA HIS B 290 60.70 -56.49 -27.73
C HIS B 290 59.30 -56.46 -28.34
N LEU B 291 58.90 -57.59 -28.91
CA LEU B 291 57.51 -57.80 -29.29
C LEU B 291 56.71 -58.16 -28.04
N TRP B 292 55.69 -57.37 -27.72
CA TRP B 292 54.95 -57.52 -26.48
C TRP B 292 53.88 -58.58 -26.66
N THR B 293 54.21 -59.81 -26.28
CA THR B 293 53.30 -60.95 -26.36
C THR B 293 52.88 -61.48 -25.00
N ASP B 294 53.66 -61.24 -23.97
CA ASP B 294 53.38 -61.74 -22.63
C ASP B 294 53.13 -60.57 -21.69
N GLN B 295 52.12 -60.70 -20.85
CA GLN B 295 51.79 -59.63 -19.91
C GLN B 295 52.90 -59.44 -18.88
N GLU B 296 53.76 -60.44 -18.71
CA GLU B 296 54.82 -60.41 -17.72
C GLU B 296 56.17 -60.01 -18.32
N GLN B 297 56.21 -59.74 -19.62
CA GLN B 297 57.47 -59.54 -20.32
C GLN B 297 58.24 -58.36 -19.74
N LEU B 298 57.56 -57.23 -19.50
CA LEU B 298 58.23 -56.04 -18.98
C LEU B 298 58.90 -56.32 -17.64
N TRP B 299 58.18 -56.99 -16.72
CA TRP B 299 58.74 -57.35 -15.43
C TRP B 299 59.99 -58.20 -15.59
N LYS B 300 59.92 -59.22 -16.43
CA LYS B 300 61.06 -60.09 -16.65
C LYS B 300 62.26 -59.31 -17.19
N GLU B 301 62.01 -58.42 -18.15
CA GLU B 301 63.10 -57.66 -18.75
C GLU B 301 63.75 -56.73 -17.73
N LEU B 302 62.94 -56.11 -16.86
CA LEU B 302 63.50 -55.22 -15.85
C LEU B 302 64.33 -56.00 -14.83
N VAL B 303 63.82 -57.16 -14.41
CA VAL B 303 64.57 -57.99 -13.47
C VAL B 303 65.90 -58.41 -14.09
N LEU B 304 65.88 -58.78 -15.36
CA LEU B 304 67.13 -59.12 -16.06
C LEU B 304 68.07 -57.93 -16.12
N PHE B 305 67.52 -56.74 -16.38
CA PHE B 305 68.34 -55.54 -16.44
C PHE B 305 69.01 -55.24 -15.11
N LEU B 306 68.34 -55.54 -14.00
CA LEU B 306 68.93 -55.27 -12.70
C LEU B 306 69.91 -56.35 -12.24
N ARG B 307 69.97 -57.48 -12.92
CA ARG B 307 70.87 -58.54 -12.50
C ARG B 307 72.32 -58.14 -12.73
N PRO B 308 73.21 -58.33 -11.74
CA PRO B 308 74.62 -57.96 -11.85
C PRO B 308 75.32 -58.86 -12.86
N SER B 410 70.50 -41.21 -5.78
CA SER B 410 70.01 -41.55 -7.12
C SER B 410 70.10 -43.05 -7.37
N ARG B 411 69.04 -43.60 -7.95
CA ARG B 411 69.01 -45.03 -8.28
C ARG B 411 70.02 -45.33 -9.39
N VAL B 412 70.78 -46.41 -9.21
CA VAL B 412 71.89 -46.72 -10.11
C VAL B 412 71.41 -47.04 -11.52
N HIS B 413 70.21 -47.60 -11.65
CA HIS B 413 69.70 -48.04 -12.94
C HIS B 413 68.49 -47.19 -13.35
N THR B 414 68.45 -46.83 -14.63
CA THR B 414 67.32 -46.12 -15.23
C THR B 414 66.81 -46.90 -16.43
N ALA B 415 65.55 -47.33 -16.37
CA ALA B 415 64.89 -48.00 -17.47
C ALA B 415 63.92 -47.05 -18.14
N ARG B 416 64.17 -46.75 -19.42
CA ARG B 416 63.29 -45.93 -20.24
C ARG B 416 62.49 -46.87 -21.14
N VAL B 417 61.23 -47.09 -20.79
CA VAL B 417 60.35 -48.00 -21.51
C VAL B 417 59.58 -47.18 -22.54
N LEU B 418 59.85 -47.42 -23.83
CA LEU B 418 59.20 -46.73 -24.93
C LEU B 418 58.25 -47.70 -25.63
N VAL B 419 56.99 -47.33 -25.75
CA VAL B 419 55.98 -48.15 -26.39
C VAL B 419 55.56 -47.49 -27.70
N LEU B 420 55.48 -48.30 -28.76
CA LEU B 420 54.99 -47.83 -30.06
C LEU B 420 53.61 -48.42 -30.32
N GLY B 421 52.63 -47.55 -30.50
CA GLY B 421 51.30 -48.06 -30.82
C GLY B 421 50.23 -47.01 -30.61
N ASP B 422 49.01 -47.50 -30.46
CA ASP B 422 47.84 -46.68 -30.24
C ASP B 422 47.33 -46.83 -28.80
N ASP B 423 46.07 -46.44 -28.57
CA ASP B 423 45.52 -46.47 -27.20
C ASP B 423 45.47 -47.88 -26.63
N ARG B 424 45.32 -48.90 -27.48
CA ARG B 424 45.32 -50.28 -27.00
C ARG B 424 46.66 -50.64 -26.37
N MET B 425 47.75 -50.24 -27.04
CA MET B 425 49.08 -50.45 -26.49
C MET B 425 49.22 -49.73 -25.14
N LEU B 426 48.62 -48.56 -25.03
CA LEU B 426 48.67 -47.81 -23.78
C LEU B 426 47.89 -48.52 -22.67
N GLY B 427 46.73 -49.08 -22.99
CA GLY B 427 46.01 -49.88 -21.99
C GLY B 427 46.84 -51.05 -21.50
N ARG B 428 47.56 -51.69 -22.42
CA ARG B 428 48.45 -52.78 -22.01
C ARG B 428 49.56 -52.27 -21.09
N LEU B 429 50.19 -51.15 -21.48
CA LEU B 429 51.23 -50.55 -20.63
C LEU B 429 50.69 -50.23 -19.25
N ALA B 430 49.45 -49.74 -19.17
CA ALA B 430 48.82 -49.46 -17.88
C ALA B 430 48.64 -50.73 -17.06
N GLN B 431 48.20 -51.82 -17.69
CA GLN B 431 48.07 -53.09 -16.98
C GLN B 431 49.43 -53.54 -16.42
N ALA B 432 50.46 -53.48 -17.26
CA ALA B 432 51.79 -53.89 -16.82
C ALA B 432 52.29 -53.02 -15.67
N TYR B 433 52.04 -51.71 -15.75
CA TYR B 433 52.47 -50.79 -14.70
C TYR B 433 51.75 -51.09 -13.38
N TYR B 434 50.43 -51.30 -13.43
CA TYR B 434 49.69 -51.67 -12.24
C TYR B 434 50.24 -52.95 -11.62
N ARG B 435 50.49 -53.97 -12.44
CA ARG B 435 51.04 -55.22 -11.92
C ARG B 435 52.41 -55.00 -11.30
N LEU B 436 53.24 -54.16 -11.92
CA LEU B 436 54.57 -53.86 -11.38
C LEU B 436 54.47 -53.21 -10.01
N ARG B 437 53.55 -52.25 -9.85
CA ARG B 437 53.42 -51.58 -8.56
C ARG B 437 52.90 -52.56 -7.50
N LYS B 438 51.92 -53.38 -7.88
CA LYS B 438 51.38 -54.37 -6.95
C LYS B 438 52.47 -55.34 -6.50
N ARG B 439 53.33 -55.77 -7.43
CA ARG B 439 54.42 -56.67 -7.06
C ARG B 439 55.46 -55.97 -6.19
N GLU B 440 55.74 -54.70 -6.49
CA GLU B 440 56.71 -53.97 -5.69
C GLU B 440 56.25 -53.82 -4.26
N THR B 441 54.94 -53.74 -4.04
CA THR B 441 54.46 -53.67 -2.67
C THR B 441 54.66 -54.99 -1.94
N LYS B 442 54.84 -56.09 -2.67
CA LYS B 442 55.00 -57.39 -2.03
C LYS B 442 56.45 -57.78 -1.83
N LYS B 443 57.32 -57.56 -2.82
CA LYS B 443 58.69 -58.06 -2.76
C LYS B 443 59.74 -56.96 -2.78
N PHE B 444 59.33 -55.68 -2.77
CA PHE B 444 60.22 -54.52 -2.81
C PHE B 444 61.58 -54.74 -3.47
N CYS B 445 61.62 -55.19 -4.72
CA CYS B 445 62.91 -55.55 -5.32
C CYS B 445 63.43 -54.56 -6.34
N LEU B 446 62.58 -53.75 -6.96
CA LEU B 446 63.03 -52.90 -8.05
C LEU B 446 63.20 -51.43 -7.64
N THR B 447 62.27 -50.91 -6.84
CA THR B 447 62.24 -49.48 -6.58
C THR B 447 63.47 -48.92 -5.85
N PRO B 448 64.19 -49.65 -4.98
CA PRO B 448 65.38 -49.04 -4.37
C PRO B 448 66.51 -48.78 -5.36
N ARG B 449 66.52 -49.45 -6.50
CA ARG B 449 67.61 -49.37 -7.47
C ARG B 449 67.20 -48.91 -8.86
N LEU B 450 65.90 -48.92 -9.20
CA LEU B 450 65.44 -48.73 -10.57
C LEU B 450 64.55 -47.48 -10.68
N SER B 451 64.99 -46.53 -11.49
CA SER B 451 64.17 -45.38 -11.87
C SER B 451 63.48 -45.71 -13.18
N LEU B 452 62.15 -45.77 -13.15
CA LEU B 452 61.34 -46.16 -14.31
C LEU B 452 60.76 -44.92 -14.97
N GLN B 453 61.03 -44.77 -16.26
CA GLN B 453 60.51 -43.67 -17.06
C GLN B 453 59.77 -44.25 -18.25
N LEU B 454 58.61 -43.69 -18.57
CA LEU B 454 57.75 -44.21 -19.62
C LEU B 454 57.65 -43.21 -20.78
N TYR B 455 57.66 -43.74 -22.00
CA TYR B 455 57.60 -42.95 -23.23
C TYR B 455 56.65 -43.63 -24.22
N TYR B 456 56.02 -42.82 -25.05
CA TYR B 456 54.99 -43.29 -25.97
C TYR B 456 55.17 -42.64 -27.33
N ILE B 457 55.26 -43.47 -28.37
CA ILE B 457 55.24 -43.01 -29.75
C ILE B 457 53.99 -43.56 -30.44
N PRO B 458 53.11 -42.69 -30.95
CA PRO B 458 51.89 -43.17 -31.61
C PRO B 458 52.18 -43.69 -33.01
N VAL B 459 51.69 -44.88 -33.29
CA VAL B 459 51.69 -45.44 -34.63
C VAL B 459 50.23 -45.76 -34.94
N LEU B 460 49.59 -44.89 -35.69
CA LEU B 460 48.17 -45.00 -36.01
C LEU B 460 48.03 -45.44 -37.46
N ALA B 461 47.13 -46.39 -37.69
CA ALA B 461 46.86 -46.82 -39.05
C ALA B 461 46.42 -45.63 -39.90
N PRO B 462 46.87 -45.53 -41.16
CA PRO B 462 46.50 -44.40 -42.02
C PRO B 462 45.00 -44.37 -42.33
N PRO B 475 40.55 -42.02 -36.06
CA PRO B 475 40.93 -40.93 -35.16
C PRO B 475 40.59 -41.24 -33.70
N GLU B 476 39.98 -42.39 -33.47
CA GLU B 476 39.50 -42.76 -32.15
C GLU B 476 40.55 -43.49 -31.32
N LEU B 477 41.63 -43.95 -31.95
CA LEU B 477 42.65 -44.72 -31.25
C LEU B 477 43.87 -43.91 -30.87
N GLY B 478 43.90 -42.62 -31.21
CA GLY B 478 45.03 -41.78 -30.84
C GLY B 478 44.70 -40.72 -29.81
N GLU B 479 43.66 -40.99 -29.00
CA GLU B 479 43.15 -39.97 -28.08
C GLU B 479 44.27 -39.43 -27.21
N LEU B 480 44.98 -40.32 -26.52
CA LEU B 480 46.06 -39.86 -25.65
C LEU B 480 47.11 -39.10 -26.44
N ALA B 481 47.47 -39.61 -27.62
CA ALA B 481 48.42 -38.89 -28.46
C ALA B 481 47.95 -37.47 -28.68
N SER B 482 46.69 -37.31 -29.12
CA SER B 482 46.16 -35.98 -29.34
C SER B 482 46.30 -35.14 -28.09
N PHE B 483 45.92 -35.71 -26.94
CA PHE B 483 46.02 -34.97 -25.69
C PHE B 483 47.44 -34.49 -25.46
N LEU B 484 48.42 -35.40 -25.61
CA LEU B 484 49.81 -34.98 -25.41
C LEU B 484 50.17 -33.85 -26.36
N GLY B 485 49.79 -33.99 -27.62
CA GLY B 485 50.11 -32.96 -28.60
C GLY B 485 49.55 -31.61 -28.21
N ARG B 486 48.39 -31.59 -27.56
CA ARG B 486 47.79 -30.32 -27.17
C ARG B 486 48.54 -29.69 -26.01
N VAL B 487 49.04 -30.49 -25.07
CA VAL B 487 49.63 -29.92 -23.87
C VAL B 487 51.14 -29.68 -24.01
N ASP B 488 51.79 -30.34 -24.97
CA ASP B 488 53.22 -30.16 -25.22
C ASP B 488 53.38 -30.00 -26.73
N PRO B 489 53.41 -28.76 -27.21
CA PRO B 489 53.54 -28.55 -28.67
C PRO B 489 54.82 -29.14 -29.25
N TRP B 490 55.89 -29.18 -28.46
CA TRP B 490 57.14 -29.75 -28.95
C TRP B 490 56.99 -31.26 -29.17
N TYR B 491 56.30 -31.95 -28.26
CA TYR B 491 55.96 -33.34 -28.48
C TYR B 491 55.16 -33.51 -29.76
N GLU B 492 54.19 -32.62 -29.99
CA GLU B 492 53.37 -32.70 -31.20
C GLU B 492 54.22 -32.56 -32.45
N SER B 493 55.17 -31.63 -32.44
CA SER B 493 55.95 -31.37 -33.65
C SER B 493 57.08 -32.36 -33.85
N THR B 494 57.48 -33.07 -32.80
CA THR B 494 58.61 -33.99 -32.88
C THR B 494 58.23 -35.46 -32.84
N VAL B 495 57.30 -35.85 -31.98
CA VAL B 495 56.98 -37.25 -31.75
C VAL B 495 55.70 -37.65 -32.48
N ASN B 496 54.64 -36.86 -32.35
CA ASN B 496 53.37 -37.18 -32.98
C ASN B 496 53.46 -37.22 -34.50
N THR B 497 54.45 -36.56 -35.08
CA THR B 497 54.62 -36.52 -36.53
C THR B 497 55.44 -37.68 -37.05
N LEU B 498 55.88 -38.58 -36.18
CA LEU B 498 56.71 -39.71 -36.58
C LEU B 498 55.92 -40.82 -37.24
N CYS B 499 54.62 -40.92 -36.96
CA CYS B 499 53.82 -42.03 -37.48
C CYS B 499 53.90 -42.16 -39.00
N PRO B 500 53.77 -41.09 -39.80
CA PRO B 500 53.93 -41.29 -41.26
C PRO B 500 55.31 -41.77 -41.63
N ALA B 501 56.37 -41.13 -41.09
CA ALA B 501 57.72 -41.53 -41.44
C ALA B 501 57.94 -43.00 -41.11
N ILE B 502 57.52 -43.41 -39.90
CA ILE B 502 57.63 -44.80 -39.51
C ILE B 502 56.97 -45.68 -40.55
N LEU B 503 55.74 -45.33 -40.91
CA LEU B 503 55.01 -46.14 -41.89
C LEU B 503 55.75 -46.14 -43.21
N LYS B 504 56.26 -44.98 -43.64
CA LYS B 504 57.00 -44.94 -44.89
C LYS B 504 58.23 -45.84 -44.84
N LEU B 505 58.93 -45.84 -43.69
CA LEU B 505 60.10 -46.71 -43.57
C LEU B 505 59.73 -48.18 -43.78
N ALA B 506 58.50 -48.57 -43.41
CA ALA B 506 58.09 -49.96 -43.57
C ALA B 506 57.86 -50.32 -45.04
N GLU B 507 57.54 -49.33 -45.88
CA GLU B 507 57.27 -49.64 -47.28
C GLU B 507 58.55 -49.72 -48.11
N MET B 508 59.64 -49.18 -47.60
CA MET B 508 60.90 -49.21 -48.34
C MET B 508 61.53 -50.60 -48.27
N PRO B 509 61.92 -51.19 -49.41
CA PRO B 509 62.56 -52.52 -49.48
C PRO B 509 63.87 -52.58 -48.67
N VAL B 518 71.90 -44.82 -45.06
CA VAL B 518 70.74 -43.96 -44.84
C VAL B 518 70.75 -43.44 -43.41
N ASP B 519 70.59 -42.13 -43.26
CA ASP B 519 70.53 -41.51 -41.94
C ASP B 519 69.35 -42.08 -41.15
N PRO B 520 69.60 -42.66 -39.96
CA PRO B 520 68.51 -43.26 -39.18
C PRO B 520 67.59 -42.21 -38.56
N PHE B 521 66.65 -41.69 -39.35
CA PHE B 521 65.78 -40.60 -38.88
C PHE B 521 64.99 -41.03 -37.64
N ILE B 522 64.34 -42.19 -37.71
CA ILE B 522 63.49 -42.62 -36.61
C ILE B 522 64.32 -42.86 -35.35
N LEU B 523 65.49 -43.48 -35.52
CA LEU B 523 66.37 -43.73 -34.37
C LEU B 523 66.85 -42.42 -33.76
N ASP B 524 67.17 -41.43 -34.61
CA ASP B 524 67.60 -40.14 -34.09
C ASP B 524 66.48 -39.47 -33.30
N VAL B 525 65.25 -39.55 -33.79
CA VAL B 525 64.16 -38.91 -33.07
C VAL B 525 63.89 -39.64 -31.75
N ILE B 526 63.97 -40.97 -31.76
CA ILE B 526 63.80 -41.73 -30.52
C ILE B 526 64.88 -41.35 -29.52
N THR B 527 66.13 -41.26 -29.98
CA THR B 527 67.25 -40.88 -29.11
C THR B 527 67.00 -39.51 -28.50
N TYR B 528 66.63 -38.54 -29.33
CA TYR B 528 66.36 -37.20 -28.84
C TYR B 528 65.22 -37.20 -27.84
N TYR B 529 64.17 -37.97 -28.10
CA TYR B 529 63.01 -38.02 -27.22
C TYR B 529 63.40 -38.58 -25.85
N VAL B 530 64.12 -39.70 -25.83
CA VAL B 530 64.42 -40.32 -24.55
C VAL B 530 65.46 -39.52 -23.79
N ARG B 531 66.30 -38.75 -24.50
CA ARG B 531 67.30 -37.97 -23.78
C ARG B 531 66.75 -36.65 -23.25
N MET B 532 65.88 -35.99 -24.01
CA MET B 532 65.43 -34.64 -23.66
C MET B 532 64.04 -34.60 -23.05
N GLY B 533 63.20 -35.60 -23.33
CA GLY B 533 61.87 -35.63 -22.76
C GLY B 533 61.82 -36.18 -21.35
N THR B 534 62.00 -35.32 -20.35
CA THR B 534 62.12 -35.75 -18.96
C THR B 534 60.99 -35.23 -18.07
N GLN B 535 59.99 -34.56 -18.64
CA GLN B 535 58.92 -33.99 -17.83
C GLN B 535 57.73 -34.93 -17.80
N PRO B 536 57.38 -35.51 -16.66
CA PRO B 536 56.28 -36.47 -16.63
C PRO B 536 54.92 -35.80 -16.57
N ILE B 537 53.96 -36.39 -17.28
CA ILE B 537 52.54 -36.09 -17.13
C ILE B 537 51.89 -37.32 -16.52
N TYR B 538 51.13 -37.13 -15.46
CA TYR B 538 50.58 -38.22 -14.67
C TYR B 538 49.11 -38.45 -15.05
N PHE B 539 48.75 -39.71 -15.28
CA PHE B 539 47.41 -40.09 -15.71
C PHE B 539 46.77 -41.00 -14.68
N GLN B 540 45.53 -40.71 -14.33
CA GLN B 540 44.80 -41.54 -13.39
C GLN B 540 44.40 -42.86 -14.04
N LEU B 541 44.74 -43.96 -13.38
CA LEU B 541 44.24 -45.27 -13.76
C LEU B 541 42.90 -45.52 -13.08
N TYR B 542 42.02 -46.24 -13.78
CA TYR B 542 40.70 -46.56 -13.22
C TYR B 542 40.54 -48.06 -13.10
N LYS B 543 40.03 -48.49 -11.94
CA LYS B 543 39.73 -49.89 -11.67
C LYS B 543 38.26 -50.16 -11.93
N VAL B 544 37.99 -51.32 -12.55
CA VAL B 544 36.64 -51.77 -12.87
C VAL B 544 36.44 -53.16 -12.29
N LYS B 545 35.40 -53.30 -11.46
CA LYS B 545 34.89 -54.58 -10.98
C LYS B 545 33.71 -54.99 -11.84
N ILE B 546 33.78 -56.21 -12.38
CA ILE B 546 32.82 -56.73 -13.36
C ILE B 546 32.09 -57.93 -12.75
N PHE B 547 30.77 -57.88 -12.74
CA PHE B 547 29.91 -58.92 -12.18
C PHE B 547 29.11 -59.56 -13.30
N THR B 548 29.40 -60.84 -13.58
CA THR B 548 28.62 -61.62 -14.52
C THR B 548 27.38 -62.20 -13.83
N SER B 549 27.47 -62.44 -12.52
CA SER B 549 26.31 -62.79 -11.71
C SER B 549 26.42 -62.04 -10.39
N LEU B 550 25.26 -61.74 -9.81
CA LEU B 550 25.26 -60.99 -8.55
C LEU B 550 25.72 -61.84 -7.36
N SER B 551 25.85 -63.15 -7.54
CA SER B 551 26.25 -64.04 -6.46
C SER B 551 27.74 -64.38 -6.47
N HIS B 552 28.44 -64.11 -7.56
CA HIS B 552 29.84 -64.48 -7.71
C HIS B 552 30.75 -63.29 -7.46
N ASP B 553 32.00 -63.60 -7.11
CA ASP B 553 33.00 -62.56 -6.91
C ASP B 553 33.29 -61.86 -8.24
N PRO B 554 33.52 -60.55 -8.24
CA PRO B 554 33.77 -59.84 -9.50
C PRO B 554 35.15 -60.11 -10.05
N THR B 555 35.26 -60.00 -11.37
CA THR B 555 36.56 -59.96 -12.04
C THR B 555 37.01 -58.50 -12.11
N GLU B 556 38.27 -58.26 -11.74
CA GLU B 556 38.79 -56.90 -11.68
C GLU B 556 39.78 -56.66 -12.80
N ASP B 557 39.71 -55.46 -13.38
CA ASP B 557 40.66 -55.05 -14.40
C ASP B 557 40.87 -53.55 -14.26
N ILE B 558 41.77 -53.00 -15.07
CA ILE B 558 42.05 -51.57 -15.05
C ILE B 558 42.00 -51.05 -16.48
N PHE B 559 41.71 -49.76 -16.60
CA PHE B 559 41.76 -49.08 -17.89
C PHE B 559 42.31 -47.66 -17.69
N LEU B 560 42.81 -47.11 -18.79
CA LEU B 560 43.47 -45.82 -18.83
C LEU B 560 42.72 -44.77 -19.64
N THR B 561 42.14 -45.15 -20.78
CA THR B 561 41.54 -44.22 -21.72
C THR B 561 40.02 -44.27 -21.74
N GLU B 562 39.43 -45.45 -21.83
CA GLU B 562 37.99 -45.52 -22.08
C GLU B 562 37.44 -46.88 -21.68
N LEU B 563 36.21 -46.86 -21.19
CA LEU B 563 35.39 -48.05 -20.97
C LEU B 563 34.10 -47.91 -21.77
N LYS B 564 33.91 -48.75 -22.78
CA LYS B 564 32.72 -48.71 -23.62
C LYS B 564 31.79 -49.87 -23.25
N VAL B 565 30.48 -49.60 -23.24
CA VAL B 565 29.47 -50.59 -22.86
C VAL B 565 28.35 -50.57 -23.90
N LYS B 566 27.96 -51.76 -24.35
CA LYS B 566 26.86 -51.94 -25.28
C LYS B 566 25.89 -52.97 -24.73
N ILE B 567 24.62 -52.84 -25.12
CA ILE B 567 23.59 -53.79 -24.72
C ILE B 567 23.65 -55.00 -25.65
N GLN B 568 23.69 -56.19 -25.07
CA GLN B 568 23.71 -57.40 -25.88
C GLN B 568 22.35 -57.64 -26.51
N ASP B 569 22.36 -58.08 -27.77
CA ASP B 569 21.13 -58.41 -28.46
C ASP B 569 20.53 -59.68 -27.88
N SER B 570 19.24 -59.64 -27.56
CA SER B 570 18.53 -60.82 -27.06
C SER B 570 18.48 -61.90 -28.14
N LYS B 571 19.17 -63.01 -27.91
CA LYS B 571 19.05 -64.18 -28.79
C LYS B 571 17.60 -64.65 -28.88
N GLY B 587 12.17 -53.52 -27.62
CA GLY B 587 13.34 -54.33 -27.94
C GLY B 587 14.61 -53.53 -28.17
N THR B 588 14.49 -52.21 -28.10
CA THR B 588 15.60 -51.30 -28.35
C THR B 588 16.13 -50.80 -27.01
N GLY B 589 17.28 -51.31 -26.60
CA GLY B 589 17.93 -50.86 -25.38
C GLY B 589 17.57 -51.69 -24.17
N ALA B 590 18.20 -51.32 -23.06
CA ALA B 590 17.99 -51.98 -21.77
C ALA B 590 17.87 -50.94 -20.67
N GLU B 591 17.04 -51.24 -19.67
CA GLU B 591 16.92 -50.38 -18.50
C GLU B 591 18.15 -50.54 -17.61
N LEU B 592 18.86 -49.44 -17.39
CA LEU B 592 20.08 -49.40 -16.60
C LEU B 592 19.84 -48.57 -15.35
N SER B 593 20.25 -49.11 -14.21
CA SER B 593 20.30 -48.37 -12.94
C SER B 593 21.75 -47.91 -12.72
N MET B 594 21.93 -46.61 -12.51
CA MET B 594 23.25 -46.01 -12.32
C MET B 594 23.28 -45.23 -11.02
N CYS B 595 24.34 -45.47 -10.23
CA CYS B 595 24.62 -44.71 -9.02
C CYS B 595 26.03 -44.16 -9.11
N TYR B 596 26.16 -42.84 -9.04
CA TYR B 596 27.48 -42.23 -9.19
C TYR B 596 27.57 -40.95 -8.34
N GLN B 597 28.80 -40.56 -8.04
CA GLN B 597 29.06 -39.29 -7.39
C GLN B 597 29.44 -38.26 -8.44
N LYS B 598 28.60 -37.23 -8.61
CA LYS B 598 28.86 -36.21 -9.61
C LYS B 598 30.13 -35.44 -9.26
N ALA B 599 30.99 -35.26 -10.26
CA ALA B 599 32.25 -34.53 -10.08
C ALA B 599 31.98 -33.05 -10.30
N LEU B 600 31.88 -32.29 -9.22
CA LEU B 600 31.68 -30.85 -9.28
C LEU B 600 32.98 -30.12 -8.93
N LEU B 601 33.05 -28.86 -9.39
CA LEU B 601 34.25 -28.05 -9.18
C LEU B 601 34.48 -27.73 -7.71
N SER B 602 33.41 -27.60 -6.93
CA SER B 602 33.49 -27.36 -5.50
C SER B 602 33.88 -28.59 -4.71
N HIS B 603 33.85 -29.75 -5.33
CA HIS B 603 34.00 -31.01 -4.63
C HIS B 603 32.86 -31.23 -3.64
N ARG B 604 31.71 -30.59 -3.87
CA ARG B 604 30.54 -30.89 -3.04
C ARG B 604 30.07 -32.30 -3.30
N PRO B 605 29.79 -33.07 -2.26
CA PRO B 605 29.25 -34.42 -2.46
C PRO B 605 27.87 -34.34 -3.09
N ARG B 606 27.70 -35.01 -4.23
CA ARG B 606 26.41 -35.11 -4.88
C ARG B 606 26.28 -36.53 -5.43
N GLU B 607 25.50 -37.36 -4.75
CA GLU B 607 25.23 -38.72 -5.17
C GLU B 607 23.95 -38.72 -6.00
N VAL B 608 24.01 -39.36 -7.17
CA VAL B 608 22.90 -39.41 -8.11
C VAL B 608 22.57 -40.87 -8.36
N THR B 609 21.29 -41.21 -8.24
CA THR B 609 20.77 -42.53 -8.57
C THR B 609 19.67 -42.35 -9.61
N VAL B 610 19.86 -42.94 -10.79
CA VAL B 610 18.92 -42.78 -11.91
C VAL B 610 18.71 -44.13 -12.59
N SER B 611 17.49 -44.38 -13.06
CA SER B 611 17.17 -45.55 -13.87
C SER B 611 16.62 -45.07 -15.21
N LEU B 612 17.27 -45.47 -16.29
CA LEU B 612 16.83 -45.04 -17.62
C LEU B 612 17.10 -46.15 -18.63
N ARG B 613 16.36 -46.11 -19.74
CA ARG B 613 16.59 -47.04 -20.83
C ARG B 613 17.67 -46.49 -21.75
N ALA B 614 18.70 -47.30 -22.01
CA ALA B 614 19.83 -46.85 -22.80
C ALA B 614 20.30 -47.96 -23.75
N THR B 615 20.93 -47.54 -24.85
CA THR B 615 21.55 -48.47 -25.78
C THR B 615 23.04 -48.70 -25.55
N GLY B 616 23.71 -47.77 -24.85
CA GLY B 616 25.14 -47.90 -24.61
C GLY B 616 25.63 -46.72 -23.79
N LEU B 617 26.87 -46.85 -23.33
CA LEU B 617 27.49 -45.80 -22.53
C LEU B 617 29.00 -45.84 -22.71
N VAL B 618 29.63 -44.66 -22.60
CA VAL B 618 31.07 -44.54 -22.77
C VAL B 618 31.62 -43.71 -21.61
N LEU B 619 32.59 -44.26 -20.88
CA LEU B 619 33.34 -43.54 -19.86
C LEU B 619 34.70 -43.19 -20.42
N LYS B 620 35.00 -41.90 -20.50
CA LYS B 620 36.28 -41.42 -21.00
C LYS B 620 37.07 -40.80 -19.87
N ALA B 621 38.34 -41.19 -19.75
CA ALA B 621 39.24 -40.66 -18.75
C ALA B 621 40.13 -39.53 -19.27
N ILE B 622 40.25 -39.39 -20.58
CA ILE B 622 41.07 -38.36 -21.20
C ILE B 622 40.16 -37.26 -21.73
N PRO B 623 40.41 -35.99 -21.39
CA PRO B 623 39.52 -34.93 -21.88
C PRO B 623 39.64 -34.77 -23.39
N ALA B 624 38.50 -34.51 -24.03
CA ALA B 624 38.46 -34.45 -25.49
C ALA B 624 38.88 -33.09 -26.03
N GLY B 625 38.59 -32.00 -25.31
CA GLY B 625 38.89 -30.67 -25.80
C GLY B 625 39.46 -29.80 -24.71
N ASP B 626 39.83 -28.57 -25.12
CA ASP B 626 40.44 -27.62 -24.20
C ASP B 626 39.45 -27.08 -23.19
N THR B 627 38.15 -27.19 -23.46
CA THR B 627 37.14 -26.71 -22.55
C THR B 627 36.82 -27.71 -21.44
N GLU B 628 37.42 -28.88 -21.47
CA GLU B 628 37.20 -29.90 -20.44
C GLU B 628 38.29 -29.83 -19.38
N CYS B 646 41.37 -33.71 -9.27
CA CYS B 646 40.28 -33.31 -10.17
C CYS B 646 40.19 -34.23 -11.38
N SER B 647 40.90 -35.36 -11.33
CA SER B 647 40.79 -36.36 -12.39
C SER B 647 39.38 -36.93 -12.33
N CYS B 648 38.63 -36.75 -13.42
CA CYS B 648 37.25 -37.20 -13.47
C CYS B 648 36.99 -37.94 -14.78
N LEU B 649 35.98 -38.80 -14.75
CA LEU B 649 35.49 -39.48 -15.92
C LEU B 649 34.37 -38.68 -16.56
N HIS B 650 34.45 -38.55 -17.89
CA HIS B 650 33.37 -38.00 -18.70
C HIS B 650 32.53 -39.15 -19.22
N VAL B 651 31.27 -39.20 -18.79
CA VAL B 651 30.36 -40.29 -19.11
C VAL B 651 29.33 -39.77 -20.10
N SER B 652 29.14 -40.51 -21.20
CA SER B 652 28.13 -40.22 -22.21
C SER B 652 27.20 -41.43 -22.32
N VAL B 653 25.91 -41.22 -22.06
CA VAL B 653 24.89 -42.25 -22.08
C VAL B 653 23.96 -41.99 -23.25
N THR B 654 23.78 -43.01 -24.10
CA THR B 654 22.82 -42.96 -25.21
C THR B 654 21.47 -43.45 -24.71
N GLU B 655 20.63 -42.51 -24.28
CA GLU B 655 19.33 -42.79 -23.70
C GLU B 655 18.28 -42.89 -24.79
N VAL B 656 17.31 -43.78 -24.56
CA VAL B 656 16.16 -43.95 -25.43
C VAL B 656 15.00 -43.17 -24.83
N VAL B 657 14.52 -42.17 -25.57
CA VAL B 657 13.42 -41.31 -25.15
C VAL B 657 12.19 -41.69 -25.98
N LYS B 658 11.07 -41.90 -25.29
CA LYS B 658 9.81 -42.23 -25.94
C LYS B 658 9.06 -40.94 -26.24
N SER B 659 8.79 -40.69 -27.52
CA SER B 659 7.96 -39.58 -27.95
C SER B 659 6.67 -40.15 -28.53
N SER B 660 5.54 -39.78 -27.92
CA SER B 660 4.22 -40.19 -28.38
C SER B 660 3.68 -39.08 -29.28
N ASN B 661 3.77 -39.28 -30.59
CA ASN B 661 3.08 -38.37 -31.49
C ASN B 661 1.70 -38.94 -31.82
N LEU B 662 0.82 -38.07 -32.31
CA LEU B 662 -0.51 -38.50 -32.74
C LEU B 662 -0.46 -39.75 -33.61
N ALA B 663 0.60 -39.89 -34.40
CA ALA B 663 0.76 -40.98 -35.35
C ALA B 663 1.37 -42.24 -34.72
N GLY B 664 1.48 -42.31 -33.40
CA GLY B 664 2.00 -43.49 -32.74
C GLY B 664 3.20 -43.20 -31.84
N ARG B 665 3.69 -44.29 -31.26
CA ARG B 665 4.83 -44.30 -30.35
C ARG B 665 6.13 -44.36 -31.16
N SER B 666 6.90 -43.27 -31.18
CA SER B 666 8.21 -43.23 -31.80
C SER B 666 9.29 -43.19 -30.73
N PHE B 667 10.41 -43.87 -30.98
CA PHE B 667 11.56 -43.87 -30.09
C PHE B 667 12.70 -43.08 -30.72
N THR B 668 13.25 -42.12 -29.98
CA THR B 668 14.42 -41.37 -30.39
C THR B 668 15.56 -41.60 -29.41
N THR B 669 16.80 -41.41 -29.88
CA THR B 669 17.98 -41.52 -29.03
C THR B 669 18.58 -40.15 -28.77
N SER B 670 18.93 -39.89 -27.50
CA SER B 670 19.59 -38.65 -27.09
C SER B 670 20.80 -38.96 -26.23
N THR B 671 21.86 -38.15 -26.34
CA THR B 671 23.08 -38.35 -25.59
C THR B 671 23.14 -37.40 -24.40
N ASN B 672 23.23 -37.96 -23.20
CA ASN B 672 23.41 -37.20 -21.97
C ASN B 672 24.83 -37.38 -21.45
N THR B 673 25.46 -36.28 -21.04
CA THR B 673 26.84 -36.32 -20.56
C THR B 673 26.93 -35.77 -19.16
N PHE B 674 27.82 -36.35 -18.36
CA PHE B 674 28.08 -35.86 -17.01
C PHE B 674 29.49 -36.30 -16.62
N ARG B 675 29.97 -35.77 -15.50
CA ARG B 675 31.29 -36.13 -15.00
C ARG B 675 31.17 -36.74 -13.62
N THR B 676 31.95 -37.80 -13.38
CA THR B 676 31.93 -38.49 -12.11
C THR B 676 33.29 -39.09 -11.82
N SER B 677 33.59 -39.29 -10.53
CA SER B 677 34.83 -39.97 -10.15
C SER B 677 34.63 -41.48 -10.04
N SER B 678 33.47 -41.91 -9.57
CA SER B 678 33.14 -43.32 -9.45
C SER B 678 31.71 -43.51 -9.93
N ILE B 679 31.43 -44.71 -10.44
CA ILE B 679 30.10 -44.99 -10.99
C ILE B 679 29.81 -46.48 -10.85
N GLN B 680 28.56 -46.79 -10.53
CA GLN B 680 28.06 -48.17 -10.50
C GLN B 680 26.88 -48.28 -11.45
N VAL B 681 26.92 -49.29 -12.34
CA VAL B 681 25.87 -49.50 -13.33
C VAL B 681 25.40 -50.95 -13.28
N GLN B 682 24.09 -51.14 -13.32
CA GLN B 682 23.49 -52.46 -13.26
C GLN B 682 22.32 -52.56 -14.24
N SER B 683 22.29 -53.62 -15.03
CA SER B 683 21.17 -53.91 -15.91
C SER B 683 19.98 -54.47 -15.12
N GLN B 684 18.77 -54.01 -15.48
CA GLN B 684 17.56 -54.39 -14.77
C GLN B 684 16.67 -55.38 -15.50
N ASP B 685 16.61 -55.33 -16.84
CA ASP B 685 15.66 -56.14 -17.61
C ASP B 685 16.29 -57.41 -18.19
N GLN B 686 17.16 -58.08 -17.43
CA GLN B 686 17.78 -59.34 -17.82
C GLN B 686 18.64 -59.26 -19.07
N ARG B 687 18.62 -58.13 -19.77
CA ARG B 687 19.52 -57.94 -20.91
C ARG B 687 20.95 -57.74 -20.40
N LEU B 688 21.89 -58.47 -20.98
CA LEU B 688 23.27 -58.46 -20.52
C LEU B 688 24.07 -57.39 -21.26
N LEU B 689 25.20 -57.02 -20.65
CA LEU B 689 26.07 -55.96 -21.15
C LEU B 689 27.37 -56.55 -21.70
N THR B 690 27.94 -55.88 -22.70
CA THR B 690 29.28 -56.16 -23.17
C THR B 690 30.15 -54.94 -22.93
N LEU B 691 31.32 -55.16 -22.34
CA LEU B 691 32.27 -54.11 -22.00
C LEU B 691 33.56 -54.27 -22.82
N TRP B 692 34.09 -53.14 -23.29
CA TRP B 692 35.37 -53.06 -23.97
C TRP B 692 36.27 -52.11 -23.20
N LEU B 693 37.48 -52.56 -22.88
CA LEU B 693 38.46 -51.76 -22.15
C LEU B 693 39.51 -51.20 -23.11
N ASP B 694 39.72 -49.88 -23.05
CA ASP B 694 40.77 -49.20 -23.80
C ASP B 694 40.66 -49.45 -25.30
N LYS B 695 39.43 -49.62 -25.80
CA LYS B 695 39.15 -49.80 -27.22
C LYS B 695 39.78 -51.07 -27.78
N ASP B 696 40.17 -51.98 -26.89
CA ASP B 696 40.88 -53.20 -27.26
C ASP B 696 39.88 -54.35 -27.34
N GLY B 697 39.73 -54.91 -28.54
CA GLY B 697 38.82 -56.02 -28.74
C GLY B 697 39.17 -57.26 -27.94
N ARG B 698 40.43 -57.41 -27.55
CA ARG B 698 40.86 -58.52 -26.71
C ARG B 698 40.54 -58.30 -25.24
N ARG B 699 40.22 -57.08 -24.85
CA ARG B 699 39.81 -56.83 -23.47
C ARG B 699 38.30 -56.59 -23.46
N THR B 700 37.56 -57.63 -23.83
CA THR B 700 36.11 -57.61 -23.94
C THR B 700 35.52 -58.58 -22.92
N PHE B 701 34.54 -58.11 -22.16
CA PHE B 701 33.82 -58.93 -21.19
C PHE B 701 32.36 -59.01 -21.59
N ARG B 702 31.86 -60.23 -21.77
CA ARG B 702 30.49 -60.47 -22.19
C ARG B 702 29.66 -61.00 -21.03
N ASP B 703 28.33 -60.97 -21.21
CA ASP B 703 27.38 -61.51 -20.25
C ASP B 703 27.51 -60.84 -18.87
N VAL B 704 27.69 -59.52 -18.88
CA VAL B 704 27.91 -58.76 -17.65
C VAL B 704 26.58 -58.22 -17.13
N VAL B 705 26.35 -58.39 -15.83
CA VAL B 705 25.13 -57.89 -15.20
C VAL B 705 25.39 -56.57 -14.49
N ARG B 706 26.59 -56.39 -13.94
CA ARG B 706 26.86 -55.17 -13.18
C ARG B 706 28.33 -54.81 -13.27
N PHE B 707 28.63 -53.52 -13.19
CA PHE B 707 30.02 -53.11 -13.06
C PHE B 707 30.16 -51.85 -12.21
N GLU B 708 31.34 -51.70 -11.61
CA GLU B 708 31.68 -50.54 -10.79
C GLU B 708 33.05 -50.01 -11.21
N VAL B 709 33.15 -48.70 -11.39
CA VAL B 709 34.39 -48.04 -11.77
C VAL B 709 34.76 -47.03 -10.70
N SER B 710 36.03 -47.01 -10.34
CA SER B 710 36.54 -46.08 -9.34
C SER B 710 38.02 -45.85 -9.61
N PRO B 711 38.58 -44.73 -9.14
CA PRO B 711 40.02 -44.53 -9.31
C PRO B 711 40.81 -45.69 -8.72
N CYS B 712 41.83 -46.11 -9.44
CA CYS B 712 42.62 -47.26 -8.99
C CYS B 712 43.47 -46.85 -7.79
N PRO B 713 43.31 -47.49 -6.65
CA PRO B 713 44.10 -47.10 -5.48
C PRO B 713 45.54 -47.55 -5.62
N GLU B 714 46.42 -46.83 -4.95
CA GLU B 714 47.81 -47.26 -4.88
C GLU B 714 47.90 -48.59 -4.15
N PRO B 715 48.56 -49.59 -4.73
CA PRO B 715 48.74 -50.86 -4.01
C PRO B 715 49.47 -50.61 -2.70
N CYS B 716 48.78 -50.90 -1.60
CA CYS B 716 49.38 -50.80 -0.28
C CYS B 716 49.66 -52.19 0.32
N ASN B 742 45.62 -42.62 -1.68
CA ASN B 742 46.35 -42.17 -2.86
C ASN B 742 46.03 -43.02 -4.08
N SER B 743 45.58 -42.36 -5.13
CA SER B 743 45.26 -43.04 -6.38
C SER B 743 46.53 -43.28 -7.20
N LEU B 744 46.54 -44.43 -7.90
CA LEU B 744 47.69 -44.78 -8.73
C LEU B 744 47.71 -43.95 -10.01
N LEU B 745 48.79 -43.19 -10.20
CA LEU B 745 48.99 -42.39 -11.41
C LEU B 745 50.16 -42.96 -12.20
N MET B 746 50.00 -42.99 -13.50
CA MET B 746 51.05 -43.47 -14.39
C MET B 746 51.73 -42.30 -15.08
N PRO B 747 53.06 -42.22 -15.05
CA PRO B 747 53.75 -41.08 -15.67
C PRO B 747 54.21 -41.37 -17.09
N ILE B 748 53.93 -40.45 -18.01
CA ILE B 748 54.46 -40.50 -19.37
C ILE B 748 55.29 -39.25 -19.60
N ASN B 749 56.56 -39.43 -19.95
CA ASN B 749 57.45 -38.29 -20.10
C ASN B 749 57.25 -37.61 -21.44
N THR B 750 57.22 -36.28 -21.40
CA THR B 750 57.24 -35.43 -22.58
C THR B 750 58.37 -34.42 -22.41
N PHE B 751 58.45 -33.44 -23.32
CA PHE B 751 59.50 -32.44 -23.25
C PHE B 751 59.17 -31.35 -22.25
N SER B 752 57.90 -30.95 -22.20
CA SER B 752 57.47 -29.80 -21.43
C SER B 752 56.43 -30.13 -20.36
N GLY B 753 56.04 -31.39 -20.21
CA GLY B 753 54.91 -31.65 -19.34
C GLY B 753 53.70 -30.90 -19.85
N ILE B 754 52.94 -30.34 -18.93
CA ILE B 754 51.72 -29.61 -19.27
C ILE B 754 52.05 -28.13 -19.35
N ILE B 755 52.08 -27.60 -20.58
CA ILE B 755 52.22 -26.16 -20.78
C ILE B 755 50.86 -25.52 -20.55
N GLN B 756 50.76 -24.70 -19.52
CA GLN B 756 49.51 -24.05 -19.15
C GLN B 756 49.30 -22.73 -19.90
N GLU C 36 66.76 49.16 -42.87
CA GLU C 36 67.07 49.20 -41.45
C GLU C 36 66.47 47.99 -40.74
N LEU C 37 67.28 46.95 -40.54
CA LEU C 37 66.86 45.79 -39.76
C LEU C 37 66.94 46.11 -38.28
N ILE C 38 65.82 46.02 -37.58
CA ILE C 38 65.70 46.38 -36.17
C ILE C 38 65.80 45.10 -35.34
N PRO C 39 66.78 44.99 -34.44
CA PRO C 39 66.88 43.81 -33.57
C PRO C 39 65.85 43.87 -32.44
N ILE C 40 65.00 42.84 -32.37
CA ILE C 40 63.97 42.73 -31.35
C ILE C 40 64.03 41.34 -30.74
N GLU C 41 64.02 41.29 -29.40
CA GLU C 41 63.93 40.04 -28.66
C GLU C 41 62.47 39.74 -28.33
N PHE C 42 61.99 38.57 -28.72
CA PHE C 42 60.62 38.14 -28.46
C PHE C 42 60.58 37.12 -27.33
N VAL C 43 59.82 37.43 -26.29
CA VAL C 43 59.57 36.49 -25.20
C VAL C 43 58.39 35.61 -25.58
N LEU C 44 58.64 34.31 -25.71
CA LEU C 44 57.69 33.34 -26.22
C LEU C 44 56.80 32.81 -25.09
N PRO C 45 55.61 32.29 -25.43
CA PRO C 45 54.71 31.78 -24.39
C PRO C 45 55.16 30.45 -23.79
N THR C 46 56.07 29.72 -24.43
CA THR C 46 56.56 28.45 -23.89
C THR C 46 57.79 28.67 -23.01
N SER C 47 58.06 27.68 -22.17
CA SER C 47 59.18 27.73 -21.23
C SER C 47 60.16 26.59 -21.50
N GLN C 48 61.43 26.86 -21.21
CA GLN C 48 62.46 25.84 -21.31
C GLN C 48 62.17 24.69 -20.35
N ARG C 49 62.42 23.46 -20.82
CA ARG C 49 62.04 22.26 -20.08
C ARG C 49 62.57 22.24 -18.66
N ASN C 50 63.75 22.83 -18.41
CA ASN C 50 64.45 22.62 -17.15
C ASN C 50 64.37 23.78 -16.16
N THR C 51 64.05 25.00 -16.60
CA THR C 51 64.21 26.18 -15.77
C THR C 51 62.93 26.98 -15.53
N LYS C 52 61.80 26.59 -16.12
CA LYS C 52 60.57 27.39 -16.10
C LYS C 52 60.79 28.82 -16.58
N THR C 53 61.93 29.10 -17.22
CA THR C 53 62.18 30.40 -17.81
C THR C 53 61.55 30.47 -19.20
N PRO C 54 60.92 31.59 -19.56
CA PRO C 54 60.34 31.70 -20.91
C PRO C 54 61.42 31.67 -21.99
N GLU C 55 61.10 30.99 -23.10
CA GLU C 55 61.97 30.99 -24.26
C GLU C 55 61.98 32.36 -24.93
N THR C 56 63.13 32.73 -25.50
CA THR C 56 63.28 33.99 -26.21
C THR C 56 63.89 33.75 -27.59
N ALA C 57 63.51 34.61 -28.54
CA ALA C 57 64.02 34.55 -29.91
C ALA C 57 64.43 35.95 -30.36
N LEU C 58 65.70 36.13 -30.71
CA LEU C 58 66.18 37.38 -31.28
C LEU C 58 65.96 37.38 -32.79
N LEU C 59 65.27 38.41 -33.30
CA LEU C 59 65.02 38.54 -34.73
C LEU C 59 65.44 39.92 -35.22
N HIS C 60 65.85 39.99 -36.48
CA HIS C 60 66.13 41.26 -37.16
C HIS C 60 65.00 41.57 -38.11
N VAL C 61 64.03 42.38 -37.65
CA VAL C 61 62.79 42.64 -38.35
C VAL C 61 62.96 43.85 -39.27
N ALA C 62 62.43 43.75 -40.49
CA ALA C 62 62.39 44.89 -41.40
C ALA C 62 61.47 45.96 -40.83
N GLY C 63 62.02 47.15 -40.56
CA GLY C 63 61.23 48.23 -39.97
C GLY C 63 60.08 48.70 -40.84
N HIS C 64 60.14 48.43 -42.13
CA HIS C 64 59.11 48.82 -43.09
C HIS C 64 58.04 47.75 -43.27
N GLY C 65 58.18 46.59 -42.63
CA GLY C 65 57.13 45.59 -42.60
C GLY C 65 55.99 45.96 -41.68
N ASN C 66 54.91 45.20 -41.79
CA ASN C 66 53.76 45.37 -40.91
C ASN C 66 53.79 44.34 -39.77
N VAL C 67 52.91 44.57 -38.80
CA VAL C 67 52.88 43.74 -37.59
C VAL C 67 52.51 42.29 -37.93
N GLU C 68 51.63 42.08 -38.90
CA GLU C 68 51.22 40.72 -39.28
C GLU C 68 52.40 39.89 -39.75
N GLN C 69 53.24 40.47 -40.61
CA GLN C 69 54.43 39.77 -41.10
C GLN C 69 55.44 39.52 -39.99
N MET C 70 55.63 40.50 -39.11
CA MET C 70 56.49 40.32 -37.94
C MET C 70 56.03 39.12 -37.12
N LYS C 71 54.70 39.02 -36.89
CA LYS C 71 54.14 37.91 -36.13
C LYS C 71 54.38 36.58 -36.84
N ALA C 72 54.23 36.56 -38.16
CA ALA C 72 54.48 35.34 -38.92
C ALA C 72 55.95 34.90 -38.82
N GLN C 73 56.87 35.86 -38.91
CA GLN C 73 58.28 35.53 -38.77
C GLN C 73 58.59 34.98 -37.39
N VAL C 74 58.01 35.59 -36.34
CA VAL C 74 58.16 35.06 -34.99
C VAL C 74 57.66 33.63 -34.91
N TRP C 75 56.51 33.36 -35.54
CA TRP C 75 55.94 32.01 -35.45
C TRP C 75 56.84 30.99 -36.15
N LEU C 76 57.35 31.33 -37.33
CA LEU C 76 58.25 30.42 -38.04
C LEU C 76 59.51 30.16 -37.22
N ARG C 77 60.11 31.21 -36.67
CA ARG C 77 61.32 31.03 -35.86
C ARG C 77 61.05 30.15 -34.65
N ALA C 78 59.88 30.32 -34.02
CA ALA C 78 59.52 29.49 -32.87
C ALA C 78 59.35 28.04 -33.28
N LEU C 79 58.71 27.80 -34.44
CA LEU C 79 58.63 26.43 -34.95
C LEU C 79 60.01 25.84 -35.18
N GLU C 80 60.98 26.67 -35.59
CA GLU C 80 62.32 26.15 -35.85
C GLU C 80 63.12 25.87 -34.58
N THR C 81 62.94 26.66 -33.52
CA THR C 81 63.89 26.62 -32.40
C THR C 81 63.31 26.15 -31.07
N SER C 82 61.99 26.20 -30.88
CA SER C 82 61.41 25.84 -29.59
C SER C 82 61.52 24.35 -29.32
N VAL C 83 61.81 24.00 -28.07
CA VAL C 83 61.77 22.62 -27.61
C VAL C 83 60.33 22.13 -27.46
N SER C 84 59.36 23.02 -27.68
CA SER C 84 57.94 22.71 -27.57
C SER C 84 57.21 22.98 -28.89
N ALA C 85 57.81 22.54 -30.01
CA ALA C 85 57.27 22.81 -31.34
C ALA C 85 55.81 22.39 -31.50
N ASP C 86 55.40 21.30 -30.84
CA ASP C 86 54.02 20.85 -30.94
C ASP C 86 53.04 21.93 -30.51
N PHE C 87 53.44 22.74 -29.53
CA PHE C 87 52.60 23.86 -29.10
C PHE C 87 52.32 24.81 -30.25
N TYR C 88 53.35 25.13 -31.03
CA TYR C 88 53.19 26.05 -32.15
C TYR C 88 52.55 25.39 -33.37
N HIS C 89 52.63 24.07 -33.48
CA HIS C 89 51.87 23.39 -34.52
C HIS C 89 50.38 23.35 -34.20
N ARG C 90 50.02 23.31 -32.92
CA ARG C 90 48.60 23.19 -32.56
C ARG C 90 47.85 24.51 -32.60
N LEU C 91 48.50 25.62 -32.25
CA LEU C 91 47.87 26.92 -32.21
C LEU C 91 48.44 27.85 -33.28
N GLY C 92 47.56 28.62 -33.91
CA GLY C 92 47.95 29.62 -34.88
C GLY C 92 48.37 30.92 -34.23
N PRO C 93 49.11 31.76 -34.96
CA PRO C 93 49.57 33.04 -34.39
C PRO C 93 48.45 33.93 -33.92
N ASP C 94 47.28 33.88 -34.57
CA ASP C 94 46.17 34.76 -34.20
C ASP C 94 45.63 34.50 -32.81
N HIS C 95 45.99 33.37 -32.19
CA HIS C 95 45.61 33.11 -30.81
C HIS C 95 46.47 33.85 -29.79
N PHE C 96 47.38 34.72 -30.24
CA PHE C 96 48.33 35.35 -29.36
C PHE C 96 48.39 36.86 -29.60
N LEU C 97 48.66 37.59 -28.51
CA LEU C 97 48.84 39.02 -28.48
C LEU C 97 50.32 39.37 -28.41
N LEU C 98 50.66 40.54 -28.94
CA LEU C 98 52.01 41.11 -28.85
C LEU C 98 51.96 42.27 -27.87
N LEU C 99 52.66 42.12 -26.75
CA LEU C 99 52.64 43.11 -25.67
C LEU C 99 54.04 43.67 -25.44
N TYR C 100 54.10 44.93 -24.99
CA TYR C 100 55.34 45.52 -24.53
C TYR C 100 55.08 46.33 -23.27
N GLN C 101 56.13 46.56 -22.50
CA GLN C 101 56.02 47.33 -21.26
C GLN C 101 56.53 48.74 -21.47
N LYS C 102 55.75 49.72 -21.01
CA LYS C 102 56.13 51.12 -21.07
C LYS C 102 55.73 51.77 -19.75
N LYS C 103 56.71 52.36 -19.06
CA LYS C 103 56.50 53.00 -17.76
C LYS C 103 55.73 52.09 -16.80
N GLY C 104 56.05 50.79 -16.85
CA GLY C 104 55.44 49.82 -15.97
C GLY C 104 54.10 49.27 -16.41
N GLN C 105 53.47 49.84 -17.44
CA GLN C 105 52.18 49.36 -17.92
C GLN C 105 52.35 48.50 -19.17
N TRP C 106 51.38 47.62 -19.39
CA TRP C 106 51.39 46.73 -20.54
C TRP C 106 50.57 47.33 -21.68
N TYR C 107 51.18 47.40 -22.86
CA TYR C 107 50.53 47.90 -24.06
C TYR C 107 50.48 46.80 -25.12
N GLU C 108 49.34 46.69 -25.79
CA GLU C 108 49.19 45.73 -26.87
C GLU C 108 49.53 46.38 -28.21
N ILE C 109 50.38 45.70 -28.99
CA ILE C 109 50.55 46.05 -30.40
C ILE C 109 49.35 45.50 -31.14
N TYR C 110 48.30 46.32 -31.24
CA TYR C 110 46.99 45.81 -31.63
C TYR C 110 46.77 45.73 -33.13
N ASP C 111 47.17 46.75 -33.89
CA ASP C 111 46.86 46.83 -35.31
C ASP C 111 47.83 45.93 -36.09
N LYS C 112 47.29 44.88 -36.71
CA LYS C 112 48.12 43.95 -37.48
C LYS C 112 48.73 44.58 -38.73
N TYR C 113 48.14 45.66 -39.26
CA TYR C 113 48.66 46.32 -40.45
C TYR C 113 49.57 47.50 -40.13
N GLN C 114 49.79 47.80 -38.85
CA GLN C 114 50.67 48.89 -38.47
C GLN C 114 52.10 48.61 -38.92
N VAL C 115 52.75 49.63 -39.46
CA VAL C 115 54.13 49.50 -39.90
C VAL C 115 55.03 49.44 -38.67
N VAL C 116 55.95 48.48 -38.67
CA VAL C 116 56.72 48.16 -37.47
C VAL C 116 57.46 49.40 -36.95
N GLN C 117 58.09 50.15 -37.84
CA GLN C 117 58.88 51.30 -37.42
C GLN C 117 58.05 52.41 -36.77
N THR C 118 56.73 52.37 -36.91
CA THR C 118 55.87 53.35 -36.28
C THR C 118 55.40 52.93 -34.89
N LEU C 119 55.77 51.73 -34.45
CA LEU C 119 55.40 51.27 -33.13
C LEU C 119 55.97 52.19 -32.06
N ASP C 120 55.11 52.61 -31.12
CA ASP C 120 55.52 53.48 -30.04
C ASP C 120 56.63 52.86 -29.19
N CYS C 121 56.62 51.53 -29.07
CA CYS C 121 57.65 50.83 -28.29
C CYS C 121 59.05 51.10 -28.84
N LEU C 122 59.20 51.13 -30.16
CA LEU C 122 60.53 51.34 -30.73
C LEU C 122 61.06 52.73 -30.42
N ARG C 123 60.21 53.75 -30.55
CA ARG C 123 60.60 55.11 -30.17
C ARG C 123 60.97 55.18 -28.70
N TYR C 124 60.16 54.54 -27.84
CA TYR C 124 60.43 54.55 -26.40
C TYR C 124 61.77 53.89 -26.09
N TRP C 125 62.06 52.76 -26.72
CA TRP C 125 63.34 52.08 -26.48
C TRP C 125 64.51 52.88 -27.02
N LYS C 126 64.33 53.54 -28.17
CA LYS C 126 65.38 54.38 -28.72
C LYS C 126 65.70 55.52 -27.75
N VAL C 127 64.68 56.08 -27.11
CA VAL C 127 64.96 57.12 -26.12
C VAL C 127 65.70 56.54 -24.92
N LEU C 128 65.44 55.29 -24.56
CA LEU C 128 66.10 54.64 -23.44
C LEU C 128 67.43 54.00 -23.81
N HIS C 129 67.88 54.14 -25.06
CA HIS C 129 69.10 53.48 -25.55
C HIS C 129 69.07 51.98 -25.32
N ARG C 130 67.87 51.38 -25.38
CA ARG C 130 67.70 49.95 -25.16
C ARG C 130 67.63 49.24 -26.50
N SER C 131 68.61 48.38 -26.78
CA SER C 131 68.63 47.54 -27.98
C SER C 131 69.32 46.21 -27.69
N PRO C 132 68.66 45.07 -27.94
CA PRO C 132 67.29 44.94 -28.47
C PRO C 132 66.18 45.23 -27.45
N GLY C 133 65.02 45.69 -27.95
CA GLY C 133 63.82 45.74 -27.14
C GLY C 133 63.14 44.37 -27.04
N GLN C 134 62.19 44.28 -26.11
CA GLN C 134 61.52 43.03 -25.80
C GLN C 134 60.03 43.13 -26.09
N ILE C 135 59.51 42.17 -26.86
CA ILE C 135 58.07 42.00 -27.10
C ILE C 135 57.67 40.62 -26.58
N HIS C 136 56.60 40.58 -25.81
CA HIS C 136 56.09 39.33 -25.25
C HIS C 136 54.93 38.80 -26.08
N VAL C 137 55.02 37.52 -26.44
CA VAL C 137 53.94 36.83 -27.15
C VAL C 137 53.12 36.10 -26.11
N VAL C 138 51.90 36.57 -25.86
CA VAL C 138 51.06 36.07 -24.78
C VAL C 138 49.80 35.45 -25.36
N GLN C 139 49.41 34.28 -24.86
CA GLN C 139 48.21 33.63 -25.37
C GLN C 139 46.96 34.44 -25.07
N ARG C 140 46.11 34.61 -26.09
CA ARG C 140 44.81 35.23 -25.91
C ARG C 140 43.87 34.30 -25.17
N HIS C 141 43.28 34.79 -24.08
CA HIS C 141 42.32 34.03 -23.30
C HIS C 141 40.89 34.45 -23.64
N ALA C 142 39.97 33.50 -23.50
CA ALA C 142 38.55 33.79 -23.66
C ALA C 142 38.05 34.69 -22.53
N PRO C 143 37.06 35.53 -22.79
CA PRO C 143 36.50 36.38 -21.73
C PRO C 143 35.84 35.56 -20.63
N SER C 144 35.99 36.05 -19.39
CA SER C 144 35.35 35.42 -18.24
C SER C 144 33.84 35.62 -18.28
N GLU C 145 33.13 34.77 -17.53
CA GLU C 145 31.69 34.92 -17.41
C GLU C 145 31.30 36.23 -16.75
N GLU C 146 32.11 36.71 -15.81
CA GLU C 146 31.84 38.01 -15.19
C GLU C 146 31.93 39.12 -16.22
N THR C 147 32.93 39.06 -17.12
CA THR C 147 33.06 40.06 -18.16
C THR C 147 31.87 40.01 -19.12
N LEU C 148 31.38 38.80 -19.44
CA LEU C 148 30.22 38.69 -20.31
C LEU C 148 28.96 39.24 -19.65
N ALA C 149 28.78 38.98 -18.36
CA ALA C 149 27.63 39.53 -17.64
C ALA C 149 27.70 41.05 -17.59
N PHE C 150 28.90 41.59 -17.33
CA PHE C 150 29.08 43.03 -17.33
C PHE C 150 28.80 43.63 -18.70
N GLN C 151 29.24 42.94 -19.76
CA GLN C 151 28.93 43.37 -21.13
C GLN C 151 27.43 43.37 -21.39
N ARG C 152 26.72 42.35 -20.91
CA ARG C 152 25.27 42.33 -21.06
C ARG C 152 24.63 43.50 -20.32
N GLN C 153 25.12 43.82 -19.12
CA GLN C 153 24.64 44.98 -18.39
C GLN C 153 24.87 46.26 -19.19
N LEU C 154 26.08 46.40 -19.75
CA LEU C 154 26.40 47.56 -20.57
C LEU C 154 25.50 47.65 -21.79
N ASN C 155 25.28 46.53 -22.48
CA ASN C 155 24.42 46.52 -23.65
C ASN C 155 23.00 46.93 -23.29
N ALA C 156 22.50 46.48 -22.13
CA ALA C 156 21.18 46.90 -21.69
C ALA C 156 21.14 48.40 -21.42
N LEU C 157 22.18 48.93 -20.77
CA LEU C 157 22.23 50.36 -20.50
C LEU C 157 22.31 51.17 -21.79
N ILE C 158 23.10 50.70 -22.76
CA ILE C 158 23.28 51.39 -24.02
C ILE C 158 22.02 51.28 -24.88
N GLY C 159 21.30 50.16 -24.77
CA GLY C 159 20.24 49.87 -25.72
C GLY C 159 20.76 49.44 -27.06
N TYR C 160 22.02 49.03 -27.13
CA TYR C 160 22.63 48.55 -28.36
C TYR C 160 23.75 47.59 -27.99
N ASP C 161 23.89 46.51 -28.76
CA ASP C 161 24.96 45.54 -28.57
C ASP C 161 26.14 45.95 -29.44
N VAL C 162 27.16 46.54 -28.81
CA VAL C 162 28.37 46.94 -29.53
C VAL C 162 29.25 45.77 -29.94
N THR C 163 28.96 44.57 -29.47
CA THR C 163 29.74 43.39 -29.86
C THR C 163 29.16 42.68 -31.07
N ASP C 164 28.02 43.14 -31.58
CA ASP C 164 27.39 42.55 -32.76
C ASP C 164 28.19 42.91 -34.01
N VAL C 165 28.94 41.95 -34.55
CA VAL C 165 29.74 42.16 -35.75
C VAL C 165 28.98 41.80 -37.03
N SER C 166 27.70 41.46 -36.90
CA SER C 166 26.92 41.00 -38.05
C SER C 166 26.77 42.06 -39.14
N ASN C 167 26.87 43.35 -38.79
CA ASN C 167 26.51 44.43 -39.68
C ASN C 167 27.68 45.37 -39.97
N VAL C 168 28.91 44.85 -39.97
CA VAL C 168 30.08 45.67 -40.25
C VAL C 168 30.84 45.06 -41.42
N HIS C 169 31.39 45.92 -42.26
CA HIS C 169 32.25 45.50 -43.36
C HIS C 169 33.72 45.49 -42.95
N ASP C 170 34.05 46.00 -41.77
CA ASP C 170 35.41 46.08 -41.28
C ASP C 170 35.36 45.96 -39.76
N ASP C 171 36.49 46.20 -39.10
CA ASP C 171 36.60 46.13 -37.66
C ASP C 171 36.80 47.51 -37.01
N GLU C 172 36.31 48.57 -37.64
CA GLU C 172 36.46 49.91 -37.08
C GLU C 172 35.86 50.00 -35.68
N LEU C 173 34.71 49.35 -35.47
CA LEU C 173 34.04 49.41 -34.16
C LEU C 173 34.92 48.83 -33.06
N GLU C 174 35.39 47.58 -33.26
CA GLU C 174 36.26 46.95 -32.29
C GLU C 174 37.57 47.72 -32.12
N PHE C 175 38.12 48.19 -33.24
CA PHE C 175 39.34 49.00 -33.22
C PHE C 175 39.17 50.22 -32.33
N THR C 176 38.02 50.90 -32.43
CA THR C 176 37.74 52.06 -31.60
C THR C 176 37.56 51.66 -30.14
N ARG C 177 36.86 50.55 -29.89
CA ARG C 177 36.74 50.04 -28.52
C ARG C 177 38.11 49.87 -27.88
N ARG C 178 39.06 49.29 -28.63
CA ARG C 178 40.39 49.07 -28.07
C ARG C 178 41.16 50.38 -27.91
N ARG C 179 41.03 51.29 -28.88
CA ARG C 179 41.77 52.54 -28.79
C ARG C 179 41.27 53.43 -27.66
N LEU C 180 39.98 53.34 -27.33
CA LEU C 180 39.45 54.17 -26.25
C LEU C 180 39.82 53.66 -24.87
N VAL C 181 40.48 52.50 -24.77
CA VAL C 181 40.91 52.00 -23.47
C VAL C 181 41.92 52.94 -22.83
N THR C 182 42.95 53.32 -23.59
CA THR C 182 44.04 54.10 -23.02
C THR C 182 43.63 55.48 -22.52
N PRO C 183 42.94 56.31 -23.30
CA PRO C 183 42.51 57.61 -22.73
C PRO C 183 41.55 57.45 -21.57
N ARG C 184 40.63 56.48 -21.63
CA ARG C 184 39.73 56.20 -20.52
C ARG C 184 40.50 55.85 -19.26
N MET C 185 41.45 54.92 -19.37
CA MET C 185 42.22 54.52 -18.20
C MET C 185 43.13 55.64 -17.71
N ALA C 186 43.62 56.48 -18.61
CA ALA C 186 44.41 57.64 -18.20
C ALA C 186 43.57 58.61 -17.38
N GLU C 187 42.33 58.84 -17.79
CA GLU C 187 41.45 59.74 -17.03
C GLU C 187 41.04 59.12 -15.70
N VAL C 188 40.72 57.83 -15.69
CA VAL C 188 40.34 57.17 -14.44
C VAL C 188 41.50 57.16 -13.46
N ALA C 189 42.73 56.96 -13.97
CA ALA C 189 43.89 56.91 -13.09
C ALA C 189 44.22 58.28 -12.50
N GLY C 190 43.94 59.36 -13.23
CA GLY C 190 44.15 60.69 -12.72
C GLY C 190 43.01 61.23 -11.87
N ARG C 191 41.95 60.46 -11.72
CA ARG C 191 40.74 60.89 -11.03
C ARG C 191 40.87 60.63 -9.52
N ASP C 192 40.62 61.67 -8.73
CA ASP C 192 40.41 61.53 -7.30
C ASP C 192 38.98 61.04 -7.07
N PRO C 193 38.80 59.81 -6.56
CA PRO C 193 37.43 59.30 -6.36
C PRO C 193 36.63 60.12 -5.36
N LYS C 194 37.28 60.68 -4.33
CA LYS C 194 36.55 61.47 -3.35
C LYS C 194 36.04 62.78 -3.96
N LEU C 195 36.88 63.45 -4.75
CA LEU C 195 36.45 64.68 -5.42
C LEU C 195 35.43 64.39 -6.51
N TYR C 196 35.61 63.28 -7.23
CA TYR C 196 34.65 62.89 -8.26
C TYR C 196 33.29 62.57 -7.64
N ALA C 197 33.28 61.94 -6.47
CA ALA C 197 32.02 61.65 -5.78
C ALA C 197 31.28 62.93 -5.41
N MET C 198 32.01 64.02 -5.16
CA MET C 198 31.43 65.24 -4.61
C MET C 198 31.66 66.45 -5.51
N HIS C 199 31.75 66.21 -6.81
CA HIS C 199 32.13 67.27 -7.74
C HIS C 199 31.15 68.44 -7.66
N PRO C 200 31.61 69.64 -7.35
CA PRO C 200 30.70 70.78 -7.16
C PRO C 200 30.20 71.35 -8.48
N TRP C 201 29.05 72.02 -8.39
CA TRP C 201 28.48 72.77 -9.51
C TRP C 201 28.77 74.25 -9.27
N VAL C 202 29.76 74.78 -9.98
CA VAL C 202 30.27 76.13 -9.76
C VAL C 202 30.48 76.84 -11.08
N THR C 203 30.62 78.16 -11.01
CA THR C 203 31.01 78.98 -12.15
C THR C 203 32.02 80.02 -11.70
N SER C 204 32.97 80.33 -12.58
CA SER C 204 33.95 81.37 -12.29
C SER C 204 33.47 82.76 -12.68
N LYS C 205 32.38 82.86 -13.42
CA LYS C 205 31.89 84.16 -13.88
C LYS C 205 31.62 85.07 -12.68
N PRO C 206 31.97 86.35 -12.78
CA PRO C 206 31.73 87.27 -11.66
C PRO C 206 30.24 87.41 -11.35
N LEU C 207 29.95 87.73 -10.10
CA LEU C 207 28.57 88.01 -9.70
C LEU C 207 28.09 89.29 -10.38
N PRO C 208 26.92 89.25 -11.02
CA PRO C 208 26.35 90.49 -11.57
C PRO C 208 26.03 91.50 -10.47
N GLU C 209 26.02 92.77 -10.86
CA GLU C 209 25.85 93.85 -9.91
C GLU C 209 24.56 93.72 -9.10
N TYR C 210 23.48 93.25 -9.75
CA TYR C 210 22.21 93.17 -9.06
C TYR C 210 22.23 92.13 -7.94
N LEU C 211 23.04 91.08 -8.10
CA LEU C 211 23.21 90.13 -7.00
C LEU C 211 24.12 90.68 -5.92
N LEU C 212 25.17 91.41 -6.32
CA LEU C 212 26.05 92.04 -5.33
C LEU C 212 25.30 92.99 -4.41
N LYS C 213 24.31 93.70 -4.96
CA LYS C 213 23.50 94.59 -4.13
C LYS C 213 22.71 93.84 -3.06
N LYS C 214 22.48 92.54 -3.24
CA LYS C 214 21.75 91.77 -2.24
C LYS C 214 22.64 91.28 -1.11
N ILE C 215 23.96 91.35 -1.28
CA ILE C 215 24.91 90.91 -0.26
C ILE C 215 25.33 92.13 0.56
N THR C 216 25.01 92.09 1.86
CA THR C 216 25.34 93.19 2.75
C THR C 216 26.71 92.97 3.37
N ASN C 217 27.58 93.96 3.23
CA ASN C 217 28.94 93.93 3.81
C ASN C 217 29.68 92.66 3.41
N ASN C 218 29.47 92.20 2.17
CA ASN C 218 30.12 91.01 1.63
C ASN C 218 29.87 89.76 2.49
N CYS C 219 28.75 89.72 3.21
CA CYS C 219 28.43 88.62 4.10
C CYS C 219 27.11 87.97 3.72
N VAL C 220 27.04 86.64 3.87
CA VAL C 220 25.80 85.89 3.70
C VAL C 220 25.54 85.04 4.93
N PHE C 221 24.27 84.71 5.14
CA PHE C 221 23.86 83.82 6.20
C PHE C 221 23.61 82.42 5.65
N ILE C 222 24.16 81.41 6.33
CA ILE C 222 23.99 80.02 5.96
C ILE C 222 23.41 79.25 7.15
N VAL C 223 22.35 78.48 6.91
CA VAL C 223 21.76 77.61 7.91
C VAL C 223 22.29 76.21 7.68
N ILE C 224 23.08 75.71 8.62
CA ILE C 224 23.65 74.37 8.53
C ILE C 224 22.81 73.43 9.38
N HIS C 225 22.29 72.39 8.75
CA HIS C 225 21.45 71.40 9.41
C HIS C 225 22.20 70.11 9.67
N ARG C 226 21.85 69.45 10.76
CA ARG C 226 22.33 68.11 11.05
C ARG C 226 21.30 67.43 11.94
N SER C 227 20.87 66.23 11.52
CA SER C 227 19.76 65.53 12.16
C SER C 227 18.54 66.43 12.27
N THR C 228 18.10 66.71 13.49
CA THR C 228 16.95 67.56 13.72
C THR C 228 17.34 68.98 14.13
N THR C 229 18.62 69.29 14.21
CA THR C 229 19.09 70.58 14.69
C THR C 229 19.64 71.40 13.55
N SER C 230 19.61 72.72 13.71
CA SER C 230 20.17 73.63 12.71
C SER C 230 20.79 74.83 13.43
N GLN C 231 21.76 75.45 12.76
CA GLN C 231 22.44 76.62 13.29
C GLN C 231 22.72 77.59 12.16
N THR C 232 22.29 78.84 12.33
CA THR C 232 22.61 79.90 11.38
C THR C 232 23.97 80.52 11.70
N ILE C 233 24.81 80.67 10.68
CA ILE C 233 26.10 81.35 10.81
C ILE C 233 26.21 82.44 9.75
N LYS C 234 27.00 83.47 10.06
CA LYS C 234 27.31 84.55 9.13
C LYS C 234 28.72 84.35 8.59
N VAL C 235 28.86 84.31 7.28
CA VAL C 235 30.16 84.06 6.65
C VAL C 235 30.42 85.09 5.57
N SER C 236 31.69 85.22 5.21
CA SER C 236 32.08 86.02 4.05
C SER C 236 31.68 85.31 2.77
N ALA C 237 31.23 86.10 1.78
CA ALA C 237 30.94 85.54 0.47
C ALA C 237 32.19 84.99 -0.21
N ASP C 238 33.37 85.34 0.27
CA ASP C 238 34.62 84.82 -0.27
C ASP C 238 35.15 83.63 0.50
N ASP C 239 34.49 83.22 1.58
CA ASP C 239 34.93 82.05 2.34
C ASP C 239 34.78 80.79 1.50
N THR C 240 35.76 79.90 1.63
CA THR C 240 35.67 78.59 1.04
C THR C 240 34.92 77.65 1.97
N PRO C 241 34.35 76.57 1.43
CA PRO C 241 33.69 75.59 2.32
C PRO C 241 34.55 75.12 3.48
N GLY C 242 35.87 74.98 3.28
CA GLY C 242 36.74 74.60 4.38
C GLY C 242 36.80 75.64 5.48
N THR C 243 36.94 76.91 5.09
CA THR C 243 36.95 77.98 6.08
C THR C 243 35.61 78.05 6.80
N ILE C 244 34.52 77.84 6.08
CA ILE C 244 33.20 77.83 6.68
C ILE C 244 33.09 76.72 7.72
N LEU C 245 33.54 75.51 7.35
CA LEU C 245 33.50 74.39 8.28
C LEU C 245 34.35 74.66 9.52
N GLN C 246 35.54 75.24 9.33
CA GLN C 246 36.41 75.55 10.46
C GLN C 246 35.75 76.55 11.40
N SER C 247 35.19 77.63 10.85
CA SER C 247 34.50 78.61 11.69
C SER C 247 33.31 77.99 12.40
N PHE C 248 32.55 77.15 11.69
CA PHE C 248 31.39 76.47 12.28
C PHE C 248 31.80 75.61 13.47
N PHE C 249 32.81 74.74 13.28
CA PHE C 249 33.25 73.89 14.36
C PHE C 249 33.87 74.67 15.50
N THR C 250 34.54 75.79 15.21
CA THR C 250 35.02 76.67 16.27
C THR C 250 33.86 77.22 17.08
N LYS C 251 32.80 77.66 16.40
CA LYS C 251 31.65 78.23 17.09
C LYS C 251 30.87 77.17 17.87
N MET C 252 30.83 75.93 17.38
CA MET C 252 30.04 74.87 17.98
C MET C 252 30.86 73.96 18.89
N ALA C 253 32.10 74.34 19.22
CA ALA C 253 32.99 73.46 19.99
C ALA C 253 32.34 72.99 21.27
N LYS C 254 31.61 73.87 21.94
CA LYS C 254 30.93 73.51 23.17
C LYS C 254 29.53 72.96 22.95
N LYS C 255 29.09 72.80 21.70
CA LYS C 255 27.73 72.34 21.43
C LYS C 255 27.74 71.13 20.50
N LYS C 256 28.86 70.44 20.36
CA LYS C 256 28.92 69.28 19.46
C LYS C 256 27.84 68.28 19.80
N SER C 257 27.70 67.96 21.09
CA SER C 257 26.71 66.97 21.51
C SER C 257 25.30 67.36 21.11
N LEU C 258 25.03 68.66 20.98
CA LEU C 258 23.70 69.11 20.60
C LEU C 258 23.36 68.77 19.15
N MET C 259 24.36 68.71 18.27
CA MET C 259 24.12 68.40 16.86
C MET C 259 24.52 66.97 16.50
N ASP C 260 24.60 66.07 17.48
CA ASP C 260 24.97 64.67 17.26
C ASP C 260 26.31 64.55 16.53
N ILE C 261 27.28 65.36 16.94
CA ILE C 261 28.64 65.28 16.42
C ILE C 261 29.51 64.59 17.47
N PRO C 262 30.02 63.39 17.21
CA PRO C 262 30.92 62.75 18.18
C PRO C 262 32.13 63.62 18.49
N GLU C 263 32.55 63.61 19.76
CA GLU C 263 33.73 64.36 20.14
C GLU C 263 34.96 63.91 19.37
N SER C 264 35.00 62.65 18.96
CA SER C 264 36.14 62.15 18.20
C SER C 264 36.22 62.73 16.80
N GLN C 265 35.14 63.30 16.28
CA GLN C 265 35.11 63.81 14.92
C GLN C 265 35.32 65.32 14.88
N ASN C 266 35.92 65.79 13.79
CA ASN C 266 36.27 67.20 13.59
C ASN C 266 35.75 67.65 12.22
N GLU C 267 36.07 68.89 11.88
CA GLU C 267 35.60 69.49 10.63
C GLU C 267 36.07 68.72 9.40
N ASP C 269 35.99 65.48 8.74
CA ASP C 269 35.18 64.26 8.65
C ASP C 269 33.85 64.54 7.97
N PHE C 270 33.59 65.81 7.71
CA PHE C 270 32.29 66.22 7.20
C PHE C 270 32.44 67.06 5.93
N VAL C 271 31.35 67.13 5.18
CA VAL C 271 31.23 67.98 4.00
C VAL C 271 29.91 68.71 4.07
N LEU C 272 29.82 69.82 3.33
CA LEU C 272 28.59 70.57 3.19
C LEU C 272 27.85 70.11 1.93
N ARG C 273 26.57 69.76 2.09
CA ARG C 273 25.73 69.37 0.97
C ARG C 273 24.47 70.22 0.96
N VAL C 274 23.90 70.41 -0.22
CA VAL C 274 22.66 71.17 -0.32
C VAL C 274 21.51 70.33 0.27
N CYS C 275 20.69 70.98 1.09
CA CYS C 275 19.53 70.31 1.66
C CYS C 275 18.59 69.83 0.56
N GLY C 276 18.25 68.54 0.61
CA GLY C 276 17.35 67.94 -0.35
C GLY C 276 17.91 67.70 -1.74
N ARG C 277 19.19 67.96 -1.97
CA ARG C 277 19.80 67.77 -3.27
C ARG C 277 21.16 67.10 -3.10
N ASP C 278 21.53 66.27 -4.08
CA ASP C 278 22.85 65.66 -4.13
C ASP C 278 23.84 66.59 -4.83
N GLU C 279 24.12 67.71 -4.17
CA GLU C 279 25.06 68.72 -4.68
C GLU C 279 25.94 69.16 -3.53
N TYR C 280 27.25 69.05 -3.74
CA TYR C 280 28.22 69.22 -2.66
C TYR C 280 28.95 70.55 -2.81
N LEU C 281 29.30 71.13 -1.66
CA LEU C 281 30.06 72.37 -1.59
C LEU C 281 31.43 72.01 -1.03
N VAL C 282 32.40 71.81 -1.94
CA VAL C 282 33.74 71.37 -1.57
C VAL C 282 34.76 72.15 -2.40
N GLY C 283 36.01 72.08 -1.97
CA GLY C 283 37.09 72.73 -2.67
C GLY C 283 37.40 74.13 -2.17
N GLU C 284 38.29 74.79 -2.92
CA GLU C 284 38.77 76.12 -2.57
C GLU C 284 38.00 77.21 -3.30
N THR C 285 36.84 76.89 -3.86
CA THR C 285 36.05 77.87 -4.57
C THR C 285 35.27 78.72 -3.57
N PRO C 286 35.27 80.05 -3.72
CA PRO C 286 34.45 80.89 -2.85
C PRO C 286 32.99 80.48 -2.90
N ILE C 287 32.33 80.59 -1.75
CA ILE C 287 30.94 80.16 -1.62
C ILE C 287 30.05 80.87 -2.65
N LYS C 288 30.38 82.10 -3.00
CA LYS C 288 29.58 82.87 -3.95
C LYS C 288 29.58 82.29 -5.35
N ASN C 289 30.53 81.41 -5.68
CA ASN C 289 30.64 80.88 -7.04
C ASN C 289 29.89 79.57 -7.24
N PHE C 290 29.27 79.02 -6.19
CA PHE C 290 28.43 77.85 -6.33
C PHE C 290 27.08 78.23 -6.91
N GLN C 291 26.60 77.46 -7.88
CA GLN C 291 25.38 77.82 -8.58
C GLN C 291 24.16 77.85 -7.65
N TRP C 292 24.08 76.92 -6.70
CA TRP C 292 22.98 76.92 -5.74
C TRP C 292 22.93 78.21 -4.93
N VAL C 293 24.10 78.69 -4.49
CA VAL C 293 24.14 79.93 -3.73
C VAL C 293 23.66 81.10 -4.57
N ARG C 294 24.07 81.13 -5.84
CA ARG C 294 23.60 82.18 -6.75
C ARG C 294 22.09 82.10 -6.93
N GLN C 295 21.54 80.89 -7.01
CA GLN C 295 20.10 80.74 -7.14
C GLN C 295 19.37 81.28 -5.91
N CYS C 296 19.85 80.91 -4.72
CA CYS C 296 19.24 81.42 -3.48
C CYS C 296 19.31 82.94 -3.41
N LEU C 297 20.45 83.52 -3.77
CA LEU C 297 20.56 84.98 -3.78
C LEU C 297 19.61 85.59 -4.81
N LYS C 298 19.50 84.97 -5.98
CA LYS C 298 18.62 85.45 -7.04
C LYS C 298 17.16 85.46 -6.58
N ASN C 299 16.73 84.41 -5.89
CA ASN C 299 15.36 84.29 -5.44
C ASN C 299 15.10 84.97 -4.10
N GLY C 300 16.15 85.34 -3.38
CA GLY C 300 15.98 85.86 -2.02
C GLY C 300 15.69 84.80 -0.98
N GLU C 301 16.15 83.58 -1.20
CA GLU C 301 15.94 82.47 -0.28
C GLU C 301 17.12 82.32 0.68
N GLU C 302 16.85 81.73 1.84
CA GLU C 302 17.92 81.35 2.76
C GLU C 302 18.72 80.18 2.20
N ILE C 303 20.01 80.19 2.49
CA ILE C 303 20.94 79.16 2.05
C ILE C 303 20.95 78.05 3.10
N HIS C 304 20.30 76.94 2.79
CA HIS C 304 20.23 75.80 3.70
C HIS C 304 21.20 74.71 3.26
N LEU C 305 22.07 74.30 4.17
CA LEU C 305 23.01 73.21 3.93
C LEU C 305 22.90 72.17 5.04
N VAL C 306 23.26 70.94 4.69
CA VAL C 306 23.37 69.84 5.63
C VAL C 306 24.85 69.49 5.83
N LEU C 307 25.20 69.20 7.09
CA LEU C 307 26.53 68.71 7.45
C LEU C 307 26.52 67.19 7.33
N ASP C 308 27.02 66.68 6.20
CA ASP C 308 26.94 65.26 5.89
C ASP C 308 28.31 64.61 5.99
N THR C 309 28.31 63.28 6.00
CA THR C 309 29.54 62.53 5.79
C THR C 309 29.83 62.40 4.29
N PRO C 310 31.09 62.45 3.87
CA PRO C 310 31.40 62.31 2.46
C PRO C 310 31.01 60.93 1.96
N PRO C 311 30.59 60.83 0.70
CA PRO C 311 30.26 59.51 0.13
C PRO C 311 31.46 58.58 0.13
N ASP C 312 31.16 57.29 0.14
CA ASP C 312 32.17 56.24 0.06
C ASP C 312 32.87 56.31 -1.28
N PRO C 313 34.16 56.64 -1.32
CA PRO C 313 34.86 56.69 -2.60
C PRO C 313 34.95 55.34 -3.29
N ALA C 314 34.84 54.24 -2.55
CA ALA C 314 34.96 52.91 -3.15
C ALA C 314 33.88 52.65 -4.19
N LEU C 315 32.73 53.32 -4.07
CA LEU C 315 31.67 53.16 -5.04
C LEU C 315 32.05 53.75 -6.40
N ASP C 316 33.00 54.67 -6.44
CA ASP C 316 33.46 55.25 -7.70
C ASP C 316 34.74 54.61 -8.21
N GLU C 317 35.26 53.60 -7.51
CA GLU C 317 36.37 52.82 -8.05
C GLU C 317 35.90 52.02 -9.27
N VAL C 318 36.73 51.99 -10.29
CA VAL C 318 36.42 51.33 -11.55
C VAL C 318 37.00 49.91 -11.54
N ARG C 319 36.23 48.97 -12.07
CA ARG C 319 36.70 47.59 -12.21
C ARG C 319 38.01 47.54 -12.99
N LYS C 320 38.86 46.58 -12.62
CA LYS C 320 40.13 46.38 -13.30
C LYS C 320 39.91 46.11 -14.78
N GLU C 321 40.64 46.85 -15.62
CA GLU C 321 40.59 46.64 -17.06
C GLU C 321 41.27 45.33 -17.42
N GLU C 322 40.54 44.45 -18.11
CA GLU C 322 41.12 43.20 -18.57
C GLU C 322 41.92 43.39 -19.87
N TRP C 323 41.57 44.39 -20.64
CA TRP C 323 42.22 44.64 -21.93
C TRP C 323 43.58 45.29 -21.72
N PRO C 324 44.61 44.86 -22.42
CA PRO C 324 45.86 45.62 -22.46
C PRO C 324 45.63 47.01 -23.05
N LEU C 325 46.48 47.95 -22.63
CA LEU C 325 46.41 49.29 -23.18
C LEU C 325 46.85 49.31 -24.65
N VAL C 326 46.36 50.31 -25.37
CA VAL C 326 46.69 50.51 -26.78
C VAL C 326 47.23 51.93 -26.94
N ASP C 327 48.42 52.04 -27.53
CA ASP C 327 49.08 53.33 -27.64
C ASP C 327 48.47 54.19 -28.75
N ASP C 328 48.68 55.49 -28.64
CA ASP C 328 48.12 56.46 -29.59
C ASP C 328 48.70 56.35 -30.98
N CYS C 329 49.81 55.64 -31.15
CA CYS C 329 50.40 55.42 -32.47
C CYS C 329 49.79 54.22 -33.18
N THR C 330 48.86 53.53 -32.54
CA THR C 330 48.18 52.42 -33.19
C THR C 330 47.39 52.90 -34.41
N GLY C 331 47.56 52.20 -35.53
CA GLY C 331 46.95 52.59 -36.78
C GLY C 331 47.73 53.60 -37.59
N VAL C 332 48.90 54.02 -37.11
CA VAL C 332 49.71 55.00 -37.82
C VAL C 332 50.50 54.31 -38.92
N THR C 333 50.36 54.80 -40.15
CA THR C 333 51.06 54.22 -41.29
C THR C 333 52.49 54.72 -41.41
N GLY C 334 52.78 55.90 -40.87
CA GLY C 334 54.12 56.44 -40.89
C GLY C 334 54.23 57.58 -41.88
N TYR C 335 55.46 58.03 -42.09
CA TYR C 335 55.72 59.11 -43.01
C TYR C 335 55.91 58.59 -44.43
N HIS C 336 55.89 59.53 -45.39
CA HIS C 336 56.09 59.22 -46.80
C HIS C 336 57.44 58.54 -47.02
N GLU C 337 58.50 59.04 -46.38
CA GLU C 337 59.84 58.51 -46.60
C GLU C 337 59.93 57.03 -46.28
N GLN C 338 59.12 56.55 -45.34
CA GLN C 338 59.15 55.14 -44.95
C GLN C 338 58.25 54.27 -45.82
N LEU C 339 57.26 54.87 -46.47
CA LEU C 339 56.30 54.14 -47.28
C LEU C 339 56.58 54.27 -48.77
N THR C 340 57.39 55.25 -49.18
CA THR C 340 57.61 55.49 -50.60
C THR C 340 58.35 54.32 -51.23
N ILE C 341 57.99 54.00 -52.48
CA ILE C 341 58.68 52.95 -53.20
C ILE C 341 59.93 53.46 -53.93
N HIS C 342 60.06 54.77 -54.08
CA HIS C 342 61.18 55.36 -54.81
C HIS C 342 62.49 55.13 -54.08
N GLY C 343 63.46 54.53 -54.78
CA GLY C 343 64.78 54.27 -54.22
C GLY C 343 64.89 53.03 -53.36
N LYS C 344 63.81 52.26 -53.21
CA LYS C 344 63.82 51.07 -52.37
C LYS C 344 63.84 49.81 -53.22
N ASP C 345 64.42 48.76 -52.67
CA ASP C 345 64.39 47.44 -53.31
C ASP C 345 63.03 46.80 -53.08
N HIS C 346 62.55 46.08 -54.09
CA HIS C 346 61.25 45.40 -53.98
C HIS C 346 61.16 44.54 -52.73
N GLU C 347 62.29 43.97 -52.29
CA GLU C 347 62.30 43.14 -51.08
C GLU C 347 61.96 43.95 -49.84
N SER C 348 62.11 45.27 -49.88
CA SER C 348 61.82 46.16 -48.77
C SER C 348 60.50 46.89 -48.91
N VAL C 349 59.65 46.50 -49.86
CA VAL C 349 58.34 47.10 -50.02
C VAL C 349 57.29 46.17 -49.43
N PHE C 350 56.61 46.64 -48.37
CA PHE C 350 55.48 45.94 -47.77
C PHE C 350 54.21 46.78 -47.78
N THR C 351 54.34 48.10 -47.82
CA THR C 351 53.22 49.01 -47.98
C THR C 351 53.66 50.12 -48.92
N VAL C 352 52.73 50.59 -49.74
CA VAL C 352 53.01 51.62 -50.73
C VAL C 352 52.32 52.92 -50.31
N SER C 353 53.04 54.03 -50.43
CA SER C 353 52.50 55.34 -50.08
C SER C 353 51.40 55.75 -51.04
N LEU C 354 50.29 56.25 -50.50
CA LEU C 354 49.21 56.77 -51.33
C LEU C 354 49.69 57.92 -52.22
N TRP C 355 50.69 58.68 -51.75
CA TRP C 355 51.18 59.82 -52.52
C TRP C 355 52.03 59.40 -53.71
N ASP C 356 52.36 58.12 -53.83
CA ASP C 356 53.08 57.60 -54.98
C ASP C 356 52.14 57.09 -56.07
N CYS C 357 50.83 57.08 -55.82
CA CYS C 357 49.85 56.53 -56.73
C CYS C 357 49.35 57.65 -57.64
N ASP C 358 49.94 57.75 -58.82
CA ASP C 358 49.66 58.85 -59.75
C ASP C 358 48.57 58.50 -60.75
N ARG C 359 47.44 57.98 -60.29
CA ARG C 359 46.39 57.54 -61.21
C ARG C 359 45.02 58.00 -60.78
N LYS C 360 44.12 58.02 -61.76
CA LYS C 360 42.74 58.37 -61.51
C LYS C 360 42.04 57.23 -60.76
N PHE C 361 41.26 57.61 -59.76
CA PHE C 361 40.48 56.64 -59.00
C PHE C 361 39.33 56.12 -59.86
N ARG C 362 39.00 54.84 -59.68
CA ARG C 362 37.92 54.23 -60.45
C ARG C 362 37.23 53.20 -59.58
N VAL C 363 35.97 52.94 -59.90
CA VAL C 363 35.17 51.94 -59.20
C VAL C 363 34.33 51.21 -60.23
N LYS C 364 34.25 49.90 -60.11
CA LYS C 364 33.43 49.12 -61.01
C LYS C 364 32.07 48.96 -60.36
N ILE C 365 31.03 49.39 -61.07
CA ILE C 365 29.66 49.17 -60.68
C ILE C 365 29.26 47.84 -61.30
N ARG C 366 29.13 46.82 -60.45
CA ARG C 366 28.66 45.54 -60.94
C ARG C 366 27.17 45.61 -61.18
N GLY C 367 26.42 46.06 -60.20
CA GLY C 367 25.00 46.27 -60.39
C GLY C 367 24.27 46.35 -59.06
N ILE C 368 22.94 46.34 -59.17
CA ILE C 368 22.03 46.40 -58.03
C ILE C 368 21.01 45.27 -58.14
N ASP C 369 20.39 44.97 -57.00
CA ASP C 369 19.13 44.24 -56.99
C ASP C 369 18.31 44.64 -55.79
N ILE C 370 17.02 44.36 -55.86
CA ILE C 370 16.07 44.76 -54.83
C ILE C 370 15.05 43.63 -54.65
N PRO C 371 14.71 43.25 -53.41
CA PRO C 371 13.77 42.14 -53.24
C PRO C 371 12.37 42.49 -53.70
N VAL C 372 11.95 43.73 -53.50
CA VAL C 372 10.61 44.18 -53.86
C VAL C 372 10.78 45.37 -54.81
N LEU C 373 10.28 45.22 -56.04
CA LEU C 373 10.38 46.32 -57.00
C LEU C 373 9.38 47.42 -56.68
N PRO C 374 9.67 48.66 -57.08
CA PRO C 374 8.67 49.72 -56.99
C PRO C 374 7.53 49.47 -57.97
N ARG C 375 6.31 49.71 -57.50
CA ARG C 375 5.08 49.35 -58.21
C ARG C 375 4.98 49.88 -59.63
N THR C 376 5.88 50.78 -60.03
CA THR C 376 5.80 51.44 -61.33
C THR C 376 6.58 50.64 -62.34
N ALA C 377 5.87 50.12 -63.34
CA ALA C 377 6.37 49.05 -64.17
C ALA C 377 7.28 49.50 -65.31
N ASP C 378 7.44 50.81 -65.52
CA ASP C 378 8.16 51.32 -66.70
C ASP C 378 9.15 52.40 -66.27
N LEU C 379 10.10 51.97 -65.45
CA LEU C 379 11.12 52.85 -64.91
C LEU C 379 12.51 52.41 -65.34
N THR C 380 13.36 53.38 -65.67
CA THR C 380 14.77 53.17 -65.90
C THR C 380 15.53 53.60 -64.66
N VAL C 381 16.65 52.95 -64.40
CA VAL C 381 17.45 53.20 -63.21
C VAL C 381 18.90 53.43 -63.61
N PHE C 382 19.57 54.36 -62.93
CA PHE C 382 21.00 54.52 -63.12
C PHE C 382 21.67 54.86 -61.80
N VAL C 383 22.98 54.65 -61.77
CA VAL C 383 23.82 54.86 -60.59
C VAL C 383 24.68 56.10 -60.83
N GLU C 384 24.67 57.00 -59.86
CA GLU C 384 25.54 58.17 -59.81
C GLU C 384 26.56 57.98 -58.70
N ALA C 385 27.84 58.00 -59.05
CA ALA C 385 28.93 57.86 -58.10
C ALA C 385 29.62 59.20 -57.92
N ASN C 386 29.73 59.65 -56.67
CA ASN C 386 30.35 60.92 -56.31
C ASN C 386 31.48 60.67 -55.32
N ILE C 387 32.60 61.34 -55.51
CA ILE C 387 33.61 61.45 -54.45
C ILE C 387 33.29 62.72 -53.68
N GLN C 388 33.04 62.60 -52.38
CA GLN C 388 32.66 63.72 -51.55
C GLN C 388 33.65 63.89 -50.41
N TYR C 389 33.98 65.14 -50.10
CA TYR C 389 34.75 65.48 -48.92
C TYR C 389 33.95 66.50 -48.15
N GLY C 390 33.54 66.12 -46.94
CA GLY C 390 32.60 66.95 -46.19
C GLY C 390 31.35 67.12 -47.02
N GLN C 391 31.04 68.37 -47.34
CA GLN C 391 29.86 68.69 -48.12
C GLN C 391 30.19 68.97 -49.58
N GLN C 392 31.45 68.89 -49.98
CA GLN C 392 31.86 69.25 -51.33
C GLN C 392 31.95 68.00 -52.20
N VAL C 393 31.39 68.07 -53.39
CA VAL C 393 31.51 67.00 -54.38
C VAL C 393 32.71 67.30 -55.26
N LEU C 394 33.73 66.45 -55.18
CA LEU C 394 34.97 66.66 -55.92
C LEU C 394 34.85 66.22 -57.38
N CYS C 395 34.23 65.06 -57.63
CA CYS C 395 34.07 64.56 -58.99
C CYS C 395 32.85 63.65 -59.05
N GLN C 396 32.40 63.37 -60.27
CA GLN C 396 31.15 62.65 -60.48
C GLN C 396 31.21 61.83 -61.76
N ARG C 397 30.63 60.62 -61.70
CA ARG C 397 30.46 59.76 -62.86
C ARG C 397 29.12 59.05 -62.75
N ARG C 398 28.60 58.62 -63.91
CA ARG C 398 27.30 57.95 -63.95
C ARG C 398 27.35 56.78 -64.92
N THR C 399 26.50 55.79 -64.65
CA THR C 399 26.26 54.67 -65.55
C THR C 399 25.13 55.00 -66.52
N SER C 400 25.05 54.23 -67.60
CA SER C 400 23.96 54.37 -68.55
C SER C 400 22.64 53.85 -67.95
N PRO C 401 21.51 54.46 -68.30
CA PRO C 401 20.23 54.00 -67.76
C PRO C 401 19.84 52.63 -68.28
N LYS C 402 19.25 51.82 -67.41
CA LYS C 402 18.77 50.49 -67.75
C LYS C 402 17.40 50.27 -67.12
N PRO C 403 16.58 49.42 -67.71
CA PRO C 403 15.27 49.12 -67.12
C PRO C 403 15.37 48.67 -65.67
N PHE C 404 14.48 49.20 -64.83
CA PHE C 404 14.51 48.92 -63.40
C PHE C 404 13.83 47.58 -63.15
N THR C 405 14.64 46.54 -63.00
CA THR C 405 14.14 45.22 -62.67
C THR C 405 14.63 44.83 -61.28
N GLU C 406 14.22 43.63 -60.87
CA GLU C 406 14.66 43.10 -59.58
C GLU C 406 16.16 43.05 -59.47
N GLU C 407 16.85 42.90 -60.60
CA GLU C 407 18.30 42.94 -60.66
C GLU C 407 18.74 43.64 -61.94
N VAL C 408 19.65 44.61 -61.80
CA VAL C 408 20.17 45.38 -62.93
C VAL C 408 21.69 45.22 -62.95
N LEU C 409 22.22 44.77 -64.09
CA LEU C 409 23.62 44.45 -64.30
C LEU C 409 24.26 45.48 -65.21
N TRP C 410 25.26 46.21 -64.71
CA TRP C 410 26.08 47.09 -65.53
C TRP C 410 27.46 46.53 -65.81
N ASN C 411 28.19 46.14 -64.77
CA ASN C 411 29.54 45.61 -64.87
C ASN C 411 30.44 46.56 -65.66
N VAL C 412 30.51 47.81 -65.19
CA VAL C 412 31.25 48.84 -65.91
C VAL C 412 32.13 49.63 -64.95
N TRP C 413 33.31 50.03 -65.44
CA TRP C 413 34.22 50.86 -64.66
C TRP C 413 33.88 52.34 -64.86
N LEU C 414 33.76 53.05 -63.74
CA LEU C 414 33.63 54.50 -63.73
C LEU C 414 34.96 55.07 -63.23
N GLU C 415 35.64 55.81 -64.09
CA GLU C 415 36.91 56.44 -63.77
C GLU C 415 36.69 57.91 -63.47
N PHE C 416 37.19 58.36 -62.32
CA PHE C 416 36.99 59.72 -61.86
C PHE C 416 38.17 60.61 -62.25
N SER C 417 37.90 61.90 -62.39
CA SER C 417 38.95 62.88 -62.70
C SER C 417 39.74 63.32 -61.48
N ILE C 418 40.02 62.40 -60.56
CA ILE C 418 40.85 62.68 -59.40
C ILE C 418 41.88 61.57 -59.26
N LYS C 419 43.12 61.96 -59.00
CA LYS C 419 44.17 60.97 -58.78
C LYS C 419 44.12 60.41 -57.36
N ILE C 420 44.62 59.19 -57.20
CA ILE C 420 44.62 58.54 -55.90
C ILE C 420 45.47 59.34 -54.91
N LYS C 421 46.62 59.83 -55.37
CA LYS C 421 47.52 60.60 -54.51
C LYS C 421 46.86 61.87 -53.98
N ASP C 422 45.77 62.32 -54.60
CA ASP C 422 45.10 63.55 -54.21
C ASP C 422 43.83 63.28 -53.40
N LEU C 423 43.56 62.03 -53.05
CA LEU C 423 42.39 61.70 -52.24
C LEU C 423 42.59 62.18 -50.80
N PRO C 424 41.70 63.01 -50.26
CA PRO C 424 41.85 63.47 -48.88
C PRO C 424 41.45 62.40 -47.88
N LYS C 425 41.96 62.54 -46.65
CA LYS C 425 41.52 61.70 -45.54
C LYS C 425 40.07 62.00 -45.21
N GLY C 426 39.22 60.99 -45.29
CA GLY C 426 37.80 61.16 -45.04
C GLY C 426 36.97 61.18 -46.30
N ALA C 427 37.59 61.04 -47.47
CA ALA C 427 36.85 61.02 -48.72
C ALA C 427 35.86 59.86 -48.72
N LEU C 428 34.64 60.15 -49.19
CA LEU C 428 33.55 59.18 -49.23
C LEU C 428 33.13 58.94 -50.67
N LEU C 429 32.99 57.66 -51.03
CA LEU C 429 32.31 57.27 -52.26
C LEU C 429 30.82 57.22 -51.97
N ASN C 430 30.10 58.21 -52.48
CA ASN C 430 28.65 58.33 -52.32
C ASN C 430 27.98 57.77 -53.56
N LEU C 431 27.29 56.65 -53.40
CA LEU C 431 26.58 55.99 -54.50
C LEU C 431 25.10 56.30 -54.36
N GLN C 432 24.49 56.78 -55.43
CA GLN C 432 23.09 57.13 -55.45
C GLN C 432 22.39 56.41 -56.59
N ILE C 433 21.19 55.92 -56.32
CA ILE C 433 20.35 55.27 -57.31
C ILE C 433 19.21 56.21 -57.66
N TYR C 434 19.13 56.58 -58.93
CA TYR C 434 18.11 57.45 -59.52
C TYR C 434 17.21 56.66 -60.45
N CYS C 435 15.95 57.07 -60.48
CA CYS C 435 14.91 56.47 -61.30
C CYS C 435 14.23 57.51 -62.18
N GLY C 436 13.96 57.14 -63.44
CA GLY C 436 13.28 58.02 -64.36
C GLY C 436 12.29 57.25 -65.22
N LYS C 437 11.45 58.00 -65.91
CA LYS C 437 10.51 57.39 -66.85
C LYS C 437 11.25 56.88 -68.08
N ALA C 438 10.88 55.70 -68.54
CA ALA C 438 11.45 55.15 -69.75
C ALA C 438 11.10 56.04 -70.95
N PRO C 439 12.07 56.40 -71.79
CA PRO C 439 11.81 57.22 -72.99
C PRO C 439 10.78 56.58 -73.92
N LYS C 457 12.70 64.87 -64.69
CA LYS C 457 13.66 64.94 -63.59
C LYS C 457 13.80 63.59 -62.91
N ALA C 458 14.94 62.92 -63.15
CA ALA C 458 15.29 61.72 -62.43
C ALA C 458 15.12 61.90 -60.93
N GLN C 459 14.38 60.98 -60.31
CA GLN C 459 14.14 61.03 -58.87
C GLN C 459 15.17 60.18 -58.14
N LEU C 460 15.82 60.77 -57.14
CA LEU C 460 16.77 60.03 -56.33
C LEU C 460 16.03 59.08 -55.40
N LEU C 461 16.37 57.81 -55.46
CA LEU C 461 15.71 56.79 -54.68
C LEU C 461 16.57 56.21 -53.57
N TYR C 462 17.83 55.88 -53.84
CA TYR C 462 18.62 55.22 -52.80
C TYR C 462 20.01 55.85 -52.72
N TYR C 463 20.67 55.67 -51.58
CA TYR C 463 22.02 56.18 -51.41
C TYR C 463 22.77 55.35 -50.37
N VAL C 464 24.10 55.34 -50.50
CA VAL C 464 24.99 54.72 -49.53
C VAL C 464 26.37 55.35 -49.64
N ASN C 465 27.09 55.42 -48.53
CA ASN C 465 28.44 55.99 -48.51
C ASN C 465 29.46 54.93 -48.12
N LEU C 466 30.66 55.05 -48.70
CA LEU C 466 31.78 54.17 -48.43
C LEU C 466 33.03 55.01 -48.17
N LEU C 467 33.58 54.92 -46.98
CA LEU C 467 34.85 55.59 -46.74
C LEU C 467 35.97 54.95 -47.53
N LEU C 468 36.72 55.77 -48.26
CA LEU C 468 37.74 55.23 -49.17
C LEU C 468 39.02 54.88 -48.45
N ILE C 469 39.43 55.70 -47.49
CA ILE C 469 40.58 55.43 -46.64
C ILE C 469 40.06 55.05 -45.26
N ASP C 470 40.30 53.80 -44.85
CA ASP C 470 39.70 53.30 -43.62
C ASP C 470 40.39 53.90 -42.40
N HIS C 471 39.97 53.43 -41.21
CA HIS C 471 40.49 53.96 -39.95
C HIS C 471 41.96 53.66 -39.74
N ARG C 472 42.54 52.73 -40.50
CA ARG C 472 43.95 52.40 -40.42
C ARG C 472 44.79 53.16 -41.44
N PHE C 473 44.19 54.13 -42.12
CA PHE C 473 44.82 54.95 -43.14
C PHE C 473 45.16 54.16 -44.39
N LEU C 474 44.47 53.04 -44.60
CA LEU C 474 44.67 52.18 -45.76
C LEU C 474 43.57 52.44 -46.78
N LEU C 475 43.96 52.55 -48.04
CA LEU C 475 43.00 52.65 -49.13
C LEU C 475 42.22 51.35 -49.26
N ARG C 476 40.89 51.44 -49.31
CA ARG C 476 40.06 50.26 -49.43
C ARG C 476 40.19 49.64 -50.82
N HIS C 477 40.06 48.32 -50.88
CA HIS C 477 40.21 47.57 -52.13
C HIS C 477 39.31 46.35 -52.10
N GLY C 478 39.00 45.82 -53.28
CA GLY C 478 38.25 44.58 -53.38
C GLY C 478 36.76 44.79 -53.56
N GLU C 479 36.00 43.76 -53.24
CA GLU C 479 34.58 43.72 -53.53
C GLU C 479 33.76 44.19 -52.34
N TYR C 480 32.67 44.91 -52.62
CA TYR C 480 31.79 45.41 -51.58
C TYR C 480 30.34 45.23 -51.98
N VAL C 481 29.55 44.71 -51.05
CA VAL C 481 28.09 44.70 -51.16
C VAL C 481 27.54 45.65 -50.12
N LEU C 482 26.99 46.77 -50.56
CA LEU C 482 26.53 47.82 -49.68
C LEU C 482 25.01 47.87 -49.68
N HIS C 483 24.41 47.77 -48.51
CA HIS C 483 22.96 47.89 -48.37
C HIS C 483 22.59 49.37 -48.18
N MET C 484 21.70 49.86 -49.05
CA MET C 484 21.50 51.28 -49.24
C MET C 484 20.32 51.81 -48.44
N TRP C 485 20.39 53.09 -48.09
CA TRP C 485 19.30 53.77 -47.42
C TRP C 485 18.30 54.30 -48.44
N GLN C 486 17.03 54.16 -48.13
CA GLN C 486 15.95 54.69 -48.97
C GLN C 486 15.62 56.13 -48.57
N LEU C 487 15.39 56.98 -49.57
CA LEU C 487 14.98 58.36 -49.36
C LEU C 487 13.45 58.44 -49.40
N SER C 488 12.85 58.56 -48.22
CA SER C 488 11.40 58.73 -48.10
C SER C 488 10.96 60.06 -48.72
N LEU C 502 26.35 61.90 -44.21
CA LEU C 502 27.81 61.84 -44.11
C LEU C 502 28.28 60.57 -43.41
N THR C 503 27.33 59.71 -43.04
CA THR C 503 27.67 58.49 -42.35
C THR C 503 28.12 57.42 -43.35
N SER C 504 29.15 56.67 -42.96
CA SER C 504 29.66 55.57 -43.76
C SER C 504 28.99 54.26 -43.42
N ARG C 505 27.99 54.30 -42.54
CA ARG C 505 27.26 53.10 -42.16
C ARG C 505 26.22 52.71 -43.21
N THR C 506 26.01 51.41 -43.34
CA THR C 506 25.08 50.85 -44.31
C THR C 506 23.78 50.44 -43.63
N ASN C 507 22.75 50.27 -44.45
CA ASN C 507 21.44 49.89 -43.96
C ASN C 507 21.52 48.53 -43.25
N PRO C 508 21.12 48.42 -41.99
CA PRO C 508 21.22 47.13 -41.29
C PRO C 508 20.25 46.08 -41.81
N ASP C 509 19.16 46.49 -42.45
CA ASP C 509 18.17 45.55 -42.97
C ASP C 509 18.72 44.92 -44.26
N LYS C 510 19.56 43.91 -44.09
CA LYS C 510 20.20 43.27 -45.24
C LYS C 510 19.25 42.41 -46.04
N GLU C 511 18.09 42.07 -45.49
CA GLU C 511 17.14 41.17 -46.15
C GLU C 511 16.22 41.92 -47.11
N ASN C 512 15.93 43.20 -46.86
CA ASN C 512 14.91 43.93 -47.61
C ASN C 512 15.35 45.27 -48.20
N SER C 513 16.50 45.82 -47.80
CA SER C 513 16.95 47.12 -48.27
C SER C 513 17.65 47.00 -49.62
N MET C 514 17.57 48.06 -50.43
CA MET C 514 18.30 48.11 -51.69
C MET C 514 19.81 48.11 -51.47
N SER C 515 20.53 47.41 -52.34
CA SER C 515 21.96 47.23 -52.23
C SER C 515 22.65 47.28 -53.58
N ILE C 516 23.92 47.64 -53.55
CA ILE C 516 24.77 47.77 -54.73
C ILE C 516 26.06 46.99 -54.53
N SER C 517 26.49 46.30 -55.59
CA SER C 517 27.76 45.58 -55.58
C SER C 517 28.78 46.35 -56.40
N ILE C 518 29.93 46.61 -55.79
CA ILE C 518 30.99 47.38 -56.43
C ILE C 518 32.31 46.65 -56.25
N LEU C 519 33.28 47.03 -57.09
CA LEU C 519 34.62 46.48 -57.05
C LEU C 519 35.63 47.62 -57.09
N LEU C 520 36.54 47.63 -56.13
CA LEU C 520 37.70 48.51 -56.11
C LEU C 520 38.95 47.71 -56.46
N ASP C 521 39.92 48.40 -57.08
CA ASP C 521 41.12 47.75 -57.59
C ASP C 521 41.86 47.02 -56.47
N ASN C 522 42.43 45.87 -56.83
CA ASN C 522 43.27 45.11 -55.93
C ASN C 522 44.74 45.39 -56.25
N TYR C 523 45.55 45.50 -55.20
CA TYR C 523 46.97 45.77 -55.31
C TYR C 523 47.76 44.63 -54.69
N CYS C 524 49.02 44.52 -55.09
CA CYS C 524 49.87 43.50 -54.51
C CYS C 524 50.24 43.85 -53.07
N HIS C 525 50.41 45.13 -52.78
CA HIS C 525 50.68 45.63 -51.44
C HIS C 525 49.61 46.64 -51.02
N PRO C 526 49.26 46.68 -49.74
CA PRO C 526 48.31 47.70 -49.27
C PRO C 526 48.80 49.12 -49.55
N ILE C 527 47.84 50.02 -49.75
CA ILE C 527 48.12 51.43 -50.03
C ILE C 527 47.72 52.25 -48.80
N ALA C 528 48.66 53.04 -48.29
CA ALA C 528 48.49 53.76 -47.04
C ALA C 528 48.63 55.26 -47.23
N LEU C 529 47.79 56.01 -46.54
CA LEU C 529 47.91 57.46 -46.51
C LEU C 529 49.03 57.88 -45.55
N PRO C 530 50.09 58.53 -46.02
CA PRO C 530 51.18 58.92 -45.13
C PRO C 530 50.80 60.07 -44.22
N LYS C 531 51.44 60.12 -43.06
CA LYS C 531 51.38 61.32 -42.22
C LYS C 531 52.19 62.44 -42.83
N HIS C 532 51.64 63.65 -42.75
CA HIS C 532 52.38 64.84 -43.18
C HIS C 532 53.48 65.19 -42.19
N ARG C 533 54.64 65.51 -42.72
CA ARG C 533 55.74 66.03 -41.91
C ARG C 533 55.71 67.55 -41.92
N PRO C 534 55.81 68.20 -40.77
CA PRO C 534 55.94 69.67 -40.77
C PRO C 534 57.27 70.11 -41.34
N THR C 535 57.33 70.30 -42.65
CA THR C 535 58.50 70.89 -43.29
C THR C 535 58.42 72.42 -43.24
N PRO C 536 59.53 73.11 -42.91
CA PRO C 536 59.53 74.57 -42.99
C PRO C 536 59.26 75.05 -44.40
N ASP C 537 58.30 75.96 -44.54
CA ASP C 537 57.97 76.56 -45.82
C ASP C 537 59.00 77.60 -46.21
N PRO C 538 59.79 77.37 -47.26
CA PRO C 538 60.77 78.40 -47.69
C PRO C 538 60.10 79.64 -48.28
N GLU C 539 58.87 79.53 -48.77
CA GLU C 539 58.19 80.70 -49.33
C GLU C 539 57.69 81.65 -48.26
N GLY C 540 57.30 81.13 -47.10
CA GLY C 540 56.78 81.94 -46.02
C GLY C 540 57.74 82.98 -45.49
N ARG C 544 57.22 88.99 -48.24
CA ARG C 544 55.77 89.12 -48.30
C ARG C 544 55.35 90.28 -49.20
N ALA C 545 54.59 89.98 -50.24
CA ALA C 545 53.92 91.02 -51.00
C ALA C 545 52.94 91.77 -50.10
N GLU C 546 53.18 93.06 -49.91
CA GLU C 546 52.27 93.88 -49.13
C GLU C 546 50.87 93.83 -49.73
N MET C 547 49.90 93.44 -48.91
CA MET C 547 48.52 93.39 -49.37
C MET C 547 47.98 94.79 -49.61
N PRO C 548 47.55 95.11 -50.83
CA PRO C 548 47.00 96.45 -51.09
C PRO C 548 45.82 96.76 -50.16
N ASN C 549 45.73 98.03 -49.76
CA ASN C 549 44.71 98.44 -48.79
C ASN C 549 43.30 98.09 -49.27
N GLN C 550 43.05 98.16 -50.57
CA GLN C 550 41.74 97.78 -51.09
C GLN C 550 41.45 96.31 -50.85
N LEU C 551 42.43 95.45 -51.16
CA LEU C 551 42.27 94.03 -50.89
C LEU C 551 42.22 93.74 -49.40
N ARG C 552 42.94 94.52 -48.59
CA ARG C 552 42.82 94.38 -47.13
C ARG C 552 41.39 94.65 -46.67
N LYS C 553 40.80 95.74 -47.16
CA LYS C 553 39.42 96.07 -46.78
C LYS C 553 38.46 94.99 -47.27
N GLN C 554 38.69 94.45 -48.47
CA GLN C 554 37.82 93.38 -48.97
C GLN C 554 37.95 92.12 -48.10
N LEU C 555 39.17 91.76 -47.72
CA LEU C 555 39.38 90.62 -46.84
C LEU C 555 38.71 90.82 -45.49
N GLU C 556 38.85 92.02 -44.92
CA GLU C 556 38.21 92.31 -43.64
C GLU C 556 36.68 92.22 -43.76
N ALA C 557 36.12 92.73 -44.86
CA ALA C 557 34.68 92.62 -45.07
C ALA C 557 34.24 91.18 -45.18
N ILE C 558 35.02 90.37 -45.89
CA ILE C 558 34.72 88.94 -46.01
C ILE C 558 34.75 88.28 -44.63
N ILE C 559 35.77 88.61 -43.83
CA ILE C 559 35.89 88.04 -42.49
C ILE C 559 34.74 88.46 -41.60
N ALA C 560 34.21 89.68 -41.81
CA ALA C 560 33.17 90.20 -40.93
C ALA C 560 31.80 89.60 -41.18
N THR C 561 31.59 88.92 -42.31
CA THR C 561 30.28 88.34 -42.60
C THR C 561 29.94 87.22 -41.62
N ASP C 562 28.64 86.99 -41.46
CA ASP C 562 28.13 85.97 -40.55
C ASP C 562 28.34 84.58 -41.14
N PRO C 563 28.22 83.53 -40.31
CA PRO C 563 28.51 82.17 -40.81
C PRO C 563 27.59 81.68 -41.92
N LEU C 564 26.40 82.27 -42.10
CA LEU C 564 25.52 81.81 -43.17
C LEU C 564 25.88 82.38 -44.53
N ASN C 565 26.70 83.43 -44.56
CA ASN C 565 27.05 84.10 -45.81
C ASN C 565 27.95 83.20 -46.67
N PRO C 566 27.52 82.80 -47.86
CA PRO C 566 28.37 81.96 -48.71
C PRO C 566 29.57 82.72 -49.27
N LEU C 567 30.69 82.03 -49.35
CA LEU C 567 31.89 82.59 -49.97
C LEU C 567 31.86 82.38 -51.48
N THR C 568 32.07 83.46 -52.24
CA THR C 568 32.23 83.34 -53.68
C THR C 568 33.57 82.68 -54.01
N ALA C 569 33.73 82.33 -55.29
CA ALA C 569 35.02 81.83 -55.75
C ALA C 569 36.11 82.88 -55.59
N GLU C 570 35.77 84.14 -55.86
CA GLU C 570 36.75 85.22 -55.70
C GLU C 570 37.12 85.39 -54.23
N ASP C 571 36.14 85.30 -53.34
CA ASP C 571 36.44 85.36 -51.90
C ASP C 571 37.39 84.24 -51.50
N LYS C 572 37.15 83.03 -51.98
CA LYS C 572 38.00 81.90 -51.62
C LYS C 572 39.41 82.08 -52.16
N GLU C 573 39.55 82.51 -53.42
CA GLU C 573 40.87 82.75 -53.98
C GLU C 573 41.61 83.84 -53.22
N LEU C 574 40.89 84.89 -52.82
CA LEU C 574 41.52 85.95 -52.03
C LEU C 574 41.97 85.43 -50.68
N LEU C 575 41.08 84.71 -49.98
CA LEU C 575 41.42 84.14 -48.67
C LEU C 575 42.64 83.24 -48.76
N TRP C 576 42.72 82.41 -49.79
CA TRP C 576 43.85 81.49 -49.91
C TRP C 576 45.12 82.23 -50.32
N HIS C 577 44.99 83.22 -51.20
CA HIS C 577 46.16 83.98 -51.65
C HIS C 577 46.84 84.68 -50.47
N PHE C 578 46.06 85.31 -49.60
CA PHE C 578 46.58 86.03 -48.45
C PHE C 578 46.43 85.22 -47.16
N ARG C 579 46.54 83.89 -47.26
CA ARG C 579 46.35 83.00 -46.11
C ARG C 579 47.20 83.39 -44.92
N TYR C 580 48.42 83.90 -45.16
CA TYR C 580 49.27 84.29 -44.04
C TYR C 580 48.73 85.50 -43.31
N GLU C 581 48.04 86.39 -44.02
CA GLU C 581 47.35 87.49 -43.36
C GLU C 581 46.10 87.00 -42.63
N SER C 582 45.37 86.07 -43.25
CA SER C 582 44.19 85.49 -42.61
C SER C 582 44.54 84.80 -41.30
N LEU C 583 45.69 84.15 -41.24
CA LEU C 583 46.10 83.45 -40.02
C LEU C 583 46.29 84.39 -38.84
N LYS C 584 46.42 85.69 -39.08
CA LYS C 584 46.61 86.64 -38.00
C LYS C 584 45.33 86.94 -37.24
N ASP C 585 44.18 86.57 -37.77
CA ASP C 585 42.89 86.79 -37.11
C ASP C 585 42.20 85.45 -36.95
N PRO C 586 42.02 84.96 -35.73
CA PRO C 586 41.25 83.71 -35.54
C PRO C 586 39.91 83.71 -36.23
N LYS C 587 39.23 84.86 -36.29
CA LYS C 587 37.92 84.94 -36.92
C LYS C 587 37.96 84.60 -38.40
N ALA C 588 39.13 84.69 -39.04
CA ALA C 588 39.27 84.32 -40.43
C ALA C 588 39.41 82.82 -40.64
N TYR C 589 39.67 82.06 -39.58
CA TYR C 589 39.99 80.65 -39.75
C TYR C 589 38.90 79.84 -40.43
N PRO C 590 37.62 79.91 -40.02
CA PRO C 590 36.60 79.10 -40.71
C PRO C 590 36.48 79.44 -42.19
N LYS C 591 36.57 80.71 -42.55
CA LYS C 591 36.46 81.08 -43.95
C LYS C 591 37.70 80.65 -44.72
N LEU C 592 38.88 80.89 -44.15
CA LEU C 592 40.12 80.44 -44.77
C LEU C 592 40.07 78.95 -45.06
N PHE C 593 39.72 78.15 -44.04
CA PHE C 593 39.61 76.72 -44.23
C PHE C 593 38.46 76.34 -45.16
N SER C 594 37.46 77.21 -45.30
CA SER C 594 36.42 76.95 -46.29
C SER C 594 36.89 77.17 -47.72
N SER C 595 38.02 77.84 -47.91
CA SER C 595 38.56 78.06 -49.23
C SER C 595 39.57 76.99 -49.66
N VAL C 596 39.95 76.09 -48.77
CA VAL C 596 40.95 75.08 -49.08
C VAL C 596 40.40 74.09 -50.09
N LYS C 597 41.17 73.83 -51.15
CA LYS C 597 40.85 72.82 -52.15
C LYS C 597 41.42 71.49 -51.68
N TRP C 598 40.65 70.79 -50.86
CA TRP C 598 41.12 69.58 -50.20
C TRP C 598 41.42 68.44 -51.19
N GLY C 599 40.93 68.53 -52.42
CA GLY C 599 41.20 67.49 -53.40
C GLY C 599 42.51 67.65 -54.12
N GLN C 600 43.43 68.41 -53.54
CA GLN C 600 44.75 68.65 -54.10
C GLN C 600 45.78 68.48 -52.99
N GLN C 601 46.59 67.43 -53.11
CA GLN C 601 47.48 67.05 -52.02
C GLN C 601 48.46 68.16 -51.65
N GLU C 602 48.93 68.92 -52.64
CA GLU C 602 49.89 69.99 -52.38
C GLU C 602 49.26 71.10 -51.54
N ILE C 603 48.02 71.47 -51.85
CA ILE C 603 47.34 72.51 -51.09
C ILE C 603 47.06 72.03 -49.66
N VAL C 604 46.72 70.75 -49.50
CA VAL C 604 46.51 70.21 -48.16
C VAL C 604 47.79 70.25 -47.34
N ALA C 605 48.92 69.89 -47.96
CA ALA C 605 50.20 69.97 -47.27
C ALA C 605 50.51 71.40 -46.85
N LYS C 606 50.28 72.35 -47.75
CA LYS C 606 50.46 73.76 -47.40
C LYS C 606 49.55 74.16 -46.23
N THR C 607 48.32 73.66 -46.23
CA THR C 607 47.38 73.96 -45.15
C THR C 607 47.88 73.43 -43.82
N TYR C 608 48.43 72.22 -43.80
CA TYR C 608 48.96 71.68 -42.55
C TYR C 608 50.21 72.44 -42.10
N GLN C 609 51.02 72.90 -43.05
CA GLN C 609 52.14 73.78 -42.69
C GLN C 609 51.64 75.06 -42.05
N LEU C 610 50.52 75.59 -42.54
CA LEU C 610 49.90 76.77 -41.91
C LEU C 610 49.42 76.46 -40.50
N LEU C 611 48.72 75.32 -40.34
CA LEU C 611 48.23 74.92 -39.03
C LEU C 611 49.35 74.75 -38.03
N ALA C 612 50.54 74.37 -38.49
CA ALA C 612 51.68 74.29 -37.59
C ALA C 612 52.11 75.66 -37.08
N LYS C 613 51.71 76.75 -37.75
CA LYS C 613 52.07 78.11 -37.37
C LYS C 613 50.88 78.88 -36.81
N ARG C 614 50.01 78.19 -36.07
CA ARG C 614 48.76 78.76 -35.57
C ARG C 614 48.93 79.47 -34.23
N GLU C 615 50.09 80.07 -33.97
CA GLU C 615 50.38 80.65 -32.65
C GLU C 615 49.31 81.63 -32.22
N VAL C 616 48.79 82.42 -33.16
CA VAL C 616 47.75 83.39 -32.82
C VAL C 616 46.50 82.68 -32.33
N TRP C 617 46.13 81.58 -32.97
CA TRP C 617 44.98 80.80 -32.52
C TRP C 617 45.19 80.28 -31.11
N ASP C 618 46.35 79.66 -30.86
CA ASP C 618 46.60 79.07 -29.55
C ASP C 618 46.61 80.13 -28.45
N GLN C 619 47.16 81.32 -28.74
CA GLN C 619 47.26 82.36 -27.73
C GLN C 619 45.99 83.18 -27.56
N SER C 620 45.08 83.15 -28.53
CA SER C 620 43.86 83.96 -28.46
C SER C 620 42.94 83.48 -27.34
N ALA C 621 42.02 84.37 -26.95
CA ALA C 621 40.96 83.99 -26.03
C ALA C 621 39.99 83.01 -26.69
N LEU C 622 39.38 82.17 -25.85
CA LEU C 622 38.41 81.19 -26.32
C LEU C 622 37.13 81.87 -26.78
N ASP C 623 36.91 81.88 -28.09
CA ASP C 623 35.60 82.19 -28.67
C ASP C 623 34.88 80.87 -28.89
N VAL C 624 33.88 80.59 -28.06
CA VAL C 624 33.22 79.29 -28.14
C VAL C 624 32.45 79.15 -29.45
N GLY C 625 31.86 80.25 -29.95
CA GLY C 625 31.15 80.18 -31.22
C GLY C 625 32.06 79.82 -32.37
N LEU C 626 33.19 80.52 -32.49
CA LEU C 626 34.17 80.25 -33.53
C LEU C 626 34.69 78.81 -33.44
N THR C 627 35.07 78.40 -32.23
CA THR C 627 35.63 77.07 -32.04
C THR C 627 34.62 76.00 -32.41
N MET C 628 33.37 76.18 -32.02
CA MET C 628 32.32 75.22 -32.39
C MET C 628 32.03 75.26 -33.88
N GLN C 629 32.14 76.44 -34.51
CA GLN C 629 32.00 76.51 -35.97
C GLN C 629 33.04 75.62 -36.65
N LEU C 630 34.25 75.58 -36.10
CA LEU C 630 35.24 74.70 -36.70
C LEU C 630 34.91 73.21 -36.55
N LEU C 631 33.89 72.85 -35.78
CA LEU C 631 33.44 71.46 -35.67
C LEU C 631 32.22 71.16 -36.52
N ASP C 632 31.74 72.13 -37.29
CA ASP C 632 30.57 71.95 -38.13
C ASP C 632 30.84 70.96 -39.27
N CYS C 633 29.75 70.48 -39.87
CA CYS C 633 29.81 69.55 -40.98
C CYS C 633 30.58 70.09 -42.17
N ASN C 634 30.80 71.41 -42.25
CA ASN C 634 31.60 71.97 -43.33
C ASN C 634 33.09 71.69 -43.17
N PHE C 635 33.53 71.21 -42.00
CA PHE C 635 34.94 71.01 -41.69
C PHE C 635 35.14 69.56 -41.27
N SER C 636 35.53 68.71 -42.22
CA SER C 636 35.77 67.31 -41.98
C SER C 636 37.23 66.96 -41.72
N ASP C 637 38.14 67.94 -41.81
CA ASP C 637 39.56 67.65 -41.65
C ASP C 637 39.90 67.35 -40.19
N GLU C 638 40.64 66.26 -39.98
CA GLU C 638 40.98 65.84 -38.63
C GLU C 638 41.79 66.88 -37.88
N ASN C 639 42.72 67.56 -38.56
CA ASN C 639 43.63 68.48 -37.87
C ASN C 639 42.94 69.77 -37.47
N VAL C 640 42.10 70.32 -38.35
CA VAL C 640 41.31 71.51 -38.02
C VAL C 640 40.42 71.23 -36.81
N ARG C 641 39.70 70.11 -36.86
CA ARG C 641 38.83 69.73 -35.75
C ARG C 641 39.65 69.50 -34.48
N ALA C 642 40.87 68.97 -34.64
CA ALA C 642 41.73 68.74 -33.49
C ALA C 642 42.16 70.03 -32.82
N ILE C 643 42.51 71.06 -33.61
CA ILE C 643 42.88 72.31 -32.97
C ILE C 643 41.66 72.96 -32.31
N ALA C 644 40.47 72.76 -32.90
CA ALA C 644 39.27 73.28 -32.25
C ALA C 644 39.03 72.60 -30.89
N VAL C 645 39.12 71.28 -30.85
CA VAL C 645 38.94 70.55 -29.60
C VAL C 645 40.02 70.94 -28.59
N GLN C 646 41.27 71.12 -29.05
CA GLN C 646 42.34 71.56 -28.17
C GLN C 646 41.99 72.90 -27.54
N LYS C 647 41.38 73.80 -28.32
CA LYS C 647 40.93 75.06 -27.73
C LYS C 647 39.81 74.82 -26.71
N LEU C 648 38.89 73.90 -27.02
CA LEU C 648 37.79 73.62 -26.12
C LEU C 648 38.23 73.00 -24.80
N GLU C 649 39.41 72.39 -24.75
CA GLU C 649 39.89 71.81 -23.49
C GLU C 649 40.02 72.85 -22.38
N SER C 650 40.01 74.13 -22.69
CA SER C 650 40.04 75.19 -21.70
C SER C 650 38.65 75.64 -21.25
N LEU C 651 37.58 75.09 -21.82
CA LEU C 651 36.23 75.51 -21.49
C LEU C 651 35.80 74.97 -20.13
N GLU C 652 35.15 75.82 -19.34
CA GLU C 652 34.70 75.46 -18.01
C GLU C 652 33.55 74.46 -18.05
N ASP C 653 33.38 73.73 -16.94
CA ASP C 653 32.37 72.67 -16.88
C ASP C 653 30.95 73.22 -17.06
N ASP C 654 30.67 74.38 -16.47
CA ASP C 654 29.34 74.98 -16.60
C ASP C 654 29.04 75.31 -18.06
N ASP C 655 30.00 75.92 -18.75
CA ASP C 655 29.79 76.23 -20.16
C ASP C 655 29.75 74.96 -21.01
N VAL C 656 30.53 73.95 -20.64
CA VAL C 656 30.45 72.66 -21.33
C VAL C 656 29.04 72.08 -21.21
N LEU C 657 28.44 72.20 -20.02
CA LEU C 657 27.05 71.79 -19.88
C LEU C 657 26.15 72.62 -20.80
N HIS C 658 26.44 73.92 -20.91
CA HIS C 658 25.65 74.76 -21.80
C HIS C 658 25.71 74.29 -23.25
N TYR C 659 26.86 73.78 -23.70
CA TYR C 659 27.04 73.44 -25.11
C TYR C 659 27.07 71.94 -25.40
N LEU C 660 26.77 71.10 -24.40
CA LEU C 660 26.92 69.65 -24.53
C LEU C 660 26.07 69.06 -25.64
N LEU C 661 24.85 69.57 -25.84
CA LEU C 661 23.99 69.01 -26.87
C LEU C 661 24.62 69.13 -28.26
N GLN C 662 25.04 70.33 -28.63
CA GLN C 662 25.69 70.52 -29.92
C GLN C 662 27.00 69.76 -29.99
N LEU C 663 27.72 69.64 -28.87
CA LEU C 663 28.95 68.86 -28.90
C LEU C 663 28.67 67.39 -29.19
N VAL C 664 27.58 66.85 -28.64
CA VAL C 664 27.19 65.48 -28.93
C VAL C 664 26.79 65.35 -30.40
N GLN C 665 26.05 66.32 -30.91
CA GLN C 665 25.62 66.25 -32.31
C GLN C 665 26.80 66.34 -33.27
N ALA C 666 27.82 67.13 -32.93
CA ALA C 666 28.96 67.30 -33.83
C ALA C 666 29.74 66.01 -34.06
N VAL C 667 29.56 65.01 -33.19
CA VAL C 667 30.22 63.72 -33.39
C VAL C 667 29.77 63.07 -34.70
N LYS C 668 28.57 63.39 -35.16
CA LYS C 668 28.07 62.85 -36.42
C LYS C 668 28.94 63.24 -37.62
N PHE C 669 29.70 64.32 -37.50
CA PHE C 669 30.53 64.84 -38.58
C PHE C 669 31.94 64.28 -38.58
N GLU C 670 32.30 63.50 -37.56
CA GLU C 670 33.59 62.84 -37.56
C GLU C 670 33.63 61.74 -38.62
N PRO C 671 34.73 61.63 -39.37
CA PRO C 671 34.85 60.50 -40.31
C PRO C 671 34.89 59.16 -39.63
N TYR C 672 35.46 59.08 -38.44
CA TYR C 672 35.69 57.82 -37.75
C TYR C 672 35.04 57.83 -36.38
N HIS C 673 34.93 56.64 -35.80
CA HIS C 673 34.39 56.53 -34.44
C HIS C 673 35.34 57.17 -33.42
N ASP C 674 36.64 56.91 -33.55
CA ASP C 674 37.64 57.52 -32.67
C ASP C 674 38.06 58.87 -33.24
N SER C 675 37.93 59.91 -32.42
CA SER C 675 38.26 61.26 -32.86
C SER C 675 38.65 62.09 -31.64
N ALA C 676 39.23 63.27 -31.89
CA ALA C 676 39.54 64.18 -30.81
C ALA C 676 38.30 64.60 -30.03
N LEU C 677 37.19 64.84 -30.73
CA LEU C 677 35.97 65.28 -30.07
C LEU C 677 35.38 64.18 -29.20
N ALA C 678 35.38 62.94 -29.70
CA ALA C 678 34.89 61.83 -28.89
C ALA C 678 35.73 61.66 -27.63
N ARG C 679 37.06 61.73 -27.76
CA ARG C 679 37.92 61.64 -26.59
C ARG C 679 37.66 62.79 -25.63
N PHE C 680 37.43 63.99 -26.15
CA PHE C 680 37.10 65.13 -25.32
C PHE C 680 35.84 64.89 -24.49
N LEU C 681 34.77 64.45 -25.15
CA LEU C 681 33.52 64.16 -24.45
C LEU C 681 33.74 63.09 -23.39
N LEU C 682 34.46 62.02 -23.74
CA LEU C 682 34.75 60.95 -22.77
C LEU C 682 35.47 61.50 -21.55
N LYS C 683 36.52 62.29 -21.77
CA LYS C 683 37.28 62.87 -20.66
C LYS C 683 36.39 63.71 -19.75
N ARG C 684 35.64 64.64 -20.36
CA ARG C 684 34.84 65.55 -19.55
C ARG C 684 33.76 64.81 -18.78
N GLY C 685 33.18 63.77 -19.38
CA GLY C 685 32.21 62.96 -18.67
C GLY C 685 32.83 62.20 -17.52
N LEU C 686 34.05 61.68 -17.71
CA LEU C 686 34.71 60.92 -16.65
C LEU C 686 35.24 61.81 -15.54
N ARG C 687 35.43 63.10 -15.78
CA ARG C 687 35.88 64.01 -14.74
C ARG C 687 34.75 64.60 -13.91
N ASN C 688 33.56 64.77 -14.50
CA ASN C 688 32.45 65.47 -13.88
C ASN C 688 31.21 64.59 -13.99
N LYS C 689 30.66 64.18 -12.85
CA LYS C 689 29.49 63.30 -12.85
C LYS C 689 28.29 63.93 -13.51
N ARG C 690 28.11 65.25 -13.38
CA ARG C 690 26.96 65.92 -13.98
C ARG C 690 27.06 65.88 -15.50
N ILE C 691 28.22 66.26 -16.03
CA ILE C 691 28.47 66.17 -17.46
C ILE C 691 28.27 64.74 -17.94
N GLY C 692 28.77 63.76 -17.19
CA GLY C 692 28.63 62.38 -17.60
C GLY C 692 27.18 61.92 -17.63
N HIS C 693 26.39 62.35 -16.66
CA HIS C 693 24.97 62.02 -16.64
C HIS C 693 24.27 62.53 -17.89
N PHE C 694 24.44 63.83 -18.17
CA PHE C 694 23.79 64.38 -19.35
C PHE C 694 24.34 63.78 -20.64
N LEU C 695 25.64 63.48 -20.67
CA LEU C 695 26.23 62.80 -21.81
C LEU C 695 25.59 61.43 -22.04
N PHE C 696 25.42 60.68 -20.95
CA PHE C 696 24.75 59.38 -21.04
C PHE C 696 23.40 59.54 -21.72
N TRP C 697 22.59 60.48 -21.23
CA TRP C 697 21.25 60.55 -21.79
C TRP C 697 21.25 61.04 -23.24
N PHE C 698 22.10 62.00 -23.58
CA PHE C 698 22.14 62.50 -24.94
C PHE C 698 22.55 61.39 -25.91
N LEU C 699 23.64 60.69 -25.57
CA LEU C 699 24.12 59.60 -26.42
C LEU C 699 23.06 58.51 -26.57
N ARG C 700 22.41 58.13 -25.46
CA ARG C 700 21.43 57.05 -25.52
C ARG C 700 20.23 57.42 -26.39
N SER C 701 19.73 58.66 -26.26
CA SER C 701 18.63 59.09 -27.12
C SER C 701 19.04 59.02 -28.59
N GLU C 702 20.25 59.52 -28.92
CA GLU C 702 20.68 59.46 -30.31
C GLU C 702 20.83 58.02 -30.79
N ILE C 703 21.27 57.11 -29.91
CA ILE C 703 21.35 55.70 -30.27
C ILE C 703 19.97 55.17 -30.62
N ALA C 704 18.98 55.47 -29.78
CA ALA C 704 17.64 54.95 -30.02
C ALA C 704 17.02 55.52 -31.29
N GLN C 705 17.43 56.72 -31.70
CA GLN C 705 16.73 57.38 -32.79
C GLN C 705 17.42 57.28 -34.14
N SER C 706 18.75 57.32 -34.19
CA SER C 706 19.48 57.45 -35.46
C SER C 706 20.15 56.11 -35.79
N ARG C 707 19.53 55.35 -36.69
CA ARG C 707 20.18 54.16 -37.21
C ARG C 707 21.46 54.49 -37.95
N HIS C 708 21.57 55.71 -38.49
CA HIS C 708 22.77 56.10 -39.23
C HIS C 708 23.99 56.24 -38.34
N TYR C 709 23.80 56.49 -37.04
CA TYR C 709 24.91 56.82 -36.16
C TYR C 709 24.91 56.06 -34.83
N GLN C 710 23.97 55.14 -34.60
CA GLN C 710 23.87 54.42 -33.33
C GLN C 710 25.19 53.76 -32.92
N GLN C 711 25.96 53.23 -33.88
CA GLN C 711 27.20 52.53 -33.54
C GLN C 711 28.23 53.46 -32.91
N ARG C 712 28.44 54.62 -33.52
CA ARG C 712 29.43 55.58 -33.02
C ARG C 712 29.08 56.03 -31.59
N PHE C 713 27.84 56.47 -31.40
CA PHE C 713 27.39 56.87 -30.07
C PHE C 713 27.48 55.72 -29.09
N ALA C 714 27.20 54.49 -29.57
CA ALA C 714 27.20 53.34 -28.67
C ALA C 714 28.60 53.00 -28.19
N VAL C 715 29.60 53.08 -29.06
CA VAL C 715 30.96 52.77 -28.61
C VAL C 715 31.46 53.86 -27.66
N ILE C 716 31.13 55.12 -27.95
CA ILE C 716 31.52 56.19 -27.03
C ILE C 716 30.86 55.98 -25.66
N LEU C 717 29.58 55.63 -25.68
CA LEU C 717 28.85 55.40 -24.43
C LEU C 717 29.40 54.20 -23.67
N GLU C 718 29.80 53.15 -24.38
CA GLU C 718 30.41 52.01 -23.72
C GLU C 718 31.68 52.42 -22.98
N ALA C 719 32.55 53.19 -23.64
CA ALA C 719 33.76 53.65 -22.96
C ALA C 719 33.40 54.44 -21.70
N TYR C 720 32.51 55.41 -21.84
CA TYR C 720 32.11 56.21 -20.68
C TYR C 720 31.61 55.33 -19.54
N LEU C 721 30.66 54.44 -19.84
CA LEU C 721 30.10 53.57 -18.82
C LEU C 721 31.16 52.70 -18.17
N ARG C 722 32.14 52.24 -18.96
CA ARG C 722 33.25 51.48 -18.38
C ARG C 722 34.11 52.32 -17.47
N GLY C 723 33.99 53.65 -17.55
CA GLY C 723 34.72 54.46 -16.60
C GLY C 723 33.93 55.01 -15.42
N CYS C 724 32.67 54.63 -15.24
CA CYS C 724 31.79 55.34 -14.30
C CYS C 724 31.97 54.94 -12.83
N GLY C 725 32.28 53.68 -12.55
CA GLY C 725 32.15 53.15 -11.21
C GLY C 725 30.77 52.62 -10.91
N THR C 726 30.66 51.94 -9.76
CA THR C 726 29.45 51.18 -9.48
C THR C 726 28.28 52.10 -9.17
N ALA C 727 28.53 53.24 -8.51
CA ALA C 727 27.44 54.15 -8.16
C ALA C 727 26.72 54.66 -9.39
N MET C 728 27.47 55.21 -10.36
CA MET C 728 26.86 55.77 -11.56
C MET C 728 26.16 54.69 -12.36
N LEU C 729 26.76 53.50 -12.47
CA LEU C 729 26.13 52.41 -13.19
C LEU C 729 24.81 52.02 -12.55
N HIS C 730 24.77 51.97 -11.21
CA HIS C 730 23.54 51.63 -10.51
C HIS C 730 22.48 52.69 -10.75
N ASP C 731 22.85 53.97 -10.68
CA ASP C 731 21.90 55.04 -10.94
C ASP C 731 21.31 54.93 -12.34
N PHE C 732 22.18 54.74 -13.34
CA PHE C 732 21.69 54.61 -14.72
C PHE C 732 20.78 53.41 -14.87
N THR C 733 21.11 52.30 -14.20
CA THR C 733 20.29 51.11 -14.27
C THR C 733 18.89 51.38 -13.74
N GLN C 734 18.80 51.99 -12.56
CA GLN C 734 17.50 52.32 -11.99
C GLN C 734 16.71 53.24 -12.90
N GLN C 735 17.37 54.24 -13.47
CA GLN C 735 16.68 55.19 -14.35
C GLN C 735 16.08 54.49 -15.57
N VAL C 736 16.89 53.66 -16.24
CA VAL C 736 16.41 52.96 -17.42
C VAL C 736 15.26 52.03 -17.06
N GLN C 737 15.36 51.34 -15.92
CA GLN C 737 14.27 50.47 -15.48
C GLN C 737 12.98 51.26 -15.29
N VAL C 738 13.08 52.40 -14.62
CA VAL C 738 11.90 53.23 -14.38
C VAL C 738 11.30 53.67 -15.70
N ILE C 739 12.15 54.08 -16.65
CA ILE C 739 11.63 54.53 -17.94
C ILE C 739 10.91 53.41 -18.67
N ASP C 740 11.49 52.20 -18.68
CA ASP C 740 10.83 51.09 -19.35
C ASP C 740 9.48 50.78 -18.72
N MET C 741 9.41 50.81 -17.39
CA MET C 741 8.17 50.50 -16.70
C MET C 741 7.09 51.55 -17.00
N LEU C 742 7.47 52.83 -16.94
CA LEU C 742 6.53 53.89 -17.25
C LEU C 742 6.08 53.84 -18.70
N GLN C 743 6.97 53.44 -19.61
CA GLN C 743 6.58 53.27 -21.01
C GLN C 743 5.52 52.19 -21.15
N LYS C 744 5.72 51.05 -20.48
CA LYS C 744 4.72 49.99 -20.52
C LYS C 744 3.38 50.48 -20.00
N VAL C 745 3.40 51.20 -18.88
CA VAL C 745 2.15 51.75 -18.33
C VAL C 745 1.50 52.71 -19.32
N THR C 746 2.29 53.57 -19.96
CA THR C 746 1.72 54.54 -20.89
C THR C 746 1.10 53.84 -22.09
N ILE C 747 1.74 52.77 -22.57
CA ILE C 747 1.18 52.00 -23.68
C ILE C 747 -0.16 51.39 -23.28
N ASP C 748 -0.22 50.80 -22.08
CA ASP C 748 -1.47 50.22 -21.61
C ASP C 748 -2.57 51.28 -21.50
N ILE C 749 -2.24 52.43 -20.91
CA ILE C 749 -3.22 53.49 -20.72
C ILE C 749 -3.72 54.02 -22.06
N LYS C 750 -2.83 54.10 -23.05
CA LYS C 750 -3.24 54.52 -24.38
C LYS C 750 -4.16 53.49 -25.02
N SER C 751 -3.91 52.20 -24.79
CA SER C 751 -4.78 51.19 -25.36
C SER C 751 -6.14 51.14 -24.68
N LEU C 752 -6.24 51.64 -23.44
CA LEU C 752 -7.54 51.68 -22.76
C LEU C 752 -8.43 52.83 -23.20
N SER C 753 -7.87 53.88 -23.81
CA SER C 753 -8.61 55.08 -24.15
C SER C 753 -8.79 55.15 -25.67
N ALA C 754 -10.02 54.91 -26.13
CA ALA C 754 -10.28 54.81 -27.56
C ALA C 754 -10.12 56.14 -28.28
N GLU C 755 -10.57 57.23 -27.67
CA GLU C 755 -10.56 58.53 -28.31
C GLU C 755 -9.31 59.32 -27.90
N LYS C 756 -8.98 60.32 -28.72
CA LYS C 756 -7.71 61.02 -28.59
C LYS C 756 -7.64 61.86 -27.32
N TYR C 757 -8.78 62.31 -26.80
CA TYR C 757 -8.78 63.21 -25.65
C TYR C 757 -9.55 62.71 -24.45
N ASP C 758 -10.27 61.58 -24.57
CA ASP C 758 -11.13 61.11 -23.49
C ASP C 758 -10.28 60.48 -22.39
N VAL C 759 -10.21 61.13 -21.24
CA VAL C 759 -9.61 60.54 -20.05
C VAL C 759 -10.74 60.20 -19.08
N SER C 760 -11.36 59.04 -19.28
CA SER C 760 -12.49 58.64 -18.45
C SER C 760 -12.02 58.29 -17.04
N SER C 761 -12.98 58.27 -16.10
CA SER C 761 -12.67 57.86 -14.73
C SER C 761 -12.07 56.46 -14.68
N GLN C 762 -12.47 55.59 -15.61
CA GLN C 762 -11.89 54.26 -15.68
C GLN C 762 -10.41 54.32 -16.02
N VAL C 763 -10.03 55.22 -16.93
CA VAL C 763 -8.61 55.36 -17.30
C VAL C 763 -7.80 55.85 -16.10
N ILE C 764 -8.33 56.82 -15.36
CA ILE C 764 -7.61 57.33 -14.18
C ILE C 764 -7.47 56.23 -13.13
N SER C 765 -8.55 55.48 -12.88
CA SER C 765 -8.50 54.39 -11.91
C SER C 765 -7.48 53.32 -12.33
N GLN C 766 -7.46 52.97 -13.62
CA GLN C 766 -6.50 51.99 -14.11
C GLN C 766 -5.07 52.50 -13.97
N LEU C 767 -4.85 53.77 -14.27
CA LEU C 767 -3.54 54.38 -14.06
C LEU C 767 -3.10 54.25 -12.60
N LYS C 768 -3.98 54.63 -11.68
CA LYS C 768 -3.62 54.56 -10.25
C LYS C 768 -3.35 53.13 -9.82
N GLN C 769 -4.18 52.17 -10.27
CA GLN C 769 -3.97 50.77 -9.93
C GLN C 769 -2.62 50.26 -10.46
N LYS C 770 -2.32 50.57 -11.72
CA LYS C 770 -1.07 50.12 -12.31
C LYS C 770 0.13 50.74 -11.59
N LEU C 771 0.03 52.03 -11.25
CA LEU C 771 1.11 52.69 -10.53
C LEU C 771 1.29 52.11 -9.14
N GLU C 772 0.19 51.76 -8.47
CA GLU C 772 0.29 51.12 -7.16
C GLU C 772 0.97 49.76 -7.26
N ASN C 773 0.57 48.96 -8.24
CA ASN C 773 1.20 47.65 -8.43
C ASN C 773 2.69 47.80 -8.72
N LEU C 774 3.04 48.74 -9.61
CA LEU C 774 4.44 48.98 -9.91
C LEU C 774 5.22 49.40 -8.67
N GLN C 775 4.66 50.31 -7.88
CA GLN C 775 5.34 50.79 -6.68
C GLN C 775 5.56 49.65 -5.69
N ASN C 776 4.59 48.74 -5.60
CA ASN C 776 4.70 47.64 -4.65
C ASN C 776 5.60 46.52 -5.13
N LEU C 777 5.85 46.39 -6.43
CA LEU C 777 6.59 45.22 -6.88
C LEU C 777 7.92 45.51 -7.56
N ASN C 778 7.99 46.52 -8.43
CA ASN C 778 9.08 46.59 -9.41
C ASN C 778 9.90 47.87 -9.38
N LEU C 779 9.32 49.00 -9.01
CA LEU C 779 10.05 50.26 -9.03
C LEU C 779 11.17 50.26 -7.98
N PRO C 780 12.34 50.81 -8.30
CA PRO C 780 13.36 51.01 -7.27
C PRO C 780 12.87 51.96 -6.19
N GLN C 781 13.36 51.74 -4.96
CA GLN C 781 12.96 52.59 -3.83
C GLN C 781 13.24 54.06 -4.09
N SER C 782 14.28 54.37 -4.86
CA SER C 782 14.60 55.74 -5.23
C SER C 782 15.44 55.74 -6.50
N PHE C 783 15.42 56.86 -7.21
CA PHE C 783 16.29 56.99 -8.38
C PHE C 783 16.57 58.46 -8.66
N ARG C 784 17.74 58.72 -9.24
CA ARG C 784 18.06 60.08 -9.67
C ARG C 784 17.22 60.47 -10.88
N VAL C 785 16.80 61.73 -10.91
CA VAL C 785 15.93 62.21 -11.98
C VAL C 785 16.77 62.46 -13.23
N PRO C 786 16.36 61.95 -14.39
CA PRO C 786 17.17 62.14 -15.61
C PRO C 786 17.42 63.60 -15.98
N TYR C 787 16.42 64.49 -15.83
CA TYR C 787 16.64 65.87 -16.25
C TYR C 787 17.37 66.69 -15.20
N ASP C 788 17.56 66.17 -14.00
CA ASP C 788 18.31 66.87 -12.96
C ASP C 788 18.91 65.82 -12.06
N PRO C 789 20.22 65.55 -12.20
CA PRO C 789 20.85 64.52 -11.34
C PRO C 789 20.96 64.91 -9.88
N GLY C 790 20.72 66.18 -9.54
CA GLY C 790 20.70 66.56 -8.13
C GLY C 790 19.45 66.09 -7.41
N LEU C 791 18.40 65.76 -8.14
CA LEU C 791 17.12 65.34 -7.55
C LEU C 791 17.04 63.82 -7.48
N LYS C 792 16.54 63.32 -6.35
CA LYS C 792 16.35 61.90 -6.12
C LYS C 792 14.89 61.65 -5.78
N ALA C 793 14.16 61.02 -6.71
CA ALA C 793 12.76 60.69 -6.52
C ALA C 793 12.57 59.42 -5.70
N GLY C 794 11.57 59.46 -4.81
CA GLY C 794 11.18 58.32 -4.00
C GLY C 794 9.85 57.69 -4.38
N ALA C 795 8.99 57.50 -3.40
CA ALA C 795 7.71 56.85 -3.62
C ALA C 795 6.74 57.74 -4.40
N LEU C 796 5.95 57.12 -5.27
CA LEU C 796 4.90 57.82 -5.99
C LEU C 796 3.81 58.33 -5.06
N VAL C 797 3.38 59.56 -5.31
CA VAL C 797 2.18 60.13 -4.66
C VAL C 797 1.01 59.80 -5.59
N ILE C 798 0.51 58.58 -5.48
CA ILE C 798 -0.41 58.03 -6.47
C ILE C 798 -1.66 58.89 -6.62
N GLU C 799 -2.17 59.41 -5.50
CA GLU C 799 -3.42 60.19 -5.56
C GLU C 799 -3.27 61.44 -6.43
N LYS C 800 -2.05 61.97 -6.56
CA LYS C 800 -1.82 63.14 -7.38
C LYS C 800 -1.50 62.81 -8.84
N CYS C 801 -1.29 61.54 -9.18
CA CYS C 801 -0.95 61.16 -10.55
C CYS C 801 -2.19 61.14 -11.43
N LYS C 802 -2.03 61.57 -12.68
CA LYS C 802 -3.15 61.66 -13.61
C LYS C 802 -2.66 61.55 -15.05
N VAL C 803 -3.59 61.22 -15.94
CA VAL C 803 -3.37 61.32 -17.38
C VAL C 803 -3.82 62.69 -17.86
N MET C 804 -2.95 63.37 -18.61
CA MET C 804 -3.29 64.66 -19.17
C MET C 804 -4.09 64.51 -20.46
N ALA C 805 -5.11 65.37 -20.62
CA ALA C 805 -6.01 65.35 -21.77
C ALA C 805 -5.30 65.92 -23.01
N SER C 806 -4.52 65.06 -23.67
CA SER C 806 -3.83 65.44 -24.89
C SER C 806 -3.78 64.25 -25.84
N LYS C 807 -3.55 64.54 -27.13
CA LYS C 807 -3.46 63.50 -28.15
C LYS C 807 -2.47 62.41 -27.77
N LYS C 808 -1.37 62.78 -27.12
CA LYS C 808 -0.33 61.84 -26.74
C LYS C 808 -0.52 61.26 -25.35
N LYS C 809 -1.54 61.71 -24.61
CA LYS C 809 -1.86 61.19 -23.29
C LYS C 809 -0.65 61.01 -22.36
N PRO C 810 0.09 62.08 -22.09
CA PRO C 810 1.24 61.97 -21.17
C PRO C 810 0.79 61.78 -19.73
N LEU C 811 1.69 61.18 -18.93
CA LEU C 811 1.41 60.91 -17.53
C LEU C 811 1.95 62.03 -16.63
N TRP C 812 1.08 62.61 -15.81
CA TRP C 812 1.47 63.51 -14.73
C TRP C 812 1.77 62.67 -13.49
N LEU C 813 3.02 62.67 -13.04
CA LEU C 813 3.47 61.86 -11.93
C LEU C 813 4.08 62.75 -10.86
N GLU C 814 3.81 62.42 -9.60
CA GLU C 814 4.42 63.13 -8.49
C GLU C 814 5.06 62.12 -7.54
N PHE C 815 6.35 62.32 -7.26
CA PHE C 815 7.13 61.47 -6.38
C PHE C 815 7.46 62.22 -5.09
N LYS C 816 7.59 61.49 -3.99
CA LYS C 816 8.18 62.09 -2.80
C LYS C 816 9.68 62.30 -3.00
N CYS C 817 10.19 63.38 -2.39
CA CYS C 817 11.65 63.54 -2.31
C CYS C 817 12.24 62.43 -1.47
N ALA C 818 13.18 61.69 -2.05
CA ALA C 818 13.84 60.61 -1.34
C ALA C 818 14.92 61.11 -0.37
N ASP C 819 15.37 62.36 -0.54
CA ASP C 819 16.37 62.91 0.36
C ASP C 819 15.71 63.32 1.67
N PRO C 820 16.07 62.71 2.80
CA PRO C 820 15.44 63.06 4.07
C PRO C 820 15.80 64.45 4.57
N THR C 821 16.78 65.12 3.96
CA THR C 821 17.18 66.46 4.34
C THR C 821 16.35 67.53 3.64
N ALA C 822 15.38 67.13 2.81
CA ALA C 822 14.48 68.09 2.19
C ALA C 822 13.69 68.86 3.24
N LEU C 823 13.70 70.19 3.13
CA LEU C 823 13.05 71.03 4.11
C LEU C 823 11.54 71.13 3.91
N SER C 824 11.06 70.90 2.69
CA SER C 824 9.64 70.94 2.40
C SER C 824 9.15 69.55 2.01
N ASN C 825 7.89 69.26 2.34
CA ASN C 825 7.24 68.04 1.90
C ASN C 825 6.77 68.12 0.45
N GLU C 826 7.36 68.99 -0.35
CA GLU C 826 6.98 69.14 -1.74
C GLU C 826 7.40 67.92 -2.57
N THR C 827 6.60 67.61 -3.58
CA THR C 827 6.84 66.50 -4.49
C THR C 827 7.74 66.90 -5.66
N ILE C 828 8.39 65.91 -6.24
CA ILE C 828 9.06 66.03 -7.52
C ILE C 828 8.06 65.68 -8.61
N GLY C 829 7.69 66.66 -9.43
CA GLY C 829 6.70 66.48 -10.47
C GLY C 829 7.34 66.20 -11.82
N ILE C 830 6.86 65.16 -12.49
CA ILE C 830 7.38 64.72 -13.78
C ILE C 830 6.21 64.52 -14.75
N ILE C 831 6.29 65.15 -15.92
CA ILE C 831 5.44 64.81 -17.05
C ILE C 831 6.20 63.79 -17.91
N PHE C 832 5.73 62.55 -17.90
CA PHE C 832 6.29 61.48 -18.71
C PHE C 832 5.59 61.46 -20.07
N LYS C 833 6.34 61.69 -21.14
CA LYS C 833 5.81 61.74 -22.49
C LYS C 833 6.28 60.53 -23.28
N HIS C 834 5.34 59.87 -23.94
CA HIS C 834 5.62 58.78 -24.85
C HIS C 834 4.97 59.08 -26.20
N GLY C 835 5.70 58.82 -27.28
CA GLY C 835 5.22 59.18 -28.61
C GLY C 835 5.46 60.62 -29.00
N ASP C 836 6.33 61.33 -28.28
CA ASP C 836 6.62 62.73 -28.56
C ASP C 836 8.14 62.93 -28.52
N ASP C 837 8.65 63.66 -29.51
CA ASP C 837 10.09 63.89 -29.64
C ASP C 837 10.45 65.19 -28.92
N LEU C 838 11.17 65.06 -27.80
CA LEU C 838 11.49 66.18 -26.92
C LEU C 838 12.82 66.87 -27.24
N ARG C 839 13.54 66.43 -28.29
CA ARG C 839 14.83 67.04 -28.58
C ARG C 839 14.70 68.51 -28.96
N GLN C 840 13.60 68.87 -29.62
CA GLN C 840 13.38 70.26 -30.00
C GLN C 840 13.21 71.14 -28.76
N ASP C 841 12.39 70.68 -27.82
CA ASP C 841 12.23 71.39 -26.55
C ASP C 841 13.56 71.46 -25.79
N MET C 842 14.34 70.39 -25.82
CA MET C 842 15.66 70.39 -25.19
C MET C 842 16.54 71.48 -25.78
N LEU C 843 16.62 71.54 -27.11
CA LEU C 843 17.42 72.55 -27.78
C LEU C 843 16.98 73.95 -27.38
N ILE C 844 15.66 74.19 -27.39
CA ILE C 844 15.19 75.54 -27.08
C ILE C 844 15.50 75.92 -25.63
N LEU C 845 15.31 74.98 -24.69
CA LEU C 845 15.60 75.29 -23.29
C LEU C 845 17.09 75.52 -23.08
N GLN C 846 17.93 74.75 -23.76
CA GLN C 846 19.37 74.97 -23.72
C GLN C 846 19.72 76.37 -24.24
N ILE C 847 19.13 76.73 -25.38
CA ILE C 847 19.38 78.05 -25.96
C ILE C 847 18.92 79.14 -24.99
N LEU C 848 17.80 78.91 -24.29
CA LEU C 848 17.34 79.87 -23.29
C LEU C 848 18.35 80.03 -22.17
N ARG C 849 18.94 78.93 -21.71
CA ARG C 849 19.98 79.04 -20.69
C ARG C 849 21.19 79.82 -21.22
N ILE C 850 21.53 79.62 -22.49
CA ILE C 850 22.65 80.34 -23.08
C ILE C 850 22.33 81.83 -23.18
N MET C 851 21.12 82.17 -23.61
CA MET C 851 20.70 83.57 -23.65
C MET C 851 20.71 84.19 -22.26
N GLU C 852 20.29 83.42 -21.25
CA GLU C 852 20.35 83.91 -19.88
C GLU C 852 21.79 84.22 -19.48
N SER C 853 22.74 83.36 -19.86
CA SER C 853 24.14 83.64 -19.56
C SER C 853 24.59 84.91 -20.28
N ILE C 854 24.18 85.07 -21.53
CA ILE C 854 24.54 86.26 -22.29
C ILE C 854 24.01 87.51 -21.59
N TRP C 855 22.73 87.46 -21.18
CA TRP C 855 22.12 88.61 -20.52
C TRP C 855 22.74 88.86 -19.15
N GLU C 856 23.11 87.80 -18.43
CA GLU C 856 23.78 87.95 -17.15
C GLU C 856 25.12 88.65 -17.31
N THR C 857 25.79 88.44 -18.44
CA THR C 857 27.01 89.19 -18.70
C THR C 857 26.72 90.70 -18.74
N GLU C 858 25.54 91.10 -19.18
CA GLU C 858 25.11 92.49 -19.17
C GLU C 858 24.44 92.90 -17.88
N SER C 859 24.55 92.09 -16.82
CA SER C 859 23.88 92.34 -15.54
C SER C 859 22.37 92.46 -15.69
N LEU C 860 21.79 91.70 -16.61
CA LEU C 860 20.35 91.67 -16.82
C LEU C 860 19.80 90.34 -16.33
N ASP C 861 19.09 90.37 -15.20
CA ASP C 861 18.29 89.22 -14.75
C ASP C 861 16.90 89.35 -15.39
N LEU C 862 16.64 88.56 -16.42
CA LEU C 862 15.32 88.53 -17.05
C LEU C 862 14.41 87.46 -16.47
N CYS C 863 14.82 86.82 -15.37
CA CYS C 863 13.95 85.96 -14.57
C CYS C 863 13.30 84.85 -15.40
N LEU C 864 14.07 84.31 -16.36
CA LEU C 864 13.57 83.17 -17.12
C LEU C 864 13.51 81.93 -16.24
N LEU C 865 12.66 80.99 -16.64
CA LEU C 865 12.53 79.70 -15.97
C LEU C 865 12.69 78.57 -16.98
N PRO C 866 13.93 78.28 -17.41
CA PRO C 866 14.17 77.11 -18.27
C PRO C 866 14.06 75.80 -17.50
N TYR C 867 12.88 75.18 -17.57
CA TYR C 867 12.63 73.95 -16.83
C TYR C 867 13.41 72.77 -17.40
N GLY C 868 13.52 71.73 -16.57
CA GLY C 868 14.17 70.50 -16.99
C GLY C 868 13.37 69.75 -18.04
N CYS C 869 14.04 69.34 -19.11
CA CYS C 869 13.44 68.54 -20.16
C CYS C 869 14.52 67.64 -20.75
N ILE C 870 14.20 66.37 -20.94
CA ILE C 870 15.21 65.42 -21.43
C ILE C 870 14.52 64.34 -22.26
N SER C 871 15.09 64.05 -23.43
CA SER C 871 14.68 62.89 -24.20
C SER C 871 15.38 61.65 -23.67
N THR C 872 14.61 60.60 -23.41
CA THR C 872 15.16 59.35 -22.89
C THR C 872 15.15 58.23 -23.93
N GLY C 873 14.66 58.50 -25.13
CA GLY C 873 14.70 57.50 -26.17
C GLY C 873 14.00 57.99 -27.41
N ASP C 874 13.62 57.05 -28.28
CA ASP C 874 12.86 57.41 -29.47
C ASP C 874 11.48 57.88 -29.04
N LYS C 875 11.24 59.18 -29.18
CA LYS C 875 9.93 59.78 -28.90
C LYS C 875 9.45 59.44 -27.51
N ILE C 876 10.37 59.45 -26.55
CA ILE C 876 10.02 59.19 -25.14
C ILE C 876 10.97 60.00 -24.27
N GLY C 877 10.41 60.67 -23.27
CA GLY C 877 11.20 61.50 -22.40
C GLY C 877 10.40 62.05 -21.23
N MET C 878 11.03 62.98 -20.50
CA MET C 878 10.49 63.53 -19.26
C MET C 878 10.61 65.05 -19.23
N ILE C 879 9.61 65.72 -18.64
CA ILE C 879 9.61 67.17 -18.46
C ILE C 879 9.37 67.51 -16.99
N GLU C 880 10.09 68.51 -16.48
CA GLU C 880 9.87 68.99 -15.13
C GLU C 880 8.54 69.74 -15.02
N ILE C 881 7.81 69.48 -13.94
CA ILE C 881 6.60 70.23 -13.60
C ILE C 881 7.00 71.46 -12.78
N VAL C 882 6.82 72.65 -13.35
CA VAL C 882 7.01 73.90 -12.62
C VAL C 882 5.88 74.07 -11.61
N LYS C 883 6.24 74.09 -10.32
CA LYS C 883 5.26 74.23 -9.27
C LYS C 883 4.68 75.64 -9.20
N ASP C 884 3.53 75.74 -8.54
CA ASP C 884 2.88 77.03 -8.25
C ASP C 884 2.77 77.89 -9.51
N ALA C 885 2.57 77.25 -10.65
CA ALA C 885 2.44 77.92 -11.93
C ALA C 885 1.14 77.45 -12.58
N THR C 886 0.45 78.38 -13.22
CA THR C 886 -0.83 78.11 -13.84
C THR C 886 -0.82 78.66 -15.26
N THR C 887 -1.45 77.94 -16.18
CA THR C 887 -1.60 78.44 -17.54
C THR C 887 -2.53 79.65 -17.56
N ILE C 888 -2.22 80.60 -18.44
CA ILE C 888 -3.06 81.79 -18.57
C ILE C 888 -4.49 81.40 -18.94
N ALA C 889 -4.64 80.37 -19.78
CA ALA C 889 -5.97 79.89 -20.14
C ALA C 889 -6.77 79.47 -18.90
N LYS C 890 -6.12 78.77 -17.97
CA LYS C 890 -6.83 78.30 -16.78
C LYS C 890 -7.25 79.46 -15.89
N ILE C 891 -6.39 80.47 -15.74
CA ILE C 891 -6.75 81.65 -14.95
C ILE C 891 -7.93 82.38 -15.58
N GLN C 892 -7.84 82.65 -16.88
CA GLN C 892 -8.92 83.33 -17.59
C GLN C 892 -10.23 82.55 -17.48
N GLN C 893 -10.17 81.22 -17.63
CA GLN C 893 -11.38 80.42 -17.47
C GLN C 893 -11.90 80.48 -16.04
N SER C 894 -11.02 80.29 -15.07
CA SER C 894 -11.45 80.21 -13.67
C SER C 894 -12.08 81.52 -13.21
N THR C 895 -11.72 82.64 -13.82
CA THR C 895 -12.30 83.87 -13.30
C THR C 895 -13.68 84.19 -13.88
N VAL C 896 -13.89 84.03 -15.19
CA VAL C 896 -15.17 84.42 -15.80
C VAL C 896 -15.61 83.56 -16.99
N GLY C 897 -15.07 82.35 -17.14
CA GLY C 897 -15.38 81.55 -18.31
C GLY C 897 -14.54 81.92 -19.53
N ASN C 898 -15.06 81.50 -20.70
CA ASN C 898 -14.30 81.64 -21.94
C ASN C 898 -14.07 83.10 -22.32
N THR C 899 -14.92 84.00 -21.86
CA THR C 899 -14.76 85.42 -22.17
C THR C 899 -13.59 86.05 -21.43
N GLY C 900 -12.94 85.31 -20.52
CA GLY C 900 -11.79 85.84 -19.79
C GLY C 900 -10.63 86.26 -20.65
N ALA C 901 -10.55 85.73 -21.87
CA ALA C 901 -9.50 86.16 -22.80
C ALA C 901 -9.59 87.64 -23.13
N PHE C 902 -10.75 88.25 -22.95
CA PHE C 902 -10.94 89.67 -23.22
C PHE C 902 -10.96 90.54 -21.96
N LYS C 903 -10.65 89.96 -20.80
CA LYS C 903 -10.69 90.70 -19.52
C LYS C 903 -9.26 91.04 -19.11
N ASP C 904 -8.86 92.28 -19.36
CA ASP C 904 -7.50 92.71 -19.09
C ASP C 904 -7.13 92.59 -17.62
N GLU C 905 -8.10 92.71 -16.71
CA GLU C 905 -7.80 92.75 -15.29
C GLU C 905 -7.57 91.37 -14.68
N VAL C 906 -7.96 90.29 -15.37
CA VAL C 906 -8.01 88.98 -14.73
C VAL C 906 -6.64 88.54 -14.24
N LEU C 907 -5.62 88.71 -15.08
CA LEU C 907 -4.29 88.24 -14.71
C LEU C 907 -3.74 89.02 -13.52
N SER C 908 -3.94 90.34 -13.51
CA SER C 908 -3.47 91.15 -12.38
C SER C 908 -4.22 90.80 -11.11
N HIS C 909 -5.54 90.56 -11.21
CA HIS C 909 -6.30 90.15 -10.04
C HIS C 909 -5.82 88.81 -9.51
N TRP C 910 -5.55 87.86 -10.41
CA TRP C 910 -5.01 86.57 -9.97
C TRP C 910 -3.67 86.73 -9.26
N LEU C 911 -2.78 87.55 -9.83
CA LEU C 911 -1.48 87.77 -9.21
C LEU C 911 -1.60 88.44 -7.85
N LYS C 912 -2.54 89.39 -7.72
CA LYS C 912 -2.76 90.03 -6.43
C LYS C 912 -3.40 89.08 -5.43
N GLU C 913 -4.24 88.16 -5.90
CA GLU C 913 -4.77 87.12 -5.04
C GLU C 913 -3.65 86.22 -4.52
N LYS C 914 -2.71 85.87 -5.39
CA LYS C 914 -1.59 85.03 -4.97
C LYS C 914 -0.58 85.81 -4.13
N CYS C 915 -0.47 87.13 -4.34
CA CYS C 915 0.44 87.99 -3.60
C CYS C 915 -0.37 89.04 -2.85
N PRO C 916 -0.99 88.67 -1.73
CA PRO C 916 -1.84 89.63 -1.01
C PRO C 916 -1.06 90.74 -0.32
N ILE C 917 0.22 90.53 -0.05
CA ILE C 917 1.05 91.57 0.54
C ILE C 917 1.50 92.51 -0.57
N GLU C 918 1.21 93.80 -0.41
CA GLU C 918 1.45 94.77 -1.47
C GLU C 918 2.91 94.78 -1.92
N GLU C 919 3.84 94.63 -0.99
CA GLU C 919 5.25 94.56 -1.38
C GLU C 919 5.50 93.32 -2.23
N LYS C 920 4.90 92.19 -1.84
CA LYS C 920 5.04 90.96 -2.63
C LYS C 920 4.34 91.10 -3.97
N PHE C 921 3.18 91.77 -4.00
CA PHE C 921 2.50 91.98 -5.27
C PHE C 921 3.32 92.83 -6.22
N GLN C 922 3.92 93.90 -5.71
CA GLN C 922 4.77 94.74 -6.56
C GLN C 922 6.01 93.98 -7.02
N ALA C 923 6.60 93.16 -6.14
CA ALA C 923 7.72 92.34 -6.57
C ALA C 923 7.30 91.35 -7.66
N ALA C 924 6.09 90.79 -7.55
CA ALA C 924 5.61 89.88 -8.57
C ALA C 924 5.34 90.59 -9.88
N VAL C 925 4.82 91.82 -9.80
CA VAL C 925 4.61 92.62 -11.00
C VAL C 925 5.95 92.93 -11.68
N GLU C 926 6.97 93.28 -10.89
CA GLU C 926 8.29 93.55 -11.45
C GLU C 926 8.89 92.31 -12.11
N ARG C 927 8.81 91.18 -11.40
CA ARG C 927 9.29 89.92 -11.98
C ARG C 927 8.51 89.58 -13.24
N PHE C 928 7.22 89.90 -13.28
CA PHE C 928 6.44 89.72 -14.49
C PHE C 928 6.97 90.59 -15.62
N VAL C 929 7.27 91.86 -15.33
CA VAL C 929 7.83 92.74 -16.36
C VAL C 929 9.10 92.16 -16.93
N TYR C 930 10.02 91.73 -16.06
CA TYR C 930 11.31 91.23 -16.53
C TYR C 930 11.14 89.93 -17.32
N SER C 931 10.36 88.98 -16.79
CA SER C 931 10.20 87.71 -17.48
C SER C 931 9.45 87.86 -18.79
N CYS C 932 8.45 88.74 -18.82
CA CYS C 932 7.75 89.05 -20.05
C CYS C 932 8.70 89.62 -21.09
N ALA C 933 9.56 90.57 -20.69
CA ALA C 933 10.52 91.12 -21.63
C ALA C 933 11.46 90.04 -22.15
N GLY C 934 11.98 89.20 -21.25
CA GLY C 934 12.88 88.14 -21.67
C GLY C 934 12.25 87.19 -22.65
N TYR C 935 11.04 86.71 -22.35
CA TYR C 935 10.39 85.77 -23.26
C TYR C 935 9.91 86.44 -24.54
N CYS C 936 9.56 87.73 -24.49
CA CYS C 936 9.24 88.44 -25.73
C CYS C 936 10.44 88.45 -26.67
N VAL C 937 11.60 88.87 -26.15
CA VAL C 937 12.80 88.90 -26.97
C VAL C 937 13.16 87.49 -27.45
N ALA C 938 13.06 86.50 -26.57
CA ALA C 938 13.45 85.14 -26.92
C ALA C 938 12.54 84.55 -28.00
N THR C 939 11.22 84.66 -27.81
CA THR C 939 10.30 84.11 -28.80
C THR C 939 10.35 84.89 -30.11
N PHE C 940 10.69 86.18 -30.06
CA PHE C 940 10.91 86.92 -31.29
C PHE C 940 12.12 86.41 -32.04
N VAL C 941 13.27 86.30 -31.36
CA VAL C 941 14.50 85.90 -32.03
C VAL C 941 14.41 84.46 -32.50
N LEU C 942 13.74 83.60 -31.75
CA LEU C 942 13.64 82.19 -32.09
C LEU C 942 12.39 81.83 -32.88
N GLY C 943 11.52 82.80 -33.16
CA GLY C 943 10.33 82.54 -33.97
C GLY C 943 9.40 81.48 -33.43
N ILE C 944 9.13 81.51 -32.13
CA ILE C 944 8.35 80.47 -31.47
C ILE C 944 6.87 80.70 -31.75
N GLY C 945 6.23 79.72 -32.40
CA GLY C 945 4.83 79.81 -32.76
C GLY C 945 3.89 79.02 -31.85
N ASP C 946 2.62 79.00 -32.25
CA ASP C 946 1.54 78.29 -31.54
C ASP C 946 1.39 78.80 -30.11
N ARG C 947 1.50 80.12 -29.94
CA ARG C 947 1.45 80.75 -28.62
C ARG C 947 0.00 81.02 -28.19
N HIS C 948 -0.76 79.95 -28.04
CA HIS C 948 -2.06 80.08 -27.38
C HIS C 948 -1.89 80.07 -25.85
N ASN C 949 -2.95 80.52 -25.16
CA ASN C 949 -2.87 80.79 -23.73
C ASN C 949 -2.69 79.54 -22.87
N ASP C 950 -2.81 78.34 -23.44
CA ASP C 950 -2.42 77.15 -22.69
C ASP C 950 -0.94 76.88 -22.72
N ASN C 951 -0.22 77.43 -23.72
CA ASN C 951 1.22 77.26 -23.83
C ASN C 951 2.00 78.37 -23.13
N ILE C 952 1.33 79.20 -22.33
CA ILE C 952 1.97 80.26 -21.55
C ILE C 952 1.51 80.13 -20.10
N MET C 953 2.46 80.12 -19.17
CA MET C 953 2.15 79.97 -17.77
C MET C 953 2.73 81.13 -16.98
N ILE C 954 2.13 81.39 -15.82
CA ILE C 954 2.66 82.35 -14.86
C ILE C 954 2.75 81.69 -13.49
N SER C 955 3.86 81.94 -12.80
CA SER C 955 4.03 81.46 -11.44
C SER C 955 3.33 82.40 -10.46
N GLU C 956 3.03 81.87 -9.27
CA GLU C 956 2.46 82.69 -8.22
C GLU C 956 3.39 83.82 -7.78
N THR C 957 4.69 83.71 -8.09
CA THR C 957 5.64 84.79 -7.82
C THR C 957 5.80 85.74 -9.01
N GLY C 958 5.06 85.53 -10.09
CA GLY C 958 4.99 86.46 -11.20
C GLY C 958 5.84 86.15 -12.41
N ASN C 959 6.57 85.04 -12.43
CA ASN C 959 7.34 84.67 -13.62
C ASN C 959 6.39 84.28 -14.76
N LEU C 960 6.48 85.01 -15.88
CA LEU C 960 5.87 84.57 -17.13
C LEU C 960 6.85 83.67 -17.88
N PHE C 961 6.36 82.52 -18.37
CA PHE C 961 7.22 81.64 -19.15
C PHE C 961 6.40 80.85 -20.16
N HIS C 962 7.10 80.38 -21.20
CA HIS C 962 6.51 79.63 -22.31
C HIS C 962 6.84 78.14 -22.22
N ILE C 963 5.90 77.32 -22.67
CA ILE C 963 6.07 75.86 -22.73
C ILE C 963 5.68 75.37 -24.13
N ASP C 964 5.98 74.09 -24.39
CA ASP C 964 5.71 73.41 -25.65
C ASP C 964 6.29 74.17 -26.83
N PHE C 965 7.47 73.75 -27.30
CA PHE C 965 8.20 74.43 -28.36
C PHE C 965 8.10 73.71 -29.70
N GLY C 966 6.93 73.15 -30.02
CA GLY C 966 6.74 72.38 -31.24
C GLY C 966 6.89 73.17 -32.53
N HIS C 967 6.95 74.50 -32.46
CA HIS C 967 7.08 75.31 -33.66
C HIS C 967 8.03 76.49 -33.47
N ARG C 982 -0.20 86.87 -35.87
CA ARG C 982 -0.48 88.18 -36.44
C ARG C 982 0.39 89.25 -35.80
N VAL C 983 1.14 88.87 -34.77
CA VAL C 983 2.01 89.79 -34.06
C VAL C 983 3.39 89.14 -33.91
N PRO C 984 4.47 89.93 -33.87
CA PRO C 984 5.80 89.33 -33.69
C PRO C 984 5.92 88.48 -32.43
N PHE C 985 5.30 88.90 -31.34
CA PHE C 985 5.32 88.14 -30.09
C PHE C 985 4.10 88.51 -29.28
N VAL C 986 3.87 87.75 -28.21
CA VAL C 986 2.67 87.91 -27.39
C VAL C 986 2.87 89.09 -26.43
N LEU C 987 2.07 90.13 -26.63
CA LEU C 987 1.95 91.25 -25.68
C LEU C 987 0.49 91.68 -25.72
N THR C 988 -0.33 91.09 -24.86
CA THR C 988 -1.76 91.27 -24.89
C THR C 988 -2.21 92.36 -23.93
N PRO C 989 -3.42 92.89 -24.11
CA PRO C 989 -3.91 93.92 -23.18
C PRO C 989 -3.92 93.52 -21.72
N ASP C 990 -4.13 92.24 -21.38
CA ASP C 990 -4.07 91.86 -19.96
C ASP C 990 -2.63 91.93 -19.45
N PHE C 991 -1.67 91.56 -20.30
CA PHE C 991 -0.26 91.75 -19.94
C PHE C 991 0.04 93.23 -19.74
N LEU C 992 -0.44 94.08 -20.64
CA LEU C 992 -0.27 95.52 -20.50
C LEU C 992 -0.95 96.03 -19.24
N PHE C 993 -2.05 95.41 -18.82
CA PHE C 993 -2.75 95.82 -17.61
C PHE C 993 -1.94 95.47 -16.36
N VAL C 994 -1.29 94.31 -16.34
CA VAL C 994 -0.42 93.99 -15.23
C VAL C 994 0.69 95.02 -15.09
N MET C 995 1.20 95.52 -16.22
CA MET C 995 2.20 96.60 -16.24
C MET C 995 1.61 97.96 -15.91
N GLY C 996 0.34 98.03 -15.52
CA GLY C 996 -0.27 99.29 -15.14
C GLY C 996 -0.54 100.26 -16.26
N THR C 997 -0.60 99.79 -17.51
CA THR C 997 -1.03 100.62 -18.62
C THR C 997 -2.54 100.55 -18.76
N SER C 998 -3.15 101.67 -19.13
CA SER C 998 -4.59 101.77 -19.39
C SER C 998 -4.77 102.40 -20.76
N GLY C 999 -5.17 101.58 -21.73
CA GLY C 999 -5.20 102.05 -23.10
C GLY C 999 -3.80 102.32 -23.64
N LYS C 1000 -3.67 103.43 -24.36
CA LYS C 1000 -2.40 103.82 -24.95
C LYS C 1000 -1.52 104.63 -24.01
N LYS C 1001 -1.95 104.85 -22.75
CA LYS C 1001 -1.13 105.57 -21.79
C LYS C 1001 0.03 104.70 -21.33
N THR C 1002 1.24 105.24 -21.44
CA THR C 1002 2.44 104.52 -21.02
C THR C 1002 2.63 104.60 -19.51
N SER C 1003 2.94 103.46 -18.90
CA SER C 1003 3.27 103.39 -17.48
C SER C 1003 4.78 103.31 -17.29
N LEU C 1004 5.20 103.53 -16.03
CA LEU C 1004 6.61 103.36 -15.70
C LEU C 1004 7.06 101.92 -15.93
N HIS C 1005 6.21 100.95 -15.55
CA HIS C 1005 6.54 99.55 -15.79
C HIS C 1005 6.63 99.24 -17.28
N PHE C 1006 5.81 99.89 -18.12
CA PHE C 1006 5.89 99.64 -19.56
C PHE C 1006 7.15 100.25 -20.17
N GLN C 1007 7.53 101.45 -19.71
CA GLN C 1007 8.81 102.03 -20.13
C GLN C 1007 9.96 101.11 -19.75
N LYS C 1008 9.95 100.60 -18.51
CA LYS C 1008 10.98 99.67 -18.09
C LYS C 1008 10.98 98.42 -18.96
N PHE C 1009 9.79 97.90 -19.28
CA PHE C 1009 9.67 96.77 -20.18
C PHE C 1009 10.33 97.05 -21.52
N GLN C 1010 10.05 98.21 -22.11
CA GLN C 1010 10.63 98.57 -23.40
C GLN C 1010 12.15 98.66 -23.31
N ASP C 1011 12.67 99.33 -22.28
CA ASP C 1011 14.11 99.47 -22.14
C ASP C 1011 14.78 98.11 -21.98
N VAL C 1012 14.21 97.26 -21.13
CA VAL C 1012 14.77 95.92 -20.91
C VAL C 1012 14.73 95.10 -22.20
N CYS C 1013 13.61 95.18 -22.93
CA CYS C 1013 13.52 94.50 -24.21
C CYS C 1013 14.61 94.93 -25.17
N VAL C 1014 14.84 96.24 -25.27
CA VAL C 1014 15.85 96.76 -26.17
C VAL C 1014 17.23 96.25 -25.77
N LYS C 1015 17.55 96.32 -24.47
CA LYS C 1015 18.86 95.88 -24.00
C LYS C 1015 19.09 94.40 -24.28
N ALA C 1016 18.10 93.55 -23.94
CA ALA C 1016 18.25 92.12 -24.17
C ALA C 1016 18.39 91.80 -25.65
N TYR C 1017 17.57 92.46 -26.48
CA TYR C 1017 17.63 92.25 -27.92
C TYR C 1017 19.01 92.60 -28.46
N LEU C 1018 19.57 93.74 -28.05
CA LEU C 1018 20.89 94.11 -28.52
C LEU C 1018 21.97 93.16 -28.00
N ALA C 1019 21.82 92.69 -26.75
CA ALA C 1019 22.78 91.72 -26.21
C ALA C 1019 22.81 90.45 -27.05
N LEU C 1020 21.64 89.96 -27.46
CA LEU C 1020 21.61 88.80 -28.34
C LEU C 1020 22.14 89.14 -29.73
N ARG C 1021 21.85 90.35 -30.21
CA ARG C 1021 22.35 90.77 -31.51
C ARG C 1021 23.87 90.72 -31.55
N HIS C 1022 24.51 91.09 -30.45
CA HIS C 1022 25.96 90.98 -30.38
C HIS C 1022 26.46 89.53 -30.40
N HIS C 1023 25.60 88.53 -30.14
CA HIS C 1023 25.98 87.12 -30.15
C HIS C 1023 25.31 86.33 -31.28
N THR C 1024 24.80 87.06 -32.28
CA THR C 1024 24.19 86.45 -33.47
C THR C 1024 25.01 85.28 -34.04
N ASN C 1025 26.34 85.44 -34.15
CA ASN C 1025 27.15 84.38 -34.74
C ASN C 1025 27.06 83.09 -33.93
N LEU C 1026 27.18 83.21 -32.61
CA LEU C 1026 27.05 82.05 -31.74
C LEU C 1026 25.71 81.37 -31.94
N LEU C 1027 24.63 82.16 -31.98
CA LEU C 1027 23.30 81.56 -32.15
C LEU C 1027 23.19 80.82 -33.49
N ILE C 1028 23.64 81.46 -34.57
CA ILE C 1028 23.59 80.84 -35.89
C ILE C 1028 24.35 79.52 -35.89
N ILE C 1029 25.54 79.52 -35.27
CA ILE C 1029 26.36 78.31 -35.25
C ILE C 1029 25.65 77.20 -34.47
N LEU C 1030 25.06 77.56 -33.33
CA LEU C 1030 24.39 76.55 -32.51
C LEU C 1030 23.24 75.89 -33.25
N PHE C 1031 22.48 76.65 -34.03
CA PHE C 1031 21.39 76.01 -34.78
C PHE C 1031 21.89 75.25 -36.01
N SER C 1032 22.93 75.77 -36.66
CA SER C 1032 23.52 75.06 -37.79
C SER C 1032 23.99 73.68 -37.38
N MET C 1033 24.61 73.58 -36.20
CA MET C 1033 25.07 72.28 -35.72
C MET C 1033 23.93 71.32 -35.42
N MET C 1034 22.69 71.82 -35.28
CA MET C 1034 21.55 70.98 -34.98
C MET C 1034 20.71 70.66 -36.21
N LEU C 1035 21.01 71.30 -37.35
CA LEU C 1035 20.34 70.95 -38.60
C LEU C 1035 20.28 69.45 -38.86
N MET C 1036 21.24 68.67 -38.36
CA MET C 1036 21.42 67.28 -38.76
C MET C 1036 20.77 66.30 -37.80
N THR C 1037 19.90 66.78 -36.91
CA THR C 1037 19.19 65.92 -35.97
C THR C 1037 17.92 65.32 -36.56
N GLY C 1038 17.45 65.83 -37.70
CA GLY C 1038 16.17 65.42 -38.24
C GLY C 1038 14.98 66.01 -37.54
N MET C 1039 15.15 67.15 -36.86
CA MET C 1039 14.03 67.81 -36.21
C MET C 1039 13.12 68.43 -37.27
N PRO C 1040 11.80 68.27 -37.16
CA PRO C 1040 10.89 68.73 -38.24
C PRO C 1040 10.93 70.23 -38.48
N GLN C 1041 11.25 71.03 -37.48
CA GLN C 1041 11.25 72.48 -37.63
C GLN C 1041 12.63 73.07 -37.86
N LEU C 1042 13.67 72.21 -37.99
CA LEU C 1042 15.05 72.66 -38.26
C LEU C 1042 15.66 71.69 -39.28
N THR C 1043 15.40 71.96 -40.56
CA THR C 1043 15.78 71.05 -41.64
C THR C 1043 16.79 71.64 -42.62
N SER C 1044 16.83 72.95 -42.79
CA SER C 1044 17.70 73.58 -43.78
C SER C 1044 18.21 74.92 -43.25
N LYS C 1045 19.19 75.48 -43.96
CA LYS C 1045 19.78 76.75 -43.56
C LYS C 1045 18.78 77.91 -43.68
N GLU C 1046 17.81 77.78 -44.58
CA GLU C 1046 16.76 78.80 -44.69
C GLU C 1046 16.02 78.98 -43.38
N ASP C 1047 15.86 77.90 -42.61
CA ASP C 1047 15.28 78.02 -41.28
C ASP C 1047 16.13 78.90 -40.38
N ILE C 1048 17.46 78.82 -40.51
CA ILE C 1048 18.35 79.58 -39.65
C ILE C 1048 18.42 81.04 -40.09
N GLU C 1049 18.18 81.31 -41.37
CA GLU C 1049 18.14 82.70 -41.82
C GLU C 1049 17.12 83.54 -41.05
N TYR C 1050 16.12 82.90 -40.44
CA TYR C 1050 15.18 83.63 -39.57
C TYR C 1050 15.91 84.41 -38.48
N ILE C 1051 16.90 83.77 -37.84
CA ILE C 1051 17.61 84.45 -36.76
C ILE C 1051 18.37 85.64 -37.30
N ARG C 1052 19.01 85.49 -38.47
CA ARG C 1052 19.72 86.59 -39.09
C ARG C 1052 18.79 87.76 -39.37
N ASP C 1053 17.58 87.47 -39.88
CA ASP C 1053 16.64 88.55 -40.19
C ASP C 1053 16.06 89.18 -38.94
N ALA C 1054 15.71 88.37 -37.94
CA ALA C 1054 15.11 88.89 -36.72
C ALA C 1054 16.05 89.82 -35.98
N LEU C 1055 17.34 89.49 -35.95
CA LEU C 1055 18.32 90.32 -35.27
C LEU C 1055 18.82 91.48 -36.13
N THR C 1056 18.28 91.65 -37.34
CA THR C 1056 18.63 92.75 -38.25
C THR C 1056 20.14 92.84 -38.45
N VAL C 1057 20.74 91.72 -38.83
CA VAL C 1057 22.16 91.70 -39.14
C VAL C 1057 22.46 92.69 -40.26
N GLY C 1058 23.54 93.45 -40.08
CA GLY C 1058 23.98 94.41 -41.06
C GLY C 1058 23.42 95.81 -40.89
N LYS C 1059 22.41 96.00 -40.04
CA LYS C 1059 21.91 97.33 -39.75
C LYS C 1059 22.71 97.97 -38.60
N SER C 1060 22.54 99.28 -38.45
CA SER C 1060 23.12 99.96 -37.31
C SER C 1060 22.42 99.55 -36.03
N GLU C 1061 23.09 99.79 -34.90
CA GLU C 1061 22.46 99.50 -33.62
C GLU C 1061 21.26 100.40 -33.37
N GLU C 1062 21.31 101.65 -33.83
CA GLU C 1062 20.16 102.53 -33.71
C GLU C 1062 18.99 102.02 -34.54
N ASP C 1063 19.27 101.57 -35.78
CA ASP C 1063 18.21 101.02 -36.61
C ASP C 1063 17.63 99.74 -35.99
N ALA C 1064 18.48 98.91 -35.39
CA ALA C 1064 17.99 97.68 -34.76
C ALA C 1064 17.11 98.00 -33.54
N LYS C 1065 17.56 98.92 -32.70
CA LYS C 1065 16.76 99.36 -31.55
C LYS C 1065 15.39 99.89 -32.00
N LYS C 1066 15.40 100.78 -33.00
CA LYS C 1066 14.15 101.34 -33.51
C LYS C 1066 13.25 100.25 -34.06
N TYR C 1067 13.83 99.31 -34.82
CA TYR C 1067 13.04 98.21 -35.39
C TYR C 1067 12.36 97.39 -34.29
N PHE C 1068 13.09 97.06 -33.23
CA PHE C 1068 12.48 96.25 -32.18
C PHE C 1068 11.41 97.03 -31.42
N LEU C 1069 11.64 98.32 -31.17
CA LEU C 1069 10.60 99.14 -30.57
C LEU C 1069 9.36 99.18 -31.46
N ASP C 1070 9.55 99.24 -32.78
CA ASP C 1070 8.42 99.18 -33.71
C ASP C 1070 7.68 97.86 -33.59
N GLN C 1071 8.41 96.76 -33.40
CA GLN C 1071 7.76 95.48 -33.18
C GLN C 1071 6.92 95.50 -31.90
N ILE C 1072 7.45 96.11 -30.84
CA ILE C 1072 6.71 96.24 -29.59
C ILE C 1072 5.39 96.98 -29.82
N GLU C 1073 5.45 98.10 -30.56
CA GLU C 1073 4.23 98.87 -30.78
C GLU C 1073 3.26 98.14 -31.72
N VAL C 1074 3.77 97.38 -32.68
CA VAL C 1074 2.89 96.56 -33.52
C VAL C 1074 2.13 95.54 -32.68
N CYS C 1075 2.82 94.91 -31.73
CA CYS C 1075 2.15 93.97 -30.84
C CYS C 1075 1.13 94.68 -29.96
N ARG C 1076 1.47 95.88 -29.46
CA ARG C 1076 0.56 96.64 -28.62
C ARG C 1076 -0.72 97.01 -29.37
N ASP C 1077 -0.59 97.46 -30.62
CA ASP C 1077 -1.77 97.86 -31.39
C ASP C 1077 -2.63 96.66 -31.78
N LYS C 1078 -2.01 95.52 -32.07
CA LYS C 1078 -2.76 94.35 -32.53
C LYS C 1078 -2.95 93.32 -31.42
N SER D 3 73.21 50.29 -91.04
CA SER D 3 72.57 50.08 -89.75
C SER D 3 71.20 50.76 -89.69
N SER D 4 71.03 51.84 -90.48
CA SER D 4 69.76 52.56 -90.47
C SER D 4 68.67 51.79 -91.20
N ASP D 5 69.04 51.03 -92.24
CA ASP D 5 68.05 50.28 -92.98
C ASP D 5 67.52 49.09 -92.17
N VAL D 6 68.41 48.43 -91.43
CA VAL D 6 67.98 47.33 -90.57
C VAL D 6 67.08 47.85 -89.46
N GLU D 7 67.42 49.00 -88.89
CA GLU D 7 66.58 49.65 -87.89
C GLU D 7 65.19 49.95 -88.45
N LEU D 8 65.14 50.53 -89.65
CA LEU D 8 63.84 50.86 -90.24
C LEU D 8 63.04 49.60 -90.53
N ASP D 9 63.71 48.52 -90.95
CA ASP D 9 63.04 47.27 -91.26
C ASP D 9 62.42 46.66 -90.00
N PHE D 10 63.18 46.62 -88.90
CA PHE D 10 62.64 46.12 -87.63
C PHE D 10 61.50 47.02 -87.13
N GLN D 11 61.65 48.34 -87.29
CA GLN D 11 60.58 49.26 -86.87
C GLN D 11 59.30 48.99 -87.64
N ARG D 12 59.41 48.73 -88.95
CA ARG D 12 58.22 48.41 -89.73
C ARG D 12 57.57 47.12 -89.25
N SER D 13 58.38 46.11 -88.90
CA SER D 13 57.78 44.87 -88.39
C SER D 13 57.04 45.12 -87.07
N VAL D 14 57.65 45.88 -86.16
CA VAL D 14 57.01 46.17 -84.88
C VAL D 14 55.71 46.94 -85.10
N GLN D 15 55.73 47.89 -86.03
CA GLN D 15 54.52 48.65 -86.32
C GLN D 15 53.43 47.76 -86.92
N ALA D 16 53.82 46.75 -87.71
CA ALA D 16 52.82 45.80 -88.22
C ALA D 16 52.15 45.07 -87.08
N VAL D 17 52.95 44.62 -86.09
CA VAL D 17 52.33 43.95 -84.95
C VAL D 17 51.40 44.90 -84.20
N LEU D 18 51.83 46.16 -84.03
CA LEU D 18 51.02 47.13 -83.32
C LEU D 18 49.71 47.40 -84.06
N ARG D 19 49.76 47.49 -85.38
CA ARG D 19 48.55 47.68 -86.17
C ARG D 19 47.63 46.49 -86.04
N GLU D 20 48.19 45.27 -86.01
CA GLU D 20 47.36 44.09 -85.79
C GLU D 20 46.68 44.16 -84.43
N LEU D 21 47.33 44.76 -83.44
CA LEU D 21 46.73 44.83 -82.12
C LEU D 21 45.68 45.93 -81.98
N ASN D 22 45.84 47.05 -82.69
CA ASN D 22 44.94 48.19 -82.48
C ASN D 22 43.65 48.12 -83.28
N THR D 23 43.66 47.40 -84.41
CA THR D 23 42.50 47.29 -85.30
C THR D 23 42.02 45.84 -85.38
N PRO D 24 41.28 45.36 -84.36
CA PRO D 24 40.73 43.99 -84.42
C PRO D 24 39.73 43.82 -85.54
N ASN D 25 40.16 43.99 -86.79
CA ASN D 25 39.30 43.78 -87.94
C ASN D 25 39.23 42.30 -88.32
N GLN D 29 41.75 38.33 -90.99
CA GLN D 29 41.75 37.13 -90.17
C GLN D 29 42.80 36.12 -90.63
N SER D 30 43.14 36.16 -91.92
CA SER D 30 43.98 35.13 -92.50
C SER D 30 45.45 35.29 -92.16
N ASN D 31 45.88 36.48 -91.76
CA ASN D 31 47.28 36.75 -91.44
C ASN D 31 47.50 37.12 -89.98
N GLN D 32 46.49 36.94 -89.13
CA GLN D 32 46.60 37.31 -87.73
C GLN D 32 47.56 36.38 -87.01
N GLY D 33 48.51 36.97 -86.28
CA GLY D 33 49.53 36.22 -85.58
C GLY D 33 50.78 35.95 -86.38
N MET D 34 50.73 36.13 -87.70
CA MET D 34 51.89 35.90 -88.54
C MET D 34 52.93 37.00 -88.37
N TRP D 35 52.50 38.21 -87.99
CA TRP D 35 53.42 39.32 -87.86
C TRP D 35 54.38 39.12 -86.70
N ARG D 36 53.85 38.74 -85.53
CA ARG D 36 54.70 38.42 -84.38
C ARG D 36 55.71 37.33 -84.73
N TRP D 37 55.21 36.23 -85.33
CA TRP D 37 56.08 35.13 -85.70
C TRP D 37 57.17 35.56 -86.67
N SER D 38 56.81 36.38 -87.67
CA SER D 38 57.80 36.88 -88.61
C SER D 38 58.86 37.73 -87.92
N LEU D 39 58.44 38.55 -86.97
CA LEU D 39 59.40 39.36 -86.21
C LEU D 39 60.38 38.47 -85.45
N HIS D 40 59.86 37.44 -84.77
CA HIS D 40 60.73 36.54 -84.03
C HIS D 40 61.68 35.80 -84.96
N LYS D 41 61.20 35.39 -86.14
CA LYS D 41 62.08 34.73 -87.09
C LYS D 41 63.17 35.68 -87.58
N LYS D 42 62.80 36.94 -87.80
CA LYS D 42 63.77 37.93 -88.25
C LYS D 42 64.86 38.15 -87.22
N VAL D 43 64.51 38.21 -85.94
CA VAL D 43 65.58 38.39 -84.95
C VAL D 43 66.40 37.10 -84.83
N GLU D 44 65.77 35.93 -84.99
CA GLU D 44 66.52 34.68 -84.96
C GLU D 44 67.53 34.60 -86.10
N ARG D 45 67.21 35.18 -87.26
CA ARG D 45 68.13 35.14 -88.39
C ARG D 45 69.27 36.14 -88.26
N ASN D 46 69.08 37.21 -87.50
CA ASN D 46 70.11 38.22 -87.28
C ASN D 46 70.21 38.47 -85.77
N PRO D 47 70.83 37.54 -85.04
CA PRO D 47 70.88 37.71 -83.58
C PRO D 47 71.73 38.89 -83.16
N GLY D 48 72.77 39.23 -83.92
CA GLY D 48 73.60 40.38 -83.62
C GLY D 48 72.86 41.71 -83.68
N LYS D 49 71.64 41.71 -84.20
CA LYS D 49 70.82 42.91 -84.25
C LYS D 49 69.76 42.92 -83.16
N SER D 50 69.84 41.95 -82.23
CA SER D 50 68.82 41.85 -81.19
C SER D 50 68.73 43.13 -80.38
N SER D 51 69.89 43.72 -80.05
CA SER D 51 69.88 44.96 -79.28
C SER D 51 69.05 46.01 -79.97
N ILE D 52 69.16 46.08 -81.30
CA ILE D 52 68.37 47.02 -82.08
C ILE D 52 66.89 46.85 -81.74
N LEU D 53 66.39 45.61 -81.88
CA LEU D 53 65.00 45.36 -81.62
C LEU D 53 64.64 45.77 -80.19
N VAL D 54 65.52 45.45 -79.23
CA VAL D 54 65.22 45.79 -77.84
C VAL D 54 64.93 47.27 -77.72
N ARG D 55 65.81 48.11 -78.28
CA ARG D 55 65.61 49.54 -78.16
C ARG D 55 64.24 49.93 -78.70
N ILE D 56 63.92 49.45 -79.90
CA ILE D 56 62.63 49.80 -80.51
C ILE D 56 61.51 49.41 -79.57
N LEU D 57 61.53 48.17 -79.07
CA LEU D 57 60.47 47.73 -78.19
C LEU D 57 60.36 48.65 -77.00
N LEU D 58 61.50 48.96 -76.37
CA LEU D 58 61.46 49.81 -75.20
C LEU D 58 60.83 51.14 -75.56
N ARG D 59 61.25 51.74 -76.67
CA ARG D 59 60.66 53.01 -77.07
C ARG D 59 59.16 52.86 -77.23
N GLU D 60 58.72 51.85 -78.00
CA GLU D 60 57.30 51.68 -78.18
C GLU D 60 56.62 51.46 -76.83
N LEU D 61 57.24 50.65 -75.98
CA LEU D 61 56.67 50.42 -74.66
C LEU D 61 56.52 51.74 -73.92
N GLU D 62 57.59 52.53 -73.88
CA GLU D 62 57.50 53.82 -73.19
C GLU D 62 56.40 54.67 -73.81
N LYS D 63 56.32 54.69 -75.14
CA LYS D 63 55.27 55.45 -75.80
C LYS D 63 53.91 54.98 -75.31
N ALA D 64 53.70 53.67 -75.29
CA ALA D 64 52.41 53.12 -74.87
C ALA D 64 52.06 53.58 -73.45
N GLU D 65 53.05 53.65 -72.56
CA GLU D 65 52.76 54.07 -71.20
C GLU D 65 52.28 55.51 -71.15
N SER D 66 52.87 56.38 -71.98
CA SER D 66 52.54 57.81 -71.92
C SER D 66 51.16 58.09 -72.50
N GLU D 67 50.76 57.33 -73.52
CA GLU D 67 49.49 57.55 -74.21
C GLU D 67 48.36 56.69 -73.66
N ASP D 68 48.61 55.99 -72.55
CA ASP D 68 47.62 55.09 -71.94
C ASP D 68 47.13 54.04 -72.94
N GLY D 69 48.05 53.55 -73.76
CA GLY D 69 47.75 52.48 -74.69
C GLY D 69 47.88 51.12 -74.04
N ARG D 70 46.93 50.79 -73.16
CA ARG D 70 47.04 49.60 -72.32
C ARG D 70 46.98 48.31 -73.13
N ARG D 71 46.37 48.33 -74.31
CA ARG D 71 46.17 47.11 -75.06
C ARG D 71 47.46 46.54 -75.64
N VAL D 72 48.51 47.36 -75.78
CA VAL D 72 49.74 46.93 -76.42
C VAL D 72 50.88 46.69 -75.45
N ILE D 73 50.71 47.04 -74.18
CA ILE D 73 51.81 46.97 -73.22
C ILE D 73 52.27 45.54 -73.02
N ILE D 74 51.34 44.65 -72.70
CA ILE D 74 51.68 43.27 -72.36
C ILE D 74 52.24 42.53 -73.57
N PRO D 75 51.66 42.66 -74.78
CA PRO D 75 52.29 42.00 -75.93
C PRO D 75 53.72 42.46 -76.19
N LEU D 76 53.96 43.78 -76.15
CA LEU D 76 55.30 44.29 -76.38
C LEU D 76 56.25 43.83 -75.28
N LEU D 77 55.78 43.84 -74.03
CA LEU D 77 56.61 43.39 -72.92
C LEU D 77 57.01 41.93 -73.07
N LEU D 78 56.05 41.07 -73.44
CA LEU D 78 56.35 39.66 -73.60
C LEU D 78 57.26 39.41 -74.79
N THR D 79 57.10 40.19 -75.87
CA THR D 79 58.02 40.09 -76.99
C THR D 79 59.44 40.48 -76.57
N LEU D 80 59.56 41.56 -75.80
CA LEU D 80 60.85 41.99 -75.29
C LEU D 80 61.49 40.88 -74.45
N MET D 81 60.70 40.25 -73.58
CA MET D 81 61.24 39.19 -72.75
C MET D 81 61.67 37.99 -73.58
N SER D 82 60.86 37.62 -74.58
CA SER D 82 61.21 36.52 -75.47
C SER D 82 62.53 36.80 -76.18
N VAL D 83 62.74 38.05 -76.62
CA VAL D 83 63.99 38.39 -77.28
C VAL D 83 65.16 38.35 -76.29
N LEU D 84 64.96 38.88 -75.09
CA LEU D 84 66.05 38.95 -74.11
C LEU D 84 66.46 37.57 -73.61
N THR D 85 65.53 36.60 -73.65
CA THR D 85 65.88 35.26 -73.20
C THR D 85 66.93 34.61 -74.10
N LYS D 86 66.92 34.95 -75.39
CA LYS D 86 67.83 34.33 -76.35
C LYS D 86 69.00 35.23 -76.72
N ALA D 87 68.90 36.53 -76.47
CA ALA D 87 69.86 37.49 -76.99
C ALA D 87 71.15 37.45 -76.17
N THR D 88 72.27 37.65 -76.87
CA THR D 88 73.57 37.83 -76.26
C THR D 88 74.11 39.19 -76.67
N GLY D 89 74.94 39.76 -75.82
CA GLY D 89 75.53 41.05 -76.14
C GLY D 89 74.61 42.22 -75.92
N ILE D 90 73.56 42.05 -75.13
CA ILE D 90 72.66 43.16 -74.81
C ILE D 90 73.35 44.05 -73.80
N PRO D 91 73.52 45.34 -74.08
CA PRO D 91 74.22 46.22 -73.14
C PRO D 91 73.45 46.35 -71.83
N GLU D 92 74.20 46.63 -70.75
CA GLU D 92 73.62 46.69 -69.42
C GLU D 92 72.61 47.82 -69.29
N ASP D 93 72.84 48.94 -69.98
CA ASP D 93 71.90 50.07 -69.89
C ASP D 93 70.51 49.69 -70.39
N LEU D 94 70.45 48.85 -71.43
CA LEU D 94 69.14 48.42 -71.93
C LEU D 94 68.44 47.54 -70.91
N TYR D 95 69.19 46.69 -70.21
CA TYR D 95 68.61 45.89 -69.14
C TYR D 95 68.09 46.80 -68.02
N HIS D 96 68.85 47.82 -67.65
CA HIS D 96 68.41 48.75 -66.62
C HIS D 96 67.16 49.51 -67.06
N ARG D 97 67.12 49.90 -68.33
CA ARG D 97 65.95 50.60 -68.86
C ARG D 97 64.72 49.71 -68.80
N ALA D 98 64.86 48.45 -69.22
CA ALA D 98 63.74 47.51 -69.16
C ALA D 98 63.28 47.29 -67.72
N TYR D 99 64.23 47.11 -66.80
CA TYR D 99 63.86 46.90 -65.39
C TYR D 99 63.15 48.11 -64.82
N THR D 100 63.63 49.31 -65.13
CA THR D 100 62.97 50.53 -64.66
C THR D 100 61.56 50.63 -65.21
N PHE D 101 61.38 50.29 -66.49
CA PHE D 101 60.04 50.27 -67.08
C PHE D 101 59.13 49.29 -66.35
N CYS D 102 59.63 48.08 -66.10
CA CYS D 102 58.84 47.09 -65.38
C CYS D 102 58.46 47.58 -63.99
N THR D 103 59.39 48.23 -63.29
CA THR D 103 59.09 48.75 -61.96
C THR D 103 58.04 49.87 -62.03
N ARG D 104 58.12 50.70 -63.07
CA ARG D 104 57.09 51.73 -63.24
C ARG D 104 55.72 51.12 -63.51
N LEU D 105 55.69 50.00 -64.23
CA LEU D 105 54.40 49.37 -64.53
C LEU D 105 53.70 48.81 -63.29
N LEU D 106 54.39 48.73 -62.15
CA LEU D 106 53.76 48.24 -60.93
C LEU D 106 52.67 49.17 -60.42
N THR D 107 52.63 50.41 -60.90
CA THR D 107 51.53 51.32 -60.62
C THR D 107 50.26 50.96 -61.39
N LEU D 108 50.36 50.04 -62.46
CA LEU D 108 49.18 49.69 -63.27
C LEU D 108 48.35 48.62 -62.54
N PRO D 109 47.04 48.58 -62.76
CA PRO D 109 46.26 47.54 -62.09
C PRO D 109 46.61 46.18 -62.66
N ALA D 110 46.21 45.15 -61.94
CA ALA D 110 46.27 43.81 -62.50
C ALA D 110 45.50 43.77 -63.80
N PRO D 111 46.02 43.10 -64.84
CA PRO D 111 47.16 42.20 -64.80
C PRO D 111 48.51 42.83 -65.11
N TYR D 112 48.54 44.14 -65.40
CA TYR D 112 49.78 44.76 -65.82
C TYR D 112 50.84 44.70 -64.72
N SER D 113 50.44 44.94 -63.48
CA SER D 113 51.40 44.93 -62.38
C SER D 113 51.95 43.52 -62.14
N THR D 114 51.11 42.50 -62.30
CA THR D 114 51.54 41.13 -62.04
C THR D 114 52.57 40.67 -63.08
N VAL D 115 52.26 40.90 -64.36
CA VAL D 115 53.18 40.53 -65.44
C VAL D 115 54.48 41.34 -65.31
N ALA D 116 54.35 42.62 -65.00
CA ALA D 116 55.53 43.46 -64.85
C ALA D 116 56.40 42.99 -63.69
N LEU D 117 55.78 42.50 -62.61
CA LEU D 117 56.55 41.98 -61.48
C LEU D 117 57.34 40.73 -61.87
N ASP D 118 56.69 39.79 -62.57
CA ASP D 118 57.39 38.61 -63.03
C ASP D 118 58.58 38.99 -63.91
N CYS D 119 58.34 39.91 -64.84
CA CYS D 119 59.40 40.34 -65.75
C CYS D 119 60.52 41.05 -65.00
N ALA D 120 60.18 41.87 -63.99
CA ALA D 120 61.18 42.59 -63.22
C ALA D 120 62.08 41.62 -62.45
N ILE D 121 61.50 40.55 -61.89
CA ILE D 121 62.31 39.56 -61.19
C ILE D 121 63.32 38.95 -62.17
N ARG D 122 62.81 38.48 -63.32
CA ARG D 122 63.69 37.83 -64.28
C ARG D 122 64.75 38.80 -64.79
N LEU D 123 64.36 40.06 -65.01
CA LEU D 123 65.28 41.05 -65.55
C LEU D 123 66.36 41.44 -64.55
N LYS D 124 66.02 41.54 -63.26
CA LYS D 124 67.03 41.83 -62.26
C LYS D 124 68.09 40.72 -62.26
N THR D 125 67.62 39.46 -62.21
CA THR D 125 68.59 38.37 -62.23
C THR D 125 69.43 38.37 -63.50
N GLU D 126 68.81 38.63 -64.65
CA GLU D 126 69.55 38.60 -65.92
C GLU D 126 70.53 39.77 -66.03
N THR D 127 70.17 40.94 -65.51
CA THR D 127 71.07 42.08 -65.53
C THR D 127 72.31 41.80 -64.69
N ALA D 128 72.12 41.17 -63.53
CA ALA D 128 73.30 40.91 -62.71
C ALA D 128 74.10 39.74 -63.26
N VAL D 129 73.43 38.71 -63.77
CA VAL D 129 74.09 37.50 -64.25
C VAL D 129 73.59 37.17 -65.66
N PRO D 130 74.10 37.83 -66.69
CA PRO D 130 73.60 37.60 -68.06
C PRO D 130 73.74 36.13 -68.47
N GLY D 131 72.72 35.62 -69.14
CA GLY D 131 72.67 34.24 -69.56
C GLY D 131 71.85 33.35 -68.66
N THR D 132 71.40 33.88 -67.51
CA THR D 132 70.66 33.07 -66.56
C THR D 132 69.34 32.58 -67.15
N LEU D 133 68.62 33.46 -67.83
CA LEU D 133 67.33 33.10 -68.39
C LEU D 133 67.48 31.95 -69.39
N TYR D 134 68.41 32.09 -70.33
CA TYR D 134 68.63 31.05 -71.34
C TYR D 134 69.02 29.73 -70.69
N GLN D 135 70.02 29.76 -69.81
CA GLN D 135 70.47 28.53 -69.17
C GLN D 135 69.34 27.84 -68.41
N ARG D 136 68.61 28.60 -67.60
CA ARG D 136 67.55 28.00 -66.79
C ARG D 136 66.45 27.43 -67.67
N THR D 137 66.09 28.15 -68.74
CA THR D 137 65.07 27.67 -69.65
C THR D 137 65.49 26.35 -70.28
N VAL D 138 66.73 26.30 -70.77
CA VAL D 138 67.19 25.09 -71.46
C VAL D 138 67.28 23.92 -70.48
N ILE D 139 67.84 24.16 -69.30
CA ILE D 139 68.00 23.08 -68.32
C ILE D 139 66.64 22.53 -67.90
N ALA D 140 65.69 23.42 -67.61
CA ALA D 140 64.38 22.96 -67.14
C ALA D 140 63.61 22.26 -68.25
N GLU D 141 63.65 22.80 -69.48
CA GLU D 141 62.80 22.27 -70.54
C GLU D 141 63.39 21.02 -71.19
N GLN D 142 64.71 20.86 -71.16
CA GLN D 142 65.35 19.71 -71.77
C GLN D 142 65.77 18.65 -70.75
N ASN D 143 65.39 18.85 -69.48
CA ASN D 143 65.65 17.88 -68.42
C ASN D 143 67.14 17.53 -68.31
N LEU D 144 67.99 18.54 -68.47
CA LEU D 144 69.42 18.35 -68.24
C LEU D 144 69.72 18.22 -66.75
N ILE D 145 70.59 17.27 -66.42
CA ILE D 145 70.90 16.97 -65.03
C ILE D 145 71.80 18.05 -64.44
N SER D 146 71.35 18.69 -63.37
CA SER D 146 72.12 19.73 -62.69
C SER D 146 71.78 19.78 -61.21
N GLU D 147 72.80 19.76 -60.35
CA GLU D 147 72.55 19.82 -58.90
C GLU D 147 72.01 21.16 -58.49
N LEU D 148 72.60 22.20 -59.05
CA LEU D 148 72.33 23.55 -58.60
C LEU D 148 71.06 24.09 -59.20
N TYR D 149 70.57 23.46 -60.25
CA TYR D 149 69.29 23.84 -60.86
C TYR D 149 68.52 22.57 -61.19
N PRO D 150 67.83 22.00 -60.20
CA PRO D 150 67.18 20.70 -60.40
C PRO D 150 65.81 20.78 -61.06
N TYR D 151 65.37 21.98 -61.44
CA TYR D 151 64.02 22.14 -61.94
C TYR D 151 63.89 21.49 -63.31
N GLN D 152 62.75 20.83 -63.53
CA GLN D 152 62.46 20.16 -64.79
C GLN D 152 61.07 20.58 -65.25
N GLU D 153 60.91 20.78 -66.55
CA GLU D 153 59.63 21.15 -67.13
C GLU D 153 59.33 20.24 -68.31
N ARG D 154 58.05 19.95 -68.51
CA ARG D 154 57.64 19.15 -69.65
C ARG D 154 56.27 19.61 -70.15
N VAL D 155 56.12 19.65 -71.47
CA VAL D 155 54.85 19.97 -72.12
C VAL D 155 54.20 18.66 -72.54
N PHE D 156 52.97 18.46 -72.08
CA PHE D 156 52.16 17.29 -72.43
C PHE D 156 51.06 17.74 -73.38
N LEU D 157 51.15 17.32 -74.63
CA LEU D 157 50.21 17.71 -75.67
C LEU D 157 49.13 16.62 -75.78
N PHE D 158 47.90 16.99 -75.44
CA PHE D 158 46.77 16.07 -75.48
C PHE D 158 45.80 16.46 -76.58
N VAL D 159 45.40 15.46 -77.37
CA VAL D 159 44.50 15.59 -78.50
C VAL D 159 43.49 14.46 -78.46
N ASP D 160 42.22 14.79 -78.65
CA ASP D 160 41.18 13.78 -78.78
C ASP D 160 41.13 13.27 -80.23
N PRO D 161 41.41 12.00 -80.49
CA PRO D 161 41.43 11.52 -81.89
C PRO D 161 40.08 11.61 -82.58
N GLU D 162 38.99 11.63 -81.82
CA GLU D 162 37.66 11.76 -82.41
C GLU D 162 37.32 13.21 -82.75
N LEU D 163 38.04 14.17 -82.18
CA LEU D 163 37.79 15.58 -82.41
C LEU D 163 38.74 16.19 -83.44
N VAL D 164 39.97 15.70 -83.50
CA VAL D 164 40.99 16.22 -84.42
C VAL D 164 41.38 15.12 -85.39
N SER D 165 41.49 15.48 -86.67
CA SER D 165 41.75 14.50 -87.71
C SER D 165 43.13 13.87 -87.55
N ALA D 166 43.27 12.66 -88.07
CA ALA D 166 44.56 11.97 -88.01
C ALA D 166 45.64 12.71 -88.78
N SER D 167 45.27 13.44 -89.83
CA SER D 167 46.26 14.20 -90.60
C SER D 167 46.88 15.31 -89.76
N VAL D 168 46.06 16.01 -88.97
CA VAL D 168 46.59 17.04 -88.07
C VAL D 168 47.56 16.41 -87.08
N CYS D 169 47.17 15.27 -86.51
CA CYS D 169 48.00 14.59 -85.53
C CYS D 169 49.34 14.19 -86.12
N SER D 170 49.32 13.63 -87.33
CA SER D 170 50.56 13.19 -87.96
C SER D 170 51.46 14.38 -88.29
N ALA D 171 50.89 15.47 -88.83
CA ALA D 171 51.71 16.63 -89.16
C ALA D 171 52.35 17.23 -87.90
N LEU D 172 51.57 17.35 -86.83
CA LEU D 172 52.12 17.90 -85.59
C LEU D 172 53.19 16.98 -85.01
N LEU D 173 52.94 15.67 -85.05
CA LEU D 173 53.93 14.71 -84.58
C LEU D 173 55.22 14.83 -85.38
N LEU D 174 55.11 15.03 -86.69
CA LEU D 174 56.30 15.14 -87.51
C LEU D 174 57.08 16.41 -87.18
N GLU D 175 56.37 17.53 -86.98
CA GLU D 175 57.08 18.75 -86.62
C GLU D 175 57.78 18.60 -85.27
N ILE D 176 57.10 18.00 -84.30
CA ILE D 176 57.66 17.86 -82.96
C ILE D 176 58.87 16.93 -82.98
N GLN D 177 58.74 15.80 -83.69
CA GLN D 177 59.85 14.85 -83.77
C GLN D 177 61.03 15.45 -84.52
N ALA D 178 60.77 16.18 -85.60
CA ALA D 178 61.85 16.84 -86.33
C ALA D 178 62.59 17.83 -85.44
N ALA D 179 61.86 18.56 -84.60
CA ALA D 179 62.54 19.47 -83.69
C ALA D 179 63.33 18.73 -82.62
N GLN D 180 62.77 17.64 -82.09
CA GLN D 180 63.41 16.95 -80.98
C GLN D 180 64.61 16.11 -81.40
N GLU D 181 64.64 15.65 -82.66
CA GLU D 181 65.80 14.89 -83.13
C GLU D 181 67.06 15.76 -83.16
N GLN D 182 66.91 17.05 -83.36
CA GLN D 182 68.04 17.97 -83.40
C GLN D 182 68.46 18.46 -82.02
N GLN D 183 67.66 18.20 -80.99
CA GLN D 183 67.91 18.72 -79.65
C GLN D 183 68.44 17.63 -78.72
N THR D 184 69.62 17.13 -79.06
CA THR D 184 70.26 16.13 -78.20
C THR D 184 70.82 16.80 -76.95
N PRO D 185 70.90 16.07 -75.84
CA PRO D 185 71.50 16.64 -74.62
C PRO D 185 72.87 17.26 -74.84
N GLU D 186 73.72 16.64 -75.66
CA GLU D 186 75.04 17.22 -75.93
C GLU D 186 74.92 18.55 -76.67
N ALA D 187 74.03 18.61 -77.66
CA ALA D 187 73.83 19.87 -78.37
C ALA D 187 73.32 20.95 -77.43
N CYS D 188 72.42 20.58 -76.52
CA CYS D 188 71.87 21.54 -75.57
C CYS D 188 72.95 22.02 -74.60
N MET D 189 73.81 21.11 -74.12
CA MET D 189 74.91 21.52 -73.26
C MET D 189 75.86 22.46 -73.99
N ARG D 190 76.19 22.15 -75.24
CA ARG D 190 77.01 23.03 -76.05
C ARG D 190 76.37 24.41 -76.17
N HIS D 191 75.05 24.45 -76.39
CA HIS D 191 74.36 25.72 -76.51
C HIS D 191 74.39 26.49 -75.19
N VAL D 192 74.22 25.81 -74.07
CA VAL D 192 74.24 26.49 -72.78
C VAL D 192 75.61 27.11 -72.53
N VAL D 193 76.67 26.33 -72.78
CA VAL D 193 78.03 26.84 -72.57
C VAL D 193 78.31 28.02 -73.48
N SER D 194 77.99 27.86 -74.78
CA SER D 194 78.24 28.92 -75.74
C SER D 194 77.48 30.19 -75.39
N HIS D 195 76.19 30.04 -75.10
CA HIS D 195 75.35 31.20 -74.80
C HIS D 195 75.80 31.90 -73.54
N ALA D 196 76.12 31.15 -72.48
CA ALA D 196 76.56 31.78 -71.25
C ALA D 196 77.88 32.53 -71.46
N LEU D 197 78.86 31.87 -72.09
CA LEU D 197 80.15 32.54 -72.29
C LEU D 197 80.00 33.77 -73.17
N GLN D 198 79.14 33.67 -74.20
CA GLN D 198 78.92 34.80 -75.09
C GLN D 198 78.19 35.94 -74.38
N ALA D 199 77.11 35.62 -73.67
CA ALA D 199 76.35 36.65 -72.97
C ALA D 199 77.20 37.36 -71.93
N ALA D 200 78.16 36.66 -71.32
CA ALA D 200 78.99 37.32 -70.31
C ALA D 200 80.13 38.10 -70.93
N LEU D 201 80.80 37.54 -71.95
CA LEU D 201 82.02 38.14 -72.47
C LEU D 201 81.78 39.12 -73.62
N GLY D 202 80.59 39.11 -74.22
CA GLY D 202 80.30 40.02 -75.32
C GLY D 202 81.25 39.84 -76.49
N GLU D 203 81.89 40.94 -76.88
CA GLU D 203 82.77 40.94 -78.03
C GLU D 203 84.10 40.26 -77.76
N ALA D 204 84.44 40.08 -76.48
CA ALA D 204 85.68 39.38 -76.13
C ALA D 204 85.59 37.88 -76.38
N CYS D 205 84.40 37.36 -76.68
CA CYS D 205 84.21 35.93 -76.93
C CYS D 205 84.41 35.65 -78.41
N HIS D 206 85.46 34.90 -78.73
CA HIS D 206 85.72 34.47 -80.10
C HIS D 206 84.79 33.30 -80.39
N THR D 207 83.63 33.62 -80.98
CA THR D 207 82.57 32.63 -81.11
C THR D 207 82.97 31.46 -82.00
N GLY D 208 83.71 31.73 -83.08
CA GLY D 208 84.12 30.64 -83.97
C GLY D 208 85.02 29.63 -83.29
N ALA D 209 86.09 30.11 -82.64
CA ALA D 209 87.00 29.22 -81.94
C ALA D 209 86.27 28.46 -80.84
N LEU D 210 85.37 29.14 -80.13
CA LEU D 210 84.60 28.49 -79.08
C LEU D 210 83.75 27.36 -79.63
N ASN D 211 83.02 27.62 -80.73
CA ASN D 211 82.18 26.60 -81.32
C ASN D 211 83.01 25.41 -81.81
N ARG D 212 84.16 25.69 -82.42
CA ARG D 212 85.02 24.61 -82.89
C ARG D 212 85.51 23.77 -81.73
N LYS D 213 85.99 24.41 -80.66
CA LYS D 213 86.49 23.68 -79.51
C LYS D 213 85.39 22.83 -78.87
N LEU D 214 84.19 23.38 -78.72
CA LEU D 214 83.11 22.62 -78.10
C LEU D 214 82.67 21.46 -78.96
N GLN D 215 82.60 21.67 -80.28
CA GLN D 215 82.22 20.59 -81.18
C GLN D 215 83.27 19.48 -81.20
N ALA D 216 84.54 19.85 -81.02
CA ALA D 216 85.62 18.86 -81.02
C ALA D 216 85.80 18.18 -79.67
N SER D 217 85.16 18.69 -78.62
CA SER D 217 85.35 18.15 -77.29
C SER D 217 84.55 16.86 -77.11
N SER D 218 85.09 15.94 -76.32
CA SER D 218 84.37 14.73 -75.95
C SER D 218 83.18 15.06 -75.07
N ARG D 219 82.29 14.08 -74.90
CA ARG D 219 81.12 14.28 -74.06
C ARG D 219 81.52 14.59 -72.62
N ARG D 220 82.55 13.91 -72.10
CA ARG D 220 82.96 14.15 -70.72
C ARG D 220 83.45 15.58 -70.53
N VAL D 221 84.28 16.08 -71.46
CA VAL D 221 84.79 17.44 -71.37
C VAL D 221 83.64 18.44 -71.49
N LEU D 222 82.73 18.19 -72.43
CA LEU D 222 81.57 19.06 -72.60
C LEU D 222 80.73 19.11 -71.34
N GLU D 223 80.47 17.95 -70.73
CA GLU D 223 79.70 17.91 -69.49
C GLU D 223 80.43 18.66 -68.38
N TYR D 224 81.74 18.49 -68.30
CA TYR D 224 82.53 19.22 -67.32
C TYR D 224 82.32 20.72 -67.47
N TYR D 225 82.43 21.22 -68.70
CA TYR D 225 82.30 22.67 -68.91
C TYR D 225 80.88 23.15 -68.69
N PHE D 226 79.90 22.36 -69.11
CA PHE D 226 78.50 22.65 -68.84
C PHE D 226 78.28 22.83 -67.35
N HIS D 227 78.77 21.89 -66.55
CA HIS D 227 78.59 21.99 -65.12
C HIS D 227 79.37 23.16 -64.54
N ALA D 228 80.55 23.48 -65.09
CA ALA D 228 81.29 24.63 -64.58
C ALA D 228 80.52 25.92 -64.82
N VAL D 229 79.95 26.07 -66.01
CA VAL D 229 79.18 27.26 -66.36
C VAL D 229 77.94 27.38 -65.49
N VAL D 230 77.19 26.28 -65.37
CA VAL D 230 75.98 26.28 -64.55
C VAL D 230 76.34 26.65 -63.11
N ALA D 231 77.44 26.10 -62.59
CA ALA D 231 77.86 26.39 -61.23
C ALA D 231 78.13 27.87 -61.03
N ALA D 232 78.92 28.47 -61.94
CA ALA D 232 79.25 29.88 -61.79
C ALA D 232 77.98 30.73 -61.82
N ILE D 233 77.10 30.47 -62.79
CA ILE D 233 75.90 31.28 -62.95
C ILE D 233 75.01 31.15 -61.72
N GLU D 234 74.78 29.93 -61.26
CA GLU D 234 73.87 29.71 -60.15
C GLU D 234 74.44 30.20 -58.83
N GLN D 235 75.77 30.12 -58.65
CA GLN D 235 76.38 30.62 -57.44
C GLN D 235 76.28 32.14 -57.37
N VAL D 236 76.56 32.83 -58.47
CA VAL D 236 76.46 34.28 -58.44
C VAL D 236 75.00 34.72 -58.31
N ALA D 237 74.09 34.02 -59.00
CA ALA D 237 72.68 34.41 -58.98
C ALA D 237 72.04 34.24 -57.62
N SER D 238 72.56 33.34 -56.79
CA SER D 238 71.98 33.07 -55.47
C SER D 238 72.54 33.98 -54.39
N GLU D 239 73.50 34.85 -54.73
CA GLU D 239 74.08 35.75 -53.74
C GLU D 239 73.09 36.86 -53.40
N ASP D 240 73.26 37.43 -52.19
CA ASP D 240 72.38 38.50 -51.75
C ASP D 240 72.51 39.74 -52.63
N SER D 241 73.73 40.03 -53.09
CA SER D 241 74.00 41.18 -53.94
C SER D 241 74.85 40.70 -55.11
N PRO D 242 74.22 40.16 -56.15
CA PRO D 242 74.99 39.68 -57.31
C PRO D 242 75.65 40.85 -58.03
N SER D 243 76.89 40.62 -58.46
CA SER D 243 77.69 41.64 -59.15
C SER D 243 78.02 41.15 -60.54
N ARG D 244 77.75 42.00 -61.55
CA ARG D 244 78.09 41.66 -62.92
C ARG D 244 79.59 41.47 -63.10
N LEU D 245 80.40 42.22 -62.35
CA LEU D 245 81.85 42.12 -62.47
C LEU D 245 82.36 40.76 -62.00
N GLY D 246 81.90 40.29 -60.84
CA GLY D 246 82.31 38.96 -60.39
C GLY D 246 81.90 37.86 -61.36
N HIS D 247 80.71 38.00 -61.96
CA HIS D 247 80.27 37.03 -62.95
C HIS D 247 81.18 37.05 -64.17
N LEU D 248 81.58 38.24 -64.61
CA LEU D 248 82.52 38.35 -65.72
C LEU D 248 83.84 37.70 -65.39
N GLU D 249 84.32 37.86 -64.16
CA GLU D 249 85.60 37.24 -63.77
C GLU D 249 85.49 35.72 -63.80
N LYS D 250 84.42 35.16 -63.25
CA LYS D 250 84.26 33.72 -63.26
C LYS D 250 84.15 33.18 -64.69
N MET D 251 83.40 33.88 -65.54
CA MET D 251 83.27 33.44 -66.91
C MET D 251 84.57 33.55 -67.68
N GLU D 252 85.38 34.58 -67.39
CA GLU D 252 86.69 34.69 -68.01
C GLU D 252 87.59 33.54 -67.60
N GLU D 253 87.51 33.15 -66.32
CA GLU D 253 88.30 32.00 -65.88
C GLU D 253 87.91 30.75 -66.64
N ILE D 254 86.59 30.51 -66.79
CA ILE D 254 86.14 29.33 -67.51
C ILE D 254 86.55 29.38 -68.98
N TYR D 255 86.38 30.55 -69.61
CA TYR D 255 86.72 30.70 -71.03
C TYR D 255 88.19 30.46 -71.28
N CYS D 256 89.06 31.04 -70.44
CA CYS D 256 90.49 30.86 -70.61
C CYS D 256 90.87 29.41 -70.37
N SER D 257 90.22 28.78 -69.42
CA SER D 257 90.49 27.37 -69.15
C SER D 257 90.06 26.52 -70.35
N LEU D 258 89.00 26.92 -71.05
CA LEU D 258 88.51 26.16 -72.22
C LEU D 258 89.39 26.34 -73.45
N LEU D 259 89.82 27.57 -73.74
CA LEU D 259 90.54 27.84 -74.98
C LEU D 259 92.03 28.07 -74.80
N GLY D 260 92.51 28.09 -73.55
CA GLY D 260 93.89 28.41 -73.29
C GLY D 260 94.10 29.91 -73.11
N PRO D 261 95.08 30.28 -72.27
CA PRO D 261 95.34 31.69 -71.92
C PRO D 261 95.71 32.54 -73.12
N LEU D 277 78.73 35.78 -86.15
CA LEU D 277 78.11 35.31 -84.92
C LEU D 277 77.11 34.19 -85.19
N PRO D 278 77.55 32.94 -84.97
CA PRO D 278 76.63 31.80 -85.12
C PRO D 278 75.45 31.94 -84.16
N SER D 279 74.25 31.91 -84.72
CA SER D 279 73.03 31.99 -83.91
C SER D 279 72.93 30.78 -82.99
N ILE D 280 72.86 31.03 -81.69
CA ILE D 280 72.62 29.99 -80.69
C ILE D 280 71.11 29.81 -80.57
N PRO D 281 70.53 28.75 -81.11
CA PRO D 281 69.08 28.58 -81.02
C PRO D 281 68.61 28.30 -79.61
N LEU D 282 67.42 28.81 -79.29
CA LEU D 282 66.73 28.40 -78.06
C LEU D 282 65.85 27.20 -78.40
N PRO D 283 66.16 26.01 -77.90
CA PRO D 283 65.39 24.82 -78.30
C PRO D 283 63.93 24.91 -77.86
N SER D 284 63.06 24.28 -78.64
CA SER D 284 61.68 24.13 -78.24
C SER D 284 61.59 23.27 -76.99
N PRO D 285 60.60 23.52 -76.12
CA PRO D 285 60.44 22.69 -74.93
C PRO D 285 60.21 21.24 -75.29
N TYR D 286 60.56 20.35 -74.36
CA TYR D 286 60.31 18.93 -74.56
C TYR D 286 58.82 18.66 -74.52
N ILE D 287 58.27 18.21 -75.64
CA ILE D 287 56.84 18.01 -75.79
C ILE D 287 56.57 16.53 -76.01
N THR D 288 55.70 15.97 -75.17
CA THR D 288 55.19 14.61 -75.35
C THR D 288 53.77 14.68 -75.89
N PHE D 289 53.55 13.99 -77.01
CA PHE D 289 52.26 13.99 -77.70
C PHE D 289 51.45 12.78 -77.27
N HIS D 290 50.18 13.01 -76.93
CA HIS D 290 49.32 11.94 -76.42
C HIS D 290 47.94 12.04 -77.05
N LEU D 291 47.48 10.94 -77.64
CA LEU D 291 46.08 10.80 -78.02
C LEU D 291 45.28 10.46 -76.76
N TRP D 292 44.30 11.30 -76.43
CA TRP D 292 43.56 11.15 -75.19
C TRP D 292 42.43 10.15 -75.40
N THR D 293 42.70 8.89 -75.03
CA THR D 293 41.73 7.81 -75.15
C THR D 293 41.28 7.28 -73.80
N ASP D 294 42.08 7.47 -72.75
CA ASP D 294 41.78 6.96 -71.41
C ASP D 294 41.60 8.14 -70.47
N GLN D 295 40.56 8.04 -69.62
CA GLN D 295 40.29 9.10 -68.65
C GLN D 295 41.40 9.23 -67.62
N GLU D 296 42.23 8.20 -67.47
CA GLU D 296 43.30 8.18 -66.49
C GLU D 296 44.66 8.54 -67.08
N GLN D 297 44.72 8.85 -68.36
CA GLN D 297 45.99 9.01 -69.07
C GLN D 297 46.82 10.15 -68.47
N LEU D 298 46.19 11.30 -68.22
CA LEU D 298 46.90 12.45 -67.69
C LEU D 298 47.55 12.12 -66.34
N TRP D 299 46.80 11.47 -65.45
CA TRP D 299 47.35 11.06 -64.16
C TRP D 299 48.58 10.17 -64.33
N LYS D 300 48.46 9.16 -65.18
CA LYS D 300 49.57 8.23 -65.40
C LYS D 300 50.79 8.96 -65.94
N GLU D 301 50.59 9.87 -66.90
CA GLU D 301 51.72 10.59 -67.48
C GLU D 301 52.39 11.50 -66.46
N LEU D 302 51.61 12.13 -65.57
CA LEU D 302 52.21 12.98 -64.55
C LEU D 302 53.00 12.16 -63.55
N VAL D 303 52.46 11.01 -63.14
CA VAL D 303 53.17 10.13 -62.22
C VAL D 303 54.49 9.67 -62.84
N LEU D 304 54.45 9.31 -64.14
CA LEU D 304 55.67 8.90 -64.82
C LEU D 304 56.67 10.06 -64.89
N PHE D 305 56.17 11.28 -65.13
CA PHE D 305 57.04 12.44 -65.18
C PHE D 305 57.73 12.68 -63.85
N LEU D 306 57.04 12.40 -62.75
CA LEU D 306 57.65 12.63 -61.45
C LEU D 306 58.57 11.50 -61.02
N ARG D 307 58.58 10.38 -61.71
CA ARG D 307 59.43 9.26 -61.33
C ARG D 307 60.90 9.60 -61.56
N PRO D 308 61.77 9.35 -60.59
CA PRO D 308 63.20 9.64 -60.68
C PRO D 308 63.85 8.77 -61.73
N SER D 410 59.91 26.43 -54.37
CA SER D 410 59.39 26.13 -55.70
C SER D 410 59.39 24.64 -55.96
N ARG D 411 58.30 24.15 -56.55
CA ARG D 411 58.21 22.74 -56.90
C ARG D 411 59.19 22.41 -58.02
N VAL D 412 59.92 21.30 -57.85
CA VAL D 412 61.01 20.95 -58.76
C VAL D 412 60.52 20.67 -60.17
N HIS D 413 59.29 20.15 -60.31
CA HIS D 413 58.75 19.77 -61.62
C HIS D 413 57.59 20.68 -62.01
N THR D 414 57.54 21.05 -63.28
CA THR D 414 56.44 21.82 -63.87
C THR D 414 55.90 21.07 -65.08
N ALA D 415 54.63 20.70 -65.02
CA ALA D 415 53.92 20.07 -66.13
C ALA D 415 53.00 21.09 -66.78
N ARG D 416 53.26 21.39 -68.06
CA ARG D 416 52.40 22.27 -68.85
C ARG D 416 51.56 21.39 -69.76
N VAL D 417 50.29 21.22 -69.39
CA VAL D 417 49.37 20.37 -70.13
C VAL D 417 48.63 21.24 -71.13
N LEU D 418 48.88 21.01 -72.42
CA LEU D 418 48.26 21.74 -73.51
C LEU D 418 47.27 20.83 -74.22
N VAL D 419 46.02 21.26 -74.33
CA VAL D 419 44.97 20.48 -74.98
C VAL D 419 44.59 21.18 -76.27
N LEU D 420 44.47 20.40 -77.34
CA LEU D 420 43.99 20.91 -78.63
C LEU D 420 42.59 20.39 -78.89
N GLY D 421 41.65 21.30 -79.06
CA GLY D 421 40.30 20.84 -79.38
C GLY D 421 39.27 21.94 -79.16
N ASP D 422 38.02 21.50 -79.01
CA ASP D 422 36.88 22.37 -78.78
C ASP D 422 36.37 22.22 -77.34
N ASP D 423 35.13 22.65 -77.10
CA ASP D 423 34.57 22.63 -75.75
C ASP D 423 34.46 21.21 -75.19
N ARG D 424 34.26 20.22 -76.05
CA ARG D 424 34.20 18.83 -75.60
C ARG D 424 35.52 18.41 -74.98
N MET D 425 36.62 18.75 -75.65
CA MET D 425 37.95 18.47 -75.11
C MET D 425 38.14 19.17 -73.77
N LEU D 426 37.59 20.37 -73.63
CA LEU D 426 37.68 21.10 -72.37
C LEU D 426 36.89 20.41 -71.26
N GLY D 427 35.70 19.91 -71.58
CA GLY D 427 34.95 19.14 -70.59
C GLY D 427 35.74 17.92 -70.13
N ARG D 428 36.43 17.26 -71.06
CA ARG D 428 37.26 16.13 -70.68
C ARG D 428 38.41 16.56 -69.77
N LEU D 429 39.09 17.65 -70.13
CA LEU D 429 40.16 18.19 -69.30
C LEU D 429 39.64 18.52 -67.90
N ALA D 430 38.42 19.06 -67.82
CA ALA D 430 37.80 19.34 -66.52
C ALA D 430 37.59 18.06 -65.72
N GLN D 431 37.10 17.01 -66.37
CA GLN D 431 36.92 15.73 -65.68
C GLN D 431 38.25 15.21 -65.14
N ALA D 432 39.28 15.24 -65.97
CA ALA D 432 40.60 14.78 -65.55
C ALA D 432 41.14 15.60 -64.40
N TYR D 433 40.94 16.93 -64.44
CA TYR D 433 41.40 17.81 -63.38
C TYR D 433 40.69 17.52 -62.07
N TYR D 434 39.36 17.35 -62.13
CA TYR D 434 38.60 17.00 -60.94
C TYR D 434 39.09 15.69 -60.34
N ARG D 435 39.31 14.68 -61.19
CA ARG D 435 39.81 13.39 -60.69
C ARG D 435 41.18 13.55 -60.06
N LEU D 436 42.05 14.37 -60.67
CA LEU D 436 43.39 14.59 -60.12
C LEU D 436 43.31 15.23 -58.73
N ARG D 437 42.44 16.24 -58.57
CA ARG D 437 42.32 16.88 -57.26
C ARG D 437 41.76 15.92 -56.22
N LYS D 438 40.75 15.14 -56.61
CA LYS D 438 40.17 14.15 -55.69
C LYS D 438 41.20 13.13 -55.25
N ARG D 439 42.05 12.68 -56.18
CA ARG D 439 43.10 11.73 -55.82
C ARG D 439 44.16 12.37 -54.93
N GLU D 440 44.48 13.64 -55.20
CA GLU D 440 45.48 14.34 -54.40
C GLU D 440 45.02 14.47 -52.96
N THR D 441 43.71 14.60 -52.75
CA THR D 441 43.23 14.66 -51.37
C THR D 441 43.37 13.33 -50.65
N LYS D 442 43.52 12.23 -51.39
CA LYS D 442 43.63 10.91 -50.78
C LYS D 442 45.07 10.46 -50.59
N LYS D 443 45.94 10.65 -51.58
CA LYS D 443 47.29 10.09 -51.51
C LYS D 443 48.40 11.14 -51.51
N PHE D 444 48.05 12.43 -51.49
CA PHE D 444 49.00 13.55 -51.52
C PHE D 444 50.34 13.28 -52.19
N CYS D 445 50.36 12.86 -53.46
CA CYS D 445 51.62 12.46 -54.07
C CYS D 445 52.19 13.45 -55.08
N LEU D 446 51.38 14.30 -55.70
CA LEU D 446 51.87 15.16 -56.78
C LEU D 446 52.08 16.60 -56.36
N THR D 447 51.18 17.16 -55.54
CA THR D 447 51.21 18.59 -55.27
C THR D 447 52.47 19.09 -54.55
N PRO D 448 53.16 18.31 -53.69
CA PRO D 448 54.40 18.86 -53.09
C PRO D 448 55.52 19.09 -54.09
N ARG D 449 55.50 18.42 -55.24
CA ARG D 449 56.60 18.47 -56.18
C ARG D 449 56.21 18.96 -57.58
N LEU D 450 54.92 19.02 -57.91
CA LEU D 450 54.47 19.25 -59.28
C LEU D 450 53.64 20.52 -59.38
N SER D 451 54.11 21.48 -60.16
CA SER D 451 53.35 22.67 -60.53
C SER D 451 52.64 22.40 -61.86
N LEU D 452 51.31 22.39 -61.82
CA LEU D 452 50.49 22.04 -62.97
C LEU D 452 49.96 23.32 -63.61
N GLN D 453 50.22 23.50 -64.90
CA GLN D 453 49.73 24.63 -65.67
C GLN D 453 48.96 24.11 -66.86
N LEU D 454 47.82 24.72 -67.16
CA LEU D 454 46.94 24.26 -68.21
C LEU D 454 46.88 25.28 -69.34
N TYR D 455 46.86 24.77 -70.58
CA TYR D 455 46.83 25.58 -71.78
C TYR D 455 45.85 24.98 -72.77
N TYR D 456 45.24 25.83 -73.58
CA TYR D 456 44.18 25.41 -74.49
C TYR D 456 44.39 26.07 -75.85
N ILE D 457 44.45 25.25 -76.90
CA ILE D 457 44.45 25.73 -78.27
C ILE D 457 43.17 25.24 -78.95
N PRO D 458 42.33 26.14 -79.45
CA PRO D 458 41.08 25.73 -80.10
C PRO D 458 41.35 25.21 -81.51
N VAL D 459 40.80 24.05 -81.80
CA VAL D 459 40.78 23.49 -83.16
C VAL D 459 39.32 23.25 -83.48
N LEU D 460 38.71 24.16 -84.23
CA LEU D 460 37.31 24.11 -84.56
C LEU D 460 37.14 23.71 -86.02
N ALA D 461 36.21 22.80 -86.27
CA ALA D 461 35.91 22.39 -87.64
C ALA D 461 35.53 23.62 -88.47
N PRO D 462 35.97 23.68 -89.74
CA PRO D 462 35.66 24.84 -90.60
C PRO D 462 34.16 24.95 -90.90
N PRO D 475 29.76 27.38 -84.52
CA PRO D 475 30.17 28.45 -83.59
C PRO D 475 29.81 28.14 -82.13
N GLU D 476 29.15 27.00 -81.91
CA GLU D 476 28.67 26.64 -80.58
C GLU D 476 29.71 25.87 -79.77
N LEU D 477 30.76 25.36 -80.40
CA LEU D 477 31.76 24.55 -79.72
C LEU D 477 33.02 25.31 -79.35
N GLY D 478 33.10 26.60 -79.67
CA GLY D 478 34.28 27.37 -79.30
C GLY D 478 34.01 28.43 -78.26
N GLU D 479 32.96 28.21 -77.45
CA GLU D 479 32.51 29.23 -76.51
C GLU D 479 33.66 29.70 -75.64
N LEU D 480 34.32 28.76 -74.96
CA LEU D 480 35.43 29.14 -74.09
C LEU D 480 36.50 29.86 -74.88
N ALA D 481 36.84 29.34 -76.06
CA ALA D 481 37.82 30.03 -76.90
C ALA D 481 37.38 31.47 -77.12
N SER D 482 36.13 31.67 -77.54
CA SER D 482 35.65 33.03 -77.74
C SER D 482 35.83 33.84 -76.48
N PHE D 483 35.42 33.29 -75.34
CA PHE D 483 35.57 34.00 -74.08
C PHE D 483 37.02 34.42 -73.87
N LEU D 484 37.95 33.47 -74.01
CA LEU D 484 39.35 33.82 -73.81
C LEU D 484 39.76 34.94 -74.75
N GLY D 485 39.38 34.83 -76.02
CA GLY D 485 39.74 35.86 -76.98
C GLY D 485 39.24 37.23 -76.58
N ARG D 486 38.08 37.29 -75.94
CA ARG D 486 37.53 38.58 -75.54
C ARG D 486 38.30 39.17 -74.36
N VAL D 487 38.77 38.32 -73.44
CA VAL D 487 39.40 38.84 -72.22
C VAL D 487 40.90 39.02 -72.38
N ASP D 488 41.53 38.37 -73.35
CA ASP D 488 42.96 38.49 -73.61
C ASP D 488 43.15 38.67 -75.11
N PRO D 489 43.26 39.92 -75.60
CA PRO D 489 43.40 40.11 -77.04
C PRO D 489 44.64 39.47 -77.64
N TRP D 490 45.72 39.37 -76.87
CA TRP D 490 46.94 38.75 -77.37
C TRP D 490 46.74 37.26 -77.62
N TYR D 491 46.02 36.58 -76.73
CA TYR D 491 45.62 35.20 -76.97
C TYR D 491 44.80 35.10 -78.26
N GLU D 492 43.88 36.04 -78.47
CA GLU D 492 43.07 36.01 -79.68
C GLU D 492 43.93 36.14 -80.94
N SER D 493 44.92 37.03 -80.92
CA SER D 493 45.71 37.27 -82.12
C SER D 493 46.80 36.23 -82.32
N THR D 494 47.18 35.50 -81.28
CA THR D 494 48.26 34.54 -81.37
C THR D 494 47.81 33.08 -81.33
N VAL D 495 46.87 32.74 -80.46
CA VAL D 495 46.46 31.35 -80.24
C VAL D 495 45.16 31.02 -80.96
N ASN D 496 44.14 31.87 -80.81
CA ASN D 496 42.85 31.61 -81.44
C ASN D 496 42.95 31.61 -82.96
N THR D 497 43.97 32.23 -83.53
CA THR D 497 44.13 32.29 -84.98
C THR D 497 44.93 31.11 -85.52
N LEU D 498 45.34 30.18 -84.66
CA LEU D 498 46.11 29.03 -85.09
C LEU D 498 45.27 27.97 -85.76
N CYS D 499 43.98 27.92 -85.48
CA CYS D 499 43.10 26.88 -86.01
C CYS D 499 43.17 26.75 -87.53
N PRO D 500 43.10 27.83 -88.32
CA PRO D 500 43.25 27.65 -89.78
C PRO D 500 44.62 27.11 -90.15
N ALA D 501 45.70 27.70 -89.62
CA ALA D 501 47.03 27.23 -89.96
C ALA D 501 47.19 25.76 -89.65
N ILE D 502 46.74 25.36 -88.45
CA ILE D 502 46.80 23.94 -88.08
C ILE D 502 46.08 23.11 -89.14
N LEU D 503 44.87 23.51 -89.49
CA LEU D 503 44.11 22.74 -90.47
C LEU D 503 44.84 22.73 -91.80
N LYS D 504 45.40 23.86 -92.21
CA LYS D 504 46.14 23.90 -93.47
C LYS D 504 47.31 22.93 -93.43
N LEU D 505 48.03 22.87 -92.29
CA LEU D 505 49.15 21.94 -92.18
C LEU D 505 48.71 20.50 -92.42
N ALA D 506 47.47 20.16 -92.05
CA ALA D 506 46.98 18.79 -92.23
C ALA D 506 46.74 18.46 -93.69
N GLU D 507 46.48 19.46 -94.53
CA GLU D 507 46.20 19.19 -95.93
C GLU D 507 47.46 19.07 -96.76
N MET D 508 48.59 19.55 -96.25
CA MET D 508 49.85 19.48 -96.98
C MET D 508 50.42 18.07 -96.92
N PRO D 509 50.80 17.47 -98.06
CA PRO D 509 51.38 16.13 -98.13
C PRO D 509 52.68 16.00 -97.33
N VAL D 518 61.02 23.41 -93.65
CA VAL D 518 59.90 24.31 -93.42
C VAL D 518 59.92 24.82 -91.99
N ASP D 519 59.83 26.14 -91.81
CA ASP D 519 59.79 26.74 -90.49
C ASP D 519 58.60 26.20 -89.70
N PRO D 520 58.81 25.60 -88.53
CA PRO D 520 57.69 25.04 -87.76
C PRO D 520 56.82 26.12 -87.12
N PHE D 521 55.90 26.69 -87.91
CA PHE D 521 55.08 27.80 -87.42
C PHE D 521 54.27 27.40 -86.20
N ILE D 522 53.56 26.27 -86.28
CA ILE D 522 52.69 25.86 -85.18
C ILE D 522 53.51 25.58 -83.93
N LEU D 523 54.65 24.89 -84.10
CA LEU D 523 55.50 24.59 -82.96
C LEU D 523 56.05 25.87 -82.34
N ASP D 524 56.40 26.86 -83.17
CA ASP D 524 56.89 28.12 -82.65
C ASP D 524 55.82 28.83 -81.84
N VAL D 525 54.57 28.82 -82.33
CA VAL D 525 53.52 29.49 -81.58
C VAL D 525 53.23 28.76 -80.28
N ILE D 526 53.26 27.42 -80.31
CA ILE D 526 53.05 26.65 -79.08
C ILE D 526 54.14 26.96 -78.07
N THR D 527 55.39 26.99 -78.53
CA THR D 527 56.52 27.31 -77.66
C THR D 527 56.34 28.67 -77.03
N TYR D 528 56.02 29.67 -77.86
CA TYR D 528 55.81 31.03 -77.36
C TYR D 528 54.67 31.07 -76.35
N TYR D 529 53.59 30.33 -76.62
CA TYR D 529 52.44 30.33 -75.73
C TYR D 529 52.79 29.74 -74.37
N VAL D 530 53.46 28.58 -74.36
CA VAL D 530 53.73 27.93 -73.09
C VAL D 530 54.81 28.67 -72.31
N ARG D 531 55.69 29.40 -73.01
CA ARG D 531 56.74 30.13 -72.29
C ARG D 531 56.24 31.47 -71.75
N MET D 532 55.41 32.17 -72.51
CA MET D 532 55.02 33.52 -72.14
C MET D 532 53.63 33.60 -71.53
N GLY D 533 52.76 32.64 -71.81
CA GLY D 533 51.43 32.64 -71.22
C GLY D 533 51.38 32.07 -69.83
N THR D 534 51.59 32.92 -68.81
CA THR D 534 51.69 32.47 -67.43
C THR D 534 50.58 33.02 -66.54
N GLN D 535 49.61 33.75 -67.09
CA GLN D 535 48.55 34.35 -66.29
C GLN D 535 47.32 33.45 -66.28
N PRO D 536 46.94 32.87 -65.15
CA PRO D 536 45.80 31.96 -65.16
C PRO D 536 44.47 32.69 -65.10
N ILE D 537 43.49 32.16 -65.83
CA ILE D 537 42.08 32.52 -65.68
C ILE D 537 41.38 31.30 -65.09
N TYR D 538 40.62 31.52 -64.03
CA TYR D 538 40.02 30.44 -63.26
C TYR D 538 38.55 30.29 -63.63
N PHE D 539 38.13 29.05 -63.87
CA PHE D 539 36.78 28.74 -64.30
C PHE D 539 36.10 27.84 -63.28
N GLN D 540 34.87 28.19 -62.91
CA GLN D 540 34.10 27.38 -61.98
C GLN D 540 33.63 26.09 -62.64
N LEU D 541 33.92 24.96 -61.98
CA LEU D 541 33.37 23.68 -62.38
C LEU D 541 32.02 23.48 -61.70
N TYR D 542 31.11 22.83 -62.40
CA TYR D 542 29.78 22.54 -61.85
C TYR D 542 29.55 21.04 -61.74
N LYS D 543 29.02 20.62 -60.60
CA LYS D 543 28.67 19.24 -60.36
C LYS D 543 27.19 19.04 -60.61
N VAL D 544 26.86 17.92 -61.25
CA VAL D 544 25.48 17.54 -61.57
C VAL D 544 25.22 16.15 -61.00
N LYS D 545 24.19 16.05 -60.18
CA LYS D 545 23.63 14.78 -59.70
C LYS D 545 22.43 14.43 -60.57
N ILE D 546 22.44 13.22 -61.12
CA ILE D 546 21.45 12.77 -62.10
C ILE D 546 20.70 11.58 -61.50
N PHE D 547 19.37 11.69 -61.46
CA PHE D 547 18.48 10.67 -60.92
C PHE D 547 17.65 10.09 -62.06
N THR D 548 17.89 8.81 -62.35
CA THR D 548 17.07 8.04 -63.30
C THR D 548 15.83 7.51 -62.62
N SER D 549 15.92 7.27 -61.31
CA SER D 549 14.76 6.95 -60.48
C SER D 549 14.90 7.70 -59.17
N LEU D 550 13.76 8.05 -58.58
CA LEU D 550 13.79 8.78 -57.32
C LEU D 550 14.23 7.90 -56.15
N SER D 551 14.29 6.58 -56.34
CA SER D 551 14.66 5.66 -55.27
C SER D 551 16.12 5.25 -55.29
N HIS D 552 16.83 5.46 -56.39
CA HIS D 552 18.20 5.02 -56.52
C HIS D 552 19.18 6.17 -56.25
N ASP D 553 20.40 5.79 -55.89
CA ASP D 553 21.45 6.78 -55.69
C ASP D 553 21.77 7.49 -57.01
N PRO D 554 22.03 8.79 -56.99
CA PRO D 554 22.29 9.51 -58.23
C PRO D 554 23.66 9.20 -58.81
N THR D 555 23.77 9.33 -60.13
CA THR D 555 25.06 9.32 -60.81
C THR D 555 25.57 10.76 -60.86
N GLU D 556 26.84 10.95 -60.50
CA GLU D 556 27.41 12.28 -60.41
C GLU D 556 28.40 12.51 -61.54
N ASP D 557 28.39 13.71 -62.09
CA ASP D 557 29.35 14.10 -63.13
C ASP D 557 29.62 15.59 -62.96
N ILE D 558 30.54 16.10 -63.78
CA ILE D 558 30.88 17.52 -63.75
C ILE D 558 30.86 18.08 -65.17
N PHE D 559 30.62 19.38 -65.27
CA PHE D 559 30.71 20.07 -66.56
C PHE D 559 31.31 21.45 -66.34
N LEU D 560 31.83 22.01 -67.42
CA LEU D 560 32.55 23.27 -67.44
C LEU D 560 31.84 24.35 -68.24
N THR D 561 31.25 24.00 -69.38
CA THR D 561 30.68 24.98 -70.30
C THR D 561 29.16 24.98 -70.32
N GLU D 562 28.53 23.80 -70.41
CA GLU D 562 27.09 23.79 -70.67
C GLU D 562 26.49 22.46 -70.26
N LEU D 563 25.26 22.52 -69.75
CA LEU D 563 24.40 21.36 -69.54
C LEU D 563 23.11 21.60 -70.33
N LYS D 564 22.89 20.79 -71.36
CA LYS D 564 21.70 20.90 -72.19
C LYS D 564 20.73 19.78 -71.83
N VAL D 565 19.44 20.11 -71.80
CA VAL D 565 18.40 19.16 -71.43
C VAL D 565 17.28 19.26 -72.47
N LYS D 566 16.85 18.10 -72.96
CA LYS D 566 15.73 18.00 -73.88
C LYS D 566 14.72 16.99 -73.35
N ILE D 567 13.47 17.19 -73.74
CA ILE D 567 12.40 16.28 -73.34
C ILE D 567 12.41 15.08 -74.28
N GLN D 568 12.41 13.88 -73.72
CA GLN D 568 12.39 12.68 -74.53
C GLN D 568 11.02 12.50 -75.17
N ASP D 569 11.02 12.07 -76.43
CA ASP D 569 9.77 11.79 -77.13
C ASP D 569 9.12 10.53 -76.56
N SER D 570 7.84 10.63 -76.22
CA SER D 570 7.07 9.49 -75.72
C SER D 570 6.95 8.44 -76.82
N LYS D 571 7.59 7.29 -76.62
CA LYS D 571 7.40 6.14 -77.50
C LYS D 571 5.93 5.74 -77.58
N GLY D 587 1.02 17.09 -76.20
CA GLY D 587 2.14 16.25 -76.54
C GLY D 587 3.44 16.99 -76.76
N THR D 588 3.39 18.33 -76.66
CA THR D 588 4.52 19.20 -76.90
C THR D 588 5.09 19.65 -75.56
N GLY D 589 6.23 19.08 -75.17
CA GLY D 589 6.90 19.47 -73.96
C GLY D 589 6.52 18.62 -72.77
N ALA D 590 7.16 18.94 -71.64
CA ALA D 590 6.91 18.25 -70.38
C ALA D 590 6.83 19.27 -69.26
N GLU D 591 5.98 18.97 -68.27
CA GLU D 591 5.90 19.82 -67.10
C GLU D 591 7.13 19.59 -66.22
N LEU D 592 7.90 20.65 -66.00
CA LEU D 592 9.12 20.63 -65.21
C LEU D 592 8.92 21.48 -63.96
N SER D 593 9.30 20.92 -62.81
CA SER D 593 9.39 21.65 -61.55
C SER D 593 10.85 22.04 -61.32
N MET D 594 11.09 23.32 -61.11
CA MET D 594 12.43 23.86 -60.91
C MET D 594 12.48 24.62 -59.59
N CYS D 595 13.51 24.33 -58.80
CA CYS D 595 13.80 25.05 -57.57
C CYS D 595 15.24 25.54 -57.65
N TYR D 596 15.43 26.86 -57.56
CA TYR D 596 16.76 27.41 -57.70
C TYR D 596 16.89 28.67 -56.84
N GLN D 597 18.14 29.00 -56.53
CA GLN D 597 18.45 30.25 -55.84
C GLN D 597 18.86 31.28 -56.89
N LYS D 598 18.07 32.33 -57.03
CA LYS D 598 18.38 33.35 -58.02
C LYS D 598 19.67 34.05 -57.66
N ALA D 599 20.55 34.20 -58.63
CA ALA D 599 21.85 34.85 -58.42
C ALA D 599 21.64 36.35 -58.61
N LEU D 600 21.57 37.07 -57.49
CA LEU D 600 21.41 38.52 -57.51
C LEU D 600 22.73 39.20 -57.18
N LEU D 601 22.83 40.47 -57.61
CA LEU D 601 24.08 41.22 -57.46
C LEU D 601 24.41 41.53 -56.00
N SER D 602 23.40 41.73 -55.17
CA SER D 602 23.61 41.91 -53.74
C SER D 602 23.91 40.63 -53.01
N HIS D 603 23.76 39.48 -53.66
CA HIS D 603 23.83 38.20 -52.99
C HIS D 603 22.66 38.02 -52.02
N ARG D 604 21.55 38.70 -52.26
CA ARG D 604 20.35 38.44 -51.46
C ARG D 604 19.84 37.03 -51.71
N PRO D 605 19.52 36.30 -50.66
CA PRO D 605 18.93 34.98 -50.84
C PRO D 605 17.55 35.13 -51.46
N ARG D 606 17.36 34.48 -52.59
CA ARG D 606 16.05 34.45 -53.24
C ARG D 606 15.83 33.06 -53.81
N GLU D 607 15.01 32.27 -53.14
CA GLU D 607 14.67 30.93 -53.60
C GLU D 607 13.40 31.01 -54.43
N VAL D 608 13.43 30.39 -55.60
CA VAL D 608 12.32 30.40 -56.55
C VAL D 608 11.94 28.96 -56.83
N THR D 609 10.64 28.68 -56.71
CA THR D 609 10.07 27.38 -57.07
C THR D 609 8.97 27.62 -58.11
N VAL D 610 9.15 27.04 -59.30
CA VAL D 610 8.22 27.25 -60.41
C VAL D 610 7.96 25.92 -61.11
N SER D 611 6.73 25.75 -61.59
CA SER D 611 6.36 24.60 -62.41
C SER D 611 5.84 25.12 -63.75
N LEU D 612 6.48 24.71 -64.84
CA LEU D 612 6.07 25.18 -66.15
C LEU D 612 6.28 24.08 -67.17
N ARG D 613 5.55 24.17 -68.28
CA ARG D 613 5.72 23.23 -69.39
C ARG D 613 6.83 23.74 -70.30
N ALA D 614 7.82 22.88 -70.57
CA ALA D 614 8.97 23.29 -71.36
C ALA D 614 9.38 22.17 -72.32
N THR D 615 10.03 22.57 -73.41
CA THR D 615 10.60 21.62 -74.36
C THR D 615 12.08 21.34 -74.12
N GLY D 616 12.78 22.22 -73.41
CA GLY D 616 14.19 22.03 -73.16
C GLY D 616 14.73 23.17 -72.33
N LEU D 617 15.96 22.99 -71.87
CA LEU D 617 16.62 24.01 -71.05
C LEU D 617 18.13 23.91 -71.24
N VAL D 618 18.81 25.04 -71.14
CA VAL D 618 20.26 25.09 -71.31
C VAL D 618 20.86 25.88 -70.16
N LEU D 619 21.79 25.27 -69.44
CA LEU D 619 22.57 25.94 -68.41
C LEU D 619 23.95 26.23 -68.97
N LYS D 620 24.31 27.50 -69.04
CA LYS D 620 25.60 27.92 -69.55
C LYS D 620 26.44 28.49 -68.42
N ALA D 621 27.68 28.04 -68.32
CA ALA D 621 28.60 28.51 -67.30
C ALA D 621 29.54 29.61 -67.80
N ILE D 622 29.66 29.77 -69.10
CA ILE D 622 30.54 30.77 -69.71
C ILE D 622 29.68 31.92 -70.22
N PRO D 623 29.98 33.16 -69.86
CA PRO D 623 29.16 34.29 -70.34
C PRO D 623 29.28 34.46 -71.85
N ALA D 624 28.15 34.78 -72.48
CA ALA D 624 28.10 34.87 -73.93
C ALA D 624 28.58 36.21 -74.45
N GLY D 625 28.34 37.30 -73.72
CA GLY D 625 28.69 38.63 -74.19
C GLY D 625 29.33 39.47 -73.10
N ASP D 626 29.74 40.68 -73.49
CA ASP D 626 30.40 41.59 -72.56
C ASP D 626 29.43 42.16 -71.54
N THR D 627 28.14 42.11 -71.82
CA THR D 627 27.13 42.63 -70.89
C THR D 627 26.77 41.62 -69.81
N GLU D 628 27.32 40.42 -69.87
CA GLU D 628 27.07 39.38 -68.87
C GLU D 628 28.17 39.39 -67.81
N CYS D 646 31.06 35.23 -57.68
CA CYS D 646 29.97 35.66 -58.55
C CYS D 646 29.80 34.75 -59.75
N SER D 647 30.48 33.60 -59.72
CA SER D 647 30.31 32.64 -60.79
C SER D 647 28.89 32.11 -60.74
N CYS D 648 28.13 32.36 -61.81
CA CYS D 648 26.75 31.96 -61.88
C CYS D 648 26.46 31.28 -63.22
N LEU D 649 25.42 30.45 -63.21
CA LEU D 649 24.89 29.82 -64.41
C LEU D 649 23.80 30.69 -65.03
N HIS D 650 23.87 30.81 -66.35
CA HIS D 650 22.81 31.42 -67.15
C HIS D 650 21.90 30.31 -67.67
N VAL D 651 20.65 30.31 -67.25
CA VAL D 651 19.68 29.27 -67.58
C VAL D 651 18.69 29.85 -68.57
N SER D 652 18.48 29.13 -69.67
CA SER D 652 17.50 29.47 -70.69
C SER D 652 16.52 28.31 -70.80
N VAL D 653 15.24 28.58 -70.52
CA VAL D 653 14.18 27.59 -70.55
C VAL D 653 13.26 27.91 -71.73
N THR D 654 13.04 26.91 -72.60
CA THR D 654 12.09 27.03 -73.71
C THR D 654 10.72 26.60 -73.22
N GLU D 655 9.93 27.58 -72.78
CA GLU D 655 8.61 27.36 -72.21
C GLU D 655 7.55 27.32 -73.29
N VAL D 656 6.55 26.47 -73.09
CA VAL D 656 5.38 26.37 -73.95
C VAL D 656 4.27 27.20 -73.35
N VAL D 657 3.83 28.23 -74.07
CA VAL D 657 2.76 29.13 -73.65
C VAL D 657 1.53 28.83 -74.47
N LYS D 658 0.40 28.67 -73.79
CA LYS D 658 -0.88 28.42 -74.44
C LYS D 658 -1.58 29.75 -74.71
N SER D 659 -1.85 30.03 -75.98
CA SER D 659 -2.63 31.19 -76.39
C SER D 659 -3.96 30.69 -76.95
N SER D 660 -5.06 31.11 -76.33
CA SER D 660 -6.40 30.76 -76.80
C SER D 660 -6.88 31.90 -77.70
N ASN D 661 -6.80 31.71 -79.00
CA ASN D 661 -7.45 32.65 -79.89
C ASN D 661 -8.84 32.13 -80.23
N LEU D 662 -9.70 33.05 -80.70
CA LEU D 662 -11.04 32.68 -81.14
C LEU D 662 -11.04 31.45 -82.03
N ALA D 663 -9.98 31.26 -82.83
CA ALA D 663 -9.89 30.18 -83.79
C ALA D 663 -9.34 28.89 -83.20
N GLY D 664 -9.23 28.80 -81.88
CA GLY D 664 -8.76 27.59 -81.23
C GLY D 664 -7.55 27.82 -80.32
N ARG D 665 -7.10 26.71 -79.75
CA ARG D 665 -5.96 26.64 -78.84
C ARG D 665 -4.67 26.54 -79.66
N SER D 666 -3.84 27.58 -79.64
CA SER D 666 -2.53 27.57 -80.28
C SER D 666 -1.44 27.53 -79.20
N PHE D 667 -0.37 26.82 -79.48
CA PHE D 667 0.79 26.75 -78.59
C PHE D 667 1.96 27.48 -79.21
N THR D 668 2.56 28.40 -78.47
CA THR D 668 3.76 29.10 -78.87
C THR D 668 4.89 28.79 -77.91
N THR D 669 6.13 28.92 -78.37
CA THR D 669 7.31 28.74 -77.52
C THR D 669 7.97 30.08 -77.24
N SER D 670 8.32 30.32 -75.98
CA SER D 670 9.03 31.52 -75.55
C SER D 670 10.23 31.14 -74.68
N THR D 671 11.31 31.89 -74.78
CA THR D 671 12.53 31.62 -74.02
C THR D 671 12.61 32.55 -72.81
N ASN D 672 12.67 31.96 -71.61
CA ASN D 672 12.86 32.69 -70.37
C ASN D 672 14.27 32.44 -69.85
N THR D 673 14.95 33.50 -69.44
CA THR D 673 16.33 33.39 -68.98
C THR D 673 16.44 33.93 -67.56
N PHE D 674 17.31 33.29 -66.78
CA PHE D 674 17.59 33.76 -65.42
C PHE D 674 18.98 33.29 -65.04
N ARG D 675 19.47 33.80 -63.92
CA ARG D 675 20.78 33.42 -63.41
C ARG D 675 20.64 32.79 -62.04
N THR D 676 21.40 31.72 -61.83
CA THR D 676 21.35 31.00 -60.56
C THR D 676 22.69 30.35 -60.29
N SER D 677 22.98 30.12 -59.01
CA SER D 677 24.18 29.38 -58.63
C SER D 677 23.93 27.88 -58.54
N SER D 678 22.74 27.48 -58.10
CA SER D 678 22.34 26.10 -58.00
C SER D 678 20.91 25.96 -58.51
N ILE D 679 20.58 24.79 -59.04
CA ILE D 679 19.25 24.56 -59.59
C ILE D 679 18.90 23.09 -59.47
N GLN D 680 17.63 22.82 -59.16
CA GLN D 680 17.07 21.48 -59.14
C GLN D 680 15.90 21.42 -60.10
N VAL D 681 15.90 20.43 -61.00
CA VAL D 681 14.85 20.28 -62.01
C VAL D 681 14.33 18.86 -61.96
N GLN D 682 13.01 18.71 -61.99
CA GLN D 682 12.35 17.40 -61.95
C GLN D 682 11.18 17.38 -62.92
N SER D 683 11.11 16.32 -63.72
CA SER D 683 9.96 16.09 -64.59
C SER D 683 8.77 15.58 -63.80
N GLN D 684 7.59 16.10 -64.12
CA GLN D 684 6.38 15.77 -63.40
C GLN D 684 5.43 14.85 -64.14
N ASP D 685 5.37 14.93 -65.47
CA ASP D 685 4.39 14.17 -66.25
C ASP D 685 4.97 12.89 -66.83
N GLN D 686 5.82 12.18 -66.08
CA GLN D 686 6.40 10.90 -66.47
C GLN D 686 7.27 10.95 -67.73
N ARG D 687 7.29 12.09 -68.42
CA ARG D 687 8.19 12.25 -69.55
C ARG D 687 9.63 12.39 -69.06
N LEU D 688 10.53 11.63 -69.66
CA LEU D 688 11.91 11.57 -69.20
C LEU D 688 12.76 12.62 -69.92
N LEU D 689 13.89 12.94 -69.32
CA LEU D 689 14.80 13.97 -69.82
C LEU D 689 16.06 13.32 -70.38
N THR D 690 16.65 13.99 -71.37
CA THR D 690 17.98 13.65 -71.85
C THR D 690 18.90 14.83 -71.58
N LEU D 691 20.05 14.56 -70.97
CA LEU D 691 21.03 15.56 -70.63
C LEU D 691 22.31 15.35 -71.44
N TRP D 692 22.88 16.46 -71.91
CA TRP D 692 24.15 16.48 -72.60
C TRP D 692 25.10 17.38 -71.83
N LEU D 693 26.29 16.87 -71.53
CA LEU D 693 27.30 17.63 -70.78
C LEU D 693 28.36 18.17 -71.74
N ASP D 694 28.62 19.46 -71.65
CA ASP D 694 29.70 20.11 -72.39
C ASP D 694 29.56 19.90 -73.90
N LYS D 695 28.32 19.78 -74.37
CA LYS D 695 28.02 19.61 -75.79
C LYS D 695 28.61 18.32 -76.35
N ASP D 696 28.97 17.39 -75.47
CA ASP D 696 29.64 16.15 -75.84
C ASP D 696 28.60 15.04 -75.93
N GLY D 697 28.42 14.49 -77.14
CA GLY D 697 27.47 13.41 -77.35
C GLY D 697 27.77 12.15 -76.57
N ARG D 698 29.03 11.94 -76.19
CA ARG D 698 29.40 10.79 -75.38
C ARG D 698 29.09 10.99 -73.90
N ARG D 699 28.82 12.22 -73.49
CA ARG D 699 28.42 12.51 -72.12
C ARG D 699 26.93 12.83 -72.11
N THR D 700 26.14 11.83 -72.49
CA THR D 700 24.70 11.92 -72.60
C THR D 700 24.07 10.97 -71.60
N PHE D 701 23.10 11.46 -70.84
CA PHE D 701 22.36 10.66 -69.87
C PHE D 701 20.89 10.66 -70.27
N ARG D 702 20.33 9.48 -70.49
CA ARG D 702 18.95 9.31 -70.91
C ARG D 702 18.11 8.79 -69.76
N ASP D 703 16.79 8.88 -69.94
CA ASP D 703 15.81 8.35 -68.98
C ASP D 703 15.99 9.00 -67.62
N VAL D 704 16.22 10.32 -67.61
CA VAL D 704 16.47 11.05 -66.38
C VAL D 704 15.16 11.63 -65.86
N VAL D 705 14.92 11.45 -64.56
CA VAL D 705 13.72 11.98 -63.94
C VAL D 705 14.04 13.27 -63.21
N ARG D 706 15.25 13.38 -62.67
CA ARG D 706 15.58 14.58 -61.91
C ARG D 706 17.07 14.86 -62.01
N PHE D 707 17.44 16.14 -61.93
CA PHE D 707 18.85 16.49 -61.81
C PHE D 707 19.03 17.73 -60.95
N GLU D 708 20.22 17.82 -60.34
CA GLU D 708 20.61 18.95 -59.50
C GLU D 708 21.99 19.42 -59.91
N VAL D 709 22.16 20.73 -60.07
CA VAL D 709 23.43 21.33 -60.45
C VAL D 709 23.83 22.32 -59.36
N SER D 710 25.11 22.27 -58.99
CA SER D 710 25.66 23.16 -57.98
C SER D 710 27.14 23.32 -58.24
N PRO D 711 27.76 24.41 -57.75
CA PRO D 711 29.21 24.54 -57.90
C PRO D 711 29.94 23.35 -57.31
N CYS D 712 30.94 22.89 -58.04
CA CYS D 712 31.67 21.71 -57.60
C CYS D 712 32.53 22.07 -56.40
N PRO D 713 32.34 21.44 -55.24
CA PRO D 713 33.14 21.79 -54.07
C PRO D 713 34.56 21.27 -54.22
N GLU D 714 35.48 21.95 -53.54
CA GLU D 714 36.85 21.47 -53.48
C GLU D 714 36.88 20.12 -52.75
N PRO D 715 37.50 19.10 -53.32
CA PRO D 715 37.62 17.81 -52.61
C PRO D 715 38.35 18.02 -51.30
N CYS D 716 37.65 17.73 -50.21
CA CYS D 716 38.24 17.80 -48.88
C CYS D 716 38.48 16.41 -48.31
N ASN D 742 34.91 26.10 -50.24
CA ASN D 742 35.65 26.55 -51.42
C ASN D 742 35.30 25.73 -52.65
N SER D 743 34.88 26.43 -53.69
CA SER D 743 34.52 25.79 -54.96
C SER D 743 35.77 25.49 -55.78
N LEU D 744 35.74 24.37 -56.49
CA LEU D 744 36.86 23.96 -57.33
C LEU D 744 36.92 24.82 -58.60
N LEU D 745 38.03 25.52 -58.79
CA LEU D 745 38.26 26.33 -59.97
C LEU D 745 39.40 25.73 -60.78
N MET D 746 39.24 25.72 -62.09
CA MET D 746 40.26 25.21 -62.99
C MET D 746 41.00 26.35 -63.66
N PRO D 747 42.32 26.37 -63.63
CA PRO D 747 43.06 27.49 -64.25
C PRO D 747 43.50 27.18 -65.66
N ILE D 748 43.26 28.12 -66.57
CA ILE D 748 43.78 28.05 -67.94
C ILE D 748 44.67 29.26 -68.14
N ASN D 749 45.93 29.02 -68.47
CA ASN D 749 46.89 30.10 -68.61
C ASN D 749 46.71 30.82 -69.94
N THR D 750 46.73 32.15 -69.89
CA THR D 750 46.79 33.02 -71.04
C THR D 750 47.96 33.98 -70.87
N PHE D 751 48.08 34.97 -71.74
CA PHE D 751 49.20 35.91 -71.66
C PHE D 751 48.91 37.01 -70.65
N SER D 752 47.66 37.47 -70.59
CA SER D 752 47.30 38.64 -69.79
C SER D 752 46.24 38.35 -68.73
N GLY D 753 45.77 37.11 -68.61
CA GLY D 753 44.61 36.91 -67.74
C GLY D 753 43.44 37.74 -68.24
N ILE D 754 42.69 38.31 -67.31
CA ILE D 754 41.50 39.11 -67.62
C ILE D 754 41.89 40.58 -67.66
N ILE D 755 41.94 41.16 -68.86
CA ILE D 755 42.14 42.60 -69.04
C ILE D 755 40.79 43.30 -68.80
N GLN D 756 40.73 44.11 -67.75
CA GLN D 756 39.49 44.81 -67.42
C GLN D 756 39.35 46.11 -68.20
N GLU E 36 -81.58 0.10 -23.59
CA GLU E 36 -82.02 1.49 -23.52
C GLU E 36 -81.42 2.31 -24.66
N LEU E 37 -82.19 2.47 -25.74
CA LEU E 37 -81.77 3.33 -26.84
C LEU E 37 -82.02 4.79 -26.49
N ILE E 38 -80.95 5.58 -26.50
CA ILE E 38 -80.98 6.99 -26.09
C ILE E 38 -81.08 7.84 -27.35
N PRO E 39 -82.13 8.66 -27.52
CA PRO E 39 -82.22 9.56 -28.68
C PRO E 39 -81.31 10.77 -28.50
N ILE E 40 -80.39 10.95 -29.45
CA ILE E 40 -79.44 12.06 -29.45
C ILE E 40 -79.47 12.71 -30.83
N GLU E 41 -79.59 14.04 -30.85
CA GLU E 41 -79.48 14.82 -32.08
C GLU E 41 -78.04 15.28 -32.26
N PHE E 42 -77.45 14.96 -33.40
CA PHE E 42 -76.09 15.35 -33.72
C PHE E 42 -76.10 16.50 -34.71
N VAL E 43 -75.49 17.61 -34.33
CA VAL E 43 -75.30 18.75 -35.23
C VAL E 43 -74.03 18.51 -36.03
N LEU E 44 -74.18 18.38 -37.34
CA LEU E 44 -73.12 17.99 -38.25
C LEU E 44 -72.29 19.19 -38.68
N PRO E 45 -71.04 18.97 -39.11
CA PRO E 45 -70.20 20.10 -39.52
C PRO E 45 -70.58 20.72 -40.85
N THR E 46 -71.37 20.03 -41.67
CA THR E 46 -71.81 20.58 -42.95
C THR E 46 -73.12 21.33 -42.80
N SER E 47 -73.39 22.21 -43.76
CA SER E 47 -74.57 23.06 -43.75
C SER E 47 -75.44 22.78 -44.97
N GLN E 48 -76.75 22.96 -44.79
CA GLN E 48 -77.69 22.82 -45.89
C GLN E 48 -77.41 23.85 -46.98
N ARG E 49 -77.52 23.41 -48.24
CA ARG E 49 -77.12 24.22 -49.39
C ARG E 49 -77.79 25.59 -49.42
N ASN E 50 -79.02 25.71 -48.92
CA ASN E 50 -79.81 26.91 -49.15
C ASN E 50 -79.91 27.85 -47.96
N THR E 51 -79.66 27.38 -46.73
CA THR E 51 -79.99 28.16 -45.54
C THR E 51 -78.81 28.44 -44.62
N LYS E 52 -77.61 27.94 -44.94
CA LYS E 52 -76.46 28.02 -44.04
C LYS E 52 -76.74 27.48 -42.63
N THR E 53 -77.84 26.75 -42.46
CA THR E 53 -78.11 26.10 -41.19
C THR E 53 -77.38 24.77 -41.11
N PRO E 54 -76.80 24.44 -39.96
CA PRO E 54 -76.10 23.14 -39.84
C PRO E 54 -77.05 21.97 -39.99
N GLU E 55 -76.57 20.93 -40.66
CA GLU E 55 -77.31 19.68 -40.77
C GLU E 55 -77.36 18.98 -39.42
N THR E 56 -78.47 18.28 -39.18
CA THR E 56 -78.64 17.51 -37.96
C THR E 56 -79.11 16.10 -38.29
N ALA E 57 -78.71 15.16 -37.44
CA ALA E 57 -79.07 13.75 -37.59
C ALA E 57 -79.52 13.20 -36.23
N LEU E 58 -80.76 12.73 -36.16
CA LEU E 58 -81.27 12.09 -34.95
C LEU E 58 -80.90 10.60 -34.96
N LEU E 59 -80.24 10.15 -33.89
CA LEU E 59 -79.86 8.75 -33.78
C LEU E 59 -80.35 8.18 -32.46
N HIS E 60 -80.64 6.88 -32.45
CA HIS E 60 -80.95 6.15 -31.23
C HIS E 60 -79.75 5.30 -30.86
N VAL E 61 -78.90 5.84 -29.99
CA VAL E 61 -77.61 5.24 -29.64
C VAL E 61 -77.78 4.27 -28.48
N ALA E 62 -77.14 3.11 -28.57
CA ALA E 62 -77.10 2.17 -27.45
C ALA E 62 -76.32 2.76 -26.28
N GLY E 63 -77.00 2.91 -25.14
CA GLY E 63 -76.36 3.51 -23.97
C GLY E 63 -75.17 2.72 -23.45
N HIS E 64 -75.11 1.44 -23.76
CA HIS E 64 -74.01 0.59 -23.33
C HIS E 64 -72.87 0.54 -24.34
N GLY E 65 -73.01 1.19 -25.50
CA GLY E 65 -71.92 1.34 -26.43
C GLY E 65 -70.89 2.35 -25.97
N ASN E 66 -69.76 2.38 -26.66
CA ASN E 66 -68.72 3.36 -26.39
C ASN E 66 -68.77 4.52 -27.37
N VAL E 67 -68.00 5.56 -27.04
CA VAL E 67 -68.00 6.80 -27.81
C VAL E 67 -67.50 6.54 -29.23
N GLU E 68 -66.53 5.65 -29.39
CA GLU E 68 -66.00 5.35 -30.72
C GLU E 68 -67.07 4.80 -31.64
N GLN E 69 -67.87 3.86 -31.15
CA GLN E 69 -68.94 3.28 -31.96
C GLN E 69 -70.03 4.30 -32.25
N MET E 70 -70.38 5.12 -31.26
CA MET E 70 -71.33 6.22 -31.48
C MET E 70 -70.85 7.13 -32.60
N LYS E 71 -69.56 7.48 -32.58
CA LYS E 71 -68.98 8.34 -33.61
C LYS E 71 -69.05 7.66 -34.98
N ALA E 72 -68.77 6.36 -35.03
CA ALA E 72 -68.86 5.63 -36.30
C ALA E 72 -70.28 5.62 -36.83
N GLN E 73 -71.27 5.42 -35.95
CA GLN E 73 -72.66 5.45 -36.37
C GLN E 73 -73.05 6.82 -36.91
N VAL E 74 -72.62 7.88 -36.23
CA VAL E 74 -72.86 9.23 -36.72
C VAL E 74 -72.26 9.41 -38.11
N TRP E 75 -71.04 8.91 -38.31
CA TRP E 75 -70.39 9.09 -39.60
C TRP E 75 -71.13 8.34 -40.71
N LEU E 76 -71.55 7.11 -40.44
CA LEU E 76 -72.31 6.35 -41.43
C LEU E 76 -73.63 7.06 -41.76
N ARG E 77 -74.33 7.54 -40.74
CA ARG E 77 -75.59 8.25 -40.98
C ARG E 77 -75.36 9.51 -41.81
N ALA E 78 -74.27 10.23 -41.54
CA ALA E 78 -73.96 11.43 -42.32
C ALA E 78 -73.63 11.10 -43.76
N LEU E 79 -72.88 10.01 -43.98
CA LEU E 79 -72.63 9.55 -45.34
C LEU E 79 -73.94 9.22 -46.05
N GLU E 80 -74.92 8.68 -45.32
CA GLU E 80 -76.18 8.31 -45.94
C GLU E 80 -77.05 9.53 -46.25
N THR E 81 -77.02 10.57 -45.42
CA THR E 81 -78.03 11.61 -45.50
C THR E 81 -77.54 12.99 -45.90
N SER E 82 -76.25 13.29 -45.76
CA SER E 82 -75.77 14.63 -46.03
C SER E 82 -75.81 14.94 -47.53
N VAL E 83 -76.20 16.17 -47.87
CA VAL E 83 -76.12 16.66 -49.23
C VAL E 83 -74.67 16.96 -49.61
N SER E 84 -73.76 16.81 -48.65
CA SER E 84 -72.34 17.05 -48.84
C SER E 84 -71.54 15.79 -48.54
N ALA E 85 -72.02 14.65 -49.06
CA ALA E 85 -71.39 13.36 -48.80
C ALA E 85 -69.90 13.34 -49.12
N ASP E 86 -69.47 14.09 -50.15
CA ASP E 86 -68.05 14.13 -50.49
C ASP E 86 -67.21 14.62 -49.32
N PHE E 87 -67.75 15.52 -48.51
CA PHE E 87 -67.05 15.99 -47.32
C PHE E 87 -66.74 14.84 -46.37
N TYR E 88 -67.72 13.95 -46.15
CA TYR E 88 -67.51 12.83 -45.26
C TYR E 88 -66.72 11.70 -45.90
N HIS E 89 -66.68 11.63 -47.23
CA HIS E 89 -65.78 10.69 -47.89
C HIS E 89 -64.33 11.15 -47.80
N ARG E 90 -64.09 12.46 -47.78
CA ARG E 90 -62.71 12.95 -47.79
C ARG E 90 -62.07 12.95 -46.41
N LEU E 91 -62.83 13.19 -45.34
CA LEU E 91 -62.29 13.25 -43.99
C LEU E 91 -62.84 12.10 -43.15
N GLY E 92 -61.96 11.51 -42.32
CA GLY E 92 -62.34 10.49 -41.39
C GLY E 92 -62.91 11.05 -40.10
N PRO E 93 -63.62 10.21 -39.34
CA PRO E 93 -64.22 10.70 -38.07
C PRO E 93 -63.19 11.23 -37.08
N ASP E 94 -61.97 10.69 -37.08
CA ASP E 94 -60.96 11.12 -36.12
C ASP E 94 -60.53 12.56 -36.31
N HIS E 95 -60.86 13.18 -37.44
CA HIS E 95 -60.59 14.60 -37.64
C HIS E 95 -61.59 15.49 -36.94
N PHE E 96 -62.52 14.93 -36.17
CA PHE E 96 -63.61 15.70 -35.57
C PHE E 96 -63.74 15.40 -34.09
N LEU E 97 -64.17 16.43 -33.36
CA LEU E 97 -64.46 16.40 -31.93
C LEU E 97 -65.97 16.31 -31.71
N LEU E 98 -66.35 15.72 -30.58
CA LEU E 98 -67.73 15.65 -30.12
C LEU E 98 -67.87 16.60 -28.94
N LEU E 99 -68.67 17.65 -29.11
CA LEU E 99 -68.83 18.70 -28.12
C LEU E 99 -70.28 18.78 -27.66
N TYR E 100 -70.48 19.19 -26.41
CA TYR E 100 -71.81 19.52 -25.91
C TYR E 100 -71.74 20.76 -25.04
N GLN E 101 -72.89 21.42 -24.87
CA GLN E 101 -72.97 22.63 -24.06
C GLN E 101 -73.57 22.32 -22.69
N LYS E 102 -72.92 22.82 -21.64
CA LYS E 102 -73.38 22.69 -20.27
C LYS E 102 -73.15 24.01 -19.55
N LYS E 103 -74.23 24.60 -19.02
CA LYS E 103 -74.17 25.89 -18.33
C LYS E 103 -73.42 26.94 -19.15
N GLY E 104 -73.63 26.91 -20.47
CA GLY E 104 -73.02 27.86 -21.36
C GLY E 104 -71.60 27.56 -21.82
N GLN E 105 -70.93 26.58 -21.22
CA GLN E 105 -69.58 26.22 -21.63
C GLN E 105 -69.58 24.99 -22.53
N TRP E 106 -68.54 24.88 -23.36
CA TRP E 106 -68.38 23.76 -24.28
C TRP E 106 -67.49 22.69 -23.66
N TYR E 107 -67.96 21.45 -23.66
CA TYR E 107 -67.24 20.29 -23.17
C TYR E 107 -67.00 19.29 -24.29
N GLU E 108 -65.80 18.73 -24.33
CA GLU E 108 -65.45 17.69 -25.31
C GLU E 108 -65.71 16.31 -24.72
N ILE E 109 -66.42 15.46 -25.48
CA ILE E 109 -66.48 14.05 -25.18
C ILE E 109 -65.16 13.42 -25.62
N TYR E 110 -64.19 13.40 -24.72
CA TYR E 110 -62.81 13.16 -25.13
C TYR E 110 -62.48 11.68 -25.24
N ASP E 111 -62.89 10.86 -24.27
CA ASP E 111 -62.46 9.46 -24.22
C ASP E 111 -63.30 8.64 -25.20
N LYS E 112 -62.65 8.11 -26.23
CA LYS E 112 -63.33 7.31 -27.24
C LYS E 112 -63.86 5.98 -26.69
N TYR E 113 -63.29 5.47 -25.60
CA TYR E 113 -63.75 4.22 -25.02
C TYR E 113 -64.77 4.41 -23.89
N GLN E 114 -65.13 5.64 -23.58
CA GLN E 114 -66.11 5.89 -22.53
C GLN E 114 -67.48 5.33 -22.93
N VAL E 115 -68.14 4.69 -21.96
CA VAL E 115 -69.47 4.13 -22.21
C VAL E 115 -70.48 5.25 -22.29
N VAL E 116 -71.33 5.21 -23.31
CA VAL E 116 -72.19 6.35 -23.66
C VAL E 116 -73.06 6.76 -22.47
N GLN E 117 -73.66 5.79 -21.80
CA GLN E 117 -74.58 6.10 -20.69
C GLN E 117 -73.90 6.78 -19.51
N THR E 118 -72.58 6.76 -19.44
CA THR E 118 -71.86 7.44 -18.37
C THR E 118 -71.51 8.88 -18.72
N LEU E 119 -71.81 9.33 -19.94
CA LEU E 119 -71.52 10.70 -20.33
C LEU E 119 -72.26 11.68 -19.44
N ASP E 120 -71.52 12.67 -18.94
CA ASP E 120 -72.10 13.69 -18.07
C ASP E 120 -73.22 14.45 -18.78
N CYS E 121 -73.11 14.61 -20.10
CA CYS E 121 -74.13 15.32 -20.86
C CYS E 121 -75.50 14.65 -20.72
N LEU E 122 -75.54 13.32 -20.74
CA LEU E 122 -76.82 12.62 -20.64
C LEU E 122 -77.46 12.85 -19.27
N ARG E 123 -76.67 12.78 -18.20
CA ARG E 123 -77.18 13.08 -16.87
C ARG E 123 -77.70 14.52 -16.79
N TYR E 124 -76.93 15.46 -17.35
CA TYR E 124 -77.32 16.87 -17.33
C TYR E 124 -78.64 17.08 -18.08
N TRP E 125 -78.79 16.47 -19.24
CA TRP E 125 -80.02 16.62 -20.01
C TRP E 125 -81.19 15.94 -19.32
N LYS E 126 -80.95 14.79 -18.67
CA LYS E 126 -82.01 14.13 -17.92
C LYS E 126 -82.51 15.01 -16.78
N VAL E 127 -81.59 15.73 -16.13
CA VAL E 127 -82.02 16.67 -15.09
C VAL E 127 -82.83 17.82 -15.69
N LEU E 128 -82.49 18.24 -16.91
CA LEU E 128 -83.20 19.32 -17.58
C LEU E 128 -84.44 18.85 -18.33
N HIS E 129 -84.77 17.56 -18.26
CA HIS E 129 -85.89 16.99 -19.02
C HIS E 129 -85.76 17.28 -20.52
N ARG E 130 -84.53 17.34 -21.02
CA ARG E 130 -84.27 17.62 -22.43
C ARG E 130 -84.02 16.31 -23.16
N SER E 131 -84.91 15.99 -24.10
CA SER E 131 -84.75 14.83 -24.96
C SER E 131 -85.36 15.11 -26.32
N PRO E 132 -84.61 14.96 -27.41
CA PRO E 132 -83.20 14.56 -27.44
C PRO E 132 -82.21 15.66 -27.01
N GLY E 133 -81.06 15.25 -26.47
CA GLY E 133 -79.96 16.16 -26.31
C GLY E 133 -79.20 16.35 -27.60
N GLN E 134 -78.33 17.36 -27.62
CA GLN E 134 -77.62 17.75 -28.82
C GLN E 134 -76.11 17.61 -28.63
N ILE E 135 -75.46 16.93 -29.57
CA ILE E 135 -74.01 16.82 -29.64
C ILE E 135 -73.56 17.42 -30.97
N HIS E 136 -72.56 18.29 -30.92
CA HIS E 136 -72.02 18.96 -32.09
C HIS E 136 -70.75 18.25 -32.56
N VAL E 137 -70.70 17.94 -33.86
CA VAL E 137 -69.51 17.37 -34.48
C VAL E 137 -68.71 18.51 -35.10
N VAL E 138 -67.57 18.83 -34.50
CA VAL E 138 -66.79 20.02 -34.90
C VAL E 138 -65.44 19.57 -35.43
N GLN E 139 -65.00 20.16 -36.55
CA GLN E 139 -63.73 19.78 -37.13
C GLN E 139 -62.56 20.17 -36.21
N ARG E 140 -61.65 19.22 -36.01
CA ARG E 140 -60.42 19.49 -35.28
C ARG E 140 -59.49 20.36 -36.12
N HIS E 141 -59.05 21.47 -35.55
CA HIS E 141 -58.10 22.36 -36.21
C HIS E 141 -56.68 22.12 -35.70
N ALA E 142 -55.71 22.36 -36.57
CA ALA E 142 -54.31 22.29 -36.19
C ALA E 142 -53.97 23.41 -35.22
N PRO E 143 -52.99 23.20 -34.33
CA PRO E 143 -52.61 24.26 -33.40
C PRO E 143 -52.00 25.45 -34.13
N SER E 144 -52.31 26.63 -33.64
CA SER E 144 -51.76 27.86 -34.20
C SER E 144 -50.28 27.96 -33.90
N GLU E 145 -49.59 28.79 -34.69
CA GLU E 145 -48.18 29.04 -34.44
C GLU E 145 -47.95 29.68 -33.08
N GLU E 146 -48.89 30.53 -32.64
CA GLU E 146 -48.78 31.12 -31.31
C GLU E 146 -48.86 30.04 -30.23
N THR E 147 -49.75 29.08 -30.42
CA THR E 147 -49.87 27.98 -29.46
C THR E 147 -48.60 27.13 -29.44
N LEU E 148 -48.01 26.88 -30.61
CA LEU E 148 -46.76 26.11 -30.64
C LEU E 148 -45.62 26.87 -29.97
N ALA E 149 -45.55 28.19 -30.17
CA ALA E 149 -44.53 28.99 -29.50
C ALA E 149 -44.73 28.99 -27.99
N PHE E 150 -45.97 29.12 -27.54
CA PHE E 150 -46.25 29.06 -26.10
C PHE E 150 -45.89 27.69 -25.53
N GLN E 151 -46.18 26.62 -26.28
CA GLN E 151 -45.77 25.28 -25.86
C GLN E 151 -44.25 25.17 -25.74
N ARG E 152 -43.52 25.74 -26.71
CA ARG E 152 -42.06 25.74 -26.60
C ARG E 152 -41.59 26.50 -25.36
N GLN E 153 -42.22 27.63 -25.06
CA GLN E 153 -41.89 28.36 -23.84
C GLN E 153 -42.15 27.51 -22.60
N LEU E 154 -43.30 26.85 -22.56
CA LEU E 154 -43.63 25.98 -21.43
C LEU E 154 -42.63 24.84 -21.32
N ASN E 155 -42.26 24.21 -22.44
CA ASN E 155 -41.29 23.12 -22.41
C ASN E 155 -39.94 23.59 -21.88
N ALA E 156 -39.53 24.81 -22.26
CA ALA E 156 -38.28 25.36 -21.73
C ALA E 156 -38.39 25.59 -20.22
N LEU E 157 -39.53 26.11 -19.75
CA LEU E 157 -39.71 26.33 -18.33
C LEU E 157 -39.73 25.02 -17.56
N ILE E 158 -40.37 23.99 -18.12
CA ILE E 158 -40.48 22.68 -17.48
C ILE E 158 -39.15 21.94 -17.53
N GLY E 159 -38.37 22.14 -18.59
CA GLY E 159 -37.21 21.30 -18.83
C GLY E 159 -37.54 19.92 -19.34
N TYR E 160 -38.76 19.73 -19.84
CA TYR E 160 -39.19 18.47 -20.42
C TYR E 160 -40.29 18.77 -21.44
N ASP E 161 -40.26 18.03 -22.54
CA ASP E 161 -41.28 18.17 -23.60
C ASP E 161 -42.41 17.20 -23.30
N VAL E 162 -43.52 17.71 -22.76
CA VAL E 162 -44.68 16.87 -22.47
C VAL E 162 -45.44 16.44 -23.71
N THR E 163 -45.11 16.99 -24.87
CA THR E 163 -45.75 16.59 -26.12
C THR E 163 -44.99 15.47 -26.82
N ASP E 164 -43.85 15.06 -26.29
CA ASP E 164 -43.06 13.97 -26.87
C ASP E 164 -43.77 12.65 -26.62
N VAL E 165 -44.38 12.09 -27.67
CA VAL E 165 -45.06 10.79 -27.56
C VAL E 165 -44.15 9.61 -27.89
N SER E 166 -42.86 9.85 -28.12
CA SER E 166 -41.96 8.78 -28.53
C SER E 166 -41.80 7.70 -27.46
N ASN E 167 -42.04 8.02 -26.19
CA ASN E 167 -41.67 7.13 -25.09
C ASN E 167 -42.88 6.71 -24.24
N VAL E 168 -44.06 6.61 -24.84
CA VAL E 168 -45.25 6.19 -24.12
C VAL E 168 -45.86 4.97 -24.81
N HIS E 169 -46.39 4.05 -24.01
CA HIS E 169 -47.12 2.89 -24.50
C HIS E 169 -48.61 3.16 -24.63
N ASP E 170 -49.09 4.29 -24.13
CA ASP E 170 -50.50 4.66 -24.18
C ASP E 170 -50.57 6.17 -24.26
N ASP E 171 -51.77 6.71 -24.09
CA ASP E 171 -51.99 8.15 -24.15
C ASP E 171 -52.33 8.74 -22.78
N GLU E 172 -51.87 8.10 -21.70
CA GLU E 172 -52.15 8.62 -20.36
C GLU E 172 -51.66 10.05 -20.20
N LEU E 173 -50.49 10.37 -20.75
CA LEU E 173 -49.93 11.72 -20.61
C LEU E 173 -50.85 12.76 -21.24
N GLU E 174 -51.20 12.57 -22.51
CA GLU E 174 -52.10 13.49 -23.19
C GLU E 174 -53.48 13.50 -22.51
N PHE E 175 -53.95 12.32 -22.12
CA PHE E 175 -55.23 12.21 -21.42
C PHE E 175 -55.24 13.06 -20.16
N THR E 176 -54.14 13.04 -19.41
CA THR E 176 -54.02 13.85 -18.21
C THR E 176 -53.93 15.33 -18.56
N ARG E 177 -53.18 15.67 -19.60
CA ARG E 177 -53.14 17.06 -20.07
C ARG E 177 -54.54 17.58 -20.34
N ARG E 178 -55.37 16.77 -21.00
CA ARG E 178 -56.73 17.21 -21.32
C ARG E 178 -57.61 17.26 -20.07
N ARG E 179 -57.46 16.29 -19.16
CA ARG E 179 -58.30 16.27 -17.96
C ARG E 179 -57.98 17.40 -17.00
N LEU E 180 -56.73 17.86 -16.96
CA LEU E 180 -56.36 18.93 -16.05
C LEU E 180 -56.83 20.30 -16.52
N VAL E 181 -57.40 20.40 -17.72
CA VAL E 181 -57.91 21.68 -18.21
C VAL E 181 -59.04 22.19 -17.32
N THR E 182 -60.02 21.33 -17.04
CA THR E 182 -61.23 21.77 -16.35
C THR E 182 -60.97 22.25 -14.92
N PRO E 183 -60.27 21.51 -14.05
CA PRO E 183 -59.98 22.08 -12.72
C PRO E 183 -59.13 23.33 -12.80
N ARG E 184 -58.14 23.36 -13.70
CA ARG E 184 -57.33 24.56 -13.90
C ARG E 184 -58.19 25.76 -14.27
N MET E 185 -59.06 25.61 -15.27
CA MET E 185 -59.89 26.72 -15.69
C MET E 185 -60.92 27.09 -14.63
N ALA E 186 -61.39 26.11 -13.85
CA ALA E 186 -62.29 26.42 -12.73
C ALA E 186 -61.58 27.28 -11.68
N GLU E 187 -60.33 26.95 -11.37
CA GLU E 187 -59.58 27.75 -10.41
C GLU E 187 -59.27 29.13 -10.96
N VAL E 188 -58.86 29.21 -12.23
CA VAL E 188 -58.55 30.50 -12.84
C VAL E 188 -59.80 31.37 -12.92
N ALA E 189 -60.95 30.77 -13.22
CA ALA E 189 -62.19 31.53 -13.34
C ALA E 189 -62.68 32.04 -11.99
N GLY E 190 -62.41 31.30 -10.91
CA GLY E 190 -62.76 31.75 -9.59
C GLY E 190 -61.77 32.68 -8.94
N ARG E 191 -60.66 32.96 -9.63
CA ARG E 191 -59.57 33.75 -9.08
C ARG E 191 -59.82 35.24 -9.29
N ASP E 192 -59.74 36.01 -8.21
CA ASP E 192 -59.66 37.47 -8.30
C ASP E 192 -58.23 37.84 -8.67
N PRO E 193 -58.01 38.39 -9.87
CA PRO E 193 -56.63 38.74 -10.26
C PRO E 193 -56.00 39.77 -9.36
N LYS E 194 -56.79 40.71 -8.82
CA LYS E 194 -56.23 41.73 -7.94
C LYS E 194 -55.77 41.12 -6.63
N LEU E 195 -56.57 40.22 -6.04
CA LEU E 195 -56.17 39.55 -4.82
C LEU E 195 -55.03 38.56 -5.07
N TYR E 196 -55.06 37.89 -6.23
CA TYR E 196 -53.98 36.96 -6.58
C TYR E 196 -52.65 37.71 -6.75
N ALA E 197 -52.69 38.91 -7.33
CA ALA E 197 -51.48 39.70 -7.49
C ALA E 197 -50.87 40.09 -6.13
N MET E 198 -51.70 40.23 -5.09
CA MET E 198 -51.28 40.78 -3.81
C MET E 198 -51.54 39.81 -2.67
N HIS E 199 -51.49 38.51 -2.93
CA HIS E 199 -51.87 37.51 -1.93
C HIS E 199 -50.99 37.64 -0.69
N PRO E 200 -51.56 37.84 0.48
CA PRO E 200 -50.76 38.06 1.69
C PRO E 200 -50.19 36.76 2.24
N TRP E 201 -49.09 36.91 2.99
CA TRP E 201 -48.46 35.82 3.73
C TRP E 201 -48.88 35.98 5.20
N VAL E 202 -49.85 35.18 5.62
CA VAL E 202 -50.48 35.33 6.94
C VAL E 202 -50.62 33.98 7.61
N THR E 203 -50.87 34.02 8.92
CA THR E 203 -51.19 32.83 9.70
C THR E 203 -52.32 33.15 10.67
N SER E 204 -53.19 32.17 10.91
CA SER E 204 -54.27 32.30 11.87
C SER E 204 -53.86 31.95 13.29
N LYS E 205 -52.70 31.32 13.47
CA LYS E 205 -52.25 30.89 14.78
C LYS E 205 -52.17 32.08 15.73
N PRO E 206 -52.60 31.92 16.99
CA PRO E 206 -52.53 33.04 17.94
C PRO E 206 -51.09 33.46 18.19
N LEU E 207 -50.93 34.73 18.54
CA LEU E 207 -49.61 35.23 18.92
C LEU E 207 -49.16 34.57 20.22
N PRO E 208 -47.93 34.04 20.26
CA PRO E 208 -47.41 33.49 21.52
C PRO E 208 -47.26 34.58 22.58
N GLU E 209 -47.30 34.14 23.85
CA GLU E 209 -47.30 35.08 24.97
C GLU E 209 -46.08 36.00 24.96
N TYR E 210 -44.93 35.48 24.53
CA TYR E 210 -43.71 36.28 24.55
C TYR E 210 -43.77 37.43 23.56
N LEU E 211 -44.48 37.24 22.44
CA LEU E 211 -44.68 38.35 21.51
C LEU E 211 -45.72 39.33 22.03
N LEU E 212 -46.78 38.83 22.66
CA LEU E 212 -47.79 39.71 23.26
C LEU E 212 -47.18 40.65 24.29
N LYS E 213 -46.22 40.15 25.06
CA LYS E 213 -45.56 41.01 26.04
C LYS E 213 -44.81 42.17 25.39
N LYS E 214 -44.47 42.06 24.11
CA LYS E 214 -43.78 43.15 23.41
C LYS E 214 -44.74 44.21 22.89
N ILE E 215 -46.04 43.93 22.85
CA ILE E 215 -47.05 44.87 22.36
C ILE E 215 -47.62 45.62 23.55
N THR E 216 -47.43 46.93 23.58
CA THR E 216 -47.92 47.76 24.67
C THR E 216 -49.32 48.27 24.35
N ASN E 217 -50.26 48.02 25.27
CA ASN E 217 -51.65 48.46 25.14
C ASN E 217 -52.27 48.03 23.81
N ASN E 218 -51.90 46.82 23.36
CA ASN E 218 -52.42 46.25 22.11
C ASN E 218 -52.18 47.16 20.91
N CYS E 219 -51.13 47.98 20.97
CA CYS E 219 -50.82 48.93 19.92
C CYS E 219 -49.41 48.72 19.38
N VAL E 220 -49.25 48.91 18.07
CA VAL E 220 -47.94 48.88 17.42
C VAL E 220 -47.74 50.18 16.65
N PHE E 221 -46.47 50.53 16.44
CA PHE E 221 -46.11 51.66 15.60
C PHE E 221 -45.71 51.17 14.21
N ILE E 222 -46.27 51.81 13.18
CA ILE E 222 -45.97 51.49 11.79
C ILE E 222 -45.46 52.75 11.11
N VAL E 223 -44.34 52.63 10.41
CA VAL E 223 -43.76 53.71 9.62
C VAL E 223 -44.17 53.49 8.17
N ILE E 224 -45.00 54.38 7.63
CA ILE E 224 -45.45 54.30 6.25
C ILE E 224 -44.62 55.25 5.40
N HIS E 225 -43.98 54.70 4.37
CA HIS E 225 -43.11 55.45 3.48
C HIS E 225 -43.80 55.70 2.14
N ARG E 226 -43.49 56.84 1.54
CA ARG E 226 -43.90 57.14 0.17
C ARG E 226 -42.91 58.13 -0.42
N SER E 227 -42.37 57.80 -1.59
CA SER E 227 -41.28 58.57 -2.19
C SER E 227 -40.14 58.75 -1.19
N THR E 228 -39.84 60.00 -0.85
CA THR E 228 -38.79 60.31 0.09
C THR E 228 -39.31 60.64 1.48
N THR E 229 -40.62 60.59 1.70
CA THR E 229 -41.24 60.99 2.95
C THR E 229 -41.75 59.77 3.69
N SER E 230 -41.85 59.90 5.02
CA SER E 230 -42.39 58.84 5.85
C SER E 230 -43.16 59.44 7.01
N GLN E 231 -44.10 58.67 7.54
CA GLN E 231 -44.91 59.09 8.68
C GLN E 231 -45.15 57.90 9.58
N THR E 232 -44.82 58.05 10.86
CA THR E 232 -45.13 57.03 11.87
C THR E 232 -46.54 57.20 12.39
N ILE E 233 -47.29 56.10 12.46
CA ILE E 233 -48.63 56.08 13.03
C ILE E 233 -48.70 55.00 14.10
N LYS E 234 -49.56 55.20 15.08
CA LYS E 234 -49.86 54.21 16.10
C LYS E 234 -51.20 53.56 15.79
N VAL E 235 -51.21 52.22 15.70
CA VAL E 235 -52.42 51.50 15.34
C VAL E 235 -52.66 50.38 16.34
N SER E 236 -53.91 49.92 16.38
CA SER E 236 -54.26 48.73 17.14
C SER E 236 -53.70 47.49 16.45
N ALA E 237 -53.24 46.52 17.26
CA ALA E 237 -52.79 45.26 16.71
C ALA E 237 -53.91 44.49 16.03
N ASP E 238 -55.16 44.84 16.29
CA ASP E 238 -56.32 44.22 15.65
C ASP E 238 -56.82 44.97 14.43
N ASP E 239 -56.24 46.12 14.11
CA ASP E 239 -56.65 46.87 12.92
C ASP E 239 -56.31 46.10 11.65
N THR E 240 -57.23 46.16 10.67
CA THR E 240 -56.99 45.62 9.35
C THR E 240 -56.27 46.65 8.48
N PRO E 241 -55.58 46.20 7.42
CA PRO E 241 -54.93 47.17 6.50
C PRO E 241 -55.86 48.26 6.00
N GLY E 242 -57.13 47.95 5.75
CA GLY E 242 -58.07 48.97 5.32
C GLY E 242 -58.30 50.04 6.38
N THR E 243 -58.50 49.60 7.63
CA THR E 243 -58.67 50.55 8.72
C THR E 243 -57.40 51.39 8.92
N ILE E 244 -56.23 50.76 8.78
CA ILE E 244 -54.97 51.49 8.88
C ILE E 244 -54.88 52.55 7.80
N LEU E 245 -55.21 52.19 6.56
CA LEU E 245 -55.17 53.16 5.46
C LEU E 245 -56.15 54.30 5.69
N GLN E 246 -57.36 54.00 6.16
CA GLN E 246 -58.35 55.03 6.42
C GLN E 246 -57.86 55.99 7.50
N SER E 247 -57.32 55.46 8.60
CA SER E 247 -56.78 56.31 9.67
C SER E 247 -55.60 57.14 9.15
N PHE E 248 -54.73 56.54 8.36
CA PHE E 248 -53.59 57.26 7.80
C PHE E 248 -54.03 58.43 6.94
N PHE E 249 -54.94 58.18 6.01
CA PHE E 249 -55.42 59.25 5.13
C PHE E 249 -56.19 60.31 5.91
N THR E 250 -56.90 59.92 6.97
CA THR E 250 -57.53 60.92 7.84
C THR E 250 -56.49 61.80 8.50
N LYS E 251 -55.41 61.20 9.00
CA LYS E 251 -54.37 61.97 9.67
C LYS E 251 -53.58 62.85 8.70
N MET E 252 -53.40 62.40 7.46
CA MET E 252 -52.59 63.11 6.47
C MET E 252 -53.41 63.97 5.53
N ALA E 253 -54.70 64.19 5.82
CA ALA E 253 -55.57 64.92 4.90
C ALA E 253 -55.01 66.28 4.53
N LYS E 254 -54.42 66.99 5.49
CA LYS E 254 -53.84 68.29 5.24
C LYS E 254 -52.39 68.21 4.79
N LYS E 255 -51.84 66.99 4.66
CA LYS E 255 -50.45 66.83 4.26
C LYS E 255 -50.30 65.91 3.05
N LYS E 256 -51.38 65.70 2.28
CA LYS E 256 -51.27 64.87 1.08
C LYS E 256 -50.15 65.36 0.17
N SER E 257 -50.13 66.67 -0.09
CA SER E 257 -49.10 67.23 -0.97
C SER E 257 -47.70 66.96 -0.46
N LEU E 258 -47.54 66.78 0.86
CA LEU E 258 -46.22 66.52 1.41
C LEU E 258 -45.72 65.13 1.04
N MET E 259 -46.62 64.16 0.84
CA MET E 259 -46.24 62.81 0.49
C MET E 259 -46.48 62.48 -0.98
N ASP E 260 -46.57 63.49 -1.85
CA ASP E 260 -46.81 63.30 -3.28
C ASP E 260 -48.07 62.47 -3.52
N ILE E 261 -49.11 62.76 -2.75
CA ILE E 261 -50.42 62.13 -2.93
C ILE E 261 -51.32 63.11 -3.65
N PRO E 262 -51.72 62.85 -4.90
CA PRO E 262 -52.66 63.73 -5.59
C PRO E 262 -53.96 63.87 -4.80
N GLU E 263 -54.51 65.09 -4.82
CA GLU E 263 -55.77 65.34 -4.13
C GLU E 263 -56.90 64.47 -4.67
N SER E 264 -56.82 64.10 -5.95
CA SER E 264 -57.87 63.27 -6.55
C SER E 264 -57.88 61.84 -6.03
N GLN E 265 -56.79 61.39 -5.39
CA GLN E 265 -56.70 60.01 -4.93
C GLN E 265 -57.01 59.91 -3.44
N ASN E 266 -57.55 58.74 -3.06
CA ASN E 266 -57.98 58.46 -1.70
C ASN E 266 -57.37 57.14 -1.24
N GLU E 267 -57.74 56.73 -0.03
CA GLU E 267 -57.20 55.51 0.58
C GLU E 267 -57.49 54.27 -0.26
N ASP E 269 -57.12 53.64 -3.55
CA ASP E 269 -56.22 53.66 -4.69
C ASP E 269 -54.84 53.11 -4.34
N PHE E 270 -54.64 52.83 -3.05
CA PHE E 270 -53.32 52.43 -2.56
C PHE E 270 -53.41 51.14 -1.77
N VAL E 271 -52.25 50.49 -1.63
CA VAL E 271 -52.08 49.30 -0.80
C VAL E 271 -50.81 49.47 0.04
N LEU E 272 -50.73 48.70 1.11
CA LEU E 272 -49.54 48.64 1.95
C LEU E 272 -48.65 47.47 1.51
N ARG E 273 -47.36 47.75 1.28
CA ARG E 273 -46.41 46.73 0.92
C ARG E 273 -45.20 46.80 1.85
N VAL E 274 -44.54 45.65 2.06
CA VAL E 274 -43.34 45.63 2.89
C VAL E 274 -42.20 46.33 2.15
N CYS E 275 -41.48 47.20 2.86
CA CYS E 275 -40.33 47.87 2.27
C CYS E 275 -39.27 46.86 1.85
N GLY E 276 -38.83 46.97 0.61
CA GLY E 276 -37.80 46.11 0.07
C GLY E 276 -38.23 44.70 -0.25
N ARG E 277 -39.51 44.36 -0.08
CA ARG E 277 -40.00 43.02 -0.36
C ARG E 277 -41.31 43.08 -1.13
N ASP E 278 -41.52 42.10 -2.01
CA ASP E 278 -42.79 41.96 -2.73
C ASP E 278 -43.77 41.15 -1.88
N GLU E 279 -44.19 41.77 -0.78
CA GLU E 279 -45.14 41.16 0.15
C GLU E 279 -46.16 42.21 0.55
N TYR E 280 -47.44 41.92 0.33
CA TYR E 280 -48.51 42.89 0.46
C TYR E 280 -49.35 42.65 1.71
N LEU E 281 -49.85 43.73 2.27
CA LEU E 281 -50.74 43.70 3.44
C LEU E 281 -52.12 44.14 2.99
N VAL E 282 -52.98 43.17 2.71
CA VAL E 282 -54.33 43.43 2.19
C VAL E 282 -55.31 42.48 2.86
N GLY E 283 -56.59 42.80 2.71
CA GLY E 283 -57.65 41.98 3.25
C GLY E 283 -58.11 42.40 4.63
N GLU E 284 -58.97 41.57 5.21
CA GLU E 284 -59.58 41.81 6.51
C GLU E 284 -58.83 41.12 7.64
N THR E 285 -57.61 40.69 7.39
CA THR E 285 -56.81 40.01 8.42
C THR E 285 -56.17 41.04 9.35
N PRO E 286 -56.23 40.84 10.66
CA PRO E 286 -55.54 41.74 11.59
C PRO E 286 -54.05 41.82 11.29
N ILE E 287 -53.49 43.02 11.48
CA ILE E 287 -52.08 43.28 11.19
C ILE E 287 -51.15 42.34 11.95
N LYS E 288 -51.55 41.93 13.16
CA LYS E 288 -50.72 41.05 13.97
C LYS E 288 -50.55 39.67 13.35
N ASN E 289 -51.41 39.28 12.42
CA ASN E 289 -51.36 37.96 11.83
C ASN E 289 -50.52 37.88 10.57
N PHE E 290 -49.96 39.00 10.12
CA PHE E 290 -49.03 38.99 9.00
C PHE E 290 -47.66 38.52 9.47
N GLN E 291 -47.05 37.62 8.69
CA GLN E 291 -45.79 37.00 9.11
C GLN E 291 -44.68 38.04 9.25
N TRP E 292 -44.62 39.02 8.34
CA TRP E 292 -43.61 40.07 8.45
C TRP E 292 -43.74 40.84 9.76
N VAL E 293 -44.98 41.16 10.16
CA VAL E 293 -45.20 41.87 11.42
C VAL E 293 -44.74 41.04 12.60
N ARG E 294 -45.04 39.73 12.58
CA ARG E 294 -44.57 38.85 13.63
C ARG E 294 -43.04 38.79 13.66
N GLN E 295 -42.40 38.80 12.49
CA GLN E 295 -40.94 38.79 12.44
C GLN E 295 -40.37 40.06 13.05
N CYS E 296 -40.94 41.21 12.71
CA CYS E 296 -40.50 42.48 13.29
C CYS E 296 -40.69 42.48 14.80
N LEU E 297 -41.83 42.00 15.28
CA LEU E 297 -42.05 41.92 16.73
C LEU E 297 -41.05 40.98 17.39
N LYS E 298 -40.79 39.85 16.74
CA LYS E 298 -39.84 38.87 17.26
C LYS E 298 -38.44 39.46 17.38
N ASN E 299 -38.01 40.21 16.37
CA ASN E 299 -36.66 40.79 16.37
C ASN E 299 -36.58 42.12 17.12
N GLY E 300 -37.71 42.74 17.43
CA GLY E 300 -37.69 44.08 17.99
C GLY E 300 -37.40 45.17 16.97
N GLU E 301 -37.76 44.95 15.72
CA GLU E 301 -37.55 45.92 14.65
C GLU E 301 -38.81 46.76 14.44
N GLU E 302 -38.62 47.97 13.91
CA GLU E 302 -39.74 48.79 13.49
C GLU E 302 -40.41 48.21 12.25
N ILE E 303 -41.73 48.37 12.18
CA ILE E 303 -42.53 47.88 11.06
C ILE E 303 -42.54 48.97 9.99
N HIS E 304 -41.78 48.76 8.92
CA HIS E 304 -41.69 49.71 7.82
C HIS E 304 -42.53 49.21 6.64
N LEU E 305 -43.45 50.05 6.19
CA LEU E 305 -44.29 49.77 5.03
C LEU E 305 -44.21 50.92 4.03
N VAL E 306 -44.44 50.59 2.77
CA VAL E 306 -44.54 51.57 1.69
C VAL E 306 -46.00 51.65 1.24
N LEU E 307 -46.46 52.87 0.96
CA LEU E 307 -47.77 53.13 0.38
C LEU E 307 -47.64 53.05 -1.13
N ASP E 308 -47.97 51.91 -1.71
CA ASP E 308 -47.77 51.65 -3.12
C ASP E 308 -49.10 51.63 -3.88
N THR E 309 -48.99 51.68 -5.21
CA THR E 309 -50.13 51.38 -6.06
C THR E 309 -50.25 49.86 -6.26
N PRO E 310 -51.48 49.33 -6.32
CA PRO E 310 -51.63 47.90 -6.53
C PRO E 310 -51.11 47.47 -7.89
N PRO E 311 -50.56 46.27 -7.99
CA PRO E 311 -50.09 45.78 -9.30
C PRO E 311 -51.21 45.69 -10.33
N ASP E 312 -50.82 45.77 -11.59
CA ASP E 312 -51.74 45.64 -12.72
C ASP E 312 -52.33 44.24 -12.74
N PRO E 313 -53.63 44.08 -12.50
CA PRO E 313 -54.22 42.74 -12.54
C PRO E 313 -54.17 42.08 -13.91
N ALA E 314 -54.07 42.86 -15.00
CA ALA E 314 -54.05 42.29 -16.34
C ALA E 314 -52.85 41.36 -16.54
N LEU E 315 -51.78 41.57 -15.77
CA LEU E 315 -50.62 40.68 -15.86
C LEU E 315 -50.91 39.29 -15.34
N ASP E 316 -51.94 39.14 -14.50
CA ASP E 316 -52.32 37.83 -13.99
C ASP E 316 -53.50 37.23 -14.73
N GLU E 317 -54.01 37.90 -15.76
CA GLU E 317 -54.99 37.29 -16.63
C GLU E 317 -54.36 36.14 -17.41
N VAL E 318 -55.10 35.05 -17.52
CA VAL E 318 -54.61 33.84 -18.20
C VAL E 318 -55.06 33.87 -19.65
N ARG E 319 -54.17 33.43 -20.54
CA ARG E 319 -54.50 33.32 -21.96
C ARG E 319 -55.74 32.45 -22.15
N LYS E 320 -56.52 32.80 -23.17
CA LYS E 320 -57.71 32.02 -23.50
C LYS E 320 -57.33 30.58 -23.79
N GLU E 321 -58.01 29.64 -23.15
CA GLU E 321 -57.79 28.23 -23.39
C GLU E 321 -58.32 27.84 -24.76
N GLU E 322 -57.46 27.27 -25.60
CA GLU E 322 -57.91 26.80 -26.91
C GLU E 322 -58.58 25.43 -26.83
N TRP E 323 -58.23 24.62 -25.83
CA TRP E 323 -58.77 23.28 -25.66
C TRP E 323 -60.18 23.34 -25.07
N PRO E 324 -61.11 22.56 -25.62
CA PRO E 324 -62.40 22.39 -24.95
C PRO E 324 -62.23 21.78 -23.57
N LEU E 325 -63.17 22.09 -22.69
CA LEU E 325 -63.18 21.50 -21.35
C LEU E 325 -63.51 20.01 -21.42
N VAL E 326 -63.04 19.28 -20.41
CA VAL E 326 -63.27 17.85 -20.29
C VAL E 326 -63.91 17.59 -18.93
N ASP E 327 -65.05 16.90 -18.93
CA ASP E 327 -65.80 16.69 -17.69
C ASP E 327 -65.15 15.61 -16.82
N ASP E 328 -65.47 15.65 -15.53
CA ASP E 328 -64.91 14.73 -14.55
C ASP E 328 -65.37 13.28 -14.75
N CYS E 329 -66.40 13.05 -15.57
CA CYS E 329 -66.84 11.69 -15.87
C CYS E 329 -66.08 11.07 -17.03
N THR E 330 -65.15 11.80 -17.64
CA THR E 330 -64.34 11.24 -18.72
C THR E 330 -63.50 10.08 -18.21
N GLY E 331 -63.53 8.97 -18.95
CA GLY E 331 -62.86 7.75 -18.56
C GLY E 331 -63.65 6.85 -17.63
N VAL E 332 -64.88 7.21 -17.29
CA VAL E 332 -65.70 6.40 -16.39
C VAL E 332 -66.33 5.27 -17.17
N THR E 333 -66.12 4.03 -16.70
CA THR E 333 -66.66 2.86 -17.36
C THR E 333 -68.12 2.60 -16.97
N GLY E 334 -68.54 3.06 -15.81
CA GLY E 334 -69.90 2.91 -15.35
C GLY E 334 -69.99 1.88 -14.24
N TYR E 335 -71.23 1.55 -13.88
CA TYR E 335 -71.47 0.58 -12.85
C TYR E 335 -71.48 -0.84 -13.41
N HIS E 336 -71.42 -1.81 -12.49
CA HIS E 336 -71.47 -3.22 -12.86
C HIS E 336 -72.74 -3.54 -13.64
N GLU E 337 -73.88 -3.01 -13.20
CA GLU E 337 -75.15 -3.33 -13.84
C GLU E 337 -75.16 -2.97 -15.32
N GLN E 338 -74.40 -1.94 -15.71
CA GLN E 338 -74.35 -1.50 -17.10
C GLN E 338 -73.31 -2.26 -17.92
N LEU E 339 -72.31 -2.82 -17.25
CA LEU E 339 -71.23 -3.54 -17.93
C LEU E 339 -71.37 -5.04 -17.86
N THR E 340 -72.21 -5.55 -16.95
CA THR E 340 -72.32 -6.98 -16.76
C THR E 340 -72.92 -7.64 -18.00
N ILE E 341 -72.41 -8.83 -18.32
CA ILE E 341 -72.95 -9.59 -19.44
C ILE E 341 -74.15 -10.42 -19.04
N HIS E 342 -74.36 -10.62 -17.74
CA HIS E 342 -75.44 -11.47 -17.24
C HIS E 342 -76.79 -10.85 -17.57
N GLY E 343 -77.65 -11.62 -18.24
CA GLY E 343 -78.98 -11.17 -18.58
C GLY E 343 -79.05 -10.29 -19.80
N LYS E 344 -77.93 -10.02 -20.45
CA LYS E 344 -77.90 -9.13 -21.60
C LYS E 344 -77.73 -9.90 -22.91
N ASP E 345 -78.26 -9.31 -23.96
CA ASP E 345 -78.11 -9.82 -25.31
C ASP E 345 -76.71 -9.51 -25.84
N HIS E 346 -76.11 -10.46 -26.56
CA HIS E 346 -74.77 -10.24 -27.11
C HIS E 346 -74.72 -8.97 -27.96
N GLU E 347 -75.84 -8.63 -28.62
CA GLU E 347 -75.90 -7.42 -29.42
C GLU E 347 -75.76 -6.18 -28.56
N SER E 348 -76.03 -6.28 -27.27
CA SER E 348 -75.93 -5.18 -26.32
C SER E 348 -74.66 -5.25 -25.49
N VAL E 349 -73.73 -6.11 -25.87
CA VAL E 349 -72.45 -6.21 -25.18
C VAL E 349 -71.41 -5.48 -26.02
N PHE E 350 -70.88 -4.39 -25.47
CA PHE E 350 -69.77 -3.66 -26.06
C PHE E 350 -68.57 -3.59 -25.14
N THR E 351 -68.80 -3.69 -23.83
CA THR E 351 -67.75 -3.78 -22.82
C THR E 351 -68.18 -4.81 -21.80
N VAL E 352 -67.22 -5.57 -21.27
CA VAL E 352 -67.50 -6.62 -20.31
C VAL E 352 -66.95 -6.20 -18.96
N SER E 353 -67.75 -6.42 -17.92
CA SER E 353 -67.35 -6.07 -16.57
C SER E 353 -66.19 -6.94 -16.11
N LEU E 354 -65.18 -6.32 -15.51
CA LEU E 354 -64.07 -7.07 -14.94
C LEU E 354 -64.54 -8.04 -13.86
N TRP E 355 -65.62 -7.68 -13.16
CA TRP E 355 -66.14 -8.52 -12.07
C TRP E 355 -66.85 -9.76 -12.59
N ASP E 356 -67.08 -9.86 -13.90
CA ASP E 356 -67.66 -11.05 -14.49
C ASP E 356 -66.60 -12.04 -14.95
N CYS E 357 -65.33 -11.68 -14.85
CA CYS E 357 -64.23 -12.50 -15.33
C CYS E 357 -63.73 -13.34 -14.16
N ASP E 358 -64.22 -14.57 -14.07
CA ASP E 358 -63.94 -15.47 -12.94
C ASP E 358 -62.74 -16.37 -13.19
N ARG E 359 -61.62 -15.83 -13.68
CA ARG E 359 -60.49 -16.65 -14.05
C ARG E 359 -59.17 -16.08 -13.57
N LYS E 360 -58.17 -16.95 -13.51
CA LYS E 360 -56.84 -16.57 -13.09
C LYS E 360 -56.14 -15.72 -14.13
N PHE E 361 -55.49 -14.66 -13.66
CA PHE E 361 -54.70 -13.79 -14.54
C PHE E 361 -53.44 -14.51 -14.99
N ARG E 362 -53.02 -14.24 -16.22
CA ARG E 362 -51.82 -14.87 -16.75
C ARG E 362 -51.12 -13.91 -17.69
N VAL E 363 -49.82 -14.15 -17.87
CA VAL E 363 -49.00 -13.37 -18.79
C VAL E 363 -48.01 -14.30 -19.48
N LYS E 364 -47.84 -14.13 -20.80
CA LYS E 364 -46.87 -14.91 -21.54
C LYS E 364 -45.55 -14.15 -21.62
N ILE E 365 -44.48 -14.80 -21.17
CA ILE E 365 -43.13 -14.30 -21.31
C ILE E 365 -42.58 -14.86 -22.63
N ARG E 366 -42.45 -14.00 -23.65
CA ARG E 366 -41.84 -14.44 -24.89
C ARG E 366 -40.33 -14.53 -24.75
N GLY E 367 -39.71 -13.47 -24.24
CA GLY E 367 -38.29 -13.52 -23.98
C GLY E 367 -37.73 -12.13 -23.70
N ILE E 368 -36.40 -12.09 -23.61
CA ILE E 368 -35.65 -10.87 -23.37
C ILE E 368 -34.56 -10.74 -24.41
N ASP E 369 -34.06 -9.52 -24.57
CA ASP E 369 -32.82 -9.35 -25.29
C ASP E 369 -32.09 -8.12 -24.76
N ILE E 370 -30.77 -8.10 -24.99
CA ILE E 370 -29.91 -7.04 -24.47
C ILE E 370 -28.81 -6.77 -25.50
N PRO E 371 -28.46 -5.51 -25.81
CA PRO E 371 -27.45 -5.30 -26.87
C PRO E 371 -26.06 -5.70 -26.41
N VAL E 372 -25.77 -5.47 -25.15
CA VAL E 372 -24.45 -5.71 -24.58
C VAL E 372 -24.63 -6.67 -23.43
N LEU E 373 -24.02 -7.84 -23.55
CA LEU E 373 -24.13 -8.82 -22.49
C LEU E 373 -23.25 -8.43 -21.30
N PRO E 374 -23.61 -8.86 -20.10
CA PRO E 374 -22.71 -8.68 -18.96
C PRO E 374 -21.48 -9.56 -19.14
N ARG E 375 -20.32 -8.98 -18.82
CA ARG E 375 -19.02 -9.57 -19.12
C ARG E 375 -18.83 -11.00 -18.63
N THR E 376 -19.73 -11.50 -17.80
CA THR E 376 -19.58 -12.79 -17.15
C THR E 376 -20.22 -13.86 -18.03
N ALA E 377 -19.38 -14.78 -18.51
CA ALA E 377 -19.71 -15.64 -19.64
C ALA E 377 -20.54 -16.86 -19.28
N ASP E 378 -20.82 -17.12 -18.00
CA ASP E 378 -21.45 -18.38 -17.58
C ASP E 378 -22.57 -18.08 -16.60
N LEU E 379 -23.57 -17.34 -17.07
CA LEU E 379 -24.70 -16.93 -16.26
C LEU E 379 -26.01 -17.47 -16.81
N THR E 380 -26.88 -17.90 -15.90
CA THR E 380 -28.25 -18.25 -16.24
C THR E 380 -29.15 -17.10 -15.84
N VAL E 381 -30.25 -16.94 -16.57
CA VAL E 381 -31.18 -15.85 -16.36
C VAL E 381 -32.59 -16.39 -16.25
N PHE E 382 -33.39 -15.82 -15.36
CA PHE E 382 -34.80 -16.15 -15.31
C PHE E 382 -35.62 -14.91 -14.98
N VAL E 383 -36.91 -14.99 -15.28
CA VAL E 383 -37.85 -13.90 -15.09
C VAL E 383 -38.77 -14.24 -13.94
N GLU E 384 -38.92 -13.31 -13.01
CA GLU E 384 -39.85 -13.39 -11.91
C GLU E 384 -40.96 -12.36 -12.14
N ALA E 385 -42.20 -12.84 -12.22
CA ALA E 385 -43.36 -11.98 -12.42
C ALA E 385 -44.17 -11.91 -11.13
N ASN E 386 -44.42 -10.69 -10.66
CA ASN E 386 -45.17 -10.46 -9.44
C ASN E 386 -46.37 -9.57 -9.76
N ILE E 387 -47.52 -9.89 -9.20
CA ILE E 387 -48.61 -8.93 -9.15
C ILE E 387 -48.47 -8.19 -7.83
N GLN E 388 -48.33 -6.86 -7.89
CA GLN E 388 -48.10 -6.05 -6.71
C GLN E 388 -49.21 -5.01 -6.58
N TYR E 389 -49.65 -4.77 -5.35
CA TYR E 389 -50.54 -3.66 -5.03
C TYR E 389 -49.89 -2.84 -3.93
N GLY E 390 -49.57 -1.59 -4.24
CA GLY E 390 -48.79 -0.79 -3.32
C GLY E 390 -47.47 -1.49 -3.08
N GLN E 391 -47.22 -1.82 -1.82
CA GLN E 391 -45.99 -2.50 -1.44
C GLN E 391 -46.19 -3.99 -1.22
N GLN E 392 -47.39 -4.51 -1.43
CA GLN E 392 -47.70 -5.90 -1.15
C GLN E 392 -47.62 -6.73 -2.43
N VAL E 393 -46.97 -7.89 -2.35
CA VAL E 393 -46.92 -8.83 -3.47
C VAL E 393 -48.07 -9.83 -3.27
N LEU E 394 -49.04 -9.79 -4.20
CA LEU E 394 -50.22 -10.63 -4.11
C LEU E 394 -49.93 -12.06 -4.59
N CYS E 395 -49.20 -12.20 -5.69
CA CYS E 395 -48.88 -13.52 -6.21
C CYS E 395 -47.59 -13.42 -7.01
N GLN E 396 -47.00 -14.58 -7.28
CA GLN E 396 -45.68 -14.64 -7.89
C GLN E 396 -45.54 -15.89 -8.75
N ARG E 397 -44.90 -15.74 -9.91
CA ARG E 397 -44.56 -16.85 -10.78
C ARG E 397 -43.19 -16.59 -11.39
N ARG E 398 -42.51 -17.67 -11.80
CA ARG E 398 -41.17 -17.56 -12.38
C ARG E 398 -41.04 -18.48 -13.58
N THR E 399 -40.15 -18.09 -14.49
CA THR E 399 -39.75 -18.93 -15.61
C THR E 399 -38.59 -19.83 -15.22
N SER E 400 -38.36 -20.87 -16.01
CA SER E 400 -37.21 -21.73 -15.81
C SER E 400 -35.93 -20.99 -16.21
N PRO E 401 -34.82 -21.26 -15.52
CA PRO E 401 -33.56 -20.59 -15.86
C PRO E 401 -33.04 -21.03 -17.23
N LYS E 402 -32.50 -20.07 -17.97
CA LYS E 402 -31.91 -20.32 -19.28
C LYS E 402 -30.58 -19.57 -19.38
N PRO E 403 -29.65 -20.06 -20.21
CA PRO E 403 -28.39 -19.34 -20.40
C PRO E 403 -28.60 -17.89 -20.82
N PHE E 404 -27.83 -17.00 -20.21
CA PHE E 404 -27.96 -15.56 -20.45
C PHE E 404 -27.20 -15.22 -21.73
N THR E 405 -27.95 -15.08 -22.82
CA THR E 405 -27.39 -14.68 -24.11
C THR E 405 -27.96 -13.31 -24.50
N GLU E 406 -27.51 -12.81 -25.65
CA GLU E 406 -28.05 -11.55 -26.15
C GLU E 406 -29.56 -11.62 -26.33
N GLU E 407 -30.08 -12.82 -26.55
CA GLU E 407 -31.52 -13.04 -26.67
C GLU E 407 -31.87 -14.35 -25.97
N VAL E 408 -32.84 -14.32 -25.08
CA VAL E 408 -33.31 -15.51 -24.38
C VAL E 408 -34.80 -15.64 -24.64
N LEU E 409 -35.20 -16.80 -25.16
CA LEU E 409 -36.59 -17.06 -25.55
C LEU E 409 -37.18 -18.12 -24.63
N TRP E 410 -38.24 -17.75 -23.91
CA TRP E 410 -39.02 -18.70 -23.12
C TRP E 410 -40.33 -19.08 -23.80
N ASN E 411 -41.11 -18.08 -24.22
CA ASN E 411 -42.41 -18.30 -24.87
C ASN E 411 -43.30 -19.21 -24.02
N VAL E 412 -43.51 -18.79 -22.77
CA VAL E 412 -44.26 -19.61 -21.81
C VAL E 412 -45.25 -18.75 -21.04
N TRP E 413 -46.40 -19.35 -20.72
CA TRP E 413 -47.43 -18.69 -19.92
C TRP E 413 -47.18 -18.88 -18.43
N LEU E 414 -47.25 -17.78 -17.69
CA LEU E 414 -47.25 -17.79 -16.23
C LEU E 414 -48.65 -17.44 -15.76
N GLU E 415 -49.31 -18.40 -15.10
CA GLU E 415 -50.64 -18.21 -14.55
C GLU E 415 -50.53 -17.93 -13.05
N PHE E 416 -51.16 -16.85 -12.62
CA PHE E 416 -51.11 -16.43 -11.23
C PHE E 416 -52.30 -16.97 -10.45
N SER E 417 -52.12 -17.12 -9.15
CA SER E 417 -53.19 -17.57 -8.25
C SER E 417 -54.14 -16.44 -7.85
N ILE E 418 -54.44 -15.53 -8.77
CA ILE E 418 -55.39 -14.45 -8.54
C ILE E 418 -56.34 -14.40 -9.73
N LYS E 419 -57.63 -14.26 -9.45
CA LYS E 419 -58.61 -14.12 -10.52
C LYS E 419 -58.64 -12.68 -11.04
N ILE E 420 -59.05 -12.53 -12.31
CA ILE E 420 -59.13 -11.20 -12.91
C ILE E 420 -60.13 -10.33 -12.16
N LYS E 421 -61.27 -10.91 -11.77
CA LYS E 421 -62.29 -10.16 -11.05
C LYS E 421 -61.79 -9.63 -9.72
N ASP E 422 -60.67 -10.16 -9.21
CA ASP E 422 -60.12 -9.77 -7.93
C ASP E 422 -58.92 -8.84 -8.07
N LEU E 423 -58.60 -8.42 -9.28
CA LEU E 423 -57.49 -7.49 -9.49
C LEU E 423 -57.86 -6.10 -8.98
N PRO E 424 -57.09 -5.52 -8.07
CA PRO E 424 -57.41 -4.16 -7.58
C PRO E 424 -57.00 -3.10 -8.60
N LYS E 425 -57.65 -1.93 -8.47
CA LYS E 425 -57.24 -0.76 -9.23
C LYS E 425 -55.86 -0.31 -8.79
N GLY E 426 -54.92 -0.26 -9.73
CA GLY E 426 -53.56 0.10 -9.43
C GLY E 426 -52.61 -1.07 -9.35
N ALA E 427 -53.12 -2.29 -9.57
CA ALA E 427 -52.27 -3.47 -9.58
C ALA E 427 -51.21 -3.35 -10.68
N LEU E 428 -49.98 -3.71 -10.32
CA LEU E 428 -48.84 -3.63 -11.21
C LEU E 428 -48.27 -5.01 -11.45
N LEU E 429 -48.02 -5.33 -12.72
CA LEU E 429 -47.21 -6.48 -13.09
C LEU E 429 -45.75 -6.05 -13.01
N ASN E 430 -45.06 -6.51 -11.97
CA ASN E 430 -43.66 -6.21 -11.74
C ASN E 430 -42.84 -7.37 -12.28
N LEU E 431 -42.07 -7.11 -13.34
CA LEU E 431 -41.22 -8.10 -13.97
C LEU E 431 -39.79 -7.84 -13.55
N GLN E 432 -39.12 -8.88 -13.06
CA GLN E 432 -37.75 -8.78 -12.60
C GLN E 432 -36.92 -9.84 -13.31
N ILE E 433 -35.72 -9.45 -13.71
CA ILE E 433 -34.75 -10.35 -14.34
C ILE E 433 -33.65 -10.62 -13.33
N TYR E 434 -33.50 -11.90 -12.97
CA TYR E 434 -32.50 -12.42 -12.05
C TYR E 434 -31.46 -13.25 -12.79
N CYS E 435 -30.23 -13.18 -12.28
CA CYS E 435 -29.09 -13.90 -12.83
C CYS E 435 -28.43 -14.74 -11.76
N GLY E 436 -28.02 -15.95 -12.13
CA GLY E 436 -27.31 -16.83 -11.22
C GLY E 436 -26.19 -17.55 -11.94
N LYS E 437 -25.33 -18.18 -11.14
CA LYS E 437 -24.26 -19.00 -11.71
C LYS E 437 -24.82 -20.28 -12.30
N ALA E 438 -24.32 -20.65 -13.47
CA ALA E 438 -24.74 -21.89 -14.10
C ALA E 438 -24.33 -23.08 -13.22
N PRO E 439 -25.24 -24.04 -12.96
CA PRO E 439 -24.93 -25.24 -12.16
C PRO E 439 -23.76 -26.04 -12.73
N LYS E 457 -27.10 -17.31 -4.44
CA LYS E 457 -28.15 -16.31 -4.42
C LYS E 457 -28.29 -15.59 -5.74
N ALA E 458 -29.33 -15.92 -6.49
CA ALA E 458 -29.68 -15.19 -7.69
C ALA E 458 -29.66 -13.69 -7.44
N GLN E 459 -28.93 -12.96 -8.27
CA GLN E 459 -28.83 -11.52 -8.14
C GLN E 459 -29.86 -10.85 -9.03
N LEU E 460 -30.63 -9.93 -8.46
CA LEU E 460 -31.60 -9.18 -9.25
C LEU E 460 -30.88 -8.15 -10.10
N LEU E 461 -31.13 -8.19 -11.41
CA LEU E 461 -30.45 -7.32 -12.35
C LEU E 461 -31.37 -6.28 -12.97
N TYR E 462 -32.57 -6.66 -13.42
CA TYR E 462 -33.40 -5.68 -14.11
C TYR E 462 -34.83 -5.76 -13.61
N TYR E 463 -35.58 -4.67 -13.81
CA TYR E 463 -36.98 -4.65 -13.42
C TYR E 463 -37.76 -3.66 -14.26
N VAL E 464 -39.07 -3.90 -14.38
CA VAL E 464 -39.98 -2.98 -15.03
C VAL E 464 -41.38 -3.26 -14.50
N ASN E 465 -42.22 -2.21 -14.45
CA ASN E 465 -43.59 -2.34 -13.98
C ASN E 465 -44.57 -2.00 -15.08
N LEU E 466 -45.71 -2.70 -15.07
CA LEU E 466 -46.80 -2.49 -16.03
C LEU E 466 -48.11 -2.38 -15.28
N LEU E 467 -48.78 -1.24 -15.38
CA LEU E 467 -50.11 -1.11 -14.81
C LEU E 467 -51.10 -1.99 -15.56
N LEU E 468 -51.85 -2.83 -14.82
CA LEU E 468 -52.72 -3.79 -15.46
C LEU E 468 -54.05 -3.17 -15.89
N ILE E 469 -54.60 -2.27 -15.07
CA ILE E 469 -55.79 -1.50 -15.40
C ILE E 469 -55.35 -0.07 -15.70
N ASP E 470 -55.53 0.36 -16.94
CA ASP E 470 -54.99 1.65 -17.36
C ASP E 470 -55.84 2.79 -16.79
N HIS E 471 -55.50 4.02 -17.19
CA HIS E 471 -56.15 5.20 -16.68
C HIS E 471 -57.62 5.30 -17.10
N ARG E 472 -58.04 4.51 -18.08
CA ARG E 472 -59.43 4.48 -18.52
C ARG E 472 -60.23 3.36 -17.88
N PHE E 473 -59.64 2.69 -16.88
CA PHE E 473 -60.25 1.59 -16.14
C PHE E 473 -60.42 0.34 -17.00
N LEU E 474 -59.65 0.23 -18.08
CA LEU E 474 -59.69 -0.93 -18.96
C LEU E 474 -58.52 -1.85 -18.65
N LEU E 475 -58.81 -3.15 -18.60
CA LEU E 475 -57.76 -4.15 -18.45
C LEU E 475 -56.88 -4.15 -19.70
N ARG E 476 -55.56 -4.08 -19.49
CA ARG E 476 -54.64 -4.07 -20.62
C ARG E 476 -54.60 -5.43 -21.29
N HIS E 477 -54.38 -5.42 -22.61
CA HIS E 477 -54.37 -6.64 -23.40
C HIS E 477 -53.39 -6.47 -24.55
N GLY E 478 -52.93 -7.60 -25.09
CA GLY E 478 -52.10 -7.61 -26.26
C GLY E 478 -50.61 -7.67 -25.94
N GLU E 479 -49.80 -7.26 -26.91
CA GLU E 479 -48.36 -7.44 -26.83
C GLU E 479 -47.70 -6.20 -26.27
N TYR E 480 -46.65 -6.40 -25.47
CA TYR E 480 -45.90 -5.30 -24.87
C TYR E 480 -44.41 -5.58 -24.95
N VAL E 481 -43.64 -4.58 -25.38
CA VAL E 481 -42.19 -4.58 -25.28
C VAL E 481 -41.80 -3.53 -24.25
N LEU E 482 -41.30 -3.95 -23.09
CA LEU E 482 -40.99 -3.06 -21.99
C LEU E 482 -39.47 -2.94 -21.83
N HIS E 483 -38.98 -1.70 -21.83
CA HIS E 483 -37.58 -1.42 -21.60
C HIS E 483 -37.35 -1.29 -20.10
N MET E 484 -36.43 -2.07 -19.56
CA MET E 484 -36.31 -2.28 -18.13
C MET E 484 -35.25 -1.39 -17.51
N TRP E 485 -35.44 -1.09 -16.23
CA TRP E 485 -34.47 -0.35 -15.45
C TRP E 485 -33.41 -1.28 -14.87
N GLN E 486 -32.15 -0.84 -14.92
CA GLN E 486 -31.04 -1.59 -14.34
C GLN E 486 -30.86 -1.21 -12.88
N LEU E 487 -30.58 -2.22 -12.06
CA LEU E 487 -30.29 -2.02 -10.63
C LEU E 487 -28.79 -1.93 -10.45
N SER E 488 -28.29 -0.70 -10.28
CA SER E 488 -26.88 -0.46 -10.02
C SER E 488 -26.48 -1.06 -8.67
N LEU E 502 -42.36 1.92 -7.85
CA LEU E 502 -43.82 1.89 -8.00
C LEU E 502 -44.27 2.60 -9.27
N THR E 503 -43.30 3.09 -10.05
CA THR E 503 -43.61 3.79 -11.27
C THR E 503 -43.90 2.81 -12.40
N SER E 504 -44.89 3.15 -13.22
CA SER E 504 -45.24 2.35 -14.39
C SER E 504 -44.51 2.80 -15.63
N ARG E 505 -43.59 3.75 -15.50
CA ARG E 505 -42.82 4.23 -16.64
C ARG E 505 -41.68 3.27 -16.96
N THR E 506 -41.35 3.21 -18.25
CA THR E 506 -40.30 2.34 -18.75
C THR E 506 -39.03 3.14 -19.05
N ASN E 507 -37.93 2.43 -19.15
CA ASN E 507 -36.63 3.04 -19.43
C ASN E 507 -36.68 3.78 -20.77
N PRO E 508 -36.38 5.09 -20.80
CA PRO E 508 -36.43 5.82 -22.08
C PRO E 508 -35.34 5.44 -23.05
N ASP E 509 -34.23 4.87 -22.57
CA ASP E 509 -33.12 4.47 -23.43
C ASP E 509 -33.48 3.17 -24.13
N LYS E 510 -34.26 3.28 -25.21
CA LYS E 510 -34.74 2.11 -25.91
C LYS E 510 -33.65 1.43 -26.73
N GLU E 511 -32.52 2.11 -26.96
CA GLU E 511 -31.46 1.57 -27.79
C GLU E 511 -30.49 0.68 -27.03
N ASN E 512 -30.33 0.90 -25.73
CA ASN E 512 -29.30 0.20 -24.97
C ASN E 512 -29.81 -0.52 -23.73
N SER E 513 -31.06 -0.32 -23.33
CA SER E 513 -31.59 -0.92 -22.12
C SER E 513 -32.10 -2.34 -22.39
N MET E 514 -32.05 -3.17 -21.36
CA MET E 514 -32.64 -4.50 -21.47
C MET E 514 -34.14 -4.37 -21.73
N SER E 515 -34.66 -5.25 -22.57
CA SER E 515 -36.07 -5.23 -22.93
C SER E 515 -36.66 -6.62 -22.75
N ILE E 516 -37.94 -6.65 -22.40
CA ILE E 516 -38.69 -7.89 -22.20
C ILE E 516 -39.97 -7.83 -23.03
N SER E 517 -40.26 -8.91 -23.73
CA SER E 517 -41.47 -9.01 -24.54
C SER E 517 -42.48 -9.93 -23.85
N ILE E 518 -43.70 -9.42 -23.66
CA ILE E 518 -44.75 -10.17 -22.99
C ILE E 518 -46.03 -10.06 -23.81
N LEU E 519 -46.94 -10.99 -23.54
CA LEU E 519 -48.25 -11.01 -24.17
C LEU E 519 -49.32 -11.18 -23.12
N LEU E 520 -50.31 -10.28 -23.14
CA LEU E 520 -51.52 -10.38 -22.34
C LEU E 520 -52.68 -10.80 -23.23
N ASP E 521 -53.63 -11.49 -22.61
CA ASP E 521 -54.73 -12.11 -23.32
C ASP E 521 -55.55 -11.08 -24.09
N ASN E 522 -56.01 -11.47 -25.28
CA ASN E 522 -56.89 -10.63 -26.09
C ASN E 522 -58.34 -11.06 -25.93
N TYR E 523 -59.24 -10.09 -25.88
CA TYR E 523 -60.66 -10.34 -25.71
C TYR E 523 -61.43 -9.75 -26.89
N CYS E 524 -62.64 -10.27 -27.09
CA CYS E 524 -63.47 -9.77 -28.17
C CYS E 524 -64.02 -8.38 -27.83
N HIS E 525 -64.31 -8.15 -26.56
CA HIS E 525 -64.74 -6.85 -26.07
C HIS E 525 -63.80 -6.39 -24.97
N PRO E 526 -63.54 -5.08 -24.86
CA PRO E 526 -62.71 -4.58 -23.77
C PRO E 526 -63.29 -4.95 -22.41
N ILE E 527 -62.39 -5.13 -21.44
CA ILE E 527 -62.75 -5.49 -20.08
C ILE E 527 -62.53 -4.28 -19.21
N ALA E 528 -63.57 -3.86 -18.48
CA ALA E 528 -63.55 -2.62 -17.73
C ALA E 528 -63.79 -2.88 -16.24
N LEU E 529 -63.06 -2.14 -15.42
CA LEU E 529 -63.28 -2.17 -13.98
C LEU E 529 -64.51 -1.32 -13.63
N PRO E 530 -65.57 -1.90 -13.09
CA PRO E 530 -66.77 -1.12 -12.78
C PRO E 530 -66.58 -0.23 -11.57
N LYS E 531 -67.33 0.87 -11.54
CA LYS E 531 -67.44 1.67 -10.33
C LYS E 531 -68.26 0.93 -9.27
N HIS E 532 -67.81 1.03 -8.02
CA HIS E 532 -68.58 0.49 -6.90
C HIS E 532 -69.79 1.38 -6.61
N ARG E 533 -70.93 0.74 -6.39
CA ARG E 533 -72.11 1.45 -5.93
C ARG E 533 -72.20 1.40 -4.41
N PRO E 534 -72.44 2.52 -3.74
CA PRO E 534 -72.67 2.46 -2.28
C PRO E 534 -73.98 1.76 -1.94
N THR E 535 -73.92 0.43 -1.80
CA THR E 535 -75.08 -0.32 -1.31
C THR E 535 -75.10 -0.31 0.22
N PRO E 536 -76.27 -0.11 0.82
CA PRO E 536 -76.36 -0.22 2.29
C PRO E 536 -75.99 -1.62 2.74
N ASP E 537 -75.11 -1.70 3.73
CA ASP E 537 -74.70 -2.97 4.31
C ASP E 537 -75.78 -3.48 5.25
N PRO E 538 -76.44 -4.59 4.92
CA PRO E 538 -77.45 -5.15 5.83
C PRO E 538 -76.85 -5.71 7.12
N GLU E 539 -75.57 -6.08 7.11
CA GLU E 539 -74.95 -6.62 8.31
C GLU E 539 -74.64 -5.53 9.33
N GLY E 540 -74.31 -4.33 8.87
CA GLY E 540 -73.98 -3.23 9.75
C GLY E 540 -75.10 -2.83 10.68
N ARG E 544 -74.66 -5.74 16.72
CA ARG E 544 -73.23 -5.67 16.98
C ARG E 544 -72.83 -6.56 18.15
N ALA E 545 -71.94 -7.51 17.89
CA ALA E 545 -71.28 -8.23 18.97
C ALA E 545 -70.45 -7.27 19.81
N GLU E 546 -70.80 -7.14 21.09
CA GLU E 546 -70.03 -6.30 21.99
C GLU E 546 -68.58 -6.76 22.05
N MET E 547 -67.67 -5.85 21.77
CA MET E 547 -66.25 -6.18 21.81
C MET E 547 -65.81 -6.45 23.24
N PRO E 548 -65.28 -7.64 23.55
CA PRO E 548 -64.79 -7.90 24.91
C PRO E 548 -63.72 -6.89 25.31
N ASN E 549 -63.75 -6.52 26.59
CA ASN E 549 -62.86 -5.46 27.08
C ASN E 549 -61.39 -5.76 26.80
N GLN E 550 -60.98 -7.04 26.86
CA GLN E 550 -59.59 -7.36 26.56
C GLN E 550 -59.27 -7.07 25.09
N LEU E 551 -60.15 -7.47 24.17
CA LEU E 551 -59.89 -7.15 22.78
C LEU E 551 -59.95 -5.65 22.53
N ARG E 552 -60.80 -4.93 23.28
CA ARG E 552 -60.80 -3.47 23.20
C ARG E 552 -59.45 -2.90 23.60
N LYS E 553 -58.89 -3.38 24.71
CA LYS E 553 -57.57 -2.90 25.14
C LYS E 553 -56.49 -3.26 24.13
N GLN E 554 -56.56 -4.46 23.55
CA GLN E 554 -55.57 -4.84 22.54
C GLN E 554 -55.68 -3.96 21.30
N LEU E 555 -56.90 -3.67 20.85
CA LEU E 555 -57.09 -2.77 19.72
C LEU E 555 -56.57 -1.37 20.02
N GLU E 556 -56.85 -0.86 21.22
CA GLU E 556 -56.34 0.45 21.60
C GLU E 556 -54.82 0.47 21.62
N ALA E 557 -54.20 -0.60 22.13
CA ALA E 557 -52.74 -0.68 22.13
C ALA E 557 -52.18 -0.71 20.71
N ILE E 558 -52.83 -1.47 19.82
CA ILE E 558 -52.41 -1.50 18.42
C ILE E 558 -52.51 -0.13 17.79
N ILE E 559 -53.61 0.58 18.05
CA ILE E 559 -53.81 1.92 17.51
C ILE E 559 -52.77 2.88 18.06
N ALA E 560 -52.34 2.67 19.31
CA ALA E 560 -51.43 3.61 19.95
C ALA E 560 -49.99 3.50 19.45
N THR E 561 -49.63 2.43 18.76
CA THR E 561 -48.28 2.28 18.27
C THR E 561 -47.96 3.34 17.21
N ASP E 562 -46.66 3.62 17.07
CA ASP E 562 -46.19 4.61 16.12
C ASP E 562 -46.25 4.06 14.69
N PRO E 563 -46.16 4.93 13.68
CA PRO E 563 -46.32 4.46 12.29
C PRO E 563 -45.26 3.45 11.84
N LEU E 564 -44.10 3.37 12.50
CA LEU E 564 -43.10 2.40 12.08
C LEU E 564 -43.37 1.00 12.62
N ASN E 565 -44.25 0.87 13.61
CA ASN E 565 -44.52 -0.43 14.22
C ASN E 565 -45.26 -1.33 13.24
N PRO E 566 -44.68 -2.46 12.84
CA PRO E 566 -45.37 -3.37 11.91
C PRO E 566 -46.57 -4.04 12.58
N LEU E 567 -47.64 -4.20 11.80
CA LEU E 567 -48.80 -4.93 12.26
C LEU E 567 -48.62 -6.42 12.01
N THR E 568 -48.81 -7.23 13.05
CA THR E 568 -48.81 -8.67 12.87
C THR E 568 -50.07 -9.10 12.11
N ALA E 569 -50.08 -10.38 11.71
CA ALA E 569 -51.29 -10.93 11.08
C ALA E 569 -52.47 -10.92 12.05
N GLU E 570 -52.20 -11.21 13.33
CA GLU E 570 -53.26 -11.17 14.33
C GLU E 570 -53.79 -9.75 14.51
N ASP E 571 -52.90 -8.76 14.52
CA ASP E 571 -53.33 -7.37 14.58
C ASP E 571 -54.23 -7.03 13.41
N LYS E 572 -53.86 -7.45 12.20
CA LYS E 572 -54.66 -7.15 11.02
C LYS E 572 -56.02 -7.82 11.07
N GLU E 573 -56.07 -9.09 11.46
CA GLU E 573 -57.35 -9.78 11.58
C GLU E 573 -58.23 -9.13 12.63
N LEU E 574 -57.64 -8.70 13.75
CA LEU E 574 -58.40 -7.99 14.78
C LEU E 574 -58.94 -6.68 14.26
N LEU E 575 -58.08 -5.88 13.61
CA LEU E 575 -58.50 -4.60 13.05
C LEU E 575 -59.63 -4.77 12.06
N TRP E 576 -59.56 -5.78 11.20
CA TRP E 576 -60.61 -5.97 10.20
C TRP E 576 -61.89 -6.53 10.80
N HIS E 577 -61.78 -7.44 11.77
CA HIS E 577 -62.95 -8.01 12.40
C HIS E 577 -63.80 -6.93 13.09
N PHE E 578 -63.15 -6.02 13.82
CA PHE E 578 -63.82 -4.93 14.52
C PHE E 578 -63.73 -3.60 13.78
N ARG E 579 -63.74 -3.66 12.45
CA ARG E 579 -63.61 -2.47 11.60
C ARG E 579 -64.58 -1.35 11.99
N TYR E 580 -65.80 -1.71 12.39
CA TYR E 580 -66.78 -0.69 12.73
C TYR E 580 -66.42 0.06 14.01
N GLU E 581 -65.73 -0.61 14.94
CA GLU E 581 -65.22 0.10 16.11
C GLU E 581 -64.02 0.95 15.75
N SER E 582 -63.13 0.45 14.88
CA SER E 582 -61.97 1.22 14.44
C SER E 582 -62.39 2.52 13.77
N LEU E 583 -63.50 2.49 13.01
CA LEU E 583 -63.97 3.69 12.31
C LEU E 583 -64.34 4.82 13.27
N LYS E 584 -64.55 4.53 14.55
CA LYS E 584 -64.91 5.56 15.52
C LYS E 584 -63.72 6.42 15.93
N ASP E 585 -62.50 5.99 15.64
CA ASP E 585 -61.30 6.75 15.98
C ASP E 585 -60.51 6.99 14.70
N PRO E 586 -60.40 8.24 14.24
CA PRO E 586 -59.58 8.52 13.05
C PRO E 586 -58.16 7.95 13.12
N LYS E 587 -57.56 7.92 14.32
CA LYS E 587 -56.19 7.43 14.46
C LYS E 587 -56.04 5.98 14.05
N ALA E 588 -57.12 5.21 14.03
CA ALA E 588 -57.08 3.82 13.60
C ALA E 588 -57.06 3.66 12.08
N TYR E 589 -57.37 4.72 11.33
CA TYR E 589 -57.58 4.59 9.90
C TYR E 589 -56.36 4.04 9.15
N PRO E 590 -55.14 4.56 9.34
CA PRO E 590 -54.00 3.98 8.59
C PRO E 590 -53.76 2.51 8.89
N LYS E 591 -53.91 2.09 10.15
CA LYS E 591 -53.71 0.69 10.47
C LYS E 591 -54.84 -0.17 9.93
N LEU E 592 -56.09 0.29 10.10
CA LEU E 592 -57.22 -0.42 9.53
C LEU E 592 -57.04 -0.64 8.04
N PHE E 593 -56.74 0.43 7.30
CA PHE E 593 -56.52 0.30 5.87
C PHE E 593 -55.28 -0.53 5.55
N SER E 594 -54.33 -0.61 6.48
CA SER E 594 -53.19 -1.50 6.27
C SER E 594 -53.55 -2.97 6.41
N SER E 595 -54.71 -3.28 6.97
CA SER E 595 -55.16 -4.66 7.12
C SER E 595 -56.03 -5.14 5.96
N VAL E 596 -56.43 -4.25 5.06
CA VAL E 596 -57.32 -4.62 3.95
C VAL E 596 -56.59 -5.55 2.99
N LYS E 597 -57.23 -6.66 2.66
CA LYS E 597 -56.73 -7.60 1.65
C LYS E 597 -57.24 -7.13 0.29
N TRP E 598 -56.48 -6.23 -0.34
CA TRP E 598 -56.93 -5.58 -1.56
C TRP E 598 -57.04 -6.54 -2.74
N GLY E 599 -56.47 -7.74 -2.65
CA GLY E 599 -56.58 -8.69 -3.74
C GLY E 599 -57.84 -9.54 -3.70
N GLN E 600 -58.86 -9.05 -2.99
CA GLN E 600 -60.14 -9.74 -2.86
C GLN E 600 -61.27 -8.73 -3.07
N GLN E 601 -62.02 -8.90 -4.16
CA GLN E 601 -62.99 -7.89 -4.59
C GLN E 601 -64.07 -7.65 -3.53
N GLU E 602 -64.51 -8.72 -2.86
CA GLU E 602 -65.57 -8.57 -1.86
C GLU E 602 -65.11 -7.71 -0.69
N ILE E 603 -63.88 -7.92 -0.23
CA ILE E 603 -63.35 -7.13 0.88
C ILE E 603 -63.18 -5.67 0.47
N VAL E 604 -62.74 -5.43 -0.77
CA VAL E 604 -62.62 -4.06 -1.27
C VAL E 604 -63.98 -3.37 -1.31
N ALA E 605 -65.01 -4.08 -1.77
CA ALA E 605 -66.37 -3.51 -1.77
C ALA E 605 -66.81 -3.16 -0.37
N LYS E 606 -66.58 -4.08 0.59
CA LYS E 606 -66.90 -3.77 1.98
C LYS E 606 -66.14 -2.55 2.47
N THR E 607 -64.87 -2.43 2.09
CA THR E 607 -64.07 -1.28 2.48
C THR E 607 -64.65 0.02 1.95
N TYR E 608 -65.13 0.03 0.71
CA TYR E 608 -65.72 1.25 0.17
C TYR E 608 -67.06 1.56 0.84
N GLN E 609 -67.82 0.52 1.20
CA GLN E 609 -69.03 0.76 2.00
C GLN E 609 -68.69 1.41 3.33
N LEU E 610 -67.58 0.98 3.94
CA LEU E 610 -67.13 1.61 5.17
C LEU E 610 -66.73 3.07 4.94
N LEU E 611 -65.95 3.33 3.89
CA LEU E 611 -65.54 4.69 3.57
C LEU E 611 -66.74 5.60 3.34
N ALA E 612 -67.84 5.04 2.87
CA ALA E 612 -69.06 5.83 2.73
C ALA E 612 -69.63 6.27 4.08
N LYS E 613 -69.25 5.63 5.18
CA LYS E 613 -69.76 5.94 6.50
C LYS E 613 -68.71 6.59 7.41
N ARG E 614 -67.85 7.45 6.82
CA ARG E 614 -66.71 8.04 7.51
C ARG E 614 -67.04 9.34 8.25
N GLU E 615 -68.25 9.47 8.79
CA GLU E 615 -68.70 10.73 9.38
C GLU E 615 -67.73 11.23 10.45
N VAL E 616 -67.17 10.33 11.25
CA VAL E 616 -66.25 10.73 12.30
C VAL E 616 -65.00 11.37 11.70
N TRP E 617 -64.48 10.80 10.62
CA TRP E 617 -63.32 11.38 9.95
C TRP E 617 -63.62 12.78 9.44
N ASP E 618 -64.74 12.95 8.73
CA ASP E 618 -65.06 14.24 8.16
C ASP E 618 -65.26 15.29 9.25
N GLN E 619 -65.86 14.89 10.38
CA GLN E 619 -66.14 15.84 11.44
C GLN E 619 -64.95 16.09 12.35
N SER E 620 -63.95 15.20 12.35
CA SER E 620 -62.81 15.35 13.23
C SER E 620 -61.97 16.57 12.85
N ALA E 621 -61.16 17.01 13.81
CA ALA E 621 -60.16 18.04 13.54
C ALA E 621 -59.07 17.49 12.61
N LEU E 622 -58.48 18.40 11.83
CA LEU E 622 -57.41 18.04 10.91
C LEU E 622 -56.14 17.68 11.67
N ASP E 623 -55.80 16.38 11.68
CA ASP E 623 -54.47 15.93 12.07
C ASP E 623 -53.63 15.79 10.81
N VAL E 624 -52.68 16.70 10.62
CA VAL E 624 -51.92 16.72 9.38
C VAL E 624 -51.03 15.48 9.25
N GLY E 625 -50.48 15.01 10.38
CA GLY E 625 -49.64 13.81 10.32
C GLY E 625 -50.40 12.59 9.86
N LEU E 626 -51.56 12.33 10.48
CA LEU E 626 -52.40 11.21 10.10
C LEU E 626 -52.81 11.29 8.63
N THR E 627 -53.27 12.48 8.22
CA THR E 627 -53.74 12.67 6.86
C THR E 627 -52.62 12.43 5.85
N MET E 628 -51.42 12.94 6.14
CA MET E 628 -50.28 12.70 5.26
C MET E 628 -49.85 11.23 5.27
N GLN E 629 -49.98 10.55 6.41
CA GLN E 629 -49.72 9.12 6.45
C GLN E 629 -50.63 8.38 5.48
N LEU E 630 -51.88 8.82 5.35
CA LEU E 630 -52.75 8.17 4.38
C LEU E 630 -52.33 8.41 2.93
N LEU E 631 -51.37 9.30 2.66
CA LEU E 631 -50.83 9.50 1.32
C LEU E 631 -49.51 8.79 1.11
N ASP E 632 -49.04 8.05 2.11
CA ASP E 632 -47.79 7.32 2.03
C ASP E 632 -47.87 6.19 1.01
N CYS E 633 -46.70 5.70 0.62
CA CYS E 633 -46.59 4.60 -0.34
C CYS E 633 -47.31 3.34 0.10
N ASN E 634 -47.62 3.21 1.39
CA ASN E 634 -48.36 2.03 1.85
C ASN E 634 -49.83 2.08 1.46
N PHE E 635 -50.32 3.21 0.96
CA PHE E 635 -51.74 3.41 0.67
C PHE E 635 -51.87 3.86 -0.78
N SER E 636 -52.09 2.89 -1.68
CA SER E 636 -52.24 3.15 -3.10
C SER E 636 -53.69 3.30 -3.55
N ASP E 637 -54.66 3.10 -2.65
CA ASP E 637 -56.07 3.15 -3.03
C ASP E 637 -56.50 4.59 -3.31
N GLU E 638 -57.18 4.78 -4.44
CA GLU E 638 -57.60 6.12 -4.86
C GLU E 638 -58.56 6.76 -3.86
N ASN E 639 -59.46 5.98 -3.28
CA ASN E 639 -60.49 6.55 -2.42
C ASN E 639 -59.93 6.96 -1.05
N VAL E 640 -59.05 6.13 -0.48
CA VAL E 640 -58.38 6.51 0.77
C VAL E 640 -57.58 7.79 0.56
N ARG E 641 -56.79 7.83 -0.50
CA ARG E 641 -56.01 9.03 -0.79
C ARG E 641 -56.92 10.22 -1.05
N ALA E 642 -58.07 9.97 -1.67
CA ALA E 642 -59.02 11.05 -1.95
C ALA E 642 -59.60 11.62 -0.68
N ILE E 643 -59.96 10.77 0.29
CA ILE E 643 -60.50 11.33 1.54
C ILE E 643 -59.41 12.06 2.28
N ALA E 644 -58.16 11.61 2.16
CA ALA E 644 -57.06 12.36 2.78
C ALA E 644 -56.91 13.75 2.15
N VAL E 645 -56.93 13.82 0.82
CA VAL E 645 -56.82 15.10 0.14
C VAL E 645 -58.01 16.00 0.48
N GLN E 646 -59.21 15.42 0.58
CA GLN E 646 -60.38 16.19 0.99
C GLN E 646 -60.19 16.80 2.37
N LYS E 647 -59.58 16.05 3.29
CA LYS E 647 -59.30 16.63 4.59
C LYS E 647 -58.26 17.75 4.48
N LEU E 648 -57.25 17.56 3.62
CA LEU E 648 -56.21 18.58 3.44
C LEU E 648 -56.74 19.86 2.82
N GLU E 649 -57.86 19.82 2.11
CA GLU E 649 -58.41 21.04 1.54
C GLU E 649 -58.73 22.09 2.59
N SER E 650 -58.79 21.74 3.86
CA SER E 650 -59.00 22.69 4.95
C SER E 650 -57.70 23.25 5.52
N LEU E 651 -56.55 22.81 5.02
CA LEU E 651 -55.25 23.25 5.54
C LEU E 651 -54.91 24.66 5.08
N GLU E 652 -54.41 25.47 6.00
CA GLU E 652 -54.06 26.86 5.72
C GLU E 652 -52.83 26.95 4.80
N ASP E 653 -52.71 28.10 4.13
CA ASP E 653 -51.65 28.30 3.14
C ASP E 653 -50.26 28.21 3.78
N ASP E 654 -50.09 28.79 4.97
CA ASP E 654 -48.80 28.73 5.65
C ASP E 654 -48.40 27.29 5.96
N ASP E 655 -49.33 26.50 6.47
CA ASP E 655 -49.05 25.10 6.76
C ASP E 655 -48.84 24.29 5.49
N VAL E 656 -49.56 24.63 4.42
CA VAL E 656 -49.32 23.98 3.14
C VAL E 656 -47.90 24.25 2.67
N LEU E 657 -47.41 25.48 2.86
CA LEU E 657 -46.01 25.76 2.59
C LEU E 657 -45.10 24.89 3.44
N HIS E 658 -45.47 24.70 4.72
CA HIS E 658 -44.66 23.85 5.59
C HIS E 658 -44.57 22.41 5.09
N TYR E 659 -45.63 21.89 4.49
CA TYR E 659 -45.66 20.48 4.10
C TYR E 659 -45.57 20.24 2.59
N LEU E 660 -45.31 21.29 1.81
CA LEU E 660 -45.36 21.20 0.36
C LEU E 660 -44.37 20.19 -0.19
N LEU E 661 -43.19 20.07 0.42
CA LEU E 661 -42.18 19.15 -0.09
C LEU E 661 -42.69 17.70 -0.06
N GLN E 662 -43.17 17.27 1.10
CA GLN E 662 -43.71 15.91 1.20
C GLN E 662 -44.96 15.75 0.34
N LEU E 663 -45.77 16.80 0.21
CA LEU E 663 -46.94 16.70 -0.66
C LEU E 663 -46.53 16.48 -2.11
N VAL E 664 -45.47 17.15 -2.57
CA VAL E 664 -44.97 16.93 -3.92
C VAL E 664 -44.44 15.50 -4.06
N GLN E 665 -43.71 15.02 -3.05
CA GLN E 665 -43.15 13.68 -3.13
C GLN E 665 -44.24 12.61 -3.14
N ALA E 666 -45.33 12.84 -2.41
CA ALA E 666 -46.41 11.85 -2.35
C ALA E 666 -47.07 11.62 -3.71
N VAL E 667 -46.86 12.54 -4.66
CA VAL E 667 -47.38 12.35 -6.01
C VAL E 667 -46.75 11.12 -6.67
N LYS E 668 -45.53 10.77 -6.26
CA LYS E 668 -44.88 9.57 -6.80
C LYS E 668 -45.66 8.30 -6.49
N PHE E 669 -46.50 8.33 -5.46
CA PHE E 669 -47.25 7.15 -5.04
C PHE E 669 -48.61 7.04 -5.70
N GLU E 670 -49.01 8.03 -6.49
CA GLU E 670 -50.25 7.94 -7.24
C GLU E 670 -50.09 6.92 -8.37
N PRO E 671 -51.09 6.06 -8.60
CA PRO E 671 -51.02 5.15 -9.75
C PRO E 671 -51.03 5.87 -11.09
N TYR E 672 -51.71 7.01 -11.19
CA TYR E 672 -51.90 7.69 -12.45
C TYR E 672 -51.38 9.13 -12.36
N HIS E 673 -51.23 9.76 -13.52
CA HIS E 673 -50.81 11.16 -13.54
C HIS E 673 -51.87 12.07 -12.95
N ASP E 674 -53.14 11.85 -13.29
CA ASP E 674 -54.25 12.61 -12.72
C ASP E 674 -54.70 11.96 -11.42
N SER E 675 -54.72 12.75 -10.34
CA SER E 675 -55.11 12.24 -9.04
C SER E 675 -55.67 13.38 -8.20
N ALA E 676 -56.31 13.01 -7.08
CA ALA E 676 -56.80 14.02 -6.14
C ALA E 676 -55.66 14.89 -5.62
N LEU E 677 -54.51 14.29 -5.32
CA LEU E 677 -53.38 15.04 -4.79
C LEU E 677 -52.81 16.00 -5.83
N ALA E 678 -52.67 15.55 -7.07
CA ALA E 678 -52.18 16.43 -8.13
C ALA E 678 -53.12 17.63 -8.33
N ARG E 679 -54.43 17.38 -8.35
CA ARG E 679 -55.40 18.47 -8.48
C ARG E 679 -55.33 19.40 -7.29
N PHE E 680 -55.14 18.86 -6.09
CA PHE E 680 -54.99 19.70 -4.90
C PHE E 680 -53.80 20.63 -5.04
N LEU E 681 -52.64 20.09 -5.42
CA LEU E 681 -51.45 20.90 -5.62
C LEU E 681 -51.69 21.98 -6.67
N LEU E 682 -52.29 21.60 -7.79
CA LEU E 682 -52.59 22.56 -8.85
C LEU E 682 -53.46 23.70 -8.35
N LYS E 683 -54.55 23.36 -7.63
CA LYS E 683 -55.44 24.38 -7.10
C LYS E 683 -54.70 25.32 -6.16
N ARG E 684 -53.97 24.76 -5.20
CA ARG E 684 -53.31 25.60 -4.20
C ARG E 684 -52.26 26.50 -4.84
N GLY E 685 -51.55 25.99 -5.85
CA GLY E 685 -50.61 26.83 -6.57
C GLY E 685 -51.28 27.94 -7.35
N LEU E 686 -52.43 27.64 -7.97
CA LEU E 686 -53.11 28.66 -8.75
C LEU E 686 -53.82 29.69 -7.87
N ARG E 687 -54.05 29.36 -6.60
CA ARG E 687 -54.67 30.32 -5.68
C ARG E 687 -53.67 31.22 -4.97
N ASN E 688 -52.45 30.73 -4.73
CA ASN E 688 -51.46 31.43 -3.92
C ASN E 688 -50.15 31.47 -4.69
N LYS E 689 -49.68 32.68 -5.02
CA LYS E 689 -48.45 32.83 -5.80
C LYS E 689 -47.24 32.27 -5.08
N ARG E 690 -47.18 32.37 -3.74
CA ARG E 690 -46.04 31.85 -2.99
C ARG E 690 -46.00 30.32 -3.09
N ILE E 691 -47.13 29.69 -2.83
CA ILE E 691 -47.25 28.24 -2.97
C ILE E 691 -46.89 27.82 -4.40
N GLY E 692 -47.40 28.57 -5.39
CA GLY E 692 -47.11 28.24 -6.77
C GLY E 692 -45.63 28.35 -7.12
N HIS E 693 -44.96 29.37 -6.60
CA HIS E 693 -43.53 29.55 -6.82
C HIS E 693 -42.75 28.34 -6.30
N PHE E 694 -42.99 27.97 -5.04
CA PHE E 694 -42.28 26.84 -4.48
C PHE E 694 -42.66 25.53 -5.17
N LEU E 695 -43.93 25.38 -5.57
CA LEU E 695 -44.35 24.21 -6.33
C LEU E 695 -43.61 24.10 -7.65
N PHE E 696 -43.49 25.22 -8.37
CA PHE E 696 -42.73 25.23 -9.62
C PHE E 696 -41.34 24.67 -9.37
N TRP E 697 -40.65 25.20 -8.37
CA TRP E 697 -39.26 24.76 -8.20
C TRP E 697 -39.18 23.30 -7.77
N PHE E 698 -40.06 22.86 -6.88
CA PHE E 698 -40.01 21.48 -6.42
C PHE E 698 -40.26 20.52 -7.57
N LEU E 699 -41.31 20.77 -8.35
CA LEU E 699 -41.63 19.91 -9.49
C LEU E 699 -40.49 19.90 -10.50
N ARG E 700 -39.92 21.07 -10.81
CA ARG E 700 -38.86 21.14 -11.81
C ARG E 700 -37.62 20.37 -11.37
N SER E 701 -37.22 20.50 -10.10
CA SER E 701 -36.08 19.73 -9.63
C SER E 701 -36.34 18.23 -9.75
N GLU E 702 -37.53 17.78 -9.36
CA GLU E 702 -37.83 16.35 -9.48
C GLU E 702 -37.84 15.90 -10.95
N ILE E 703 -38.28 16.76 -11.85
CA ILE E 703 -38.22 16.45 -13.27
C ILE E 703 -36.78 16.25 -13.71
N ALA E 704 -35.90 17.17 -13.31
CA ALA E 704 -34.50 17.07 -13.73
C ALA E 704 -33.81 15.84 -13.15
N GLN E 705 -34.25 15.36 -11.99
CA GLN E 705 -33.51 14.32 -11.30
C GLN E 705 -34.08 12.92 -11.48
N SER E 706 -35.39 12.75 -11.53
CA SER E 706 -36.01 11.43 -11.50
C SER E 706 -36.55 11.10 -12.88
N ARG E 707 -35.78 10.30 -13.63
CA ARG E 707 -36.29 9.77 -14.89
C ARG E 707 -37.52 8.91 -14.68
N HIS E 708 -37.67 8.32 -13.49
CA HIS E 708 -38.81 7.46 -13.20
C HIS E 708 -40.12 8.24 -13.14
N TYR E 709 -40.06 9.54 -12.83
CA TYR E 709 -41.27 10.31 -12.57
C TYR E 709 -41.36 11.65 -13.30
N GLN E 710 -40.38 11.98 -14.15
CA GLN E 710 -40.36 13.28 -14.83
C GLN E 710 -41.66 13.60 -15.57
N GLN E 711 -42.30 12.59 -16.17
CA GLN E 711 -43.52 12.85 -16.96
C GLN E 711 -44.67 13.34 -16.09
N ARG E 712 -44.90 12.68 -14.95
CA ARG E 712 -45.99 13.05 -14.06
C ARG E 712 -45.83 14.48 -13.54
N PHE E 713 -44.65 14.78 -13.00
CA PHE E 713 -44.36 16.12 -12.51
C PHE E 713 -44.45 17.13 -13.65
N ALA E 714 -44.04 16.72 -14.86
CA ALA E 714 -44.03 17.63 -15.99
C ALA E 714 -45.44 18.01 -16.43
N VAL E 715 -46.37 17.04 -16.45
CA VAL E 715 -47.73 17.39 -16.84
C VAL E 715 -48.39 18.25 -15.77
N ILE E 716 -48.11 17.96 -14.49
CA ILE E 716 -48.67 18.81 -13.44
C ILE E 716 -48.12 20.23 -13.57
N LEU E 717 -46.82 20.35 -13.84
CA LEU E 717 -46.19 21.66 -13.98
C LEU E 717 -46.71 22.40 -15.20
N GLU E 718 -46.96 21.68 -16.30
CA GLU E 718 -47.53 22.32 -17.48
C GLU E 718 -48.88 22.95 -17.17
N ALA E 719 -49.76 22.18 -16.50
CA ALA E 719 -51.06 22.74 -16.11
C ALA E 719 -50.86 24.00 -15.27
N TYR E 720 -50.04 23.90 -14.23
CA TYR E 720 -49.81 25.06 -13.37
C TYR E 720 -49.34 26.26 -14.19
N LEU E 721 -48.31 26.07 -15.01
CA LEU E 721 -47.77 27.17 -15.80
C LEU E 721 -48.82 27.75 -16.73
N ARG E 722 -49.69 26.91 -17.29
CA ARG E 722 -50.76 27.41 -18.13
C ARG E 722 -51.79 28.22 -17.34
N GLY E 723 -51.80 28.09 -16.02
CA GLY E 723 -52.69 28.93 -15.23
C GLY E 723 -52.09 30.14 -14.55
N CYS E 724 -50.82 30.46 -14.81
CA CYS E 724 -50.10 31.44 -13.99
C CYS E 724 -50.39 32.89 -14.35
N GLY E 725 -50.61 33.19 -15.63
CA GLY E 725 -50.57 34.56 -16.10
C GLY E 725 -49.17 34.99 -16.52
N THR E 726 -49.11 36.17 -17.15
CA THR E 726 -47.86 36.59 -17.80
C THR E 726 -46.79 36.96 -16.79
N ALA E 727 -47.18 37.59 -15.66
CA ALA E 727 -46.20 38.02 -14.67
C ALA E 727 -45.40 36.84 -14.13
N MET E 728 -46.09 35.79 -13.66
CA MET E 728 -45.41 34.64 -13.08
C MET E 728 -44.55 33.93 -14.13
N LEU E 729 -45.06 33.80 -15.35
CA LEU E 729 -44.28 33.18 -16.41
C LEU E 729 -43.00 33.96 -16.68
N HIS E 730 -43.10 35.29 -16.68
CA HIS E 730 -41.92 36.13 -16.90
C HIS E 730 -40.90 35.95 -15.77
N ASP E 731 -41.38 35.95 -14.52
CA ASP E 731 -40.49 35.75 -13.39
C ASP E 731 -39.77 34.41 -13.49
N PHE E 732 -40.51 33.33 -13.79
CA PHE E 732 -39.89 32.02 -13.93
C PHE E 732 -38.88 32.00 -15.06
N THR E 733 -39.19 32.68 -16.17
CA THR E 733 -38.28 32.73 -17.30
C THR E 733 -36.96 33.38 -16.90
N GLN E 734 -37.04 34.54 -16.25
CA GLN E 734 -35.82 35.22 -15.81
C GLN E 734 -35.02 34.35 -14.85
N GLN E 735 -35.70 33.70 -13.92
CA GLN E 735 -34.99 32.86 -12.94
C GLN E 735 -34.25 31.72 -13.63
N VAL E 736 -34.92 31.01 -14.52
CA VAL E 736 -34.28 29.90 -15.23
C VAL E 736 -33.10 30.39 -16.06
N GLN E 737 -33.26 31.54 -16.73
CA GLN E 737 -32.15 32.10 -17.50
C GLN E 737 -30.95 32.38 -16.60
N VAL E 738 -31.19 32.99 -15.44
CA VAL E 738 -30.11 33.29 -14.52
C VAL E 738 -29.41 32.01 -14.07
N ILE E 739 -30.19 30.98 -13.76
CA ILE E 739 -29.60 29.72 -13.31
C ILE E 739 -28.74 29.09 -14.40
N ASP E 740 -29.23 29.08 -15.65
CA ASP E 740 -28.44 28.50 -16.74
C ASP E 740 -27.12 29.26 -16.93
N MET E 741 -27.19 30.60 -16.87
CA MET E 741 -25.98 31.40 -17.05
C MET E 741 -24.97 31.15 -15.93
N LEU E 742 -25.45 31.14 -14.68
CA LEU E 742 -24.57 30.87 -13.57
C LEU E 742 -23.99 29.46 -13.62
N GLN E 743 -24.75 28.49 -14.13
CA GLN E 743 -24.23 27.14 -14.32
C GLN E 743 -23.07 27.13 -15.33
N LYS E 744 -23.27 27.81 -16.47
CA LYS E 744 -22.19 27.89 -17.45
C LYS E 744 -20.93 28.52 -16.84
N VAL E 745 -21.11 29.62 -16.08
CA VAL E 745 -19.97 30.26 -15.43
C VAL E 745 -19.28 29.31 -14.46
N THR E 746 -20.07 28.56 -13.68
CA THR E 746 -19.49 27.65 -12.70
C THR E 746 -18.71 26.54 -13.40
N ILE E 747 -19.22 26.05 -14.53
CA ILE E 747 -18.50 25.01 -15.29
C ILE E 747 -17.17 25.54 -15.80
N ASP E 748 -17.18 26.77 -16.36
CA ASP E 748 -15.92 27.35 -16.83
C ASP E 748 -14.92 27.52 -15.69
N ILE E 749 -15.40 28.05 -14.54
CA ILE E 749 -14.52 28.29 -13.40
C ILE E 749 -13.95 26.97 -12.89
N LYS E 750 -14.75 25.91 -12.91
CA LYS E 750 -14.24 24.60 -12.50
C LYS E 750 -13.20 24.09 -13.48
N SER E 751 -13.38 24.35 -14.78
CA SER E 751 -12.40 23.90 -15.74
C SER E 751 -11.10 24.70 -15.65
N LEU E 752 -11.14 25.91 -15.10
CA LEU E 752 -9.92 26.70 -14.96
C LEU E 752 -9.06 26.29 -13.75
N SER E 753 -9.62 25.59 -12.76
CA SER E 753 -8.94 25.27 -11.52
C SER E 753 -8.62 23.77 -11.48
N ALA E 754 -7.34 23.43 -11.61
CA ALA E 754 -6.94 22.02 -11.72
C ALA E 754 -7.14 21.27 -10.41
N GLU E 755 -6.82 21.88 -9.28
CA GLU E 755 -6.88 21.20 -7.99
C GLU E 755 -8.19 21.47 -7.28
N LYS E 756 -8.50 20.59 -6.32
CA LYS E 756 -9.83 20.58 -5.70
C LYS E 756 -10.09 21.80 -4.83
N TYR E 757 -9.05 22.44 -4.28
CA TYR E 757 -9.23 23.54 -3.34
C TYR E 757 -8.56 24.84 -3.74
N ASP E 758 -7.77 24.85 -4.81
CA ASP E 758 -6.99 26.03 -5.17
C ASP E 758 -7.90 27.07 -5.83
N VAL E 759 -8.11 28.19 -5.14
CA VAL E 759 -8.78 29.34 -5.73
C VAL E 759 -7.75 30.43 -5.96
N SER E 760 -7.02 30.33 -7.07
CA SER E 760 -5.97 31.28 -7.39
C SER E 760 -6.54 32.66 -7.74
N SER E 761 -5.66 33.66 -7.67
CA SER E 761 -6.05 35.01 -8.08
C SER E 761 -6.53 35.04 -9.52
N GLN E 762 -5.98 34.17 -10.37
CA GLN E 762 -6.44 34.09 -11.76
C GLN E 762 -7.89 33.62 -11.82
N VAL E 763 -8.25 32.65 -10.97
CA VAL E 763 -9.62 32.16 -10.94
C VAL E 763 -10.58 33.26 -10.48
N ILE E 764 -10.19 34.02 -9.45
CA ILE E 764 -11.04 35.11 -8.96
C ILE E 764 -11.20 36.18 -10.04
N SER E 765 -10.10 36.55 -10.70
CA SER E 765 -10.17 37.54 -11.77
C SER E 765 -11.05 37.06 -12.92
N GLN E 766 -10.93 35.79 -13.31
CA GLN E 766 -11.76 35.26 -14.38
C GLN E 766 -13.23 35.22 -13.98
N LEU E 767 -13.51 34.87 -12.73
CA LEU E 767 -14.89 34.93 -12.23
C LEU E 767 -15.45 36.35 -12.34
N LYS E 768 -14.69 37.34 -11.87
CA LYS E 768 -15.16 38.72 -11.93
C LYS E 768 -15.37 39.18 -13.38
N GLN E 769 -14.44 38.82 -14.27
CA GLN E 769 -14.58 39.19 -15.69
C GLN E 769 -15.83 38.57 -16.30
N LYS E 770 -16.05 37.27 -16.05
CA LYS E 770 -17.21 36.59 -16.61
C LYS E 770 -18.50 37.16 -16.04
N LEU E 771 -18.54 37.47 -14.74
CA LEU E 771 -19.74 38.06 -14.16
C LEU E 771 -20.00 39.45 -14.72
N GLU E 772 -18.94 40.23 -14.96
CA GLU E 772 -19.11 41.54 -15.56
C GLU E 772 -19.70 41.44 -16.97
N ASN E 773 -19.14 40.53 -17.78
CA ASN E 773 -19.68 40.33 -19.13
C ASN E 773 -21.14 39.89 -19.09
N LEU E 774 -21.47 38.95 -18.19
CA LEU E 774 -22.86 38.50 -18.05
C LEU E 774 -23.78 39.65 -17.68
N GLN E 775 -23.35 40.46 -16.70
CA GLN E 775 -24.18 41.58 -16.27
C GLN E 775 -24.39 42.58 -17.39
N ASN E 776 -23.37 42.79 -18.22
CA ASN E 776 -23.49 43.77 -19.29
C ASN E 776 -24.27 43.25 -20.50
N LEU E 777 -24.37 41.94 -20.68
CA LEU E 777 -24.98 41.46 -21.92
C LEU E 777 -26.24 40.64 -21.74
N ASN E 778 -26.30 39.74 -20.75
CA ASN E 778 -27.29 38.66 -20.81
C ASN E 778 -28.20 38.59 -19.59
N LEU E 779 -27.72 38.98 -18.42
CA LEU E 779 -28.51 38.87 -17.22
C LEU E 779 -29.72 39.81 -17.27
N PRO E 780 -30.89 39.37 -16.80
CA PRO E 780 -32.02 40.29 -16.66
C PRO E 780 -31.70 41.39 -15.65
N GLN E 781 -32.30 42.56 -15.88
CA GLN E 781 -32.08 43.70 -14.98
C GLN E 781 -32.44 43.36 -13.54
N SER E 782 -33.42 42.49 -13.33
CA SER E 782 -33.80 42.04 -12.01
C SER E 782 -34.52 40.71 -12.12
N PHE E 783 -34.52 39.94 -11.03
CA PHE E 783 -35.28 38.70 -11.00
C PHE E 783 -35.65 38.36 -9.57
N ARG E 784 -36.78 37.66 -9.41
CA ARG E 784 -37.16 37.17 -8.09
C ARG E 784 -36.23 36.05 -7.66
N VAL E 785 -35.89 36.03 -6.37
CA VAL E 785 -34.96 35.03 -5.86
C VAL E 785 -35.69 33.70 -5.70
N PRO E 786 -35.14 32.59 -6.21
CA PRO E 786 -35.85 31.31 -6.10
C PRO E 786 -36.16 30.87 -4.68
N TYR E 787 -35.26 31.08 -3.71
CA TYR E 787 -35.53 30.61 -2.35
C TYR E 787 -36.43 31.55 -1.56
N ASP E 788 -36.70 32.75 -2.06
CA ASP E 788 -37.60 33.68 -1.39
C ASP E 788 -38.22 34.56 -2.47
N PRO E 789 -39.48 34.31 -2.84
CA PRO E 789 -40.11 35.13 -3.89
C PRO E 789 -40.37 36.57 -3.47
N GLY E 790 -40.25 36.89 -2.19
CA GLY E 790 -40.36 38.27 -1.76
C GLY E 790 -39.15 39.11 -2.10
N LEU E 791 -38.01 38.49 -2.37
CA LEU E 791 -36.78 39.19 -2.68
C LEU E 791 -36.59 39.33 -4.18
N LYS E 792 -36.16 40.52 -4.61
CA LYS E 792 -35.90 40.81 -6.02
C LYS E 792 -34.44 41.26 -6.14
N ALA E 793 -33.61 40.41 -6.75
CA ALA E 793 -32.20 40.72 -6.95
C ALA E 793 -32.01 41.57 -8.20
N GLY E 794 -31.10 42.55 -8.08
CA GLY E 794 -30.72 43.41 -9.18
C GLY E 794 -29.32 43.17 -9.72
N ALA E 795 -28.55 44.25 -9.83
CA ALA E 795 -27.20 44.16 -10.39
C ALA E 795 -26.24 43.45 -9.43
N LEU E 796 -25.32 42.69 -10.01
CA LEU E 796 -24.26 42.05 -9.24
C LEU E 796 -23.32 43.06 -8.61
N VAL E 797 -22.97 42.81 -7.36
CA VAL E 797 -21.89 43.57 -6.67
C VAL E 797 -20.62 42.76 -6.90
N ILE E 798 -20.03 42.95 -8.08
CA ILE E 798 -18.98 42.06 -8.58
C ILE E 798 -17.79 42.01 -7.62
N GLU E 799 -17.42 43.15 -7.03
CA GLU E 799 -16.23 43.18 -6.18
C GLU E 799 -16.38 42.27 -4.96
N LYS E 800 -17.62 42.01 -4.52
CA LYS E 800 -17.85 41.13 -3.38
C LYS E 800 -17.99 39.67 -3.77
N CYS E 801 -18.07 39.36 -5.07
CA CYS E 801 -18.24 37.98 -5.53
C CYS E 801 -16.92 37.21 -5.46
N LYS E 802 -17.01 35.94 -5.08
CA LYS E 802 -15.82 35.11 -4.93
C LYS E 802 -16.17 33.64 -5.12
N VAL E 803 -15.15 32.84 -5.40
CA VAL E 803 -15.25 31.38 -5.37
C VAL E 803 -14.90 30.88 -3.97
N MET E 804 -15.75 30.03 -3.41
CA MET E 804 -15.48 29.45 -2.10
C MET E 804 -14.54 28.26 -2.22
N ALA E 805 -13.61 28.18 -1.28
CA ALA E 805 -12.60 27.11 -1.24
C ALA E 805 -13.25 25.81 -0.75
N SER E 806 -13.92 25.11 -1.67
CA SER E 806 -14.54 23.82 -1.37
C SER E 806 -14.42 22.91 -2.58
N LYS E 807 -14.55 21.60 -2.32
CA LYS E 807 -14.45 20.61 -3.39
C LYS E 807 -15.38 20.93 -4.56
N LYS E 808 -16.56 21.46 -4.26
CA LYS E 808 -17.55 21.77 -5.29
C LYS E 808 -17.43 23.19 -5.80
N LYS E 809 -16.53 23.99 -5.23
CA LYS E 809 -16.26 25.35 -5.68
C LYS E 809 -17.52 26.18 -5.93
N PRO E 810 -18.37 26.36 -4.91
CA PRO E 810 -19.58 27.17 -5.09
C PRO E 810 -19.26 28.65 -5.23
N LEU E 811 -20.15 29.37 -5.89
CA LEU E 811 -19.98 30.80 -6.12
C LEU E 811 -20.67 31.61 -5.03
N TRP E 812 -19.92 32.49 -4.37
CA TRP E 812 -20.48 33.50 -3.49
C TRP E 812 -20.83 34.73 -4.31
N LEU E 813 -22.12 35.06 -4.39
CA LEU E 813 -22.62 36.15 -5.22
C LEU E 813 -23.38 37.13 -4.34
N GLU E 814 -23.20 38.42 -4.61
CA GLU E 814 -23.97 39.44 -3.93
C GLU E 814 -24.62 40.35 -4.96
N PHE E 815 -25.94 40.51 -4.86
CA PHE E 815 -26.72 41.35 -5.74
C PHE E 815 -27.22 42.56 -4.98
N LYS E 816 -27.39 43.69 -5.68
CA LYS E 816 -28.13 44.78 -5.09
C LYS E 816 -29.62 44.43 -5.03
N CYS E 817 -30.30 44.90 -3.98
CA CYS E 817 -31.74 44.82 -3.94
C CYS E 817 -32.34 45.65 -5.07
N ALA E 818 -33.17 45.01 -5.91
CA ALA E 818 -33.80 45.71 -7.02
C ALA E 818 -34.98 46.56 -6.58
N ASP E 819 -35.49 46.33 -5.38
CA ASP E 819 -36.61 47.12 -4.87
C ASP E 819 -36.09 48.47 -4.39
N PRO E 820 -36.52 49.58 -5.00
CA PRO E 820 -36.03 50.90 -4.57
C PRO E 820 -36.52 51.32 -3.19
N THR E 821 -37.48 50.62 -2.60
CA THR E 821 -37.99 50.94 -1.27
C THR E 821 -37.19 50.28 -0.15
N ALA E 822 -36.13 49.56 -0.49
CA ALA E 822 -35.25 48.97 0.52
C ALA E 822 -34.62 50.07 1.37
N LEU E 823 -34.71 49.91 2.69
CA LEU E 823 -34.22 50.92 3.62
C LEU E 823 -32.71 50.85 3.82
N SER E 824 -32.11 49.69 3.59
CA SER E 824 -30.67 49.53 3.73
C SER E 824 -30.06 49.23 2.36
N ASN E 825 -28.81 49.67 2.17
CA ASN E 825 -28.03 49.34 1.00
C ASN E 825 -27.45 47.93 1.05
N GLU E 826 -28.03 47.04 1.86
CA GLU E 826 -27.53 45.69 1.99
C GLU E 826 -27.79 44.87 0.73
N THR E 827 -26.89 43.95 0.45
CA THR E 827 -26.97 43.06 -0.70
C THR E 827 -27.79 41.82 -0.38
N ILE E 828 -28.34 41.22 -1.43
CA ILE E 828 -28.90 39.88 -1.37
C ILE E 828 -27.78 38.89 -1.68
N GLY E 829 -27.43 38.08 -0.69
CA GLY E 829 -26.33 37.12 -0.82
C GLY E 829 -26.82 35.74 -1.18
N ILE E 830 -26.19 35.16 -2.20
CA ILE E 830 -26.54 33.83 -2.71
C ILE E 830 -25.27 32.99 -2.85
N ILE E 831 -25.28 31.80 -2.26
CA ILE E 831 -24.29 30.77 -2.56
C ILE E 831 -24.88 29.88 -3.66
N PHE E 832 -24.34 29.99 -4.86
CA PHE E 832 -24.76 29.18 -6.00
C PHE E 832 -23.92 27.90 -6.02
N LYS E 833 -24.59 26.76 -5.86
CA LYS E 833 -23.93 25.46 -5.80
C LYS E 833 -24.26 24.65 -7.06
N HIS E 834 -23.21 24.09 -7.66
CA HIS E 834 -23.32 23.18 -8.80
C HIS E 834 -22.56 21.89 -8.49
N GLY E 835 -23.16 20.76 -8.83
CA GLY E 835 -22.58 19.47 -8.48
C GLY E 835 -22.86 19.01 -7.07
N ASP E 836 -23.84 19.62 -6.40
CA ASP E 836 -24.21 19.27 -5.03
C ASP E 836 -25.72 19.15 -4.95
N ASP E 837 -26.20 18.08 -4.29
CA ASP E 837 -27.63 17.83 -4.19
C ASP E 837 -28.14 18.47 -2.91
N LEU E 838 -28.93 19.53 -3.05
CA LEU E 838 -29.41 20.34 -1.93
C LEU E 838 -30.76 19.88 -1.37
N ARG E 839 -31.34 18.80 -1.89
CA ARG E 839 -32.64 18.36 -1.40
C ARG E 839 -32.59 17.95 0.08
N GLN E 840 -31.46 17.40 0.52
CA GLN E 840 -31.32 17.00 1.91
C GLN E 840 -31.31 18.22 2.82
N ASP E 841 -30.56 19.26 2.45
CA ASP E 841 -30.56 20.52 3.19
C ASP E 841 -31.96 21.14 3.20
N MET E 842 -32.66 21.08 2.06
CA MET E 842 -34.02 21.59 1.99
C MET E 842 -34.93 20.89 2.99
N LEU E 843 -34.88 19.55 3.00
CA LEU E 843 -35.70 18.78 3.94
C LEU E 843 -35.40 19.16 5.38
N ILE E 844 -34.11 19.28 5.72
CA ILE E 844 -33.76 19.58 7.11
C ILE E 844 -34.23 20.98 7.51
N LEU E 845 -34.08 21.96 6.61
CA LEU E 845 -34.53 23.32 6.93
C LEU E 845 -36.05 23.39 7.05
N GLN E 846 -36.76 22.64 6.21
CA GLN E 846 -38.21 22.55 6.32
C GLN E 846 -38.61 21.95 7.67
N ILE E 847 -37.95 20.87 8.05
CA ILE E 847 -38.23 20.25 9.35
C ILE E 847 -37.92 21.22 10.49
N LEU E 848 -36.87 22.03 10.34
CA LEU E 848 -36.57 23.03 11.36
C LEU E 848 -37.68 24.06 11.48
N ARG E 849 -38.24 24.48 10.35
CA ARG E 849 -39.38 25.41 10.41
C ARG E 849 -40.58 24.75 11.08
N ILE E 850 -40.81 23.47 10.80
CA ILE E 850 -41.91 22.75 11.43
C ILE E 850 -41.70 22.63 12.94
N MET E 851 -40.47 22.30 13.35
CA MET E 851 -40.13 22.26 14.76
C MET E 851 -40.33 23.62 15.42
N GLU E 852 -39.96 24.69 14.72
CA GLU E 852 -40.18 26.04 15.23
C GLU E 852 -41.67 26.28 15.45
N SER E 853 -42.52 25.85 14.51
CA SER E 853 -43.95 26.00 14.70
C SER E 853 -44.45 25.21 15.91
N ILE E 854 -43.94 23.99 16.07
CA ILE E 854 -44.32 23.16 17.21
C ILE E 854 -43.94 23.86 18.52
N TRP E 855 -42.71 24.37 18.59
CA TRP E 855 -42.24 25.06 19.79
C TRP E 855 -43.01 26.35 20.02
N GLU E 856 -43.37 27.07 18.95
CA GLU E 856 -44.18 28.28 19.08
C GLU E 856 -45.54 27.97 19.66
N THR E 857 -46.08 26.78 19.36
CA THR E 857 -47.31 26.38 20.03
C THR E 857 -47.14 26.30 21.54
N GLU E 858 -45.95 25.95 21.99
CA GLU E 858 -45.61 25.93 23.41
C GLU E 858 -45.09 27.26 23.92
N SER E 859 -45.24 28.33 23.14
CA SER E 859 -44.71 29.66 23.47
C SER E 859 -43.21 29.63 23.69
N LEU E 860 -42.51 28.80 22.95
CA LEU E 860 -41.05 28.70 23.00
C LEU E 860 -40.47 29.29 21.72
N ASP E 861 -39.88 30.47 21.84
CA ASP E 861 -39.05 31.04 20.77
C ASP E 861 -37.62 30.55 20.98
N LEU E 862 -37.20 29.57 20.19
CA LEU E 862 -35.84 29.07 20.26
C LEU E 862 -34.90 29.76 19.27
N CYS E 863 -35.35 30.85 18.65
CA CYS E 863 -34.50 31.75 17.87
C CYS E 863 -33.70 31.01 16.79
N LEU E 864 -34.34 30.03 16.15
CA LEU E 864 -33.70 29.36 15.04
C LEU E 864 -33.61 30.30 13.84
N LEU E 865 -32.65 30.00 12.95
CA LEU E 865 -32.48 30.73 11.69
C LEU E 865 -32.50 29.73 10.54
N PRO E 866 -33.67 29.22 10.16
CA PRO E 866 -33.75 28.38 8.95
C PRO E 866 -33.60 29.22 7.68
N TYR E 867 -32.38 29.29 7.16
CA TYR E 867 -32.10 30.10 5.97
C TYR E 867 -32.73 29.51 4.71
N GLY E 868 -32.83 30.35 3.69
CA GLY E 868 -33.35 29.92 2.40
C GLY E 868 -32.38 28.97 1.70
N CYS E 869 -32.91 27.85 1.21
CA CYS E 869 -32.16 26.89 0.42
C CYS E 869 -33.12 26.23 -0.56
N ILE E 870 -32.71 26.11 -1.83
CA ILE E 870 -33.59 25.56 -2.85
C ILE E 870 -32.76 24.83 -3.90
N SER E 871 -33.21 23.63 -4.28
CA SER E 871 -32.66 22.93 -5.43
C SER E 871 -33.33 23.44 -6.70
N THR E 872 -32.52 23.78 -7.70
CA THR E 872 -33.03 24.28 -8.96
C THR E 872 -32.85 23.28 -10.10
N GLY E 873 -32.28 22.12 -9.81
CA GLY E 873 -32.16 21.11 -10.84
C GLY E 873 -31.40 19.90 -10.33
N ASP E 874 -30.88 19.12 -11.27
CA ASP E 874 -30.06 17.98 -10.87
C ASP E 874 -28.75 18.50 -10.29
N LYS E 875 -28.59 18.34 -8.98
CA LYS E 875 -27.37 18.71 -8.27
C LYS E 875 -26.98 20.17 -8.54
N ILE E 876 -27.97 21.05 -8.57
CA ILE E 876 -27.73 22.49 -8.77
C ILE E 876 -28.80 23.27 -8.01
N GLY E 877 -28.36 24.29 -7.27
CA GLY E 877 -29.28 25.09 -6.47
C GLY E 877 -28.62 26.29 -5.84
N MET E 878 -29.36 26.93 -4.94
CA MET E 878 -28.96 28.20 -4.32
C MET E 878 -29.21 28.15 -2.81
N ILE E 879 -28.33 28.80 -2.05
CA ILE E 879 -28.43 28.92 -0.60
C ILE E 879 -28.38 30.40 -0.21
N GLU E 880 -29.23 30.79 0.75
CA GLU E 880 -29.18 32.15 1.29
C GLU E 880 -27.92 32.35 2.14
N ILE E 881 -27.28 33.50 1.95
CA ILE E 881 -26.17 33.92 2.81
C ILE E 881 -26.74 34.64 4.03
N VAL E 882 -26.61 34.01 5.20
CA VAL E 882 -26.97 34.67 6.46
C VAL E 882 -25.97 35.78 6.74
N LYS E 883 -26.45 37.03 6.76
CA LYS E 883 -25.57 38.17 6.98
C LYS E 883 -25.11 38.24 8.42
N ASP E 884 -24.02 39.00 8.63
CA ASP E 884 -23.49 39.31 9.96
C ASP E 884 -23.32 38.04 10.80
N ALA E 885 -22.98 36.94 10.14
CA ALA E 885 -22.78 35.66 10.78
C ALA E 885 -21.40 35.12 10.40
N THR E 886 -20.72 34.52 11.36
CA THR E 886 -19.36 34.03 11.16
C THR E 886 -19.28 32.60 11.68
N THR E 887 -18.51 31.77 10.98
CA THR E 887 -18.25 30.42 11.45
C THR E 887 -17.42 30.45 12.73
N ILE E 888 -17.70 29.50 13.63
CA ILE E 888 -16.95 29.39 14.87
C ILE E 888 -15.47 29.19 14.59
N ALA E 889 -15.15 28.40 13.56
CA ALA E 889 -13.76 28.18 13.17
C ALA E 889 -13.07 29.51 12.86
N LYS E 890 -13.75 30.39 12.14
CA LYS E 890 -13.12 31.66 11.76
C LYS E 890 -12.88 32.55 12.97
N ILE E 891 -13.82 32.60 13.92
CA ILE E 891 -13.62 33.38 15.13
C ILE E 891 -12.44 32.84 15.94
N GLN E 892 -12.44 31.53 16.17
CA GLN E 892 -11.36 30.91 16.92
C GLN E 892 -10.01 31.15 16.24
N GLN E 893 -9.96 31.06 14.91
CA GLN E 893 -8.72 31.34 14.21
C GLN E 893 -8.33 32.80 14.36
N SER E 894 -9.28 33.72 14.15
CA SER E 894 -8.98 35.14 14.15
C SER E 894 -8.49 35.61 15.51
N THR E 895 -8.88 34.92 16.59
CA THR E 895 -8.44 35.46 17.88
C THR E 895 -7.04 35.00 18.29
N VAL E 896 -6.71 33.71 18.12
CA VAL E 896 -5.41 33.22 18.59
C VAL E 896 -4.80 32.10 17.74
N GLY E 897 -5.23 31.95 16.49
CA GLY E 897 -4.77 30.82 15.69
C GLY E 897 -5.52 29.54 15.96
N ASN E 898 -4.88 28.43 15.56
CA ASN E 898 -5.53 27.12 15.62
C ASN E 898 -5.82 26.69 17.05
N THR E 899 -5.08 27.21 18.01
CA THR E 899 -5.30 26.87 19.41
C THR E 899 -6.57 27.49 19.97
N GLY E 900 -7.24 28.36 19.21
CA GLY E 900 -8.48 28.95 19.68
C GLY E 900 -9.59 27.96 19.98
N ALA E 901 -9.51 26.75 19.40
CA ALA E 901 -10.49 25.71 19.72
C ALA E 901 -10.46 25.32 21.19
N PHE E 902 -9.35 25.58 21.88
CA PHE E 902 -9.23 25.28 23.30
C PHE E 902 -9.38 26.51 24.18
N LYS E 903 -9.77 27.65 23.61
CA LYS E 903 -9.90 28.90 24.35
C LYS E 903 -11.39 29.15 24.59
N ASP E 904 -11.85 28.82 25.80
CA ASP E 904 -13.26 28.93 26.12
C ASP E 904 -13.77 30.37 26.01
N GLU E 905 -12.90 31.35 26.23
CA GLU E 905 -13.33 32.74 26.28
C GLU E 905 -13.52 33.38 24.91
N VAL E 906 -13.00 32.78 23.85
CA VAL E 906 -12.90 33.48 22.56
C VAL E 906 -14.28 33.85 22.03
N LEU E 907 -15.23 32.93 22.09
CA LEU E 907 -16.56 33.20 21.52
C LEU E 907 -17.27 34.32 22.29
N SER E 908 -17.18 34.30 23.63
CA SER E 908 -17.80 35.35 24.43
C SER E 908 -17.13 36.71 24.17
N HIS E 909 -15.81 36.72 24.03
CA HIS E 909 -15.11 37.96 23.70
C HIS E 909 -15.53 38.50 22.35
N TRP E 910 -15.65 37.62 21.35
CA TRP E 910 -16.12 38.05 20.03
C TRP E 910 -17.53 38.63 20.12
N LEU E 911 -18.41 37.96 20.86
CA LEU E 911 -19.79 38.44 20.98
C LEU E 911 -19.83 39.79 21.71
N LYS E 912 -18.98 39.97 22.73
CA LYS E 912 -18.93 41.24 23.42
C LYS E 912 -18.33 42.34 22.55
N GLU E 913 -17.38 41.97 21.68
CA GLU E 913 -16.85 42.92 20.71
C GLU E 913 -17.95 43.37 19.74
N LYS E 914 -18.77 42.44 19.28
CA LYS E 914 -19.85 42.79 18.37
C LYS E 914 -20.98 43.53 19.07
N CYS E 915 -21.19 43.26 20.37
CA CYS E 915 -22.24 43.90 21.17
C CYS E 915 -21.57 44.68 22.30
N PRO E 916 -21.02 45.85 22.02
CA PRO E 916 -20.32 46.60 23.08
C PRO E 916 -21.24 47.17 24.15
N ILE E 917 -22.52 47.33 23.86
CA ILE E 917 -23.49 47.80 24.85
C ILE E 917 -23.90 46.61 25.72
N GLU E 918 -23.73 46.76 27.04
CA GLU E 918 -23.95 45.64 27.96
C GLU E 918 -25.35 45.07 27.85
N GLU E 919 -26.36 45.92 27.68
CA GLU E 919 -27.71 45.42 27.48
C GLU E 919 -27.81 44.58 26.21
N LYS E 920 -27.17 45.04 25.13
CA LYS E 920 -27.16 44.27 23.90
C LYS E 920 -26.34 43.00 24.06
N PHE E 921 -25.23 43.05 24.82
CA PHE E 921 -24.44 41.85 25.06
C PHE E 921 -25.25 40.79 25.82
N GLN E 922 -25.97 41.21 26.86
CA GLN E 922 -26.80 40.27 27.61
C GLN E 922 -27.93 39.72 26.75
N ALA E 923 -28.55 40.57 25.91
CA ALA E 923 -29.58 40.07 25.00
C ALA E 923 -28.99 39.05 24.03
N ALA E 924 -27.77 39.28 23.57
CA ALA E 924 -27.12 38.33 22.66
C ALA E 924 -26.78 37.04 23.37
N VAL E 925 -26.36 37.11 24.63
CA VAL E 925 -26.09 35.90 25.40
C VAL E 925 -27.38 35.10 25.59
N GLU E 926 -28.49 35.77 25.88
CA GLU E 926 -29.77 35.09 26.02
C GLU E 926 -30.20 34.44 24.70
N ARG E 927 -30.11 35.18 23.59
CA ARG E 927 -30.43 34.61 22.29
C ARG E 927 -29.51 33.44 21.96
N PHE E 928 -28.23 33.51 22.36
CA PHE E 928 -27.34 32.37 22.19
C PHE E 928 -27.83 31.18 22.98
N VAL E 929 -28.24 31.40 24.23
CA VAL E 929 -28.76 30.30 25.04
C VAL E 929 -29.94 29.64 24.34
N TYR E 930 -30.90 30.45 23.87
CA TYR E 930 -32.10 29.89 23.27
C TYR E 930 -31.79 29.17 21.95
N SER E 931 -30.99 29.79 21.08
CA SER E 931 -30.68 29.17 19.79
C SER E 931 -29.82 27.92 19.97
N CYS E 932 -28.88 27.96 20.91
CA CYS E 932 -28.08 26.79 21.24
C CYS E 932 -28.97 25.65 21.71
N ALA E 933 -29.92 25.94 22.61
CA ALA E 933 -30.83 24.89 23.07
C ALA E 933 -31.63 24.31 21.91
N GLY E 934 -32.18 25.20 21.06
CA GLY E 934 -32.97 24.73 19.93
C GLY E 934 -32.18 23.83 19.01
N TYR E 935 -30.97 24.26 18.63
CA TYR E 935 -30.17 23.45 17.73
C TYR E 935 -29.63 22.20 18.40
N CYS E 936 -29.37 22.23 19.71
CA CYS E 936 -29.00 21.02 20.42
C CYS E 936 -30.10 19.98 20.33
N VAL E 937 -31.33 20.36 20.66
CA VAL E 937 -32.45 19.43 20.57
C VAL E 937 -32.64 18.96 19.14
N ALA E 938 -32.56 19.89 18.17
CA ALA E 938 -32.81 19.54 16.78
C ALA E 938 -31.77 18.56 16.24
N THR E 939 -30.48 18.86 16.45
CA THR E 939 -29.43 17.99 15.97
C THR E 939 -29.42 16.66 16.71
N PHE E 940 -29.87 16.64 17.97
CA PHE E 940 -30.02 15.37 18.67
C PHE E 940 -31.10 14.51 18.04
N VAL E 941 -32.30 15.08 17.88
CA VAL E 941 -33.42 14.31 17.36
C VAL E 941 -33.19 13.90 15.91
N LEU E 942 -32.53 14.75 15.12
CA LEU E 942 -32.31 14.47 13.71
C LEU E 942 -30.96 13.81 13.42
N GLY E 943 -30.13 13.61 14.43
CA GLY E 943 -28.85 12.93 14.24
C GLY E 943 -27.91 13.58 13.25
N ILE E 944 -27.77 14.89 13.31
CA ILE E 944 -26.99 15.64 12.34
C ILE E 944 -25.50 15.50 12.67
N GLY E 945 -24.74 14.92 11.74
CA GLY E 945 -23.33 14.70 11.92
C GLY E 945 -22.44 15.72 11.22
N ASP E 946 -21.13 15.45 11.28
CA ASP E 946 -20.10 16.29 10.67
C ASP E 946 -20.13 17.71 11.24
N ARG E 947 -20.36 17.81 12.55
CA ARG E 947 -20.49 19.10 13.24
C ARG E 947 -19.11 19.66 13.64
N HIS E 948 -18.28 19.93 12.64
CA HIS E 948 -17.07 20.69 12.89
C HIS E 948 -17.36 22.19 12.93
N ASN E 949 -16.41 22.94 13.47
CA ASN E 949 -16.63 24.35 13.77
C ASN E 949 -16.79 25.23 12.53
N ASP E 950 -16.53 24.70 11.32
CA ASP E 950 -16.89 25.45 10.12
C ASP E 950 -18.35 25.27 9.73
N ASN E 951 -19.00 24.21 10.19
CA ASN E 951 -20.41 23.97 9.92
C ASN E 951 -21.32 24.54 10.99
N ILE E 952 -20.79 25.38 11.89
CA ILE E 952 -21.58 26.05 12.92
C ILE E 952 -21.24 27.53 12.86
N MET E 953 -22.27 28.37 12.81
CA MET E 953 -22.09 29.81 12.70
C MET E 953 -22.81 30.50 13.85
N ILE E 954 -22.34 31.70 14.17
CA ILE E 954 -23.01 32.57 15.13
C ILE E 954 -23.18 33.94 14.50
N SER E 955 -24.35 34.54 14.69
CA SER E 955 -24.60 35.89 14.24
C SER E 955 -24.05 36.91 15.25
N GLU E 956 -23.83 38.13 14.76
CA GLU E 956 -23.41 39.21 15.66
C GLU E 956 -24.46 39.53 16.72
N THR E 957 -25.70 39.12 16.51
CA THR E 957 -26.74 39.25 17.52
C THR E 957 -26.87 38.00 18.40
N GLY E 958 -26.03 36.99 18.19
CA GLY E 958 -25.94 35.86 19.08
C GLY E 958 -26.65 34.58 18.68
N ASN E 959 -27.33 34.54 17.54
CA ASN E 959 -27.95 33.30 17.09
C ASN E 959 -26.87 32.27 16.74
N LEU E 960 -26.89 31.14 17.42
CA LEU E 960 -26.14 29.96 16.99
C LEU E 960 -26.97 29.16 16.01
N PHE E 961 -26.38 28.77 14.89
CA PHE E 961 -27.11 27.96 13.91
C PHE E 961 -26.14 27.06 13.17
N HIS E 962 -26.68 25.97 12.62
CA HIS E 962 -25.93 24.95 11.90
C HIS E 962 -26.15 25.05 10.40
N ILE E 963 -25.09 24.73 9.63
CA ILE E 963 -25.15 24.70 8.18
C ILE E 963 -24.59 23.37 7.68
N ASP E 964 -24.79 23.13 6.38
CA ASP E 964 -24.36 21.92 5.68
C ASP E 964 -24.88 20.66 6.38
N PHE E 965 -25.98 20.10 5.86
CA PHE E 965 -26.64 18.97 6.47
C PHE E 965 -26.38 17.67 5.72
N GLY E 966 -25.15 17.49 5.23
CA GLY E 966 -24.80 16.31 4.45
C GLY E 966 -24.88 15.00 5.22
N HIS E 967 -25.05 15.05 6.54
CA HIS E 967 -25.11 13.84 7.32
C HIS E 967 -26.17 13.93 8.42
N ARG E 982 -18.59 11.74 19.22
CA ARG E 982 -18.35 11.15 20.53
C ARG E 982 -19.34 11.66 21.56
N VAL E 983 -20.14 12.64 21.14
CA VAL E 983 -21.15 13.24 22.02
C VAL E 983 -22.48 13.29 21.28
N PRO E 984 -23.61 13.21 21.97
CA PRO E 984 -24.91 13.31 21.28
C PRO E 984 -25.08 14.59 20.49
N PHE E 985 -24.59 15.72 21.00
CA PHE E 985 -24.66 16.98 20.27
C PHE E 985 -23.53 17.89 20.77
N VAL E 986 -23.34 18.99 20.06
CA VAL E 986 -22.24 19.91 20.34
C VAL E 986 -22.61 20.80 21.52
N LEU E 987 -21.88 20.62 22.63
CA LEU E 987 -21.94 21.53 23.80
C LEU E 987 -20.51 21.59 24.34
N THR E 988 -19.75 22.56 23.84
CA THR E 988 -18.33 22.66 24.12
C THR E 988 -18.07 23.64 25.26
N PRO E 989 -16.89 23.56 25.89
CA PRO E 989 -16.58 24.50 26.97
C PRO E 989 -16.67 25.97 26.61
N ASP E 990 -16.40 26.36 25.36
CA ASP E 990 -16.56 27.78 25.01
C ASP E 990 -18.04 28.17 24.97
N PHE E 991 -18.89 27.26 24.50
CA PHE E 991 -20.34 27.50 24.59
C PHE E 991 -20.76 27.61 26.05
N LEU E 992 -20.25 26.72 26.90
CA LEU E 992 -20.53 26.80 28.33
C LEU E 992 -20.03 28.09 28.94
N PHE E 993 -18.92 28.63 28.41
CA PHE E 993 -18.38 29.89 28.92
C PHE E 993 -19.27 31.06 28.54
N VAL E 994 -19.84 31.06 27.34
CA VAL E 994 -20.77 32.11 26.96
C VAL E 994 -21.96 32.12 27.92
N MET E 995 -22.40 30.94 28.36
CA MET E 995 -23.47 30.80 29.35
C MET E 995 -23.01 31.13 30.77
N GLY E 996 -21.79 31.62 30.95
CA GLY E 996 -21.30 31.99 32.26
C GLY E 996 -20.99 30.85 33.20
N THR E 997 -20.80 29.64 32.69
CA THR E 997 -20.32 28.54 33.51
C THR E 997 -18.80 28.53 33.54
N SER E 998 -18.25 28.16 34.70
CA SER E 998 -16.80 28.02 34.88
C SER E 998 -16.54 26.65 35.48
N GLY E 999 -16.02 25.74 34.66
CA GLY E 999 -15.89 24.36 35.11
C GLY E 999 -17.25 23.71 35.29
N LYS E 1000 -17.40 22.94 36.37
CA LYS E 1000 -18.64 22.25 36.66
C LYS E 1000 -19.65 23.09 37.44
N LYS E 1001 -19.35 24.36 37.71
CA LYS E 1001 -20.29 25.23 38.38
C LYS E 1001 -21.43 25.61 37.44
N THR E 1002 -22.66 25.39 37.88
CA THR E 1002 -23.84 25.72 37.09
C THR E 1002 -24.17 27.20 37.19
N SER E 1003 -24.45 27.83 36.04
CA SER E 1003 -24.89 29.20 35.99
C SER E 1003 -26.41 29.28 35.79
N LEU E 1004 -26.95 30.49 36.02
CA LEU E 1004 -28.38 30.71 35.75
C LEU E 1004 -28.70 30.50 34.28
N HIS E 1005 -27.83 30.99 33.39
CA HIS E 1005 -28.04 30.76 31.97
C HIS E 1005 -27.97 29.28 31.62
N PHE E 1006 -27.12 28.51 32.30
CA PHE E 1006 -27.04 27.08 32.02
C PHE E 1006 -28.28 26.34 32.53
N GLN E 1007 -28.80 26.72 33.70
CA GLN E 1007 -30.06 26.17 34.16
C GLN E 1007 -31.18 26.47 33.17
N LYS E 1008 -31.25 27.72 32.70
CA LYS E 1008 -32.23 28.09 31.69
C LYS E 1008 -32.07 27.26 30.42
N PHE E 1009 -30.81 27.05 29.99
CA PHE E 1009 -30.52 26.19 28.85
C PHE E 1009 -31.09 24.79 29.04
N GLN E 1010 -30.85 24.20 30.21
CA GLN E 1010 -31.34 22.85 30.48
C GLN E 1010 -32.88 22.81 30.46
N ASP E 1011 -33.53 23.77 31.11
CA ASP E 1011 -34.99 23.79 31.14
C ASP E 1011 -35.58 23.93 29.74
N VAL E 1012 -35.02 24.85 28.94
CA VAL E 1012 -35.50 25.07 27.58
C VAL E 1012 -35.28 23.83 26.73
N CYS E 1013 -34.11 23.19 26.86
CA CYS E 1013 -33.85 21.96 26.13
C CYS E 1013 -34.88 20.88 26.47
N VAL E 1014 -35.18 20.72 27.75
CA VAL E 1014 -36.16 19.71 28.16
C VAL E 1014 -37.53 20.01 27.57
N LYS E 1015 -37.96 21.26 27.64
CA LYS E 1015 -39.28 21.63 27.12
C LYS E 1015 -39.36 21.38 25.61
N ALA E 1016 -38.34 21.82 24.86
CA ALA E 1016 -38.36 21.61 23.41
C ALA E 1016 -38.34 20.13 23.05
N TYR E 1017 -37.51 19.36 23.73
CA TYR E 1017 -37.42 17.93 23.47
C TYR E 1017 -38.77 17.24 23.70
N LEU E 1018 -39.43 17.57 24.81
CA LEU E 1018 -40.74 16.97 25.08
C LEU E 1018 -41.78 17.42 24.05
N ALA E 1019 -41.72 18.69 23.64
CA ALA E 1019 -42.64 19.17 22.61
C ALA E 1019 -42.50 18.38 21.33
N LEU E 1020 -41.27 18.09 20.92
CA LEU E 1020 -41.06 17.25 19.73
C LEU E 1020 -41.49 15.81 19.99
N ARG E 1021 -41.25 15.31 21.20
CA ARG E 1021 -41.65 13.95 21.53
C ARG E 1021 -43.16 13.77 21.38
N HIS E 1022 -43.92 14.80 21.73
CA HIS E 1022 -45.36 14.73 21.51
C HIS E 1022 -45.75 14.72 20.04
N HIS E 1023 -44.86 15.10 19.12
CA HIS E 1023 -45.14 15.10 17.68
C HIS E 1023 -44.29 14.06 16.93
N THR E 1024 -43.75 13.09 17.67
CA THR E 1024 -42.99 11.99 17.09
C THR E 1024 -43.66 11.39 15.84
N ASN E 1025 -44.98 11.15 15.90
CA ASN E 1025 -45.65 10.53 14.76
C ASN E 1025 -45.55 11.39 13.51
N LEU E 1026 -45.79 12.70 13.66
CA LEU E 1026 -45.66 13.62 12.54
C LEU E 1026 -44.24 13.57 11.95
N LEU E 1027 -43.23 13.59 12.81
CA LEU E 1027 -41.86 13.56 12.32
C LEU E 1027 -41.57 12.26 11.54
N ILE E 1028 -41.97 11.12 12.11
CA ILE E 1028 -41.76 9.83 11.46
C ILE E 1028 -42.43 9.81 10.09
N ILE E 1029 -43.66 10.31 10.01
CA ILE E 1029 -44.39 10.30 8.74
C ILE E 1029 -43.69 11.19 7.71
N LEU E 1030 -43.25 12.37 8.14
CA LEU E 1030 -42.59 13.29 7.21
C LEU E 1030 -41.33 12.67 6.61
N PHE E 1031 -40.57 11.92 7.41
CA PHE E 1031 -39.38 11.28 6.84
C PHE E 1031 -39.73 10.06 6.00
N SER E 1032 -40.74 9.29 6.43
CA SER E 1032 -41.17 8.13 5.67
C SER E 1032 -41.59 8.54 4.27
N MET E 1033 -42.30 9.66 4.15
CA MET E 1033 -42.71 10.14 2.82
C MET E 1033 -41.53 10.58 1.95
N MET E 1034 -40.36 10.81 2.55
CA MET E 1034 -39.18 11.26 1.81
C MET E 1034 -38.22 10.13 1.51
N LEU E 1035 -38.46 8.94 2.08
CA LEU E 1035 -37.65 7.77 1.74
C LEU E 1035 -37.43 7.56 0.24
N MET E 1036 -38.37 8.00 -0.61
CA MET E 1036 -38.37 7.62 -2.01
C MET E 1036 -37.72 8.66 -2.93
N THR E 1037 -36.97 9.61 -2.37
CA THR E 1037 -36.28 10.63 -3.14
C THR E 1037 -34.92 10.19 -3.65
N GLY E 1038 -34.37 9.09 -3.14
CA GLY E 1038 -33.01 8.70 -3.46
C GLY E 1038 -31.94 9.49 -2.75
N MET E 1039 -32.26 10.09 -1.61
CA MET E 1039 -31.25 10.80 -0.83
C MET E 1039 -30.30 9.79 -0.17
N PRO E 1040 -28.99 10.03 -0.22
CA PRO E 1040 -28.04 9.01 0.29
C PRO E 1040 -28.16 8.73 1.79
N GLN E 1041 -28.63 9.69 2.58
CA GLN E 1041 -28.72 9.50 4.03
C GLN E 1041 -30.11 9.14 4.50
N LEU E 1042 -31.06 8.94 3.58
CA LEU E 1042 -32.43 8.54 3.93
C LEU E 1042 -32.84 7.50 2.89
N THR E 1043 -32.48 6.24 3.16
CA THR E 1043 -32.67 5.16 2.20
C THR E 1043 -33.62 4.08 2.67
N SER E 1044 -33.78 3.88 3.98
CA SER E 1044 -34.60 2.79 4.50
C SER E 1044 -35.27 3.23 5.80
N LYS E 1045 -36.23 2.42 6.26
CA LYS E 1045 -36.94 2.72 7.49
C LYS E 1045 -36.03 2.65 8.71
N GLU E 1046 -34.97 1.84 8.64
CA GLU E 1046 -34.00 1.78 9.72
C GLU E 1046 -33.39 3.14 9.98
N ASP E 1047 -33.21 3.96 8.94
CA ASP E 1047 -32.76 5.33 9.15
C ASP E 1047 -33.77 6.12 9.98
N ILE E 1048 -35.06 5.88 9.79
CA ILE E 1048 -36.09 6.62 10.51
C ILE E 1048 -36.22 6.14 11.95
N GLU E 1049 -35.90 4.87 12.21
CA GLU E 1049 -35.92 4.37 13.60
C GLU E 1049 -35.04 5.19 14.53
N TYR E 1050 -34.05 5.92 14.00
CA TYR E 1050 -33.26 6.82 14.82
C TYR E 1050 -34.14 7.82 15.56
N ILE E 1051 -35.13 8.38 14.87
CA ILE E 1051 -36.01 9.37 15.51
C ILE E 1051 -36.80 8.72 16.64
N ARG E 1052 -37.32 7.50 16.40
CA ARG E 1052 -38.04 6.79 17.44
C ARG E 1052 -37.18 6.56 18.67
N ASP E 1053 -35.92 6.18 18.45
CA ASP E 1053 -35.04 5.90 19.59
C ASP E 1053 -34.62 7.19 20.30
N ALA E 1054 -34.31 8.23 19.53
CA ALA E 1054 -33.86 9.49 20.14
C ALA E 1054 -34.95 10.11 21.01
N LEU E 1055 -36.20 10.04 20.57
CA LEU E 1055 -37.30 10.59 21.34
C LEU E 1055 -37.80 9.65 22.42
N THR E 1056 -37.16 8.48 22.59
CA THR E 1056 -37.50 7.50 23.63
C THR E 1056 -38.99 7.16 23.60
N VAL E 1057 -39.46 6.76 22.42
CA VAL E 1057 -40.84 6.32 22.28
C VAL E 1057 -41.11 5.14 23.21
N GLY E 1058 -42.27 5.18 23.87
CA GLY E 1058 -42.69 4.13 24.77
C GLY E 1058 -42.26 4.30 26.21
N LYS E 1059 -41.36 5.23 26.51
CA LYS E 1059 -40.99 5.53 27.88
C LYS E 1059 -41.93 6.59 28.48
N SER E 1060 -41.87 6.72 29.80
CA SER E 1060 -42.60 7.78 30.48
C SER E 1060 -41.96 9.14 30.16
N GLU E 1061 -42.74 10.20 30.41
CA GLU E 1061 -42.22 11.55 30.20
C GLU E 1061 -41.10 11.87 31.18
N GLU E 1062 -41.21 11.36 32.41
CA GLU E 1062 -40.14 11.55 33.38
C GLU E 1062 -38.86 10.86 32.92
N ASP E 1063 -38.98 9.63 32.43
CA ASP E 1063 -37.80 8.91 31.94
C ASP E 1063 -37.18 9.62 30.74
N ALA E 1064 -38.02 10.17 29.85
CA ALA E 1064 -37.49 10.88 28.69
C ALA E 1064 -36.75 12.15 29.11
N LYS E 1065 -37.35 12.93 30.02
CA LYS E 1065 -36.69 14.12 30.54
C LYS E 1065 -35.34 13.76 31.17
N LYS E 1066 -35.33 12.73 32.02
CA LYS E 1066 -34.08 12.32 32.66
C LYS E 1066 -33.04 11.88 31.63
N TYR E 1067 -33.47 11.12 30.62
CA TYR E 1067 -32.57 10.66 29.58
C TYR E 1067 -31.93 11.84 28.84
N PHE E 1068 -32.73 12.84 28.49
CA PHE E 1068 -32.15 13.97 27.76
C PHE E 1068 -31.22 14.80 28.65
N LEU E 1069 -31.57 14.97 29.92
CA LEU E 1069 -30.65 15.64 30.83
C LEU E 1069 -29.33 14.86 30.96
N ASP E 1070 -29.41 13.54 30.97
CA ASP E 1070 -28.20 12.72 30.98
C ASP E 1070 -27.36 12.95 29.73
N GLN E 1071 -28.03 13.11 28.58
CA GLN E 1071 -27.30 13.43 27.36
C GLN E 1071 -26.58 14.78 27.49
N ILE E 1072 -27.26 15.77 28.08
CA ILE E 1072 -26.64 17.08 28.30
C ILE E 1072 -25.38 16.94 29.14
N GLU E 1073 -25.45 16.17 30.23
CA GLU E 1073 -24.28 16.03 31.10
C GLU E 1073 -23.17 15.23 30.42
N VAL E 1074 -23.52 14.25 29.59
CA VAL E 1074 -22.50 13.54 28.81
C VAL E 1074 -21.76 14.49 27.89
N CYS E 1075 -22.50 15.38 27.21
CA CYS E 1075 -21.85 16.36 26.34
C CYS E 1075 -20.97 17.32 27.15
N ARG E 1076 -21.46 17.73 28.33
CA ARG E 1076 -20.68 18.62 29.18
C ARG E 1076 -19.37 17.97 29.63
N ASP E 1077 -19.44 16.70 30.03
CA ASP E 1077 -18.24 16.01 30.49
C ASP E 1077 -17.27 15.73 29.36
N LYS E 1078 -17.77 15.43 28.17
CA LYS E 1078 -16.94 15.08 27.03
C LYS E 1078 -16.78 16.25 26.05
N SER F 3 -82.00 -47.04 -21.83
CA SER F 3 -81.50 -45.68 -22.00
C SER F 3 -80.15 -45.50 -21.30
N SER F 4 -79.94 -46.28 -20.23
CA SER F 4 -78.70 -46.19 -19.48
C SER F 4 -77.54 -46.82 -20.23
N ASP F 5 -77.80 -47.88 -21.00
CA ASP F 5 -76.74 -48.55 -21.74
C ASP F 5 -76.25 -47.68 -22.89
N VAL F 6 -77.18 -47.01 -23.56
CA VAL F 6 -76.82 -46.11 -24.65
C VAL F 6 -76.04 -44.92 -24.12
N GLU F 7 -76.48 -44.37 -22.97
CA GLU F 7 -75.75 -43.29 -22.32
C GLU F 7 -74.32 -43.71 -21.98
N LEU F 8 -74.15 -44.89 -21.38
CA LEU F 8 -72.81 -45.35 -21.04
C LEU F 8 -71.95 -45.57 -22.28
N ASP F 9 -72.56 -46.06 -23.36
CA ASP F 9 -71.82 -46.31 -24.59
C ASP F 9 -71.29 -45.00 -25.17
N PHE F 10 -72.16 -43.98 -25.24
CA PHE F 10 -71.73 -42.67 -25.71
C PHE F 10 -70.67 -42.06 -24.79
N GLN F 11 -70.82 -42.22 -23.47
CA GLN F 11 -69.83 -41.71 -22.54
C GLN F 11 -68.46 -42.34 -22.78
N ARG F 12 -68.44 -43.65 -23.04
CA ARG F 12 -67.18 -44.32 -23.32
C ARG F 12 -66.55 -43.77 -24.60
N SER F 13 -67.35 -43.52 -25.63
CA SER F 13 -66.78 -42.96 -26.86
C SER F 13 -66.17 -41.58 -26.60
N VAL F 14 -66.89 -40.73 -25.85
CA VAL F 14 -66.37 -39.40 -25.55
C VAL F 14 -65.08 -39.49 -24.74
N GLN F 15 -65.03 -40.43 -23.79
CA GLN F 15 -63.82 -40.60 -22.99
C GLN F 15 -62.65 -41.07 -23.86
N ALA F 16 -62.92 -41.89 -24.88
CA ALA F 16 -61.87 -42.30 -25.79
C ALA F 16 -61.28 -41.09 -26.52
N VAL F 17 -62.16 -40.19 -26.98
CA VAL F 17 -61.66 -38.98 -27.65
C VAL F 17 -60.83 -38.14 -26.68
N LEU F 18 -61.30 -38.01 -25.43
CA LEU F 18 -60.56 -37.22 -24.45
C LEU F 18 -59.20 -37.82 -24.15
N ARG F 19 -59.13 -39.15 -24.05
CA ARG F 19 -57.84 -39.81 -23.82
C ARG F 19 -56.90 -39.58 -25.01
N GLU F 20 -57.44 -39.61 -26.22
CA GLU F 20 -56.60 -39.30 -27.38
C GLU F 20 -56.07 -37.88 -27.31
N LEU F 21 -56.85 -36.96 -26.75
CA LEU F 21 -56.37 -35.57 -26.67
C LEU F 21 -55.38 -35.34 -25.54
N ASN F 22 -55.52 -36.07 -24.43
CA ASN F 22 -54.68 -35.79 -23.27
C ASN F 22 -53.33 -36.50 -23.31
N THR F 23 -53.22 -37.61 -24.03
CA THR F 23 -51.99 -38.39 -24.11
C THR F 23 -51.49 -38.40 -25.55
N PRO F 24 -50.86 -37.31 -26.03
CA PRO F 24 -50.30 -37.32 -27.40
C PRO F 24 -49.17 -38.32 -27.55
N ASN F 25 -49.46 -39.60 -27.37
CA ASN F 25 -48.48 -40.67 -27.55
C ASN F 25 -48.36 -41.05 -29.02
N GLN F 29 -50.45 -43.92 -33.10
CA GLN F 29 -50.50 -43.07 -34.30
C GLN F 29 -51.46 -43.63 -35.34
N SER F 30 -51.66 -44.94 -35.33
CA SER F 30 -52.41 -45.57 -36.41
C SER F 30 -53.92 -45.39 -36.26
N ASN F 31 -54.40 -45.06 -35.06
CA ASN F 31 -55.84 -44.90 -34.83
C ASN F 31 -56.19 -43.48 -34.49
N GLN F 32 -55.27 -42.54 -34.64
CA GLN F 32 -55.54 -41.16 -34.29
C GLN F 32 -56.53 -40.56 -35.26
N GLY F 33 -57.57 -39.93 -34.72
CA GLY F 33 -58.63 -39.35 -35.53
C GLY F 33 -59.79 -40.27 -35.78
N MET F 34 -59.63 -41.58 -35.56
CA MET F 34 -60.70 -42.53 -35.80
C MET F 34 -61.78 -42.46 -34.73
N TRP F 35 -61.43 -42.05 -33.52
CA TRP F 35 -62.40 -42.03 -32.43
C TRP F 35 -63.47 -40.97 -32.65
N ARG F 36 -63.05 -39.74 -33.01
CA ARG F 36 -64.01 -38.68 -33.33
C ARG F 36 -64.94 -39.12 -34.46
N TRP F 37 -64.37 -39.66 -35.53
CA TRP F 37 -65.16 -40.12 -36.67
C TRP F 37 -66.16 -41.19 -36.26
N SER F 38 -65.72 -42.16 -35.44
CA SER F 38 -66.62 -43.21 -34.98
C SER F 38 -67.76 -42.63 -34.16
N LEU F 39 -67.48 -41.63 -33.31
CA LEU F 39 -68.52 -40.98 -32.54
C LEU F 39 -69.55 -40.33 -33.46
N HIS F 40 -69.08 -39.60 -34.48
CA HIS F 40 -69.99 -38.96 -35.41
C HIS F 40 -70.83 -39.99 -36.17
N LYS F 41 -70.22 -41.11 -36.55
CA LYS F 41 -70.98 -42.15 -37.23
C LYS F 41 -72.03 -42.75 -36.32
N LYS F 42 -71.68 -42.96 -35.06
CA LYS F 42 -72.61 -43.50 -34.08
C LYS F 42 -73.83 -42.60 -33.91
N VAL F 43 -73.60 -41.28 -33.84
CA VAL F 43 -74.77 -40.40 -33.70
C VAL F 43 -75.56 -40.36 -35.00
N GLU F 44 -74.88 -40.46 -36.15
CA GLU F 44 -75.59 -40.50 -37.43
C GLU F 44 -76.49 -41.73 -37.53
N ARG F 45 -76.08 -42.84 -36.92
CA ARG F 45 -76.88 -44.06 -36.99
C ARG F 45 -78.06 -44.04 -36.01
N ASN F 46 -77.98 -43.26 -34.93
CA ASN F 46 -79.05 -43.15 -33.95
C ASN F 46 -79.32 -41.67 -33.67
N PRO F 47 -79.99 -40.99 -34.60
CA PRO F 47 -80.20 -39.54 -34.42
C PRO F 47 -81.09 -39.20 -33.24
N GLY F 48 -82.07 -40.05 -32.93
CA GLY F 48 -82.95 -39.80 -31.80
C GLY F 48 -82.25 -39.76 -30.45
N LYS F 49 -80.98 -40.15 -30.40
CA LYS F 49 -80.20 -40.12 -29.17
C LYS F 49 -79.26 -38.93 -29.11
N SER F 50 -79.40 -37.99 -30.06
CA SER F 50 -78.47 -36.86 -30.12
C SER F 50 -78.48 -36.08 -28.82
N SER F 51 -79.68 -35.87 -28.25
CA SER F 51 -79.78 -35.12 -27.00
C SER F 51 -78.89 -35.74 -25.94
N ILE F 52 -78.88 -37.08 -25.87
CA ILE F 52 -78.04 -37.77 -24.92
C ILE F 52 -76.60 -37.29 -25.06
N LEU F 53 -76.07 -37.38 -26.29
CA LEU F 53 -74.69 -36.97 -26.52
C LEU F 53 -74.49 -35.52 -26.10
N VAL F 54 -75.45 -34.66 -26.44
CA VAL F 54 -75.31 -33.25 -26.11
C VAL F 54 -75.06 -33.10 -24.62
N ARG F 55 -75.89 -33.75 -23.80
CA ARG F 55 -75.75 -33.60 -22.37
C ARG F 55 -74.34 -34.01 -21.95
N ILE F 56 -73.89 -35.16 -22.43
CA ILE F 56 -72.56 -35.64 -22.05
C ILE F 56 -71.52 -34.58 -22.39
N LEU F 57 -71.57 -34.09 -23.64
CA LEU F 57 -70.58 -33.11 -24.05
C LEU F 57 -70.62 -31.91 -23.13
N LEU F 58 -71.82 -31.40 -22.85
CA LEU F 58 -71.92 -30.23 -22.00
C LEU F 58 -71.29 -30.51 -20.65
N ARG F 59 -71.61 -31.67 -20.06
CA ARG F 59 -71.02 -31.99 -18.77
C ARG F 59 -69.51 -31.99 -18.87
N GLU F 60 -68.96 -32.69 -19.87
CA GLU F 60 -67.51 -32.73 -19.99
C GLU F 60 -66.97 -31.32 -20.19
N LEU F 61 -67.63 -30.54 -21.02
CA LEU F 61 -67.18 -29.17 -21.24
C LEU F 61 -67.13 -28.42 -19.93
N GLU F 62 -68.22 -28.49 -19.16
CA GLU F 62 -68.25 -27.81 -17.88
C GLU F 62 -67.12 -28.31 -16.99
N LYS F 63 -66.94 -29.63 -16.96
CA LYS F 63 -65.84 -30.19 -16.17
C LYS F 63 -64.51 -29.60 -16.62
N ALA F 64 -64.29 -29.57 -17.94
CA ALA F 64 -63.04 -29.03 -18.47
C ALA F 64 -62.86 -27.58 -18.04
N GLU F 65 -63.94 -26.80 -18.01
CA GLU F 65 -63.80 -25.41 -17.60
C GLU F 65 -63.41 -25.32 -16.12
N SER F 66 -63.95 -26.20 -15.27
CA SER F 66 -63.67 -26.12 -13.85
C SER F 66 -62.25 -26.58 -13.53
N GLU F 67 -61.73 -27.54 -14.28
CA GLU F 67 -60.40 -28.10 -14.03
C GLU F 67 -59.32 -27.44 -14.87
N ASP F 68 -59.65 -26.36 -15.58
CA ASP F 68 -58.71 -25.65 -16.45
C ASP F 68 -58.09 -26.61 -17.47
N GLY F 69 -58.92 -27.53 -17.97
CA GLY F 69 -58.50 -28.44 -19.02
C GLY F 69 -58.67 -27.83 -20.39
N ARG F 70 -57.82 -26.87 -20.74
CA ARG F 70 -58.00 -26.06 -21.96
C ARG F 70 -57.78 -26.84 -23.25
N ARG F 71 -57.01 -27.94 -23.21
CA ARG F 71 -56.67 -28.64 -24.43
C ARG F 71 -57.87 -29.35 -25.04
N VAL F 72 -58.92 -29.59 -24.25
CA VAL F 72 -60.08 -30.35 -24.70
C VAL F 72 -61.29 -29.47 -24.96
N ILE F 73 -61.24 -28.19 -24.61
CA ILE F 73 -62.43 -27.33 -24.70
C ILE F 73 -62.88 -27.16 -26.15
N ILE F 74 -61.96 -26.73 -27.02
CA ILE F 74 -62.32 -26.42 -28.40
C ILE F 74 -62.73 -27.69 -29.15
N PRO F 75 -62.03 -28.83 -29.00
CA PRO F 75 -62.53 -30.05 -29.67
C PRO F 75 -63.93 -30.43 -29.23
N LEU F 76 -64.21 -30.42 -27.93
CA LEU F 76 -65.54 -30.78 -27.46
C LEU F 76 -66.58 -29.77 -27.93
N LEU F 77 -66.24 -28.49 -27.92
CA LEU F 77 -67.17 -27.47 -28.39
C LEU F 77 -67.50 -27.68 -29.86
N LEU F 78 -66.50 -27.95 -30.69
CA LEU F 78 -66.74 -28.13 -32.11
C LEU F 78 -67.52 -29.42 -32.38
N THR F 79 -67.26 -30.46 -31.58
CA THR F 79 -68.06 -31.67 -31.70
C THR F 79 -69.51 -31.40 -31.36
N LEU F 80 -69.74 -30.64 -30.28
CA LEU F 80 -71.09 -30.26 -29.90
C LEU F 80 -71.78 -29.50 -31.03
N MET F 81 -71.06 -28.55 -31.65
CA MET F 81 -71.65 -27.78 -32.73
C MET F 81 -71.96 -28.66 -33.94
N SER F 82 -71.05 -29.57 -34.28
CA SER F 82 -71.29 -30.50 -35.38
C SER F 82 -72.54 -31.33 -35.13
N VAL F 83 -72.73 -31.79 -33.89
CA VAL F 83 -73.91 -32.58 -33.58
C VAL F 83 -75.16 -31.71 -33.65
N LEU F 84 -75.10 -30.49 -33.12
CA LEU F 84 -76.28 -29.63 -33.08
C LEU F 84 -76.70 -29.19 -34.47
N THR F 85 -75.77 -29.14 -35.41
CA THR F 85 -76.12 -28.73 -36.77
C THR F 85 -77.07 -29.72 -37.43
N LYS F 86 -76.96 -31.01 -37.07
CA LYS F 86 -77.75 -32.06 -37.71
C LYS F 86 -78.91 -32.53 -36.85
N ALA F 87 -78.88 -32.27 -35.54
CA ALA F 87 -79.82 -32.88 -34.63
C ALA F 87 -81.20 -32.23 -34.70
N THR F 88 -82.23 -33.04 -34.51
CA THR F 88 -83.60 -32.57 -34.34
C THR F 88 -84.12 -33.03 -32.99
N GLY F 89 -85.07 -32.28 -32.45
CA GLY F 89 -85.67 -32.65 -31.18
C GLY F 89 -84.84 -32.33 -29.97
N ILE F 90 -83.87 -31.42 -30.08
CA ILE F 90 -83.05 -31.01 -28.94
C ILE F 90 -83.86 -30.06 -28.06
N PRO F 91 -84.02 -30.36 -26.77
CA PRO F 91 -84.81 -29.49 -25.91
C PRO F 91 -84.17 -28.12 -25.77
N GLU F 92 -85.01 -27.11 -25.51
CA GLU F 92 -84.56 -25.73 -25.46
C GLU F 92 -83.57 -25.51 -24.32
N ASP F 93 -83.75 -26.20 -23.20
CA ASP F 93 -82.86 -26.01 -22.05
C ASP F 93 -81.42 -26.38 -22.39
N LEU F 94 -81.22 -27.40 -23.22
CA LEU F 94 -79.86 -27.75 -23.62
C LEU F 94 -79.24 -26.66 -24.47
N TYR F 95 -80.03 -26.04 -25.34
CA TYR F 95 -79.54 -24.90 -26.12
C TYR F 95 -79.14 -23.75 -25.21
N HIS F 96 -79.98 -23.46 -24.20
CA HIS F 96 -79.64 -22.39 -23.27
C HIS F 96 -78.38 -22.71 -22.48
N ARG F 97 -78.22 -23.97 -22.08
CA ARG F 97 -77.02 -24.38 -21.35
C ARG F 97 -75.78 -24.20 -22.20
N ALA F 98 -75.84 -24.64 -23.46
CA ALA F 98 -74.70 -24.46 -24.36
C ALA F 98 -74.39 -22.99 -24.58
N TYR F 99 -75.43 -22.18 -24.79
CA TYR F 99 -75.20 -20.74 -25.00
C TYR F 99 -74.58 -20.10 -23.77
N THR F 100 -75.06 -20.46 -22.58
CA THR F 100 -74.49 -19.92 -21.36
C THR F 100 -73.03 -20.31 -21.21
N PHE F 101 -72.70 -21.57 -21.53
CA PHE F 101 -71.32 -22.02 -21.50
C PHE F 101 -70.46 -21.19 -22.46
N CYS F 102 -70.94 -21.02 -23.70
CA CYS F 102 -70.20 -20.23 -24.67
C CYS F 102 -69.97 -18.81 -24.18
N THR F 103 -70.99 -18.19 -23.59
CA THR F 103 -70.84 -16.83 -23.08
C THR F 103 -69.83 -16.79 -21.94
N ARG F 104 -69.81 -17.83 -21.10
CA ARG F 104 -68.81 -17.90 -20.05
C ARG F 104 -67.41 -18.00 -20.62
N LEU F 105 -67.27 -18.69 -21.76
CA LEU F 105 -65.96 -18.82 -22.38
C LEU F 105 -65.42 -17.51 -22.93
N LEU F 106 -66.24 -16.46 -23.02
CA LEU F 106 -65.74 -15.17 -23.47
C LEU F 106 -64.71 -14.60 -22.50
N THR F 107 -64.65 -15.11 -21.27
CA THR F 107 -63.60 -14.78 -20.33
C THR F 107 -62.30 -15.47 -20.64
N LEU F 108 -62.32 -16.43 -21.55
CA LEU F 108 -61.05 -17.04 -21.91
C LEU F 108 -60.35 -16.20 -22.98
N PRO F 109 -59.02 -16.26 -23.03
CA PRO F 109 -58.27 -15.63 -24.11
C PRO F 109 -58.52 -16.29 -25.45
N ALA F 110 -58.14 -15.56 -26.49
CA ALA F 110 -58.09 -16.12 -27.82
C ALA F 110 -57.18 -17.35 -27.81
N PRO F 111 -57.56 -18.44 -28.48
CA PRO F 111 -58.65 -18.50 -29.45
C PRO F 111 -59.98 -18.95 -28.86
N TYR F 112 -60.01 -19.25 -27.56
CA TYR F 112 -61.22 -19.81 -26.97
C TYR F 112 -62.37 -18.80 -27.04
N SER F 113 -62.08 -17.52 -26.78
CA SER F 113 -63.14 -16.52 -26.83
C SER F 113 -63.66 -16.33 -28.25
N THR F 114 -62.78 -16.40 -29.25
CA THR F 114 -63.21 -16.18 -30.62
C THR F 114 -64.09 -17.33 -31.11
N VAL F 115 -63.65 -18.56 -30.87
CA VAL F 115 -64.43 -19.72 -31.26
C VAL F 115 -65.76 -19.73 -30.49
N ALA F 116 -65.69 -19.40 -29.21
CA ALA F 116 -66.89 -19.36 -28.38
C ALA F 116 -67.85 -18.29 -28.87
N LEU F 117 -67.34 -17.15 -29.35
CA LEU F 117 -68.21 -16.10 -29.86
C LEU F 117 -68.93 -16.56 -31.13
N ASP F 118 -68.18 -17.18 -32.04
CA ASP F 118 -68.80 -17.72 -33.25
C ASP F 118 -69.89 -18.71 -32.89
N CYS F 119 -69.58 -19.62 -31.95
CA CYS F 119 -70.54 -20.63 -31.54
C CYS F 119 -71.75 -20.00 -30.86
N ALA F 120 -71.55 -18.96 -30.03
CA ALA F 120 -72.65 -18.32 -29.33
C ALA F 120 -73.61 -17.64 -30.30
N ILE F 121 -73.06 -17.01 -31.34
CA ILE F 121 -73.92 -16.39 -32.34
C ILE F 121 -74.80 -17.46 -33.00
N ARG F 122 -74.15 -18.56 -33.44
CA ARG F 122 -74.92 -19.61 -34.11
C ARG F 122 -75.94 -20.23 -33.17
N LEU F 123 -75.55 -20.43 -31.91
CA LEU F 123 -76.42 -21.09 -30.94
C LEU F 123 -77.62 -20.22 -30.59
N LYS F 124 -77.42 -18.91 -30.47
CA LYS F 124 -78.55 -18.04 -30.22
C LYS F 124 -79.56 -18.13 -31.35
N THR F 125 -79.09 -18.00 -32.58
CA THR F 125 -80.03 -18.06 -33.70
C THR F 125 -80.74 -19.42 -33.74
N GLU F 126 -80.00 -20.50 -33.48
CA GLU F 126 -80.61 -21.83 -33.52
C GLU F 126 -81.60 -22.04 -32.38
N THR F 127 -81.32 -21.47 -31.20
CA THR F 127 -82.25 -21.58 -30.07
C THR F 127 -83.56 -20.87 -30.38
N ALA F 128 -83.48 -19.70 -31.03
CA ALA F 128 -84.73 -19.00 -31.32
C ALA F 128 -85.45 -19.63 -32.51
N VAL F 129 -84.72 -20.08 -33.52
CA VAL F 129 -85.30 -20.61 -34.75
C VAL F 129 -84.65 -21.97 -35.06
N PRO F 130 -85.09 -23.05 -34.42
CA PRO F 130 -84.46 -24.35 -34.64
C PRO F 130 -84.52 -24.78 -36.10
N GLY F 131 -83.42 -25.33 -36.59
CA GLY F 131 -83.30 -25.75 -37.96
C GLY F 131 -82.56 -24.76 -38.83
N THR F 132 -82.25 -23.57 -38.30
CA THR F 132 -81.58 -22.55 -39.09
C THR F 132 -80.20 -23.01 -39.54
N LEU F 133 -79.44 -23.62 -38.64
CA LEU F 133 -78.08 -24.05 -38.97
C LEU F 133 -78.10 -25.06 -40.11
N TYR F 134 -78.94 -26.10 -39.99
CA TYR F 134 -79.02 -27.12 -41.03
C TYR F 134 -79.44 -26.53 -42.37
N GLN F 135 -80.52 -25.75 -42.37
CA GLN F 135 -81.02 -25.15 -43.60
C GLN F 135 -79.95 -24.30 -44.26
N ARG F 136 -79.31 -23.40 -43.49
CA ARG F 136 -78.33 -22.51 -44.07
C ARG F 136 -77.12 -23.27 -44.61
N THR F 137 -76.68 -24.29 -43.87
CA THR F 137 -75.55 -25.09 -44.34
C THR F 137 -75.87 -25.77 -45.65
N VAL F 138 -77.06 -26.39 -45.74
CA VAL F 138 -77.40 -27.12 -46.94
C VAL F 138 -77.57 -26.17 -48.12
N ILE F 139 -78.25 -25.04 -47.90
CA ILE F 139 -78.49 -24.09 -48.98
C ILE F 139 -77.17 -23.54 -49.50
N ALA F 140 -76.27 -23.16 -48.60
CA ALA F 140 -75.01 -22.56 -49.03
C ALA F 140 -74.11 -23.58 -49.71
N GLU F 141 -74.05 -24.80 -49.18
CA GLU F 141 -73.09 -25.77 -49.68
C GLU F 141 -73.56 -26.47 -50.95
N GLN F 142 -74.88 -26.57 -51.15
CA GLN F 142 -75.42 -27.24 -52.31
C GLN F 142 -75.90 -26.27 -53.38
N ASN F 143 -75.65 -24.97 -53.20
CA ASN F 143 -75.98 -23.94 -54.17
C ASN F 143 -77.46 -23.98 -54.56
N LEU F 144 -78.31 -24.21 -53.56
CA LEU F 144 -79.75 -24.16 -53.79
C LEU F 144 -80.18 -22.70 -53.95
N ILE F 145 -81.06 -22.46 -54.92
CA ILE F 145 -81.49 -21.11 -55.23
C ILE F 145 -82.47 -20.63 -54.16
N SER F 146 -82.13 -19.53 -53.49
CA SER F 146 -83.01 -18.94 -52.50
C SER F 146 -82.77 -17.44 -52.47
N GLU F 147 -83.84 -16.66 -52.68
CA GLU F 147 -83.71 -15.20 -52.65
C GLU F 147 -83.46 -14.70 -51.24
N LEU F 148 -84.04 -15.37 -50.24
CA LEU F 148 -83.93 -14.91 -48.86
C LEU F 148 -82.62 -15.33 -48.21
N TYR F 149 -81.95 -16.32 -48.78
CA TYR F 149 -80.62 -16.74 -48.31
C TYR F 149 -79.75 -17.01 -49.54
N PRO F 150 -79.16 -15.96 -50.10
CA PRO F 150 -78.44 -16.11 -51.38
C PRO F 150 -77.01 -16.63 -51.25
N TYR F 151 -76.56 -16.95 -50.05
CA TYR F 151 -75.16 -17.32 -49.86
C TYR F 151 -74.86 -18.66 -50.51
N GLN F 152 -73.70 -18.76 -51.14
CA GLN F 152 -73.25 -19.97 -51.79
C GLN F 152 -71.83 -20.28 -51.35
N GLU F 153 -71.54 -21.56 -51.14
CA GLU F 153 -70.22 -22.01 -50.74
C GLU F 153 -69.79 -23.15 -51.64
N ARG F 154 -68.48 -23.21 -51.91
CA ARG F 154 -67.95 -24.32 -52.69
C ARG F 154 -66.55 -24.67 -52.21
N VAL F 155 -66.25 -25.97 -52.17
CA VAL F 155 -64.94 -26.48 -51.82
C VAL F 155 -64.21 -26.83 -53.11
N PHE F 156 -63.02 -26.24 -53.29
CA PHE F 156 -62.16 -26.51 -54.43
C PHE F 156 -60.98 -27.35 -53.96
N LEU F 157 -60.95 -28.61 -54.40
CA LEU F 157 -59.91 -29.55 -53.99
C LEU F 157 -58.81 -29.54 -55.04
N PHE F 158 -57.61 -29.08 -54.65
CA PHE F 158 -56.47 -29.00 -55.54
C PHE F 158 -55.41 -30.01 -55.12
N VAL F 159 -54.91 -30.75 -56.12
CA VAL F 159 -53.90 -31.79 -55.94
C VAL F 159 -52.88 -31.64 -57.07
N ASP F 160 -51.61 -31.70 -56.71
CA ASP F 160 -50.54 -31.71 -57.71
C ASP F 160 -50.33 -33.14 -58.20
N PRO F 161 -50.56 -33.44 -59.48
CA PRO F 161 -50.44 -34.83 -59.95
C PRO F 161 -49.02 -35.39 -59.83
N GLU F 162 -48.01 -34.54 -59.79
CA GLU F 162 -46.64 -35.01 -59.62
C GLU F 162 -46.31 -35.34 -58.18
N LEU F 163 -47.10 -34.83 -57.23
CA LEU F 163 -46.86 -35.04 -55.80
C LEU F 163 -47.71 -36.15 -55.22
N VAL F 164 -48.92 -36.34 -55.73
CA VAL F 164 -49.86 -37.34 -55.22
C VAL F 164 -50.12 -38.36 -56.32
N SER F 165 -50.10 -39.64 -55.96
CA SER F 165 -50.24 -40.71 -56.94
C SER F 165 -51.62 -40.68 -57.60
N ALA F 166 -51.68 -41.22 -58.82
CA ALA F 166 -52.94 -41.30 -59.54
C ALA F 166 -53.95 -42.18 -58.82
N SER F 167 -53.48 -43.18 -58.07
CA SER F 167 -54.41 -44.05 -57.33
C SER F 167 -55.13 -43.27 -56.24
N VAL F 168 -54.41 -42.39 -55.54
CA VAL F 168 -55.05 -41.54 -54.54
C VAL F 168 -56.09 -40.66 -55.19
N CYS F 169 -55.73 -40.05 -56.32
CA CYS F 169 -56.65 -39.15 -57.01
C CYS F 169 -57.91 -39.88 -57.44
N SER F 170 -57.75 -41.08 -58.00
CA SER F 170 -58.91 -41.84 -58.45
C SER F 170 -59.80 -42.26 -57.30
N ALA F 171 -59.20 -42.73 -56.19
CA ALA F 171 -60.01 -43.14 -55.05
C ALA F 171 -60.79 -41.95 -54.47
N LEU F 172 -60.13 -40.80 -54.34
CA LEU F 172 -60.81 -39.63 -53.80
C LEU F 172 -61.92 -39.16 -54.74
N LEU F 173 -61.65 -39.19 -56.05
CA LEU F 173 -62.65 -38.82 -57.04
C LEU F 173 -63.85 -39.74 -56.95
N LEU F 174 -63.62 -41.04 -56.74
CA LEU F 174 -64.73 -41.98 -56.66
C LEU F 174 -65.57 -41.72 -55.42
N GLU F 175 -64.92 -41.45 -54.28
CA GLU F 175 -65.70 -41.18 -53.07
C GLU F 175 -66.53 -39.91 -53.24
N ILE F 176 -65.94 -38.86 -53.81
CA ILE F 176 -66.66 -37.59 -53.97
C ILE F 176 -67.82 -37.76 -54.94
N GLN F 177 -67.59 -38.44 -56.06
CA GLN F 177 -68.66 -38.64 -57.03
C GLN F 177 -69.78 -39.49 -56.47
N ALA F 178 -69.44 -40.54 -55.73
CA ALA F 178 -70.47 -41.37 -55.10
C ALA F 178 -71.30 -40.55 -54.13
N ALA F 179 -70.68 -39.64 -53.38
CA ALA F 179 -71.46 -38.81 -52.47
C ALA F 179 -72.35 -37.82 -53.23
N GLN F 180 -71.83 -37.24 -54.32
CA GLN F 180 -72.57 -36.19 -55.02
C GLN F 180 -73.70 -36.75 -55.88
N GLU F 181 -73.59 -38.00 -56.34
CA GLU F 181 -74.67 -38.59 -57.12
C GLU F 181 -75.94 -38.76 -56.30
N GLN F 182 -75.80 -38.95 -54.99
CA GLN F 182 -76.94 -39.10 -54.10
C GLN F 182 -77.49 -37.77 -53.62
N GLN F 183 -76.78 -36.68 -53.86
CA GLN F 183 -77.17 -35.35 -53.37
C GLN F 183 -77.77 -34.51 -54.50
N THR F 184 -78.88 -34.98 -55.04
CA THR F 184 -79.58 -34.19 -56.05
C THR F 184 -80.30 -33.01 -55.40
N PRO F 185 -80.48 -31.91 -56.13
CA PRO F 185 -81.21 -30.76 -55.57
C PRO F 185 -82.56 -31.13 -54.96
N GLU F 186 -83.30 -32.04 -55.59
CA GLU F 186 -84.59 -32.45 -55.03
C GLU F 186 -84.42 -33.14 -53.69
N ALA F 187 -83.43 -34.03 -53.58
CA ALA F 187 -83.18 -34.71 -52.31
C ALA F 187 -82.78 -33.73 -51.22
N CYS F 188 -81.96 -32.73 -51.56
CA CYS F 188 -81.54 -31.75 -50.58
C CYS F 188 -82.71 -30.87 -50.14
N MET F 189 -83.58 -30.48 -51.07
CA MET F 189 -84.78 -29.72 -50.70
C MET F 189 -85.67 -30.54 -49.78
N ARG F 190 -85.86 -31.83 -50.10
CA ARG F 190 -86.61 -32.72 -49.23
C ARG F 190 -86.00 -32.76 -47.83
N HIS F 191 -84.68 -32.85 -47.76
CA HIS F 191 -84.01 -32.89 -46.47
C HIS F 191 -84.21 -31.60 -45.70
N VAL F 192 -84.13 -30.45 -46.38
CA VAL F 192 -84.31 -29.17 -45.71
C VAL F 192 -85.72 -29.07 -45.13
N VAL F 193 -86.73 -29.42 -45.93
CA VAL F 193 -88.11 -29.33 -45.45
C VAL F 193 -88.32 -30.27 -44.28
N SER F 194 -87.88 -31.52 -44.43
CA SER F 194 -88.07 -32.51 -43.36
C SER F 194 -87.37 -32.07 -42.09
N HIS F 195 -86.11 -31.65 -42.19
CA HIS F 195 -85.34 -31.27 -41.02
C HIS F 195 -85.93 -30.05 -40.33
N ALA F 196 -86.34 -29.04 -41.10
CA ALA F 196 -86.93 -27.85 -40.48
C ALA F 196 -88.23 -28.20 -39.76
N LEU F 197 -89.13 -28.92 -40.43
CA LEU F 197 -90.40 -29.26 -39.79
C LEU F 197 -90.17 -30.12 -38.56
N GLN F 198 -89.20 -31.04 -38.62
CA GLN F 198 -88.93 -31.90 -37.48
C GLN F 198 -88.29 -31.12 -36.34
N ALA F 199 -87.28 -30.30 -36.62
CA ALA F 199 -86.62 -29.52 -35.58
C ALA F 199 -87.58 -28.59 -34.88
N ALA F 200 -88.58 -28.07 -35.60
CA ALA F 200 -89.52 -27.15 -34.98
C ALA F 200 -90.61 -27.89 -34.22
N LEU F 201 -91.16 -28.96 -34.79
CA LEU F 201 -92.33 -29.63 -34.23
C LEU F 201 -91.98 -30.75 -33.24
N GLY F 202 -90.73 -31.20 -33.19
CA GLY F 202 -90.33 -32.25 -32.27
C GLY F 202 -91.15 -33.51 -32.47
N GLU F 203 -91.77 -33.97 -31.38
CA GLU F 203 -92.54 -35.20 -31.40
C GLU F 203 -93.87 -35.04 -32.12
N ALA F 204 -94.33 -33.81 -32.33
CA ALA F 204 -95.58 -33.57 -33.04
C ALA F 204 -95.46 -33.80 -34.55
N CYS F 205 -94.26 -33.99 -35.06
CA CYS F 205 -94.03 -34.20 -36.49
C CYS F 205 -94.08 -35.71 -36.78
N HIS F 206 -95.07 -36.13 -37.54
CA HIS F 206 -95.18 -37.52 -38.00
C HIS F 206 -94.18 -37.71 -39.13
N THR F 207 -92.99 -38.18 -38.79
CA THR F 207 -91.89 -38.21 -39.74
C THR F 207 -92.18 -39.15 -40.91
N GLY F 208 -92.82 -40.30 -40.65
CA GLY F 208 -93.12 -41.22 -41.72
C GLY F 208 -94.06 -40.65 -42.76
N ALA F 209 -95.19 -40.11 -42.30
CA ALA F 209 -96.15 -39.50 -43.22
C ALA F 209 -95.51 -38.33 -43.97
N LEU F 210 -94.70 -37.54 -43.28
CA LEU F 210 -94.02 -36.42 -43.91
C LEU F 210 -93.10 -36.89 -45.03
N ASN F 211 -92.28 -37.91 -44.75
CA ASN F 211 -91.36 -38.42 -45.76
C ASN F 211 -92.10 -39.01 -46.95
N ARG F 212 -93.19 -39.75 -46.70
CA ARG F 212 -93.96 -40.32 -47.80
C ARG F 212 -94.56 -39.22 -48.67
N LYS F 213 -95.17 -38.21 -48.03
CA LYS F 213 -95.77 -37.11 -48.79
C LYS F 213 -94.73 -36.37 -49.62
N LEU F 214 -93.55 -36.12 -49.03
CA LEU F 214 -92.51 -35.40 -49.76
C LEU F 214 -91.96 -36.23 -50.92
N GLN F 215 -91.77 -37.53 -50.71
CA GLN F 215 -91.28 -38.39 -51.79
C GLN F 215 -92.29 -38.51 -52.92
N ALA F 216 -93.59 -38.46 -52.61
CA ALA F 216 -94.61 -38.60 -53.64
C ALA F 216 -94.89 -37.29 -54.38
N SER F 217 -94.40 -36.16 -53.88
CA SER F 217 -94.72 -34.86 -54.46
C SER F 217 -93.89 -34.60 -55.72
N SER F 218 -94.49 -33.87 -56.66
CA SER F 218 -93.77 -33.42 -57.85
C SER F 218 -92.70 -32.40 -57.45
N ARG F 219 -91.79 -32.13 -58.40
CA ARG F 219 -90.72 -31.17 -58.15
C ARG F 219 -91.25 -29.78 -57.82
N ARG F 220 -92.31 -29.35 -58.51
CA ARG F 220 -92.86 -28.01 -58.28
C ARG F 220 -93.39 -27.86 -56.86
N VAL F 221 -94.13 -28.85 -56.38
CA VAL F 221 -94.69 -28.80 -55.03
C VAL F 221 -93.57 -28.78 -53.99
N LEU F 222 -92.55 -29.61 -54.20
CA LEU F 222 -91.39 -29.64 -53.31
C LEU F 222 -90.70 -28.29 -53.25
N GLU F 223 -90.51 -27.66 -54.41
CA GLU F 223 -89.90 -26.33 -54.45
C GLU F 223 -90.75 -25.31 -53.72
N TYR F 224 -92.07 -25.38 -53.89
CA TYR F 224 -92.97 -24.47 -53.17
C TYR F 224 -92.78 -24.60 -51.66
N TYR F 225 -92.82 -25.84 -51.16
CA TYR F 225 -92.72 -26.01 -49.71
C TYR F 225 -91.32 -25.69 -49.19
N PHE F 226 -90.29 -26.02 -49.96
CA PHE F 226 -88.92 -25.59 -49.64
C PHE F 226 -88.85 -24.08 -49.47
N HIS F 227 -89.39 -23.35 -50.44
CA HIS F 227 -89.34 -21.89 -50.37
C HIS F 227 -90.17 -21.36 -49.21
N ALA F 228 -91.31 -21.99 -48.91
CA ALA F 228 -92.12 -21.55 -47.78
C ALA F 228 -91.37 -21.74 -46.46
N VAL F 229 -90.72 -22.89 -46.29
CA VAL F 229 -89.97 -23.16 -45.08
C VAL F 229 -88.81 -22.18 -44.94
N VAL F 230 -88.06 -21.98 -46.03
CA VAL F 230 -86.95 -21.02 -46.01
C VAL F 230 -87.47 -19.64 -45.65
N ALA F 231 -88.61 -19.25 -46.22
CA ALA F 231 -89.17 -17.93 -45.94
C ALA F 231 -89.50 -17.77 -44.46
N ALA F 232 -90.20 -18.75 -43.89
CA ALA F 232 -90.57 -18.65 -42.49
C ALA F 232 -89.33 -18.56 -41.60
N ILE F 233 -88.35 -19.44 -41.83
CA ILE F 233 -87.16 -19.47 -40.99
C ILE F 233 -86.39 -18.16 -41.09
N GLU F 234 -86.17 -17.68 -42.32
CA GLU F 234 -85.37 -16.49 -42.51
C GLU F 234 -86.11 -15.23 -42.05
N GLN F 235 -87.44 -15.19 -42.16
CA GLN F 235 -88.18 -14.05 -41.67
C GLN F 235 -88.13 -13.97 -40.16
N VAL F 236 -88.30 -15.09 -39.47
CA VAL F 236 -88.24 -15.05 -38.01
C VAL F 236 -86.81 -14.77 -37.55
N ALA F 237 -85.81 -15.35 -38.23
CA ALA F 237 -84.43 -15.21 -37.80
C ALA F 237 -83.92 -13.78 -37.95
N SER F 238 -84.50 -12.99 -38.86
CA SER F 238 -84.05 -11.63 -39.11
C SER F 238 -84.74 -10.61 -38.22
N GLU F 239 -85.68 -11.03 -37.38
CA GLU F 239 -86.37 -10.11 -36.50
C GLU F 239 -85.45 -9.64 -35.37
N ASP F 240 -85.76 -8.48 -34.81
CA ASP F 240 -84.97 -7.93 -33.73
C ASP F 240 -85.04 -8.83 -32.50
N SER F 241 -86.20 -9.42 -32.24
CA SER F 241 -86.42 -10.30 -31.10
C SER F 241 -87.13 -11.55 -31.59
N PRO F 242 -86.38 -12.53 -32.11
CA PRO F 242 -87.03 -13.76 -32.59
C PRO F 242 -87.64 -14.55 -31.45
N SER F 243 -88.81 -15.12 -31.70
CA SER F 243 -89.55 -15.88 -30.71
C SER F 243 -89.72 -17.32 -31.19
N ARG F 244 -89.35 -18.28 -30.33
CA ARG F 244 -89.54 -19.68 -30.68
C ARG F 244 -91.01 -20.01 -30.89
N LEU F 245 -91.91 -19.34 -30.16
CA LEU F 245 -93.33 -19.61 -30.28
C LEU F 245 -93.87 -19.19 -31.65
N GLY F 246 -93.51 -17.98 -32.12
CA GLY F 246 -93.92 -17.56 -33.45
C GLY F 246 -93.39 -18.48 -34.54
N HIS F 247 -92.15 -18.95 -34.38
CA HIS F 247 -91.58 -19.89 -35.33
C HIS F 247 -92.36 -21.19 -35.33
N LEU F 248 -92.74 -21.67 -34.15
CA LEU F 248 -93.55 -22.88 -34.06
C LEU F 248 -94.89 -22.68 -34.75
N GLU F 249 -95.49 -21.50 -34.61
CA GLU F 249 -96.78 -21.24 -35.26
C GLU F 249 -96.64 -21.27 -36.78
N LYS F 250 -95.61 -20.62 -37.31
CA LYS F 250 -95.42 -20.61 -38.77
C LYS F 250 -95.16 -22.02 -39.30
N MET F 251 -94.33 -22.79 -38.59
CA MET F 251 -94.04 -24.14 -39.03
C MET F 251 -95.26 -25.04 -38.94
N GLU F 252 -96.12 -24.83 -37.94
CA GLU F 252 -97.36 -25.59 -37.85
C GLU F 252 -98.27 -25.27 -39.04
N GLU F 253 -98.33 -23.99 -39.43
CA GLU F 253 -99.13 -23.64 -40.59
C GLU F 253 -98.62 -24.36 -41.84
N ILE F 254 -97.30 -24.37 -42.04
CA ILE F 254 -96.75 -25.04 -43.22
C ILE F 254 -97.01 -26.54 -43.18
N TYR F 255 -96.80 -27.17 -42.02
CA TYR F 255 -97.01 -28.61 -41.88
C TYR F 255 -98.46 -28.99 -42.18
N CYS F 256 -99.42 -28.22 -41.64
CA CYS F 256 -100.83 -28.52 -41.87
C CYS F 256 -101.18 -28.34 -43.34
N SER F 257 -100.61 -27.31 -44.00
CA SER F 257 -100.88 -27.15 -45.42
C SER F 257 -100.33 -28.34 -46.20
N LEU F 258 -99.22 -28.90 -45.74
CA LEU F 258 -98.59 -30.00 -46.47
C LEU F 258 -99.35 -31.31 -46.31
N LEU F 259 -99.79 -31.63 -45.09
CA LEU F 259 -100.38 -32.94 -44.84
C LEU F 259 -101.89 -32.93 -44.68
N GLY F 260 -102.51 -31.77 -44.66
CA GLY F 260 -103.92 -31.68 -44.37
C GLY F 260 -104.17 -31.55 -42.88
N PRO F 261 -105.24 -30.83 -42.50
CA PRO F 261 -105.55 -30.52 -41.09
C PRO F 261 -105.81 -31.76 -40.25
N LEU F 277 -87.59 -42.86 -36.48
CA LEU F 277 -87.09 -41.57 -36.95
C LEU F 277 -86.04 -41.77 -38.04
N PRO F 278 -86.48 -41.60 -39.29
CA PRO F 278 -85.54 -41.67 -40.42
C PRO F 278 -84.47 -40.61 -40.29
N SER F 279 -83.22 -41.06 -40.31
CA SER F 279 -82.09 -40.14 -40.23
C SER F 279 -82.07 -39.22 -41.44
N ILE F 280 -82.13 -37.91 -41.19
CA ILE F 280 -81.99 -36.91 -42.24
C ILE F 280 -80.49 -36.62 -42.40
N PRO F 281 -79.85 -37.11 -43.46
CA PRO F 281 -78.41 -36.88 -43.60
C PRO F 281 -78.09 -35.42 -43.85
N LEU F 282 -76.96 -34.97 -43.30
CA LEU F 282 -76.40 -33.68 -43.69
C LEU F 282 -75.45 -33.91 -44.85
N PRO F 283 -75.78 -33.46 -46.06
CA PRO F 283 -74.93 -33.79 -47.22
C PRO F 283 -73.54 -33.18 -47.09
N SER F 284 -72.57 -33.88 -47.69
CA SER F 284 -71.22 -33.34 -47.77
C SER F 284 -71.22 -32.08 -48.64
N PRO F 285 -70.32 -31.13 -48.36
CA PRO F 285 -70.27 -29.92 -49.19
C PRO F 285 -69.98 -30.24 -50.65
N TYR F 286 -70.41 -29.34 -51.53
CA TYR F 286 -70.13 -29.50 -52.95
C TYR F 286 -68.63 -29.29 -53.19
N ILE F 287 -67.96 -30.35 -53.63
CA ILE F 287 -66.50 -30.35 -53.79
C ILE F 287 -66.18 -30.53 -55.26
N THR F 288 -65.38 -29.62 -55.80
CA THR F 288 -64.82 -29.75 -57.14
C THR F 288 -63.36 -30.14 -57.05
N PHE F 289 -63.01 -31.24 -57.72
CA PHE F 289 -61.65 -31.79 -57.69
C PHE F 289 -60.86 -31.27 -58.89
N HIS F 290 -59.64 -30.82 -58.65
CA HIS F 290 -58.82 -30.22 -59.69
C HIS F 290 -57.38 -30.71 -59.57
N LEU F 291 -56.84 -31.24 -60.66
CA LEU F 291 -55.40 -31.47 -60.76
C LEU F 291 -54.72 -30.15 -61.08
N TRP F 292 -53.81 -29.73 -60.21
CA TRP F 292 -53.18 -28.41 -60.33
C TRP F 292 -52.02 -28.50 -61.31
N THR F 293 -52.30 -28.17 -62.56
CA THR F 293 -51.31 -28.18 -63.63
C THR F 293 -50.99 -26.79 -64.15
N ASP F 294 -51.89 -25.83 -63.95
CA ASP F 294 -51.72 -24.47 -64.44
C ASP F 294 -51.65 -23.52 -63.26
N GLN F 295 -50.72 -22.57 -63.32
CA GLN F 295 -50.56 -21.58 -62.25
C GLN F 295 -51.77 -20.67 -62.14
N GLU F 296 -52.58 -20.59 -63.19
CA GLU F 296 -53.74 -19.72 -63.24
C GLU F 296 -55.04 -20.45 -62.92
N GLN F 297 -54.96 -21.74 -62.64
CA GLN F 297 -56.16 -22.57 -62.52
C GLN F 297 -57.07 -22.08 -61.40
N LEU F 298 -56.48 -21.77 -60.24
CA LEU F 298 -57.28 -21.31 -59.10
C LEU F 298 -58.06 -20.04 -59.46
N TRP F 299 -57.39 -19.07 -60.08
CA TRP F 299 -58.06 -17.84 -60.50
C TRP F 299 -59.24 -18.13 -61.43
N LYS F 300 -59.00 -18.97 -62.44
CA LYS F 300 -60.06 -19.31 -63.39
C LYS F 300 -61.24 -19.97 -62.69
N GLU F 301 -60.97 -20.90 -61.78
CA GLU F 301 -62.05 -21.59 -61.09
C GLU F 301 -62.84 -20.64 -60.21
N LEU F 302 -62.16 -19.69 -59.57
CA LEU F 302 -62.87 -18.73 -58.73
C LEU F 302 -63.76 -17.81 -59.58
N VAL F 303 -63.24 -17.35 -60.72
CA VAL F 303 -64.04 -16.51 -61.61
C VAL F 303 -65.26 -17.27 -62.11
N LEU F 304 -65.08 -18.54 -62.48
CA LEU F 304 -66.23 -19.35 -62.90
C LEU F 304 -67.23 -19.52 -61.77
N PHE F 305 -66.74 -19.73 -60.54
CA PHE F 305 -67.63 -19.88 -59.40
C PHE F 305 -68.45 -18.62 -59.17
N LEU F 306 -67.86 -17.45 -59.44
CA LEU F 306 -68.61 -16.22 -59.24
C LEU F 306 -69.52 -15.90 -60.40
N ARG F 307 -69.40 -16.61 -61.52
CA ARG F 307 -70.28 -16.34 -62.64
C ARG F 307 -71.69 -16.78 -62.30
N PRO F 308 -72.69 -15.92 -62.51
CA PRO F 308 -74.12 -16.15 -62.26
C PRO F 308 -74.65 -17.18 -63.23
N SER F 410 -71.88 -9.38 -45.45
CA SER F 410 -71.23 -10.67 -45.75
C SER F 410 -71.18 -10.93 -47.25
N ARG F 411 -70.03 -11.40 -47.73
CA ARG F 411 -69.88 -11.74 -49.14
C ARG F 411 -70.74 -12.94 -49.50
N VAL F 412 -71.44 -12.85 -50.63
CA VAL F 412 -72.43 -13.85 -51.01
C VAL F 412 -71.79 -15.21 -51.26
N HIS F 413 -70.55 -15.23 -51.75
CA HIS F 413 -69.87 -16.46 -52.12
C HIS F 413 -68.69 -16.73 -51.18
N THR F 414 -68.53 -17.99 -50.80
CA THR F 414 -67.40 -18.46 -50.02
C THR F 414 -66.72 -19.61 -50.75
N ALA F 415 -65.45 -19.42 -51.09
CA ALA F 415 -64.63 -20.46 -51.70
C ALA F 415 -63.66 -21.01 -50.66
N ARG F 416 -63.80 -22.29 -50.35
CA ARG F 416 -62.89 -22.99 -49.44
C ARG F 416 -61.95 -23.81 -50.32
N VAL F 417 -60.72 -23.32 -50.47
CA VAL F 417 -59.72 -23.96 -51.31
C VAL F 417 -58.89 -24.88 -50.41
N LEU F 418 -59.01 -26.18 -50.66
CA LEU F 418 -58.30 -27.20 -49.90
C LEU F 418 -57.24 -27.82 -50.79
N VAL F 419 -55.98 -27.80 -50.33
CA VAL F 419 -54.86 -28.36 -51.08
C VAL F 419 -54.37 -29.61 -50.36
N LEU F 420 -54.11 -30.66 -51.14
CA LEU F 420 -53.51 -31.88 -50.62
C LEU F 420 -52.08 -32.00 -51.09
N GLY F 421 -51.14 -32.06 -50.16
CA GLY F 421 -49.75 -32.22 -50.57
C GLY F 421 -48.79 -31.90 -49.45
N ASP F 422 -47.55 -31.60 -49.85
CA ASP F 422 -46.46 -31.25 -48.96
C ASP F 422 -46.09 -29.77 -49.10
N ASP F 423 -44.89 -29.41 -48.65
CA ASP F 423 -44.46 -28.01 -48.66
C ASP F 423 -44.39 -27.44 -50.08
N ARG F 424 -44.08 -28.28 -51.07
CA ARG F 424 -44.03 -27.81 -52.44
C ARG F 424 -45.40 -27.33 -52.92
N MET F 425 -46.44 -28.11 -52.60
CA MET F 425 -47.80 -27.69 -52.92
C MET F 425 -48.13 -26.37 -52.24
N LEU F 426 -47.62 -26.18 -51.02
CA LEU F 426 -47.83 -24.93 -50.30
C LEU F 426 -47.14 -23.76 -50.97
N GLY F 427 -45.91 -23.97 -51.46
CA GLY F 427 -45.25 -22.91 -52.22
C GLY F 427 -46.06 -22.52 -53.46
N ARG F 428 -46.63 -23.51 -54.13
CA ARG F 428 -47.48 -23.22 -55.27
C ARG F 428 -48.71 -22.43 -54.87
N LEU F 429 -49.37 -22.88 -53.79
CA LEU F 429 -50.53 -22.15 -53.27
C LEU F 429 -50.16 -20.71 -52.95
N ALA F 430 -48.97 -20.50 -52.37
CA ALA F 430 -48.51 -19.15 -52.08
C ALA F 430 -48.34 -18.34 -53.36
N GLN F 431 -47.77 -18.95 -54.41
CA GLN F 431 -47.64 -18.25 -55.68
C GLN F 431 -49.00 -17.85 -56.24
N ALA F 432 -49.94 -18.78 -56.25
CA ALA F 432 -51.28 -18.49 -56.76
C ALA F 432 -51.95 -17.40 -55.94
N TYR F 433 -51.79 -17.44 -54.62
CA TYR F 433 -52.37 -16.43 -53.74
C TYR F 433 -51.77 -15.05 -54.02
N TYR F 434 -50.45 -14.98 -54.15
CA TYR F 434 -49.79 -13.72 -54.48
C TYR F 434 -50.32 -13.16 -55.80
N ARG F 435 -50.44 -14.02 -56.81
CA ARG F 435 -50.96 -13.57 -58.10
C ARG F 435 -52.40 -13.09 -57.96
N LEU F 436 -53.21 -13.79 -57.16
CA LEU F 436 -54.59 -13.39 -56.96
C LEU F 436 -54.68 -12.01 -56.32
N ARG F 437 -53.85 -11.76 -55.30
CA ARG F 437 -53.87 -10.46 -54.65
C ARG F 437 -53.39 -9.36 -55.59
N LYS F 438 -52.33 -9.64 -56.34
CA LYS F 438 -51.81 -8.68 -57.30
C LYS F 438 -52.86 -8.32 -58.35
N ARG F 439 -53.62 -9.32 -58.81
CA ARG F 439 -54.69 -9.08 -59.77
C ARG F 439 -55.84 -8.31 -59.14
N GLU F 440 -56.17 -8.61 -57.88
CA GLU F 440 -57.27 -7.92 -57.23
C GLU F 440 -56.97 -6.45 -57.07
N THR F 441 -55.70 -6.10 -56.90
CA THR F 441 -55.37 -4.68 -56.83
C THR F 441 -55.55 -3.98 -58.17
N LYS F 442 -55.58 -4.74 -59.27
CA LYS F 442 -55.72 -4.15 -60.60
C LYS F 442 -57.16 -4.08 -61.08
N LYS F 443 -57.94 -5.15 -60.91
CA LYS F 443 -59.27 -5.22 -61.50
C LYS F 443 -60.39 -5.35 -60.48
N PHE F 444 -60.09 -5.31 -59.19
CA PHE F 444 -61.04 -5.43 -58.08
C PHE F 444 -62.31 -6.23 -58.38
N CYS F 445 -62.20 -7.49 -58.83
CA CYS F 445 -63.39 -8.21 -59.25
C CYS F 445 -63.86 -9.28 -58.28
N LEU F 446 -62.99 -9.82 -57.42
CA LEU F 446 -63.38 -10.94 -56.58
C LEU F 446 -63.68 -10.53 -55.14
N THR F 447 -62.88 -9.63 -54.58
CA THR F 447 -62.97 -9.36 -53.15
C THR F 447 -64.31 -8.77 -52.69
N PRO F 448 -65.07 -7.99 -53.48
CA PRO F 448 -66.36 -7.50 -52.97
C PRO F 448 -67.40 -8.60 -52.76
N ARG F 449 -67.25 -9.76 -53.41
CA ARG F 449 -68.25 -10.81 -53.37
C ARG F 449 -67.73 -12.16 -52.87
N LEU F 450 -66.42 -12.36 -52.79
CA LEU F 450 -65.83 -13.68 -52.55
C LEU F 450 -65.03 -13.69 -51.26
N SER F 451 -65.45 -14.53 -50.31
CA SER F 451 -64.67 -14.82 -49.11
C SER F 451 -63.84 -16.07 -49.36
N LEU F 452 -62.52 -15.90 -49.34
CA LEU F 452 -61.59 -16.97 -49.66
C LEU F 452 -61.02 -17.55 -48.37
N GLN F 453 -61.18 -18.86 -48.19
CA GLN F 453 -60.65 -19.57 -47.04
C GLN F 453 -59.76 -20.69 -47.54
N LEU F 454 -58.61 -20.87 -46.89
CA LEU F 454 -57.62 -21.83 -47.33
C LEU F 454 -57.46 -22.96 -46.31
N TYR F 455 -57.32 -24.18 -46.82
CA TYR F 455 -57.18 -25.38 -46.01
C TYR F 455 -56.09 -26.26 -46.60
N TYR F 456 -55.42 -27.02 -45.72
CA TYR F 456 -54.26 -27.82 -46.12
C TYR F 456 -54.34 -29.19 -45.47
N ILE F 457 -54.26 -30.24 -46.29
CA ILE F 457 -54.13 -31.60 -45.80
C ILE F 457 -52.78 -32.15 -46.25
N PRO F 458 -51.92 -32.55 -45.32
CA PRO F 458 -50.60 -33.07 -45.69
C PRO F 458 -50.71 -34.50 -46.21
N VAL F 459 -50.10 -34.73 -47.37
CA VAL F 459 -49.93 -36.07 -47.92
C VAL F 459 -48.43 -36.25 -48.12
N LEU F 460 -47.79 -36.94 -47.19
CA LEU F 460 -46.35 -37.12 -47.21
C LEU F 460 -46.03 -38.56 -47.59
N ALA F 461 -45.06 -38.72 -48.49
CA ALA F 461 -44.62 -40.04 -48.89
C ALA F 461 -44.17 -40.85 -47.66
N PRO F 462 -44.47 -42.16 -47.62
CA PRO F 462 -44.07 -42.99 -46.47
C PRO F 462 -42.55 -43.13 -46.35
N PRO F 475 -38.97 -36.27 -43.77
CA PRO F 475 -39.51 -35.41 -42.72
C PRO F 475 -39.28 -33.93 -43.02
N GLU F 476 -38.60 -33.64 -44.13
CA GLU F 476 -38.24 -32.28 -44.47
C GLU F 476 -39.31 -31.57 -45.27
N LEU F 477 -40.28 -32.30 -45.81
CA LEU F 477 -41.32 -31.73 -46.66
C LEU F 477 -42.62 -31.49 -45.91
N GLY F 478 -42.69 -31.83 -44.62
CA GLY F 478 -43.91 -31.59 -43.87
C GLY F 478 -43.75 -30.52 -42.80
N GLU F 479 -42.80 -29.61 -43.02
CA GLU F 479 -42.45 -28.62 -42.00
C GLU F 479 -43.69 -27.88 -41.54
N LEU F 480 -44.41 -27.27 -42.49
CA LEU F 480 -45.60 -26.52 -42.13
C LEU F 480 -46.61 -27.42 -41.44
N ALA F 481 -46.81 -28.63 -41.96
CA ALA F 481 -47.73 -29.56 -41.31
C ALA F 481 -47.32 -29.73 -39.86
N SER F 482 -46.04 -30.02 -39.62
CA SER F 482 -45.58 -30.18 -38.24
C SER F 482 -45.91 -28.94 -37.43
N PHE F 483 -45.61 -27.76 -37.98
CA PHE F 483 -45.89 -26.52 -37.28
C PHE F 483 -47.36 -26.45 -36.89
N LEU F 484 -48.26 -26.69 -37.86
CA LEU F 484 -49.67 -26.63 -37.54
C LEU F 484 -50.02 -27.61 -36.43
N GLY F 485 -49.51 -28.84 -36.54
CA GLY F 485 -49.80 -29.84 -35.52
C GLY F 485 -49.36 -29.40 -34.13
N ARG F 486 -48.28 -28.63 -34.06
CA ARG F 486 -47.81 -28.17 -32.76
C ARG F 486 -48.73 -27.09 -32.18
N VAL F 487 -49.27 -26.22 -33.03
CA VAL F 487 -50.03 -25.09 -32.53
C VAL F 487 -51.52 -25.38 -32.38
N ASP F 488 -52.03 -26.41 -33.05
CA ASP F 488 -53.43 -26.81 -32.94
C ASP F 488 -53.46 -28.32 -32.75
N PRO F 489 -53.53 -28.80 -31.52
CA PRO F 489 -53.53 -30.26 -31.30
C PRO F 489 -54.70 -30.95 -31.96
N TRP F 490 -55.84 -30.28 -32.09
CA TRP F 490 -56.99 -30.90 -32.74
C TRP F 490 -56.72 -31.11 -34.24
N TYR F 491 -56.08 -30.13 -34.89
CA TYR F 491 -55.63 -30.34 -36.25
C TYR F 491 -54.69 -31.53 -36.34
N GLU F 492 -53.76 -31.64 -35.38
CA GLU F 492 -52.83 -32.77 -35.38
C GLU F 492 -53.55 -34.10 -35.29
N SER F 493 -54.58 -34.17 -34.43
CA SER F 493 -55.25 -35.45 -34.20
C SER F 493 -56.29 -35.77 -35.27
N THR F 494 -56.74 -34.78 -36.03
CA THR F 494 -57.80 -34.99 -37.02
C THR F 494 -57.31 -34.93 -38.46
N VAL F 495 -56.45 -33.98 -38.81
CA VAL F 495 -56.05 -33.75 -40.20
C VAL F 495 -54.68 -34.34 -40.49
N ASN F 496 -53.70 -34.10 -39.63
CA ASN F 496 -52.35 -34.59 -39.88
C ASN F 496 -52.29 -36.12 -39.88
N THR F 497 -53.26 -36.78 -39.27
CA THR F 497 -53.28 -38.24 -39.21
C THR F 497 -53.99 -38.86 -40.41
N LEU F 498 -54.46 -38.03 -41.34
CA LEU F 498 -55.17 -38.53 -42.50
C LEU F 498 -54.25 -39.13 -43.54
N CYS F 499 -52.98 -38.71 -43.55
CA CYS F 499 -52.04 -39.16 -44.58
C CYS F 499 -51.94 -40.68 -44.69
N PRO F 500 -51.81 -41.46 -43.60
CA PRO F 500 -51.81 -42.91 -43.77
C PRO F 500 -53.12 -43.43 -44.36
N ALA F 501 -54.25 -43.00 -43.80
CA ALA F 501 -55.53 -43.48 -44.29
C ALA F 501 -55.68 -43.20 -45.77
N ILE F 502 -55.36 -41.97 -46.17
CA ILE F 502 -55.42 -41.60 -47.58
C ILE F 502 -54.59 -42.58 -48.40
N LEU F 503 -53.34 -42.82 -47.97
CA LEU F 503 -52.48 -43.71 -48.71
C LEU F 503 -53.07 -45.12 -48.76
N LYS F 504 -53.61 -45.59 -47.64
CA LYS F 504 -54.21 -46.91 -47.64
C LYS F 504 -55.37 -46.98 -48.62
N LEU F 505 -56.19 -45.92 -48.69
CA LEU F 505 -57.30 -45.92 -49.64
C LEU F 505 -56.81 -46.09 -51.08
N ALA F 506 -55.61 -45.58 -51.39
CA ALA F 506 -55.10 -45.70 -52.75
C ALA F 506 -54.68 -47.13 -53.08
N GLU F 507 -54.35 -47.93 -52.08
CA GLU F 507 -53.91 -49.29 -52.33
C GLU F 507 -55.09 -50.24 -52.49
N MET F 508 -56.27 -49.85 -52.03
CA MET F 508 -57.45 -50.70 -52.12
C MET F 508 -57.98 -50.71 -53.55
N PRO F 509 -58.22 -51.90 -54.14
CA PRO F 509 -58.76 -52.04 -55.50
C PRO F 509 -60.13 -51.38 -55.68
N VAL F 518 -69.00 -48.60 -48.42
CA VAL F 518 -67.94 -48.24 -47.50
C VAL F 518 -68.11 -46.80 -47.02
N ASP F 519 -68.08 -46.61 -45.71
CA ASP F 519 -68.19 -45.29 -45.11
C ASP F 519 -67.07 -44.38 -45.61
N PRO F 520 -67.39 -43.22 -46.22
CA PRO F 520 -66.35 -42.33 -46.75
C PRO F 520 -65.57 -41.61 -45.65
N PHE F 521 -64.59 -42.30 -45.06
CA PHE F 521 -63.84 -41.73 -43.94
C PHE F 521 -63.16 -40.43 -44.32
N ILE F 522 -62.42 -40.44 -45.43
CA ILE F 522 -61.68 -39.26 -45.84
C ILE F 522 -62.62 -38.11 -46.15
N LEU F 523 -63.72 -38.38 -46.85
CA LEU F 523 -64.69 -37.33 -47.17
C LEU F 523 -65.33 -36.78 -45.91
N ASP F 524 -65.61 -37.64 -44.94
CA ASP F 524 -66.18 -37.15 -43.69
C ASP F 524 -65.21 -36.25 -42.95
N VAL F 525 -63.93 -36.62 -42.94
CA VAL F 525 -62.96 -35.78 -42.24
C VAL F 525 -62.79 -34.45 -42.96
N ILE F 526 -62.78 -34.49 -44.30
CA ILE F 526 -62.69 -33.24 -45.07
C ILE F 526 -63.88 -32.34 -44.80
N THR F 527 -65.08 -32.93 -44.78
CA THR F 527 -66.29 -32.19 -44.49
C THR F 527 -66.20 -31.54 -43.12
N TYR F 528 -65.80 -32.31 -42.11
CA TYR F 528 -65.67 -31.79 -40.76
C TYR F 528 -64.64 -30.68 -40.69
N TYR F 529 -63.51 -30.84 -41.39
CA TYR F 529 -62.47 -29.83 -41.36
C TYR F 529 -62.94 -28.52 -41.98
N VAL F 530 -63.55 -28.59 -43.16
CA VAL F 530 -63.92 -27.35 -43.83
C VAL F 530 -65.09 -26.68 -43.12
N ARG F 531 -65.91 -27.46 -42.42
CA ARG F 531 -67.04 -26.84 -41.71
C ARG F 531 -66.63 -26.27 -40.36
N MET F 532 -65.73 -26.95 -39.65
CA MET F 532 -65.39 -26.56 -38.28
C MET F 532 -64.06 -25.83 -38.16
N GLY F 533 -63.16 -26.01 -39.12
CA GLY F 533 -61.88 -25.31 -39.10
C GLY F 533 -61.97 -23.90 -39.64
N THR F 534 -62.30 -22.93 -38.78
CA THR F 534 -62.52 -21.56 -39.22
C THR F 534 -61.54 -20.56 -38.62
N GLN F 535 -60.55 -21.01 -37.85
CA GLN F 535 -59.61 -20.10 -37.24
C GLN F 535 -58.35 -19.98 -38.08
N PRO F 536 -58.07 -18.82 -38.67
CA PRO F 536 -56.91 -18.72 -39.57
C PRO F 536 -55.60 -18.51 -38.83
N ILE F 537 -54.54 -19.12 -39.35
CA ILE F 537 -53.16 -18.82 -38.98
C ILE F 537 -52.50 -18.15 -40.17
N TYR F 538 -51.85 -17.01 -39.93
CA TYR F 538 -51.29 -16.17 -40.98
C TYR F 538 -49.79 -16.39 -41.10
N PHE F 539 -49.31 -16.58 -42.33
CA PHE F 539 -47.91 -16.87 -42.61
C PHE F 539 -47.32 -15.78 -43.49
N GLN F 540 -46.14 -15.30 -43.11
CA GLN F 540 -45.45 -14.30 -43.92
C GLN F 540 -44.90 -14.90 -45.20
N LEU F 541 -45.25 -14.30 -46.33
CA LEU F 541 -44.62 -14.64 -47.60
C LEU F 541 -43.35 -13.82 -47.78
N TYR F 542 -42.36 -14.42 -48.41
CA TYR F 542 -41.10 -13.72 -48.66
C TYR F 542 -40.85 -13.61 -50.16
N LYS F 543 -40.45 -12.42 -50.58
CA LYS F 543 -40.10 -12.14 -51.96
C LYS F 543 -38.59 -12.24 -52.13
N VAL F 544 -38.18 -12.85 -53.24
CA VAL F 544 -36.78 -13.03 -53.58
C VAL F 544 -36.56 -12.43 -54.97
N LYS F 545 -35.61 -11.50 -55.05
CA LYS F 545 -35.09 -10.97 -56.30
C LYS F 545 -33.81 -11.71 -56.63
N ILE F 546 -33.73 -12.26 -57.83
CA ILE F 546 -32.65 -13.14 -58.25
C ILE F 546 -31.92 -12.47 -59.40
N PHE F 547 -30.60 -12.31 -59.27
CA PHE F 547 -29.75 -11.66 -60.24
C PHE F 547 -28.80 -12.70 -60.81
N THR F 548 -28.97 -13.01 -62.10
CA THR F 548 -28.04 -13.85 -62.84
C THR F 548 -26.86 -13.04 -63.34
N SER F 549 -27.05 -11.75 -63.58
CA SER F 549 -25.98 -10.82 -63.86
C SER F 549 -26.24 -9.52 -63.11
N LEU F 550 -25.16 -8.81 -62.75
CA LEU F 550 -25.31 -7.55 -62.03
C LEU F 550 -25.84 -6.44 -62.93
N SER F 551 -25.88 -6.64 -64.23
CA SER F 551 -26.34 -5.62 -65.16
C SER F 551 -27.79 -5.81 -65.61
N HIS F 552 -28.38 -6.98 -65.40
CA HIS F 552 -29.73 -7.27 -65.87
C HIS F 552 -30.75 -7.11 -64.75
N ASP F 553 -32.00 -6.90 -65.16
CA ASP F 553 -33.09 -6.81 -64.21
C ASP F 553 -33.29 -8.16 -63.50
N PRO F 554 -33.60 -8.16 -62.21
CA PRO F 554 -33.76 -9.43 -61.50
C PRO F 554 -35.07 -10.12 -61.85
N THR F 555 -35.05 -11.45 -61.72
CA THR F 555 -36.27 -12.23 -61.75
C THR F 555 -36.82 -12.32 -60.34
N GLU F 556 -38.12 -12.08 -60.18
CA GLU F 556 -38.73 -12.04 -58.87
C GLU F 556 -39.61 -13.25 -58.67
N ASP F 557 -39.57 -13.81 -57.46
CA ASP F 557 -40.42 -14.93 -57.08
C ASP F 557 -40.75 -14.79 -55.60
N ILE F 558 -41.59 -15.70 -55.11
CA ILE F 558 -41.96 -15.70 -53.71
C ILE F 558 -41.80 -17.11 -53.16
N PHE F 559 -41.58 -17.21 -51.86
CA PHE F 559 -41.55 -18.48 -51.16
C PHE F 559 -42.20 -18.33 -49.81
N LEU F 560 -42.61 -19.47 -49.26
CA LEU F 560 -43.34 -19.55 -48.01
C LEU F 560 -42.58 -20.26 -46.91
N THR F 561 -41.87 -21.33 -47.24
CA THR F 561 -41.25 -22.18 -46.23
C THR F 561 -39.73 -22.05 -46.18
N GLU F 562 -39.06 -22.09 -47.33
CA GLU F 562 -37.62 -22.21 -47.31
C GLU F 562 -37.03 -21.78 -48.65
N LEU F 563 -35.86 -21.15 -48.57
CA LEU F 563 -34.99 -20.87 -49.71
C LEU F 563 -33.63 -21.52 -49.45
N LYS F 564 -33.29 -22.53 -50.24
CA LYS F 564 -32.01 -23.22 -50.09
C LYS F 564 -31.06 -22.76 -51.20
N VAL F 565 -29.79 -22.61 -50.85
CA VAL F 565 -28.76 -22.13 -51.78
C VAL F 565 -27.55 -23.04 -51.66
N LYS F 566 -27.01 -23.46 -52.81
CA LYS F 566 -25.81 -24.27 -52.87
C LYS F 566 -24.83 -23.64 -53.86
N ILE F 567 -23.54 -23.89 -53.63
CA ILE F 567 -22.50 -23.41 -54.52
C ILE F 567 -22.38 -24.34 -55.71
N GLN F 568 -22.41 -23.78 -56.91
CA GLN F 568 -22.27 -24.59 -58.11
C GLN F 568 -20.85 -25.09 -58.27
N ASP F 569 -20.70 -26.33 -58.70
CA ASP F 569 -19.38 -26.89 -58.96
C ASP F 569 -18.78 -26.25 -60.20
N SER F 570 -17.53 -25.79 -60.08
CA SER F 570 -16.82 -25.23 -61.21
C SER F 570 -16.57 -26.29 -62.27
N LYS F 571 -17.21 -26.15 -63.43
CA LYS F 571 -16.91 -27.02 -64.57
C LYS F 571 -15.43 -26.95 -64.94
N GLY F 587 -10.88 -25.15 -53.43
CA GLY F 587 -11.96 -25.60 -54.29
C GLY F 587 -13.25 -25.94 -53.58
N THR F 588 -13.24 -25.82 -52.24
CA THR F 588 -14.38 -26.17 -51.40
C THR F 588 -15.07 -24.89 -50.97
N GLY F 589 -16.22 -24.62 -51.58
CA GLY F 589 -17.02 -23.47 -51.20
C GLY F 589 -16.74 -22.24 -52.05
N ALA F 590 -17.50 -21.19 -51.75
CA ALA F 590 -17.35 -19.92 -52.44
C ALA F 590 -17.41 -18.80 -51.42
N GLU F 591 -16.66 -17.72 -51.69
CA GLU F 591 -16.72 -16.53 -50.85
C GLU F 591 -18.02 -15.77 -51.10
N LEU F 592 -18.82 -15.63 -50.06
CA LEU F 592 -20.11 -14.95 -50.11
C LEU F 592 -20.07 -13.70 -49.25
N SER F 593 -20.56 -12.59 -49.82
CA SER F 593 -20.81 -11.35 -49.09
C SER F 593 -22.29 -11.26 -48.74
N MET F 594 -22.59 -11.07 -47.45
CA MET F 594 -23.95 -11.01 -46.94
C MET F 594 -24.16 -9.70 -46.19
N CYS F 595 -25.25 -9.02 -46.50
CA CYS F 595 -25.69 -7.82 -45.79
C CYS F 595 -27.13 -8.05 -45.33
N TYR F 596 -27.36 -7.98 -44.02
CA TYR F 596 -28.69 -8.26 -43.49
C TYR F 596 -28.94 -7.42 -42.25
N GLN F 597 -30.23 -7.25 -41.93
CA GLN F 597 -30.66 -6.62 -40.70
C GLN F 597 -30.99 -7.70 -39.68
N LYS F 598 -30.22 -7.76 -38.59
CA LYS F 598 -30.45 -8.77 -37.57
C LYS F 598 -31.80 -8.56 -36.89
N ALA F 599 -32.56 -9.64 -36.75
CA ALA F 599 -33.86 -9.61 -36.09
C ALA F 599 -33.64 -9.85 -34.61
N LEU F 600 -33.70 -8.79 -33.82
CA LEU F 600 -33.58 -8.87 -32.36
C LEU F 600 -34.94 -8.67 -31.73
N LEU F 601 -35.09 -9.15 -30.49
CA LEU F 601 -36.39 -9.02 -29.82
C LEU F 601 -36.74 -7.57 -29.51
N SER F 602 -35.73 -6.73 -29.24
CA SER F 602 -35.98 -5.32 -28.95
C SER F 602 -36.31 -4.52 -30.21
N HIS F 603 -36.17 -5.11 -31.39
CA HIS F 603 -36.36 -4.43 -32.67
C HIS F 603 -35.33 -3.31 -32.86
N ARG F 604 -34.19 -3.40 -32.17
CA ARG F 604 -33.12 -2.46 -32.42
C ARG F 604 -32.51 -2.67 -33.80
N PRO F 605 -32.30 -1.61 -34.57
CA PRO F 605 -31.67 -1.79 -35.89
C PRO F 605 -30.23 -2.24 -35.71
N ARG F 606 -29.88 -3.35 -36.36
CA ARG F 606 -28.52 -3.85 -36.36
C ARG F 606 -28.23 -4.39 -37.76
N GLU F 607 -27.48 -3.61 -38.53
CA GLU F 607 -27.08 -4.01 -39.87
C GLU F 607 -25.73 -4.70 -39.80
N VAL F 608 -25.63 -5.87 -40.43
CA VAL F 608 -24.44 -6.70 -40.40
C VAL F 608 -24.00 -6.94 -41.84
N THR F 609 -22.71 -6.69 -42.10
CA THR F 609 -22.08 -6.99 -43.38
C THR F 609 -20.89 -7.91 -43.11
N VAL F 610 -20.92 -9.11 -43.69
CA VAL F 610 -19.90 -10.12 -43.44
C VAL F 610 -19.54 -10.79 -44.76
N SER F 611 -18.25 -11.14 -44.93
CA SER F 611 -17.78 -11.92 -46.06
C SER F 611 -17.13 -13.19 -45.54
N LEU F 612 -17.64 -14.34 -45.97
CA LEU F 612 -17.09 -15.61 -45.49
C LEU F 612 -17.18 -16.66 -46.60
N ARG F 613 -16.35 -17.69 -46.49
CA ARG F 613 -16.39 -18.81 -47.42
C ARG F 613 -17.42 -19.83 -46.94
N ALA F 614 -18.34 -20.21 -47.81
CA ALA F 614 -19.42 -21.13 -47.43
C ALA F 614 -19.70 -22.13 -48.54
N THR F 615 -20.25 -23.27 -48.16
CA THR F 615 -20.71 -24.27 -49.12
C THR F 615 -22.21 -24.19 -49.41
N GLY F 616 -23.00 -23.56 -48.55
CA GLY F 616 -24.43 -23.47 -48.78
C GLY F 616 -25.09 -22.70 -47.65
N LEU F 617 -26.36 -22.36 -47.87
CA LEU F 617 -27.13 -21.62 -46.88
C LEU F 617 -28.62 -21.96 -47.03
N VAL F 618 -29.34 -21.91 -45.91
CA VAL F 618 -30.77 -22.20 -45.90
C VAL F 618 -31.50 -21.12 -45.11
N LEU F 619 -32.49 -20.48 -45.75
CA LEU F 619 -33.38 -19.54 -45.07
C LEU F 619 -34.71 -20.23 -44.81
N LYS F 620 -35.09 -20.31 -43.54
CA LYS F 620 -36.35 -20.92 -43.15
C LYS F 620 -37.30 -19.87 -42.61
N ALA F 621 -38.53 -19.90 -43.10
CA ALA F 621 -39.57 -18.98 -42.65
C ALA F 621 -40.46 -19.58 -41.58
N ILE F 622 -40.43 -20.90 -41.44
CA ILE F 622 -41.24 -21.61 -40.47
C ILE F 622 -40.35 -22.03 -39.31
N PRO F 623 -40.73 -21.74 -38.06
CA PRO F 623 -39.89 -22.14 -36.93
C PRO F 623 -39.85 -23.66 -36.76
N ALA F 624 -38.67 -24.17 -36.41
CA ALA F 624 -38.48 -25.62 -36.32
C ALA F 624 -38.93 -26.17 -34.97
N GLY F 625 -38.79 -25.42 -33.89
CA GLY F 625 -39.12 -25.92 -32.57
C GLY F 625 -39.88 -24.90 -31.75
N ASP F 626 -40.27 -25.33 -30.55
CA ASP F 626 -41.06 -24.47 -29.67
C ASP F 626 -40.22 -23.35 -29.07
N THR F 627 -38.90 -23.48 -29.08
CA THR F 627 -38.03 -22.45 -28.53
C THR F 627 -37.77 -21.32 -29.53
N GLU F 628 -38.28 -21.45 -30.75
CA GLU F 628 -38.11 -20.42 -31.77
C GLU F 628 -39.30 -19.48 -31.79
N CYS F 646 -43.14 -9.91 -35.73
CA CYS F 646 -41.97 -10.68 -35.31
C CYS F 646 -41.66 -11.81 -36.28
N SER F 647 -42.31 -11.78 -37.45
CA SER F 647 -42.02 -12.77 -38.47
C SER F 647 -40.59 -12.56 -38.97
N CYS F 648 -39.75 -13.57 -38.76
CA CYS F 648 -38.35 -13.51 -39.15
C CYS F 648 -37.93 -14.81 -39.83
N LEU F 649 -36.87 -14.69 -40.64
CA LEU F 649 -36.23 -15.83 -41.26
C LEU F 649 -35.10 -16.35 -40.37
N HIS F 650 -35.05 -17.66 -40.23
CA HIS F 650 -33.93 -18.34 -39.59
C HIS F 650 -32.96 -18.78 -40.67
N VAL F 651 -31.75 -18.22 -40.65
CA VAL F 651 -30.73 -18.44 -41.66
C VAL F 651 -29.64 -19.32 -41.06
N SER F 652 -29.30 -20.40 -41.78
CA SER F 652 -28.21 -21.31 -41.42
C SER F 652 -27.20 -21.34 -42.56
N VAL F 653 -25.96 -20.97 -42.25
CA VAL F 653 -24.86 -20.91 -43.22
C VAL F 653 -23.83 -21.99 -42.88
N THR F 654 -23.50 -22.82 -43.87
CA THR F 654 -22.43 -23.82 -43.73
C THR F 654 -21.11 -23.18 -44.15
N GLU F 655 -20.39 -22.65 -43.15
CA GLU F 655 -19.15 -21.93 -43.38
C GLU F 655 -17.96 -22.90 -43.39
N VAL F 656 -16.98 -22.59 -44.24
CA VAL F 656 -15.73 -23.33 -44.32
C VAL F 656 -14.70 -22.61 -43.47
N VAL F 657 -14.21 -23.28 -42.43
CA VAL F 657 -13.21 -22.74 -41.51
C VAL F 657 -11.89 -23.44 -41.76
N LYS F 658 -10.83 -22.64 -41.89
CA LYS F 658 -9.48 -23.14 -42.11
C LYS F 658 -8.79 -23.35 -40.77
N SER F 659 -8.40 -24.59 -40.49
CA SER F 659 -7.61 -24.94 -39.32
C SER F 659 -6.22 -25.35 -39.78
N SER F 660 -5.20 -24.62 -39.33
CA SER F 660 -3.81 -24.94 -39.63
C SER F 660 -3.27 -25.79 -38.49
N ASN F 661 -3.22 -27.10 -38.69
CA ASN F 661 -2.52 -27.94 -37.73
C ASN F 661 -1.08 -28.13 -38.21
N LEU F 662 -0.21 -28.53 -37.29
CA LEU F 662 1.18 -28.83 -37.60
C LEU F 662 1.30 -29.72 -38.84
N ALA F 663 0.33 -30.62 -39.04
CA ALA F 663 0.37 -31.58 -40.13
C ALA F 663 -0.21 -31.05 -41.43
N GLY F 664 -0.46 -29.75 -41.52
CA GLY F 664 -0.98 -29.15 -42.74
C GLY F 664 -2.26 -28.38 -42.52
N ARG F 665 -2.75 -27.85 -43.65
CA ARG F 665 -3.98 -27.06 -43.72
C ARG F 665 -5.17 -28.00 -43.87
N SER F 666 -6.01 -28.09 -42.84
CA SER F 666 -7.25 -28.85 -42.89
C SER F 666 -8.43 -27.90 -42.94
N PHE F 667 -9.46 -28.26 -43.70
CA PHE F 667 -10.69 -27.49 -43.80
C PHE F 667 -11.82 -28.23 -43.09
N THR F 668 -12.51 -27.53 -42.19
CA THR F 668 -13.70 -28.07 -41.53
C THR F 668 -14.91 -27.20 -41.86
N THR F 669 -16.10 -27.79 -41.76
CA THR F 669 -17.35 -27.06 -41.96
C THR F 669 -18.07 -26.86 -40.64
N SER F 670 -18.55 -25.64 -40.42
CA SER F 670 -19.33 -25.29 -39.23
C SER F 670 -20.60 -24.55 -39.63
N THR F 671 -21.68 -24.78 -38.89
CA THR F 671 -22.96 -24.15 -39.18
C THR F 671 -23.21 -22.98 -38.24
N ASN F 672 -23.39 -21.79 -38.83
CA ASN F 672 -23.74 -20.58 -38.10
C ASN F 672 -25.19 -20.18 -38.38
N THR F 673 -25.93 -19.83 -37.33
CA THR F 673 -27.34 -19.49 -37.45
C THR F 673 -27.62 -18.08 -36.92
N PHE F 674 -28.57 -17.40 -37.57
CA PHE F 674 -29.01 -16.10 -37.11
C PHE F 674 -30.42 -15.87 -37.63
N ARG F 675 -31.05 -14.81 -37.14
CA ARG F 675 -32.40 -14.44 -37.56
C ARG F 675 -32.39 -13.06 -38.20
N THR F 676 -33.12 -12.92 -39.31
CA THR F 676 -33.17 -11.65 -40.02
C THR F 676 -34.50 -11.49 -40.72
N SER F 677 -34.90 -10.24 -40.97
CA SER F 677 -36.10 -9.99 -41.75
C SER F 677 -35.82 -9.88 -43.24
N SER F 678 -34.67 -9.32 -43.60
CA SER F 678 -34.25 -9.19 -44.99
C SER F 678 -32.78 -9.53 -45.09
N ILE F 679 -32.36 -10.01 -46.25
CA ILE F 679 -30.97 -10.43 -46.44
C ILE F 679 -30.59 -10.28 -47.92
N GLN F 680 -29.36 -9.84 -48.15
CA GLN F 680 -28.77 -9.77 -49.48
C GLN F 680 -27.50 -10.61 -49.51
N VAL F 681 -27.38 -11.48 -50.51
CA VAL F 681 -26.24 -12.39 -50.64
C VAL F 681 -25.69 -12.28 -52.06
N GLN F 682 -24.36 -12.19 -52.17
CA GLN F 682 -23.67 -12.09 -53.45
C GLN F 682 -22.40 -12.93 -53.45
N SER F 683 -22.21 -13.70 -54.51
CA SER F 683 -20.97 -14.46 -54.70
C SER F 683 -19.86 -13.55 -55.18
N GLN F 684 -18.66 -13.75 -54.65
CA GLN F 684 -17.50 -12.90 -54.95
C GLN F 684 -16.47 -13.55 -55.86
N ASP F 685 -16.26 -14.86 -55.77
CA ASP F 685 -15.19 -15.53 -56.50
C ASP F 685 -15.68 -16.17 -57.80
N GLN F 686 -16.58 -15.49 -58.52
CA GLN F 686 -17.10 -15.94 -59.81
C GLN F 686 -17.83 -17.29 -59.75
N ARG F 687 -17.80 -17.98 -58.61
CA ARG F 687 -18.58 -19.20 -58.46
C ARG F 687 -20.06 -18.86 -58.34
N LEU F 688 -20.88 -19.55 -59.12
CA LEU F 688 -22.30 -19.24 -59.21
C LEU F 688 -23.10 -20.03 -58.18
N LEU F 689 -24.30 -19.53 -57.89
CA LEU F 689 -25.19 -20.10 -56.88
C LEU F 689 -26.38 -20.78 -57.54
N THR F 690 -26.90 -21.82 -56.88
CA THR F 690 -28.16 -22.43 -57.25
C THR F 690 -29.14 -22.26 -56.09
N LEU F 691 -30.34 -21.78 -56.40
CA LEU F 691 -31.40 -21.54 -55.42
C LEU F 691 -32.58 -22.48 -55.66
N TRP F 692 -33.13 -22.99 -54.57
CA TRP F 692 -34.34 -23.81 -54.57
C TRP F 692 -35.38 -23.13 -53.69
N LEU F 693 -36.59 -22.94 -54.22
CA LEU F 693 -37.67 -22.30 -53.50
C LEU F 693 -38.65 -23.35 -52.98
N ASP F 694 -38.95 -23.29 -51.69
CA ASP F 694 -39.96 -24.14 -51.05
C ASP F 694 -39.68 -25.62 -51.27
N LYS F 695 -38.40 -26.00 -51.35
CA LYS F 695 -37.96 -27.38 -51.50
C LYS F 695 -38.46 -28.01 -52.81
N ASP F 696 -38.87 -27.18 -53.76
CA ASP F 696 -39.45 -27.64 -55.02
C ASP F 696 -38.38 -27.65 -56.09
N GLY F 697 -38.08 -28.85 -56.61
CA GLY F 697 -37.07 -28.98 -57.66
C GLY F 697 -37.42 -28.24 -58.94
N ARG F 698 -38.69 -27.95 -59.17
CA ARG F 698 -39.13 -27.18 -60.32
C ARG F 698 -38.96 -25.68 -60.12
N ARG F 699 -38.76 -25.24 -58.88
CA ARG F 699 -38.52 -23.83 -58.61
C ARG F 699 -37.04 -23.66 -58.27
N THR F 700 -36.21 -23.95 -59.26
CA THR F 700 -34.76 -23.92 -59.14
C THR F 700 -34.21 -22.85 -60.08
N PHE F 701 -33.34 -21.99 -59.57
CA PHE F 701 -32.69 -20.95 -60.34
C PHE F 701 -31.18 -21.21 -60.32
N ARG F 702 -30.58 -21.35 -61.50
CA ARG F 702 -29.15 -21.64 -61.63
C ARG F 702 -28.40 -20.40 -62.11
N ASP F 703 -27.07 -20.47 -61.98
CA ASP F 703 -26.16 -19.43 -62.47
C ASP F 703 -26.48 -18.08 -61.83
N VAL F 704 -26.76 -18.08 -60.53
CA VAL F 704 -27.16 -16.88 -59.82
C VAL F 704 -25.92 -16.23 -59.20
N VAL F 705 -25.80 -14.92 -59.39
CA VAL F 705 -24.68 -14.18 -58.83
C VAL F 705 -25.14 -13.49 -57.54
N ARG F 706 -26.40 -13.08 -57.48
CA ARG F 706 -26.85 -12.35 -56.30
C ARG F 706 -28.33 -12.61 -56.05
N PHE F 707 -28.74 -12.56 -54.79
CA PHE F 707 -30.17 -12.59 -54.50
C PHE F 707 -30.47 -11.76 -53.26
N GLU F 708 -31.71 -11.28 -53.19
CA GLU F 708 -32.20 -10.49 -52.08
C GLU F 708 -33.55 -11.04 -51.63
N VAL F 709 -33.72 -11.21 -50.33
CA VAL F 709 -34.96 -11.72 -49.75
C VAL F 709 -35.49 -10.67 -48.78
N SER F 710 -36.79 -10.43 -48.84
CA SER F 710 -37.45 -9.49 -47.95
C SER F 710 -38.90 -9.91 -47.80
N PRO F 711 -39.58 -9.49 -46.74
CA PRO F 711 -41.01 -9.80 -46.63
C PRO F 711 -41.76 -9.31 -47.85
N CYS F 712 -42.67 -10.14 -48.35
CA CYS F 712 -43.40 -9.79 -49.56
C CYS F 712 -44.40 -8.68 -49.24
N PRO F 713 -44.31 -7.53 -49.89
CA PRO F 713 -45.23 -6.44 -49.57
C PRO F 713 -46.62 -6.71 -50.11
N GLU F 714 -47.61 -6.12 -49.46
CA GLU F 714 -48.97 -6.17 -49.96
C GLU F 714 -49.05 -5.44 -51.31
N PRO F 715 -49.59 -6.08 -52.35
CA PRO F 715 -49.76 -5.37 -53.63
C PRO F 715 -50.64 -4.15 -53.44
N CYS F 716 -50.07 -2.98 -53.70
CA CYS F 716 -50.81 -1.74 -53.65
C CYS F 716 -51.04 -1.19 -55.07
N ASN F 742 -47.46 -2.71 -45.30
CA ASN F 742 -48.10 -3.95 -44.85
C ASN F 742 -47.57 -5.15 -45.63
N SER F 743 -47.06 -6.14 -44.91
CA SER F 743 -46.55 -7.36 -45.53
C SER F 743 -47.70 -8.32 -45.86
N LEU F 744 -47.56 -9.02 -46.99
CA LEU F 744 -48.57 -9.97 -47.43
C LEU F 744 -48.52 -11.23 -46.58
N LEU F 745 -49.62 -11.53 -45.90
CA LEU F 745 -49.76 -12.73 -45.09
C LEU F 745 -50.80 -13.66 -45.71
N MET F 746 -50.49 -14.96 -45.72
CA MET F 746 -51.40 -15.96 -46.26
C MET F 746 -52.09 -16.72 -45.13
N PRO F 747 -53.43 -16.83 -45.16
CA PRO F 747 -54.14 -17.51 -44.06
C PRO F 747 -54.44 -18.97 -44.36
N ILE F 748 -54.17 -19.84 -43.39
CA ILE F 748 -54.55 -21.25 -43.45
C ILE F 748 -55.47 -21.54 -42.26
N ASN F 749 -56.68 -22.01 -42.54
CA ASN F 749 -57.64 -22.25 -41.49
C ASN F 749 -57.35 -23.55 -40.76
N THR F 750 -57.42 -23.48 -39.43
CA THR F 750 -57.38 -24.63 -38.54
C THR F 750 -58.59 -24.57 -37.62
N PHE F 751 -58.63 -25.47 -36.62
CA PHE F 751 -59.76 -25.49 -35.71
C PHE F 751 -59.60 -24.46 -34.61
N SER F 752 -58.38 -24.29 -34.10
CA SER F 752 -58.13 -23.45 -32.94
C SER F 752 -57.18 -22.30 -33.21
N GLY F 753 -56.71 -22.12 -34.45
CA GLY F 753 -55.64 -21.16 -34.63
C GLY F 753 -54.45 -21.54 -33.78
N ILE F 754 -53.81 -20.54 -33.19
CA ILE F 754 -52.62 -20.74 -32.38
C ILE F 754 -53.04 -20.83 -30.91
N ILE F 755 -53.00 -22.04 -30.35
CA ILE F 755 -53.22 -22.24 -28.92
C ILE F 755 -51.92 -21.85 -28.21
N GLN F 756 -51.97 -20.79 -27.43
CA GLN F 756 -50.80 -20.29 -26.74
C GLN F 756 -50.61 -20.99 -25.40
N GLU G 36 -61.29 -41.07 50.56
CA GLU G 36 -61.77 -39.70 50.64
C GLU G 36 -61.18 -38.85 49.52
N LEU G 37 -61.94 -38.69 48.44
CA LEU G 37 -61.53 -37.81 47.34
C LEU G 37 -61.82 -36.37 47.72
N ILE G 38 -60.77 -35.54 47.74
CA ILE G 38 -60.85 -34.15 48.18
C ILE G 38 -60.95 -33.27 46.94
N PRO G 39 -62.02 -32.48 46.79
CA PRO G 39 -62.14 -31.55 45.65
C PRO G 39 -61.26 -30.33 45.85
N ILE G 40 -60.35 -30.10 44.91
CA ILE G 40 -59.43 -28.97 44.94
C ILE G 40 -59.46 -28.27 43.59
N GLU G 41 -59.60 -26.95 43.60
CA GLU G 41 -59.50 -26.13 42.40
C GLU G 41 -58.06 -25.64 42.24
N PHE G 42 -57.46 -25.92 41.09
CA PHE G 42 -56.10 -25.49 40.79
C PHE G 42 -56.12 -24.31 39.83
N VAL G 43 -55.51 -23.21 40.24
CA VAL G 43 -55.31 -22.05 39.38
C VAL G 43 -54.01 -22.24 38.59
N LEU G 44 -54.14 -22.34 37.27
CA LEU G 44 -53.06 -22.69 36.36
C LEU G 44 -52.26 -21.46 35.95
N PRO G 45 -51.00 -21.65 35.53
CA PRO G 45 -50.18 -20.50 35.12
C PRO G 45 -50.58 -19.88 33.78
N THR G 46 -51.34 -20.58 32.95
CA THR G 46 -51.78 -20.02 31.68
C THR G 46 -53.12 -19.29 31.83
N SER G 47 -53.40 -18.41 30.87
CA SER G 47 -54.61 -17.61 30.89
C SER G 47 -55.48 -17.89 29.67
N GLN G 48 -56.78 -17.75 29.85
CA GLN G 48 -57.72 -17.90 28.75
C GLN G 48 -57.49 -16.86 27.67
N ARG G 49 -57.60 -17.27 26.41
CA ARG G 49 -57.25 -16.43 25.27
C ARG G 49 -57.98 -15.08 25.28
N ASN G 50 -59.21 -15.03 25.79
CA ASN G 50 -60.08 -13.87 25.59
C ASN G 50 -60.24 -12.97 26.82
N THR G 51 -59.95 -13.44 28.03
CA THR G 51 -60.29 -12.69 29.24
C THR G 51 -59.11 -12.36 30.15
N LYS G 52 -57.89 -12.79 29.81
CA LYS G 52 -56.73 -12.67 30.71
C LYS G 52 -56.98 -13.24 32.10
N THR G 53 -58.05 -14.00 32.27
CA THR G 53 -58.30 -14.68 33.54
C THR G 53 -57.52 -15.98 33.57
N PRO G 54 -56.92 -16.34 34.72
CA PRO G 54 -56.20 -17.61 34.81
C PRO G 54 -57.13 -18.80 34.63
N GLU G 55 -56.63 -19.81 33.92
CA GLU G 55 -57.36 -21.06 33.78
C GLU G 55 -57.41 -21.79 35.11
N THR G 56 -58.51 -22.50 35.35
CA THR G 56 -58.69 -23.30 36.55
C THR G 56 -59.12 -24.71 36.19
N ALA G 57 -58.70 -25.67 37.03
CA ALA G 57 -59.02 -27.09 36.86
C ALA G 57 -59.47 -27.66 38.20
N LEU G 58 -60.71 -28.16 38.25
CA LEU G 58 -61.22 -28.85 39.44
C LEU G 58 -60.82 -30.32 39.39
N LEU G 59 -60.15 -30.80 40.44
CA LEU G 59 -59.73 -32.19 40.52
C LEU G 59 -60.19 -32.80 41.84
N HIS G 60 -60.45 -34.09 41.82
CA HIS G 60 -60.77 -34.86 43.03
C HIS G 60 -59.55 -35.71 43.38
N VAL G 61 -58.71 -35.18 44.28
CA VAL G 61 -57.41 -35.78 44.61
C VAL G 61 -57.57 -36.78 45.74
N ALA G 62 -56.90 -37.93 45.61
CA ALA G 62 -56.87 -38.89 46.70
C ALA G 62 -56.12 -38.29 47.90
N GLY G 63 -56.81 -38.16 49.03
CA GLY G 63 -56.22 -37.58 50.21
C GLY G 63 -55.02 -38.36 50.72
N HIS G 64 -54.93 -39.64 50.38
CA HIS G 64 -53.83 -40.48 50.79
C HIS G 64 -52.69 -40.48 49.77
N GLY G 65 -52.86 -39.80 48.64
CA GLY G 65 -51.77 -39.59 47.72
C GLY G 65 -50.77 -38.57 48.22
N ASN G 66 -49.63 -38.51 47.52
CA ASN G 66 -48.61 -37.53 47.83
C ASN G 66 -48.66 -36.33 46.88
N VAL G 67 -47.90 -35.30 47.25
CA VAL G 67 -47.89 -34.05 46.51
C VAL G 67 -47.36 -34.26 45.09
N GLU G 68 -46.38 -35.14 44.94
CA GLU G 68 -45.82 -35.41 43.61
C GLU G 68 -46.87 -35.97 42.66
N GLN G 69 -47.65 -36.94 43.12
CA GLN G 69 -48.71 -37.51 42.30
C GLN G 69 -49.82 -36.51 42.03
N MET G 70 -50.20 -35.72 43.03
CA MET G 70 -51.16 -34.65 42.83
C MET G 70 -50.68 -33.70 41.74
N LYS G 71 -49.41 -33.33 41.78
CA LYS G 71 -48.83 -32.43 40.77
C LYS G 71 -48.87 -33.08 39.38
N ALA G 72 -48.57 -34.37 39.30
CA ALA G 72 -48.62 -35.07 38.02
C ALA G 72 -50.06 -35.11 37.49
N GLN G 73 -51.04 -35.34 38.35
CA GLN G 73 -52.43 -35.34 37.94
C GLN G 73 -52.84 -33.97 37.42
N VAL G 74 -52.43 -32.90 38.12
CA VAL G 74 -52.69 -31.55 37.65
C VAL G 74 -52.09 -31.34 36.27
N TRP G 75 -50.85 -31.81 36.07
CA TRP G 75 -50.19 -31.59 34.79
C TRP G 75 -50.91 -32.32 33.66
N LEU G 76 -51.31 -33.57 33.89
CA LEU G 76 -52.05 -34.31 32.88
C LEU G 76 -53.38 -33.63 32.55
N ARG G 77 -54.11 -33.20 33.58
CA ARG G 77 -55.37 -32.53 33.33
C ARG G 77 -55.18 -31.24 32.53
N ALA G 78 -54.11 -30.49 32.84
CA ALA G 78 -53.82 -29.27 32.09
C ALA G 78 -53.47 -29.58 30.65
N LEU G 79 -52.71 -30.64 30.41
CA LEU G 79 -52.44 -31.07 29.04
C LEU G 79 -53.74 -31.40 28.31
N GLU G 80 -54.71 -31.96 29.04
CA GLU G 80 -55.97 -32.35 28.40
C GLU G 80 -56.87 -31.15 28.09
N THR G 81 -56.87 -30.12 28.94
CA THR G 81 -57.92 -29.10 28.87
C THR G 81 -57.45 -27.70 28.49
N SER G 82 -56.17 -27.36 28.65
CA SER G 82 -55.72 -26.00 28.40
C SER G 82 -55.76 -25.66 26.92
N VAL G 83 -56.16 -24.43 26.61
CA VAL G 83 -56.07 -23.90 25.25
C VAL G 83 -54.62 -23.56 24.90
N SER G 84 -53.71 -23.73 25.86
CA SER G 84 -52.29 -23.46 25.69
C SER G 84 -51.45 -24.71 25.94
N ALA G 85 -51.89 -25.84 25.39
CA ALA G 85 -51.24 -27.13 25.62
C ALA G 85 -49.73 -27.10 25.34
N ASP G 86 -49.31 -26.34 24.32
CA ASP G 86 -47.88 -26.28 24.00
C ASP G 86 -47.05 -25.80 25.18
N PHE G 87 -47.62 -24.92 26.01
CA PHE G 87 -46.93 -24.45 27.21
C PHE G 87 -46.60 -25.62 28.13
N TYR G 88 -47.56 -26.52 28.33
CA TYR G 88 -47.34 -27.66 29.21
C TYR G 88 -46.54 -28.77 28.55
N HIS G 89 -46.49 -28.81 27.21
CA HIS G 89 -45.56 -29.72 26.54
C HIS G 89 -44.13 -29.23 26.66
N ARG G 90 -43.91 -27.91 26.73
CA ARG G 90 -42.55 -27.39 26.75
C ARG G 90 -41.92 -27.42 28.14
N LEU G 91 -42.69 -27.22 29.20
CA LEU G 91 -42.17 -27.18 30.56
C LEU G 91 -42.69 -28.35 31.37
N GLY G 92 -41.81 -28.93 32.20
CA GLY G 92 -42.18 -29.99 33.12
C GLY G 92 -42.78 -29.47 34.40
N PRO G 93 -43.50 -30.33 35.13
CA PRO G 93 -44.12 -29.89 36.38
C PRO G 93 -43.13 -29.35 37.40
N ASP G 94 -41.90 -29.88 37.42
CA ASP G 94 -40.91 -29.45 38.39
C ASP G 94 -40.50 -28.00 38.24
N HIS G 95 -40.81 -27.36 37.11
CA HIS G 95 -40.57 -25.93 36.93
C HIS G 95 -41.60 -25.08 37.64
N PHE G 96 -42.52 -25.68 38.41
CA PHE G 96 -43.62 -24.95 39.00
C PHE G 96 -43.76 -25.28 40.48
N LEU G 97 -44.20 -24.28 41.22
CA LEU G 97 -44.50 -24.34 42.65
C LEU G 97 -46.00 -24.45 42.85
N LEU G 98 -46.38 -25.08 43.96
CA LEU G 98 -47.76 -25.20 44.41
C LEU G 98 -47.94 -24.28 45.61
N LEU G 99 -48.76 -23.23 45.44
CA LEU G 99 -48.96 -22.21 46.47
C LEU G 99 -50.42 -22.17 46.90
N TYR G 100 -50.64 -21.79 48.17
CA TYR G 100 -51.98 -21.50 48.66
C TYR G 100 -51.94 -20.26 49.55
N GLN G 101 -53.10 -19.63 49.72
CA GLN G 101 -53.20 -18.43 50.54
C GLN G 101 -53.80 -18.77 51.90
N LYS G 102 -53.16 -18.29 52.96
CA LYS G 102 -53.64 -18.45 54.33
C LYS G 102 -53.43 -17.14 55.07
N LYS G 103 -54.52 -16.59 55.61
CA LYS G 103 -54.49 -15.31 56.34
C LYS G 103 -53.76 -14.23 55.56
N GLY G 104 -53.96 -14.23 54.23
CA GLY G 104 -53.36 -13.23 53.36
C GLY G 104 -51.94 -13.50 52.91
N GLN G 105 -51.25 -14.49 53.48
CA GLN G 105 -49.89 -14.81 53.09
C GLN G 105 -49.87 -16.03 52.17
N TRP G 106 -48.83 -16.11 51.34
CA TRP G 106 -48.64 -17.20 50.40
C TRP G 106 -47.73 -18.28 51.00
N TYR G 107 -48.19 -19.53 50.96
CA TYR G 107 -47.44 -20.68 51.45
C TYR G 107 -47.18 -21.66 50.30
N GLU G 108 -45.96 -22.19 50.25
CA GLU G 108 -45.60 -23.19 49.28
C GLU G 108 -45.83 -24.59 49.83
N ILE G 109 -46.50 -25.43 49.05
CA ILE G 109 -46.53 -26.87 49.32
C ILE G 109 -45.20 -27.45 48.86
N TYR G 110 -44.23 -27.46 49.77
CA TYR G 110 -42.83 -27.67 49.37
C TYR G 110 -42.47 -29.14 49.23
N ASP G 111 -42.86 -29.97 50.19
CA ASP G 111 -42.41 -31.36 50.22
C ASP G 111 -43.22 -32.17 49.22
N LYS G 112 -42.55 -32.65 48.17
CA LYS G 112 -43.22 -33.45 47.15
C LYS G 112 -43.73 -34.80 47.67
N TYR G 113 -43.15 -35.31 48.76
CA TYR G 113 -43.59 -36.58 49.32
C TYR G 113 -44.61 -36.44 50.43
N GLN G 114 -45.01 -35.20 50.77
CA GLN G 114 -46.02 -34.99 51.80
C GLN G 114 -47.36 -35.58 51.36
N VAL G 115 -48.04 -36.25 52.30
CA VAL G 115 -49.34 -36.84 52.02
C VAL G 115 -50.38 -35.73 51.94
N VAL G 116 -51.22 -35.79 50.91
CA VAL G 116 -52.11 -34.68 50.58
C VAL G 116 -53.00 -34.31 51.76
N GLN G 117 -53.58 -35.30 52.43
CA GLN G 117 -54.51 -35.02 53.52
C GLN G 117 -53.87 -34.35 54.73
N THR G 118 -52.53 -34.35 54.82
CA THR G 118 -51.84 -33.67 55.91
C THR G 118 -51.49 -32.23 55.60
N LEU G 119 -51.79 -31.76 54.39
CA LEU G 119 -51.53 -30.37 54.02
C LEU G 119 -52.28 -29.41 54.93
N ASP G 120 -51.56 -28.42 55.45
CA ASP G 120 -52.17 -27.44 56.34
C ASP G 120 -53.29 -26.68 55.64
N CYS G 121 -53.18 -26.49 54.32
CA CYS G 121 -54.21 -25.79 53.57
C CYS G 121 -55.56 -26.49 53.68
N LEU G 122 -55.58 -27.82 53.65
CA LEU G 122 -56.85 -28.55 53.71
C LEU G 122 -57.51 -28.36 55.07
N ARG G 123 -56.73 -28.44 56.15
CA ARG G 123 -57.26 -28.18 57.49
C ARG G 123 -57.80 -26.76 57.59
N TYR G 124 -57.05 -25.79 57.07
CA TYR G 124 -57.46 -24.39 57.12
C TYR G 124 -58.78 -24.18 56.37
N TRP G 125 -58.90 -24.79 55.17
CA TRP G 125 -60.14 -24.65 54.40
C TRP G 125 -61.30 -25.35 55.08
N LYS G 126 -61.05 -26.50 55.72
CA LYS G 126 -62.10 -27.20 56.45
C LYS G 126 -62.63 -26.34 57.59
N VAL G 127 -61.75 -25.61 58.27
CA VAL G 127 -62.23 -24.71 59.33
C VAL G 127 -63.05 -23.57 58.75
N LEU G 128 -62.72 -23.10 57.55
CA LEU G 128 -63.45 -22.00 56.91
C LEU G 128 -64.67 -22.47 56.14
N HIS G 129 -64.97 -23.77 56.16
CA HIS G 129 -66.07 -24.36 55.37
C HIS G 129 -65.96 -24.02 53.89
N ARG G 130 -64.72 -23.91 53.39
CA ARG G 130 -64.44 -23.61 51.99
C ARG G 130 -64.16 -24.91 51.24
N SER G 131 -65.02 -25.25 50.29
CA SER G 131 -64.80 -26.41 49.43
C SER G 131 -65.39 -26.10 48.07
N PRO G 132 -64.60 -26.21 46.98
CA PRO G 132 -63.19 -26.59 46.96
C PRO G 132 -62.24 -25.48 47.41
N GLY G 133 -61.09 -25.86 47.96
CA GLY G 133 -60.01 -24.93 48.15
C GLY G 133 -59.25 -24.68 46.87
N GLN G 134 -58.41 -23.63 46.88
CA GLN G 134 -57.70 -23.21 45.69
C GLN G 134 -56.19 -23.33 45.89
N ILE G 135 -55.53 -23.99 44.94
CA ILE G 135 -54.08 -24.06 44.87
C ILE G 135 -53.63 -23.45 43.55
N HIS G 136 -52.65 -22.56 43.62
CA HIS G 136 -52.12 -21.87 42.46
C HIS G 136 -50.82 -22.54 41.99
N VAL G 137 -50.76 -22.85 40.70
CA VAL G 137 -49.56 -23.41 40.08
C VAL G 137 -48.78 -22.25 39.48
N VAL G 138 -47.64 -21.91 40.08
CA VAL G 138 -46.87 -20.72 39.70
C VAL G 138 -45.51 -21.15 39.18
N GLN G 139 -45.08 -20.54 38.07
CA GLN G 139 -43.79 -20.89 37.49
C GLN G 139 -42.64 -20.51 38.42
N ARG G 140 -41.71 -21.44 38.62
CA ARG G 140 -40.50 -21.15 39.36
C ARG G 140 -39.57 -20.27 38.54
N HIS G 141 -39.15 -19.15 39.13
CA HIS G 141 -38.22 -18.24 38.50
C HIS G 141 -36.79 -18.46 39.01
N ALA G 142 -35.83 -18.18 38.15
CA ALA G 142 -34.43 -18.21 38.54
C ALA G 142 -34.12 -17.07 39.52
N PRO G 143 -33.16 -17.27 40.43
CA PRO G 143 -32.79 -16.20 41.36
C PRO G 143 -32.21 -14.99 40.66
N SER G 144 -32.54 -13.81 41.19
CA SER G 144 -32.00 -12.55 40.69
C SER G 144 -30.51 -12.42 41.02
N GLU G 145 -29.84 -11.55 40.27
CA GLU G 145 -28.42 -11.27 40.54
C GLU G 145 -28.23 -10.65 41.91
N GLU G 146 -29.18 -9.83 42.36
CA GLU G 146 -29.09 -9.26 43.71
C GLU G 146 -29.15 -10.34 44.76
N THR G 147 -30.04 -11.32 44.58
CA THR G 147 -30.12 -12.43 45.53
C THR G 147 -28.85 -13.27 45.53
N LEU G 148 -28.24 -13.49 44.36
CA LEU G 148 -26.99 -14.23 44.31
C LEU G 148 -25.87 -13.47 45.00
N ALA G 149 -25.82 -12.14 44.83
CA ALA G 149 -24.83 -11.34 45.53
C ALA G 149 -25.04 -11.38 47.04
N PHE G 150 -26.29 -11.29 47.48
CA PHE G 150 -26.58 -11.40 48.91
C PHE G 150 -26.19 -12.77 49.46
N GLN G 151 -26.45 -13.83 48.69
CA GLN G 151 -26.03 -15.16 49.10
C GLN G 151 -24.52 -15.26 49.21
N ARG G 152 -23.78 -14.65 48.27
CA ARG G 152 -22.32 -14.64 48.37
C ARG G 152 -21.87 -13.91 49.64
N GLN G 153 -22.51 -12.78 49.95
CA GLN G 153 -22.21 -12.07 51.20
C GLN G 153 -22.46 -12.96 52.42
N LEU G 154 -23.61 -13.64 52.43
CA LEU G 154 -23.93 -14.54 53.53
C LEU G 154 -22.91 -15.66 53.64
N ASN G 155 -22.52 -16.27 52.52
CA ASN G 155 -21.52 -17.33 52.53
C ASN G 155 -20.20 -16.84 53.10
N ALA G 156 -19.81 -15.61 52.74
CA ALA G 156 -18.58 -15.05 53.30
C ALA G 156 -18.70 -14.85 54.81
N LEU G 157 -19.86 -14.37 55.26
CA LEU G 157 -20.06 -14.19 56.70
C LEU G 157 -20.07 -15.52 57.45
N ILE G 158 -20.68 -16.53 56.85
CA ILE G 158 -20.77 -17.85 57.47
C ILE G 158 -19.42 -18.56 57.43
N GLY G 159 -18.63 -18.32 56.38
CA GLY G 159 -17.46 -19.14 56.13
C GLY G 159 -17.76 -20.51 55.58
N TYR G 160 -18.96 -20.70 55.06
CA TYR G 160 -19.37 -21.96 54.45
C TYR G 160 -20.45 -21.66 53.43
N ASP G 161 -20.41 -22.37 52.30
CA ASP G 161 -21.41 -22.24 51.24
C ASP G 161 -22.52 -23.25 51.50
N VAL G 162 -23.65 -22.77 52.02
CA VAL G 162 -24.80 -23.64 52.29
C VAL G 162 -25.51 -24.08 51.03
N THR G 163 -25.19 -23.51 49.88
CA THR G 163 -25.81 -23.91 48.63
C THR G 163 -25.05 -25.00 47.89
N ASP G 164 -23.90 -25.44 48.40
CA ASP G 164 -23.10 -26.50 47.79
C ASP G 164 -23.77 -27.84 48.01
N VAL G 165 -24.36 -28.41 46.95
CA VAL G 165 -25.04 -29.70 47.03
C VAL G 165 -24.09 -30.84 46.68
N SER G 166 -22.82 -30.53 46.48
CA SER G 166 -21.88 -31.57 46.04
C SER G 166 -21.70 -32.68 47.07
N ASN G 167 -21.95 -32.40 48.36
CA ASN G 167 -21.59 -33.31 49.43
C ASN G 167 -22.79 -33.77 50.26
N VAL G 168 -23.96 -33.88 49.65
CA VAL G 168 -25.16 -34.33 50.36
C VAL G 168 -25.74 -35.54 49.65
N HIS G 169 -26.26 -36.48 50.45
CA HIS G 169 -26.96 -37.65 49.92
C HIS G 169 -28.46 -37.41 49.78
N ASP G 170 -28.96 -36.30 50.30
CA ASP G 170 -30.38 -35.97 50.25
C ASP G 170 -30.50 -34.45 50.19
N ASP G 171 -31.72 -33.95 50.37
CA ASP G 171 -31.97 -32.51 50.34
C ASP G 171 -32.34 -31.96 51.72
N GLU G 172 -31.86 -32.61 52.80
CA GLU G 172 -32.18 -32.12 54.15
C GLU G 172 -31.72 -30.68 54.34
N LEU G 173 -30.54 -30.32 53.82
CA LEU G 173 -30.02 -28.97 54.00
C LEU G 173 -30.96 -27.93 53.37
N GLU G 174 -31.29 -28.11 52.10
CA GLU G 174 -32.22 -27.20 51.43
C GLU G 174 -33.59 -27.23 52.09
N PHE G 175 -34.06 -28.43 52.45
CA PHE G 175 -35.34 -28.59 53.14
C PHE G 175 -35.37 -27.75 54.42
N THR G 176 -34.28 -27.77 55.19
CA THR G 176 -34.19 -26.98 56.41
C THR G 176 -34.13 -25.49 56.09
N ARG G 177 -33.37 -25.11 55.06
CA ARG G 177 -33.35 -23.71 54.63
C ARG G 177 -34.77 -23.21 54.36
N ARG G 178 -35.58 -24.03 53.68
CA ARG G 178 -36.94 -23.61 53.36
C ARG G 178 -37.83 -23.60 54.61
N ARG G 179 -37.66 -24.59 55.48
CA ARG G 179 -38.51 -24.66 56.68
C ARG G 179 -38.22 -23.54 57.66
N LEU G 180 -36.97 -23.06 57.74
CA LEU G 180 -36.64 -22.00 58.68
C LEU G 180 -37.12 -20.63 58.20
N VAL G 181 -37.67 -20.52 56.99
CA VAL G 181 -38.18 -19.23 56.52
C VAL G 181 -39.33 -18.77 57.41
N THR G 182 -40.29 -19.66 57.66
CA THR G 182 -41.50 -19.24 58.37
C THR G 182 -41.25 -18.78 59.80
N PRO G 183 -40.53 -19.52 60.65
CA PRO G 183 -40.25 -18.98 62.00
C PRO G 183 -39.43 -17.70 61.96
N ARG G 184 -38.44 -17.63 61.06
CA ARG G 184 -37.65 -16.41 60.90
C ARG G 184 -38.54 -15.21 60.55
N MET G 185 -39.39 -15.37 59.54
CA MET G 185 -40.25 -14.26 59.12
C MET G 185 -41.31 -13.94 60.17
N ALA G 186 -41.76 -14.94 60.93
CA ALA G 186 -42.68 -14.67 62.04
C ALA G 186 -42.01 -13.82 63.10
N GLU G 187 -40.75 -14.12 63.43
CA GLU G 187 -40.03 -13.33 64.43
C GLU G 187 -39.74 -11.93 63.90
N VAL G 188 -39.33 -11.82 62.63
CA VAL G 188 -39.04 -10.51 62.05
C VAL G 188 -40.31 -9.66 61.99
N ALA G 189 -41.44 -10.28 61.65
CA ALA G 189 -42.68 -9.52 61.53
C ALA G 189 -43.20 -9.06 62.88
N GLY G 190 -42.94 -9.81 63.94
CA GLY G 190 -43.31 -9.40 65.28
C GLY G 190 -42.33 -8.47 65.94
N ARG G 191 -41.23 -8.16 65.28
CA ARG G 191 -40.15 -7.36 65.86
C ARG G 191 -40.43 -5.86 65.67
N ASP G 192 -40.37 -5.12 66.78
CA ASP G 192 -40.33 -3.66 66.73
C ASP G 192 -38.91 -3.25 66.38
N PRO G 193 -38.67 -2.66 65.21
CA PRO G 193 -37.30 -2.27 64.84
C PRO G 193 -36.70 -1.25 65.78
N LYS G 194 -37.51 -0.33 66.33
CA LYS G 194 -36.98 0.67 67.23
C LYS G 194 -36.51 0.04 68.54
N LEU G 195 -37.30 -0.89 69.09
CA LEU G 195 -36.89 -1.57 70.31
C LEU G 195 -35.73 -2.54 70.05
N TYR G 196 -35.73 -3.19 68.87
CA TYR G 196 -34.62 -4.09 68.52
C TYR G 196 -33.31 -3.33 68.39
N ALA G 197 -33.35 -2.13 67.82
CA ALA G 197 -32.15 -1.31 67.71
C ALA G 197 -31.56 -0.95 69.07
N MET G 198 -32.40 -0.83 70.10
CA MET G 198 -31.99 -0.29 71.39
C MET G 198 -32.22 -1.28 72.53
N HIS G 199 -32.15 -2.57 72.24
CA HIS G 199 -32.52 -3.59 73.22
C HIS G 199 -31.65 -3.47 74.48
N PRO G 200 -32.25 -3.29 75.65
CA PRO G 200 -31.46 -3.05 76.86
C PRO G 200 -30.87 -4.34 77.41
N TRP G 201 -29.79 -4.17 78.16
CA TRP G 201 -29.14 -5.25 78.89
C TRP G 201 -29.59 -5.14 80.34
N VAL G 202 -30.55 -5.97 80.73
CA VAL G 202 -31.21 -5.85 82.03
C VAL G 202 -31.34 -7.24 82.67
N THR G 203 -31.61 -7.23 83.98
CA THR G 203 -31.91 -8.43 84.73
C THR G 203 -33.06 -8.16 85.70
N SER G 204 -33.91 -9.16 85.90
CA SER G 204 -35.00 -9.08 86.86
C SER G 204 -34.59 -9.46 88.28
N LYS G 205 -33.43 -10.08 88.44
CA LYS G 205 -33.00 -10.53 89.75
C LYS G 205 -32.95 -9.35 90.73
N PRO G 206 -33.39 -9.55 91.97
CA PRO G 206 -33.35 -8.46 92.95
C PRO G 206 -31.93 -7.99 93.22
N LEU G 207 -31.80 -6.72 93.61
CA LEU G 207 -30.50 -6.20 94.01
C LEU G 207 -30.03 -6.89 95.28
N PRO G 208 -28.80 -7.40 95.32
CA PRO G 208 -28.27 -7.97 96.57
C PRO G 208 -28.16 -6.93 97.67
N GLU G 209 -28.18 -7.41 98.91
CA GLU G 209 -28.19 -6.52 100.07
C GLU G 209 -26.99 -5.58 100.08
N TYR G 210 -25.82 -6.06 99.66
CA TYR G 210 -24.62 -5.24 99.70
C TYR G 210 -24.69 -4.08 98.72
N LEU G 211 -25.39 -4.26 97.59
CA LEU G 211 -25.60 -3.14 96.68
C LEU G 211 -26.67 -2.19 97.20
N LEU G 212 -27.73 -2.73 97.82
CA LEU G 212 -28.76 -1.89 98.42
C LEU G 212 -28.17 -0.96 99.47
N LYS G 213 -27.20 -1.44 100.24
CA LYS G 213 -26.57 -0.58 101.24
C LYS G 213 -25.84 0.61 100.63
N LYS G 214 -25.47 0.54 99.35
CA LYS G 214 -24.81 1.67 98.70
C LYS G 214 -25.77 2.74 98.20
N ILE G 215 -27.07 2.45 98.14
CA ILE G 215 -28.09 3.38 97.67
C ILE G 215 -28.68 4.09 98.88
N THR G 216 -28.51 5.41 98.93
CA THR G 216 -29.03 6.21 100.04
C THR G 216 -30.44 6.69 99.73
N ASN G 217 -31.38 6.40 100.64
CA ASN G 217 -32.78 6.81 100.52
C ASN G 217 -33.39 6.41 99.18
N ASN G 218 -32.99 5.23 98.69
CA ASN G 218 -33.48 4.66 97.42
C ASN G 218 -33.25 5.61 96.24
N CYS G 219 -32.22 6.44 96.32
CA CYS G 219 -31.92 7.43 95.29
C CYS G 219 -30.52 7.24 94.75
N VAL G 220 -30.36 7.46 93.44
CA VAL G 220 -29.06 7.47 92.79
C VAL G 220 -28.88 8.78 92.04
N PHE G 221 -27.61 9.16 91.84
CA PHE G 221 -27.25 10.32 91.04
C PHE G 221 -26.84 9.87 89.64
N ILE G 222 -27.39 10.51 88.63
CA ILE G 222 -27.07 10.22 87.23
C ILE G 222 -26.57 11.51 86.59
N VAL G 223 -25.43 11.42 85.90
CA VAL G 223 -24.86 12.53 85.14
C VAL G 223 -25.24 12.33 83.69
N ILE G 224 -26.09 13.21 83.15
CA ILE G 224 -26.52 13.14 81.76
C ILE G 224 -25.70 14.13 80.94
N HIS G 225 -25.04 13.62 79.91
CA HIS G 225 -24.18 14.39 79.03
C HIS G 225 -24.86 14.66 77.69
N ARG G 226 -24.56 15.81 77.11
CA ARG G 226 -24.97 16.14 75.75
C ARG G 226 -23.99 17.16 75.19
N SER G 227 -23.43 16.87 74.01
CA SER G 227 -22.35 17.66 73.43
C SER G 227 -21.23 17.86 74.44
N THR G 228 -20.97 19.12 74.82
CA THR G 228 -19.93 19.44 75.78
C THR G 228 -20.47 19.73 77.17
N THR G 229 -21.77 19.65 77.39
CA THR G 229 -22.39 20.01 78.66
C THR G 229 -22.89 18.76 79.37
N SER G 230 -22.98 18.85 80.70
CA SER G 230 -23.51 17.76 81.51
C SER G 230 -24.30 18.32 82.68
N GLN G 231 -25.22 17.50 83.18
CA GLN G 231 -26.05 17.88 84.32
C GLN G 231 -26.29 16.66 85.20
N THR G 232 -25.99 16.79 86.49
CA THR G 232 -26.31 15.75 87.46
C THR G 232 -27.73 15.90 87.97
N ILE G 233 -28.46 14.79 88.00
CA ILE G 233 -29.82 14.75 88.56
C ILE G 233 -29.89 13.64 89.59
N LYS G 234 -30.77 13.81 90.56
CA LYS G 234 -31.07 12.80 91.57
C LYS G 234 -32.40 12.13 91.23
N VAL G 235 -32.38 10.80 91.11
CA VAL G 235 -33.56 10.05 90.71
C VAL G 235 -33.79 8.89 91.68
N SER G 236 -35.02 8.40 91.69
CA SER G 236 -35.34 7.18 92.41
C SER G 236 -34.73 5.97 91.69
N ALA G 237 -34.25 5.00 92.48
CA ALA G 237 -33.76 3.76 91.90
C ALA G 237 -34.85 2.97 91.19
N ASP G 238 -36.12 3.30 91.45
CA ASP G 238 -37.25 2.65 90.79
C ASP G 238 -37.77 3.43 89.58
N ASP G 239 -37.21 4.61 89.29
CA ASP G 239 -37.64 5.37 88.13
C ASP G 239 -37.28 4.64 86.84
N THR G 240 -38.19 4.71 85.88
CA THR G 240 -37.92 4.19 84.54
C THR G 240 -37.21 5.26 83.71
N PRO G 241 -36.49 4.84 82.66
CA PRO G 241 -35.87 5.84 81.77
C PRO G 241 -36.82 6.92 81.27
N GLY G 242 -38.08 6.57 81.01
CA GLY G 242 -39.03 7.60 80.59
C GLY G 242 -39.30 8.61 81.68
N THR G 243 -39.51 8.15 82.91
CA THR G 243 -39.69 9.07 84.02
C THR G 243 -38.45 9.91 84.25
N ILE G 244 -37.28 9.31 84.10
CA ILE G 244 -36.02 10.05 84.23
C ILE G 244 -35.95 11.15 83.19
N LEU G 245 -36.27 10.82 81.93
CA LEU G 245 -36.23 11.81 80.86
C LEU G 245 -37.24 12.94 81.11
N GLN G 246 -38.44 12.59 81.57
CA GLN G 246 -39.45 13.60 81.86
C GLN G 246 -38.99 14.54 82.96
N SER G 247 -38.46 14.00 84.06
CA SER G 247 -37.95 14.83 85.15
C SER G 247 -36.80 15.71 84.67
N PHE G 248 -35.90 15.15 83.86
CA PHE G 248 -34.77 15.90 83.32
C PHE G 248 -35.24 17.08 82.48
N PHE G 249 -36.15 16.84 81.54
CA PHE G 249 -36.64 17.91 80.69
C PHE G 249 -37.45 18.94 81.48
N THR G 250 -38.17 18.52 82.51
CA THR G 250 -38.83 19.48 83.38
C THR G 250 -37.80 20.37 84.08
N LYS G 251 -36.72 19.77 84.58
CA LYS G 251 -35.71 20.55 85.29
C LYS G 251 -34.93 21.46 84.36
N MET G 252 -34.74 21.06 83.10
CA MET G 252 -33.94 21.81 82.14
C MET G 252 -34.77 22.69 81.21
N ALA G 253 -36.06 22.87 81.50
CA ALA G 253 -36.95 23.61 80.61
C ALA G 253 -36.39 24.99 80.26
N LYS G 254 -35.81 25.68 81.22
CA LYS G 254 -35.24 27.00 81.00
C LYS G 254 -33.79 26.96 80.55
N LYS G 255 -33.20 25.77 80.38
CA LYS G 255 -31.80 25.66 79.99
C LYS G 255 -31.60 24.78 78.76
N LYS G 256 -32.65 24.55 77.96
CA LYS G 256 -32.51 23.74 76.75
C LYS G 256 -31.39 24.27 75.86
N SER G 257 -31.37 25.59 75.62
CA SER G 257 -30.36 26.18 74.74
C SER G 257 -28.95 25.92 75.25
N LEU G 258 -28.79 25.74 76.57
CA LEU G 258 -27.46 25.50 77.12
C LEU G 258 -26.95 24.11 76.72
N MET G 259 -27.84 23.15 76.52
CA MET G 259 -27.45 21.79 76.15
C MET G 259 -27.69 21.49 74.68
N ASP G 260 -27.79 22.52 73.83
CA ASP G 260 -28.03 22.34 72.40
C ASP G 260 -29.26 21.48 72.13
N ILE G 261 -30.33 21.73 72.88
CA ILE G 261 -31.61 21.06 72.66
C ILE G 261 -32.53 22.05 71.94
N PRO G 262 -32.90 21.80 70.68
CA PRO G 262 -33.85 22.67 70.00
C PRO G 262 -35.16 22.78 70.77
N GLU G 263 -35.73 23.99 70.77
CA GLU G 263 -37.00 24.22 71.43
C GLU G 263 -38.10 23.33 70.87
N SER G 264 -38.01 22.96 69.58
CA SER G 264 -39.02 22.11 68.96
C SER G 264 -39.01 20.68 69.48
N GLN G 265 -37.92 20.25 70.13
CA GLN G 265 -37.79 18.87 70.57
C GLN G 265 -38.11 18.73 72.05
N ASN G 266 -38.62 17.55 72.42
CA ASN G 266 -39.05 17.23 73.77
C ASN G 266 -38.41 15.91 74.21
N GLU G 267 -38.78 15.47 75.40
CA GLU G 267 -38.20 14.26 76.00
C GLU G 267 -38.44 13.02 75.14
N ASP G 269 -38.12 12.55 71.90
CA ASP G 269 -37.21 12.60 70.75
C ASP G 269 -35.83 12.06 71.11
N PHE G 270 -35.62 11.75 72.39
CA PHE G 270 -34.30 11.36 72.88
C PHE G 270 -34.36 10.04 73.64
N VAL G 271 -33.18 9.41 73.77
CA VAL G 271 -33.00 8.21 74.56
C VAL G 271 -31.74 8.37 75.41
N LEU G 272 -31.66 7.56 76.46
CA LEU G 272 -30.47 7.50 77.31
C LEU G 272 -29.57 6.35 76.86
N ARG G 273 -28.28 6.65 76.65
CA ARG G 273 -27.28 5.66 76.27
C ARG G 273 -26.09 5.72 77.21
N VAL G 274 -25.41 4.59 77.39
CA VAL G 274 -24.21 4.58 78.22
C VAL G 274 -23.08 5.30 77.51
N CYS G 275 -22.38 6.17 78.25
CA CYS G 275 -21.24 6.88 77.69
C CYS G 275 -20.16 5.91 77.25
N GLY G 276 -19.71 6.06 76.01
CA GLY G 276 -18.66 5.23 75.47
C GLY G 276 -19.05 3.82 75.13
N ARG G 277 -20.33 3.45 75.27
CA ARG G 277 -20.78 2.11 74.98
C ARG G 277 -22.10 2.18 74.21
N ASP G 278 -22.29 1.21 73.31
CA ASP G 278 -23.56 1.08 72.59
C ASP G 278 -24.53 0.23 73.40
N GLU G 279 -24.96 0.81 74.53
CA GLU G 279 -25.90 0.15 75.44
C GLU G 279 -26.95 1.17 75.86
N TYR G 280 -28.21 0.84 75.62
CA TYR G 280 -29.32 1.79 75.76
C TYR G 280 -30.17 1.49 77.00
N LEU G 281 -30.68 2.55 77.59
CA LEU G 281 -31.57 2.49 78.75
C LEU G 281 -32.97 2.92 78.30
N VAL G 282 -33.82 1.94 77.98
CA VAL G 282 -35.15 2.20 77.45
C VAL G 282 -36.13 1.22 78.09
N GLY G 283 -37.41 1.53 77.93
CA GLY G 283 -38.48 0.68 78.45
C GLY G 283 -38.96 1.06 79.83
N GLU G 284 -39.81 0.19 80.36
CA GLU G 284 -40.44 0.39 81.66
C GLU G 284 -39.69 -0.31 82.79
N THR G 285 -38.44 -0.71 82.53
CA THR G 285 -37.63 -1.38 83.54
C THR G 285 -37.03 -0.36 84.50
N PRO G 286 -37.10 -0.60 85.81
CA PRO G 286 -36.43 0.30 86.76
C PRO G 286 -34.93 0.42 86.47
N ILE G 287 -34.41 1.62 86.69
CA ILE G 287 -33.01 1.92 86.40
C ILE G 287 -32.06 0.98 87.15
N LYS G 288 -32.46 0.54 88.35
CA LYS G 288 -31.61 -0.35 89.15
C LYS G 288 -31.41 -1.71 88.50
N ASN G 289 -32.26 -2.09 87.55
CA ASN G 289 -32.18 -3.40 86.94
C ASN G 289 -31.33 -3.42 85.68
N PHE G 290 -30.79 -2.29 85.26
CA PHE G 290 -29.86 -2.27 84.14
C PHE G 290 -28.48 -2.71 84.60
N GLN G 291 -27.85 -3.59 83.81
CA GLN G 291 -26.58 -4.19 84.22
C GLN G 291 -25.48 -3.13 84.38
N TRP G 292 -25.45 -2.13 83.50
CA TRP G 292 -24.46 -1.06 83.64
C TRP G 292 -24.61 -0.33 84.96
N VAL G 293 -25.86 -0.05 85.36
CA VAL G 293 -26.10 0.64 86.62
C VAL G 293 -25.62 -0.21 87.79
N ARG G 294 -25.89 -1.53 87.73
CA ARG G 294 -25.41 -2.43 88.77
C ARG G 294 -23.89 -2.46 88.82
N GLN G 295 -23.23 -2.42 87.66
CA GLN G 295 -21.78 -2.40 87.61
C GLN G 295 -21.23 -1.14 88.26
N CYS G 296 -21.82 0.02 87.92
CA CYS G 296 -21.42 1.28 88.53
C CYS G 296 -21.60 1.25 90.05
N LEU G 297 -22.74 0.74 90.52
CA LEU G 297 -22.97 0.62 91.96
C LEU G 297 -21.96 -0.32 92.61
N LYS G 298 -21.67 -1.44 91.94
CA LYS G 298 -20.71 -2.41 92.47
C LYS G 298 -19.32 -1.80 92.62
N ASN G 299 -18.89 -1.02 91.62
CA ASN G 299 -17.56 -0.42 91.65
C ASN G 299 -17.51 0.89 92.43
N GLY G 300 -18.66 1.49 92.73
CA GLY G 300 -18.67 2.82 93.32
C GLY G 300 -18.40 3.93 92.34
N GLU G 301 -18.74 3.74 91.07
CA GLU G 301 -18.54 4.73 90.03
C GLU G 301 -19.81 5.55 89.82
N GLU G 302 -19.62 6.77 89.31
CA GLU G 302 -20.75 7.59 88.91
C GLU G 302 -21.40 7.01 87.65
N ILE G 303 -22.72 7.15 87.56
CA ILE G 303 -23.50 6.66 86.43
C ILE G 303 -23.53 7.77 85.38
N HIS G 304 -22.75 7.60 84.32
CA HIS G 304 -22.67 8.57 83.24
C HIS G 304 -23.49 8.09 82.05
N LEU G 305 -24.43 8.92 81.61
CA LEU G 305 -25.26 8.64 80.44
C LEU G 305 -25.20 9.81 79.47
N VAL G 306 -25.41 9.51 78.19
CA VAL G 306 -25.54 10.50 77.13
C VAL G 306 -27.00 10.57 76.67
N LEU G 307 -27.47 11.78 76.42
CA LEU G 307 -28.78 12.04 75.84
C LEU G 307 -28.64 12.01 74.32
N ASP G 308 -28.96 10.87 73.70
CA ASP G 308 -28.73 10.65 72.29
C ASP G 308 -30.04 10.64 71.51
N THR G 309 -29.93 10.73 70.18
CA THR G 309 -31.06 10.44 69.32
C THR G 309 -31.15 8.92 69.10
N PRO G 310 -32.37 8.38 69.02
CA PRO G 310 -32.51 6.94 68.78
C PRO G 310 -31.96 6.55 67.42
N PRO G 311 -31.39 5.37 67.29
CA PRO G 311 -30.90 4.90 65.98
C PRO G 311 -32.03 4.80 64.97
N ASP G 312 -31.65 4.92 63.69
CA ASP G 312 -32.55 4.80 62.55
C ASP G 312 -33.09 3.37 62.49
N PRO G 313 -34.40 3.20 62.69
CA PRO G 313 -34.97 1.83 62.62
C PRO G 313 -34.87 1.20 61.25
N ALA G 314 -34.76 2.01 60.18
CA ALA G 314 -34.70 1.45 58.82
C ALA G 314 -33.49 0.54 58.63
N LEU G 315 -32.42 0.76 59.40
CA LEU G 315 -31.25 -0.10 59.30
C LEU G 315 -31.53 -1.51 59.79
N ASP G 316 -32.54 -1.71 60.63
CA ASP G 316 -32.89 -3.03 61.09
C ASP G 316 -34.07 -3.63 60.33
N GLU G 317 -34.57 -2.94 59.32
CA GLU G 317 -35.54 -3.55 58.41
C GLU G 317 -34.88 -4.66 57.61
N VAL G 318 -35.58 -5.76 57.46
CA VAL G 318 -35.07 -6.94 56.77
C VAL G 318 -35.51 -6.90 55.31
N ARG G 319 -34.60 -7.30 54.42
CA ARG G 319 -34.92 -7.40 53.00
C ARG G 319 -36.14 -8.27 52.79
N LYS G 320 -36.93 -7.93 51.77
CA LYS G 320 -38.10 -8.71 51.42
C LYS G 320 -37.70 -10.14 51.10
N GLU G 321 -38.38 -11.09 51.73
CA GLU G 321 -38.14 -12.51 51.48
C GLU G 321 -38.66 -12.89 50.09
N GLU G 322 -37.78 -13.43 49.25
CA GLU G 322 -38.20 -13.89 47.92
C GLU G 322 -38.87 -15.26 47.96
N TRP G 323 -38.52 -16.09 48.96
CA TRP G 323 -39.03 -17.44 49.10
C TRP G 323 -40.45 -17.43 49.66
N PRO G 324 -41.35 -18.23 49.10
CA PRO G 324 -42.64 -18.46 49.76
C PRO G 324 -42.45 -19.09 51.13
N LEU G 325 -43.40 -18.82 52.01
CA LEU G 325 -43.39 -19.43 53.34
C LEU G 325 -43.69 -20.92 53.24
N VAL G 326 -43.20 -21.66 54.24
CA VAL G 326 -43.40 -23.11 54.33
C VAL G 326 -44.05 -23.40 55.68
N ASP G 327 -45.18 -24.11 55.67
CA ASP G 327 -45.93 -24.35 56.88
C ASP G 327 -45.28 -25.45 57.72
N ASP G 328 -45.60 -25.44 59.02
CA ASP G 328 -45.03 -26.39 59.98
C ASP G 328 -45.47 -27.83 59.74
N CYS G 329 -46.49 -28.06 58.93
CA CYS G 329 -46.90 -29.42 58.59
C CYS G 329 -46.13 -30.00 57.41
N THR G 330 -45.21 -29.24 56.83
CA THR G 330 -44.38 -29.75 55.75
C THR G 330 -43.51 -30.90 56.23
N GLY G 331 -43.51 -31.99 55.47
CA GLY G 331 -42.82 -33.20 55.84
C GLY G 331 -43.58 -34.13 56.75
N VAL G 332 -44.82 -33.79 57.10
CA VAL G 332 -45.63 -34.62 57.97
C VAL G 332 -46.25 -35.76 57.18
N THR G 333 -46.01 -37.00 57.63
CA THR G 333 -46.53 -38.16 56.94
C THR G 333 -47.98 -38.46 57.32
N GLY G 334 -48.42 -38.02 58.50
CA GLY G 334 -49.78 -38.22 58.93
C GLY G 334 -49.89 -39.28 60.01
N TYR G 335 -51.13 -39.62 60.33
CA TYR G 335 -51.38 -40.65 61.33
C TYR G 335 -51.36 -42.05 60.74
N HIS G 336 -51.31 -43.04 61.64
CA HIS G 336 -51.33 -44.45 61.24
C HIS G 336 -52.58 -44.78 60.45
N GLU G 337 -53.74 -44.26 60.88
CA GLU G 337 -55.00 -44.59 60.22
C GLU G 337 -55.00 -44.21 58.75
N GLN G 338 -54.25 -43.18 58.38
CA GLN G 338 -54.20 -42.71 57.00
C GLN G 338 -53.14 -43.43 56.17
N LEU G 339 -52.14 -44.01 56.81
CA LEU G 339 -51.05 -44.68 56.11
C LEU G 339 -51.16 -46.20 56.13
N THR G 340 -51.99 -46.75 57.03
CA THR G 340 -52.06 -48.19 57.19
C THR G 340 -52.64 -48.83 55.94
N ILE G 341 -52.11 -50.01 55.60
CA ILE G 341 -52.63 -50.76 54.46
C ILE G 341 -53.82 -51.63 54.85
N HIS G 342 -54.01 -51.86 56.15
CA HIS G 342 -55.08 -52.74 56.63
C HIS G 342 -56.44 -52.14 56.31
N GLY G 343 -57.28 -52.91 55.62
CA GLY G 343 -58.61 -52.47 55.29
C GLY G 343 -58.69 -51.54 54.10
N LYS G 344 -57.57 -51.24 53.46
CA LYS G 344 -57.55 -50.32 52.34
C LYS G 344 -57.38 -51.05 51.02
N ASP G 345 -57.91 -50.42 49.99
CA ASP G 345 -57.75 -50.87 48.62
C ASP G 345 -56.35 -50.53 48.13
N HIS G 346 -55.75 -51.47 47.38
CA HIS G 346 -54.42 -51.22 46.82
C HIS G 346 -54.37 -49.93 46.01
N GLU G 347 -55.49 -49.58 45.36
CA GLU G 347 -55.55 -48.34 44.60
C GLU G 347 -55.46 -47.13 45.51
N SER G 348 -55.74 -47.29 46.80
CA SER G 348 -55.67 -46.22 47.77
C SER G 348 -54.40 -46.26 48.60
N VAL G 349 -53.44 -47.10 48.22
CA VAL G 349 -52.16 -47.17 48.92
C VAL G 349 -51.13 -46.42 48.08
N PHE G 350 -50.62 -45.33 48.64
CA PHE G 350 -49.51 -44.60 48.05
C PHE G 350 -48.31 -44.52 48.97
N THR G 351 -48.53 -44.65 50.28
CA THR G 351 -47.49 -44.75 51.29
C THR G 351 -47.91 -45.80 52.29
N VAL G 352 -46.95 -46.56 52.80
CA VAL G 352 -47.22 -47.63 53.75
C VAL G 352 -46.69 -47.22 55.11
N SER G 353 -47.49 -47.47 56.14
CA SER G 353 -47.09 -47.13 57.50
C SER G 353 -45.93 -48.01 57.96
N LEU G 354 -44.93 -47.37 58.57
CA LEU G 354 -43.81 -48.11 59.15
C LEU G 354 -44.29 -49.11 60.20
N TRP G 355 -45.39 -48.80 60.89
CA TRP G 355 -45.89 -49.67 61.95
C TRP G 355 -46.56 -50.92 61.40
N ASP G 356 -46.78 -51.00 60.08
CA ASP G 356 -47.31 -52.20 59.46
C ASP G 356 -46.23 -53.15 58.99
N CYS G 357 -44.96 -52.77 59.09
CA CYS G 357 -43.86 -53.56 58.58
C CYS G 357 -43.33 -54.42 59.72
N ASP G 358 -43.78 -55.68 59.75
CA ASP G 358 -43.48 -56.60 60.84
C ASP G 358 -42.24 -57.44 60.57
N ARG G 359 -41.13 -56.82 60.18
CA ARG G 359 -39.96 -57.59 59.79
C ARG G 359 -38.67 -57.05 60.38
N LYS G 360 -37.68 -57.93 60.42
CA LYS G 360 -36.35 -57.56 60.88
C LYS G 360 -35.67 -56.66 59.86
N PHE G 361 -35.05 -55.60 60.35
CA PHE G 361 -34.29 -54.70 59.49
C PHE G 361 -33.01 -55.38 59.03
N ARG G 362 -32.60 -55.08 57.80
CA ARG G 362 -31.40 -55.69 57.27
C ARG G 362 -30.71 -54.71 56.33
N VAL G 363 -29.42 -54.88 56.17
CA VAL G 363 -28.62 -54.05 55.26
C VAL G 363 -27.60 -54.95 54.58
N LYS G 364 -27.42 -54.76 53.28
CA LYS G 364 -26.43 -55.51 52.53
C LYS G 364 -25.13 -54.72 52.48
N ILE G 365 -24.05 -55.36 52.94
CA ILE G 365 -22.71 -54.82 52.83
C ILE G 365 -22.13 -55.34 51.51
N ARG G 366 -21.99 -54.45 50.53
CA ARG G 366 -21.37 -54.83 49.27
C ARG G 366 -19.87 -54.93 49.43
N GLY G 367 -19.26 -53.88 49.98
CA GLY G 367 -17.85 -53.94 50.30
C GLY G 367 -17.31 -52.56 50.60
N ILE G 368 -15.98 -52.52 50.77
CA ILE G 368 -15.23 -51.30 51.06
C ILE G 368 -14.10 -51.20 50.06
N ASP G 369 -13.55 -49.99 49.95
CA ASP G 369 -12.26 -49.81 49.30
C ASP G 369 -11.61 -48.54 49.81
N ILE G 370 -10.29 -48.47 49.62
CA ILE G 370 -9.49 -47.36 50.11
C ILE G 370 -8.46 -47.03 49.04
N PRO G 371 -8.25 -45.75 48.70
CA PRO G 371 -7.26 -45.45 47.64
C PRO G 371 -5.83 -45.75 48.06
N VAL G 372 -5.52 -45.53 49.33
CA VAL G 372 -4.19 -45.76 49.88
C VAL G 372 -4.35 -46.77 51.01
N LEU G 373 -3.74 -47.93 50.87
CA LEU G 373 -3.82 -48.94 51.91
C LEU G 373 -2.96 -48.57 53.10
N PRO G 374 -3.32 -49.03 54.29
CA PRO G 374 -2.42 -48.86 55.45
C PRO G 374 -1.16 -49.70 55.25
N ARG G 375 -0.03 -49.10 55.60
CA ARG G 375 1.30 -49.66 55.31
C ARG G 375 1.52 -51.10 55.78
N THR G 376 0.61 -51.64 56.58
CA THR G 376 0.78 -52.95 57.19
C THR G 376 0.19 -54.01 56.27
N ALA G 377 1.04 -54.91 55.79
CA ALA G 377 0.74 -55.75 54.63
C ALA G 377 -0.07 -57.00 54.95
N ASP G 378 -0.35 -57.30 56.21
CA ASP G 378 -0.96 -58.58 56.59
C ASP G 378 -2.10 -58.33 57.58
N LEU G 379 -3.09 -57.60 57.10
CA LEU G 379 -4.24 -57.21 57.92
C LEU G 379 -5.54 -57.76 57.33
N THR G 380 -6.41 -58.24 58.21
CA THR G 380 -7.77 -58.60 57.86
C THR G 380 -8.70 -57.47 58.27
N VAL G 381 -9.78 -57.31 57.53
CA VAL G 381 -10.73 -56.23 57.76
C VAL G 381 -12.12 -56.80 57.84
N PHE G 382 -12.95 -56.27 58.74
CA PHE G 382 -14.36 -56.63 58.77
C PHE G 382 -15.19 -55.40 59.14
N VAL G 383 -16.48 -55.50 58.82
CA VAL G 383 -17.44 -54.43 59.03
C VAL G 383 -18.37 -54.82 60.16
N GLU G 384 -18.54 -53.90 61.11
CA GLU G 384 -19.50 -54.02 62.19
C GLU G 384 -20.62 -53.01 61.98
N ALA G 385 -21.86 -53.49 61.88
CA ALA G 385 -23.03 -52.65 61.69
C ALA G 385 -23.85 -52.62 62.98
N ASN G 386 -24.15 -51.43 63.47
CA ASN G 386 -24.93 -51.23 64.68
C ASN G 386 -26.12 -50.36 64.38
N ILE G 387 -27.28 -50.71 64.92
CA ILE G 387 -28.40 -49.78 64.99
C ILE G 387 -28.28 -49.06 66.34
N GLN G 388 -28.18 -47.74 66.31
CA GLN G 388 -27.99 -46.94 67.50
C GLN G 388 -29.11 -45.93 67.65
N TYR G 389 -29.55 -45.73 68.88
CA TYR G 389 -30.48 -44.65 69.22
C TYR G 389 -29.85 -43.84 70.34
N GLY G 390 -29.55 -42.58 70.06
CA GLY G 390 -28.78 -41.78 71.00
C GLY G 390 -27.46 -42.46 71.24
N GLN G 391 -27.19 -42.82 72.49
CA GLN G 391 -25.96 -43.47 72.85
C GLN G 391 -26.13 -44.97 73.05
N GLN G 392 -27.32 -45.49 72.82
CA GLN G 392 -27.61 -46.90 73.08
C GLN G 392 -27.51 -47.71 71.78
N VAL G 393 -26.84 -48.85 71.85
CA VAL G 393 -26.76 -49.78 70.72
C VAL G 393 -27.90 -50.78 70.88
N LEU G 394 -28.86 -50.74 69.94
CA LEU G 394 -30.02 -51.62 69.99
C LEU G 394 -29.69 -53.03 69.50
N CYS G 395 -28.94 -53.14 68.40
CA CYS G 395 -28.58 -54.44 67.84
C CYS G 395 -27.29 -54.31 67.06
N GLN G 396 -26.67 -55.46 66.78
CA GLN G 396 -25.35 -55.50 66.17
C GLN G 396 -25.17 -56.74 65.29
N ARG G 397 -24.51 -56.55 64.15
CA ARG G 397 -24.13 -57.64 63.26
C ARG G 397 -22.76 -57.34 62.67
N ARG G 398 -22.07 -58.39 62.23
CA ARG G 398 -20.73 -58.25 61.67
C ARG G 398 -20.56 -59.13 60.44
N THR G 399 -19.67 -58.71 59.55
CA THR G 399 -19.24 -59.50 58.41
C THR G 399 -18.06 -60.38 58.80
N SER G 400 -17.81 -61.40 57.97
CA SER G 400 -16.64 -62.24 58.16
C SER G 400 -15.37 -61.47 57.78
N PRO G 401 -14.26 -61.74 58.48
CA PRO G 401 -13.02 -61.03 58.16
C PRO G 401 -12.49 -61.43 56.79
N LYS G 402 -11.95 -60.46 56.07
CA LYS G 402 -11.34 -60.67 54.77
C LYS G 402 -10.04 -59.88 54.71
N PRO G 403 -9.08 -60.34 53.89
CA PRO G 403 -7.82 -59.60 53.74
C PRO G 403 -8.07 -58.15 53.36
N PHE G 404 -7.33 -57.25 54.02
CA PHE G 404 -7.48 -55.82 53.80
C PHE G 404 -6.73 -55.43 52.54
N THR G 405 -7.46 -55.29 51.44
CA THR G 405 -6.90 -54.86 50.17
C THR G 405 -7.48 -53.50 49.81
N GLU G 406 -7.02 -52.96 48.67
CA GLU G 406 -7.57 -51.70 48.19
C GLU G 406 -9.07 -51.78 48.00
N GLU G 407 -9.58 -52.98 47.75
CA GLU G 407 -11.01 -53.24 47.62
C GLU G 407 -11.34 -54.59 48.25
N VAL G 408 -12.34 -54.61 49.13
CA VAL G 408 -12.80 -55.81 49.81
C VAL G 408 -14.28 -56.01 49.52
N LEU G 409 -14.62 -57.18 48.99
CA LEU G 409 -15.96 -57.54 48.56
C LEU G 409 -16.55 -58.58 49.51
N TRP G 410 -17.65 -58.24 50.17
CA TRP G 410 -18.43 -59.18 50.96
C TRP G 410 -19.73 -59.57 50.26
N ASN G 411 -20.52 -58.57 49.83
CA ASN G 411 -21.80 -58.79 49.16
C ASN G 411 -22.71 -59.71 49.98
N VAL G 412 -22.96 -59.31 51.24
CA VAL G 412 -23.71 -60.14 52.17
C VAL G 412 -24.75 -59.32 52.92
N TRP G 413 -25.90 -59.94 53.21
CA TRP G 413 -26.95 -59.32 54.00
C TRP G 413 -26.73 -59.54 55.49
N LEU G 414 -26.82 -58.47 56.27
CA LEU G 414 -26.84 -58.53 57.71
C LEU G 414 -28.25 -58.20 58.18
N GLU G 415 -28.90 -59.17 58.80
CA GLU G 415 -30.25 -59.00 59.34
C GLU G 415 -30.16 -58.76 60.84
N PHE G 416 -30.82 -57.70 61.30
CA PHE G 416 -30.77 -57.31 62.69
C PHE G 416 -31.94 -57.89 63.46
N SER G 417 -31.74 -58.08 64.76
CA SER G 417 -32.80 -58.57 65.65
C SER G 417 -33.75 -57.47 66.07
N ILE G 418 -34.06 -56.53 65.18
CA ILE G 418 -35.01 -55.47 65.42
C ILE G 418 -35.95 -55.41 64.23
N LYS G 419 -37.25 -55.29 64.50
CA LYS G 419 -38.21 -55.15 63.44
C LYS G 419 -38.26 -53.71 62.94
N ILE G 420 -38.65 -53.55 61.67
CA ILE G 420 -38.75 -52.22 61.09
C ILE G 420 -39.75 -51.37 61.86
N LYS G 421 -40.88 -51.98 62.24
CA LYS G 421 -41.93 -51.25 62.96
C LYS G 421 -41.44 -50.73 64.31
N ASP G 422 -40.33 -51.25 64.82
CA ASP G 422 -39.80 -50.87 66.12
C ASP G 422 -38.63 -49.90 66.02
N LEU G 423 -38.29 -49.45 64.82
CA LEU G 423 -37.19 -48.50 64.66
C LEU G 423 -37.60 -47.13 65.19
N PRO G 424 -36.87 -46.55 66.13
CA PRO G 424 -37.22 -45.23 66.65
C PRO G 424 -36.83 -44.13 65.67
N LYS G 425 -37.51 -42.98 65.82
CA LYS G 425 -37.14 -41.79 65.07
C LYS G 425 -35.77 -41.30 65.52
N GLY G 426 -34.84 -41.22 64.58
CA GLY G 426 -33.47 -40.84 64.88
C GLY G 426 -32.52 -42.00 64.92
N ALA G 427 -33.00 -43.22 64.68
CA ALA G 427 -32.14 -44.39 64.65
C ALA G 427 -31.08 -44.22 63.56
N LEU G 428 -29.84 -44.57 63.91
CA LEU G 428 -28.69 -44.45 63.03
C LEU G 428 -28.10 -45.82 62.77
N LEU G 429 -27.83 -46.11 61.50
CA LEU G 429 -26.98 -47.24 61.12
C LEU G 429 -25.53 -46.78 61.21
N ASN G 430 -24.85 -47.25 62.23
CA ASN G 430 -23.45 -46.92 62.47
C ASN G 430 -22.60 -48.06 61.92
N LEU G 431 -21.83 -47.76 60.87
CA LEU G 431 -20.96 -48.73 60.24
C LEU G 431 -19.53 -48.45 60.67
N GLN G 432 -18.84 -49.48 61.13
CA GLN G 432 -17.47 -49.36 61.59
C GLN G 432 -16.60 -50.39 60.89
N ILE G 433 -15.41 -49.97 60.50
CA ILE G 433 -14.42 -50.83 59.88
C ILE G 433 -13.33 -51.10 60.88
N TYR G 434 -13.15 -52.40 61.20
CA TYR G 434 -12.14 -52.92 62.12
C TYR G 434 -11.08 -53.71 61.37
N CYS G 435 -9.86 -53.63 61.88
CA CYS G 435 -8.70 -54.31 61.32
C CYS G 435 -8.03 -55.16 62.39
N GLY G 436 -7.59 -56.36 62.00
CA GLY G 436 -6.87 -57.23 62.90
C GLY G 436 -5.74 -57.95 62.18
N LYS G 437 -4.88 -58.58 62.98
CA LYS G 437 -3.80 -59.37 62.42
C LYS G 437 -4.34 -60.65 61.80
N ALA G 438 -3.82 -60.99 60.62
CA ALA G 438 -4.21 -62.24 59.97
C ALA G 438 -3.79 -63.42 60.82
N PRO G 439 -4.67 -64.41 61.05
CA PRO G 439 -4.34 -65.62 61.83
C PRO G 439 -3.15 -66.38 61.24
N LYS G 457 -6.73 -57.82 69.77
CA LYS G 457 -7.81 -56.84 69.81
C LYS G 457 -7.93 -56.10 68.49
N ALA G 458 -8.96 -56.44 67.72
CA ALA G 458 -9.29 -55.71 66.51
C ALA G 458 -9.31 -54.20 66.78
N GLN G 459 -8.58 -53.44 65.96
CA GLN G 459 -8.52 -52.00 66.11
C GLN G 459 -9.55 -51.34 65.21
N LEU G 460 -10.35 -50.46 65.80
CA LEU G 460 -11.33 -49.71 65.01
C LEU G 460 -10.62 -48.65 64.18
N LEU G 461 -10.86 -48.69 62.87
CA LEU G 461 -10.20 -47.77 61.95
C LEU G 461 -11.14 -46.74 61.35
N TYR G 462 -12.33 -47.13 60.89
CA TYR G 462 -13.18 -46.15 60.22
C TYR G 462 -14.61 -46.27 60.72
N TYR G 463 -15.37 -45.20 60.53
CA TYR G 463 -16.78 -45.22 60.93
C TYR G 463 -17.57 -44.21 60.10
N VAL G 464 -18.88 -44.48 59.98
CA VAL G 464 -19.82 -43.56 59.33
C VAL G 464 -21.22 -43.86 59.86
N ASN G 465 -22.06 -42.83 59.92
CA ASN G 465 -23.44 -42.99 60.38
C ASN G 465 -24.43 -42.65 59.27
N LEU G 466 -25.55 -43.37 59.26
CA LEU G 466 -26.63 -43.16 58.30
C LEU G 466 -27.95 -43.09 59.05
N LEU G 467 -28.63 -41.96 58.98
CA LEU G 467 -29.97 -41.88 59.55
C LEU G 467 -30.94 -42.76 58.77
N LEU G 468 -31.67 -43.62 59.49
CA LEU G 468 -32.51 -44.61 58.81
C LEU G 468 -33.84 -44.00 58.38
N ILE G 469 -34.42 -43.12 59.20
CA ILE G 469 -35.62 -42.38 58.86
C ILE G 469 -35.22 -40.94 58.58
N ASP G 470 -35.40 -40.51 57.34
CA ASP G 470 -34.90 -39.19 56.94
C ASP G 470 -35.77 -38.09 57.53
N HIS G 471 -35.44 -36.85 57.14
CA HIS G 471 -36.13 -35.68 57.68
C HIS G 471 -37.59 -35.60 57.27
N ARG G 472 -38.00 -36.36 56.26
CA ARG G 472 -39.38 -36.40 55.81
C ARG G 472 -40.16 -37.56 56.43
N PHE G 473 -39.56 -38.23 57.42
CA PHE G 473 -40.14 -39.36 58.13
C PHE G 473 -40.28 -40.58 57.25
N LEU G 474 -39.49 -40.66 56.19
CA LEU G 474 -39.49 -41.79 55.26
C LEU G 474 -38.32 -42.69 55.57
N LEU G 475 -38.57 -44.01 55.59
CA LEU G 475 -37.50 -44.99 55.72
C LEU G 475 -36.62 -44.95 54.49
N ARG G 476 -35.31 -44.86 54.71
CA ARG G 476 -34.39 -44.81 53.58
C ARG G 476 -34.31 -46.18 52.89
N HIS G 477 -34.08 -46.14 51.58
CA HIS G 477 -34.05 -47.35 50.78
C HIS G 477 -33.05 -47.16 49.64
N GLY G 478 -32.58 -48.27 49.10
CA GLY G 478 -31.73 -48.23 47.92
C GLY G 478 -30.26 -48.26 48.25
N GLU G 479 -29.46 -47.80 47.29
CA GLU G 479 -28.01 -47.93 47.37
C GLU G 479 -27.39 -46.69 47.97
N TYR G 480 -26.34 -46.88 48.77
CA TYR G 480 -25.61 -45.78 49.40
C TYR G 480 -24.10 -46.03 49.33
N VAL G 481 -23.35 -45.01 48.93
CA VAL G 481 -21.90 -44.98 49.05
C VAL G 481 -21.53 -43.93 50.10
N LEU G 482 -21.03 -44.38 51.24
CA LEU G 482 -20.73 -43.50 52.37
C LEU G 482 -19.23 -43.36 52.53
N HIS G 483 -18.75 -42.12 52.55
CA HIS G 483 -17.35 -41.82 52.79
C HIS G 483 -17.12 -41.72 54.29
N MET G 484 -16.19 -42.51 54.80
CA MET G 484 -16.07 -42.76 56.23
C MET G 484 -15.02 -41.86 56.87
N TRP G 485 -15.23 -41.59 58.16
CA TRP G 485 -14.28 -40.83 58.98
C TRP G 485 -13.21 -41.76 59.53
N GLN G 486 -11.98 -41.28 59.51
CA GLN G 486 -10.86 -42.01 60.09
C GLN G 486 -10.71 -41.67 61.56
N LEU G 487 -10.43 -42.69 62.37
CA LEU G 487 -10.18 -42.51 63.80
C LEU G 487 -8.67 -42.38 64.01
N SER G 488 -8.22 -41.14 64.21
CA SER G 488 -6.82 -40.88 64.50
C SER G 488 -6.43 -41.49 65.85
N LEU G 502 -22.31 -38.89 66.59
CA LEU G 502 -23.77 -38.96 66.43
C LEU G 502 -24.21 -38.24 65.17
N THR G 503 -23.25 -37.71 64.42
CA THR G 503 -23.57 -36.98 63.20
C THR G 503 -23.83 -37.95 62.05
N SER G 504 -24.83 -37.62 61.24
CA SER G 504 -25.15 -38.41 60.05
C SER G 504 -24.43 -37.90 58.81
N ARG G 505 -23.54 -36.93 58.97
CA ARG G 505 -22.78 -36.41 57.85
C ARG G 505 -21.61 -37.33 57.49
N THR G 506 -21.28 -37.35 56.20
CA THR G 506 -20.21 -38.18 55.67
C THR G 506 -18.97 -37.35 55.40
N ASN G 507 -17.83 -38.04 55.29
CA ASN G 507 -16.55 -37.39 55.05
C ASN G 507 -16.61 -36.61 53.73
N PRO G 508 -16.34 -35.29 53.74
CA PRO G 508 -16.41 -34.53 52.49
C PRO G 508 -15.29 -34.87 51.52
N ASP G 509 -14.17 -35.42 51.99
CA ASP G 509 -13.05 -35.78 51.14
C ASP G 509 -13.39 -37.08 50.41
N LYS G 510 -14.17 -36.94 49.34
CA LYS G 510 -14.63 -38.12 48.62
C LYS G 510 -13.53 -38.77 47.80
N GLU G 511 -12.42 -38.08 47.59
CA GLU G 511 -11.35 -38.58 46.74
C GLU G 511 -10.37 -39.49 47.48
N ASN G 512 -10.20 -39.29 48.79
CA ASN G 512 -9.16 -39.97 49.55
C ASN G 512 -9.68 -40.72 50.77
N SER G 513 -10.93 -40.53 51.17
CA SER G 513 -11.46 -41.17 52.36
C SER G 513 -11.93 -42.58 52.04
N MET G 514 -11.86 -43.44 53.06
CA MET G 514 -12.42 -44.78 52.94
C MET G 514 -13.92 -44.67 52.71
N SER G 515 -14.43 -45.55 51.85
CA SER G 515 -15.84 -45.56 51.52
C SER G 515 -16.38 -46.96 51.64
N ILE G 516 -17.66 -47.04 51.98
CA ILE G 516 -18.36 -48.31 52.12
C ILE G 516 -19.63 -48.24 51.29
N SER G 517 -19.91 -49.31 50.54
CA SER G 517 -21.11 -49.41 49.71
C SER G 517 -22.11 -50.36 50.37
N ILE G 518 -23.34 -49.88 50.55
CA ILE G 518 -24.40 -50.67 51.19
C ILE G 518 -25.68 -50.57 50.37
N LEU G 519 -26.57 -51.52 50.62
CA LEU G 519 -27.87 -51.58 49.97
C LEU G 519 -28.96 -51.79 51.02
N LEU G 520 -29.97 -50.94 51.00
CA LEU G 520 -31.19 -51.10 51.78
C LEU G 520 -32.34 -51.52 50.87
N ASP G 521 -33.28 -52.27 51.46
CA ASP G 521 -34.36 -52.87 50.70
C ASP G 521 -35.17 -51.81 49.96
N ASN G 522 -35.60 -52.16 48.75
CA ASN G 522 -36.48 -51.31 47.96
C ASN G 522 -37.91 -51.80 48.09
N TYR G 523 -38.84 -50.85 48.18
CA TYR G 523 -40.26 -51.15 48.32
C TYR G 523 -41.03 -50.55 47.14
N CYS G 524 -42.22 -51.07 46.90
CA CYS G 524 -43.05 -50.54 45.82
C CYS G 524 -43.60 -49.17 46.18
N HIS G 525 -43.90 -48.95 47.46
CA HIS G 525 -44.36 -47.67 47.98
C HIS G 525 -43.43 -47.21 49.09
N PRO G 526 -43.22 -45.90 49.22
CA PRO G 526 -42.40 -45.40 50.35
C PRO G 526 -42.99 -45.81 51.69
N ILE G 527 -42.09 -45.98 52.66
CA ILE G 527 -42.45 -46.37 54.02
C ILE G 527 -42.25 -45.17 54.93
N ALA G 528 -43.30 -44.78 55.65
CA ALA G 528 -43.31 -43.55 56.43
C ALA G 528 -43.55 -43.85 57.90
N LEU G 529 -42.85 -43.12 58.76
CA LEU G 529 -43.07 -43.18 60.19
C LEU G 529 -44.31 -42.36 60.56
N PRO G 530 -45.36 -42.99 61.10
CA PRO G 530 -46.59 -42.24 61.43
C PRO G 530 -46.41 -41.37 62.67
N LYS G 531 -47.19 -40.29 62.71
CA LYS G 531 -47.33 -39.52 63.94
C LYS G 531 -48.15 -40.27 64.98
N HIS G 532 -47.71 -40.20 66.24
CA HIS G 532 -48.49 -40.77 67.34
C HIS G 532 -49.72 -39.93 67.63
N ARG G 533 -50.83 -40.60 67.82
CA ARG G 533 -52.05 -39.94 68.28
C ARG G 533 -52.13 -40.04 69.80
N PRO G 534 -52.40 -38.93 70.50
CA PRO G 534 -52.63 -39.04 71.95
C PRO G 534 -53.94 -39.76 72.27
N THR G 535 -53.87 -41.08 72.38
CA THR G 535 -55.01 -41.86 72.83
C THR G 535 -55.06 -41.90 74.36
N PRO G 536 -56.23 -41.73 74.96
CA PRO G 536 -56.34 -41.91 76.42
C PRO G 536 -55.95 -43.32 76.83
N ASP G 537 -55.07 -43.40 77.81
CA ASP G 537 -54.62 -44.68 78.36
C ASP G 537 -55.70 -45.25 79.29
N PRO G 538 -56.34 -46.36 78.93
CA PRO G 538 -57.34 -46.95 79.82
C PRO G 538 -56.74 -47.53 81.09
N GLU G 539 -55.45 -47.85 81.10
CA GLU G 539 -54.82 -48.40 82.30
C GLU G 539 -54.54 -47.34 83.34
N GLY G 540 -54.26 -46.11 82.92
CA GLY G 540 -53.95 -45.03 83.84
C GLY G 540 -55.09 -44.69 84.80
N ARG G 544 -54.70 -47.70 90.72
CA ARG G 544 -53.27 -47.61 90.99
C ARG G 544 -52.85 -48.51 92.15
N ALA G 545 -51.95 -49.44 91.88
CA ALA G 545 -51.28 -50.17 92.95
C ALA G 545 -50.48 -49.21 93.81
N GLU G 546 -50.84 -49.12 95.09
CA GLU G 546 -50.10 -48.28 96.02
C GLU G 546 -48.63 -48.72 96.07
N MET G 547 -47.74 -47.78 95.80
CA MET G 547 -46.31 -48.09 95.84
C MET G 547 -45.87 -48.35 97.27
N PRO G 548 -45.33 -49.52 97.59
CA PRO G 548 -44.84 -49.79 98.95
C PRO G 548 -43.80 -48.76 99.38
N ASN G 549 -43.84 -48.42 100.68
CA ASN G 549 -42.96 -47.38 101.20
C ASN G 549 -41.48 -47.67 100.93
N GLN G 550 -41.09 -48.94 100.96
CA GLN G 550 -39.70 -49.29 100.68
C GLN G 550 -39.32 -48.95 99.25
N LEU G 551 -40.16 -49.30 98.29
CA LEU G 551 -39.91 -48.94 96.90
C LEU G 551 -40.00 -47.45 96.68
N ARG G 552 -40.88 -46.76 97.43
CA ARG G 552 -40.91 -45.30 97.38
C ARG G 552 -39.57 -44.70 97.79
N LYS G 553 -39.01 -45.19 98.90
CA LYS G 553 -37.72 -44.68 99.35
C LYS G 553 -36.62 -45.00 98.34
N GLN G 554 -36.67 -46.18 97.73
CA GLN G 554 -35.67 -46.53 96.71
C GLN G 554 -35.78 -45.61 95.49
N LEU G 555 -37.00 -45.34 95.04
CA LEU G 555 -37.21 -44.42 93.92
C LEU G 555 -36.72 -43.02 94.24
N GLU G 556 -37.02 -42.53 95.45
CA GLU G 556 -36.55 -41.21 95.86
C GLU G 556 -35.02 -41.16 95.90
N ALA G 557 -34.38 -42.23 96.39
CA ALA G 557 -32.92 -42.27 96.41
C ALA G 557 -32.35 -42.26 94.99
N ILE G 558 -32.99 -43.01 94.08
CA ILE G 558 -32.55 -43.00 92.69
C ILE G 558 -32.67 -41.60 92.11
N ILE G 559 -33.79 -40.93 92.38
CA ILE G 559 -34.01 -39.58 91.86
C ILE G 559 -33.00 -38.60 92.44
N ALA G 560 -32.56 -38.81 93.69
CA ALA G 560 -31.67 -37.87 94.36
C ALA G 560 -30.23 -37.93 93.88
N THR G 561 -29.83 -38.99 93.17
CA THR G 561 -28.45 -39.10 92.72
C THR G 561 -28.13 -38.02 91.68
N ASP G 562 -26.83 -37.72 91.57
CA ASP G 562 -26.36 -36.72 90.64
C ASP G 562 -26.39 -37.26 89.20
N PRO G 563 -26.30 -36.38 88.20
CA PRO G 563 -26.43 -36.83 86.81
C PRO G 563 -25.35 -37.82 86.35
N LEU G 564 -24.20 -37.88 87.01
CA LEU G 564 -23.17 -38.83 86.59
C LEU G 564 -23.42 -40.25 87.07
N ASN G 565 -24.31 -40.43 88.05
CA ASN G 565 -24.58 -41.75 88.62
C ASN G 565 -25.30 -42.64 87.61
N PRO G 566 -24.71 -43.75 87.19
CA PRO G 566 -25.40 -44.63 86.24
C PRO G 566 -26.58 -45.34 86.87
N LEU G 567 -27.64 -45.51 86.08
CA LEU G 567 -28.80 -46.27 86.51
C LEU G 567 -28.58 -47.76 86.23
N THR G 568 -28.79 -48.59 87.25
CA THR G 568 -28.77 -50.03 87.04
C THR G 568 -30.00 -50.46 86.26
N ALA G 569 -30.00 -51.72 85.83
CA ALA G 569 -31.19 -52.28 85.18
C ALA G 569 -32.37 -52.30 86.14
N GLU G 570 -32.11 -52.61 87.41
CA GLU G 570 -33.17 -52.62 88.42
C GLU G 570 -33.73 -51.22 88.63
N ASP G 571 -32.85 -50.21 88.66
CA ASP G 571 -33.31 -48.83 88.76
C ASP G 571 -34.22 -48.46 87.58
N LYS G 572 -33.83 -48.85 86.37
CA LYS G 572 -34.61 -48.52 85.18
C LYS G 572 -35.97 -49.22 85.21
N GLU G 573 -35.99 -50.51 85.56
CA GLU G 573 -37.26 -51.23 85.66
C GLU G 573 -38.17 -50.61 86.72
N LEU G 574 -37.59 -50.19 87.85
CA LEU G 574 -38.39 -49.54 88.89
C LEU G 574 -38.94 -48.21 88.39
N LEU G 575 -38.10 -47.39 87.77
CA LEU G 575 -38.54 -46.10 87.24
C LEU G 575 -39.67 -46.27 86.23
N TRP G 576 -39.56 -47.26 85.35
CA TRP G 576 -40.60 -47.44 84.34
C TRP G 576 -41.87 -48.04 84.90
N HIS G 577 -41.73 -48.99 85.84
CA HIS G 577 -42.91 -49.60 86.46
C HIS G 577 -43.77 -48.56 87.16
N PHE G 578 -43.13 -47.65 87.89
CA PHE G 578 -43.82 -46.59 88.61
C PHE G 578 -43.73 -45.24 87.88
N ARG G 579 -43.72 -45.29 86.55
CA ARG G 579 -43.59 -44.08 85.73
C ARG G 579 -44.59 -42.99 86.12
N TYR G 580 -45.81 -43.38 86.50
CA TYR G 580 -46.82 -42.39 86.86
C TYR G 580 -46.47 -41.67 88.15
N GLU G 581 -45.78 -42.36 89.07
CA GLU G 581 -45.29 -41.68 90.27
C GLU G 581 -44.09 -40.79 89.94
N SER G 582 -43.20 -41.28 89.06
CA SER G 582 -42.05 -40.47 88.65
C SER G 582 -42.49 -39.15 88.01
N LEU G 583 -43.60 -39.19 87.25
CA LEU G 583 -44.08 -37.98 86.58
C LEU G 583 -44.48 -36.87 87.55
N LYS G 584 -44.71 -37.18 88.82
CA LYS G 584 -45.10 -36.16 89.78
C LYS G 584 -43.94 -35.28 90.23
N ASP G 585 -42.70 -35.69 89.96
CA ASP G 585 -41.52 -34.91 90.32
C ASP G 585 -40.71 -34.63 89.06
N PRO G 586 -40.62 -33.37 88.63
CA PRO G 586 -39.78 -33.04 87.46
C PRO G 586 -38.37 -33.59 87.55
N LYS G 587 -37.78 -33.64 88.75
CA LYS G 587 -36.41 -34.12 88.89
C LYS G 587 -36.24 -35.57 88.46
N ALA G 588 -37.33 -36.35 88.42
CA ALA G 588 -37.28 -37.73 87.96
C ALA G 588 -37.26 -37.86 86.45
N TYR G 589 -37.58 -36.78 85.71
CA TYR G 589 -37.79 -36.90 84.27
C TYR G 589 -36.57 -37.41 83.53
N PRO G 590 -35.35 -36.87 83.72
CA PRO G 590 -34.20 -37.42 82.98
C PRO G 590 -33.95 -38.88 83.25
N LYS G 591 -34.11 -39.31 84.50
CA LYS G 591 -33.89 -40.72 84.82
C LYS G 591 -35.01 -41.58 84.25
N LEU G 592 -36.26 -41.15 84.40
CA LEU G 592 -37.38 -41.87 83.81
C LEU G 592 -37.17 -42.05 82.31
N PHE G 593 -36.87 -40.96 81.61
CA PHE G 593 -36.62 -41.05 80.18
C PHE G 593 -35.37 -41.84 79.87
N SER G 594 -34.41 -41.91 80.80
CA SER G 594 -33.26 -42.76 80.58
C SER G 594 -33.58 -44.25 80.68
N SER G 595 -34.75 -44.59 81.23
CA SER G 595 -35.18 -45.98 81.34
C SER G 595 -36.03 -46.44 80.17
N VAL G 596 -36.43 -45.53 79.28
CA VAL G 596 -37.31 -45.89 78.17
C VAL G 596 -36.56 -46.78 77.18
N LYS G 597 -37.17 -47.91 76.81
CA LYS G 597 -36.65 -48.81 75.79
C LYS G 597 -37.14 -48.32 74.43
N TRP G 598 -36.40 -47.40 73.84
CA TRP G 598 -36.82 -46.74 72.60
C TRP G 598 -36.90 -47.68 71.40
N GLY G 599 -36.29 -48.86 71.48
CA GLY G 599 -36.36 -49.79 70.37
C GLY G 599 -37.61 -50.66 70.39
N GLN G 600 -38.63 -50.20 71.11
CA GLN G 600 -39.90 -50.92 71.23
C GLN G 600 -41.03 -49.91 71.04
N GLN G 601 -41.76 -50.07 69.93
CA GLN G 601 -42.76 -49.07 69.53
C GLN G 601 -43.85 -48.88 70.58
N GLU G 602 -44.27 -49.97 71.24
CA GLU G 602 -45.33 -49.87 72.23
C GLU G 602 -44.90 -49.03 73.43
N ILE G 603 -43.66 -49.23 73.89
CA ILE G 603 -43.17 -48.47 75.02
C ILE G 603 -43.02 -47.00 74.65
N VAL G 604 -42.59 -46.73 73.41
CA VAL G 604 -42.49 -45.34 72.95
C VAL G 604 -43.86 -44.68 72.92
N ALA G 605 -44.88 -45.40 72.43
CA ALA G 605 -46.24 -44.87 72.43
C ALA G 605 -46.72 -44.57 73.85
N LYS G 606 -46.47 -45.48 74.78
CA LYS G 606 -46.80 -45.23 76.18
C LYS G 606 -46.07 -44.00 76.70
N THR G 607 -44.80 -43.85 76.33
CA THR G 607 -44.02 -42.69 76.75
C THR G 607 -44.63 -41.40 76.24
N TYR G 608 -45.08 -41.38 74.99
CA TYR G 608 -45.71 -40.17 74.46
C TYR G 608 -47.06 -39.91 75.12
N GLN G 609 -47.80 -40.97 75.47
CA GLN G 609 -49.02 -40.77 76.25
C GLN G 609 -48.70 -40.16 77.60
N LEU G 610 -47.57 -40.55 78.20
CA LEU G 610 -47.13 -39.94 79.45
C LEU G 610 -46.78 -38.47 79.26
N LEU G 611 -46.01 -38.17 78.21
CA LEU G 611 -45.62 -36.79 77.91
C LEU G 611 -46.85 -35.90 77.69
N ALA G 612 -47.94 -36.47 77.19
CA ALA G 612 -49.16 -35.69 77.03
C ALA G 612 -49.77 -35.28 78.38
N LYS G 613 -49.39 -35.94 79.48
CA LYS G 613 -49.92 -35.66 80.81
C LYS G 613 -48.89 -35.00 81.72
N ARG G 614 -48.04 -34.13 81.17
CA ARG G 614 -46.91 -33.53 81.88
C ARG G 614 -47.26 -32.26 82.65
N GLU G 615 -48.49 -32.16 83.17
CA GLU G 615 -48.95 -30.93 83.79
C GLU G 615 -48.00 -30.43 84.88
N VAL G 616 -47.45 -31.34 85.67
CA VAL G 616 -46.54 -30.95 86.74
C VAL G 616 -45.29 -30.28 86.17
N TRP G 617 -44.76 -30.82 85.07
CA TRP G 617 -43.60 -30.21 84.43
C TRP G 617 -43.92 -28.80 83.96
N ASP G 618 -45.04 -28.64 83.23
CA ASP G 618 -45.38 -27.33 82.69
C ASP G 618 -45.61 -26.30 83.80
N GLN G 619 -46.21 -26.73 84.91
CA GLN G 619 -46.52 -25.81 85.98
C GLN G 619 -45.35 -25.53 86.91
N SER G 620 -44.34 -26.40 86.91
CA SER G 620 -43.21 -26.24 87.83
C SER G 620 -42.38 -25.01 87.49
N ALA G 621 -41.59 -24.57 88.47
CA ALA G 621 -40.61 -23.52 88.24
C ALA G 621 -39.50 -24.03 87.32
N LEU G 622 -38.91 -23.09 86.57
CA LEU G 622 -37.83 -23.41 85.64
C LEU G 622 -36.55 -23.77 86.41
N ASP G 623 -36.19 -25.05 86.38
CA ASP G 623 -34.85 -25.51 86.76
C ASP G 623 -34.01 -25.59 85.49
N VAL G 624 -33.07 -24.65 85.33
CA VAL G 624 -32.30 -24.59 84.09
C VAL G 624 -31.40 -25.82 83.94
N GLY G 625 -30.86 -26.33 85.06
CA GLY G 625 -30.00 -27.51 84.98
C GLY G 625 -30.73 -28.74 84.48
N LEU G 626 -31.89 -29.02 85.09
CA LEU G 626 -32.72 -30.15 84.66
C LEU G 626 -33.12 -30.03 83.19
N THR G 627 -33.60 -28.85 82.81
CA THR G 627 -34.06 -28.63 81.44
C THR G 627 -32.93 -28.81 80.44
N MET G 628 -31.73 -28.30 80.76
CA MET G 628 -30.59 -28.50 79.88
C MET G 628 -30.13 -29.95 79.86
N GLN G 629 -30.27 -30.66 80.98
CA GLN G 629 -29.97 -32.09 80.99
C GLN G 629 -30.85 -32.83 79.99
N LEU G 630 -32.11 -32.42 79.87
CA LEU G 630 -32.96 -33.07 78.88
C LEU G 630 -32.54 -32.80 77.44
N LEU G 631 -31.60 -31.88 77.20
CA LEU G 631 -31.05 -31.65 75.85
C LEU G 631 -29.72 -32.34 75.64
N ASP G 632 -29.25 -33.08 76.63
CA ASP G 632 -27.98 -33.78 76.54
C ASP G 632 -28.04 -34.89 75.49
N CYS G 633 -26.85 -35.35 75.09
CA CYS G 633 -26.71 -36.42 74.11
C CYS G 633 -27.40 -37.70 74.53
N ASN G 634 -27.72 -37.87 75.82
CA ASN G 634 -28.46 -39.06 76.25
C ASN G 634 -29.92 -39.04 75.83
N PHE G 635 -30.42 -37.91 75.35
CA PHE G 635 -31.83 -37.73 75.03
C PHE G 635 -31.96 -37.26 73.59
N SER G 636 -32.13 -38.21 72.67
CA SER G 636 -32.28 -37.91 71.25
C SER G 636 -33.73 -37.80 70.80
N ASP G 637 -34.70 -38.04 71.68
CA ASP G 637 -36.09 -38.02 71.28
C ASP G 637 -36.56 -36.59 71.03
N GLU G 638 -37.23 -36.39 69.90
CA GLU G 638 -37.67 -35.05 69.51
C GLU G 638 -38.65 -34.45 70.51
N ASN G 639 -39.56 -35.26 71.06
CA ASN G 639 -40.60 -34.72 71.93
C ASN G 639 -40.06 -34.32 73.29
N VAL G 640 -39.17 -35.14 73.87
CA VAL G 640 -38.52 -34.79 75.12
C VAL G 640 -37.74 -33.48 74.96
N ARG G 641 -36.95 -33.38 73.90
CA ARG G 641 -36.19 -32.17 73.64
C ARG G 641 -37.12 -30.99 73.40
N ALA G 642 -38.27 -31.25 72.76
CA ALA G 642 -39.23 -30.19 72.50
C ALA G 642 -39.83 -29.64 73.78
N ILE G 643 -40.18 -30.51 74.73
CA ILE G 643 -40.73 -29.99 75.99
C ILE G 643 -39.65 -29.25 76.76
N ALA G 644 -38.39 -29.68 76.63
CA ALA G 644 -37.31 -28.94 77.28
C ALA G 644 -37.18 -27.54 76.69
N VAL G 645 -37.18 -27.44 75.36
CA VAL G 645 -37.09 -26.13 74.70
C VAL G 645 -38.30 -25.27 75.06
N GLN G 646 -39.49 -25.87 75.13
CA GLN G 646 -40.68 -25.13 75.53
C GLN G 646 -40.51 -24.54 76.92
N LYS G 647 -39.90 -25.30 77.84
CA LYS G 647 -39.63 -24.74 79.16
C LYS G 647 -38.61 -23.61 79.08
N LEU G 648 -37.59 -23.76 78.22
CA LEU G 648 -36.57 -22.74 78.08
C LEU G 648 -37.11 -21.44 77.48
N GLU G 649 -38.24 -21.49 76.77
CA GLU G 649 -38.80 -20.27 76.21
C GLU G 649 -39.15 -19.23 77.27
N SER G 650 -39.22 -19.62 78.55
CA SER G 650 -39.45 -18.68 79.64
C SER G 650 -38.17 -18.09 80.23
N LEU G 651 -37.01 -18.49 79.74
CA LEU G 651 -35.73 -18.04 80.29
C LEU G 651 -35.42 -16.61 79.84
N GLU G 652 -34.95 -15.81 80.79
CA GLU G 652 -34.63 -14.41 80.54
C GLU G 652 -33.41 -14.28 79.63
N ASP G 653 -33.30 -13.10 78.99
CA ASP G 653 -32.23 -12.88 78.02
C ASP G 653 -30.85 -12.96 78.67
N ASP G 654 -30.70 -12.41 79.88
CA ASP G 654 -29.41 -12.46 80.56
C ASP G 654 -28.97 -13.90 80.84
N ASP G 655 -29.90 -14.72 81.33
CA ASP G 655 -29.57 -16.12 81.59
C ASP G 655 -29.34 -16.89 80.29
N VAL G 656 -30.07 -16.56 79.22
CA VAL G 656 -29.80 -17.16 77.93
C VAL G 656 -28.38 -16.86 77.49
N LEU G 657 -27.92 -15.63 77.72
CA LEU G 657 -26.51 -15.32 77.45
C LEU G 657 -25.60 -16.18 78.32
N HIS G 658 -25.98 -16.41 79.58
CA HIS G 658 -25.16 -17.25 80.45
C HIS G 658 -25.03 -18.67 79.92
N TYR G 659 -26.10 -19.21 79.31
CA TYR G 659 -26.10 -20.62 78.89
C TYR G 659 -25.98 -20.83 77.38
N LEU G 660 -25.73 -19.75 76.62
CA LEU G 660 -25.77 -19.82 75.16
C LEU G 660 -24.74 -20.80 74.60
N LEU G 661 -23.56 -20.90 75.21
CA LEU G 661 -22.53 -21.79 74.69
C LEU G 661 -23.01 -23.25 74.68
N GLN G 662 -23.49 -23.73 75.83
CA GLN G 662 -24.00 -25.09 75.89
C GLN G 662 -25.24 -25.24 75.03
N LEU G 663 -26.07 -24.20 74.91
CA LEU G 663 -27.23 -24.30 74.03
C LEU G 663 -26.81 -24.50 72.57
N VAL G 664 -25.76 -23.79 72.13
CA VAL G 664 -25.24 -23.98 70.79
C VAL G 664 -24.66 -25.37 70.61
N GLN G 665 -23.93 -25.85 71.63
CA GLN G 665 -23.33 -27.18 71.52
C GLN G 665 -24.40 -28.27 71.46
N ALA G 666 -25.51 -28.08 72.20
CA ALA G 666 -26.57 -29.08 72.21
C ALA G 666 -27.22 -29.29 70.85
N VAL G 667 -27.03 -28.35 69.91
CA VAL G 667 -27.54 -28.52 68.56
C VAL G 667 -26.90 -29.72 67.89
N LYS G 668 -25.68 -30.08 68.30
CA LYS G 668 -25.01 -31.25 67.75
C LYS G 668 -25.77 -32.55 68.03
N PHE G 669 -26.62 -32.57 69.06
CA PHE G 669 -27.36 -33.77 69.46
C PHE G 669 -28.71 -33.90 68.78
N GLU G 670 -29.14 -32.90 68.02
CA GLU G 670 -30.37 -33.02 67.26
C GLU G 670 -30.19 -34.01 66.12
N PRO G 671 -31.17 -34.89 65.87
CA PRO G 671 -31.08 -35.78 64.71
C PRO G 671 -31.09 -35.03 63.38
N TYR G 672 -31.79 -33.90 63.30
CA TYR G 672 -31.97 -33.17 62.06
C TYR G 672 -31.49 -31.73 62.19
N HIS G 673 -31.32 -31.07 61.05
CA HIS G 673 -30.93 -29.66 61.07
C HIS G 673 -32.02 -28.79 61.66
N ASP G 674 -33.28 -29.03 61.28
CA ASP G 674 -34.41 -28.29 61.85
C ASP G 674 -34.87 -28.99 63.13
N SER G 675 -34.92 -28.24 64.22
CA SER G 675 -35.31 -28.78 65.51
C SER G 675 -35.90 -27.67 66.37
N ALA G 676 -36.53 -28.06 67.46
CA ALA G 676 -37.05 -27.08 68.42
C ALA G 676 -35.93 -26.19 68.97
N LEU G 677 -34.77 -26.79 69.26
CA LEU G 677 -33.66 -26.03 69.82
C LEU G 677 -33.08 -25.04 68.80
N ALA G 678 -32.93 -25.47 67.54
CA ALA G 678 -32.44 -24.56 66.51
C ALA G 678 -33.39 -23.38 66.32
N ARG G 679 -34.69 -23.65 66.29
CA ARG G 679 -35.68 -22.57 66.17
C ARG G 679 -35.63 -21.65 67.38
N PHE G 680 -35.45 -22.23 68.57
CA PHE G 680 -35.31 -21.41 69.78
C PHE G 680 -34.13 -20.46 69.67
N LEU G 681 -32.96 -20.97 69.29
CA LEU G 681 -31.79 -20.12 69.14
C LEU G 681 -32.04 -19.03 68.10
N LEU G 682 -32.64 -19.40 66.96
CA LEU G 682 -32.94 -18.43 65.92
C LEU G 682 -33.84 -17.31 66.45
N LYS G 683 -34.92 -17.69 67.16
CA LYS G 683 -35.84 -16.69 67.72
C LYS G 683 -35.12 -15.76 68.67
N ARG G 684 -34.38 -16.33 69.64
CA ARG G 684 -33.75 -15.51 70.65
C ARG G 684 -32.71 -14.56 70.04
N GLY G 685 -31.99 -15.04 69.02
CA GLY G 685 -31.04 -14.16 68.34
C GLY G 685 -31.74 -13.05 67.57
N LEU G 686 -32.87 -13.35 66.95
CA LEU G 686 -33.58 -12.33 66.19
C LEU G 686 -34.31 -11.34 67.09
N ARG G 687 -34.54 -11.68 68.35
CA ARG G 687 -35.20 -10.74 69.27
C ARG G 687 -34.21 -9.84 70.01
N ASN G 688 -32.99 -10.31 70.25
CA ASN G 688 -32.03 -9.61 71.09
C ASN G 688 -30.70 -9.53 70.33
N LYS G 689 -30.26 -8.31 70.03
CA LYS G 689 -29.03 -8.13 69.27
C LYS G 689 -27.80 -8.69 69.97
N ARG G 690 -27.76 -8.62 71.30
CA ARG G 690 -26.61 -9.13 72.04
C ARG G 690 -26.51 -10.66 71.94
N ILE G 691 -27.64 -11.32 72.19
CA ILE G 691 -27.72 -12.77 72.01
C ILE G 691 -27.36 -13.15 70.59
N GLY G 692 -27.87 -12.41 69.61
CA GLY G 692 -27.55 -12.71 68.21
C GLY G 692 -26.09 -12.54 67.87
N HIS G 693 -25.44 -11.52 68.42
CA HIS G 693 -24.02 -11.30 68.22
C HIS G 693 -23.22 -12.50 68.71
N PHE G 694 -23.47 -12.90 69.96
CA PHE G 694 -22.72 -14.04 70.50
C PHE G 694 -23.08 -15.34 69.77
N LEU G 695 -24.34 -15.49 69.35
CA LEU G 695 -24.75 -16.66 68.57
C LEU G 695 -24.00 -16.73 67.25
N PHE G 696 -23.90 -15.59 66.55
CA PHE G 696 -23.13 -15.56 65.30
C PHE G 696 -21.74 -16.09 65.53
N TRP G 697 -21.06 -15.56 66.55
CA TRP G 697 -19.67 -15.97 66.71
C TRP G 697 -19.55 -17.44 67.13
N PHE G 698 -20.44 -17.92 68.01
CA PHE G 698 -20.38 -19.31 68.44
C PHE G 698 -20.59 -20.25 67.25
N LEU G 699 -21.64 -20.00 66.48
CA LEU G 699 -21.94 -20.82 65.32
C LEU G 699 -20.78 -20.80 64.32
N ARG G 700 -20.24 -19.60 64.05
CA ARG G 700 -19.18 -19.49 63.06
C ARG G 700 -17.91 -20.24 63.49
N SER G 701 -17.53 -20.13 64.76
CA SER G 701 -16.37 -20.88 65.24
C SER G 701 -16.59 -22.39 65.08
N GLU G 702 -17.77 -22.87 65.46
CA GLU G 702 -18.02 -24.30 65.31
C GLU G 702 -18.02 -24.71 63.84
N ILE G 703 -18.48 -23.83 62.95
CA ILE G 703 -18.41 -24.11 61.52
C ILE G 703 -16.95 -24.27 61.09
N ALA G 704 -16.09 -23.35 61.53
CA ALA G 704 -14.70 -23.40 61.13
C ALA G 704 -13.98 -24.62 61.69
N GLN G 705 -14.42 -25.14 62.83
CA GLN G 705 -13.66 -26.19 63.51
C GLN G 705 -14.19 -27.59 63.29
N SER G 706 -15.51 -27.79 63.23
CA SER G 706 -16.10 -29.12 63.23
C SER G 706 -16.63 -29.44 61.83
N ARG G 707 -15.85 -30.22 61.07
CA ARG G 707 -16.33 -30.73 59.79
C ARG G 707 -17.57 -31.62 59.99
N HIS G 708 -17.72 -32.22 61.16
CA HIS G 708 -18.85 -33.10 61.42
C HIS G 708 -20.18 -32.35 61.49
N TYR G 709 -20.15 -31.06 61.82
CA TYR G 709 -21.39 -30.33 62.08
C TYR G 709 -21.48 -28.97 61.38
N GLN G 710 -20.50 -28.60 60.55
CA GLN G 710 -20.50 -27.30 59.90
C GLN G 710 -21.79 -27.00 59.14
N GLN G 711 -22.40 -28.01 58.52
CA GLN G 711 -23.62 -27.76 57.73
C GLN G 711 -24.78 -27.31 58.61
N ARG G 712 -25.00 -28.00 59.73
CA ARG G 712 -26.11 -27.66 60.63
C ARG G 712 -25.97 -26.25 61.16
N PHE G 713 -24.79 -25.94 61.73
CA PHE G 713 -24.54 -24.60 62.24
C PHE G 713 -24.63 -23.58 61.11
N ALA G 714 -24.20 -23.95 59.91
CA ALA G 714 -24.19 -23.02 58.79
C ALA G 714 -25.60 -22.65 58.34
N VAL G 715 -26.51 -23.64 58.30
CA VAL G 715 -27.88 -23.32 57.90
C VAL G 715 -28.56 -22.48 58.98
N ILE G 716 -28.29 -22.80 60.25
CA ILE G 716 -28.87 -21.98 61.32
C ILE G 716 -28.34 -20.55 61.22
N LEU G 717 -27.04 -20.41 60.97
CA LEU G 717 -26.43 -19.09 60.85
C LEU G 717 -26.95 -18.33 59.64
N GLU G 718 -27.19 -19.02 58.53
CA GLU G 718 -27.77 -18.37 57.36
C GLU G 718 -29.13 -17.79 57.68
N ALA G 719 -30.00 -18.59 58.33
CA ALA G 719 -31.31 -18.06 58.71
C ALA G 719 -31.16 -16.81 59.57
N TYR G 720 -30.35 -16.92 60.63
CA TYR G 720 -30.15 -15.77 61.51
C TYR G 720 -29.70 -14.55 60.72
N LEU G 721 -28.66 -14.71 59.90
CA LEU G 721 -28.13 -13.59 59.13
C LEU G 721 -29.19 -12.99 58.21
N ARG G 722 -30.03 -13.84 57.62
CA ARG G 722 -31.11 -13.33 56.78
C ARG G 722 -32.16 -12.57 57.59
N GLY G 723 -32.18 -12.72 58.90
CA GLY G 723 -33.11 -11.93 59.71
C GLY G 723 -32.56 -10.70 60.41
N CYS G 724 -31.29 -10.33 60.18
CA CYS G 724 -30.63 -9.35 61.03
C CYS G 724 -30.94 -7.89 60.68
N GLY G 725 -31.16 -7.57 59.42
CA GLY G 725 -31.14 -6.18 58.97
C GLY G 725 -29.75 -5.72 58.59
N THR G 726 -29.69 -4.53 57.98
CA THR G 726 -28.45 -4.07 57.36
C THR G 726 -27.38 -3.70 58.38
N ALA G 727 -27.78 -3.12 59.51
CA ALA G 727 -26.80 -2.69 60.52
C ALA G 727 -25.97 -3.87 61.03
N MET G 728 -26.65 -4.93 61.48
CA MET G 728 -25.95 -6.08 62.04
C MET G 728 -25.07 -6.76 60.99
N LEU G 729 -25.56 -6.88 59.76
CA LEU G 729 -24.76 -7.46 58.69
C LEU G 729 -23.50 -6.65 58.44
N HIS G 730 -23.62 -5.32 58.47
CA HIS G 730 -22.46 -4.46 58.28
C HIS G 730 -21.45 -4.65 59.41
N ASP G 731 -21.93 -4.69 60.65
CA ASP G 731 -21.03 -4.91 61.77
C ASP G 731 -20.29 -6.24 61.64
N PHE G 732 -21.02 -7.32 61.33
CA PHE G 732 -20.38 -8.62 61.16
C PHE G 732 -19.36 -8.60 60.03
N THR G 733 -19.68 -7.92 58.93
CA THR G 733 -18.75 -7.84 57.81
C THR G 733 -17.44 -7.16 58.23
N GLN G 734 -17.56 -6.01 58.91
CA GLN G 734 -16.36 -5.32 59.38
C GLN G 734 -15.55 -6.20 60.33
N GLN G 735 -16.23 -6.89 61.24
CA GLN G 735 -15.52 -7.75 62.19
C GLN G 735 -14.74 -8.86 61.49
N VAL G 736 -15.41 -9.56 60.56
CA VAL G 736 -14.74 -10.66 59.85
C VAL G 736 -13.56 -10.13 59.03
N GLN G 737 -13.73 -8.98 58.38
CA GLN G 737 -12.62 -8.38 57.63
C GLN G 737 -11.43 -8.10 58.54
N VAL G 738 -11.70 -7.50 59.71
CA VAL G 738 -10.62 -7.19 60.64
C VAL G 738 -9.90 -8.47 61.08
N ILE G 739 -10.68 -9.53 61.36
CA ILE G 739 -10.06 -10.78 61.79
C ILE G 739 -9.17 -11.36 60.70
N ASP G 740 -9.65 -11.36 59.45
CA ASP G 740 -8.84 -11.89 58.36
C ASP G 740 -7.54 -11.10 58.19
N MET G 741 -7.62 -9.77 58.27
CA MET G 741 -6.44 -8.94 58.11
C MET G 741 -5.44 -9.18 59.24
N LEU G 742 -5.92 -9.21 60.48
CA LEU G 742 -5.04 -9.49 61.60
C LEU G 742 -4.43 -10.89 61.52
N GLN G 743 -5.18 -11.85 61.00
CA GLN G 743 -4.64 -13.19 60.79
C GLN G 743 -3.48 -13.16 59.79
N LYS G 744 -3.66 -12.45 58.68
CA LYS G 744 -2.58 -12.32 57.71
C LYS G 744 -1.34 -11.67 58.35
N VAL G 745 -1.55 -10.61 59.13
CA VAL G 745 -0.43 -9.95 59.81
C VAL G 745 0.27 -10.91 60.78
N THR G 746 -0.51 -11.69 61.53
CA THR G 746 0.09 -12.61 62.49
C THR G 746 0.89 -13.70 61.78
N ILE G 747 0.39 -14.18 60.64
CA ILE G 747 1.13 -15.17 59.86
C ILE G 747 2.46 -14.60 59.38
N ASP G 748 2.43 -13.38 58.85
CA ASP G 748 3.68 -12.75 58.40
C ASP G 748 4.65 -12.58 59.57
N ILE G 749 4.16 -12.08 60.71
CA ILE G 749 5.01 -11.85 61.87
C ILE G 749 5.61 -13.16 62.36
N LYS G 750 4.83 -14.25 62.30
CA LYS G 750 5.36 -15.55 62.69
C LYS G 750 6.42 -16.03 61.70
N SER G 751 6.24 -15.74 60.42
CA SER G 751 7.24 -16.16 59.43
C SER G 751 8.53 -15.34 59.55
N LEU G 752 8.46 -14.14 60.13
CA LEU G 752 9.67 -13.34 60.29
C LEU G 752 10.53 -13.76 61.49
N SER G 753 9.97 -14.48 62.47
CA SER G 753 10.65 -14.82 63.71
C SER G 753 10.99 -16.31 63.72
N ALA G 754 12.28 -16.63 63.58
CA ALA G 754 12.70 -18.02 63.45
C ALA G 754 12.51 -18.81 64.75
N GLU G 755 12.80 -18.21 65.89
CA GLU G 755 12.75 -18.92 67.16
C GLU G 755 11.42 -18.70 67.87
N LYS G 756 11.14 -19.60 68.81
CA LYS G 756 9.81 -19.65 69.42
C LYS G 756 9.52 -18.45 70.33
N TYR G 757 10.55 -17.80 70.89
CA TYR G 757 10.33 -16.72 71.85
C TYR G 757 10.98 -15.39 71.47
N ASP G 758 11.78 -15.33 70.42
CA ASP G 758 12.52 -14.12 70.08
C ASP G 758 11.59 -13.09 69.45
N VAL G 759 11.36 -11.99 70.16
CA VAL G 759 10.67 -10.84 69.58
C VAL G 759 11.70 -9.74 69.38
N SER G 760 12.43 -9.81 68.27
CA SER G 760 13.48 -8.84 67.99
C SER G 760 12.88 -7.46 67.66
N SER G 761 13.73 -6.44 67.75
CA SER G 761 13.33 -5.09 67.38
C SER G 761 12.86 -5.03 65.93
N GLN G 762 13.43 -5.87 65.06
CA GLN G 762 12.96 -5.94 63.68
C GLN G 762 11.52 -6.44 63.60
N VAL G 763 11.18 -7.43 64.43
CA VAL G 763 9.81 -7.96 64.44
C VAL G 763 8.84 -6.88 64.91
N ILE G 764 9.19 -6.14 65.95
CA ILE G 764 8.33 -5.08 66.46
C ILE G 764 8.15 -3.99 65.40
N SER G 765 9.25 -3.58 64.75
CA SER G 765 9.18 -2.57 63.70
C SER G 765 8.30 -3.04 62.54
N GLN G 766 8.46 -4.30 62.13
CA GLN G 766 7.64 -4.83 61.03
C GLN G 766 6.17 -4.89 61.43
N LEU G 767 5.87 -5.28 62.67
CA LEU G 767 4.50 -5.26 63.16
C LEU G 767 3.92 -3.86 63.07
N LYS G 768 4.65 -2.86 63.57
CA LYS G 768 4.15 -1.49 63.55
C LYS G 768 3.95 -0.99 62.11
N GLN G 769 4.90 -1.30 61.22
CA GLN G 769 4.75 -0.90 59.82
C GLN G 769 3.52 -1.53 59.17
N LYS G 770 3.34 -2.83 59.39
CA LYS G 770 2.19 -3.52 58.81
C LYS G 770 0.87 -2.98 59.37
N LEU G 771 0.83 -2.71 60.68
CA LEU G 771 -0.38 -2.15 61.27
C LEU G 771 -0.66 -0.75 60.73
N GLU G 772 0.39 0.05 60.51
CA GLU G 772 0.20 1.37 59.94
C GLU G 772 -0.37 1.29 58.52
N ASN G 773 0.21 0.41 57.70
CA ASN G 773 -0.31 0.23 56.34
C ASN G 773 -1.76 -0.23 56.36
N LEU G 774 -2.08 -1.20 57.22
CA LEU G 774 -3.45 -1.68 57.34
C LEU G 774 -4.39 -0.56 57.74
N GLN G 775 -4.00 0.24 58.73
CA GLN G 775 -4.84 1.34 59.17
C GLN G 775 -5.06 2.35 58.06
N ASN G 776 -4.03 2.61 57.24
CA ASN G 776 -4.16 3.61 56.19
C ASN G 776 -4.91 3.11 54.98
N LEU G 777 -5.00 1.80 54.75
CA LEU G 777 -5.58 1.34 53.49
C LEU G 777 -6.83 0.49 53.65
N ASN G 778 -6.88 -0.44 54.59
CA ASN G 778 -7.84 -1.53 54.53
C ASN G 778 -8.75 -1.65 55.76
N LEU G 779 -8.28 -1.25 56.93
CA LEU G 779 -9.08 -1.40 58.14
C LEU G 779 -10.30 -0.48 58.10
N PRO G 780 -11.46 -0.95 58.55
CA PRO G 780 -12.61 -0.05 58.71
C PRO G 780 -12.32 1.03 59.75
N GLN G 781 -12.94 2.20 59.54
CA GLN G 781 -12.75 3.30 60.48
C GLN G 781 -13.13 2.92 61.90
N SER G 782 -14.09 2.03 62.07
CA SER G 782 -14.49 1.54 63.39
C SER G 782 -15.19 0.20 63.24
N PHE G 783 -15.19 -0.58 64.31
CA PHE G 783 -15.92 -1.84 64.31
C PHE G 783 -16.30 -2.22 65.73
N ARG G 784 -17.40 -2.95 65.86
CA ARG G 784 -17.78 -3.49 67.16
C ARG G 784 -16.83 -4.60 67.57
N VAL G 785 -16.51 -4.64 68.85
CA VAL G 785 -15.56 -5.64 69.37
C VAL G 785 -16.28 -6.98 69.50
N PRO G 786 -15.70 -8.07 68.97
CA PRO G 786 -16.40 -9.37 69.04
C PRO G 786 -16.72 -9.84 70.47
N TYR G 787 -15.81 -9.64 71.43
CA TYR G 787 -16.08 -10.16 72.77
C TYR G 787 -16.99 -9.26 73.59
N ASP G 788 -17.28 -8.06 73.12
CA ASP G 788 -18.20 -7.15 73.80
C ASP G 788 -18.83 -6.27 72.74
N PRO G 789 -20.07 -6.54 72.33
CA PRO G 789 -20.71 -5.71 71.29
C PRO G 789 -21.00 -4.30 71.73
N GLY G 790 -20.90 -3.99 73.03
CA GLY G 790 -21.05 -2.63 73.49
C GLY G 790 -19.85 -1.74 73.18
N LEU G 791 -18.70 -2.34 72.89
CA LEU G 791 -17.47 -1.60 72.62
C LEU G 791 -17.27 -1.43 71.12
N LYS G 792 -16.86 -0.22 70.72
CA LYS G 792 -16.59 0.10 69.32
C LYS G 792 -15.16 0.60 69.22
N ALA G 793 -14.30 -0.21 68.60
CA ALA G 793 -12.90 0.13 68.41
C ALA G 793 -12.72 1.03 67.19
N GLY G 794 -11.84 2.02 67.33
CA GLY G 794 -11.47 2.93 66.27
C GLY G 794 -10.07 2.73 65.71
N ALA G 795 -9.31 3.82 65.64
CA ALA G 795 -7.96 3.77 65.08
C ALA G 795 -6.99 3.05 66.02
N LEU G 796 -6.06 2.30 65.42
CA LEU G 796 -4.99 1.66 66.17
C LEU G 796 -4.07 2.67 66.84
N VAL G 797 -3.72 2.39 68.09
CA VAL G 797 -2.66 3.14 68.79
C VAL G 797 -1.38 2.36 68.55
N ILE G 798 -0.79 2.59 67.37
CA ILE G 798 0.28 1.72 66.86
C ILE G 798 1.47 1.67 67.82
N GLU G 799 1.82 2.81 68.43
CA GLU G 799 3.00 2.85 69.30
C GLU G 799 2.86 1.91 70.49
N LYS G 800 1.63 1.62 70.91
CA LYS G 800 1.39 0.71 72.02
C LYS G 800 1.29 -0.75 71.60
N CYS G 801 1.24 -1.04 70.30
CA CYS G 801 1.10 -2.41 69.82
C CYS G 801 2.43 -3.15 69.90
N LYS G 802 2.35 -4.44 70.25
CA LYS G 802 3.55 -5.25 70.41
C LYS G 802 3.22 -6.72 70.18
N VAL G 803 4.26 -7.50 69.91
CA VAL G 803 4.17 -8.96 69.92
C VAL G 803 4.53 -9.46 71.31
N MET G 804 3.69 -10.32 71.87
CA MET G 804 3.96 -10.90 73.18
C MET G 804 4.92 -12.08 73.05
N ALA G 805 5.85 -12.16 73.99
CA ALA G 805 6.86 -13.22 74.00
C ALA G 805 6.23 -14.54 74.46
N SER G 806 5.61 -15.23 73.51
CA SER G 806 5.02 -16.54 73.78
C SER G 806 5.17 -17.42 72.55
N LYS G 807 5.07 -18.74 72.77
CA LYS G 807 5.20 -19.70 71.68
C LYS G 807 4.29 -19.38 70.51
N LYS G 808 3.08 -18.89 70.79
CA LYS G 808 2.12 -18.58 69.75
C LYS G 808 2.22 -17.14 69.25
N LYS G 809 3.09 -16.33 69.85
CA LYS G 809 3.32 -14.96 69.43
C LYS G 809 2.04 -14.15 69.22
N PRO G 810 1.20 -14.01 70.23
CA PRO G 810 -0.02 -13.23 70.07
C PRO G 810 0.28 -11.73 69.96
N LEU G 811 -0.63 -11.01 69.31
CA LEU G 811 -0.49 -9.58 69.12
C LEU G 811 -1.21 -8.81 70.22
N TRP G 812 -0.48 -7.94 70.91
CA TRP G 812 -1.08 -6.97 71.83
C TRP G 812 -1.44 -5.72 71.03
N LEU G 813 -2.73 -5.42 70.94
CA LEU G 813 -3.25 -4.32 70.14
C LEU G 813 -4.05 -3.38 71.03
N GLU G 814 -3.91 -2.08 70.80
CA GLU G 814 -4.71 -1.08 71.50
C GLU G 814 -5.37 -0.15 70.49
N PHE G 815 -6.69 -0.04 70.58
CA PHE G 815 -7.48 0.83 69.70
C PHE G 815 -8.01 2.02 70.48
N LYS G 816 -8.19 3.14 69.80
CA LYS G 816 -8.95 4.22 70.40
C LYS G 816 -10.44 3.84 70.46
N CYS G 817 -11.11 4.30 71.51
CA CYS G 817 -12.55 4.20 71.54
C CYS G 817 -13.15 5.03 70.42
N ALA G 818 -13.94 4.39 69.55
CA ALA G 818 -14.57 5.09 68.44
C ALA G 818 -15.78 5.89 68.88
N ASP G 819 -16.32 5.62 70.06
CA ASP G 819 -17.46 6.38 70.57
C ASP G 819 -16.98 7.73 71.07
N PRO G 820 -17.42 8.84 70.48
CA PRO G 820 -16.97 10.16 70.95
C PRO G 820 -17.48 10.53 72.33
N THR G 821 -18.43 9.78 72.88
CA THR G 821 -18.95 10.05 74.21
C THR G 821 -18.14 9.37 75.31
N ALA G 822 -17.06 8.69 74.97
CA ALA G 822 -16.18 8.10 75.96
C ALA G 822 -15.58 9.18 76.86
N LEU G 823 -15.70 8.99 78.17
CA LEU G 823 -15.22 9.98 79.12
C LEU G 823 -13.73 9.93 79.34
N SER G 824 -13.10 8.79 79.10
CA SER G 824 -11.67 8.64 79.24
C SER G 824 -11.04 8.39 77.88
N ASN G 825 -9.81 8.88 77.71
CA ASN G 825 -9.04 8.59 76.52
C ASN G 825 -8.42 7.20 76.57
N GLU G 826 -8.98 6.30 77.36
CA GLU G 826 -8.46 4.95 77.48
C GLU G 826 -8.70 4.16 76.20
N THR G 827 -7.76 3.27 75.91
CA THR G 827 -7.83 2.40 74.74
C THR G 827 -8.63 1.14 75.03
N ILE G 828 -9.14 0.54 73.96
CA ILE G 828 -9.69 -0.81 73.99
C ILE G 828 -8.53 -1.76 73.69
N GLY G 829 -8.16 -2.57 74.68
CA GLY G 829 -7.04 -3.50 74.54
C GLY G 829 -7.49 -4.89 74.16
N ILE G 830 -6.84 -5.44 73.13
CA ILE G 830 -7.16 -6.75 72.58
C ILE G 830 -5.87 -7.55 72.42
N ILE G 831 -5.85 -8.77 72.97
CA ILE G 831 -4.85 -9.76 72.64
C ILE G 831 -5.40 -10.64 71.53
N PHE G 832 -4.86 -10.50 70.32
CA PHE G 832 -5.25 -11.31 69.17
C PHE G 832 -4.39 -12.57 69.13
N LYS G 833 -5.03 -13.73 69.25
CA LYS G 833 -4.36 -15.02 69.26
C LYS G 833 -4.65 -15.80 68.00
N HIS G 834 -3.59 -16.34 67.38
CA HIS G 834 -3.67 -17.23 66.24
C HIS G 834 -2.90 -18.51 66.53
N GLY G 835 -3.48 -19.64 66.15
CA GLY G 835 -2.89 -20.94 66.48
C GLY G 835 -3.18 -21.43 67.88
N ASP G 836 -4.18 -20.86 68.55
CA ASP G 836 -4.55 -21.24 69.91
C ASP G 836 -6.07 -21.38 69.98
N ASP G 837 -6.54 -22.46 70.61
CA ASP G 837 -7.96 -22.75 70.70
C ASP G 837 -8.50 -22.14 71.99
N LEU G 838 -9.31 -21.09 71.87
CA LEU G 838 -9.82 -20.34 73.00
C LEU G 838 -11.16 -20.83 73.54
N ARG G 839 -11.72 -21.91 72.98
CA ARG G 839 -13.01 -22.39 73.46
C ARG G 839 -12.96 -22.83 74.91
N GLN G 840 -11.83 -23.39 75.35
CA GLN G 840 -11.68 -23.81 76.73
C GLN G 840 -11.70 -22.60 77.67
N ASP G 841 -10.95 -21.56 77.31
CA ASP G 841 -10.98 -20.31 78.08
C ASP G 841 -12.38 -19.71 78.08
N MET G 842 -13.08 -19.77 76.95
CA MET G 842 -14.45 -19.27 76.88
C MET G 842 -15.34 -20.02 77.87
N LEU G 843 -15.26 -21.35 77.87
CA LEU G 843 -16.07 -22.15 78.78
C LEU G 843 -15.78 -21.79 80.23
N ILE G 844 -14.49 -21.66 80.59
CA ILE G 844 -14.16 -21.37 81.99
C ILE G 844 -14.66 -19.99 82.40
N LEU G 845 -14.50 -18.98 81.53
CA LEU G 845 -14.99 -17.63 81.88
C LEU G 845 -16.51 -17.61 82.00
N GLN G 846 -17.20 -18.34 81.12
CA GLN G 846 -18.65 -18.46 81.23
C GLN G 846 -19.05 -19.10 82.56
N ILE G 847 -18.37 -20.18 82.92
CA ILE G 847 -18.64 -20.84 84.20
C ILE G 847 -18.36 -19.89 85.36
N LEU G 848 -17.34 -19.06 85.24
CA LEU G 848 -17.06 -18.08 86.28
C LEU G 848 -18.19 -17.07 86.41
N ARG G 849 -18.76 -16.63 85.28
CA ARG G 849 -19.91 -15.73 85.34
C ARG G 849 -21.11 -16.42 85.99
N ILE G 850 -21.30 -17.70 85.69
CA ILE G 850 -22.41 -18.45 86.30
C ILE G 850 -22.21 -18.60 87.80
N MET G 851 -20.98 -18.92 88.22
CA MET G 851 -20.66 -18.98 89.64
C MET G 851 -20.88 -17.64 90.33
N GLU G 852 -20.54 -16.55 89.64
CA GLU G 852 -20.81 -15.22 90.18
C GLU G 852 -22.30 -15.00 90.39
N SER G 853 -23.13 -15.44 89.44
CA SER G 853 -24.57 -15.32 89.62
C SER G 853 -25.05 -16.14 90.81
N ILE G 854 -24.53 -17.37 90.94
CA ILE G 854 -24.92 -18.22 92.07
C ILE G 854 -24.55 -17.54 93.39
N TRP G 855 -23.32 -17.01 93.47
CA TRP G 855 -22.88 -16.34 94.69
C TRP G 855 -23.67 -15.06 94.94
N GLU G 856 -24.04 -14.34 93.88
CA GLU G 856 -24.87 -13.15 94.04
C GLU G 856 -26.23 -13.49 94.61
N THR G 857 -26.74 -14.69 94.29
CA THR G 857 -27.99 -15.11 94.93
C THR G 857 -27.82 -15.21 96.44
N GLU G 858 -26.63 -15.56 96.92
CA GLU G 858 -26.32 -15.60 98.35
C GLU G 858 -25.83 -14.27 98.89
N SER G 859 -26.00 -13.18 98.13
CA SER G 859 -25.49 -11.85 98.49
C SER G 859 -23.98 -11.84 98.72
N LEU G 860 -23.24 -12.64 97.95
CA LEU G 860 -21.79 -12.70 98.01
C LEU G 860 -21.20 -12.07 96.75
N ASP G 861 -20.63 -10.87 96.89
CA ASP G 861 -19.80 -10.27 95.84
C ASP G 861 -18.36 -10.73 96.05
N LEU G 862 -17.90 -11.67 95.23
CA LEU G 862 -16.53 -12.15 95.29
C LEU G 862 -15.60 -11.40 94.34
N CYS G 863 -16.06 -10.31 93.72
CA CYS G 863 -15.22 -9.38 92.97
C CYS G 863 -14.38 -10.07 91.90
N LEU G 864 -14.97 -11.06 91.24
CA LEU G 864 -14.30 -11.70 90.12
C LEU G 864 -14.22 -10.74 88.93
N LEU G 865 -13.25 -10.99 88.05
CA LEU G 865 -13.10 -10.25 86.81
C LEU G 865 -13.07 -11.22 85.63
N PRO G 866 -14.23 -11.75 85.23
CA PRO G 866 -14.29 -12.57 84.01
C PRO G 866 -14.17 -11.71 82.75
N TYR G 867 -12.95 -11.60 82.24
CA TYR G 867 -12.69 -10.76 81.08
C TYR G 867 -13.31 -11.35 79.82
N GLY G 868 -13.43 -10.49 78.80
CA GLY G 868 -13.94 -10.93 77.51
C GLY G 868 -12.96 -11.85 76.79
N CYS G 869 -13.46 -12.97 76.29
CA CYS G 869 -12.68 -13.90 75.49
C CYS G 869 -13.62 -14.57 74.49
N ILE G 870 -13.19 -14.65 73.23
CA ILE G 870 -14.05 -15.21 72.19
C ILE G 870 -13.19 -15.90 71.12
N SER G 871 -13.62 -17.11 70.72
CA SER G 871 -13.05 -17.76 69.55
C SER G 871 -13.71 -17.24 68.28
N THR G 872 -12.90 -16.87 67.30
CA THR G 872 -13.40 -16.35 66.04
C THR G 872 -13.20 -17.32 64.88
N GLY G 873 -12.62 -18.48 65.13
CA GLY G 873 -12.47 -19.46 64.07
C GLY G 873 -11.70 -20.66 64.56
N ASP G 874 -11.14 -21.41 63.61
CA ASP G 874 -10.30 -22.53 64.00
C ASP G 874 -9.01 -21.98 64.59
N LYS G 875 -8.86 -22.16 65.90
CA LYS G 875 -7.65 -21.77 66.62
C LYS G 875 -7.29 -20.30 66.39
N ILE G 876 -8.31 -19.44 66.38
CA ILE G 876 -8.09 -18.00 66.21
C ILE G 876 -9.18 -17.25 66.99
N GLY G 877 -8.76 -16.24 67.75
CA GLY G 877 -9.70 -15.49 68.57
C GLY G 877 -9.06 -14.28 69.24
N MET G 878 -9.82 -13.66 70.15
CA MET G 878 -9.45 -12.41 70.80
C MET G 878 -9.71 -12.48 72.30
N ILE G 879 -8.85 -11.82 73.09
CA ILE G 879 -8.99 -11.73 74.53
C ILE G 879 -8.96 -10.25 74.96
N GLU G 880 -9.82 -9.90 75.92
CA GLU G 880 -9.79 -8.55 76.49
C GLU G 880 -8.54 -8.35 77.35
N ILE G 881 -7.91 -7.18 77.19
CA ILE G 881 -6.83 -6.77 78.08
C ILE G 881 -7.43 -6.08 79.30
N VAL G 882 -7.29 -6.74 80.46
CA VAL G 882 -7.68 -6.11 81.72
C VAL G 882 -6.71 -4.97 82.02
N LYS G 883 -7.22 -3.75 82.05
CA LYS G 883 -6.37 -2.60 82.29
C LYS G 883 -5.91 -2.55 83.74
N ASP G 884 -4.85 -1.78 83.98
CA ASP G 884 -4.35 -1.51 85.32
C ASP G 884 -4.18 -2.79 86.12
N ALA G 885 -3.81 -3.87 85.43
CA ALA G 885 -3.60 -5.17 86.04
C ALA G 885 -2.21 -5.67 85.66
N THR G 886 -1.54 -6.28 86.62
CA THR G 886 -0.18 -6.74 86.43
C THR G 886 -0.05 -8.17 86.93
N THR G 887 0.73 -8.98 86.21
CA THR G 887 1.01 -10.33 86.67
C THR G 887 1.83 -10.30 87.95
N ILE G 888 1.56 -11.26 88.85
CA ILE G 888 2.31 -11.36 90.10
C ILE G 888 3.80 -11.51 89.82
N ALA G 889 4.15 -12.29 88.78
CA ALA G 889 5.54 -12.47 88.41
C ALA G 889 6.22 -11.13 88.12
N LYS G 890 5.54 -10.24 87.41
CA LYS G 890 6.15 -8.96 87.06
C LYS G 890 6.36 -8.08 88.29
N ILE G 891 5.41 -8.09 89.24
CA ILE G 891 5.58 -7.32 90.47
C ILE G 891 6.77 -7.84 91.26
N GLN G 892 6.80 -9.17 91.47
CA GLN G 892 7.89 -9.78 92.22
C GLN G 892 9.24 -9.49 91.56
N GLN G 893 9.30 -9.56 90.22
CA GLN G 893 10.54 -9.23 89.53
C GLN G 893 10.90 -7.76 89.72
N SER G 894 9.93 -6.87 89.51
CA SER G 894 10.22 -5.45 89.54
C SER G 894 10.69 -4.99 90.92
N THR G 895 10.31 -5.70 91.97
CA THR G 895 10.75 -5.17 93.26
C THR G 895 12.15 -5.62 93.66
N VAL G 896 12.51 -6.90 93.46
CA VAL G 896 13.82 -7.39 93.93
C VAL G 896 14.45 -8.47 93.06
N GLY G 897 14.03 -8.62 91.81
CA GLY G 897 14.52 -9.72 90.99
C GLY G 897 13.82 -11.04 91.24
N ASN G 898 14.47 -12.13 90.81
CA ASN G 898 13.86 -13.45 90.84
C ASN G 898 13.56 -13.93 92.25
N THR G 899 14.29 -13.43 93.25
CA THR G 899 14.07 -13.83 94.63
C THR G 899 12.77 -13.25 95.20
N GLY G 900 12.08 -12.39 94.47
CA GLY G 900 10.83 -11.81 94.95
C GLY G 900 9.74 -12.81 95.23
N ALA G 901 9.83 -14.00 94.63
CA ALA G 901 8.86 -15.05 94.93
C ALA G 901 8.88 -15.47 96.40
N PHE G 902 9.97 -15.21 97.11
CA PHE G 902 10.09 -15.55 98.52
C PHE G 902 9.91 -14.34 99.43
N LYS G 903 9.51 -13.19 98.89
CA LYS G 903 9.35 -11.97 99.66
C LYS G 903 7.86 -11.73 99.88
N ASP G 904 7.39 -12.09 101.08
CA ASP G 904 5.97 -12.01 101.39
C ASP G 904 5.43 -10.58 101.32
N GLU G 905 6.29 -9.59 101.56
CA GLU G 905 5.83 -8.20 101.63
C GLU G 905 5.63 -7.54 100.27
N VAL G 906 6.17 -8.11 99.20
CA VAL G 906 6.25 -7.38 97.92
C VAL G 906 4.87 -7.03 97.40
N LEU G 907 3.93 -7.98 97.43
CA LEU G 907 2.61 -7.72 96.86
C LEU G 907 1.87 -6.63 97.64
N SER G 908 1.96 -6.68 98.97
CA SER G 908 1.31 -5.65 99.79
C SER G 908 1.95 -4.28 99.57
N HIS G 909 3.28 -4.24 99.43
CA HIS G 909 3.96 -2.98 99.14
C HIS G 909 3.53 -2.42 97.78
N TRP G 910 3.44 -3.27 96.77
CA TRP G 910 2.97 -2.82 95.46
C TRP G 910 1.54 -2.28 95.55
N LEU G 911 0.66 -2.98 96.26
CA LEU G 911 -0.72 -2.52 96.38
C LEU G 911 -0.80 -1.20 97.13
N LYS G 912 0.04 -1.03 98.16
CA LYS G 912 0.08 0.25 98.87
C LYS G 912 0.67 1.37 98.03
N GLU G 913 1.62 1.04 97.16
CA GLU G 913 2.14 2.02 96.20
C GLU G 913 1.05 2.46 95.24
N LYS G 914 0.24 1.52 94.75
CA LYS G 914 -0.83 1.88 93.84
C LYS G 914 -1.99 2.57 94.56
N CYS G 915 -2.20 2.27 95.84
CA CYS G 915 -3.26 2.86 96.64
C CYS G 915 -2.62 3.63 97.80
N PRO G 916 -2.09 4.82 97.55
CA PRO G 916 -1.40 5.55 98.62
C PRO G 916 -2.34 6.09 99.69
N ILE G 917 -3.63 6.24 99.40
CA ILE G 917 -4.61 6.68 100.39
C ILE G 917 -5.00 5.47 101.24
N GLU G 918 -4.84 5.60 102.56
CA GLU G 918 -5.04 4.45 103.46
C GLU G 918 -6.43 3.85 103.31
N GLU G 919 -7.46 4.69 103.14
CA GLU G 919 -8.80 4.15 102.93
C GLU G 919 -8.86 3.35 101.63
N LYS G 920 -8.23 3.85 100.57
CA LYS G 920 -8.19 3.10 99.32
C LYS G 920 -7.35 1.84 99.45
N PHE G 921 -6.26 1.89 100.21
CA PHE G 921 -5.45 0.69 100.43
C PHE G 921 -6.24 -0.39 101.17
N GLN G 922 -6.97 0.00 102.21
CA GLN G 922 -7.79 -0.97 102.94
C GLN G 922 -8.91 -1.53 102.04
N ALA G 923 -9.53 -0.67 101.23
CA ALA G 923 -10.53 -1.17 100.29
C ALA G 923 -9.91 -2.16 99.30
N ALA G 924 -8.68 -1.89 98.85
CA ALA G 924 -8.01 -2.80 97.94
C ALA G 924 -7.64 -4.11 98.62
N VAL G 925 -7.24 -4.05 99.89
CA VAL G 925 -6.96 -5.27 100.64
C VAL G 925 -8.22 -6.11 100.81
N GLU G 926 -9.36 -5.46 101.09
CA GLU G 926 -10.62 -6.17 101.21
C GLU G 926 -11.02 -6.81 99.89
N ARG G 927 -10.92 -6.05 98.79
CA ARG G 927 -11.22 -6.59 97.47
C ARG G 927 -10.28 -7.74 97.13
N PHE G 928 -9.01 -7.66 97.54
CA PHE G 928 -8.08 -8.77 97.37
C PHE G 928 -8.54 -10.00 98.14
N VAL G 929 -8.97 -9.81 99.39
CA VAL G 929 -9.47 -10.93 100.17
C VAL G 929 -10.63 -11.60 99.45
N TYR G 930 -11.60 -10.81 98.99
CA TYR G 930 -12.79 -11.38 98.36
C TYR G 930 -12.44 -12.07 97.04
N SER G 931 -11.65 -11.42 96.19
CA SER G 931 -11.31 -12.01 94.90
C SER G 931 -10.43 -13.24 95.06
N CYS G 932 -9.49 -13.20 96.02
CA CYS G 932 -8.67 -14.36 96.32
C CYS G 932 -9.54 -15.53 96.76
N ALA G 933 -10.49 -15.29 97.66
CA ALA G 933 -11.39 -16.37 98.09
C ALA G 933 -12.18 -16.92 96.91
N GLY G 934 -12.72 -16.03 96.08
CA GLY G 934 -13.50 -16.48 94.93
C GLY G 934 -12.69 -17.34 93.99
N TYR G 935 -11.50 -16.89 93.63
CA TYR G 935 -10.68 -17.68 92.70
C TYR G 935 -10.12 -18.93 93.36
N CYS G 936 -9.88 -18.91 94.67
CA CYS G 936 -9.49 -20.14 95.35
C CYS G 936 -10.58 -21.19 95.23
N VAL G 937 -11.81 -20.83 95.56
CA VAL G 937 -12.91 -21.79 95.46
C VAL G 937 -13.10 -22.22 94.01
N ALA G 938 -13.04 -21.27 93.06
CA ALA G 938 -13.27 -21.59 91.66
C ALA G 938 -12.19 -22.53 91.12
N THR G 939 -10.92 -22.21 91.35
CA THR G 939 -9.85 -23.06 90.85
C THR G 939 -9.83 -24.41 91.56
N PHE G 940 -10.28 -24.47 92.82
CA PHE G 940 -10.41 -25.76 93.49
C PHE G 940 -11.50 -26.61 92.82
N VAL G 941 -12.69 -26.05 92.67
CA VAL G 941 -13.82 -26.81 92.13
C VAL G 941 -13.56 -27.19 90.67
N LEU G 942 -12.92 -26.32 89.92
CA LEU G 942 -12.68 -26.55 88.51
C LEU G 942 -11.31 -27.18 88.21
N GLY G 943 -10.49 -27.41 89.24
CA GLY G 943 -9.21 -28.07 89.05
C GLY G 943 -8.26 -27.38 88.10
N ILE G 944 -8.14 -26.06 88.20
CA ILE G 944 -7.37 -25.27 87.24
C ILE G 944 -5.88 -25.40 87.58
N GLY G 945 -5.10 -25.94 86.64
CA GLY G 945 -3.69 -26.16 86.83
C GLY G 945 -2.81 -25.12 86.15
N ASP G 946 -1.49 -25.38 86.23
CA ASP G 946 -0.47 -24.51 85.64
C ASP G 946 -0.51 -23.11 86.23
N ARG G 947 -0.75 -23.03 87.54
CA ARG G 947 -0.90 -21.75 88.23
C ARG G 947 0.46 -21.17 88.64
N HIS G 948 1.28 -20.88 87.64
CA HIS G 948 2.47 -20.09 87.91
C HIS G 948 2.13 -18.60 87.96
N ASN G 949 3.05 -17.82 88.52
CA ASN G 949 2.80 -16.42 88.84
C ASN G 949 2.63 -15.52 87.61
N ASP G 950 2.90 -16.00 86.40
CA ASP G 950 2.54 -15.24 85.21
C ASP G 950 1.08 -15.42 84.82
N ASN G 951 0.45 -16.50 85.25
CA ASN G 951 -0.96 -16.76 84.96
C ASN G 951 -1.88 -16.21 86.04
N ILE G 952 -1.38 -15.39 86.96
CA ILE G 952 -2.18 -14.75 87.99
C ILE G 952 -1.87 -13.26 87.96
N MET G 953 -2.92 -12.44 87.92
CA MET G 953 -2.77 -11.00 87.86
C MET G 953 -3.52 -10.36 89.02
N ILE G 954 -3.09 -9.16 89.39
CA ILE G 954 -3.79 -8.33 90.35
C ILE G 954 -3.98 -6.95 89.74
N SER G 955 -5.18 -6.39 89.93
CA SER G 955 -5.44 -5.03 89.51
C SER G 955 -4.93 -4.03 90.55
N GLU G 956 -4.72 -2.80 90.09
CA GLU G 956 -4.33 -1.73 91.01
C GLU G 956 -5.39 -1.45 92.06
N THR G 957 -6.63 -1.88 91.84
CA THR G 957 -7.68 -1.79 92.85
C THR G 957 -7.79 -3.04 93.71
N GLY G 958 -6.92 -4.03 93.48
CA GLY G 958 -6.80 -5.17 94.36
C GLY G 958 -7.48 -6.46 93.92
N ASN G 959 -8.15 -6.48 92.76
CA ASN G 959 -8.73 -7.73 92.28
C ASN G 959 -7.64 -8.72 91.92
N LEU G 960 -7.63 -9.87 92.60
CA LEU G 960 -6.84 -11.01 92.15
C LEU G 960 -7.66 -11.81 91.15
N PHE G 961 -7.05 -12.16 90.02
CA PHE G 961 -7.74 -12.97 89.03
C PHE G 961 -6.75 -13.84 88.27
N HIS G 962 -7.28 -14.92 87.70
CA HIS G 962 -6.49 -15.91 86.98
C HIS G 962 -6.68 -15.78 85.47
N ILE G 963 -5.62 -16.07 84.73
CA ILE G 963 -5.65 -16.07 83.27
C ILE G 963 -5.08 -17.39 82.75
N ASP G 964 -5.26 -17.60 81.44
CA ASP G 964 -4.81 -18.79 80.72
C ASP G 964 -5.33 -20.08 81.38
N PHE G 965 -6.40 -20.64 80.83
CA PHE G 965 -7.06 -21.81 81.41
C PHE G 965 -6.76 -23.09 80.63
N GLY G 966 -5.52 -23.23 80.15
CA GLY G 966 -5.14 -24.38 79.35
C GLY G 966 -5.21 -25.71 80.07
N HIS G 967 -5.39 -25.70 81.39
CA HIS G 967 -5.43 -26.95 82.15
C HIS G 967 -6.50 -26.90 83.24
N ARG G 982 1.01 -29.15 94.04
CA ARG G 982 1.25 -29.76 95.34
C ARG G 982 0.23 -29.30 96.37
N VAL G 983 -0.58 -28.33 95.98
CA VAL G 983 -1.61 -27.77 96.86
C VAL G 983 -2.93 -27.73 96.11
N PRO G 984 -4.07 -27.84 96.81
CA PRO G 984 -5.36 -27.76 96.11
C PRO G 984 -5.55 -26.47 95.33
N PHE G 985 -5.08 -25.34 95.88
CA PHE G 985 -5.17 -24.07 95.18
C PHE G 985 -4.08 -23.15 95.70
N VAL G 986 -3.89 -22.02 95.02
CA VAL G 986 -2.82 -21.09 95.33
C VAL G 986 -3.22 -20.24 96.53
N LEU G 987 -2.50 -20.42 97.65
CA LEU G 987 -2.59 -19.55 98.83
C LEU G 987 -1.17 -19.46 99.38
N THR G 988 -0.42 -18.47 98.91
CA THR G 988 0.99 -18.34 99.21
C THR G 988 1.22 -17.38 100.37
N PRO G 989 2.39 -17.46 101.00
CA PRO G 989 2.69 -16.54 102.11
C PRO G 989 2.57 -15.06 101.77
N ASP G 990 2.85 -14.63 100.53
CA ASP G 990 2.67 -13.22 100.20
C ASP G 990 1.18 -12.86 100.16
N PHE G 991 0.34 -13.77 99.65
CA PHE G 991 -1.11 -13.56 99.75
C PHE G 991 -1.54 -13.48 101.21
N LEU G 992 -1.01 -14.38 102.04
CA LEU G 992 -1.30 -14.34 103.46
C LEU G 992 -0.83 -13.05 104.11
N PHE G 993 0.27 -12.48 103.60
CA PHE G 993 0.79 -11.21 104.13
C PHE G 993 -0.12 -10.06 103.77
N VAL G 994 -0.67 -10.05 102.55
CA VAL G 994 -1.63 -9.01 102.19
C VAL G 994 -2.83 -9.04 103.14
N MET G 995 -3.25 -10.24 103.55
CA MET G 995 -4.31 -10.44 104.54
C MET G 995 -3.87 -10.12 105.97
N GLY G 996 -2.66 -9.60 106.16
CA GLY G 996 -2.20 -9.23 107.49
C GLY G 996 -1.87 -10.37 108.42
N THR G 997 -1.64 -11.57 107.90
CA THR G 997 -1.15 -12.68 108.71
C THR G 997 0.37 -12.65 108.78
N SER G 998 0.90 -13.04 109.94
CA SER G 998 2.35 -13.15 110.15
C SER G 998 2.62 -14.52 110.72
N GLY G 999 3.17 -15.41 109.89
CA GLY G 999 3.33 -16.80 110.29
C GLY G 999 1.98 -17.49 110.45
N LYS G 1000 1.85 -18.29 111.50
CA LYS G 1000 0.63 -19.02 111.76
C LYS G 1000 -0.40 -18.21 112.54
N LYS G 1001 -0.11 -16.94 112.84
CA LYS G 1001 -1.07 -16.10 113.53
C LYS G 1001 -2.20 -15.72 112.57
N THR G 1002 -3.43 -15.97 112.99
CA THR G 1002 -4.59 -15.65 112.18
C THR G 1002 -4.95 -14.17 112.30
N SER G 1003 -5.21 -13.54 111.16
CA SER G 1003 -5.67 -12.16 111.12
C SER G 1003 -7.18 -12.11 110.90
N LEU G 1004 -7.76 -10.93 111.14
CA LEU G 1004 -9.18 -10.72 110.87
C LEU G 1004 -9.49 -10.91 109.38
N HIS G 1005 -8.62 -10.39 108.51
CA HIS G 1005 -8.83 -10.60 107.08
C HIS G 1005 -8.72 -12.06 106.69
N PHE G 1006 -7.87 -12.84 107.37
CA PHE G 1006 -7.78 -14.26 107.05
C PHE G 1006 -8.99 -15.04 107.53
N GLN G 1007 -9.53 -14.68 108.71
CA GLN G 1007 -10.78 -15.27 109.15
C GLN G 1007 -11.91 -14.96 108.17
N LYS G 1008 -11.97 -13.71 107.72
CA LYS G 1008 -12.96 -13.34 106.72
C LYS G 1008 -12.78 -14.14 105.43
N PHE G 1009 -11.53 -14.33 105.02
CA PHE G 1009 -11.22 -15.16 103.86
C PHE G 1009 -11.77 -16.57 104.02
N GLN G 1010 -11.53 -17.18 105.19
CA GLN G 1010 -12.00 -18.54 105.44
C GLN G 1010 -13.52 -18.62 105.40
N ASP G 1011 -14.20 -17.67 106.07
CA ASP G 1011 -15.67 -17.69 106.10
C ASP G 1011 -16.25 -17.53 104.69
N VAL G 1012 -15.72 -16.58 103.92
CA VAL G 1012 -16.19 -16.35 102.57
C VAL G 1012 -15.94 -17.59 101.69
N CYS G 1013 -14.76 -18.20 101.82
CA CYS G 1013 -14.47 -19.42 101.07
C CYS G 1013 -15.49 -20.50 101.38
N VAL G 1014 -15.80 -20.71 102.67
CA VAL G 1014 -16.76 -21.75 103.06
C VAL G 1014 -18.13 -21.46 102.46
N LYS G 1015 -18.58 -20.21 102.56
CA LYS G 1015 -19.91 -19.86 102.03
C LYS G 1015 -19.98 -20.07 100.53
N ALA G 1016 -18.98 -19.60 99.79
CA ALA G 1016 -18.97 -19.78 98.33
C ALA G 1016 -18.92 -21.24 97.93
N TYR G 1017 -18.07 -22.02 98.61
CA TYR G 1017 -17.95 -23.44 98.33
C TYR G 1017 -19.28 -24.15 98.53
N LEU G 1018 -19.97 -23.87 99.64
CA LEU G 1018 -21.26 -24.49 99.88
C LEU G 1018 -22.31 -24.04 98.87
N ALA G 1019 -22.26 -22.77 98.47
CA ALA G 1019 -23.20 -22.28 97.45
C ALA G 1019 -23.03 -23.04 96.15
N LEU G 1020 -21.78 -23.30 95.73
CA LEU G 1020 -21.56 -24.10 94.54
C LEU G 1020 -21.96 -25.56 94.76
N ARG G 1021 -21.72 -26.07 95.98
CA ARG G 1021 -22.10 -27.45 96.28
C ARG G 1021 -23.60 -27.64 96.10
N HIS G 1022 -24.39 -26.64 96.46
CA HIS G 1022 -25.83 -26.72 96.23
C HIS G 1022 -26.20 -26.72 94.75
N HIS G 1023 -25.30 -26.31 93.84
CA HIS G 1023 -25.56 -26.29 92.40
C HIS G 1023 -24.69 -27.29 91.63
N THR G 1024 -24.13 -28.25 92.36
CA THR G 1024 -23.33 -29.33 91.75
C THR G 1024 -23.98 -29.92 90.49
N ASN G 1025 -25.29 -30.18 90.52
CA ASN G 1025 -25.94 -30.80 89.37
C ASN G 1025 -25.83 -29.91 88.14
N LEU G 1026 -26.10 -28.61 88.31
CA LEU G 1026 -25.97 -27.66 87.21
C LEU G 1026 -24.55 -27.67 86.64
N LEU G 1027 -23.55 -27.65 87.51
CA LEU G 1027 -22.17 -27.64 87.03
C LEU G 1027 -21.85 -28.91 86.23
N ILE G 1028 -22.22 -30.07 86.78
CA ILE G 1028 -21.98 -31.33 86.10
C ILE G 1028 -22.62 -31.35 84.73
N ILE G 1029 -23.87 -30.87 84.64
CA ILE G 1029 -24.59 -30.88 83.37
C ILE G 1029 -23.90 -29.95 82.36
N LEU G 1030 -23.48 -28.76 82.82
CA LEU G 1030 -22.84 -27.82 81.91
C LEU G 1030 -21.56 -28.39 81.31
N PHE G 1031 -20.79 -29.15 82.10
CA PHE G 1031 -19.58 -29.75 81.52
C PHE G 1031 -19.90 -30.96 80.65
N SER G 1032 -20.90 -31.76 81.05
CA SER G 1032 -21.30 -32.90 80.24
C SER G 1032 -21.71 -32.46 78.85
N MET G 1033 -22.44 -31.35 78.75
CA MET G 1033 -22.85 -30.86 77.43
C MET G 1033 -21.67 -30.38 76.59
N MET G 1034 -20.52 -30.13 77.20
CA MET G 1034 -19.35 -29.65 76.47
C MET G 1034 -18.36 -30.77 76.17
N LEU G 1035 -18.59 -31.95 76.72
CA LEU G 1035 -17.76 -33.10 76.37
C LEU G 1035 -17.53 -33.28 74.87
N MET G 1036 -18.47 -32.84 74.02
CA MET G 1036 -18.46 -33.18 72.60
C MET G 1036 -17.83 -32.09 71.73
N THR G 1037 -17.13 -31.13 72.31
CA THR G 1037 -16.46 -30.07 71.56
C THR G 1037 -15.09 -30.47 71.04
N GLY G 1038 -14.52 -31.57 71.54
CA GLY G 1038 -13.15 -31.92 71.22
C GLY G 1038 -12.10 -31.13 71.96
N MET G 1039 -12.44 -30.57 73.11
CA MET G 1039 -11.46 -29.86 73.93
C MET G 1039 -10.49 -30.86 74.57
N PRO G 1040 -9.19 -30.60 74.55
CA PRO G 1040 -8.23 -31.61 75.03
C PRO G 1040 -8.36 -31.93 76.52
N GLN G 1041 -8.85 -31.00 77.33
CA GLN G 1041 -8.94 -31.21 78.78
C GLN G 1041 -10.33 -31.60 79.24
N LEU G 1042 -11.28 -31.80 78.31
CA LEU G 1042 -12.65 -32.24 78.64
C LEU G 1042 -13.03 -33.27 77.58
N THR G 1043 -12.66 -34.53 77.83
CA THR G 1043 -12.81 -35.59 76.85
C THR G 1043 -13.74 -36.71 77.29
N SER G 1044 -13.90 -36.95 78.60
CA SER G 1044 -14.70 -38.07 79.08
C SER G 1044 -15.39 -37.69 80.39
N LYS G 1045 -16.34 -38.53 80.80
CA LYS G 1045 -17.06 -38.28 82.04
C LYS G 1045 -16.14 -38.37 83.26
N GLU G 1046 -15.07 -39.15 83.17
CA GLU G 1046 -14.09 -39.21 84.25
C GLU G 1046 -13.51 -37.83 84.55
N ASP G 1047 -13.35 -36.99 83.53
CA ASP G 1047 -12.94 -35.61 83.77
C ASP G 1047 -13.96 -34.87 84.62
N ILE G 1048 -15.25 -35.13 84.41
CA ILE G 1048 -16.29 -34.41 85.14
C ILE G 1048 -16.43 -34.94 86.56
N GLU G 1049 -16.08 -36.21 86.80
CA GLU G 1049 -16.11 -36.73 88.16
C GLU G 1049 -15.24 -35.92 89.11
N TYR G 1050 -14.26 -35.17 88.61
CA TYR G 1050 -13.48 -34.26 89.45
C TYR G 1050 -14.39 -33.30 90.19
N ILE G 1051 -15.39 -32.74 89.51
CA ILE G 1051 -16.30 -31.79 90.15
C ILE G 1051 -17.08 -32.48 91.26
N ARG G 1052 -17.56 -33.69 90.99
CA ARG G 1052 -18.29 -34.45 92.01
C ARG G 1052 -17.43 -34.69 93.24
N ASP G 1053 -16.15 -35.04 93.04
CA ASP G 1053 -15.29 -35.32 94.18
C ASP G 1053 -14.89 -34.04 94.91
N ALA G 1054 -14.58 -32.97 94.18
CA ALA G 1054 -14.16 -31.73 94.81
C ALA G 1054 -15.26 -31.14 95.69
N LEU G 1055 -16.51 -31.22 95.24
CA LEU G 1055 -17.64 -30.71 96.00
C LEU G 1055 -18.14 -31.68 97.06
N THR G 1056 -17.48 -32.84 97.20
CA THR G 1056 -17.82 -33.84 98.22
C THR G 1056 -19.31 -34.20 98.17
N VAL G 1057 -19.76 -34.58 96.98
CA VAL G 1057 -21.14 -35.02 96.82
C VAL G 1057 -21.41 -36.23 97.73
N GLY G 1058 -22.58 -36.21 98.38
CA GLY G 1058 -23.00 -37.28 99.25
C GLY G 1058 -22.58 -37.15 100.70
N LYS G 1059 -21.68 -36.22 101.01
CA LYS G 1059 -21.33 -35.94 102.40
C LYS G 1059 -22.28 -34.91 103.00
N SER G 1060 -22.23 -34.81 104.33
CA SER G 1060 -22.98 -33.77 105.02
C SER G 1060 -22.38 -32.39 104.74
N GLU G 1061 -23.18 -31.36 104.98
CA GLU G 1061 -22.68 -29.99 104.81
C GLU G 1061 -21.58 -29.67 105.81
N GLU G 1062 -21.69 -30.20 107.04
CA GLU G 1062 -20.63 -30.00 108.03
C GLU G 1062 -19.33 -30.66 107.57
N ASP G 1063 -19.42 -31.89 107.05
CA ASP G 1063 -18.23 -32.57 106.55
C ASP G 1063 -17.61 -31.82 105.37
N ALA G 1064 -18.45 -31.28 104.48
CA ALA G 1064 -17.93 -30.53 103.35
C ALA G 1064 -17.22 -29.26 103.80
N LYS G 1065 -17.84 -28.52 104.72
CA LYS G 1065 -17.20 -27.33 105.28
C LYS G 1065 -15.85 -27.67 105.91
N LYS G 1066 -15.82 -28.71 106.74
CA LYS G 1066 -14.56 -29.11 107.38
C LYS G 1066 -13.52 -29.52 106.34
N TYR G 1067 -13.92 -30.27 105.32
CA TYR G 1067 -12.99 -30.68 104.27
C TYR G 1067 -12.37 -29.49 103.56
N PHE G 1068 -13.18 -28.49 103.22
CA PHE G 1068 -12.62 -27.34 102.50
C PHE G 1068 -11.71 -26.52 103.42
N LEU G 1069 -12.07 -26.38 104.69
CA LEU G 1069 -11.17 -25.73 105.63
C LEU G 1069 -9.84 -26.47 105.75
N ASP G 1070 -9.88 -27.80 105.72
CA ASP G 1070 -8.65 -28.58 105.73
C ASP G 1070 -7.82 -28.32 104.48
N GLN G 1071 -8.48 -28.16 103.33
CA GLN G 1071 -7.75 -27.80 102.12
C GLN G 1071 -7.06 -26.44 102.28
N ILE G 1072 -7.77 -25.47 102.90
CA ILE G 1072 -7.17 -24.16 103.15
C ILE G 1072 -5.91 -24.29 103.99
N GLU G 1073 -5.99 -25.07 105.07
CA GLU G 1073 -4.82 -25.20 105.94
C GLU G 1073 -3.69 -25.98 105.26
N VAL G 1074 -4.02 -26.95 104.40
CA VAL G 1074 -2.98 -27.63 103.63
C VAL G 1074 -2.25 -26.64 102.73
N CYS G 1075 -3.00 -25.75 102.08
CA CYS G 1075 -2.36 -24.74 101.24
C CYS G 1075 -1.51 -23.79 102.07
N ARG G 1076 -2.01 -23.39 103.25
CA ARG G 1076 -1.26 -22.51 104.13
C ARG G 1076 0.05 -23.14 104.56
N ASP G 1077 0.01 -24.41 104.96
CA ASP G 1077 1.22 -25.09 105.42
C ASP G 1077 2.20 -25.32 104.28
N LYS G 1078 1.69 -25.61 103.09
CA LYS G 1078 2.56 -25.93 101.96
C LYS G 1078 2.68 -24.74 100.99
N SER H 3 -62.79 -88.38 50.58
CA SER H 3 -62.25 -87.03 50.45
C SER H 3 -60.92 -86.91 51.18
N SER H 4 -60.72 -87.74 52.22
CA SER H 4 -59.48 -87.68 52.99
C SER H 4 -58.33 -88.29 52.21
N ASP H 5 -58.60 -89.30 51.40
CA ASP H 5 -57.53 -89.96 50.64
C ASP H 5 -57.03 -89.04 49.53
N VAL H 6 -57.94 -88.33 48.87
CA VAL H 6 -57.55 -87.40 47.83
C VAL H 6 -56.75 -86.24 48.42
N GLU H 7 -57.17 -85.76 49.59
CA GLU H 7 -56.43 -84.73 50.30
C GLU H 7 -55.02 -85.19 50.63
N LEU H 8 -54.88 -86.40 51.16
CA LEU H 8 -53.55 -86.90 51.50
C LEU H 8 -52.68 -87.06 50.27
N ASP H 9 -53.29 -87.49 49.16
CA ASP H 9 -52.53 -87.68 47.92
C ASP H 9 -51.99 -86.35 47.39
N PHE H 10 -52.85 -85.31 47.37
CA PHE H 10 -52.38 -83.99 46.96
C PHE H 10 -51.32 -83.45 47.92
N GLN H 11 -51.48 -83.69 49.21
CA GLN H 11 -50.49 -83.25 50.19
C GLN H 11 -49.13 -83.89 49.92
N ARG H 12 -49.13 -85.19 49.59
CA ARG H 12 -47.87 -85.86 49.27
C ARG H 12 -47.22 -85.26 48.03
N SER H 13 -48.01 -84.94 47.01
CA SER H 13 -47.43 -84.33 45.82
C SER H 13 -46.79 -82.96 46.15
N VAL H 14 -47.50 -82.15 46.92
CA VAL H 14 -46.98 -80.83 47.30
C VAL H 14 -45.70 -81.00 48.12
N GLN H 15 -45.67 -81.98 49.02
CA GLN H 15 -44.47 -82.20 49.82
C GLN H 15 -43.30 -82.66 48.95
N ALA H 16 -43.57 -83.42 47.89
CA ALA H 16 -42.50 -83.79 46.98
C ALA H 16 -41.90 -82.54 46.33
N VAL H 17 -42.77 -81.61 45.93
CA VAL H 17 -42.25 -80.36 45.34
C VAL H 17 -41.41 -79.60 46.37
N LEU H 18 -41.89 -79.53 47.61
CA LEU H 18 -41.15 -78.80 48.64
C LEU H 18 -39.80 -79.44 48.92
N ARG H 19 -39.75 -80.78 48.94
CA ARG H 19 -38.48 -81.48 49.14
C ARG H 19 -37.52 -81.20 48.00
N GLU H 20 -38.03 -81.15 46.77
CA GLU H 20 -37.17 -80.79 45.64
C GLU H 20 -36.62 -79.37 45.81
N LEU H 21 -37.40 -78.48 46.41
CA LEU H 21 -36.92 -77.11 46.56
C LEU H 21 -35.93 -76.94 47.73
N ASN H 22 -36.08 -77.71 48.79
CA ASN H 22 -35.25 -77.51 49.98
C ASN H 22 -33.90 -78.22 49.90
N THR H 23 -33.81 -79.31 49.13
CA THR H 23 -32.58 -80.10 49.01
C THR H 23 -32.08 -80.08 47.57
N PRO H 24 -31.42 -78.98 47.14
CA PRO H 24 -30.85 -78.95 45.78
C PRO H 24 -29.74 -79.96 45.59
N ASN H 25 -30.06 -81.25 45.70
CA ASN H 25 -29.09 -82.32 45.46
C ASN H 25 -28.95 -82.64 43.98
N GLN H 29 -31.01 -85.22 39.86
CA GLN H 29 -31.04 -84.36 38.70
C GLN H 29 -32.00 -84.86 37.63
N SER H 30 -32.23 -86.18 37.60
CA SER H 30 -32.98 -86.78 36.50
C SER H 30 -34.48 -86.59 36.63
N ASN H 31 -34.99 -86.28 37.82
CA ASN H 31 -36.41 -86.09 38.04
C ASN H 31 -36.77 -84.68 38.47
N GLN H 32 -35.82 -83.74 38.37
CA GLN H 32 -36.07 -82.37 38.79
C GLN H 32 -37.06 -81.71 37.85
N GLY H 33 -38.09 -81.09 38.42
CA GLY H 33 -39.13 -80.45 37.64
C GLY H 33 -40.32 -81.33 37.30
N MET H 34 -40.18 -82.66 37.45
CA MET H 34 -41.28 -83.56 37.13
C MET H 34 -42.37 -83.54 38.19
N TRP H 35 -42.02 -83.19 39.43
CA TRP H 35 -43.01 -83.21 40.51
C TRP H 35 -44.06 -82.12 40.33
N ARG H 36 -43.62 -80.89 40.03
CA ARG H 36 -44.56 -79.80 39.74
C ARG H 36 -45.49 -80.16 38.59
N TRP H 37 -44.91 -80.65 37.50
CA TRP H 37 -45.69 -81.05 36.33
C TRP H 37 -46.71 -82.13 36.68
N SER H 38 -46.30 -83.13 37.46
CA SER H 38 -47.22 -84.19 37.86
C SER H 38 -48.36 -83.63 38.70
N LEU H 39 -48.06 -82.68 39.58
CA LEU H 39 -49.11 -82.05 40.38
C LEU H 39 -50.11 -81.32 39.47
N HIS H 40 -49.60 -80.57 38.49
CA HIS H 40 -50.50 -79.85 37.58
C HIS H 40 -51.34 -80.82 36.77
N LYS H 41 -50.74 -81.94 36.33
CA LYS H 41 -51.51 -82.92 35.59
C LYS H 41 -52.58 -83.55 36.46
N LYS H 42 -52.24 -83.81 37.72
CA LYS H 42 -53.20 -84.38 38.66
C LYS H 42 -54.39 -83.46 38.85
N VAL H 43 -54.17 -82.15 38.99
CA VAL H 43 -55.30 -81.26 39.16
C VAL H 43 -56.09 -81.12 37.85
N GLU H 44 -55.40 -81.17 36.72
CA GLU H 44 -56.09 -81.13 35.43
C GLU H 44 -57.00 -82.34 35.25
N ARG H 45 -56.62 -83.50 35.80
CA ARG H 45 -57.44 -84.69 35.68
C ARG H 45 -58.62 -84.70 36.63
N ASN H 46 -58.53 -83.98 37.75
CA ASN H 46 -59.61 -83.89 38.73
C ASN H 46 -59.85 -82.41 39.07
N PRO H 47 -60.50 -81.67 38.16
CA PRO H 47 -60.69 -80.23 38.41
C PRO H 47 -61.61 -79.94 39.58
N GLY H 48 -62.59 -80.80 39.84
CA GLY H 48 -63.49 -80.62 40.97
C GLY H 48 -62.80 -80.67 42.32
N LYS H 49 -61.54 -81.10 42.36
CA LYS H 49 -60.77 -81.13 43.60
C LYS H 49 -59.79 -79.97 43.69
N SER H 50 -59.91 -78.98 42.78
CA SER H 50 -58.97 -77.87 42.77
C SER H 50 -59.00 -77.14 44.10
N SER H 51 -60.19 -76.94 44.67
CA SER H 51 -60.29 -76.26 45.95
C SER H 51 -59.43 -76.95 46.98
N ILE H 52 -59.45 -78.29 46.98
CA ILE H 52 -58.62 -79.06 47.90
C ILE H 52 -57.18 -78.60 47.78
N LEU H 53 -56.64 -78.65 46.56
CA LEU H 53 -55.25 -78.25 46.37
C LEU H 53 -55.03 -76.84 46.85
N VAL H 54 -55.97 -75.94 46.54
CA VAL H 54 -55.80 -74.54 46.93
C VAL H 54 -55.56 -74.46 48.44
N ARG H 55 -56.43 -75.13 49.22
CA ARG H 55 -56.29 -75.04 50.66
C ARG H 55 -54.91 -75.48 51.08
N ILE H 56 -54.46 -76.63 50.55
CA ILE H 56 -53.14 -77.14 50.93
C ILE H 56 -52.09 -76.09 50.65
N LEU H 57 -52.11 -75.53 49.43
CA LEU H 57 -51.10 -74.55 49.07
C LEU H 57 -51.11 -73.39 50.06
N LEU H 58 -52.31 -72.87 50.36
CA LEU H 58 -52.37 -71.74 51.26
C LEU H 58 -51.74 -72.09 52.60
N ARG H 59 -52.08 -73.27 53.14
CA ARG H 59 -51.50 -73.66 54.41
C ARG H 59 -49.98 -73.66 54.32
N GLU H 60 -49.43 -74.33 53.31
CA GLU H 60 -47.97 -74.37 53.20
C GLU H 60 -47.41 -72.97 53.09
N LEU H 61 -48.07 -72.11 52.29
CA LEU H 61 -47.59 -70.75 52.14
C LEU H 61 -47.55 -70.06 53.50
N GLU H 62 -48.64 -70.16 54.25
CA GLU H 62 -48.65 -69.53 55.56
C GLU H 62 -47.54 -70.10 56.42
N LYS H 63 -47.37 -71.43 56.40
CA LYS H 63 -46.29 -72.04 57.17
C LYS H 63 -44.95 -71.44 56.75
N ALA H 64 -44.72 -71.34 55.45
CA ALA H 64 -43.45 -70.79 54.96
C ALA H 64 -43.25 -69.38 55.47
N GLU H 65 -44.31 -68.58 55.54
CA GLU H 65 -44.16 -67.22 56.03
C GLU H 65 -43.76 -67.20 57.51
N SER H 66 -44.33 -68.11 58.31
CA SER H 66 -44.05 -68.10 59.74
C SER H 66 -42.65 -68.59 60.06
N GLU H 67 -42.13 -69.53 59.28
CA GLU H 67 -40.83 -70.12 59.51
C GLU H 67 -39.72 -69.44 58.71
N ASP H 68 -40.04 -68.33 58.05
CA ASP H 68 -39.09 -67.59 57.22
C ASP H 68 -38.48 -68.49 56.15
N GLY H 69 -39.31 -69.37 55.59
CA GLY H 69 -38.90 -70.22 54.49
C GLY H 69 -39.04 -69.54 53.14
N ARG H 70 -38.15 -68.58 52.88
CA ARG H 70 -38.29 -67.73 51.71
C ARG H 70 -38.09 -68.47 50.39
N ARG H 71 -37.36 -69.59 50.40
CA ARG H 71 -37.03 -70.27 49.15
C ARG H 71 -38.25 -70.93 48.50
N VAL H 72 -39.31 -71.19 49.27
CA VAL H 72 -40.48 -71.91 48.77
C VAL H 72 -41.67 -71.00 48.53
N ILE H 73 -41.60 -69.72 48.94
CA ILE H 73 -42.78 -68.85 48.88
C ILE H 73 -43.22 -68.61 47.44
N ILE H 74 -42.29 -68.18 46.58
CA ILE H 74 -42.62 -67.81 45.21
C ILE H 74 -43.05 -69.02 44.39
N PRO H 75 -42.37 -70.18 44.47
CA PRO H 75 -42.89 -71.34 43.72
C PRO H 75 -44.30 -71.73 44.11
N LEU H 76 -44.58 -71.77 45.41
CA LEU H 76 -45.93 -72.15 45.86
C LEU H 76 -46.96 -71.10 45.44
N LEU H 77 -46.59 -69.82 45.52
CA LEU H 77 -47.50 -68.75 45.10
C LEU H 77 -47.82 -68.87 43.61
N LEU H 78 -46.81 -69.13 42.78
CA LEU H 78 -47.05 -69.23 41.34
C LEU H 78 -47.84 -70.49 41.00
N THR H 79 -47.62 -71.59 41.72
CA THR H 79 -48.44 -72.77 41.53
C THR H 79 -49.89 -72.49 41.88
N LEU H 80 -50.12 -71.79 42.99
CA LEU H 80 -51.46 -71.40 43.38
C LEU H 80 -52.13 -70.57 42.29
N MET H 81 -51.39 -69.60 41.74
CA MET H 81 -51.96 -68.77 40.67
C MET H 81 -52.28 -69.59 39.43
N SER H 82 -51.39 -70.51 39.05
CA SER H 82 -51.65 -71.37 37.90
C SER H 82 -52.91 -72.20 38.11
N VAL H 83 -53.12 -72.71 39.32
CA VAL H 83 -54.33 -73.49 39.58
C VAL H 83 -55.56 -72.59 39.55
N LEU H 84 -55.48 -71.40 40.14
CA LEU H 84 -56.63 -70.52 40.21
C LEU H 84 -57.03 -70.00 38.84
N THR H 85 -56.09 -69.92 37.91
CA THR H 85 -56.43 -69.45 36.57
C THR H 85 -57.39 -70.39 35.86
N LYS H 86 -57.30 -71.69 36.15
CA LYS H 86 -58.11 -72.69 35.47
C LYS H 86 -59.28 -73.19 36.31
N ALA H 87 -59.25 -72.99 37.61
CA ALA H 87 -60.20 -73.62 38.51
C ALA H 87 -61.55 -72.94 38.47
N THR H 88 -62.60 -73.74 38.61
CA THR H 88 -63.96 -73.25 38.78
C THR H 88 -64.50 -73.77 40.10
N GLY H 89 -65.44 -73.03 40.67
CA GLY H 89 -66.06 -73.46 41.91
C GLY H 89 -65.23 -73.22 43.14
N ILE H 90 -64.26 -72.33 43.08
CA ILE H 90 -63.43 -71.99 44.23
C ILE H 90 -64.25 -71.07 45.15
N PRO H 91 -64.43 -71.43 46.41
CA PRO H 91 -65.23 -70.59 47.32
C PRO H 91 -64.57 -69.23 47.54
N GLU H 92 -65.41 -68.23 47.83
CA GLU H 92 -64.94 -66.85 47.97
C GLU H 92 -63.97 -66.71 49.13
N ASP H 93 -64.19 -67.45 50.23
CA ASP H 93 -63.31 -67.32 51.38
C ASP H 93 -61.88 -67.69 51.05
N LEU H 94 -61.67 -68.67 50.17
CA LEU H 94 -60.31 -69.03 49.77
C LEU H 94 -59.66 -67.90 48.98
N TYR H 95 -60.44 -67.23 48.12
CA TYR H 95 -59.92 -66.08 47.39
C TYR H 95 -59.51 -64.98 48.35
N HIS H 96 -60.34 -64.70 49.36
CA HIS H 96 -59.99 -63.67 50.34
C HIS H 96 -58.75 -64.05 51.13
N ARG H 97 -58.62 -65.33 51.48
CA ARG H 97 -57.45 -65.79 52.23
C ARG H 97 -56.18 -65.60 51.40
N ALA H 98 -56.23 -65.99 50.12
CA ALA H 98 -55.08 -65.80 49.25
C ALA H 98 -54.74 -64.32 49.10
N TYR H 99 -55.76 -63.47 48.91
CA TYR H 99 -55.51 -62.03 48.77
C TYR H 99 -54.87 -61.46 50.02
N THR H 100 -55.35 -61.86 51.20
CA THR H 100 -54.76 -61.40 52.45
C THR H 100 -53.31 -61.84 52.57
N PHE H 101 -53.02 -63.09 52.18
CA PHE H 101 -51.63 -63.56 52.21
C PHE H 101 -50.75 -62.71 51.30
N CYS H 102 -51.21 -62.46 50.07
CA CYS H 102 -50.44 -61.64 49.15
C CYS H 102 -50.19 -60.24 49.71
N THR H 103 -51.21 -59.65 50.35
CA THR H 103 -51.04 -58.32 50.92
C THR H 103 -50.04 -58.35 52.06
N ARG H 104 -50.04 -59.43 52.86
CA ARG H 104 -49.04 -59.56 53.91
C ARG H 104 -47.64 -59.68 53.34
N LEU H 105 -47.50 -60.32 52.18
CA LEU H 105 -46.18 -60.48 51.58
C LEU H 105 -45.59 -59.16 51.09
N LEU H 106 -46.39 -58.08 51.02
CA LEU H 106 -45.86 -56.79 50.60
C LEU H 106 -44.84 -56.25 51.60
N THR H 107 -44.82 -56.80 52.80
CA THR H 107 -43.75 -56.49 53.74
C THR H 107 -42.43 -57.20 53.40
N LEU H 108 -42.42 -58.22 52.51
CA LEU H 108 -41.15 -58.86 52.16
C LEU H 108 -40.42 -57.99 51.14
N PRO H 109 -39.09 -58.05 51.14
CA PRO H 109 -38.30 -57.32 50.15
C PRO H 109 -38.53 -57.89 48.77
N ALA H 110 -38.16 -57.10 47.77
CA ALA H 110 -38.13 -57.61 46.42
C ALA H 110 -37.26 -58.86 46.35
N PRO H 111 -37.67 -59.89 45.61
CA PRO H 111 -38.77 -59.88 44.64
C PRO H 111 -40.11 -60.34 45.20
N TYR H 112 -40.16 -60.69 46.49
CA TYR H 112 -41.39 -61.24 47.05
C TYR H 112 -42.52 -60.23 47.01
N SER H 113 -42.23 -58.96 47.33
CA SER H 113 -43.27 -57.94 47.32
C SER H 113 -43.78 -57.68 45.91
N THR H 114 -42.90 -57.71 44.92
CA THR H 114 -43.31 -57.42 43.55
C THR H 114 -44.22 -58.51 43.00
N VAL H 115 -43.80 -59.78 43.17
CA VAL H 115 -44.61 -60.90 42.73
C VAL H 115 -45.93 -60.93 43.49
N ALA H 116 -45.87 -60.65 44.79
CA ALA H 116 -47.09 -60.63 45.58
C ALA H 116 -48.03 -59.53 45.12
N LEU H 117 -47.48 -58.38 44.71
CA LEU H 117 -48.33 -57.29 44.23
C LEU H 117 -49.04 -57.67 42.93
N ASP H 118 -48.29 -58.26 41.99
CA ASP H 118 -48.92 -58.73 40.75
C ASP H 118 -50.04 -59.72 41.05
N CYS H 119 -49.75 -60.68 41.93
CA CYS H 119 -50.74 -61.69 42.27
C CYS H 119 -51.94 -61.08 42.98
N ALA H 120 -51.71 -60.09 43.85
CA ALA H 120 -52.82 -59.46 44.57
C ALA H 120 -53.75 -58.72 43.63
N ILE H 121 -53.19 -58.05 42.62
CA ILE H 121 -54.02 -57.38 41.62
C ILE H 121 -54.92 -58.40 40.93
N ARG H 122 -54.30 -59.47 40.43
CA ARG H 122 -55.08 -60.48 39.71
C ARG H 122 -56.13 -61.11 40.62
N LEU H 123 -55.77 -61.37 41.87
CA LEU H 123 -56.66 -62.06 42.80
C LEU H 123 -57.84 -61.20 43.19
N LYS H 124 -57.63 -59.90 43.39
CA LYS H 124 -58.74 -59.03 43.69
C LYS H 124 -59.75 -59.04 42.55
N THR H 125 -59.27 -58.85 41.31
CA THR H 125 -60.21 -58.86 40.19
C THR H 125 -60.94 -60.20 40.10
N GLU H 126 -60.23 -61.31 40.31
CA GLU H 126 -60.87 -62.62 40.21
C GLU H 126 -61.87 -62.86 41.33
N THR H 127 -61.58 -62.37 42.54
CA THR H 127 -62.50 -62.51 43.65
C THR H 127 -63.80 -61.77 43.36
N ALA H 128 -63.70 -60.57 42.76
CA ALA H 128 -64.94 -59.86 42.48
C ALA H 128 -65.65 -60.42 41.25
N VAL H 129 -64.90 -60.84 40.23
CA VAL H 129 -65.49 -61.30 38.97
C VAL H 129 -64.87 -62.65 38.60
N PRO H 130 -65.33 -63.76 39.18
CA PRO H 130 -64.72 -65.07 38.89
C PRO H 130 -64.78 -65.41 37.41
N GLY H 131 -63.69 -65.96 36.90
CA GLY H 131 -63.56 -66.31 35.51
C GLY H 131 -62.77 -65.31 34.69
N THR H 132 -62.43 -64.17 35.27
CA THR H 132 -61.73 -63.12 34.53
C THR H 132 -60.36 -63.58 34.07
N LEU H 133 -59.60 -64.25 34.95
CA LEU H 133 -58.25 -64.68 34.59
C LEU H 133 -58.27 -65.65 33.41
N TYR H 134 -59.14 -66.66 33.48
CA TYR H 134 -59.22 -67.64 32.39
C TYR H 134 -59.62 -66.98 31.08
N GLN H 135 -60.69 -66.17 31.11
CA GLN H 135 -61.17 -65.51 29.90
C GLN H 135 -60.07 -64.64 29.29
N ARG H 136 -59.43 -63.80 30.11
CA ARG H 136 -58.44 -62.89 29.58
C ARG H 136 -57.24 -63.66 29.02
N THR H 137 -56.82 -64.73 29.71
CA THR H 137 -55.71 -65.53 29.24
C THR H 137 -56.04 -66.13 27.87
N VAL H 138 -57.23 -66.71 27.74
CA VAL H 138 -57.59 -67.38 26.50
C VAL H 138 -57.70 -66.36 25.38
N ILE H 139 -58.36 -65.24 25.64
CA ILE H 139 -58.57 -64.22 24.60
C ILE H 139 -57.23 -63.68 24.12
N ALA H 140 -56.33 -63.35 25.05
CA ALA H 140 -55.06 -62.76 24.65
C ALA H 140 -54.17 -63.77 23.93
N GLU H 141 -54.13 -65.01 24.43
CA GLU H 141 -53.18 -65.98 23.88
C GLU H 141 -53.67 -66.61 22.59
N GLN H 142 -54.99 -66.67 22.38
CA GLN H 142 -55.54 -67.27 21.17
C GLN H 142 -55.99 -66.23 20.17
N ASN H 143 -55.71 -64.95 20.43
CA ASN H 143 -56.01 -63.85 19.51
C ASN H 143 -57.49 -63.85 19.10
N LEU H 144 -58.36 -64.13 20.06
CA LEU H 144 -59.79 -64.03 19.81
C LEU H 144 -60.19 -62.57 19.71
N ILE H 145 -61.03 -62.27 18.73
CA ILE H 145 -61.41 -60.89 18.48
C ILE H 145 -62.40 -60.45 19.56
N SER H 146 -62.03 -59.40 20.29
CA SER H 146 -62.91 -58.85 21.32
C SER H 146 -62.68 -57.35 21.41
N GLU H 147 -63.75 -56.58 21.25
CA GLU H 147 -63.66 -55.14 21.31
C GLU H 147 -63.40 -54.65 22.74
N LEU H 148 -63.96 -55.35 23.72
CA LEU H 148 -63.83 -54.96 25.11
C LEU H 148 -62.53 -55.41 25.75
N TYR H 149 -61.85 -56.40 25.16
CA TYR H 149 -60.55 -56.85 25.62
C TYR H 149 -59.67 -57.07 24.40
N PRO H 150 -59.05 -56.00 23.88
CA PRO H 150 -58.33 -56.10 22.61
C PRO H 150 -56.91 -56.65 22.72
N TYR H 151 -56.48 -57.05 23.91
CA TYR H 151 -55.09 -57.45 24.10
C TYR H 151 -54.82 -58.76 23.40
N GLN H 152 -53.65 -58.85 22.78
CA GLN H 152 -53.23 -60.05 22.06
C GLN H 152 -51.82 -60.40 22.51
N GLU H 153 -51.57 -61.69 22.67
CA GLU H 153 -50.26 -62.18 23.07
C GLU H 153 -49.83 -63.30 22.12
N ARG H 154 -48.52 -63.37 21.87
CA ARG H 154 -48.00 -64.45 21.04
C ARG H 154 -46.61 -64.86 21.52
N VAL H 155 -46.35 -66.16 21.49
CA VAL H 155 -45.06 -66.73 21.83
C VAL H 155 -44.31 -67.01 20.53
N PHE H 156 -43.11 -66.44 20.40
CA PHE H 156 -42.25 -66.65 19.25
C PHE H 156 -41.08 -67.54 19.68
N LEU H 157 -41.05 -68.78 19.18
CA LEU H 157 -40.04 -69.76 19.54
C LEU H 157 -38.93 -69.73 18.49
N PHE H 158 -37.72 -69.32 18.92
CA PHE H 158 -36.57 -69.23 18.05
C PHE H 158 -35.52 -70.27 18.41
N VAL H 159 -35.03 -70.97 17.38
CA VAL H 159 -34.04 -72.03 17.50
C VAL H 159 -33.00 -71.85 16.40
N ASP H 160 -31.72 -71.96 16.76
CA ASP H 160 -30.65 -71.96 15.78
C ASP H 160 -30.47 -73.37 15.22
N PRO H 161 -30.68 -73.59 13.91
CA PRO H 161 -30.57 -74.96 13.38
C PRO H 161 -29.17 -75.54 13.49
N GLU H 162 -28.14 -74.71 13.59
CA GLU H 162 -26.77 -75.20 13.73
C GLU H 162 -26.45 -75.60 15.16
N LEU H 163 -27.24 -75.12 16.12
CA LEU H 163 -27.02 -75.41 17.54
C LEU H 163 -27.89 -76.53 18.07
N VAL H 164 -29.11 -76.66 17.53
CA VAL H 164 -30.07 -77.66 17.98
C VAL H 164 -30.36 -78.62 16.82
N SER H 165 -30.38 -79.91 17.13
CA SER H 165 -30.53 -80.93 16.09
C SER H 165 -31.90 -80.85 15.43
N ALA H 166 -31.97 -81.32 14.18
CA ALA H 166 -33.23 -81.34 13.45
C ALA H 166 -34.26 -82.24 14.13
N SER H 167 -33.81 -83.29 14.81
CA SER H 167 -34.76 -84.17 15.50
C SER H 167 -35.48 -83.44 16.63
N VAL H 168 -34.74 -82.61 17.38
CA VAL H 168 -35.37 -81.82 18.43
C VAL H 168 -36.39 -80.87 17.81
N CYS H 169 -36.02 -80.23 16.71
CA CYS H 169 -36.90 -79.27 16.05
C CYS H 169 -38.18 -79.95 15.59
N SER H 170 -38.04 -81.13 14.97
CA SER H 170 -39.20 -81.85 14.46
C SER H 170 -40.12 -82.30 15.60
N ALA H 171 -39.56 -82.83 16.68
CA ALA H 171 -40.39 -83.27 17.80
C ALA H 171 -41.14 -82.11 18.43
N LEU H 172 -40.46 -80.97 18.63
CA LEU H 172 -41.13 -79.80 19.22
C LEU H 172 -42.21 -79.27 18.30
N LEU H 173 -41.93 -79.23 16.99
CA LEU H 173 -42.93 -78.79 16.02
C LEU H 173 -44.15 -79.69 16.06
N LEU H 174 -43.93 -81.00 16.20
CA LEU H 174 -45.06 -81.93 16.23
C LEU H 174 -45.91 -81.71 17.47
N GLU H 175 -45.26 -81.50 18.63
CA GLU H 175 -46.04 -81.26 19.84
C GLU H 175 -46.84 -79.96 19.73
N ILE H 176 -46.21 -78.90 19.20
CA ILE H 176 -46.90 -77.62 19.10
C ILE H 176 -48.06 -77.69 18.13
N GLN H 177 -47.85 -78.33 16.97
CA GLN H 177 -48.92 -78.45 15.99
C GLN H 177 -50.06 -79.32 16.51
N ALA H 178 -49.74 -80.41 17.20
CA ALA H 178 -50.78 -81.24 17.78
C ALA H 178 -51.63 -80.46 18.77
N ALA H 179 -50.99 -79.60 19.58
CA ALA H 179 -51.77 -78.81 20.52
C ALA H 179 -52.62 -77.77 19.80
N GLN H 180 -52.09 -77.15 18.75
CA GLN H 180 -52.80 -76.05 18.10
C GLN H 180 -53.94 -76.53 17.21
N GLU H 181 -53.85 -77.77 16.69
CA GLU H 181 -54.94 -78.30 15.89
C GLU H 181 -56.21 -78.48 16.69
N GLN H 182 -56.09 -78.74 17.99
CA GLN H 182 -57.24 -78.92 18.87
C GLN H 182 -57.77 -77.60 19.41
N GLN H 183 -57.03 -76.50 19.23
CA GLN H 183 -57.42 -75.21 19.78
C GLN H 183 -57.97 -74.31 18.69
N THR H 184 -59.09 -74.72 18.11
CA THR H 184 -59.76 -73.89 17.12
C THR H 184 -60.45 -72.72 17.82
N PRO H 185 -60.59 -71.59 17.14
CA PRO H 185 -61.31 -70.46 17.75
C PRO H 185 -62.68 -70.82 18.31
N GLU H 186 -63.43 -71.69 17.64
CA GLU H 186 -64.73 -72.11 18.15
C GLU H 186 -64.60 -72.88 19.46
N ALA H 187 -63.62 -73.80 19.53
CA ALA H 187 -63.40 -74.55 20.75
C ALA H 187 -63.00 -73.62 21.89
N CYS H 188 -62.16 -72.62 21.59
CA CYS H 188 -61.72 -71.68 22.63
C CYS H 188 -62.88 -70.81 23.11
N MET H 189 -63.75 -70.37 22.19
CA MET H 189 -64.93 -69.61 22.60
C MET H 189 -65.85 -70.46 23.47
N ARG H 190 -66.06 -71.73 23.08
CA ARG H 190 -66.84 -72.63 23.90
C ARG H 190 -66.25 -72.77 25.29
N HIS H 191 -64.91 -72.88 25.37
CA HIS H 191 -64.26 -73.00 26.66
C HIS H 191 -64.43 -71.74 27.50
N VAL H 192 -64.33 -70.56 26.87
CA VAL H 192 -64.49 -69.32 27.62
C VAL H 192 -65.90 -69.22 28.18
N VAL H 193 -66.90 -69.51 27.35
CA VAL H 193 -68.29 -69.42 27.81
C VAL H 193 -68.54 -70.41 28.94
N SER H 194 -68.11 -71.67 28.74
CA SER H 194 -68.33 -72.69 29.75
C SER H 194 -67.64 -72.33 31.05
N HIS H 195 -66.37 -71.92 30.97
CA HIS H 195 -65.61 -71.61 32.17
C HIS H 195 -66.19 -70.41 32.91
N ALA H 196 -66.57 -69.35 32.19
CA ALA H 196 -67.14 -68.19 32.84
C ALA H 196 -68.45 -68.54 33.55
N LEU H 197 -69.37 -69.22 32.82
CA LEU H 197 -70.65 -69.55 33.44
C LEU H 197 -70.43 -70.49 34.62
N GLN H 198 -69.49 -71.42 34.52
CA GLN H 198 -69.25 -72.34 35.61
C GLN H 198 -68.60 -71.63 36.80
N ALA H 199 -67.58 -70.81 36.56
CA ALA H 199 -66.91 -70.10 37.65
C ALA H 199 -67.87 -69.18 38.38
N ALA H 200 -68.85 -68.61 37.67
CA ALA H 200 -69.78 -67.71 38.34
C ALA H 200 -70.90 -68.47 39.05
N LEU H 201 -71.46 -69.51 38.42
CA LEU H 201 -72.66 -70.18 38.92
C LEU H 201 -72.36 -71.35 39.86
N GLY H 202 -71.11 -71.84 39.88
CA GLY H 202 -70.76 -72.96 40.74
C GLY H 202 -71.60 -74.19 40.48
N GLU H 203 -72.23 -74.68 41.54
CA GLU H 203 -73.02 -75.90 41.46
C GLU H 203 -74.34 -75.69 40.74
N ALA H 204 -74.79 -74.44 40.61
CA ALA H 204 -76.03 -74.14 39.90
C ALA H 204 -75.90 -74.27 38.40
N CYS H 205 -74.69 -74.42 37.88
CA CYS H 205 -74.45 -74.56 36.46
C CYS H 205 -74.51 -76.03 36.08
N HIS H 206 -75.52 -76.40 35.29
CA HIS H 206 -75.65 -77.77 34.78
C HIS H 206 -74.65 -77.93 33.64
N THR H 207 -73.45 -78.43 33.98
CA THR H 207 -72.35 -78.44 33.03
C THR H 207 -72.64 -79.32 31.82
N GLY H 208 -73.30 -80.46 32.03
CA GLY H 208 -73.60 -81.34 30.91
C GLY H 208 -74.52 -80.70 29.89
N ALA H 209 -75.65 -80.16 30.36
CA ALA H 209 -76.58 -79.48 29.46
C ALA H 209 -75.91 -78.29 28.77
N LEU H 210 -75.09 -77.55 29.53
CA LEU H 210 -74.38 -76.41 28.95
C LEU H 210 -73.47 -76.85 27.82
N ASN H 211 -72.66 -77.89 28.04
CA ASN H 211 -71.74 -78.37 27.03
C ASN H 211 -72.48 -78.88 25.80
N ARG H 212 -73.59 -79.60 26.01
CA ARG H 212 -74.36 -80.10 24.87
C ARG H 212 -74.93 -78.95 24.05
N LYS H 213 -75.51 -77.96 24.72
CA LYS H 213 -76.09 -76.81 24.02
C LYS H 213 -75.02 -76.06 23.24
N LEU H 214 -73.83 -75.86 23.84
CA LEU H 214 -72.77 -75.13 23.15
C LEU H 214 -72.22 -75.92 21.97
N GLN H 215 -72.05 -77.23 22.12
CA GLN H 215 -71.55 -78.03 20.99
C GLN H 215 -72.55 -78.08 19.85
N ALA H 216 -73.86 -78.03 20.16
CA ALA H 216 -74.87 -78.09 19.13
C ALA H 216 -75.13 -76.73 18.47
N SER H 217 -74.63 -75.64 19.04
CA SER H 217 -74.92 -74.31 18.53
C SER H 217 -74.10 -73.99 17.29
N SER H 218 -74.69 -73.20 16.40
CA SER H 218 -73.96 -72.72 15.23
C SER H 218 -72.87 -71.75 15.66
N ARG H 219 -71.95 -71.46 14.72
CA ARG H 219 -70.86 -70.54 15.01
C ARG H 219 -71.39 -69.16 15.40
N ARG H 220 -72.43 -68.68 14.72
CA ARG H 220 -72.96 -67.35 15.01
C ARG H 220 -73.51 -67.28 16.43
N VAL H 221 -74.28 -68.29 16.84
CA VAL H 221 -74.84 -68.30 18.19
C VAL H 221 -73.73 -68.38 19.23
N LEU H 222 -72.72 -69.23 18.97
CA LEU H 222 -71.58 -69.34 19.87
C LEU H 222 -70.86 -68.01 20.00
N GLU H 223 -70.64 -67.32 18.88
CA GLU H 223 -69.99 -66.02 18.94
C GLU H 223 -70.84 -65.04 19.74
N TYR H 224 -72.17 -65.06 19.54
CA TYR H 224 -73.05 -64.20 20.30
C TYR H 224 -72.88 -64.43 21.80
N TYR H 225 -72.91 -65.69 22.25
CA TYR H 225 -72.83 -65.95 23.68
C TYR H 225 -71.45 -65.67 24.24
N PHE H 226 -70.40 -66.01 23.49
CA PHE H 226 -69.04 -65.63 23.85
C PHE H 226 -68.94 -64.13 24.07
N HIS H 227 -69.49 -63.37 23.13
CA HIS H 227 -69.47 -61.92 23.17
C HIS H 227 -70.27 -61.37 24.36
N ALA H 228 -71.42 -61.98 24.66
CA ALA H 228 -72.22 -61.54 25.80
C ALA H 228 -71.49 -61.77 27.13
N VAL H 229 -70.85 -62.94 27.26
CA VAL H 229 -70.11 -63.27 28.46
C VAL H 229 -68.93 -62.31 28.64
N VAL H 230 -68.18 -62.08 27.56
CA VAL H 230 -67.05 -61.15 27.63
C VAL H 230 -67.54 -59.76 28.04
N ALA H 231 -68.67 -59.33 27.48
CA ALA H 231 -69.22 -58.02 27.81
C ALA H 231 -69.54 -57.92 29.29
N ALA H 232 -70.26 -58.92 29.82
CA ALA H 232 -70.64 -58.86 31.23
C ALA H 232 -69.40 -58.84 32.12
N ILE H 233 -68.43 -59.74 31.86
CA ILE H 233 -67.26 -59.83 32.73
C ILE H 233 -66.46 -58.53 32.69
N GLU H 234 -66.22 -58.00 31.48
CA GLU H 234 -65.39 -56.82 31.37
C GLU H 234 -66.10 -55.57 31.88
N GLN H 235 -67.42 -55.50 31.75
CA GLN H 235 -68.15 -54.36 32.29
C GLN H 235 -68.10 -54.35 33.81
N VAL H 236 -68.30 -55.50 34.44
CA VAL H 236 -68.24 -55.53 35.90
C VAL H 236 -66.82 -55.30 36.39
N ALA H 237 -65.83 -55.86 35.69
CA ALA H 237 -64.44 -55.75 36.14
C ALA H 237 -63.91 -54.32 36.07
N SER H 238 -64.46 -53.50 35.18
CA SER H 238 -63.98 -52.12 35.00
C SER H 238 -64.66 -51.13 35.94
N GLU H 239 -65.62 -51.59 36.75
CA GLU H 239 -66.31 -50.70 37.67
C GLU H 239 -65.40 -50.32 38.83
N ASP H 240 -65.70 -49.18 39.46
CA ASP H 240 -64.90 -48.71 40.59
C ASP H 240 -65.00 -49.66 41.78
N SER H 241 -66.18 -50.24 41.99
CA SER H 241 -66.42 -51.16 43.10
C SER H 241 -67.15 -52.38 42.55
N PRO H 242 -66.41 -53.34 42.01
CA PRO H 242 -67.07 -54.54 41.46
C PRO H 242 -67.71 -55.37 42.57
N SER H 243 -68.90 -55.90 42.27
CA SER H 243 -69.66 -56.70 43.22
C SER H 243 -69.84 -58.10 42.66
N ARG H 244 -69.51 -59.11 43.47
CA ARG H 244 -69.71 -60.50 43.05
C ARG H 244 -71.18 -60.79 42.79
N LEU H 245 -72.08 -60.13 43.54
CA LEU H 245 -73.51 -60.36 43.38
C LEU H 245 -74.02 -59.87 42.03
N GLY H 246 -73.63 -58.66 41.63
CA GLY H 246 -74.02 -58.16 40.31
C GLY H 246 -73.49 -59.04 39.18
N HIS H 247 -72.26 -59.54 39.34
CA HIS H 247 -71.70 -60.45 38.34
C HIS H 247 -72.50 -61.73 38.27
N LEU H 248 -72.90 -62.27 39.44
CA LEU H 248 -73.75 -63.46 39.46
C LEU H 248 -75.07 -63.20 38.76
N GLU H 249 -75.65 -62.01 38.96
CA GLU H 249 -76.93 -61.69 38.31
C GLU H 249 -76.78 -61.65 36.78
N LYS H 250 -75.72 -61.00 36.29
CA LYS H 250 -75.52 -60.93 34.84
C LYS H 250 -75.28 -62.31 34.24
N MET H 251 -74.48 -63.14 34.93
CA MET H 251 -74.21 -64.47 34.42
C MET H 251 -75.45 -65.35 34.45
N GLU H 252 -76.31 -65.17 35.46
CA GLU H 252 -77.58 -65.92 35.49
C GLU H 252 -78.46 -65.52 34.32
N GLU H 253 -78.49 -64.23 33.98
CA GLU H 253 -79.27 -63.80 32.83
C GLU H 253 -78.77 -64.46 31.56
N ILE H 254 -77.45 -64.48 31.36
CA ILE H 254 -76.89 -65.10 30.17
C ILE H 254 -77.18 -66.59 30.14
N TYR H 255 -77.00 -67.28 31.27
CA TYR H 255 -77.22 -68.72 31.34
C TYR H 255 -78.67 -69.07 31.02
N CYS H 256 -79.62 -68.30 31.58
CA CYS H 256 -81.03 -68.58 31.32
C CYS H 256 -81.36 -68.31 29.85
N SER H 257 -80.77 -67.27 29.26
CA SER H 257 -81.02 -67.02 27.85
C SER H 257 -80.49 -68.17 27.01
N LEU H 258 -79.39 -68.79 27.44
CA LEU H 258 -78.78 -69.84 26.65
C LEU H 258 -79.56 -71.14 26.75
N LEU H 259 -80.03 -71.51 27.94
CA LEU H 259 -80.64 -72.82 28.13
C LEU H 259 -82.15 -72.78 28.29
N GLY H 260 -82.76 -71.60 28.36
CA GLY H 260 -84.17 -71.52 28.64
C GLY H 260 -84.43 -71.46 30.12
N PRO H 261 -85.50 -70.74 30.53
CA PRO H 261 -85.82 -70.51 31.95
C PRO H 261 -86.11 -71.79 32.72
N LEU H 277 -68.12 -83.34 36.12
CA LEU H 277 -67.59 -82.05 35.73
C LEU H 277 -66.53 -82.19 34.63
N PRO H 278 -66.95 -81.96 33.39
CA PRO H 278 -65.99 -81.98 32.26
C PRO H 278 -64.91 -80.94 32.46
N SER H 279 -63.66 -81.40 32.44
CA SER H 279 -62.52 -80.50 32.58
C SER H 279 -62.48 -79.52 31.42
N ILE H 280 -62.52 -78.23 31.73
CA ILE H 280 -62.34 -77.18 30.72
C ILE H 280 -60.84 -76.92 30.60
N PRO H 281 -60.19 -77.38 29.53
CA PRO H 281 -58.74 -77.18 29.41
C PRO H 281 -58.39 -75.70 29.23
N LEU H 282 -57.26 -75.31 29.81
CA LEU H 282 -56.68 -74.02 29.48
C LEU H 282 -55.73 -74.21 28.32
N PRO H 283 -56.05 -73.70 27.13
CA PRO H 283 -55.20 -73.98 25.96
C PRO H 283 -53.81 -73.42 26.13
N SER H 284 -52.85 -74.09 25.50
CA SER H 284 -51.49 -73.56 25.46
C SER H 284 -51.48 -72.25 24.67
N PRO H 285 -50.58 -71.33 24.99
CA PRO H 285 -50.49 -70.08 24.23
C PRO H 285 -50.20 -70.36 22.77
N TYR H 286 -50.61 -69.43 21.91
CA TYR H 286 -50.31 -69.55 20.48
C TYR H 286 -48.81 -69.37 20.27
N ILE H 287 -48.16 -70.42 19.78
CA ILE H 287 -46.71 -70.44 19.62
C ILE H 287 -46.37 -70.57 18.15
N THR H 288 -45.56 -69.64 17.65
CA THR H 288 -44.99 -69.72 16.32
C THR H 288 -43.52 -70.12 16.41
N PHE H 289 -43.16 -71.19 15.69
CA PHE H 289 -41.83 -71.77 15.71
C PHE H 289 -41.01 -71.21 14.54
N HIS H 290 -39.77 -70.80 14.84
CA HIS H 290 -38.91 -70.17 13.83
C HIS H 290 -37.48 -70.68 13.96
N LEU H 291 -36.92 -71.18 12.86
CA LEU H 291 -35.50 -71.43 12.76
C LEU H 291 -34.78 -70.12 12.49
N TRP H 292 -33.85 -69.75 13.37
CA TRP H 292 -33.20 -68.45 13.31
C TRP H 292 -32.04 -68.51 12.34
N THR H 293 -32.29 -68.12 11.09
CA THR H 293 -31.27 -68.08 10.05
C THR H 293 -30.92 -66.67 9.60
N ASP H 294 -31.82 -65.71 9.82
CA ASP H 294 -31.64 -64.33 9.38
C ASP H 294 -31.57 -63.42 10.60
N GLN H 295 -30.63 -62.48 10.58
CA GLN H 295 -30.47 -61.55 11.69
C GLN H 295 -31.66 -60.63 11.86
N GLU H 296 -32.47 -60.47 10.82
CA GLU H 296 -33.61 -59.57 10.82
C GLU H 296 -34.92 -60.28 11.08
N GLN H 297 -34.88 -61.60 11.31
CA GLN H 297 -36.10 -62.40 11.39
C GLN H 297 -37.00 -61.93 12.53
N LEU H 298 -36.42 -61.69 13.71
CA LEU H 298 -37.21 -61.26 14.86
C LEU H 298 -37.96 -59.96 14.56
N TRP H 299 -37.26 -58.97 13.99
CA TRP H 299 -37.90 -57.71 13.63
C TRP H 299 -39.07 -57.94 12.68
N LYS H 300 -38.85 -58.74 11.63
CA LYS H 300 -39.91 -59.00 10.65
C LYS H 300 -41.11 -59.66 11.31
N GLU H 301 -40.86 -60.66 12.17
CA GLU H 301 -41.96 -61.37 12.82
C GLU H 301 -42.74 -60.45 13.75
N LEU H 302 -42.05 -59.55 14.46
CA LEU H 302 -42.76 -58.62 15.34
C LEU H 302 -43.61 -57.65 14.53
N VAL H 303 -43.07 -57.13 13.42
CA VAL H 303 -43.84 -56.24 12.57
C VAL H 303 -45.07 -56.95 12.03
N LEU H 304 -44.93 -58.20 11.60
CA LEU H 304 -46.08 -58.97 11.12
C LEU H 304 -47.10 -59.19 12.22
N PHE H 305 -46.63 -59.48 13.44
CA PHE H 305 -47.54 -59.66 14.56
C PHE H 305 -48.33 -58.40 14.84
N LEU H 306 -47.72 -57.23 14.62
CA LEU H 306 -48.46 -56.01 14.86
C LEU H 306 -49.38 -55.65 13.70
N ARG H 307 -49.25 -56.31 12.56
CA ARG H 307 -50.15 -56.02 11.45
C ARG H 307 -51.54 -56.55 11.74
N PRO H 308 -52.58 -55.70 11.68
CA PRO H 308 -54.00 -55.97 11.94
C PRO H 308 -54.65 -56.77 10.83
N SER H 410 -51.76 -49.74 28.87
CA SER H 410 -51.13 -51.01 28.53
C SER H 410 -51.04 -51.21 27.02
N ARG H 411 -49.88 -51.68 26.55
CA ARG H 411 -49.70 -51.96 25.13
C ARG H 411 -50.58 -53.14 24.71
N VAL H 412 -51.27 -52.97 23.57
CA VAL H 412 -52.28 -53.95 23.15
C VAL H 412 -51.68 -55.31 22.85
N HIS H 413 -50.43 -55.34 22.40
CA HIS H 413 -49.78 -56.57 21.97
C HIS H 413 -48.62 -56.91 22.91
N THR H 414 -48.50 -58.19 23.24
CA THR H 414 -47.37 -58.72 24.01
C THR H 414 -46.71 -59.84 23.23
N ALA H 415 -45.43 -59.64 22.89
CA ALA H 415 -44.63 -60.65 22.22
C ALA H 415 -43.67 -61.28 23.24
N ARG H 416 -43.83 -62.58 23.48
CA ARG H 416 -42.95 -63.34 24.35
C ARG H 416 -42.01 -64.13 23.46
N VAL H 417 -40.78 -63.64 23.34
CA VAL H 417 -39.78 -64.27 22.48
C VAL H 417 -38.97 -65.25 23.33
N LEU H 418 -39.11 -66.53 23.03
CA LEU H 418 -38.42 -67.60 23.74
C LEU H 418 -37.36 -68.20 22.84
N VAL H 419 -36.12 -68.23 23.31
CA VAL H 419 -35.00 -68.77 22.55
C VAL H 419 -34.52 -70.06 23.20
N LEU H 420 -34.27 -71.08 22.39
CA LEU H 420 -33.70 -72.34 22.86
C LEU H 420 -32.26 -72.45 22.39
N GLY H 421 -31.34 -72.59 23.33
CA GLY H 421 -29.95 -72.75 22.93
C GLY H 421 -28.98 -72.51 24.07
N ASP H 422 -27.74 -72.22 23.69
CA ASP H 422 -26.65 -71.94 24.62
C ASP H 422 -26.26 -70.46 24.56
N ASP H 423 -25.04 -70.14 25.04
CA ASP H 423 -24.60 -68.76 25.09
C ASP H 423 -24.48 -68.12 23.71
N ARG H 424 -24.18 -68.92 22.68
CA ARG H 424 -24.11 -68.39 21.32
C ARG H 424 -25.47 -67.85 20.88
N MET H 425 -26.53 -68.62 21.14
CA MET H 425 -27.88 -68.17 20.84
C MET H 425 -28.20 -66.89 21.59
N LEU H 426 -27.71 -66.77 22.81
CA LEU H 426 -27.93 -65.56 23.60
C LEU H 426 -27.21 -64.36 22.99
N GLY H 427 -25.98 -64.55 22.50
CA GLY H 427 -25.31 -63.47 21.80
C GLY H 427 -26.08 -63.01 20.58
N ARG H 428 -26.67 -63.97 19.85
CA ARG H 428 -27.50 -63.61 18.70
C ARG H 428 -28.72 -62.81 19.13
N LEU H 429 -29.41 -63.30 20.17
CA LEU H 429 -30.56 -62.57 20.71
C LEU H 429 -30.16 -61.15 21.10
N ALA H 430 -28.98 -60.99 21.69
CA ALA H 430 -28.49 -59.66 22.06
C ALA H 430 -28.31 -58.78 20.82
N GLN H 431 -27.73 -59.34 19.75
CA GLN H 431 -27.57 -58.57 18.52
C GLN H 431 -28.92 -58.12 17.97
N ALA H 432 -29.88 -59.06 17.92
CA ALA H 432 -31.21 -58.73 17.40
C ALA H 432 -31.87 -57.65 18.26
N TYR H 433 -31.74 -57.77 19.58
CA TYR H 433 -32.31 -56.78 20.50
C TYR H 433 -31.69 -55.41 20.29
N TYR H 434 -30.36 -55.36 20.17
CA TYR H 434 -29.68 -54.09 19.90
C TYR H 434 -30.18 -53.46 18.61
N ARG H 435 -30.30 -54.26 17.55
CA ARG H 435 -30.80 -53.73 16.28
C ARG H 435 -32.23 -53.23 16.42
N LEU H 436 -33.06 -53.97 17.17
CA LEU H 436 -34.44 -53.56 17.39
C LEU H 436 -34.50 -52.21 18.08
N ARG H 437 -33.68 -52.02 19.12
CA ARG H 437 -33.70 -50.74 19.84
C ARG H 437 -33.18 -49.61 18.95
N LYS H 438 -32.12 -49.88 18.20
CA LYS H 438 -31.57 -48.87 17.29
C LYS H 438 -32.61 -48.45 16.26
N ARG H 439 -33.38 -49.41 15.74
CA ARG H 439 -34.42 -49.09 14.79
C ARG H 439 -35.57 -48.33 15.44
N GLU H 440 -35.91 -48.69 16.68
CA GLU H 440 -37.00 -48.01 17.37
C GLU H 440 -36.67 -46.56 17.60
N THR H 441 -35.39 -46.24 17.79
CA THR H 441 -35.04 -44.84 17.94
C THR H 441 -35.18 -44.07 16.63
N LYS H 442 -35.23 -44.77 15.50
CA LYS H 442 -35.34 -44.11 14.21
C LYS H 442 -36.77 -43.97 13.72
N LYS H 443 -37.58 -45.03 13.84
CA LYS H 443 -38.90 -45.03 13.23
C LYS H 443 -40.05 -45.17 14.23
N PHE H 444 -39.74 -45.19 15.53
CA PHE H 444 -40.71 -45.34 16.62
C PHE H 444 -42.00 -46.09 16.28
N CYS H 445 -41.90 -47.32 15.79
CA CYS H 445 -43.09 -48.04 15.33
C CYS H 445 -43.59 -49.14 16.24
N LEU H 446 -42.73 -49.73 17.08
CA LEU H 446 -43.14 -50.89 17.86
C LEU H 446 -43.44 -50.57 19.32
N THR H 447 -42.64 -49.71 19.95
CA THR H 447 -42.74 -49.51 21.39
C THR H 447 -44.06 -48.91 21.87
N PRO H 448 -44.79 -48.09 21.09
CA PRO H 448 -46.08 -47.61 21.60
C PRO H 448 -47.13 -48.70 21.75
N ARG H 449 -46.99 -49.82 21.04
CA ARG H 449 -48.02 -50.85 21.02
C ARG H 449 -47.54 -52.23 21.46
N LEU H 450 -46.24 -52.47 21.55
CA LEU H 450 -45.69 -53.81 21.75
C LEU H 450 -44.90 -53.90 23.05
N SER H 451 -45.35 -54.78 23.94
CA SER H 451 -44.59 -55.15 25.13
C SER H 451 -43.77 -56.39 24.81
N LEU H 452 -42.45 -56.25 24.85
CA LEU H 452 -41.54 -57.32 24.46
C LEU H 452 -41.00 -57.98 25.73
N GLN H 453 -41.17 -59.30 25.83
CA GLN H 453 -40.67 -60.08 26.95
C GLN H 453 -39.79 -61.19 26.39
N LEU H 454 -38.66 -61.43 27.04
CA LEU H 454 -37.67 -62.39 26.56
C LEU H 454 -37.54 -63.55 27.52
N TYR H 455 -37.40 -64.75 26.97
CA TYR H 455 -37.29 -65.99 27.71
C TYR H 455 -36.20 -66.87 27.10
N TYR H 456 -35.56 -67.67 27.93
CA TYR H 456 -34.40 -68.48 27.52
C TYR H 456 -34.51 -69.88 28.11
N ILE H 457 -34.44 -70.90 27.25
CA ILE H 457 -34.34 -72.28 27.68
C ILE H 457 -32.99 -72.84 27.21
N PRO H 458 -32.15 -73.31 28.13
CA PRO H 458 -30.84 -73.84 27.75
C PRO H 458 -30.97 -75.24 27.16
N VAL H 459 -30.35 -75.45 26.01
CA VAL H 459 -30.21 -76.76 25.41
C VAL H 459 -28.71 -76.97 25.20
N LEU H 460 -28.08 -77.71 26.10
CA LEU H 460 -26.63 -77.92 26.08
C LEU H 460 -26.31 -79.33 25.62
N ALA H 461 -25.35 -79.46 24.72
CA ALA H 461 -24.91 -80.76 24.24
C ALA H 461 -24.47 -81.63 25.42
N PRO H 462 -24.78 -82.94 25.39
CA PRO H 462 -24.39 -83.85 26.48
C PRO H 462 -22.88 -84.00 26.62
N PRO H 475 -19.31 -77.36 29.53
CA PRO H 475 -19.83 -76.55 30.63
C PRO H 475 -19.57 -75.06 30.43
N GLU H 476 -18.89 -74.72 29.34
CA GLU H 476 -18.49 -73.34 29.09
C GLU H 476 -19.55 -72.57 28.30
N LEU H 477 -20.53 -73.26 27.73
CA LEU H 477 -21.54 -72.63 26.90
C LEU H 477 -22.86 -72.41 27.63
N GLY H 478 -22.96 -72.79 28.90
CA GLY H 478 -24.18 -72.58 29.65
C GLY H 478 -24.03 -71.58 30.77
N GLU H 479 -23.04 -70.68 30.63
CA GLU H 479 -22.70 -69.76 31.70
C GLU H 479 -23.93 -69.01 32.17
N LEU H 480 -24.62 -68.34 31.25
CA LEU H 480 -25.80 -67.58 31.64
C LEU H 480 -26.83 -68.49 32.28
N ALA H 481 -27.06 -69.67 31.70
CA ALA H 481 -27.99 -70.62 32.30
C ALA H 481 -27.59 -70.87 33.74
N SER H 482 -26.32 -71.21 33.97
CA SER H 482 -25.87 -71.44 35.33
C SER H 482 -26.18 -70.23 36.20
N PHE H 483 -25.84 -69.03 35.70
CA PHE H 483 -26.10 -67.82 36.46
C PHE H 483 -27.58 -67.74 36.82
N LEU H 484 -28.47 -67.92 35.83
CA LEU H 484 -29.89 -67.84 36.13
C LEU H 484 -30.26 -68.86 37.19
N GLY H 485 -29.78 -70.10 37.04
CA GLY H 485 -30.11 -71.12 38.01
C GLY H 485 -29.67 -70.76 39.42
N ARG H 486 -28.57 -70.02 39.54
CA ARG H 486 -28.11 -69.63 40.87
C ARG H 486 -29.00 -68.57 41.49
N VAL H 487 -29.54 -67.65 40.67
CA VAL H 487 -30.28 -66.52 41.23
C VAL H 487 -31.77 -66.80 41.36
N ASP H 488 -32.30 -67.80 40.65
CA ASP H 488 -33.71 -68.18 40.72
C ASP H 488 -33.77 -69.70 40.83
N PRO H 489 -33.86 -70.23 42.05
CA PRO H 489 -33.89 -71.69 42.22
C PRO H 489 -35.07 -72.34 41.51
N TRP H 490 -36.20 -71.63 41.41
CA TRP H 490 -37.35 -72.19 40.71
C TRP H 490 -37.07 -72.34 39.22
N TYR H 491 -36.40 -71.35 38.63
CA TYR H 491 -35.92 -71.49 37.25
C TYR H 491 -35.00 -72.69 37.11
N GLU H 492 -34.10 -72.87 38.07
CA GLU H 492 -33.18 -74.01 38.02
C GLU H 492 -33.93 -75.33 38.06
N SER H 493 -34.96 -75.43 38.90
CA SER H 493 -35.66 -76.70 39.07
C SER H 493 -36.69 -76.93 37.98
N THR H 494 -37.11 -75.89 37.26
CA THR H 494 -38.16 -76.02 36.26
C THR H 494 -37.66 -75.89 34.83
N VAL H 495 -36.78 -74.93 34.54
CA VAL H 495 -36.37 -74.63 33.17
C VAL H 495 -35.01 -75.22 32.85
N ASN H 496 -34.03 -75.03 33.73
CA ASN H 496 -32.69 -75.53 33.48
C ASN H 496 -32.64 -77.05 33.39
N THR H 497 -33.64 -77.74 33.95
CA THR H 497 -33.69 -79.19 33.93
C THR H 497 -34.40 -79.73 32.69
N LEU H 498 -34.84 -78.84 31.79
CA LEU H 498 -35.55 -79.28 30.59
C LEU H 498 -34.62 -79.84 29.53
N CYS H 499 -33.35 -79.45 29.55
CA CYS H 499 -32.41 -79.86 28.52
C CYS H 499 -32.36 -81.38 28.31
N PRO H 500 -32.26 -82.21 29.36
CA PRO H 500 -32.27 -83.67 29.09
C PRO H 500 -33.58 -84.14 28.48
N ALA H 501 -34.72 -83.73 29.04
CA ALA H 501 -36.00 -84.19 28.51
C ALA H 501 -36.14 -83.84 27.04
N ILE H 502 -35.79 -82.61 26.70
CA ILE H 502 -35.82 -82.17 25.31
C ILE H 502 -35.01 -83.13 24.46
N LEU H 503 -33.77 -83.41 24.88
CA LEU H 503 -32.92 -84.29 24.10
C LEU H 503 -33.54 -85.67 23.98
N LYS H 504 -34.09 -86.19 25.08
CA LYS H 504 -34.72 -87.49 25.02
C LYS H 504 -35.87 -87.50 24.02
N LEU H 505 -36.66 -86.43 24.00
CA LEU H 505 -37.77 -86.36 23.03
C LEU H 505 -37.25 -86.48 21.60
N ALA H 506 -36.04 -85.97 21.33
CA ALA H 506 -35.49 -86.05 19.98
C ALA H 506 -35.11 -87.46 19.58
N GLU H 507 -34.79 -88.31 20.56
CA GLU H 507 -34.39 -89.67 20.25
C GLU H 507 -35.59 -90.59 20.06
N MET H 508 -36.76 -90.19 20.53
CA MET H 508 -37.96 -91.01 20.40
C MET H 508 -38.50 -90.93 18.97
N PRO H 509 -38.77 -92.07 18.32
CA PRO H 509 -39.31 -92.14 16.96
C PRO H 509 -40.67 -91.43 16.83
N VAL H 518 -49.49 -88.83 24.01
CA VAL H 518 -48.43 -88.55 24.97
C VAL H 518 -48.59 -87.13 25.52
N ASP H 519 -48.56 -87.01 26.84
CA ASP H 519 -48.65 -85.72 27.51
C ASP H 519 -47.51 -84.81 27.06
N PRO H 520 -47.82 -83.63 26.49
CA PRO H 520 -46.76 -82.73 26.02
C PRO H 520 -45.99 -82.08 27.16
N PHE H 521 -45.02 -82.81 27.73
CA PHE H 521 -44.29 -82.32 28.89
C PHE H 521 -43.58 -81.01 28.59
N ILE H 522 -42.84 -80.97 27.49
CA ILE H 522 -42.06 -79.78 27.15
C ILE H 522 -42.97 -78.60 26.89
N LEU H 523 -44.07 -78.82 26.17
CA LEU H 523 -45.01 -77.74 25.90
C LEU H 523 -45.66 -77.23 27.18
N ASP H 524 -45.97 -78.13 28.10
CA ASP H 524 -46.54 -77.71 29.38
C ASP H 524 -45.56 -76.85 30.15
N VAL H 525 -44.29 -77.24 30.17
CA VAL H 525 -43.31 -76.45 30.92
C VAL H 525 -43.12 -75.09 30.25
N ILE H 526 -43.10 -75.05 28.91
CA ILE H 526 -42.98 -73.78 28.20
C ILE H 526 -44.16 -72.87 28.52
N THR H 527 -45.38 -73.44 28.49
CA THR H 527 -46.58 -72.69 28.82
C THR H 527 -46.50 -72.10 30.22
N TYR H 528 -46.14 -72.95 31.19
CA TYR H 528 -46.02 -72.51 32.57
C TYR H 528 -44.97 -71.41 32.70
N TYR H 529 -43.84 -71.56 32.00
CA TYR H 529 -42.77 -70.58 32.09
C TYR H 529 -43.21 -69.23 31.55
N VAL H 530 -43.82 -69.22 30.36
CA VAL H 530 -44.17 -67.95 29.75
C VAL H 530 -45.34 -67.29 30.48
N ARG H 531 -46.18 -68.09 31.14
CA ARG H 531 -47.30 -67.49 31.86
C ARG H 531 -46.89 -66.98 33.25
N MET H 532 -46.00 -67.70 33.94
CA MET H 532 -45.68 -67.39 35.32
C MET H 532 -44.33 -66.69 35.48
N GLY H 533 -43.42 -66.85 34.53
CA GLY H 533 -42.13 -66.19 34.60
C GLY H 533 -42.17 -64.75 34.12
N THR H 534 -42.48 -63.82 35.01
CA THR H 534 -42.67 -62.43 34.63
C THR H 534 -41.68 -61.48 35.26
N GLN H 535 -40.70 -61.98 36.02
CA GLN H 535 -39.75 -61.11 36.69
C GLN H 535 -38.48 -60.95 35.87
N PRO H 536 -38.19 -59.77 35.33
CA PRO H 536 -37.02 -59.64 34.46
C PRO H 536 -35.72 -59.49 35.24
N ILE H 537 -34.67 -60.10 34.70
CA ILE H 537 -33.29 -59.85 35.11
C ILE H 537 -32.61 -59.14 33.95
N TYR H 538 -31.95 -58.02 34.25
CA TYR H 538 -31.37 -57.16 33.22
C TYR H 538 -29.87 -57.40 33.10
N PHE H 539 -29.39 -57.55 31.88
CA PHE H 539 -28.00 -57.85 31.59
C PHE H 539 -27.38 -56.74 30.76
N GLN H 540 -26.20 -56.29 31.17
CA GLN H 540 -25.48 -55.27 30.43
C GLN H 540 -24.92 -55.82 29.13
N LEU H 541 -25.23 -55.14 28.02
CA LEU H 541 -24.60 -55.43 26.74
C LEU H 541 -23.30 -54.63 26.62
N TYR H 542 -22.31 -55.23 25.97
CA TYR H 542 -21.03 -54.55 25.77
C TYR H 542 -20.76 -54.35 24.29
N LYS H 543 -20.34 -53.15 23.94
CA LYS H 543 -19.95 -52.81 22.57
C LYS H 543 -18.45 -52.92 22.42
N VAL H 544 -18.02 -53.48 21.29
CA VAL H 544 -16.62 -53.66 20.94
C VAL H 544 -16.35 -53.00 19.59
N LYS H 545 -15.39 -52.09 19.57
CA LYS H 545 -14.83 -51.51 18.36
C LYS H 545 -13.56 -52.26 18.01
N ILE H 546 -13.48 -52.77 16.78
CA ILE H 546 -12.40 -53.64 16.33
C ILE H 546 -11.65 -52.93 15.20
N PHE H 547 -10.34 -52.79 15.37
CA PHE H 547 -9.47 -52.12 14.41
C PHE H 547 -8.52 -53.15 13.81
N THR H 548 -8.69 -53.39 12.51
CA THR H 548 -7.77 -54.22 11.74
C THR H 548 -6.56 -53.40 11.29
N SER H 549 -6.75 -52.10 11.10
CA SER H 549 -5.66 -51.16 10.88
C SER H 549 -5.92 -49.89 11.67
N LEU H 550 -4.85 -49.23 12.08
CA LEU H 550 -4.98 -48.00 12.86
C LEU H 550 -5.47 -46.83 12.03
N SER H 551 -5.49 -46.95 10.70
CA SER H 551 -5.92 -45.87 9.81
C SER H 551 -7.36 -46.00 9.35
N HIS H 552 -7.97 -47.17 9.50
CA HIS H 552 -9.31 -47.42 9.00
C HIS H 552 -10.34 -47.30 10.12
N ASP H 553 -11.58 -47.03 9.73
CA ASP H 553 -12.67 -46.97 10.69
C ASP H 553 -12.91 -48.35 11.31
N PRO H 554 -13.24 -48.42 12.59
CA PRO H 554 -13.42 -49.72 13.24
C PRO H 554 -14.75 -50.37 12.85
N THR H 555 -14.75 -51.70 12.93
CA THR H 555 -15.99 -52.47 12.85
C THR H 555 -16.55 -52.62 14.26
N GLU H 556 -17.85 -52.38 14.41
CA GLU H 556 -18.48 -52.40 15.71
C GLU H 556 -19.38 -53.62 15.84
N ASP H 557 -19.37 -54.23 17.02
CA ASP H 557 -20.26 -55.35 17.32
C ASP H 557 -20.60 -55.29 18.80
N ILE H 558 -21.46 -56.19 19.23
CA ILE H 558 -21.85 -56.27 20.63
C ILE H 558 -21.73 -57.71 21.11
N PHE H 559 -21.52 -57.87 22.42
CA PHE H 559 -21.51 -59.19 23.03
C PHE H 559 -22.17 -59.10 24.40
N LEU H 560 -22.60 -60.26 24.88
CA LEU H 560 -23.36 -60.41 26.12
C LEU H 560 -22.62 -61.20 27.18
N THR H 561 -21.92 -62.27 26.80
CA THR H 561 -21.33 -63.19 27.76
C THR H 561 -19.81 -63.09 27.83
N GLU H 562 -19.12 -63.08 26.69
CA GLU H 562 -17.68 -63.22 26.72
C GLU H 562 -17.06 -62.70 25.42
N LEU H 563 -15.88 -62.09 25.56
CA LEU H 563 -15.00 -61.76 24.44
C LEU H 563 -13.67 -62.44 24.68
N LYS H 564 -13.32 -63.41 23.83
CA LYS H 564 -12.07 -64.15 23.96
C LYS H 564 -11.09 -63.64 22.90
N VAL H 565 -9.82 -63.52 23.27
CA VAL H 565 -8.77 -63.02 22.39
C VAL H 565 -7.57 -63.95 22.48
N LYS H 566 -7.06 -64.33 21.30
CA LYS H 566 -5.86 -65.16 21.20
C LYS H 566 -4.86 -64.50 20.26
N ILE H 567 -3.58 -64.79 20.47
CA ILE H 567 -2.52 -64.27 19.61
C ILE H 567 -2.41 -65.15 18.38
N GLN H 568 -2.41 -64.54 17.20
CA GLN H 568 -2.27 -65.30 15.97
C GLN H 568 -0.85 -65.82 15.81
N ASP H 569 -0.74 -67.05 15.32
CA ASP H 569 0.58 -67.62 15.05
C ASP H 569 1.21 -66.94 13.86
N SER H 570 2.47 -66.51 14.02
CA SER H 570 3.22 -65.91 12.93
C SER H 570 3.46 -66.94 11.82
N LYS H 571 2.83 -66.73 10.67
CA LYS H 571 3.12 -67.54 9.49
C LYS H 571 4.60 -67.49 9.13
N GLY H 587 9.08 -66.35 20.77
CA GLY H 587 8.00 -66.72 19.89
C GLY H 587 6.69 -67.07 20.58
N THR H 588 6.70 -67.02 21.90
CA THR H 588 5.55 -67.38 22.73
C THR H 588 4.87 -66.11 23.21
N GLY H 589 3.73 -65.77 22.62
CA GLY H 589 2.96 -64.62 23.04
C GLY H 589 3.26 -63.37 22.25
N ALA H 590 2.52 -62.32 22.59
CA ALA H 590 2.66 -61.01 21.96
C ALA H 590 2.61 -59.94 23.03
N GLU H 591 3.37 -58.87 22.82
CA GLU H 591 3.33 -57.72 23.72
C GLU H 591 2.04 -56.93 23.48
N LEU H 592 1.22 -56.83 24.52
CA LEU H 592 -0.06 -56.13 24.48
C LEU H 592 0.01 -54.90 25.40
N SER H 593 -0.44 -53.76 24.88
CA SER H 593 -0.66 -52.54 25.65
C SER H 593 -2.14 -52.43 25.99
N MET H 594 -2.45 -52.28 27.28
CA MET H 594 -3.81 -52.22 27.77
C MET H 594 -4.00 -50.95 28.57
N CYS H 595 -5.08 -50.23 28.27
CA CYS H 595 -5.52 -49.05 29.02
C CYS H 595 -6.96 -49.29 29.45
N TYR H 596 -7.19 -49.27 30.76
CA TYR H 596 -8.53 -49.56 31.27
C TYR H 596 -8.79 -48.78 32.55
N GLN H 597 -10.08 -48.62 32.87
CA GLN H 597 -10.50 -48.04 34.13
C GLN H 597 -10.87 -49.17 35.10
N LYS H 598 -10.12 -49.30 36.19
CA LYS H 598 -10.37 -50.36 37.16
C LYS H 598 -11.72 -50.16 37.83
N ALA H 599 -12.50 -51.23 37.94
CA ALA H 599 -13.81 -51.19 38.59
C ALA H 599 -13.64 -51.46 40.07
N LEU H 600 -13.68 -50.40 40.88
CA LEU H 600 -13.59 -50.46 42.33
C LEU H 600 -14.96 -50.24 42.98
N LEU H 601 -15.09 -50.68 44.23
CA LEU H 601 -16.38 -50.59 44.93
C LEU H 601 -16.81 -49.16 45.23
N SER H 602 -15.86 -48.26 45.50
CA SER H 602 -16.23 -46.87 45.74
C SER H 602 -16.54 -46.12 44.47
N HIS H 603 -16.28 -46.72 43.31
CA HIS H 603 -16.36 -46.01 42.05
C HIS H 603 -15.29 -44.91 41.97
N ARG H 604 -14.20 -45.04 42.76
CA ARG H 604 -13.07 -44.11 42.62
C ARG H 604 -12.42 -44.31 41.26
N PRO H 605 -12.14 -43.24 40.53
CA PRO H 605 -11.49 -43.38 39.22
C PRO H 605 -10.06 -43.90 39.39
N ARG H 606 -9.75 -44.98 38.68
CA ARG H 606 -8.40 -45.51 38.64
C ARG H 606 -8.10 -45.98 37.22
N GLU H 607 -7.33 -45.19 36.49
CA GLU H 607 -6.91 -45.55 35.13
C GLU H 607 -5.56 -46.26 35.18
N VAL H 608 -5.48 -47.39 34.49
CA VAL H 608 -4.29 -48.24 34.47
C VAL H 608 -3.84 -48.41 33.03
N THR H 609 -2.55 -48.18 32.78
CA THR H 609 -1.91 -48.43 31.50
C THR H 609 -0.74 -49.38 31.75
N VAL H 610 -0.78 -50.54 31.12
CA VAL H 610 0.22 -51.59 31.32
C VAL H 610 0.59 -52.20 29.98
N SER H 611 1.86 -52.56 29.84
CA SER H 611 2.33 -53.30 28.67
C SER H 611 2.95 -54.60 29.14
N LEU H 612 2.43 -55.73 28.66
CA LEU H 612 2.93 -57.04 29.09
C LEU H 612 2.84 -58.02 27.93
N ARG H 613 3.65 -59.07 28.01
CA ARG H 613 3.60 -60.14 27.02
C ARG H 613 2.55 -61.15 27.45
N ALA H 614 1.61 -61.46 26.55
CA ALA H 614 0.51 -62.36 26.87
C ALA H 614 0.22 -63.28 25.70
N THR H 615 -0.35 -64.44 26.04
CA THR H 615 -0.81 -65.40 25.02
C THR H 615 -2.30 -65.26 24.71
N GLY H 616 -3.08 -64.65 25.59
CA GLY H 616 -4.51 -64.52 25.35
C GLY H 616 -5.15 -63.78 26.51
N LEU H 617 -6.41 -63.42 26.30
CA LEU H 617 -7.18 -62.70 27.31
C LEU H 617 -8.66 -63.02 27.14
N VAL H 618 -9.40 -63.01 28.25
CA VAL H 618 -10.82 -63.31 28.23
C VAL H 618 -11.56 -62.25 29.06
N LEU H 619 -12.53 -61.57 28.45
CA LEU H 619 -13.42 -60.66 29.15
C LEU H 619 -14.76 -61.35 29.37
N LYS H 620 -15.15 -61.51 30.63
CA LYS H 620 -16.41 -62.13 30.99
C LYS H 620 -17.34 -61.09 31.59
N ALA H 621 -18.58 -61.08 31.11
CA ALA H 621 -19.59 -60.16 31.60
C ALA H 621 -20.51 -60.80 32.63
N ILE H 622 -20.53 -62.13 32.70
CA ILE H 622 -21.38 -62.87 33.63
C ILE H 622 -20.52 -63.37 34.78
N PRO H 623 -20.89 -63.11 36.04
CA PRO H 623 -20.07 -63.59 37.15
C PRO H 623 -20.07 -65.11 37.23
N ALA H 624 -18.90 -65.67 37.55
CA ALA H 624 -18.74 -67.12 37.57
C ALA H 624 -19.20 -67.74 38.88
N GLY H 625 -19.06 -67.02 39.99
CA GLY H 625 -19.40 -67.56 41.29
C GLY H 625 -20.14 -66.56 42.15
N ASP H 626 -20.56 -67.02 43.32
CA ASP H 626 -21.33 -66.19 44.24
C ASP H 626 -20.48 -65.12 44.91
N THR H 627 -19.16 -65.28 44.91
CA THR H 627 -18.27 -64.30 45.52
C THR H 627 -17.97 -63.13 44.58
N GLU H 628 -18.48 -63.19 43.35
CA GLU H 628 -18.28 -62.12 42.37
C GLU H 628 -19.47 -61.17 42.39
N CYS H 646 -23.05 -51.27 38.70
CA CYS H 646 -21.91 -52.09 39.12
C CYS H 646 -21.61 -53.21 38.15
N SER H 647 -22.24 -53.16 36.98
CA SER H 647 -21.96 -54.13 35.94
C SER H 647 -20.52 -53.94 35.48
N CYS H 648 -19.70 -54.96 35.68
CA CYS H 648 -18.30 -54.90 35.31
C CYS H 648 -17.90 -56.16 34.57
N LEU H 649 -16.84 -56.01 33.78
CA LEU H 649 -16.20 -57.13 33.11
C LEU H 649 -15.10 -57.71 33.99
N HIS H 650 -15.07 -59.03 34.07
CA HIS H 650 -13.97 -59.76 34.70
C HIS H 650 -13.00 -60.16 33.60
N VAL H 651 -11.79 -59.62 33.66
CA VAL H 651 -10.76 -59.82 32.65
C VAL H 651 -9.69 -60.72 33.23
N SER H 652 -9.35 -61.76 32.47
CA SER H 652 -8.27 -62.70 32.79
C SER H 652 -7.25 -62.68 31.65
N VAL H 653 -6.01 -62.33 31.98
CA VAL H 653 -4.90 -62.24 31.03
C VAL H 653 -3.90 -63.35 31.32
N THR H 654 -3.57 -64.14 30.29
CA THR H 654 -2.54 -65.16 30.38
C THR H 654 -1.20 -64.53 30.03
N GLU H 655 -0.49 -64.07 31.05
CA GLU H 655 0.78 -63.38 30.88
C GLU H 655 1.93 -64.36 30.83
N VAL H 656 2.94 -64.05 30.02
CA VAL H 656 4.16 -64.81 29.91
C VAL H 656 5.20 -64.15 30.80
N VAL H 657 5.67 -64.88 31.81
CA VAL H 657 6.66 -64.41 32.76
C VAL H 657 7.97 -65.13 32.47
N LYS H 658 9.04 -64.35 32.38
CA LYS H 658 10.39 -64.87 32.14
C LYS H 658 11.07 -65.15 33.48
N SER H 659 11.44 -66.41 33.70
CA SER H 659 12.22 -66.83 34.86
C SER H 659 13.61 -67.24 34.40
N SER H 660 14.63 -66.54 34.89
CA SER H 660 16.02 -66.89 34.59
C SER H 660 16.52 -67.79 35.72
N ASN H 661 16.54 -69.09 35.47
CA ASN H 661 17.24 -69.96 36.41
C ASN H 661 18.67 -70.16 35.94
N LEU H 662 19.52 -70.61 36.85
CA LEU H 662 20.90 -70.93 36.53
C LEU H 662 21.02 -71.76 35.25
N ALA H 663 20.02 -72.62 35.00
CA ALA H 663 20.04 -73.54 33.87
C ALA H 663 19.48 -72.93 32.60
N GLY H 664 19.26 -71.62 32.56
CA GLY H 664 18.77 -70.96 31.37
C GLY H 664 17.49 -70.18 31.58
N ARG H 665 17.03 -69.59 30.48
CA ARG H 665 15.82 -68.78 30.41
C ARG H 665 14.62 -69.70 30.20
N SER H 666 13.77 -69.83 31.21
CA SER H 666 12.52 -70.57 31.10
C SER H 666 11.35 -69.58 31.08
N PHE H 667 10.33 -69.90 30.29
CA PHE H 667 9.12 -69.10 30.22
C PHE H 667 7.96 -69.84 30.89
N THR H 668 7.28 -69.18 31.82
CA THR H 668 6.09 -69.71 32.47
C THR H 668 4.89 -68.81 32.16
N THR H 669 3.69 -69.38 32.23
CA THR H 669 2.46 -68.62 32.05
C THR H 669 1.73 -68.45 33.38
N SER H 670 1.27 -67.23 33.65
CA SER H 670 0.50 -66.93 34.86
C SER H 670 -0.76 -66.16 34.48
N THR H 671 -1.85 -66.39 35.20
CA THR H 671 -3.13 -65.74 34.92
C THR H 671 -3.36 -64.60 35.91
N ASN H 672 -3.52 -63.39 35.39
CA ASN H 672 -3.84 -62.20 36.18
C ASN H 672 -5.28 -61.78 35.91
N THR H 673 -6.03 -61.48 36.97
CA THR H 673 -7.44 -61.12 36.84
C THR H 673 -7.71 -59.76 37.45
N PHE H 674 -8.63 -59.02 36.83
CA PHE H 674 -9.06 -57.72 37.34
C PHE H 674 -10.46 -57.44 36.82
N ARG H 675 -11.07 -56.38 37.35
CA ARG H 675 -12.39 -55.97 36.93
C ARG H 675 -12.36 -54.56 36.36
N THR H 676 -13.09 -54.36 35.26
CA THR H 676 -13.10 -53.05 34.61
C THR H 676 -14.44 -52.84 33.89
N SER H 677 -14.80 -51.58 33.70
CA SER H 677 -15.99 -51.25 32.91
C SER H 677 -15.67 -51.07 31.43
N SER H 678 -14.52 -50.50 31.11
CA SER H 678 -14.08 -50.29 29.73
C SER H 678 -12.60 -50.65 29.63
N ILE H 679 -12.18 -51.08 28.44
CA ILE H 679 -10.80 -51.50 28.24
C ILE H 679 -10.39 -51.27 26.79
N GLN H 680 -9.14 -50.84 26.60
CA GLN H 680 -8.54 -50.72 25.28
C GLN H 680 -7.29 -51.59 25.22
N VAL H 681 -7.19 -52.42 24.19
CA VAL H 681 -6.07 -53.34 24.04
C VAL H 681 -5.50 -53.18 22.64
N GLN H 682 -4.17 -53.13 22.54
CA GLN H 682 -3.47 -52.97 21.26
C GLN H 682 -2.23 -53.84 21.24
N SER H 683 -2.05 -54.59 20.16
CA SER H 683 -0.83 -55.37 19.94
C SER H 683 0.31 -54.46 19.50
N GLN H 684 1.50 -54.71 20.04
CA GLN H 684 2.67 -53.87 19.77
C GLN H 684 3.69 -54.50 18.85
N ASP H 685 3.85 -55.82 18.88
CA ASP H 685 4.92 -56.49 18.14
C ASP H 685 4.43 -57.06 16.80
N GLN H 686 3.55 -56.34 16.10
CA GLN H 686 3.06 -56.72 14.79
C GLN H 686 2.30 -58.05 14.76
N ARG H 687 2.31 -58.78 15.87
CA ARG H 687 1.50 -60.00 15.95
C ARG H 687 0.03 -59.62 16.06
N LEU H 688 -0.79 -60.25 15.23
CA LEU H 688 -2.20 -59.89 15.14
C LEU H 688 -3.03 -60.71 16.12
N LEU H 689 -4.23 -60.21 16.43
CA LEU H 689 -5.12 -60.81 17.39
C LEU H 689 -6.33 -61.44 16.69
N THR H 690 -6.87 -62.50 17.30
CA THR H 690 -8.15 -63.07 16.89
C THR H 690 -9.12 -62.95 18.05
N LEU H 691 -10.32 -62.44 17.75
CA LEU H 691 -11.38 -62.24 18.74
C LEU H 691 -12.57 -63.15 18.44
N TRP H 692 -13.13 -63.71 19.50
CA TRP H 692 -14.36 -64.51 19.45
C TRP H 692 -15.39 -63.86 20.35
N LEU H 693 -16.59 -63.63 19.81
CA LEU H 693 -17.67 -63.02 20.57
C LEU H 693 -18.66 -64.09 21.02
N ASP H 694 -18.96 -64.08 22.32
CA ASP H 694 -19.99 -64.95 22.91
C ASP H 694 -19.73 -66.42 22.62
N LYS H 695 -18.46 -66.81 22.51
CA LYS H 695 -18.05 -68.19 22.29
C LYS H 695 -18.56 -68.75 20.96
N ASP H 696 -18.95 -67.86 20.05
CA ASP H 696 -19.54 -68.24 18.77
C ASP H 696 -18.46 -68.18 17.70
N GLY H 697 -18.17 -69.34 17.10
CA GLY H 697 -17.17 -69.42 16.04
C GLY H 697 -17.49 -68.60 14.81
N ARG H 698 -18.78 -68.30 14.58
CA ARG H 698 -19.18 -67.45 13.47
C ARG H 698 -18.99 -65.97 13.75
N ARG H 699 -18.78 -65.61 15.01
CA ARG H 699 -18.51 -64.22 15.36
C ARG H 699 -17.04 -64.09 15.73
N THR H 700 -16.20 -64.36 14.74
CA THR H 700 -14.75 -64.35 14.88
C THR H 700 -14.18 -63.27 13.99
N PHE H 701 -13.28 -62.45 14.54
CA PHE H 701 -12.60 -61.39 13.82
C PHE H 701 -11.10 -61.66 13.84
N ARG H 702 -10.49 -61.74 12.67
CA ARG H 702 -9.06 -62.05 12.52
C ARG H 702 -8.30 -60.80 12.11
N ASP H 703 -6.96 -60.90 12.24
CA ASP H 703 -6.04 -59.84 11.81
C ASP H 703 -6.34 -58.52 12.51
N VAL H 704 -6.62 -58.60 13.80
CA VAL H 704 -7.00 -57.42 14.59
C VAL H 704 -5.76 -56.83 15.24
N VAL H 705 -5.61 -55.52 15.14
CA VAL H 705 -4.49 -54.81 15.75
C VAL H 705 -4.93 -54.18 17.06
N ARG H 706 -6.19 -53.73 17.15
CA ARG H 706 -6.63 -53.05 18.36
C ARG H 706 -8.11 -53.29 18.58
N PHE H 707 -8.53 -53.29 19.85
CA PHE H 707 -9.96 -53.30 20.13
C PHE H 707 -10.24 -52.51 21.40
N GLU H 708 -11.47 -52.00 21.47
CA GLU H 708 -11.96 -51.25 22.62
C GLU H 708 -13.32 -51.79 23.01
N VAL H 709 -13.50 -52.04 24.31
CA VAL H 709 -14.76 -52.55 24.85
C VAL H 709 -15.29 -51.55 25.86
N SER H 710 -16.59 -51.28 25.79
CA SER H 710 -17.25 -50.37 26.71
C SER H 710 -18.71 -50.77 26.79
N PRO H 711 -19.40 -50.42 27.87
CA PRO H 711 -20.84 -50.72 27.93
C PRO H 711 -21.58 -50.14 26.73
N CYS H 712 -22.49 -50.93 26.19
CA CYS H 712 -23.22 -50.52 25.00
C CYS H 712 -24.21 -49.41 25.38
N PRO H 713 -24.10 -48.23 24.79
CA PRO H 713 -25.02 -47.14 25.16
C PRO H 713 -26.41 -47.37 24.60
N GLU H 714 -27.38 -46.79 25.28
CA GLU H 714 -28.74 -46.80 24.77
C GLU H 714 -28.79 -46.03 23.45
N PRO H 715 -29.33 -46.61 22.38
CA PRO H 715 -29.48 -45.85 21.13
C PRO H 715 -30.31 -44.60 21.37
N CYS H 716 -29.72 -43.43 21.18
CA CYS H 716 -30.46 -42.19 21.28
C CYS H 716 -30.64 -41.54 19.91
N ASN H 742 -27.27 -43.61 29.62
CA ASN H 742 -27.94 -44.86 29.99
C ASN H 742 -27.44 -46.01 29.15
N SER H 743 -26.96 -47.05 29.82
CA SER H 743 -26.46 -48.25 29.14
C SER H 743 -27.62 -49.16 28.74
N LEU H 744 -27.48 -49.81 27.59
CA LEU H 744 -28.50 -50.72 27.09
C LEU H 744 -28.49 -52.02 27.89
N LEU H 745 -29.59 -52.33 28.55
CA LEU H 745 -29.75 -53.57 29.30
C LEU H 745 -30.81 -54.44 28.62
N MET H 746 -30.53 -55.71 28.56
CA MET H 746 -31.46 -56.67 27.97
C MET H 746 -32.16 -57.46 29.06
N PRO H 747 -33.50 -57.53 29.04
CA PRO H 747 -34.21 -58.25 30.10
C PRO H 747 -34.54 -59.69 29.73
N ILE H 748 -34.29 -60.62 30.65
CA ILE H 748 -34.68 -62.02 30.52
C ILE H 748 -35.60 -62.35 31.68
N ASN H 749 -36.82 -62.79 31.37
CA ASN H 749 -37.79 -63.06 32.42
C ASN H 749 -37.53 -64.40 33.08
N THR H 750 -37.61 -64.41 34.41
CA THR H 750 -37.60 -65.61 35.23
C THR H 750 -38.82 -65.58 36.15
N PHE H 751 -38.88 -66.52 37.10
CA PHE H 751 -40.03 -66.57 38.01
C PHE H 751 -39.85 -65.59 39.16
N SER H 752 -38.63 -65.46 39.68
CA SER H 752 -38.38 -64.71 40.88
C SER H 752 -37.41 -63.55 40.68
N GLY H 753 -36.92 -63.32 39.47
CA GLY H 753 -35.84 -62.36 39.34
C GLY H 753 -34.64 -62.82 40.18
N ILE H 754 -33.99 -61.86 40.82
CA ILE H 754 -32.81 -62.13 41.63
C ILE H 754 -33.24 -62.27 43.08
N ILE H 755 -33.22 -63.50 43.59
CA ILE H 755 -33.46 -63.76 45.01
C ILE H 755 -32.19 -63.44 45.78
N GLN H 756 -32.24 -62.43 46.64
CA GLN H 756 -31.09 -62.01 47.41
C GLN H 756 -30.95 -62.82 48.70
#